data_9EZM
#
_entry.id   9EZM
#
_entity_poly.entity_id   1
_entity_poly.type   'polypeptide(L)'
_entity_poly.pdbx_seq_one_letter_code
;MSEYQSPGVYVEEVQSGSKSVEGVSTSTAGFLGQTERGPVEPRLVTNYADFERLYGASPKSSDLDAAVDGFFKNGGSRCF
IGRVSGADIDDVATGILADDEGNEIAEVEANGPGQWGESVAVIVEDSQYPNQFDITVRYWSGDLEAVSKPHGDRPDPSPD
VEEVYDGLSADPEASNFYEKQLESSVLVDIEYKDDGTPVDGLTWLHRDSHPTAYSDGGLVETDEEETVVHIPEDLDELEQ
ESLEGIAEPLEIEIDEDADKDDLVVELEEVREGERDVDVEIVTEKPEADGEVTLKDYEGVNKPGLRTGLAGFKAIDEISM
VCAPDENDIDGLTDSIVAHCENMGDRFAILQSPQNPGPVSEMETPVDSSYAAYYYPWVNVLDPVTNREKLVPPGGHIAGI
YSRTDQEHGVHKAPANETLRGIVGLQHNITKGEQDVLNPKGINCIRSFQGRGIRVWGARTTSSDPEWKYLNVRRLFLFIE
QSIQEGTQWAVFEPNEQDTWGRIRQSVTNFLRTVWRNGGLQGQSEDDAFYVKCGEETMSEDDIDNGRLIVEIGVAPVKPA
EFVIFRISQDTEQA
;
_entity_poly.pdbx_strand_id   A,B,C,D,E,F,G,H,I,J,K,L,M,N,O,P,Q,R
#
# COMPACT_ATOMS: atom_id res chain seq x y z
N SER A 2 -66.23 -14.48 -37.13
CA SER A 2 -67.35 -13.66 -37.55
C SER A 2 -67.11 -13.08 -38.93
N GLU A 3 -68.17 -12.57 -39.56
CA GLU A 3 -68.07 -11.94 -40.87
C GLU A 3 -68.44 -10.48 -40.77
N TYR A 4 -67.71 -9.63 -41.50
CA TYR A 4 -67.84 -8.19 -41.42
C TYR A 4 -68.19 -7.65 -42.79
N GLN A 5 -69.46 -7.30 -43.00
CA GLN A 5 -69.94 -6.82 -44.29
C GLN A 5 -70.41 -5.38 -44.28
N SER A 6 -70.80 -4.84 -43.13
CA SER A 6 -71.17 -3.44 -43.03
C SER A 6 -70.40 -2.77 -41.90
N PRO A 7 -70.07 -1.49 -42.05
CA PRO A 7 -69.23 -0.83 -41.05
C PRO A 7 -69.94 -0.66 -39.71
N GLY A 8 -69.15 -0.71 -38.64
CA GLY A 8 -69.68 -0.54 -37.31
C GLY A 8 -68.72 -1.08 -36.26
N VAL A 9 -69.26 -1.25 -35.06
CA VAL A 9 -68.52 -1.77 -33.91
C VAL A 9 -69.00 -3.18 -33.62
N TYR A 10 -68.05 -4.08 -33.35
CA TYR A 10 -68.34 -5.48 -33.06
C TYR A 10 -67.70 -5.88 -31.74
N VAL A 11 -68.45 -6.58 -30.90
CA VAL A 11 -67.96 -7.10 -29.63
C VAL A 11 -68.16 -8.61 -29.61
N GLU A 12 -67.09 -9.36 -29.35
CA GLU A 12 -67.11 -10.81 -29.43
C GLU A 12 -66.54 -11.43 -28.16
N GLU A 13 -67.09 -12.57 -27.79
CA GLU A 13 -66.66 -13.31 -26.61
C GLU A 13 -65.80 -14.50 -27.01
N VAL A 14 -64.75 -14.74 -26.22
CA VAL A 14 -63.80 -15.81 -26.48
C VAL A 14 -63.86 -16.80 -25.32
N GLN A 15 -63.53 -18.06 -25.61
CA GLN A 15 -63.45 -19.09 -24.58
C GLN A 15 -62.13 -19.01 -23.83
N SER A 16 -62.19 -19.30 -22.53
CA SER A 16 -61.04 -19.14 -21.65
C SER A 16 -60.19 -20.42 -21.63
N GLY A 17 -59.15 -20.41 -20.81
CA GLY A 17 -58.12 -21.43 -20.83
C GLY A 17 -58.31 -22.61 -19.91
N SER A 18 -59.36 -22.64 -19.09
CA SER A 18 -59.62 -23.81 -18.26
C SER A 18 -61.06 -23.75 -17.78
N LYS A 19 -61.64 -24.94 -17.59
CA LYS A 19 -63.02 -25.09 -17.13
C LYS A 19 -63.05 -25.98 -15.91
N SER A 20 -63.78 -25.55 -14.89
CA SER A 20 -63.76 -26.23 -13.61
C SER A 20 -64.56 -27.53 -13.64
N VAL A 21 -64.08 -28.51 -12.88
CA VAL A 21 -64.79 -29.76 -12.64
C VAL A 21 -65.26 -29.76 -11.19
N GLU A 22 -66.45 -30.27 -10.96
CA GLU A 22 -67.03 -30.32 -9.62
C GLU A 22 -67.29 -31.77 -9.22
N GLY A 23 -66.98 -32.10 -7.96
CA GLY A 23 -67.20 -33.44 -7.48
C GLY A 23 -68.67 -33.76 -7.25
N VAL A 24 -68.97 -35.05 -7.29
CA VAL A 24 -70.34 -35.53 -7.20
C VAL A 24 -70.62 -36.03 -5.79
N SER A 25 -71.89 -36.24 -5.49
CA SER A 25 -72.31 -36.77 -4.21
C SER A 25 -71.82 -38.21 -4.02
N THR A 26 -71.56 -38.57 -2.76
CA THR A 26 -71.01 -39.89 -2.44
C THR A 26 -71.59 -40.58 -1.22
N SER A 27 -72.67 -40.07 -0.61
CA SER A 27 -73.17 -40.63 0.63
C SER A 27 -74.67 -40.91 0.60
N THR A 28 -75.25 -41.15 -0.57
CA THR A 28 -76.66 -41.51 -0.69
C THR A 28 -76.80 -43.01 -0.87
N ALA A 29 -77.85 -43.57 -0.29
CA ALA A 29 -78.08 -45.00 -0.29
C ALA A 29 -79.45 -45.32 -0.89
N GLY A 30 -79.61 -46.58 -1.27
CA GLY A 30 -80.87 -47.07 -1.78
C GLY A 30 -81.29 -48.35 -1.10
N PHE A 31 -82.57 -48.40 -0.70
CA PHE A 31 -83.10 -49.55 0.03
C PHE A 31 -84.33 -50.11 -0.68
N LEU A 32 -84.50 -51.43 -0.60
CA LEU A 32 -85.64 -52.13 -1.18
C LEU A 32 -86.23 -53.08 -0.15
N GLY A 33 -87.54 -53.22 -0.16
CA GLY A 33 -88.21 -54.09 0.78
C GLY A 33 -89.68 -53.73 0.93
N GLN A 34 -90.34 -54.50 1.79
CA GLN A 34 -91.79 -54.43 1.95
C GLN A 34 -92.20 -53.41 3.01
N THR A 35 -93.33 -52.75 2.77
CA THR A 35 -93.92 -51.78 3.68
C THR A 35 -95.42 -52.03 3.71
N GLU A 36 -96.15 -51.28 4.54
CA GLU A 36 -97.60 -51.42 4.63
C GLU A 36 -98.35 -50.39 3.80
N ARG A 37 -97.83 -49.17 3.67
CA ARG A 37 -98.42 -48.10 2.88
C ARG A 37 -97.38 -47.59 1.90
N GLY A 38 -97.81 -46.69 1.01
CA GLY A 38 -96.88 -45.91 0.23
C GLY A 38 -96.93 -46.17 -1.26
N PRO A 39 -96.33 -45.27 -2.02
CA PRO A 39 -96.22 -45.48 -3.46
C PRO A 39 -95.11 -46.46 -3.82
N VAL A 40 -95.16 -46.95 -5.05
CA VAL A 40 -94.17 -47.90 -5.55
C VAL A 40 -93.12 -47.27 -6.45
N GLU A 41 -93.15 -45.96 -6.64
CA GLU A 41 -92.04 -45.28 -7.28
C GLU A 41 -91.03 -44.83 -6.24
N PRO A 42 -89.74 -44.78 -6.58
CA PRO A 42 -88.72 -44.44 -5.58
C PRO A 42 -88.87 -43.02 -5.09
N ARG A 43 -88.73 -42.83 -3.77
CA ARG A 43 -88.88 -41.52 -3.17
C ARG A 43 -87.71 -41.23 -2.24
N LEU A 44 -87.35 -39.94 -2.16
CA LEU A 44 -86.23 -39.51 -1.34
C LEU A 44 -86.70 -39.20 0.08
N VAL A 45 -85.94 -39.68 1.06
CA VAL A 45 -86.21 -39.50 2.47
C VAL A 45 -84.93 -38.97 3.12
N THR A 46 -85.08 -37.99 4.02
CA THR A 46 -83.92 -37.38 4.68
C THR A 46 -83.97 -37.51 6.19
N ASN A 47 -84.91 -38.29 6.72
CA ASN A 47 -85.15 -38.32 8.15
C ASN A 47 -86.11 -39.48 8.43
N TYR A 48 -86.05 -40.01 9.65
CA TYR A 48 -86.85 -41.20 9.95
C TYR A 48 -88.33 -40.87 10.14
N ALA A 49 -88.64 -39.67 10.60
CA ALA A 49 -90.04 -39.26 10.73
C ALA A 49 -90.71 -39.15 9.37
N ASP A 50 -89.97 -38.68 8.36
CA ASP A 50 -90.47 -38.72 6.98
C ASP A 50 -90.83 -40.13 6.56
N PHE A 51 -89.97 -41.10 6.91
CA PHE A 51 -90.22 -42.48 6.55
C PHE A 51 -91.49 -43.00 7.20
N GLU A 52 -91.64 -42.79 8.51
CA GLU A 52 -92.86 -43.25 9.17
C GLU A 52 -94.10 -42.54 8.63
N ARG A 53 -93.97 -41.28 8.23
CA ARG A 53 -95.12 -40.55 7.73
C ARG A 53 -95.55 -41.01 6.34
N LEU A 54 -94.61 -41.32 5.46
CA LEU A 54 -94.94 -41.69 4.09
C LEU A 54 -95.22 -43.17 3.91
N TYR A 55 -94.62 -44.04 4.72
CA TYR A 55 -94.67 -45.48 4.48
C TYR A 55 -95.30 -46.26 5.63
N GLY A 56 -94.94 -45.96 6.88
CA GLY A 56 -95.47 -46.69 8.00
C GLY A 56 -94.53 -47.74 8.56
N ALA A 57 -95.07 -48.91 8.88
CA ALA A 57 -94.28 -50.01 9.43
C ALA A 57 -94.17 -51.15 8.42
N SER A 58 -93.32 -52.11 8.75
CA SER A 58 -93.13 -53.29 7.91
C SER A 58 -93.95 -54.46 8.42
N PRO A 59 -94.37 -55.37 7.53
CA PRO A 59 -95.03 -56.59 7.98
C PRO A 59 -94.05 -57.51 8.70
N LYS A 60 -94.56 -58.66 9.13
CA LYS A 60 -93.74 -59.59 9.90
C LYS A 60 -92.74 -60.34 9.03
N SER A 61 -92.85 -60.24 7.71
CA SER A 61 -91.96 -60.95 6.80
C SER A 61 -90.88 -60.04 6.23
N SER A 62 -90.66 -58.87 6.81
CA SER A 62 -89.68 -57.92 6.30
C SER A 62 -89.04 -57.19 7.46
N ASP A 63 -87.84 -56.66 7.21
CA ASP A 63 -87.10 -55.93 8.24
C ASP A 63 -86.54 -54.62 7.67
N LEU A 64 -87.37 -53.90 6.91
CA LEU A 64 -86.96 -52.64 6.31
C LEU A 64 -86.93 -51.51 7.33
N ASP A 65 -87.98 -51.42 8.14
CA ASP A 65 -88.08 -50.38 9.16
C ASP A 65 -86.87 -50.37 10.07
N ALA A 66 -86.43 -51.57 10.48
CA ALA A 66 -85.27 -51.70 11.35
C ALA A 66 -83.99 -51.25 10.67
N ALA A 67 -83.87 -51.55 9.37
CA ALA A 67 -82.67 -51.17 8.63
C ALA A 67 -82.58 -49.67 8.42
N VAL A 68 -83.72 -49.02 8.12
CA VAL A 68 -83.72 -47.57 7.93
C VAL A 68 -83.44 -46.87 9.26
N ASP A 69 -84.00 -47.40 10.35
CA ASP A 69 -83.72 -46.86 11.67
C ASP A 69 -82.24 -46.97 12.00
N GLY A 70 -81.63 -48.13 11.73
CA GLY A 70 -80.21 -48.28 11.95
C GLY A 70 -79.36 -47.39 11.07
N PHE A 71 -79.84 -47.11 9.85
CA PHE A 71 -79.13 -46.19 8.96
C PHE A 71 -79.09 -44.79 9.55
N PHE A 72 -80.24 -44.29 10.01
CA PHE A 72 -80.27 -42.92 10.50
C PHE A 72 -79.71 -42.77 11.91
N LYS A 73 -79.67 -43.83 12.72
CA LYS A 73 -79.06 -43.75 14.04
C LYS A 73 -77.53 -43.66 13.97
N ASN A 74 -76.94 -44.00 12.83
CA ASN A 74 -75.50 -44.08 12.70
C ASN A 74 -74.90 -42.91 11.93
N GLY A 75 -75.70 -41.91 11.61
CA GLY A 75 -75.21 -40.74 10.93
C GLY A 75 -75.45 -40.66 9.44
N GLY A 76 -76.41 -41.42 8.90
CA GLY A 76 -76.72 -41.32 7.50
C GLY A 76 -77.53 -40.08 7.17
N SER A 77 -77.42 -39.65 5.92
CA SER A 77 -78.00 -38.40 5.46
C SER A 77 -79.23 -38.55 4.59
N ARG A 78 -79.18 -39.39 3.56
CA ARG A 78 -80.25 -39.45 2.57
C ARG A 78 -80.47 -40.87 2.10
N CYS A 79 -81.74 -41.26 2.02
CA CYS A 79 -82.15 -42.56 1.51
C CYS A 79 -83.03 -42.37 0.29
N PHE A 80 -82.96 -43.34 -0.63
CA PHE A 80 -83.97 -43.53 -1.65
C PHE A 80 -84.68 -44.84 -1.36
N ILE A 81 -85.99 -44.76 -1.13
CA ILE A 81 -86.80 -45.91 -0.77
C ILE A 81 -87.57 -46.36 -1.99
N GLY A 82 -87.54 -47.67 -2.24
CA GLY A 82 -88.37 -48.30 -3.26
C GLY A 82 -89.20 -49.43 -2.66
N ARG A 83 -90.51 -49.30 -2.72
CA ARG A 83 -91.43 -50.25 -2.08
C ARG A 83 -91.72 -51.40 -3.03
N VAL A 84 -91.51 -52.62 -2.54
CA VAL A 84 -91.81 -53.84 -3.29
C VAL A 84 -93.10 -54.42 -2.73
N SER A 85 -94.03 -54.77 -3.63
CA SER A 85 -95.35 -55.21 -3.22
C SER A 85 -95.75 -56.46 -3.99
N GLY A 86 -96.40 -57.39 -3.29
CA GLY A 86 -96.92 -58.59 -3.92
C GLY A 86 -98.26 -58.43 -4.62
N ALA A 87 -98.90 -57.27 -4.48
CA ALA A 87 -100.18 -57.02 -5.13
C ALA A 87 -99.97 -56.33 -6.47
N ASP A 88 -100.95 -56.49 -7.35
CA ASP A 88 -100.93 -55.80 -8.64
C ASP A 88 -100.92 -54.29 -8.44
N ILE A 89 -100.23 -53.60 -9.34
CA ILE A 89 -100.05 -52.15 -9.22
C ILE A 89 -101.36 -51.40 -9.31
N ASP A 90 -102.37 -51.97 -9.98
CA ASP A 90 -103.66 -51.30 -10.16
C ASP A 90 -104.73 -51.80 -9.20
N ASP A 91 -104.36 -52.61 -8.21
CA ASP A 91 -105.28 -53.03 -7.16
C ASP A 91 -105.32 -51.96 -6.08
N VAL A 92 -106.00 -50.87 -6.41
CA VAL A 92 -106.04 -49.66 -5.59
C VAL A 92 -107.49 -49.34 -5.24
N ALA A 93 -107.71 -48.86 -4.02
CA ALA A 93 -109.04 -48.44 -3.60
C ALA A 93 -109.38 -47.06 -4.16
N THR A 94 -110.65 -46.89 -4.53
CA THR A 94 -111.13 -45.69 -5.20
C THR A 94 -112.40 -45.18 -4.52
N GLY A 95 -112.88 -44.04 -5.01
CA GLY A 95 -114.07 -43.41 -4.47
C GLY A 95 -114.54 -42.31 -5.41
N ILE A 96 -115.67 -41.70 -5.03
CA ILE A 96 -116.36 -40.73 -5.87
C ILE A 96 -116.94 -39.61 -5.00
N LEU A 97 -116.87 -38.38 -5.48
CA LEU A 97 -117.52 -37.24 -4.84
C LEU A 97 -118.66 -36.75 -5.72
N ALA A 98 -119.79 -36.43 -5.09
CA ALA A 98 -121.01 -36.08 -5.80
C ALA A 98 -121.44 -34.65 -5.48
N ASP A 99 -122.22 -34.07 -6.38
CA ASP A 99 -122.66 -32.68 -6.29
C ASP A 99 -124.07 -32.58 -5.68
N ASP A 100 -124.65 -31.39 -5.82
CA ASP A 100 -125.94 -31.08 -5.19
C ASP A 100 -127.05 -32.02 -5.62
N GLU A 101 -127.19 -32.29 -6.92
CA GLU A 101 -128.26 -33.15 -7.42
C GLU A 101 -127.77 -34.50 -7.91
N GLY A 102 -126.56 -34.91 -7.53
CA GLY A 102 -126.09 -36.25 -7.81
C GLY A 102 -125.32 -36.43 -9.09
N ASN A 103 -124.29 -35.62 -9.29
CA ASN A 103 -123.36 -35.76 -10.40
C ASN A 103 -121.97 -35.99 -9.84
N GLU A 104 -121.27 -37.00 -10.38
CA GLU A 104 -119.90 -37.24 -9.95
C GLU A 104 -118.98 -36.15 -10.49
N ILE A 105 -118.38 -35.39 -9.57
CA ILE A 105 -117.57 -34.25 -9.94
C ILE A 105 -116.07 -34.50 -9.77
N ALA A 106 -115.68 -35.45 -8.93
CA ALA A 106 -114.27 -35.73 -8.68
C ALA A 106 -114.10 -37.22 -8.46
N GLU A 107 -112.84 -37.67 -8.51
CA GLU A 107 -112.51 -39.07 -8.30
C GLU A 107 -111.31 -39.16 -7.38
N VAL A 108 -111.46 -39.93 -6.29
CA VAL A 108 -110.46 -40.06 -5.25
C VAL A 108 -109.83 -41.44 -5.35
N GLU A 109 -108.51 -41.52 -5.15
CA GLU A 109 -107.79 -42.76 -5.32
C GLU A 109 -106.67 -42.86 -4.30
N ALA A 110 -106.46 -44.04 -3.74
CA ALA A 110 -105.42 -44.23 -2.74
C ALA A 110 -104.04 -44.04 -3.36
N ASN A 111 -103.07 -43.70 -2.51
CA ASN A 111 -101.70 -43.44 -2.94
C ASN A 111 -100.85 -44.70 -2.82
N GLY A 112 -101.24 -45.74 -3.54
CA GLY A 112 -100.55 -47.00 -3.51
C GLY A 112 -101.48 -48.18 -3.41
N PRO A 113 -101.03 -49.35 -3.88
CA PRO A 113 -101.89 -50.53 -3.88
C PRO A 113 -101.85 -51.27 -2.55
N GLY A 114 -102.93 -51.99 -2.28
CA GLY A 114 -103.04 -52.81 -1.09
C GLY A 114 -104.35 -52.58 -0.36
N GLN A 115 -104.57 -53.42 0.65
CA GLN A 115 -105.80 -53.38 1.43
C GLN A 115 -105.87 -52.19 2.38
N TRP A 116 -104.73 -51.56 2.67
CA TRP A 116 -104.73 -50.42 3.59
C TRP A 116 -105.67 -49.31 3.12
N GLY A 117 -105.79 -49.12 1.80
CA GLY A 117 -106.66 -48.09 1.28
C GLY A 117 -108.12 -48.26 1.65
N GLU A 118 -108.52 -49.44 2.11
CA GLU A 118 -109.89 -49.63 2.57
C GLU A 118 -110.16 -48.94 3.91
N SER A 119 -109.13 -48.41 4.56
CA SER A 119 -109.27 -47.78 5.88
C SER A 119 -109.06 -46.27 5.83
N VAL A 120 -109.24 -45.65 4.66
CA VAL A 120 -109.10 -44.21 4.50
C VAL A 120 -110.48 -43.59 4.38
N ALA A 121 -110.74 -42.57 5.18
CA ALA A 121 -112.01 -41.86 5.16
C ALA A 121 -111.81 -40.42 4.70
N VAL A 122 -112.70 -39.95 3.83
CA VAL A 122 -112.68 -38.59 3.31
C VAL A 122 -113.94 -37.89 3.79
N ILE A 123 -113.77 -36.69 4.36
CA ILE A 123 -114.86 -35.93 4.96
C ILE A 123 -114.89 -34.54 4.34
N VAL A 124 -116.06 -34.14 3.84
CA VAL A 124 -116.26 -32.83 3.25
C VAL A 124 -117.21 -32.03 4.13
N GLU A 125 -116.84 -30.77 4.43
CA GLU A 125 -117.71 -29.89 5.20
C GLU A 125 -117.67 -28.50 4.56
N ASP A 126 -118.59 -27.64 4.98
CA ASP A 126 -118.73 -26.31 4.40
C ASP A 126 -118.04 -25.25 5.26
N SER A 127 -117.54 -24.23 4.59
CA SER A 127 -116.75 -23.17 5.21
C SER A 127 -117.60 -21.94 5.48
N GLN A 128 -117.11 -21.10 6.40
CA GLN A 128 -117.81 -19.88 6.79
C GLN A 128 -117.77 -18.81 5.71
N TYR A 129 -116.92 -18.94 4.72
CA TYR A 129 -116.85 -17.95 3.65
C TYR A 129 -117.60 -18.44 2.43
N PRO A 130 -118.22 -17.51 1.68
CA PRO A 130 -118.99 -17.92 0.50
C PRO A 130 -118.13 -18.62 -0.54
N ASN A 131 -118.68 -19.71 -1.10
CA ASN A 131 -118.06 -20.47 -2.18
C ASN A 131 -116.77 -21.17 -1.74
N GLN A 132 -116.73 -21.66 -0.50
CA GLN A 132 -115.54 -22.33 0.01
C GLN A 132 -115.97 -23.51 0.89
N PHE A 133 -115.08 -24.51 0.99
CA PHE A 133 -115.36 -25.70 1.76
C PHE A 133 -114.06 -26.29 2.29
N ASP A 134 -114.19 -27.17 3.29
CA ASP A 134 -113.07 -27.83 3.94
C ASP A 134 -113.08 -29.32 3.61
N ILE A 135 -111.90 -29.92 3.56
CA ILE A 135 -111.73 -31.35 3.30
C ILE A 135 -110.78 -31.94 4.33
N THR A 136 -111.11 -33.13 4.83
CA THR A 136 -110.30 -33.84 5.81
C THR A 136 -110.11 -35.29 5.36
N VAL A 137 -108.91 -35.83 5.59
CA VAL A 137 -108.59 -37.22 5.27
C VAL A 137 -108.04 -37.89 6.51
N ARG A 138 -108.59 -39.05 6.86
CA ARG A 138 -108.24 -39.77 8.08
C ARG A 138 -107.87 -41.21 7.76
N TYR A 139 -106.92 -41.76 8.51
CA TYR A 139 -106.48 -43.14 8.33
C TYR A 139 -106.20 -43.81 9.66
N TRP A 140 -106.78 -44.99 9.86
CA TRP A 140 -106.59 -45.82 11.05
C TRP A 140 -105.81 -47.08 10.68
N SER A 141 -104.81 -47.43 11.50
CA SER A 141 -103.97 -48.59 11.24
C SER A 141 -104.56 -49.90 11.74
N GLY A 142 -105.48 -49.86 12.68
CA GLY A 142 -106.01 -51.05 13.29
C GLY A 142 -107.37 -51.44 12.74
N ASP A 143 -108.20 -51.99 13.62
CA ASP A 143 -109.50 -52.52 13.24
C ASP A 143 -110.48 -51.39 12.94
N LEU A 144 -111.33 -51.60 11.93
CA LEU A 144 -112.40 -50.65 11.64
C LEU A 144 -113.65 -50.94 12.46
N GLU A 145 -113.84 -52.20 12.88
CA GLU A 145 -115.02 -52.58 13.66
C GLU A 145 -115.10 -51.85 15.00
N ALA A 146 -113.99 -51.32 15.50
CA ALA A 146 -113.95 -50.69 16.80
C ALA A 146 -114.00 -49.16 16.73
N VAL A 147 -114.05 -48.59 15.53
CA VAL A 147 -114.09 -47.14 15.36
C VAL A 147 -115.52 -46.68 15.58
N SER A 148 -115.74 -45.89 16.63
CA SER A 148 -117.09 -45.51 17.02
C SER A 148 -117.58 -44.32 16.20
N LYS A 149 -116.89 -43.18 16.30
CA LYS A 149 -117.31 -41.93 15.66
C LYS A 149 -116.22 -41.50 14.68
N PRO A 150 -116.18 -42.09 13.48
CA PRO A 150 -115.17 -41.67 12.50
C PRO A 150 -115.38 -40.27 11.99
N HIS A 151 -116.59 -39.72 12.09
CA HIS A 151 -116.91 -38.41 11.57
C HIS A 151 -116.82 -37.31 12.62
N GLY A 152 -116.90 -37.64 13.91
CA GLY A 152 -116.88 -36.64 14.95
C GLY A 152 -115.52 -36.00 15.12
N ASP A 153 -115.48 -35.00 16.01
CA ASP A 153 -114.24 -34.29 16.29
C ASP A 153 -113.23 -35.13 17.05
N ARG A 154 -113.66 -36.23 17.68
CA ARG A 154 -112.78 -37.11 18.43
C ARG A 154 -113.24 -38.55 18.26
N PRO A 155 -112.68 -39.27 17.29
CA PRO A 155 -113.05 -40.68 17.11
C PRO A 155 -112.58 -41.52 18.30
N ASP A 156 -113.16 -42.71 18.42
CA ASP A 156 -112.90 -43.54 19.60
C ASP A 156 -111.43 -43.94 19.73
N PRO A 157 -110.80 -44.60 18.73
CA PRO A 157 -109.33 -44.60 18.69
C PRO A 157 -108.84 -43.45 17.82
N SER A 158 -107.91 -42.67 18.35
CA SER A 158 -107.38 -41.55 17.60
C SER A 158 -106.75 -42.02 16.30
N PRO A 159 -107.05 -41.41 15.17
CA PRO A 159 -106.55 -41.92 13.88
C PRO A 159 -105.04 -41.84 13.79
N ASP A 160 -104.49 -42.73 12.96
CA ASP A 160 -103.05 -42.80 12.80
C ASP A 160 -102.52 -41.66 11.93
N VAL A 161 -103.28 -41.27 10.89
CA VAL A 161 -102.88 -40.16 10.04
C VAL A 161 -104.06 -39.22 9.86
N GLU A 162 -103.76 -37.92 9.82
CA GLU A 162 -104.75 -36.85 9.80
C GLU A 162 -104.27 -35.76 8.84
N GLU A 163 -105.15 -35.30 7.95
CA GLU A 163 -104.82 -34.20 7.05
C GLU A 163 -106.03 -33.30 6.86
N VAL A 164 -105.82 -31.98 6.92
CA VAL A 164 -106.89 -31.00 6.83
C VAL A 164 -106.51 -29.94 5.80
N TYR A 165 -107.48 -29.56 4.97
CA TYR A 165 -107.29 -28.51 3.96
C TYR A 165 -108.51 -27.59 4.00
N ASP A 166 -108.26 -26.30 4.24
CA ASP A 166 -109.32 -25.37 4.64
C ASP A 166 -109.84 -24.50 3.51
N GLY A 167 -108.98 -23.73 2.85
CA GLY A 167 -109.49 -22.74 1.91
C GLY A 167 -109.64 -23.22 0.48
N LEU A 168 -110.58 -24.12 0.23
CA LEU A 168 -110.71 -24.74 -1.08
C LEU A 168 -111.83 -24.09 -1.90
N SER A 169 -111.69 -24.19 -3.22
CA SER A 169 -112.65 -23.63 -4.16
C SER A 169 -112.84 -24.59 -5.32
N ALA A 170 -113.88 -24.33 -6.11
CA ALA A 170 -114.17 -25.12 -7.30
C ALA A 170 -113.87 -24.37 -8.59
N ASP A 171 -113.09 -23.30 -8.53
CA ASP A 171 -112.72 -22.54 -9.72
C ASP A 171 -111.40 -23.06 -10.26
N PRO A 172 -111.36 -23.62 -11.47
CA PRO A 172 -110.11 -24.23 -11.97
C PRO A 172 -108.99 -23.23 -12.21
N GLU A 173 -109.29 -21.95 -12.40
CA GLU A 173 -108.25 -20.96 -12.67
C GLU A 173 -107.72 -20.29 -11.42
N ALA A 174 -108.28 -20.60 -10.25
CA ALA A 174 -107.81 -20.05 -8.99
C ALA A 174 -106.63 -20.87 -8.47
N SER A 175 -105.93 -20.31 -7.49
CA SER A 175 -104.82 -21.02 -6.86
C SER A 175 -105.26 -21.85 -5.67
N ASN A 176 -106.50 -21.69 -5.21
CA ASN A 176 -107.05 -22.53 -4.16
C ASN A 176 -108.02 -23.58 -4.71
N PHE A 177 -107.91 -23.92 -5.98
CA PHE A 177 -108.64 -25.05 -6.54
C PHE A 177 -108.19 -26.34 -5.86
N TYR A 178 -109.16 -27.20 -5.53
CA TYR A 178 -108.85 -28.33 -4.65
C TYR A 178 -107.91 -29.33 -5.31
N GLU A 179 -107.94 -29.43 -6.64
CA GLU A 179 -107.02 -30.32 -7.34
C GLU A 179 -105.57 -29.90 -7.12
N LYS A 180 -105.30 -28.61 -7.03
CA LYS A 180 -103.94 -28.13 -6.83
C LYS A 180 -103.53 -28.18 -5.36
N GLN A 181 -104.49 -28.06 -4.45
CA GLN A 181 -104.14 -28.02 -3.03
C GLN A 181 -103.96 -29.41 -2.45
N LEU A 182 -104.79 -30.37 -2.87
CA LEU A 182 -104.67 -31.73 -2.39
C LEU A 182 -103.55 -32.51 -3.06
N GLU A 183 -102.70 -31.85 -3.84
CA GLU A 183 -101.67 -32.58 -4.59
C GLU A 183 -100.53 -33.01 -3.67
N SER A 184 -100.30 -32.25 -2.59
CA SER A 184 -99.29 -32.63 -1.60
C SER A 184 -100.00 -33.33 -0.46
N SER A 185 -100.23 -34.62 -0.64
CA SER A 185 -100.92 -35.45 0.35
C SER A 185 -100.33 -36.86 0.27
N VAL A 186 -100.02 -37.42 1.44
CA VAL A 186 -99.40 -38.74 1.47
C VAL A 186 -100.42 -39.88 1.44
N LEU A 187 -101.70 -39.59 1.33
CA LEU A 187 -102.73 -40.62 1.44
C LEU A 187 -103.53 -40.81 0.15
N VAL A 188 -103.98 -39.75 -0.50
CA VAL A 188 -104.95 -39.85 -1.58
C VAL A 188 -104.49 -39.00 -2.77
N ASP A 189 -105.23 -39.13 -3.86
CA ASP A 189 -105.07 -38.38 -5.10
C ASP A 189 -106.46 -38.01 -5.62
N ILE A 190 -106.59 -36.81 -6.16
CA ILE A 190 -107.86 -36.30 -6.65
C ILE A 190 -107.75 -36.03 -8.14
N GLU A 191 -108.81 -36.33 -8.89
CA GLU A 191 -108.86 -35.99 -10.30
C GLU A 191 -110.21 -35.36 -10.61
N TYR A 192 -110.18 -34.31 -11.42
CA TYR A 192 -111.37 -33.50 -11.70
C TYR A 192 -112.17 -34.10 -12.85
N LYS A 193 -113.49 -34.13 -12.70
CA LYS A 193 -114.37 -34.67 -13.72
C LYS A 193 -115.36 -33.65 -14.28
N ASP A 194 -116.12 -32.98 -13.42
CA ASP A 194 -117.24 -32.16 -13.87
C ASP A 194 -117.36 -30.95 -12.97
N ASP A 195 -118.22 -30.00 -13.38
CA ASP A 195 -118.40 -28.74 -12.66
C ASP A 195 -119.35 -28.93 -11.50
N GLY A 196 -118.99 -28.40 -10.35
CA GLY A 196 -119.85 -28.48 -9.18
C GLY A 196 -119.04 -28.35 -7.91
N THR A 197 -119.74 -28.51 -6.79
CA THR A 197 -119.12 -28.48 -5.47
C THR A 197 -119.71 -29.63 -4.64
N PRO A 198 -118.90 -30.33 -3.86
CA PRO A 198 -119.38 -31.55 -3.21
C PRO A 198 -120.26 -31.25 -2.00
N VAL A 199 -121.11 -32.22 -1.66
CA VAL A 199 -121.97 -32.13 -0.50
C VAL A 199 -121.23 -32.68 0.72
N ASP A 200 -121.67 -32.26 1.90
CA ASP A 200 -120.99 -32.63 3.13
C ASP A 200 -121.17 -34.11 3.44
N GLY A 201 -120.27 -34.66 4.25
CA GLY A 201 -120.40 -36.01 4.72
C GLY A 201 -119.10 -36.77 4.66
N LEU A 202 -119.17 -38.05 4.98
CA LEU A 202 -118.03 -38.95 5.05
C LEU A 202 -118.17 -40.05 4.02
N THR A 203 -117.03 -40.57 3.56
CA THR A 203 -117.04 -41.66 2.60
C THR A 203 -115.75 -42.47 2.71
N TRP A 204 -115.89 -43.78 2.55
CA TRP A 204 -114.77 -44.73 2.56
C TRP A 204 -114.43 -45.17 1.15
N LEU A 205 -113.18 -45.57 0.95
CA LEU A 205 -112.71 -46.07 -0.34
C LEU A 205 -112.90 -47.58 -0.41
N HIS A 206 -113.53 -48.06 -1.48
CA HIS A 206 -113.98 -49.44 -1.58
C HIS A 206 -113.32 -50.15 -2.76
N ARG A 207 -113.65 -51.44 -2.89
CA ARG A 207 -113.29 -52.30 -4.02
C ARG A 207 -111.78 -52.27 -4.28
N ASP A 208 -111.05 -52.82 -3.31
CA ASP A 208 -109.63 -53.04 -3.49
C ASP A 208 -109.36 -54.18 -4.47
N VAL A 292 -94.02 -62.11 -2.05
CA VAL A 292 -93.27 -61.47 -3.14
C VAL A 292 -92.25 -62.45 -3.71
N THR A 293 -91.86 -62.21 -4.96
CA THR A 293 -90.94 -63.07 -5.69
C THR A 293 -89.74 -62.25 -6.16
N LEU A 294 -88.88 -62.88 -6.97
CA LEU A 294 -87.74 -62.19 -7.56
C LEU A 294 -88.18 -61.21 -8.65
N LYS A 295 -89.25 -61.53 -9.37
CA LYS A 295 -89.74 -60.66 -10.43
C LYS A 295 -90.36 -59.37 -9.90
N ASP A 296 -90.76 -59.33 -8.64
CA ASP A 296 -91.21 -58.09 -8.02
C ASP A 296 -90.04 -57.22 -7.59
N TYR A 297 -88.95 -57.85 -7.16
CA TYR A 297 -87.74 -57.09 -6.85
C TYR A 297 -87.06 -56.56 -8.11
N GLU A 298 -87.22 -57.26 -9.24
CA GLU A 298 -86.71 -56.75 -10.49
C GLU A 298 -87.46 -55.50 -10.93
N GLY A 299 -88.78 -55.49 -10.77
CA GLY A 299 -89.57 -54.30 -11.02
C GLY A 299 -90.19 -54.26 -12.40
N VAL A 300 -91.11 -53.32 -12.57
CA VAL A 300 -91.80 -53.09 -13.83
C VAL A 300 -91.00 -52.06 -14.64
N ASN A 301 -90.92 -52.29 -15.95
CA ASN A 301 -90.26 -51.36 -16.87
C ASN A 301 -91.21 -51.11 -18.03
N LYS A 302 -92.03 -50.09 -17.90
CA LYS A 302 -92.96 -49.64 -18.93
C LYS A 302 -92.68 -48.19 -19.26
N PRO A 303 -93.17 -47.69 -20.39
CA PRO A 303 -92.85 -46.30 -20.79
C PRO A 303 -93.13 -45.24 -19.73
N GLY A 304 -94.15 -45.42 -18.91
CA GLY A 304 -94.45 -44.42 -17.90
C GLY A 304 -94.58 -44.95 -16.49
N LEU A 305 -93.82 -45.98 -16.14
CA LEU A 305 -93.89 -46.58 -14.82
C LEU A 305 -92.67 -47.45 -14.58
N ARG A 306 -91.94 -47.19 -13.50
CA ARG A 306 -90.76 -47.96 -13.14
C ARG A 306 -90.76 -48.24 -11.65
N THR A 307 -90.58 -49.51 -11.29
CA THR A 307 -90.49 -49.93 -9.90
C THR A 307 -89.29 -50.85 -9.75
N GLY A 308 -88.93 -51.14 -8.49
CA GLY A 308 -87.85 -52.09 -8.24
C GLY A 308 -86.49 -51.53 -8.57
N LEU A 309 -85.67 -52.35 -9.22
CA LEU A 309 -84.35 -51.90 -9.64
C LEU A 309 -84.41 -51.10 -10.94
N ALA A 310 -85.40 -51.37 -11.79
CA ALA A 310 -85.60 -50.57 -12.99
C ALA A 310 -85.87 -49.11 -12.65
N GLY A 311 -86.53 -48.86 -11.51
CA GLY A 311 -86.72 -47.50 -11.07
C GLY A 311 -85.44 -46.87 -10.54
N PHE A 312 -84.61 -47.66 -9.86
CA PHE A 312 -83.37 -47.13 -9.32
C PHE A 312 -82.37 -46.79 -10.42
N LYS A 313 -82.37 -47.52 -11.52
CA LYS A 313 -81.34 -47.28 -12.53
C LYS A 313 -81.58 -46.02 -13.34
N ALA A 314 -82.62 -45.24 -13.03
CA ALA A 314 -82.84 -43.93 -13.62
C ALA A 314 -82.59 -42.80 -12.64
N ILE A 315 -81.98 -43.09 -11.50
CA ILE A 315 -81.57 -42.10 -10.51
C ILE A 315 -80.05 -42.13 -10.44
N ASP A 316 -79.43 -40.96 -10.61
CA ASP A 316 -77.97 -40.88 -10.66
C ASP A 316 -77.34 -40.38 -9.36
N GLU A 317 -78.10 -40.29 -8.28
CA GLU A 317 -77.54 -39.89 -6.99
C GLU A 317 -77.13 -41.08 -6.14
N ILE A 318 -77.72 -42.26 -6.37
CA ILE A 318 -77.47 -43.42 -5.53
C ILE A 318 -76.03 -43.89 -5.73
N SER A 319 -75.35 -44.19 -4.63
CA SER A 319 -73.98 -44.68 -4.66
C SER A 319 -73.79 -46.02 -3.97
N MET A 320 -74.78 -46.51 -3.24
CA MET A 320 -74.72 -47.85 -2.67
C MET A 320 -76.14 -48.38 -2.48
N VAL A 321 -76.30 -49.68 -2.72
CA VAL A 321 -77.60 -50.34 -2.74
C VAL A 321 -77.59 -51.46 -1.72
N CYS A 322 -78.71 -51.65 -1.02
CA CYS A 322 -78.85 -52.77 -0.10
C CYS A 322 -80.27 -53.29 -0.10
N ALA A 323 -80.40 -54.60 0.03
CA ALA A 323 -81.70 -55.26 0.20
C ALA A 323 -81.64 -56.10 1.47
N PRO A 324 -82.31 -55.69 2.54
CA PRO A 324 -82.20 -56.44 3.81
C PRO A 324 -82.62 -57.89 3.74
N ASP A 325 -83.64 -58.23 2.94
CA ASP A 325 -84.17 -59.60 2.88
C ASP A 325 -83.62 -60.37 1.69
N GLU A 326 -82.36 -60.14 1.32
CA GLU A 326 -81.79 -60.75 0.13
C GLU A 326 -81.58 -62.25 0.26
N ASN A 327 -81.62 -62.80 1.47
CA ASN A 327 -81.38 -64.21 1.68
C ASN A 327 -82.65 -65.04 1.73
N ASP A 328 -83.82 -64.40 1.75
CA ASP A 328 -85.09 -65.10 1.68
C ASP A 328 -85.57 -65.30 0.24
N ILE A 329 -85.04 -64.54 -0.70
CA ILE A 329 -85.45 -64.61 -2.10
C ILE A 329 -84.25 -65.11 -2.89
N ASP A 330 -84.34 -66.32 -3.42
CA ASP A 330 -83.23 -66.91 -4.16
C ASP A 330 -83.05 -66.23 -5.51
N GLY A 331 -81.81 -65.90 -5.84
CA GLY A 331 -81.50 -65.24 -7.08
C GLY A 331 -81.49 -63.73 -7.04
N LEU A 332 -81.47 -63.13 -5.84
CA LEU A 332 -81.47 -61.68 -5.71
C LEU A 332 -80.07 -61.11 -5.54
N THR A 333 -79.17 -61.85 -4.90
CA THR A 333 -77.78 -61.40 -4.73
C THR A 333 -77.12 -61.18 -6.09
N ASP A 334 -77.27 -62.14 -7.00
CA ASP A 334 -76.70 -62.01 -8.33
C ASP A 334 -77.31 -60.85 -9.09
N SER A 335 -78.62 -60.65 -8.95
CA SER A 335 -79.27 -59.53 -9.63
C SER A 335 -78.74 -58.19 -9.12
N ILE A 336 -78.52 -58.07 -7.81
CA ILE A 336 -78.00 -56.83 -7.26
C ILE A 336 -76.57 -56.58 -7.73
N VAL A 337 -75.72 -57.62 -7.70
CA VAL A 337 -74.35 -57.44 -8.14
C VAL A 337 -74.29 -57.10 -9.63
N ALA A 338 -75.17 -57.71 -10.42
CA ALA A 338 -75.20 -57.41 -11.85
C ALA A 338 -75.69 -56.00 -12.13
N HIS A 339 -76.69 -55.54 -11.37
CA HIS A 339 -77.13 -54.16 -11.48
C HIS A 339 -75.98 -53.18 -11.21
N CYS A 340 -75.24 -53.42 -10.13
CA CYS A 340 -74.15 -52.51 -9.79
C CYS A 340 -73.01 -52.58 -10.81
N GLU A 341 -72.74 -53.77 -11.38
CA GLU A 341 -71.67 -53.88 -12.37
C GLU A 341 -72.08 -53.31 -13.72
N ASN A 342 -73.37 -53.35 -14.06
CA ASN A 342 -73.81 -52.84 -15.34
C ASN A 342 -73.97 -51.33 -15.32
N MET A 343 -74.36 -50.76 -14.18
CA MET A 343 -74.37 -49.30 -14.10
C MET A 343 -72.95 -48.75 -14.04
N GLY A 344 -72.08 -49.41 -13.27
CA GLY A 344 -70.69 -49.01 -13.16
C GLY A 344 -70.43 -47.83 -12.27
N ASP A 345 -71.40 -47.42 -11.44
CA ASP A 345 -71.21 -46.25 -10.59
C ASP A 345 -71.80 -46.43 -9.20
N ARG A 346 -71.98 -47.66 -8.74
CA ARG A 346 -72.52 -47.88 -7.40
C ARG A 346 -71.89 -49.13 -6.80
N PHE A 347 -72.14 -49.32 -5.52
CA PHE A 347 -71.48 -50.36 -4.72
C PHE A 347 -72.54 -51.18 -4.00
N ALA A 348 -72.28 -52.47 -3.83
CA ALA A 348 -73.25 -53.38 -3.22
C ALA A 348 -72.77 -53.86 -1.85
N ILE A 349 -73.68 -53.84 -0.88
CA ILE A 349 -73.42 -54.29 0.48
C ILE A 349 -74.22 -55.56 0.72
N LEU A 350 -73.54 -56.61 1.18
CA LEU A 350 -74.14 -57.92 1.36
C LEU A 350 -73.89 -58.42 2.77
N GLN A 351 -74.86 -59.14 3.30
CA GLN A 351 -74.77 -59.73 4.63
C GLN A 351 -74.91 -61.25 4.53
N SER A 352 -74.31 -61.95 5.50
CA SER A 352 -74.31 -63.40 5.51
C SER A 352 -75.69 -63.93 5.88
N PRO A 353 -75.91 -65.24 5.76
CA PRO A 353 -77.15 -65.82 6.29
C PRO A 353 -77.11 -65.89 7.81
N GLN A 354 -78.27 -66.20 8.39
CA GLN A 354 -78.33 -66.36 9.83
C GLN A 354 -77.63 -67.64 10.27
N ASN A 355 -77.57 -68.64 9.40
CA ASN A 355 -76.85 -69.89 9.66
C ASN A 355 -75.96 -70.18 8.46
N PRO A 356 -74.72 -69.70 8.47
CA PRO A 356 -73.85 -69.89 7.29
C PRO A 356 -73.03 -71.17 7.33
N GLY A 357 -73.12 -71.98 8.38
CA GLY A 357 -72.44 -73.26 8.42
C GLY A 357 -71.18 -73.24 9.26
N PRO A 358 -70.33 -74.23 9.08
CA PRO A 358 -69.05 -74.26 9.81
C PRO A 358 -68.08 -73.21 9.29
N VAL A 359 -67.19 -72.77 10.17
CA VAL A 359 -66.28 -71.67 9.85
C VAL A 359 -65.30 -72.07 8.76
N SER A 360 -64.81 -73.31 8.80
CA SER A 360 -63.80 -73.77 7.85
C SER A 360 -64.34 -73.97 6.44
N GLU A 361 -65.63 -73.72 6.21
CA GLU A 361 -66.23 -73.97 4.91
C GLU A 361 -66.91 -72.74 4.31
N MET A 362 -66.79 -71.58 4.95
CA MET A 362 -67.47 -70.38 4.47
C MET A 362 -66.77 -69.81 3.25
N GLU A 363 -67.57 -69.24 2.34
CA GLU A 363 -67.08 -68.60 1.14
C GLU A 363 -67.95 -67.39 0.85
N THR A 364 -67.47 -66.54 -0.04
CA THR A 364 -68.35 -65.45 -0.43
C THR A 364 -69.25 -65.87 -1.58
N PRO A 365 -70.45 -65.30 -1.69
CA PRO A 365 -71.35 -65.73 -2.77
C PRO A 365 -70.85 -65.35 -4.15
N VAL A 366 -70.34 -64.14 -4.33
CA VAL A 366 -69.86 -63.68 -5.63
C VAL A 366 -68.37 -63.36 -5.55
N ASP A 367 -67.77 -63.06 -6.70
CA ASP A 367 -66.36 -62.71 -6.80
C ASP A 367 -66.19 -61.38 -7.51
N SER A 368 -67.02 -60.41 -7.14
CA SER A 368 -67.06 -59.12 -7.79
C SER A 368 -66.21 -58.10 -7.05
N SER A 369 -65.72 -57.12 -7.79
CA SER A 369 -65.06 -55.96 -7.21
C SER A 369 -66.04 -54.87 -6.80
N TYR A 370 -67.34 -55.08 -7.02
CA TYR A 370 -68.36 -54.08 -6.75
C TYR A 370 -69.22 -54.42 -5.55
N ALA A 371 -68.71 -55.26 -4.64
CA ALA A 371 -69.50 -55.73 -3.52
C ALA A 371 -68.61 -55.94 -2.31
N ALA A 372 -69.23 -55.91 -1.12
CA ALA A 372 -68.57 -56.20 0.14
C ALA A 372 -69.51 -57.04 1.00
N TYR A 373 -68.93 -57.83 1.90
CA TYR A 373 -69.62 -58.91 2.58
C TYR A 373 -69.34 -58.85 4.07
N TYR A 374 -70.39 -58.75 4.89
CA TYR A 374 -70.26 -58.51 6.32
C TYR A 374 -70.90 -59.63 7.14
N TYR A 375 -70.39 -59.81 8.37
CA TYR A 375 -70.78 -60.93 9.21
C TYR A 375 -70.45 -60.61 10.67
N PRO A 376 -71.28 -61.02 11.66
CA PRO A 376 -72.60 -61.67 11.74
C PRO A 376 -73.80 -60.74 11.92
N TRP A 377 -74.93 -61.30 12.36
CA TRP A 377 -76.16 -60.58 12.63
C TRP A 377 -76.07 -59.84 13.98
N VAL A 378 -77.02 -58.94 14.21
CA VAL A 378 -77.02 -58.08 15.40
C VAL A 378 -78.35 -58.17 16.13
N ASN A 379 -78.39 -57.62 17.34
CA ASN A 379 -79.54 -57.64 18.22
C ASN A 379 -80.05 -56.22 18.45
N VAL A 380 -81.37 -56.04 18.42
CA VAL A 380 -82.01 -54.74 18.59
C VAL A 380 -83.24 -54.90 19.48
N LEU A 381 -83.77 -53.77 19.94
CA LEU A 381 -85.04 -53.71 20.65
C LEU A 381 -86.18 -53.52 19.66
N ASP A 382 -87.22 -54.34 19.79
CA ASP A 382 -88.34 -54.30 18.86
C ASP A 382 -89.43 -53.39 19.40
N PRO A 383 -89.83 -52.35 18.67
CA PRO A 383 -90.75 -51.35 19.26
C PRO A 383 -92.20 -51.78 19.37
N VAL A 384 -92.53 -53.05 19.15
CA VAL A 384 -93.89 -53.53 19.34
C VAL A 384 -93.98 -54.60 20.42
N THR A 385 -92.87 -55.26 20.76
CA THR A 385 -92.84 -56.22 21.85
C THR A 385 -91.93 -55.80 23.00
N ASN A 386 -91.03 -54.84 22.75
CA ASN A 386 -90.08 -54.38 23.76
C ASN A 386 -89.14 -55.49 24.19
N ARG A 387 -88.80 -56.37 23.26
CA ARG A 387 -87.89 -57.48 23.49
C ARG A 387 -86.76 -57.41 22.47
N GLU A 388 -85.73 -58.22 22.68
CA GLU A 388 -84.63 -58.29 21.72
C GLU A 388 -85.06 -59.07 20.49
N LYS A 389 -84.40 -58.77 19.38
CA LYS A 389 -84.71 -59.35 18.08
C LYS A 389 -83.44 -59.34 17.24
N LEU A 390 -83.27 -60.38 16.43
CA LEU A 390 -82.05 -60.58 15.66
C LEU A 390 -82.29 -60.14 14.22
N VAL A 391 -81.44 -59.26 13.71
CA VAL A 391 -81.62 -58.67 12.39
C VAL A 391 -80.27 -58.65 11.66
N PRO A 392 -80.31 -58.52 10.32
CA PRO A 392 -79.06 -58.39 9.58
C PRO A 392 -78.47 -57.00 9.74
N PRO A 393 -77.15 -56.86 9.61
CA PRO A 393 -76.49 -55.57 9.91
C PRO A 393 -76.35 -54.60 8.75
N GLY A 394 -77.11 -54.74 7.67
CA GLY A 394 -76.80 -54.01 6.45
C GLY A 394 -77.00 -52.50 6.55
N GLY A 395 -78.13 -52.06 7.13
CA GLY A 395 -78.42 -50.65 7.18
C GLY A 395 -77.51 -49.87 8.11
N HIS A 396 -77.16 -50.47 9.24
CA HIS A 396 -76.20 -49.86 10.15
C HIS A 396 -74.86 -49.63 9.45
N ILE A 397 -74.45 -50.59 8.62
CA ILE A 397 -73.17 -50.49 7.93
C ILE A 397 -73.24 -49.42 6.84
N ALA A 398 -74.38 -49.32 6.14
CA ALA A 398 -74.52 -48.25 5.16
C ALA A 398 -74.49 -46.88 5.84
N GLY A 399 -75.09 -46.77 7.03
CA GLY A 399 -75.00 -45.52 7.78
C GLY A 399 -73.58 -45.18 8.19
N ILE A 400 -72.80 -46.19 8.56
CA ILE A 400 -71.38 -45.98 8.86
C ILE A 400 -70.63 -45.49 7.62
N TYR A 401 -70.91 -46.08 6.46
CA TYR A 401 -70.32 -45.61 5.21
C TYR A 401 -70.60 -44.13 4.99
N SER A 402 -71.87 -43.74 5.10
CA SER A 402 -72.25 -42.35 4.90
C SER A 402 -71.56 -41.41 5.87
N ARG A 403 -71.52 -41.79 7.15
CA ARG A 403 -70.88 -40.96 8.16
C ARG A 403 -69.39 -40.76 7.86
N THR A 404 -68.68 -41.86 7.59
CA THR A 404 -67.26 -41.77 7.29
C THR A 404 -67.02 -40.89 6.06
N ASP A 405 -67.86 -41.02 5.04
CA ASP A 405 -67.71 -40.19 3.86
C ASP A 405 -67.92 -38.72 4.19
N GLN A 406 -68.83 -38.41 5.12
CA GLN A 406 -69.08 -37.01 5.45
C GLN A 406 -67.94 -36.40 6.26
N GLU A 407 -67.36 -37.15 7.18
CA GLU A 407 -66.40 -36.54 8.10
C GLU A 407 -64.94 -36.77 7.74
N HIS A 408 -64.62 -37.69 6.83
CA HIS A 408 -63.23 -37.97 6.47
C HIS A 408 -62.92 -37.89 4.99
N GLY A 409 -63.85 -38.27 4.12
CA GLY A 409 -63.60 -38.42 2.71
C GLY A 409 -63.82 -39.84 2.23
N VAL A 410 -63.85 -39.97 0.90
CA VAL A 410 -64.09 -41.28 0.28
C VAL A 410 -62.85 -42.15 0.28
N HIS A 411 -61.70 -41.61 0.62
CA HIS A 411 -60.45 -42.35 0.66
C HIS A 411 -60.19 -43.00 2.02
N LYS A 412 -61.08 -42.81 2.99
CA LYS A 412 -60.89 -43.36 4.32
C LYS A 412 -61.64 -44.69 4.42
N ALA A 413 -60.95 -45.70 4.95
CA ALA A 413 -61.56 -47.01 5.10
C ALA A 413 -62.63 -46.97 6.19
N PRO A 414 -63.85 -47.43 5.92
CA PRO A 414 -64.92 -47.38 6.93
C PRO A 414 -64.84 -48.53 7.92
N ALA A 415 -63.68 -48.67 8.56
CA ALA A 415 -63.46 -49.69 9.58
C ALA A 415 -62.79 -49.06 10.78
N ASN A 416 -62.79 -49.79 11.90
CA ASN A 416 -62.41 -49.25 13.21
C ASN A 416 -63.36 -48.14 13.63
N GLU A 417 -64.65 -48.35 13.37
CA GLU A 417 -65.71 -47.41 13.69
C GLU A 417 -66.78 -48.12 14.52
N THR A 418 -67.47 -47.34 15.33
CA THR A 418 -68.44 -47.89 16.27
C THR A 418 -69.83 -48.03 15.64
N LEU A 419 -70.54 -49.08 16.06
CA LEU A 419 -71.93 -49.28 15.67
C LEU A 419 -72.86 -48.76 16.76
N ARG A 420 -73.74 -47.85 16.39
CA ARG A 420 -74.72 -47.28 17.30
C ARG A 420 -76.10 -47.83 16.99
N GLY A 421 -76.89 -48.04 18.05
CA GLY A 421 -78.26 -48.45 17.89
C GLY A 421 -78.54 -49.92 18.09
N ILE A 422 -77.60 -50.68 18.65
CA ILE A 422 -77.76 -52.11 18.84
C ILE A 422 -77.55 -52.44 20.31
N VAL A 423 -77.77 -53.72 20.63
CA VAL A 423 -77.64 -54.22 21.99
C VAL A 423 -76.50 -55.23 22.11
N GLY A 424 -76.41 -56.16 21.16
CA GLY A 424 -75.35 -57.15 21.17
C GLY A 424 -75.22 -57.77 19.80
N LEU A 425 -74.35 -58.77 19.72
CA LEU A 425 -74.09 -59.50 18.50
C LEU A 425 -74.71 -60.90 18.58
N GLN A 426 -74.59 -61.64 17.48
CA GLN A 426 -75.04 -63.03 17.47
C GLN A 426 -73.99 -63.94 18.08
N HIS A 427 -72.75 -63.82 17.64
CA HIS A 427 -71.62 -64.55 18.21
C HIS A 427 -70.49 -63.56 18.46
N ASN A 428 -69.57 -63.95 19.34
CA ASN A 428 -68.32 -63.24 19.52
C ASN A 428 -67.21 -64.00 18.81
N ILE A 429 -66.56 -63.34 17.85
CA ILE A 429 -65.49 -63.94 17.07
C ILE A 429 -64.16 -63.63 17.73
N THR A 430 -63.28 -64.63 17.79
CA THR A 430 -61.96 -64.48 18.39
C THR A 430 -60.94 -64.12 17.31
N LYS A 431 -59.68 -63.98 17.74
CA LYS A 431 -58.60 -63.68 16.83
C LYS A 431 -58.14 -64.90 16.03
N GLY A 432 -58.36 -66.10 16.56
CA GLY A 432 -58.00 -67.30 15.82
C GLY A 432 -58.92 -67.60 14.66
N GLU A 433 -60.20 -67.23 14.77
CA GLU A 433 -61.15 -67.49 13.70
C GLU A 433 -61.07 -66.45 12.60
N GLN A 434 -60.68 -65.22 12.92
CA GLN A 434 -60.54 -64.19 11.90
C GLN A 434 -59.30 -64.40 11.05
N ASP A 435 -58.31 -65.13 11.54
CA ASP A 435 -57.16 -65.50 10.72
C ASP A 435 -57.54 -66.43 9.58
N VAL A 436 -58.74 -67.02 9.61
CA VAL A 436 -59.19 -67.91 8.56
C VAL A 436 -60.18 -67.16 7.66
N LEU A 437 -60.94 -66.25 8.24
CA LEU A 437 -61.99 -65.54 7.52
C LEU A 437 -61.48 -64.32 6.75
N ASN A 438 -60.50 -63.61 7.30
CA ASN A 438 -60.07 -62.36 6.68
C ASN A 438 -59.39 -62.57 5.32
N PRO A 439 -58.50 -63.54 5.12
CA PRO A 439 -57.94 -63.75 3.78
C PRO A 439 -58.95 -64.21 2.72
N LYS A 440 -60.20 -64.44 3.10
CA LYS A 440 -61.24 -64.89 2.18
C LYS A 440 -62.18 -63.78 1.72
N GLY A 441 -61.98 -62.55 2.20
CA GLY A 441 -62.84 -61.45 1.81
C GLY A 441 -64.08 -61.26 2.67
N ILE A 442 -64.16 -61.90 3.83
CA ILE A 442 -65.31 -61.82 4.72
C ILE A 442 -64.98 -60.84 5.83
N ASN A 443 -65.80 -59.81 5.99
CA ASN A 443 -65.54 -58.78 6.99
C ASN A 443 -66.32 -59.07 8.26
N CYS A 444 -65.68 -58.82 9.40
CA CYS A 444 -66.21 -59.22 10.69
C CYS A 444 -66.57 -58.01 11.53
N ILE A 445 -67.59 -58.19 12.36
CA ILE A 445 -67.97 -57.22 13.38
C ILE A 445 -67.67 -57.83 14.73
N ARG A 446 -66.77 -57.20 15.49
CA ARG A 446 -66.24 -57.78 16.71
C ARG A 446 -66.49 -56.84 17.89
N SER A 447 -66.26 -57.35 19.10
CA SER A 447 -66.45 -56.57 20.31
C SER A 447 -65.22 -56.71 21.18
N PHE A 448 -64.59 -55.58 21.48
CA PHE A 448 -63.39 -55.52 22.30
C PHE A 448 -63.71 -55.00 23.68
N GLN A 449 -63.05 -55.57 24.69
CA GLN A 449 -63.24 -55.15 26.07
C GLN A 449 -62.55 -53.82 26.29
N GLY A 450 -63.31 -52.83 26.75
CA GLY A 450 -62.81 -51.49 26.90
C GLY A 450 -62.97 -50.60 25.69
N ARG A 451 -63.37 -51.16 24.53
CA ARG A 451 -63.49 -50.37 23.31
C ARG A 451 -64.83 -50.48 22.61
N GLY A 452 -65.61 -51.54 22.84
CA GLY A 452 -66.94 -51.62 22.27
C GLY A 452 -67.02 -52.50 21.04
N ILE A 453 -68.12 -52.33 20.30
CA ILE A 453 -68.41 -53.11 19.11
C ILE A 453 -67.97 -52.31 17.88
N ARG A 454 -67.14 -52.91 17.03
CA ARG A 454 -66.56 -52.22 15.88
C ARG A 454 -66.50 -53.15 14.68
N VAL A 455 -66.44 -52.53 13.50
CA VAL A 455 -66.20 -53.24 12.25
C VAL A 455 -64.70 -53.41 12.07
N TRP A 456 -64.24 -54.64 11.84
CA TRP A 456 -62.81 -54.96 11.78
C TRP A 456 -62.54 -55.68 10.46
N GLY A 457 -62.36 -54.90 9.39
CA GLY A 457 -62.12 -55.47 8.07
C GLY A 457 -62.65 -54.58 6.96
N ALA A 458 -61.85 -54.38 5.91
CA ALA A 458 -62.17 -53.41 4.86
C ALA A 458 -61.82 -53.93 3.47
N ARG A 459 -62.20 -55.17 3.16
CA ARG A 459 -61.88 -55.77 1.87
C ARG A 459 -63.14 -55.97 1.03
N THR A 460 -62.92 -56.17 -0.28
CA THR A 460 -63.98 -56.56 -1.20
C THR A 460 -63.96 -58.07 -1.43
N THR A 461 -65.01 -58.56 -2.09
CA THR A 461 -65.14 -59.97 -2.44
C THR A 461 -64.26 -60.36 -3.63
N SER A 462 -63.43 -59.46 -4.13
CA SER A 462 -62.72 -59.66 -5.39
C SER A 462 -61.49 -60.54 -5.21
N SER A 463 -61.13 -61.24 -6.29
CA SER A 463 -59.92 -62.03 -6.34
C SER A 463 -58.76 -61.32 -7.04
N ASP A 464 -59.07 -60.32 -7.86
CA ASP A 464 -58.04 -59.50 -8.49
C ASP A 464 -57.22 -58.78 -7.42
N PRO A 465 -55.89 -58.85 -7.47
CA PRO A 465 -55.08 -58.16 -6.45
C PRO A 465 -55.11 -56.65 -6.58
N GLU A 466 -55.60 -56.11 -7.69
CA GLU A 466 -55.61 -54.68 -7.91
C GLU A 466 -56.78 -53.99 -7.21
N TRP A 467 -57.83 -54.73 -6.86
CA TRP A 467 -59.03 -54.17 -6.24
C TRP A 467 -59.32 -54.85 -4.91
N LYS A 468 -58.26 -55.08 -4.13
CA LYS A 468 -58.40 -55.75 -2.85
C LYS A 468 -59.06 -54.88 -1.79
N TYR A 469 -58.79 -53.58 -1.80
CA TYR A 469 -59.27 -52.67 -0.76
C TYR A 469 -60.44 -51.84 -1.28
N LEU A 470 -61.32 -51.49 -0.35
CA LEU A 470 -62.64 -50.94 -0.65
C LEU A 470 -62.58 -49.46 -1.01
N ASN A 471 -61.74 -48.70 -0.29
CA ASN A 471 -61.66 -47.27 -0.51
C ASN A 471 -61.04 -46.94 -1.87
N VAL A 472 -60.22 -47.82 -2.42
CA VAL A 472 -59.65 -47.60 -3.75
C VAL A 472 -60.75 -47.67 -4.81
N ARG A 473 -61.62 -48.66 -4.70
CA ARG A 473 -62.76 -48.77 -5.61
C ARG A 473 -63.68 -47.57 -5.49
N ARG A 474 -63.96 -47.14 -4.26
CA ARG A 474 -64.87 -45.99 -4.09
C ARG A 474 -64.26 -44.70 -4.65
N LEU A 475 -62.95 -44.49 -4.43
CA LEU A 475 -62.29 -43.32 -4.99
C LEU A 475 -62.33 -43.33 -6.52
N PHE A 476 -62.10 -44.49 -7.13
CA PHE A 476 -62.16 -44.55 -8.59
C PHE A 476 -63.56 -44.29 -9.12
N LEU A 477 -64.59 -44.82 -8.44
CA LEU A 477 -65.96 -44.52 -8.85
C LEU A 477 -66.21 -43.01 -8.83
N PHE A 478 -65.85 -42.36 -7.73
CA PHE A 478 -66.03 -40.91 -7.60
C PHE A 478 -65.33 -40.16 -8.73
N ILE A 479 -64.05 -40.47 -8.96
CA ILE A 479 -63.27 -39.75 -9.96
C ILE A 479 -63.86 -39.94 -11.35
N GLU A 480 -64.19 -41.19 -11.70
CA GLU A 480 -64.65 -41.48 -13.04
C GLU A 480 -66.00 -40.85 -13.33
N GLN A 481 -66.91 -40.84 -12.35
CA GLN A 481 -68.19 -40.21 -12.60
C GLN A 481 -68.05 -38.69 -12.72
N SER A 482 -67.19 -38.08 -11.89
CA SER A 482 -66.98 -36.64 -12.03
C SER A 482 -66.46 -36.30 -13.42
N ILE A 483 -65.46 -37.06 -13.91
CA ILE A 483 -64.91 -36.80 -15.23
C ILE A 483 -65.97 -37.00 -16.30
N GLN A 484 -66.76 -38.07 -16.20
CA GLN A 484 -67.78 -38.34 -17.21
C GLN A 484 -68.79 -37.20 -17.30
N GLU A 485 -69.26 -36.70 -16.15
CA GLU A 485 -70.33 -35.72 -16.17
C GLU A 485 -69.86 -34.30 -16.41
N GLY A 486 -68.60 -33.99 -16.12
CA GLY A 486 -68.12 -32.63 -16.27
C GLY A 486 -67.27 -32.32 -17.48
N THR A 487 -67.46 -33.00 -18.61
CA THR A 487 -66.62 -32.76 -19.78
C THR A 487 -67.43 -32.80 -21.09
N GLN A 488 -68.75 -32.62 -21.00
CA GLN A 488 -69.57 -32.71 -22.21
C GLN A 488 -69.48 -31.47 -23.09
N TRP A 489 -68.77 -30.43 -22.65
CA TRP A 489 -68.55 -29.24 -23.48
C TRP A 489 -67.55 -29.50 -24.60
N ALA A 490 -66.77 -30.57 -24.52
CA ALA A 490 -65.65 -30.81 -25.41
C ALA A 490 -66.01 -31.62 -26.64
N VAL A 491 -67.24 -32.11 -26.74
CA VAL A 491 -67.64 -32.90 -27.90
C VAL A 491 -67.91 -31.97 -29.07
N PHE A 492 -67.37 -32.30 -30.23
CA PHE A 492 -67.48 -31.58 -31.50
C PHE A 492 -66.66 -30.31 -31.54
N GLU A 493 -65.73 -30.12 -30.61
CA GLU A 493 -64.83 -28.99 -30.64
C GLU A 493 -63.66 -29.29 -31.57
N PRO A 494 -62.96 -28.25 -32.05
CA PRO A 494 -61.83 -28.48 -32.94
C PRO A 494 -60.75 -29.33 -32.29
N ASN A 495 -60.18 -30.25 -33.06
CA ASN A 495 -59.18 -31.20 -32.59
C ASN A 495 -57.78 -30.63 -32.82
N GLU A 496 -57.43 -29.65 -32.00
CA GLU A 496 -56.17 -28.94 -32.14
C GLU A 496 -55.69 -28.46 -30.78
N GLN A 497 -54.53 -27.81 -30.76
CA GLN A 497 -53.74 -27.65 -29.54
C GLN A 497 -54.45 -26.85 -28.46
N ASP A 498 -55.35 -25.93 -28.83
CA ASP A 498 -56.04 -25.13 -27.83
C ASP A 498 -56.97 -25.99 -26.98
N THR A 499 -57.79 -26.83 -27.63
CA THR A 499 -58.66 -27.74 -26.89
C THR A 499 -57.85 -28.68 -26.01
N TRP A 500 -56.70 -29.15 -26.52
CA TRP A 500 -55.85 -30.06 -25.77
C TRP A 500 -55.35 -29.40 -24.49
N GLY A 501 -54.82 -28.19 -24.60
CA GLY A 501 -54.35 -27.49 -23.42
C GLY A 501 -55.46 -27.23 -22.43
N ARG A 502 -56.65 -26.88 -22.92
CA ARG A 502 -57.78 -26.60 -22.04
C ARG A 502 -58.17 -27.85 -21.23
N ILE A 503 -58.31 -28.98 -21.91
CA ILE A 503 -58.69 -30.23 -21.25
C ILE A 503 -57.64 -30.64 -20.24
N ARG A 504 -56.36 -30.60 -20.65
CA ARG A 504 -55.28 -30.95 -19.74
C ARG A 504 -55.30 -30.10 -18.48
N GLN A 505 -55.50 -28.78 -18.64
CA GLN A 505 -55.51 -27.89 -17.50
C GLN A 505 -56.64 -28.22 -16.52
N SER A 506 -57.84 -28.46 -17.06
CA SER A 506 -58.98 -28.79 -16.19
C SER A 506 -58.71 -30.05 -15.38
N VAL A 507 -58.27 -31.11 -16.05
CA VAL A 507 -58.10 -32.39 -15.34
C VAL A 507 -56.98 -32.29 -14.33
N THR A 508 -55.92 -31.53 -14.65
CA THR A 508 -54.84 -31.35 -13.69
C THR A 508 -55.32 -30.61 -12.44
N ASN A 509 -56.15 -29.58 -12.61
CA ASN A 509 -56.68 -28.88 -11.44
C ASN A 509 -57.51 -29.80 -10.55
N PHE A 510 -58.38 -30.61 -11.16
CA PHE A 510 -59.19 -31.54 -10.36
C PHE A 510 -58.32 -32.54 -9.60
N LEU A 511 -57.32 -33.12 -10.25
CA LEU A 511 -56.50 -34.12 -9.58
C LEU A 511 -55.61 -33.51 -8.51
N ARG A 512 -55.15 -32.27 -8.70
CA ARG A 512 -54.37 -31.61 -7.66
C ARG A 512 -55.23 -31.33 -6.43
N THR A 513 -56.50 -30.97 -6.65
CA THR A 513 -57.40 -30.82 -5.51
C THR A 513 -57.56 -32.14 -4.77
N VAL A 514 -57.76 -33.24 -5.50
CA VAL A 514 -57.88 -34.55 -4.84
C VAL A 514 -56.62 -34.88 -4.05
N TRP A 515 -55.45 -34.56 -4.60
CA TRP A 515 -54.19 -34.84 -3.93
C TRP A 515 -54.04 -34.04 -2.64
N ARG A 516 -54.43 -32.77 -2.65
CA ARG A 516 -54.26 -31.92 -1.47
C ARG A 516 -55.10 -32.39 -0.28
N ASN A 517 -56.20 -33.09 -0.52
CA ASN A 517 -57.08 -33.55 0.55
C ASN A 517 -56.69 -34.91 1.12
N GLY A 518 -55.54 -35.44 0.74
CA GLY A 518 -55.08 -36.69 1.29
C GLY A 518 -55.48 -37.95 0.56
N GLY A 519 -56.08 -37.82 -0.63
CA GLY A 519 -56.52 -39.00 -1.35
C GLY A 519 -55.44 -39.66 -2.18
N LEU A 520 -54.45 -38.91 -2.63
CA LEU A 520 -53.34 -39.43 -3.41
C LEU A 520 -52.06 -39.33 -2.59
N GLN A 521 -51.06 -40.11 -2.99
CA GLN A 521 -49.88 -40.34 -2.17
C GLN A 521 -48.63 -39.90 -2.91
N GLY A 522 -47.81 -39.09 -2.26
CA GLY A 522 -46.55 -38.63 -2.79
C GLY A 522 -46.19 -37.26 -2.24
N GLN A 523 -44.88 -37.02 -2.11
CA GLN A 523 -44.39 -35.75 -1.61
C GLN A 523 -44.36 -34.66 -2.67
N SER A 524 -44.59 -35.01 -3.93
CA SER A 524 -44.63 -34.04 -5.01
C SER A 524 -45.77 -34.40 -5.95
N GLU A 525 -46.08 -33.49 -6.87
CA GLU A 525 -47.16 -33.74 -7.81
C GLU A 525 -46.78 -34.82 -8.82
N ASP A 526 -45.50 -34.91 -9.18
CA ASP A 526 -45.06 -35.93 -10.13
C ASP A 526 -45.17 -37.33 -9.56
N ASP A 527 -45.15 -37.47 -8.23
CA ASP A 527 -45.30 -38.77 -7.60
C ASP A 527 -46.76 -39.21 -7.53
N ALA A 528 -47.69 -38.25 -7.52
CA ALA A 528 -49.08 -38.56 -7.25
C ALA A 528 -49.89 -38.84 -8.51
N PHE A 529 -49.61 -38.15 -9.62
CA PHE A 529 -50.42 -38.31 -10.83
C PHE A 529 -49.73 -37.66 -12.02
N TYR A 530 -50.25 -37.97 -13.20
CA TYR A 530 -49.89 -37.27 -14.43
C TYR A 530 -51.08 -37.29 -15.40
N VAL A 531 -51.08 -36.31 -16.31
CA VAL A 531 -52.09 -36.17 -17.37
C VAL A 531 -51.36 -35.88 -18.68
N LYS A 532 -51.79 -36.53 -19.77
CA LYS A 532 -51.16 -36.38 -21.07
C LYS A 532 -52.21 -36.23 -22.16
N CYS A 533 -52.02 -35.23 -23.02
CA CYS A 533 -52.88 -35.02 -24.19
C CYS A 533 -52.10 -34.18 -25.20
N GLY A 534 -51.83 -34.75 -26.37
CA GLY A 534 -51.06 -34.03 -27.37
C GLY A 534 -50.68 -34.95 -28.53
N GLU A 535 -49.47 -34.75 -29.05
CA GLU A 535 -48.97 -35.58 -30.13
C GLU A 535 -48.24 -36.81 -29.62
N GLU A 536 -48.14 -37.00 -28.31
CA GLU A 536 -47.62 -38.24 -27.77
C GLU A 536 -48.72 -39.27 -27.55
N THR A 537 -49.97 -38.83 -27.44
CA THR A 537 -51.09 -39.75 -27.27
C THR A 537 -51.90 -39.94 -28.55
N MET A 538 -51.88 -38.98 -29.46
CA MET A 538 -52.67 -39.03 -30.68
C MET A 538 -51.75 -39.10 -31.89
N SER A 539 -52.14 -39.91 -32.87
CA SER A 539 -51.49 -39.98 -34.15
C SER A 539 -52.37 -39.29 -35.20
N GLU A 540 -51.95 -39.38 -36.46
CA GLU A 540 -52.68 -38.71 -37.54
C GLU A 540 -53.92 -39.49 -37.94
N ASP A 541 -53.85 -40.82 -37.91
CA ASP A 541 -55.03 -41.63 -38.13
C ASP A 541 -56.11 -41.34 -37.10
N ASP A 542 -55.71 -40.96 -35.88
CA ASP A 542 -56.68 -40.56 -34.86
C ASP A 542 -57.37 -39.26 -35.24
N ILE A 543 -56.59 -38.24 -35.64
CA ILE A 543 -57.18 -36.96 -36.00
C ILE A 543 -58.11 -37.09 -37.19
N ASP A 544 -57.73 -37.91 -38.18
CA ASP A 544 -58.57 -38.06 -39.36
C ASP A 544 -59.90 -38.76 -39.06
N ASN A 545 -60.01 -39.45 -37.93
CA ASN A 545 -61.23 -40.18 -37.61
C ASN A 545 -62.02 -39.58 -36.46
N GLY A 546 -61.55 -38.48 -35.86
CA GLY A 546 -62.31 -37.77 -34.87
C GLY A 546 -62.10 -38.19 -33.43
N ARG A 547 -60.95 -38.75 -33.09
CA ARG A 547 -60.67 -39.26 -31.76
C ARG A 547 -59.74 -38.32 -31.01
N LEU A 548 -60.11 -37.96 -29.79
CA LEU A 548 -59.27 -37.20 -28.88
C LEU A 548 -58.98 -38.06 -27.66
N ILE A 549 -57.71 -38.33 -27.41
CA ILE A 549 -57.29 -39.30 -26.40
C ILE A 549 -56.53 -38.59 -25.29
N VAL A 550 -56.92 -38.86 -24.04
CA VAL A 550 -56.29 -38.32 -22.85
C VAL A 550 -55.87 -39.49 -21.96
N GLU A 551 -54.63 -39.46 -21.46
CA GLU A 551 -54.14 -40.54 -20.60
C GLU A 551 -53.80 -40.01 -19.22
N ILE A 552 -54.33 -40.66 -18.20
CA ILE A 552 -54.19 -40.21 -16.82
C ILE A 552 -53.64 -41.34 -15.97
N GLY A 553 -52.67 -41.03 -15.12
CA GLY A 553 -52.12 -42.01 -14.20
C GLY A 553 -52.15 -41.50 -12.78
N VAL A 554 -52.55 -42.36 -11.86
CA VAL A 554 -52.86 -41.96 -10.48
C VAL A 554 -52.29 -42.98 -9.50
N ALA A 555 -52.08 -42.56 -8.26
CA ALA A 555 -51.55 -43.42 -7.21
C ALA A 555 -52.39 -43.27 -5.94
N PRO A 556 -53.30 -44.21 -5.66
CA PRO A 556 -54.16 -44.09 -4.49
C PRO A 556 -53.47 -44.52 -3.21
N VAL A 557 -54.07 -44.12 -2.08
CA VAL A 557 -53.55 -44.44 -0.76
C VAL A 557 -54.35 -45.61 -0.19
N LYS A 558 -53.67 -46.47 0.57
CA LYS A 558 -54.22 -47.71 1.09
C LYS A 558 -54.13 -47.73 2.61
N PRO A 559 -54.95 -48.53 3.28
CA PRO A 559 -54.99 -48.50 4.75
C PRO A 559 -53.84 -49.26 5.38
N ALA A 560 -53.67 -49.02 6.69
CA ALA A 560 -52.67 -49.70 7.51
C ALA A 560 -53.40 -50.79 8.30
N GLU A 561 -53.25 -52.03 7.85
CA GLU A 561 -53.99 -53.15 8.43
C GLU A 561 -53.19 -53.86 9.51
N PHE A 562 -51.87 -53.85 9.43
CA PHE A 562 -50.99 -54.50 10.39
C PHE A 562 -49.99 -53.47 10.89
N VAL A 563 -50.04 -53.17 12.18
CA VAL A 563 -49.14 -52.23 12.82
C VAL A 563 -48.11 -53.03 13.60
N ILE A 564 -46.85 -52.94 13.19
CA ILE A 564 -45.80 -53.82 13.67
C ILE A 564 -44.73 -53.01 14.38
N PHE A 565 -44.31 -53.48 15.56
CA PHE A 565 -43.26 -52.86 16.35
C PHE A 565 -42.15 -53.86 16.60
N ARG A 566 -40.98 -53.61 16.04
CA ARG A 566 -39.81 -54.47 16.21
C ARG A 566 -38.83 -53.77 17.15
N ILE A 567 -38.67 -54.32 18.36
CA ILE A 567 -37.91 -53.69 19.43
C ILE A 567 -36.71 -54.55 19.78
N SER A 568 -35.55 -53.92 19.95
CA SER A 568 -34.30 -54.60 20.27
C SER A 568 -33.54 -53.81 21.33
N GLN A 569 -32.38 -54.34 21.72
CA GLN A 569 -31.52 -53.74 22.73
C GLN A 569 -30.30 -53.04 22.14
N ASP A 570 -30.14 -53.06 20.83
CA ASP A 570 -28.92 -52.54 20.21
C ASP A 570 -29.06 -51.04 19.96
N THR A 571 -28.05 -50.28 20.38
CA THR A 571 -27.98 -48.84 20.18
C THR A 571 -29.21 -48.11 20.67
N SER B 2 -42.70 -63.39 11.47
CA SER B 2 -44.06 -63.61 11.94
C SER B 2 -45.04 -63.59 10.78
N GLU B 3 -46.25 -64.09 10.99
CA GLU B 3 -47.30 -64.10 9.99
C GLU B 3 -48.46 -63.22 10.44
N TYR B 4 -49.03 -62.48 9.49
CA TYR B 4 -50.06 -61.48 9.77
C TYR B 4 -51.31 -61.84 8.98
N GLN B 5 -52.31 -62.41 9.65
CA GLN B 5 -53.53 -62.85 9.00
C GLN B 5 -54.78 -62.09 9.46
N SER B 6 -54.77 -61.49 10.63
CA SER B 6 -55.88 -60.67 11.08
C SER B 6 -55.38 -59.31 11.54
N PRO B 7 -56.17 -58.26 11.33
CA PRO B 7 -55.70 -56.90 11.65
C PRO B 7 -55.50 -56.68 13.14
N GLY B 8 -54.52 -55.85 13.46
CA GLY B 8 -54.24 -55.52 14.85
C GLY B 8 -52.85 -54.94 15.00
N VAL B 9 -52.40 -54.91 16.25
CA VAL B 9 -51.08 -54.40 16.63
C VAL B 9 -50.20 -55.59 17.01
N TYR B 10 -48.95 -55.56 16.54
CA TYR B 10 -47.98 -56.62 16.82
C TYR B 10 -46.71 -56.02 17.38
N VAL B 11 -46.19 -56.64 18.44
CA VAL B 11 -44.93 -56.23 19.07
C VAL B 11 -43.99 -57.43 19.05
N GLU B 12 -42.78 -57.22 18.52
CA GLU B 12 -41.82 -58.30 18.33
C GLU B 12 -40.46 -57.92 18.88
N GLU B 13 -39.76 -58.92 19.41
CA GLU B 13 -38.43 -58.74 19.98
C GLU B 13 -37.36 -59.23 19.02
N VAL B 14 -36.26 -58.49 18.94
CA VAL B 14 -35.16 -58.79 18.05
C VAL B 14 -33.92 -59.10 18.88
N GLN B 15 -33.03 -59.91 18.32
CA GLN B 15 -31.75 -60.20 18.97
C GLN B 15 -30.75 -59.09 18.73
N SER B 16 -29.92 -58.82 19.74
CA SER B 16 -28.99 -57.70 19.72
C SER B 16 -27.67 -58.11 19.08
N GLY B 17 -26.72 -57.17 19.06
CA GLY B 17 -25.50 -57.31 18.30
C GLY B 17 -24.30 -57.91 19.01
N SER B 18 -24.41 -58.23 20.30
CA SER B 18 -23.32 -58.88 20.99
C SER B 18 -23.84 -59.50 22.28
N LYS B 19 -23.23 -60.62 22.67
CA LYS B 19 -23.62 -61.35 23.87
C LYS B 19 -22.38 -61.53 24.75
N SER B 20 -22.55 -61.27 26.04
CA SER B 20 -21.42 -61.24 26.95
C SER B 20 -20.95 -62.66 27.31
N VAL B 21 -19.63 -62.78 27.50
CA VAL B 21 -19.01 -63.99 28.01
C VAL B 21 -18.52 -63.70 29.42
N GLU B 22 -18.66 -64.68 30.30
CA GLU B 22 -18.25 -64.53 31.69
C GLU B 22 -17.18 -65.57 32.02
N GLY B 23 -16.15 -65.13 32.76
CA GLY B 23 -15.09 -66.03 33.16
C GLY B 23 -15.51 -67.03 34.22
N VAL B 24 -14.79 -68.15 34.25
CA VAL B 24 -15.12 -69.26 35.13
C VAL B 24 -14.20 -69.23 36.35
N SER B 25 -14.56 -70.02 37.36
CA SER B 25 -13.75 -70.13 38.57
C SER B 25 -12.42 -70.80 38.27
N THR B 26 -11.39 -70.42 39.04
CA THR B 26 -10.04 -70.91 38.80
C THR B 26 -9.23 -71.28 40.05
N SER B 27 -9.83 -71.31 41.24
CA SER B 27 -9.07 -71.53 42.46
C SER B 27 -9.67 -72.61 43.36
N THR B 28 -10.39 -73.57 42.80
CA THR B 28 -10.93 -74.69 43.55
C THR B 28 -10.05 -75.92 43.36
N ALA B 29 -9.91 -76.71 44.42
CA ALA B 29 -9.03 -77.87 44.43
C ALA B 29 -9.82 -79.14 44.78
N GLY B 30 -9.21 -80.27 44.47
CA GLY B 30 -9.79 -81.56 44.81
C GLY B 30 -8.77 -82.45 45.49
N PHE B 31 -9.19 -83.09 46.58
CA PHE B 31 -8.30 -83.93 47.38
C PHE B 31 -8.90 -85.32 47.55
N LEU B 32 -8.04 -86.33 47.58
CA LEU B 32 -8.42 -87.71 47.79
C LEU B 32 -7.54 -88.34 48.86
N GLY B 33 -8.13 -89.22 49.66
CA GLY B 33 -7.40 -89.87 50.73
C GLY B 33 -8.32 -90.41 51.79
N GLN B 34 -7.69 -91.01 52.81
CA GLN B 34 -8.41 -91.75 53.84
C GLN B 34 -8.78 -90.85 55.02
N THR B 35 -9.95 -91.13 55.60
CA THR B 35 -10.47 -90.44 56.77
C THR B 35 -11.05 -91.49 57.72
N GLU B 36 -11.53 -91.05 58.88
CA GLU B 36 -12.13 -91.96 59.85
C GLU B 36 -13.65 -91.99 59.78
N ARG B 37 -14.29 -90.86 59.48
CA ARG B 37 -15.73 -90.76 59.34
C ARG B 37 -16.06 -90.16 57.97
N GLY B 38 -17.34 -90.11 57.65
CA GLY B 38 -17.80 -89.31 56.54
C GLY B 38 -18.39 -90.10 55.39
N PRO B 39 -19.09 -89.40 54.50
CA PRO B 39 -19.63 -90.05 53.31
C PRO B 39 -18.55 -90.23 52.24
N VAL B 40 -18.87 -91.08 51.27
CA VAL B 40 -17.93 -91.37 50.18
C VAL B 40 -18.30 -90.66 48.88
N GLU B 41 -19.32 -89.81 48.88
CA GLU B 41 -19.55 -88.93 47.74
C GLU B 41 -18.80 -87.61 47.96
N PRO B 42 -18.35 -86.96 46.89
CA PRO B 42 -17.56 -85.74 47.06
C PRO B 42 -18.37 -84.61 47.67
N ARG B 43 -17.77 -83.89 48.61
CA ARG B 43 -18.46 -82.81 49.31
C ARG B 43 -17.59 -81.56 49.32
N LEU B 44 -18.25 -80.41 49.27
CA LEU B 44 -17.56 -79.12 49.25
C LEU B 44 -17.30 -78.64 50.67
N VAL B 45 -16.09 -78.15 50.90
CA VAL B 45 -15.64 -77.63 52.18
C VAL B 45 -15.02 -76.26 51.94
N THR B 46 -15.31 -75.30 52.81
CA THR B 46 -14.82 -73.94 52.65
C THR B 46 -14.00 -73.47 53.84
N ASN B 47 -13.66 -74.36 54.77
CA ASN B 47 -13.05 -73.98 56.03
C ASN B 47 -12.60 -75.25 56.72
N TYR B 48 -11.58 -75.14 57.59
CA TYR B 48 -11.02 -76.33 58.20
C TYR B 48 -11.90 -76.89 59.30
N ALA B 49 -12.67 -76.03 59.98
CA ALA B 49 -13.60 -76.52 60.98
C ALA B 49 -14.71 -77.35 60.37
N ASP B 50 -15.16 -76.98 59.16
CA ASP B 50 -16.09 -77.82 58.42
C ASP B 50 -15.51 -79.20 58.18
N PHE B 51 -14.23 -79.26 57.82
CA PHE B 51 -13.57 -80.53 57.56
C PHE B 51 -13.53 -81.39 58.82
N GLU B 52 -13.09 -80.82 59.94
CA GLU B 52 -13.07 -81.60 61.17
C GLU B 52 -14.47 -82.03 61.60
N ARG B 53 -15.49 -81.21 61.33
CA ARG B 53 -16.84 -81.56 61.73
C ARG B 53 -17.43 -82.68 60.89
N LEU B 54 -17.18 -82.69 59.58
CA LEU B 54 -17.78 -83.68 58.70
C LEU B 54 -16.99 -84.97 58.59
N TYR B 55 -15.68 -84.92 58.76
CA TYR B 55 -14.82 -86.07 58.47
C TYR B 55 -14.01 -86.54 59.67
N GLY B 56 -13.42 -85.64 60.44
CA GLY B 56 -12.61 -86.05 61.58
C GLY B 56 -11.13 -86.03 61.32
N ALA B 57 -10.42 -87.05 61.78
CA ALA B 57 -8.98 -87.17 61.62
C ALA B 57 -8.64 -88.31 60.66
N SER B 58 -7.37 -88.37 60.28
CA SER B 58 -6.89 -89.41 59.39
C SER B 58 -6.23 -90.54 60.20
N PRO B 59 -6.27 -91.77 59.68
CA PRO B 59 -5.53 -92.86 60.32
C PRO B 59 -4.03 -92.67 60.17
N LYS B 60 -3.27 -93.62 60.72
CA LYS B 60 -1.82 -93.51 60.71
C LYS B 60 -1.22 -93.79 59.33
N SER B 61 -2.02 -94.29 58.39
CA SER B 61 -1.53 -94.63 57.07
C SER B 61 -1.88 -93.57 56.02
N SER B 62 -2.30 -92.38 56.46
CA SER B 62 -2.71 -91.33 55.55
C SER B 62 -2.30 -89.98 56.10
N ASP B 63 -2.18 -89.00 55.22
CA ASP B 63 -1.80 -87.65 55.61
C ASP B 63 -2.69 -86.61 54.94
N LEU B 64 -3.99 -86.88 54.96
CA LEU B 64 -4.96 -85.97 54.36
C LEU B 64 -5.22 -84.76 55.23
N ASP B 65 -5.41 -84.99 56.52
CA ASP B 65 -5.67 -83.92 57.47
C ASP B 65 -4.59 -82.85 57.42
N ALA B 66 -3.34 -83.28 57.34
CA ALA B 66 -2.21 -82.36 57.28
C ALA B 66 -2.21 -81.56 55.99
N ALA B 67 -2.59 -82.20 54.88
CA ALA B 67 -2.61 -81.51 53.59
C ALA B 67 -3.72 -80.47 53.51
N VAL B 68 -4.89 -80.79 54.06
CA VAL B 68 -6.00 -79.83 54.06
C VAL B 68 -5.68 -78.65 54.98
N ASP B 69 -5.05 -78.93 56.11
CA ASP B 69 -4.61 -77.88 57.01
C ASP B 69 -3.60 -76.96 56.33
N GLY B 70 -2.63 -77.54 55.63
CA GLY B 70 -1.67 -76.73 54.90
C GLY B 70 -2.32 -75.95 53.76
N PHE B 71 -3.35 -76.49 53.14
CA PHE B 71 -4.07 -75.77 52.11
C PHE B 71 -4.73 -74.51 52.68
N PHE B 72 -5.44 -74.65 53.80
CA PHE B 72 -6.16 -73.50 54.33
C PHE B 72 -5.27 -72.52 55.07
N LYS B 73 -4.10 -72.95 55.57
CA LYS B 73 -3.18 -72.02 56.22
C LYS B 73 -2.50 -71.10 55.22
N ASN B 74 -2.52 -71.43 53.93
CA ASN B 74 -1.79 -70.69 52.91
C ASN B 74 -2.68 -69.81 52.07
N GLY B 75 -3.96 -69.68 52.41
CA GLY B 75 -4.86 -68.82 51.69
C GLY B 75 -5.79 -69.49 50.70
N GLY B 76 -6.02 -70.79 50.82
CA GLY B 76 -6.96 -71.45 49.94
C GLY B 76 -8.40 -71.17 50.31
N SER B 77 -9.28 -71.27 49.31
CA SER B 77 -10.68 -70.88 49.45
C SER B 77 -11.64 -72.06 49.53
N ARG B 78 -11.55 -73.03 48.62
CA ARG B 78 -12.56 -74.07 48.52
C ARG B 78 -11.93 -75.40 48.16
N CYS B 79 -12.34 -76.44 48.86
CA CYS B 79 -11.91 -77.81 48.60
C CYS B 79 -13.11 -78.68 48.23
N PHE B 80 -12.86 -79.67 47.39
CA PHE B 80 -13.77 -80.79 47.20
C PHE B 80 -13.09 -82.03 47.75
N ILE B 81 -13.69 -82.64 48.76
CA ILE B 81 -13.13 -83.80 49.43
C ILE B 81 -13.83 -85.05 48.93
N GLY B 82 -13.03 -86.06 48.59
CA GLY B 82 -13.52 -87.38 48.27
C GLY B 82 -12.86 -88.44 49.13
N ARG B 83 -13.66 -89.15 49.92
CA ARG B 83 -13.16 -90.11 50.91
C ARG B 83 -12.98 -91.47 50.25
N VAL B 84 -11.79 -92.03 50.37
CA VAL B 84 -11.47 -93.37 49.87
C VAL B 84 -11.45 -94.31 51.05
N SER B 85 -12.13 -95.45 50.90
CA SER B 85 -12.30 -96.38 52.01
C SER B 85 -12.04 -97.81 51.54
N GLY B 86 -11.38 -98.59 52.41
CA GLY B 86 -11.12 -99.98 52.13
C GLY B 86 -12.26 -100.92 52.44
N ALA B 87 -13.33 -100.42 53.06
CA ALA B 87 -14.48 -101.23 53.39
C ALA B 87 -15.55 -101.13 52.30
N ASP B 88 -16.38 -102.17 52.21
CA ASP B 88 -17.49 -102.15 51.27
C ASP B 88 -18.44 -101.00 51.57
N ILE B 89 -19.01 -100.44 50.50
CA ILE B 89 -19.86 -99.26 50.62
C ILE B 89 -21.11 -99.53 51.45
N ASP B 90 -21.56 -100.78 51.51
CA ASP B 90 -22.78 -101.13 52.23
C ASP B 90 -22.50 -101.73 53.61
N ASP B 91 -21.26 -101.71 54.07
CA ASP B 91 -20.90 -102.16 55.41
C ASP B 91 -21.12 -101.00 56.37
N VAL B 92 -22.40 -100.74 56.66
CA VAL B 92 -22.84 -99.59 57.42
C VAL B 92 -23.63 -100.07 58.63
N ALA B 93 -23.47 -99.38 59.76
CA ALA B 93 -24.23 -99.69 60.96
C ALA B 93 -25.65 -99.13 60.88
N THR B 94 -26.60 -99.90 61.41
CA THR B 94 -28.01 -99.58 61.31
C THR B 94 -28.68 -99.70 62.67
N GLY B 95 -29.96 -99.35 62.71
CA GLY B 95 -30.75 -99.39 63.92
C GLY B 95 -32.22 -99.24 63.62
N ILE B 96 -33.03 -99.33 64.67
CA ILE B 96 -34.50 -99.35 64.55
C ILE B 96 -35.12 -98.57 65.69
N LEU B 97 -36.18 -97.82 65.40
CA LEU B 97 -36.97 -97.15 66.41
C LEU B 97 -38.36 -97.79 66.49
N ALA B 98 -38.84 -97.99 67.72
CA ALA B 98 -40.07 -98.72 67.97
C ALA B 98 -41.11 -97.84 68.63
N ASP B 99 -42.38 -98.22 68.48
CA ASP B 99 -43.52 -97.46 68.96
C ASP B 99 -44.01 -97.97 70.32
N ASP B 100 -45.20 -97.52 70.70
CA ASP B 100 -45.76 -97.81 72.02
C ASP B 100 -45.89 -99.30 72.30
N GLU B 101 -46.43 -100.07 71.36
CA GLU B 101 -46.65 -101.50 71.56
C GLU B 101 -45.70 -102.36 70.73
N GLY B 102 -44.60 -101.81 70.23
CA GLY B 102 -43.57 -102.60 69.59
C GLY B 102 -43.70 -102.77 68.10
N ASN B 103 -43.83 -101.66 67.38
CA ASN B 103 -43.82 -101.65 65.92
C ASN B 103 -42.66 -100.80 65.45
N GLU B 104 -41.87 -101.31 64.51
CA GLU B 104 -40.78 -100.51 63.96
C GLU B 104 -41.33 -99.41 63.07
N ILE B 105 -41.08 -98.16 63.46
CA ILE B 105 -41.65 -97.01 62.79
C ILE B 105 -40.63 -96.25 61.96
N ALA B 106 -39.34 -96.36 62.27
CA ALA B 106 -38.29 -95.66 61.54
C ALA B 106 -37.06 -96.54 61.46
N GLU B 107 -36.13 -96.14 60.60
CA GLU B 107 -34.88 -96.87 60.42
C GLU B 107 -33.73 -95.87 60.37
N VAL B 108 -32.74 -96.09 61.22
CA VAL B 108 -31.60 -95.19 61.39
C VAL B 108 -30.38 -95.84 60.79
N GLU B 109 -29.55 -95.05 60.11
CA GLU B 109 -28.39 -95.59 59.40
C GLU B 109 -27.24 -94.60 59.46
N ALA B 110 -26.03 -95.10 59.67
CA ALA B 110 -24.86 -94.24 59.76
C ALA B 110 -24.59 -93.55 58.43
N ASN B 111 -23.90 -92.41 58.51
CA ASN B 111 -23.60 -91.59 57.35
C ASN B 111 -22.22 -91.94 56.79
N GLY B 112 -22.07 -93.19 56.38
CA GLY B 112 -20.81 -93.68 55.85
C GLY B 112 -20.43 -95.03 56.39
N PRO B 113 -19.63 -95.78 55.63
CA PRO B 113 -19.24 -97.12 56.06
C PRO B 113 -18.03 -97.11 56.99
N GLY B 114 -17.95 -98.16 57.80
CA GLY B 114 -16.84 -98.35 58.71
C GLY B 114 -17.31 -98.67 60.12
N GLN B 115 -16.33 -99.00 60.96
CA GLN B 115 -16.59 -99.40 62.34
C GLN B 115 -16.99 -98.21 63.22
N TRP B 116 -16.69 -96.98 62.80
CA TRP B 116 -17.01 -95.82 63.62
C TRP B 116 -18.50 -95.75 63.95
N GLY B 117 -19.36 -96.20 63.04
CA GLY B 117 -20.79 -96.18 63.27
C GLY B 117 -21.23 -97.00 64.46
N GLU B 118 -20.39 -97.90 64.95
CA GLU B 118 -20.73 -98.67 66.15
C GLU B 118 -20.68 -97.82 67.41
N SER B 119 -20.18 -96.58 67.33
CA SER B 119 -20.03 -95.72 68.49
C SER B 119 -20.99 -94.54 68.47
N VAL B 120 -22.09 -94.64 67.75
CA VAL B 120 -23.10 -93.59 67.66
C VAL B 120 -24.30 -94.01 68.50
N ALA B 121 -24.75 -93.11 69.38
CA ALA B 121 -25.90 -93.36 70.23
C ALA B 121 -27.02 -92.39 69.88
N VAL B 122 -28.25 -92.92 69.81
CA VAL B 122 -29.45 -92.13 69.54
C VAL B 122 -30.34 -92.18 70.77
N ILE B 123 -30.80 -91.02 71.21
CA ILE B 123 -31.58 -90.87 72.44
C ILE B 123 -32.87 -90.15 72.11
N VAL B 124 -34.01 -90.74 72.50
CA VAL B 124 -35.32 -90.14 72.28
C VAL B 124 -35.91 -89.78 73.65
N GLU B 125 -36.44 -88.56 73.76
CA GLU B 125 -37.12 -88.13 74.98
C GLU B 125 -38.38 -87.38 74.60
N ASP B 126 -39.23 -87.13 75.60
CA ASP B 126 -40.52 -86.49 75.35
C ASP B 126 -40.47 -85.01 75.69
N SER B 127 -41.26 -84.23 74.96
CA SER B 127 -41.27 -82.78 75.05
C SER B 127 -42.43 -82.30 75.91
N GLN B 128 -42.30 -81.06 76.39
CA GLN B 128 -43.31 -80.44 77.25
C GLN B 128 -44.58 -80.07 76.50
N TYR B 129 -44.55 -80.05 75.19
CA TYR B 129 -45.74 -79.71 74.42
C TYR B 129 -46.41 -80.97 73.89
N PRO B 130 -47.74 -80.97 73.79
CA PRO B 130 -48.46 -82.16 73.33
C PRO B 130 -48.04 -82.55 71.92
N ASN B 131 -47.86 -83.86 71.72
CA ASN B 131 -47.55 -84.46 70.42
C ASN B 131 -46.19 -84.04 69.89
N GLN B 132 -45.19 -83.89 70.76
CA GLN B 132 -43.87 -83.48 70.36
C GLN B 132 -42.82 -84.23 71.18
N PHE B 133 -41.63 -84.39 70.61
CA PHE B 133 -40.55 -85.10 71.28
C PHE B 133 -39.21 -84.56 70.81
N ASP B 134 -38.17 -84.89 71.57
CA ASP B 134 -36.80 -84.45 71.30
C ASP B 134 -35.93 -85.64 70.92
N ILE B 135 -34.93 -85.39 70.07
CA ILE B 135 -33.98 -86.42 69.63
C ILE B 135 -32.57 -85.88 69.78
N THR B 136 -31.66 -86.74 70.25
CA THR B 136 -30.26 -86.39 70.42
C THR B 136 -29.38 -87.48 69.82
N VAL B 137 -28.28 -87.09 69.19
CA VAL B 137 -27.31 -88.01 68.61
C VAL B 137 -25.93 -87.69 69.16
N ARG B 138 -25.24 -88.70 69.66
CA ARG B 138 -23.94 -88.54 70.31
C ARG B 138 -22.91 -89.48 69.70
N TYR B 139 -21.66 -89.02 69.62
CA TYR B 139 -20.58 -89.83 69.08
C TYR B 139 -19.30 -89.61 69.87
N TRP B 140 -18.66 -90.73 70.27
CA TRP B 140 -17.39 -90.75 70.99
C TRP B 140 -16.31 -91.33 70.09
N SER B 141 -15.14 -90.68 70.07
CA SER B 141 -14.04 -91.12 69.22
C SER B 141 -13.18 -92.21 69.86
N GLY B 142 -13.20 -92.34 71.17
CA GLY B 142 -12.34 -93.28 71.86
C GLY B 142 -13.05 -94.56 72.25
N ASP B 143 -12.65 -95.10 73.39
CA ASP B 143 -13.14 -96.39 73.86
C ASP B 143 -14.58 -96.28 74.36
N LEU B 144 -15.38 -97.31 74.09
CA LEU B 144 -16.74 -97.36 74.63
C LEU B 144 -16.77 -97.98 76.03
N GLU B 145 -15.78 -98.83 76.35
CA GLU B 145 -15.73 -99.49 77.64
C GLU B 145 -15.60 -98.50 78.79
N ALA B 146 -15.13 -97.28 78.53
CA ALA B 146 -14.90 -96.30 79.59
C ALA B 146 -16.02 -95.27 79.71
N VAL B 147 -17.05 -95.35 78.87
CA VAL B 147 -18.15 -94.41 78.90
C VAL B 147 -19.10 -94.83 80.02
N SER B 148 -19.23 -93.98 81.04
CA SER B 148 -20.00 -94.36 82.22
C SER B 148 -21.49 -94.11 82.02
N LYS B 149 -21.87 -92.86 81.78
CA LYS B 149 -23.27 -92.46 81.65
C LYS B 149 -23.51 -91.90 80.26
N PRO B 150 -23.68 -92.76 79.25
CA PRO B 150 -23.94 -92.25 77.90
C PRO B 150 -25.30 -91.56 77.77
N HIS B 151 -26.24 -91.84 78.67
CA HIS B 151 -27.58 -91.28 78.59
C HIS B 151 -27.77 -90.05 79.45
N GLY B 152 -26.93 -89.84 80.47
CA GLY B 152 -27.09 -88.71 81.35
C GLY B 152 -26.75 -87.38 80.69
N ASP B 153 -26.97 -86.31 81.45
CA ASP B 153 -26.69 -84.96 80.96
C ASP B 153 -25.20 -84.69 80.84
N ARG B 154 -24.34 -85.48 81.49
CA ARG B 154 -22.89 -85.30 81.42
C ARG B 154 -22.22 -86.67 81.44
N PRO B 155 -21.93 -87.23 80.26
CA PRO B 155 -21.22 -88.51 80.23
C PRO B 155 -19.80 -88.38 80.76
N ASP B 156 -19.21 -89.52 81.11
CA ASP B 156 -17.91 -89.51 81.78
C ASP B 156 -16.82 -88.89 80.92
N PRO B 157 -16.53 -89.37 79.68
CA PRO B 157 -15.79 -88.54 78.73
C PRO B 157 -16.78 -87.76 77.86
N SER B 158 -16.57 -86.45 77.76
CA SER B 158 -17.46 -85.62 76.97
C SER B 158 -17.46 -86.11 75.51
N PRO B 159 -18.62 -86.28 74.89
CA PRO B 159 -18.65 -86.85 73.54
C PRO B 159 -17.98 -85.95 72.52
N ASP B 160 -17.50 -86.58 71.45
CA ASP B 160 -16.79 -85.84 70.41
C ASP B 160 -17.74 -85.07 69.52
N VAL B 161 -18.92 -85.62 69.23
CA VAL B 161 -19.93 -84.93 68.43
C VAL B 161 -21.28 -85.02 69.13
N GLU B 162 -22.05 -83.93 69.03
CA GLU B 162 -23.31 -83.74 69.73
C GLU B 162 -24.30 -83.06 68.80
N GLU B 163 -25.52 -83.60 68.71
CA GLU B 163 -26.57 -82.97 67.91
C GLU B 163 -27.90 -83.11 68.61
N VAL B 164 -28.68 -82.01 68.65
CA VAL B 164 -29.96 -81.98 69.36
C VAL B 164 -31.02 -81.39 68.42
N TYR B 165 -32.20 -82.01 68.42
CA TYR B 165 -33.35 -81.54 67.64
C TYR B 165 -34.58 -81.58 68.51
N ASP B 166 -35.24 -80.43 68.67
CA ASP B 166 -36.22 -80.22 69.73
C ASP B 166 -37.67 -80.33 69.26
N GLY B 167 -38.10 -79.54 68.30
CA GLY B 167 -39.51 -79.50 67.98
C GLY B 167 -39.97 -80.48 66.92
N LEU B 168 -39.96 -81.77 67.24
CA LEU B 168 -40.26 -82.80 66.24
C LEU B 168 -41.70 -83.30 66.39
N SER B 169 -42.23 -83.80 65.27
CA SER B 169 -43.58 -84.33 65.20
C SER B 169 -43.60 -85.57 64.32
N ALA B 170 -44.70 -86.30 64.39
CA ALA B 170 -44.91 -87.49 63.57
C ALA B 170 -45.93 -87.28 62.46
N ASP B 171 -46.25 -86.03 62.12
CA ASP B 171 -47.18 -85.73 61.05
C ASP B 171 -46.41 -85.53 59.75
N PRO B 172 -46.62 -86.38 58.74
CA PRO B 172 -45.81 -86.28 57.52
C PRO B 172 -46.04 -85.02 56.71
N GLU B 173 -47.18 -84.34 56.88
CA GLU B 173 -47.47 -83.14 56.12
C GLU B 173 -47.03 -81.86 56.82
N ALA B 174 -46.52 -81.96 58.04
CA ALA B 174 -46.01 -80.81 58.77
C ALA B 174 -44.57 -80.50 58.35
N SER B 175 -44.11 -79.31 58.72
CA SER B 175 -42.73 -78.93 58.44
C SER B 175 -41.78 -79.32 59.56
N ASN B 176 -42.29 -79.76 60.70
CA ASN B 176 -41.46 -80.27 61.78
C ASN B 176 -41.51 -81.79 61.87
N PHE B 177 -41.85 -82.46 60.77
CA PHE B 177 -41.73 -83.91 60.70
C PHE B 177 -40.27 -84.30 60.82
N TYR B 178 -40.00 -85.36 61.60
CA TYR B 178 -38.62 -85.65 61.97
C TYR B 178 -37.77 -86.06 60.78
N GLU B 179 -38.39 -86.68 59.76
CA GLU B 179 -37.65 -87.02 58.56
C GLU B 179 -37.09 -85.81 57.85
N LYS B 180 -37.80 -84.68 57.88
CA LYS B 180 -37.32 -83.47 57.23
C LYS B 180 -36.34 -82.70 58.10
N GLN B 181 -36.45 -82.82 59.42
CA GLN B 181 -35.59 -82.05 60.31
C GLN B 181 -34.25 -82.71 60.49
N LEU B 182 -34.22 -84.04 60.60
CA LEU B 182 -32.96 -84.76 60.77
C LEU B 182 -32.18 -84.92 59.47
N GLU B 183 -32.60 -84.25 58.39
CA GLU B 183 -31.94 -84.45 57.11
C GLU B 183 -30.60 -83.75 57.06
N SER B 184 -30.46 -82.65 57.81
CA SER B 184 -29.18 -81.95 57.91
C SER B 184 -28.48 -82.43 59.18
N SER B 185 -27.79 -83.55 59.06
CA SER B 185 -27.08 -84.17 60.17
C SER B 185 -25.84 -84.85 59.61
N VAL B 186 -24.70 -84.62 60.25
CA VAL B 186 -23.44 -85.18 59.77
C VAL B 186 -23.19 -86.61 60.26
N LEU B 187 -24.11 -87.19 61.03
CA LEU B 187 -23.87 -88.49 61.64
C LEU B 187 -24.80 -89.59 61.14
N VAL B 188 -26.10 -89.34 61.03
CA VAL B 188 -27.07 -90.39 60.79
C VAL B 188 -28.02 -89.98 59.66
N ASP B 189 -28.87 -90.94 59.27
CA ASP B 189 -29.92 -90.78 58.28
C ASP B 189 -31.15 -91.53 58.79
N ILE B 190 -32.33 -90.96 58.58
CA ILE B 190 -33.59 -91.52 59.04
C ILE B 190 -34.47 -91.84 57.84
N GLU B 191 -35.18 -92.96 57.91
CA GLU B 191 -36.15 -93.30 56.88
C GLU B 191 -37.44 -93.76 57.55
N TYR B 192 -38.57 -93.30 57.01
CA TYR B 192 -39.88 -93.53 57.62
C TYR B 192 -40.46 -94.86 57.17
N LYS B 193 -41.03 -95.60 58.11
CA LYS B 193 -41.62 -96.91 57.82
C LYS B 193 -43.12 -96.96 58.11
N ASP B 194 -43.55 -96.60 59.32
CA ASP B 194 -44.92 -96.84 59.74
C ASP B 194 -45.37 -95.70 60.64
N ASP B 195 -46.66 -95.68 60.96
CA ASP B 195 -47.27 -94.62 61.73
C ASP B 195 -47.05 -94.87 63.22
N GLY B 196 -46.65 -93.83 63.94
CA GLY B 196 -46.45 -93.93 65.36
C GLY B 196 -45.49 -92.87 65.85
N THR B 197 -45.16 -92.96 67.14
CA THR B 197 -44.20 -92.08 67.78
C THR B 197 -43.29 -92.93 68.67
N PRO B 198 -41.99 -92.64 68.69
CA PRO B 198 -41.07 -93.54 69.39
C PRO B 198 -41.11 -93.38 70.90
N VAL B 199 -40.71 -94.43 71.60
CA VAL B 199 -40.63 -94.43 73.05
C VAL B 199 -39.25 -93.92 73.47
N ASP B 200 -39.17 -93.42 74.70
CA ASP B 200 -37.94 -92.80 75.19
C ASP B 200 -36.86 -93.87 75.40
N GLY B 201 -35.61 -93.41 75.41
CA GLY B 201 -34.50 -94.27 75.73
C GLY B 201 -33.34 -94.07 74.77
N LEU B 202 -32.31 -94.91 74.96
CA LEU B 202 -31.07 -94.84 74.20
C LEU B 202 -30.89 -96.11 73.39
N THR B 203 -30.18 -95.99 72.27
CA THR B 203 -29.92 -97.14 71.43
C THR B 203 -28.64 -96.93 70.62
N TRP B 204 -27.87 -98.01 70.46
CA TRP B 204 -26.64 -98.02 69.68
C TRP B 204 -26.88 -98.70 68.33
N LEU B 205 -26.05 -98.31 67.35
CA LEU B 205 -26.12 -98.90 66.02
C LEU B 205 -25.20 -100.11 65.94
N HIS B 206 -25.72 -101.23 65.45
CA HIS B 206 -25.04 -102.52 65.52
C HIS B 206 -24.81 -103.10 64.13
N ARG B 207 -24.16 -104.27 64.12
CA ARG B 207 -23.95 -105.10 62.93
C ARG B 207 -23.32 -104.31 61.79
N ASP B 208 -22.08 -103.90 62.02
CA ASP B 208 -21.27 -103.29 60.97
C ASP B 208 -20.85 -104.32 59.93
N VAL B 292 -6.24 -100.07 51.40
CA VAL B 292 -6.85 -99.61 50.17
C VAL B 292 -5.94 -99.92 48.98
N THR B 293 -6.52 -100.01 47.80
CA THR B 293 -5.83 -100.36 46.56
C THR B 293 -6.03 -99.26 45.53
N LEU B 294 -5.55 -99.53 44.32
CA LEU B 294 -5.74 -98.60 43.21
C LEU B 294 -7.19 -98.57 42.74
N LYS B 295 -7.88 -99.70 42.81
CA LYS B 295 -9.27 -99.77 42.38
C LYS B 295 -10.22 -99.01 43.31
N ASP B 296 -9.82 -98.73 44.55
CA ASP B 296 -10.60 -97.87 45.43
C ASP B 296 -10.38 -96.40 45.10
N TYR B 297 -9.17 -96.04 44.69
CA TYR B 297 -8.92 -94.67 44.25
C TYR B 297 -9.57 -94.39 42.90
N GLU B 298 -9.74 -95.42 42.07
CA GLU B 298 -10.46 -95.24 40.81
C GLU B 298 -11.94 -94.95 41.07
N GLY B 299 -12.54 -95.65 42.03
CA GLY B 299 -13.89 -95.37 42.45
C GLY B 299 -14.94 -96.23 41.77
N VAL B 300 -16.14 -96.16 42.30
CA VAL B 300 -17.31 -96.87 41.79
C VAL B 300 -18.01 -96.00 40.76
N ASN B 301 -18.47 -96.62 39.68
CA ASN B 301 -19.24 -95.92 38.64
C ASN B 301 -20.50 -96.76 38.37
N LYS B 302 -21.56 -96.46 39.08
CA LYS B 302 -22.86 -97.07 38.91
C LYS B 302 -23.89 -95.99 38.63
N PRO B 303 -25.07 -96.36 38.11
CA PRO B 303 -26.06 -95.34 37.73
C PRO B 303 -26.40 -94.35 38.82
N GLY B 304 -26.40 -94.75 40.09
CA GLY B 304 -26.73 -93.82 41.15
C GLY B 304 -25.72 -93.73 42.27
N LEU B 305 -24.43 -93.89 41.96
CA LEU B 305 -23.39 -93.85 42.97
C LEU B 305 -22.03 -93.67 42.29
N ARG B 306 -21.30 -92.64 42.71
CA ARG B 306 -19.98 -92.35 42.16
C ARG B 306 -19.03 -91.98 43.29
N THR B 307 -17.88 -92.65 43.34
CA THR B 307 -16.83 -92.35 44.31
C THR B 307 -15.50 -92.24 43.59
N GLY B 308 -14.48 -91.77 44.30
CA GLY B 308 -13.14 -91.71 43.73
C GLY B 308 -13.00 -90.64 42.67
N LEU B 309 -12.33 -91.00 41.57
CA LEU B 309 -12.18 -90.07 40.45
C LEU B 309 -13.43 -90.03 39.58
N ALA B 310 -14.18 -91.13 39.51
CA ALA B 310 -15.44 -91.14 38.79
C ALA B 310 -16.42 -90.13 39.37
N GLY B 311 -16.36 -89.89 40.68
CA GLY B 311 -17.19 -88.86 41.27
C GLY B 311 -16.69 -87.46 40.94
N PHE B 312 -15.37 -87.28 40.87
CA PHE B 312 -14.82 -85.96 40.55
C PHE B 312 -15.10 -85.56 39.12
N LYS B 313 -15.16 -86.51 38.19
CA LYS B 313 -15.30 -86.13 36.80
C LYS B 313 -16.71 -85.68 36.44
N ALA B 314 -17.63 -85.62 37.40
CA ALA B 314 -18.95 -85.04 37.21
C ALA B 314 -19.11 -83.70 37.92
N ILE B 315 -18.01 -83.11 38.39
CA ILE B 315 -17.99 -81.78 39.00
C ILE B 315 -17.16 -80.89 38.10
N ASP B 316 -17.73 -79.76 37.68
CA ASP B 316 -17.07 -78.87 36.73
C ASP B 316 -16.44 -77.64 37.39
N GLU B 317 -16.34 -77.60 38.72
CA GLU B 317 -15.68 -76.50 39.39
C GLU B 317 -14.21 -76.78 39.68
N ILE B 318 -13.82 -78.04 39.76
CA ILE B 318 -12.46 -78.41 40.13
C ILE B 318 -11.49 -77.98 39.04
N SER B 319 -10.38 -77.37 39.44
CA SER B 319 -9.35 -76.93 38.50
C SER B 319 -7.98 -77.50 38.78
N MET B 320 -7.78 -78.17 39.92
CA MET B 320 -6.53 -78.85 40.20
C MET B 320 -6.80 -79.99 41.17
N VAL B 321 -6.10 -81.11 40.96
CA VAL B 321 -6.32 -82.35 41.70
C VAL B 321 -5.02 -82.75 42.38
N CYS B 322 -5.12 -83.27 43.60
CA CYS B 322 -3.94 -83.79 44.29
C CYS B 322 -4.31 -84.99 45.13
N ALA B 323 -3.41 -85.96 45.19
CA ALA B 323 -3.53 -87.12 46.08
C ALA B 323 -2.28 -87.19 46.94
N PRO B 324 -2.36 -86.88 48.23
CA PRO B 324 -1.15 -86.86 49.07
C PRO B 324 -0.39 -88.17 49.13
N ASP B 325 -1.08 -89.32 49.13
CA ASP B 325 -0.43 -90.62 49.28
C ASP B 325 -0.21 -91.31 47.94
N GLU B 326 0.09 -90.55 46.89
CA GLU B 326 0.20 -91.12 45.55
C GLU B 326 1.41 -92.01 45.36
N ASN B 327 2.38 -91.96 46.28
CA ASN B 327 3.60 -92.75 46.14
C ASN B 327 3.54 -94.06 46.90
N ASP B 328 2.51 -94.28 47.72
CA ASP B 328 2.31 -95.55 48.39
C ASP B 328 1.48 -96.53 47.58
N ILE B 329 0.73 -96.05 46.59
CA ILE B 329 -0.13 -96.87 45.75
C ILE B 329 0.44 -96.83 44.34
N ASP B 330 0.96 -97.95 43.87
CA ASP B 330 1.57 -98.00 42.55
C ASP B 330 0.51 -97.94 41.46
N GLY B 331 0.76 -97.11 40.45
CA GLY B 331 -0.18 -96.94 39.36
C GLY B 331 -1.19 -95.84 39.53
N LEU B 332 -1.00 -94.94 40.50
CA LEU B 332 -1.94 -93.84 40.74
C LEU B 332 -1.53 -92.55 40.06
N THR B 333 -0.22 -92.31 39.91
CA THR B 333 0.25 -91.12 39.22
C THR B 333 -0.24 -91.09 37.77
N ASP B 334 -0.12 -92.22 37.08
CA ASP B 334 -0.57 -92.31 35.70
C ASP B 334 -2.08 -92.12 35.60
N SER B 335 -2.83 -92.70 36.56
CA SER B 335 -4.27 -92.54 36.55
C SER B 335 -4.68 -91.08 36.74
N ILE B 336 -3.99 -90.36 37.62
CA ILE B 336 -4.31 -88.95 37.84
C ILE B 336 -3.98 -88.12 36.60
N VAL B 337 -2.81 -88.35 36.00
CA VAL B 337 -2.44 -87.59 34.81
C VAL B 337 -3.40 -87.89 33.65
N ALA B 338 -3.84 -89.15 33.53
CA ALA B 338 -4.77 -89.51 32.48
C ALA B 338 -6.14 -88.89 32.71
N HIS B 339 -6.60 -88.85 33.97
CA HIS B 339 -7.85 -88.17 34.30
C HIS B 339 -7.79 -86.70 33.88
N CYS B 340 -6.70 -86.01 34.22
CA CYS B 340 -6.60 -84.60 33.88
C CYS B 340 -6.46 -84.38 32.37
N GLU B 341 -5.80 -85.28 31.66
CA GLU B 341 -5.67 -85.12 30.21
C GLU B 341 -6.96 -85.47 29.48
N ASN B 342 -7.75 -86.39 30.01
CA ASN B 342 -8.99 -86.78 29.35
C ASN B 342 -10.12 -85.79 29.62
N MET B 343 -10.14 -85.16 30.80
CA MET B 343 -11.11 -84.09 31.00
C MET B 343 -10.73 -82.86 30.21
N GLY B 344 -9.44 -82.51 30.20
CA GLY B 344 -8.95 -81.38 29.45
C GLY B 344 -9.18 -80.03 30.09
N ASP B 345 -9.55 -80.00 31.37
CA ASP B 345 -9.84 -78.72 32.02
C ASP B 345 -9.32 -78.65 33.46
N ARG B 346 -8.31 -79.45 33.81
CA ARG B 346 -7.77 -79.41 35.16
C ARG B 346 -6.28 -79.71 35.09
N PHE B 347 -5.61 -79.50 36.23
CA PHE B 347 -4.16 -79.54 36.33
C PHE B 347 -3.77 -80.47 37.48
N ALA B 348 -2.65 -81.17 37.33
CA ALA B 348 -2.21 -82.15 38.31
C ALA B 348 -0.94 -81.69 39.02
N ILE B 349 -0.93 -81.83 40.34
CA ILE B 349 0.20 -81.47 41.19
C ILE B 349 0.79 -82.76 41.75
N LEU B 350 2.10 -82.93 41.58
CA LEU B 350 2.78 -84.15 41.97
C LEU B 350 3.98 -83.81 42.85
N GLN B 351 4.25 -84.70 43.80
CA GLN B 351 5.37 -84.55 44.71
C GLN B 351 6.31 -85.75 44.57
N SER B 352 7.58 -85.53 44.88
CA SER B 352 8.59 -86.55 44.76
C SER B 352 8.43 -87.59 45.86
N PRO B 353 9.16 -88.70 45.77
CA PRO B 353 9.21 -89.64 46.90
C PRO B 353 10.05 -89.08 48.04
N GLN B 354 9.96 -89.76 49.19
CA GLN B 354 10.77 -89.36 50.33
C GLN B 354 12.23 -89.68 50.10
N ASN B 355 12.52 -90.70 49.29
CA ASN B 355 13.89 -91.06 48.93
C ASN B 355 13.94 -91.22 47.42
N PRO B 356 14.24 -90.14 46.68
CA PRO B 356 14.24 -90.22 45.22
C PRO B 356 15.56 -90.65 44.60
N GLY B 357 16.60 -90.88 45.39
CA GLY B 357 17.86 -91.38 44.88
C GLY B 357 18.92 -90.30 44.73
N PRO B 358 19.97 -90.58 43.96
CA PRO B 358 21.00 -89.57 43.72
C PRO B 358 20.50 -88.46 42.82
N VAL B 359 21.11 -87.29 42.97
CA VAL B 359 20.65 -86.09 42.27
C VAL B 359 20.89 -86.22 40.77
N SER B 360 22.02 -86.80 40.38
CA SER B 360 22.38 -86.91 38.96
C SER B 360 21.52 -87.91 38.20
N GLU B 361 20.57 -88.58 38.84
CA GLU B 361 19.77 -89.61 38.20
C GLU B 361 18.27 -89.36 38.28
N MET B 362 17.85 -88.21 38.81
CA MET B 362 16.44 -87.94 38.99
C MET B 362 15.78 -87.60 37.66
N GLU B 363 14.52 -88.01 37.51
CA GLU B 363 13.71 -87.73 36.34
C GLU B 363 12.28 -87.48 36.77
N THR B 364 11.49 -86.94 35.87
CA THR B 364 10.08 -86.82 36.22
C THR B 364 9.33 -88.10 35.85
N PRO B 365 8.27 -88.43 36.58
CA PRO B 365 7.55 -89.69 36.27
C PRO B 365 6.85 -89.66 34.92
N VAL B 366 6.18 -88.56 34.58
CA VAL B 366 5.46 -88.45 33.32
C VAL B 366 6.04 -87.33 32.49
N ASP B 367 5.56 -87.20 31.25
CA ASP B 367 6.00 -86.17 30.31
C ASP B 367 4.80 -85.40 29.79
N SER B 368 3.89 -85.04 30.70
CA SER B 368 2.64 -84.40 30.34
C SER B 368 2.76 -82.89 30.48
N SER B 369 1.94 -82.19 29.69
CA SER B 369 1.77 -80.75 29.84
C SER B 369 0.71 -80.39 30.88
N TYR B 370 0.09 -81.38 31.50
CA TYR B 370 -1.00 -81.17 32.45
C TYR B 370 -0.60 -81.45 33.88
N ALA B 371 0.71 -81.40 34.19
CA ALA B 371 1.19 -81.76 35.50
C ALA B 371 2.41 -80.91 35.86
N ALA B 372 2.66 -80.80 37.16
CA ALA B 372 3.84 -80.13 37.69
C ALA B 372 4.37 -80.94 38.87
N TYR B 373 5.68 -80.83 39.12
CA TYR B 373 6.42 -81.75 39.99
C TYR B 373 7.27 -80.96 40.96
N TYR B 374 7.07 -81.19 42.27
CA TYR B 374 7.69 -80.38 43.31
C TYR B 374 8.55 -81.23 44.24
N TYR B 375 9.56 -80.60 44.85
CA TYR B 375 10.56 -81.30 45.64
C TYR B 375 11.24 -80.32 46.59
N PRO B 376 11.60 -80.71 47.83
CA PRO B 376 11.42 -81.92 48.65
C PRO B 376 10.24 -81.88 49.64
N TRP B 377 10.27 -82.78 50.63
CA TRP B 377 9.28 -82.88 51.68
C TRP B 377 9.49 -81.78 52.74
N VAL B 378 8.50 -81.60 53.61
CA VAL B 378 8.51 -80.52 54.60
C VAL B 378 8.25 -81.10 56.00
N ASN B 379 8.45 -80.25 57.00
CA ASN B 379 8.31 -80.60 58.41
C ASN B 379 7.18 -79.80 59.05
N VAL B 380 6.37 -80.45 59.86
CA VAL B 380 5.23 -79.84 60.52
C VAL B 380 5.16 -80.32 61.97
N LEU B 381 4.33 -79.65 62.77
CA LEU B 381 3.99 -80.07 64.12
C LEU B 381 2.78 -80.99 64.08
N ASP B 382 2.88 -82.13 64.76
CA ASP B 382 1.81 -83.11 64.75
C ASP B 382 0.90 -82.89 65.94
N PRO B 383 -0.41 -82.67 65.74
CA PRO B 383 -1.28 -82.27 66.85
C PRO B 383 -1.67 -83.38 67.80
N VAL B 384 -1.07 -84.57 67.72
CA VAL B 384 -1.34 -85.62 68.68
C VAL B 384 -0.10 -86.02 69.47
N THR B 385 1.10 -85.71 68.97
CA THR B 385 2.33 -85.96 69.70
C THR B 385 3.08 -84.68 70.06
N ASN B 386 2.75 -83.57 69.40
CA ASN B 386 3.43 -82.29 69.61
C ASN B 386 4.92 -82.38 69.26
N ARG B 387 5.23 -83.17 68.24
CA ARG B 387 6.58 -83.33 67.74
C ARG B 387 6.59 -83.02 66.24
N GLU B 388 7.80 -82.92 65.69
CA GLU B 388 7.93 -82.69 64.25
C GLU B 388 7.62 -83.97 63.48
N LYS B 389 7.19 -83.80 62.24
CA LYS B 389 6.78 -84.89 61.38
C LYS B 389 7.00 -84.47 59.93
N LEU B 390 7.41 -85.42 59.10
CA LEU B 390 7.78 -85.15 57.72
C LEU B 390 6.63 -85.55 56.80
N VAL B 391 6.19 -84.60 55.96
CA VAL B 391 5.03 -84.80 55.11
C VAL B 391 5.33 -84.28 53.71
N PRO B 392 4.56 -84.72 52.71
CA PRO B 392 4.73 -84.18 51.36
C PRO B 392 4.14 -82.79 51.25
N PRO B 393 4.66 -81.97 50.33
CA PRO B 393 4.26 -80.55 50.28
C PRO B 393 3.08 -80.21 49.38
N GLY B 394 2.24 -81.18 49.01
CA GLY B 394 1.28 -80.95 47.95
C GLY B 394 0.18 -79.95 48.31
N GLY B 395 -0.41 -80.08 49.49
CA GLY B 395 -1.53 -79.22 49.85
C GLY B 395 -1.13 -77.78 50.08
N HIS B 396 0.05 -77.56 50.67
CA HIS B 396 0.57 -76.21 50.83
C HIS B 396 0.75 -75.53 49.47
N ILE B 397 1.22 -76.30 48.48
CA ILE B 397 1.45 -75.75 47.15
C ILE B 397 0.12 -75.44 46.46
N ALA B 398 -0.89 -76.31 46.64
CA ALA B 398 -2.21 -76.00 46.08
C ALA B 398 -2.79 -74.74 46.71
N GLY B 399 -2.58 -74.56 48.02
CA GLY B 399 -3.01 -73.33 48.66
C GLY B 399 -2.32 -72.10 48.12
N ILE B 400 -1.03 -72.22 47.81
CA ILE B 400 -0.30 -71.12 47.19
C ILE B 400 -0.87 -70.81 45.80
N TYR B 401 -1.19 -71.84 45.02
CA TYR B 401 -1.85 -71.65 43.73
C TYR B 401 -3.12 -70.84 43.88
N SER B 402 -3.99 -71.26 44.80
CA SER B 402 -5.27 -70.57 45.02
C SER B 402 -5.06 -69.12 45.43
N ARG B 403 -4.14 -68.87 46.36
CA ARG B 403 -3.87 -67.51 46.81
C ARG B 403 -3.40 -66.62 45.67
N THR B 404 -2.41 -67.08 44.91
CA THR B 404 -1.90 -66.31 43.78
C THR B 404 -2.99 -66.01 42.77
N ASP B 405 -3.86 -67.00 42.51
CA ASP B 405 -4.95 -66.77 41.58
C ASP B 405 -5.92 -65.71 42.10
N GLN B 406 -6.13 -65.67 43.43
CA GLN B 406 -7.06 -64.69 43.97
C GLN B 406 -6.49 -63.28 43.94
N GLU B 407 -5.19 -63.12 44.21
CA GLU B 407 -4.67 -61.77 44.38
C GLU B 407 -3.94 -61.21 43.16
N HIS B 408 -3.60 -62.04 42.17
CA HIS B 408 -2.88 -61.56 41.00
C HIS B 408 -3.51 -61.90 39.66
N GLY B 409 -4.17 -63.05 39.55
CA GLY B 409 -4.65 -63.55 38.28
C GLY B 409 -4.02 -64.88 37.91
N VAL B 410 -4.61 -65.51 36.89
CA VAL B 410 -4.14 -66.82 36.44
C VAL B 410 -2.90 -66.71 35.57
N HIS B 411 -2.51 -65.52 35.15
CA HIS B 411 -1.33 -65.30 34.34
C HIS B 411 -0.06 -65.10 35.16
N LYS B 412 -0.17 -65.10 36.48
CA LYS B 412 0.98 -64.88 37.35
C LYS B 412 1.59 -66.21 37.77
N ALA B 413 2.89 -66.34 37.65
CA ALA B 413 3.57 -67.56 38.02
C ALA B 413 3.54 -67.74 39.54
N PRO B 414 3.09 -68.88 40.04
CA PRO B 414 3.02 -69.08 41.50
C PRO B 414 4.36 -69.48 42.10
N ALA B 415 5.38 -68.66 41.86
CA ALA B 415 6.71 -68.86 42.41
C ALA B 415 7.23 -67.55 42.97
N ASN B 416 8.30 -67.64 43.77
CA ASN B 416 8.78 -66.53 44.59
C ASN B 416 7.73 -66.14 45.62
N GLU B 417 7.08 -67.14 46.21
CA GLU B 417 6.05 -66.96 47.22
C GLU B 417 6.40 -67.77 48.46
N THR B 418 5.92 -67.32 49.60
CA THR B 418 6.28 -67.91 50.88
C THR B 418 5.35 -69.06 51.24
N LEU B 419 5.91 -70.06 51.92
CA LEU B 419 5.15 -71.17 52.47
C LEU B 419 4.87 -70.91 53.94
N ARG B 420 3.58 -70.93 54.30
CA ARG B 420 3.15 -70.74 55.67
C ARG B 420 2.66 -72.07 56.25
N GLY B 421 2.94 -72.27 57.54
CA GLY B 421 2.43 -73.43 58.24
C GLY B 421 3.41 -74.56 58.42
N ILE B 422 4.71 -74.33 58.20
CA ILE B 422 5.72 -75.38 58.30
C ILE B 422 6.80 -74.92 59.28
N VAL B 423 7.72 -75.84 59.55
CA VAL B 423 8.83 -75.60 60.46
C VAL B 423 10.16 -75.61 59.74
N GLY B 424 10.38 -76.58 58.86
CA GLY B 424 11.62 -76.66 58.10
C GLY B 424 11.44 -77.56 56.90
N LEU B 425 12.54 -77.79 56.20
CA LEU B 425 12.56 -78.64 55.03
C LEU B 425 13.25 -79.96 55.34
N GLN B 426 13.27 -80.84 54.34
CA GLN B 426 13.99 -82.10 54.48
C GLN B 426 15.48 -81.91 54.22
N HIS B 427 15.81 -81.26 53.10
CA HIS B 427 17.18 -80.90 52.76
C HIS B 427 17.20 -79.44 52.34
N ASN B 428 18.38 -78.84 52.41
CA ASN B 428 18.63 -77.53 51.83
C ASN B 428 19.37 -77.70 50.51
N ILE B 429 18.77 -77.22 49.43
CA ILE B 429 19.33 -77.32 48.09
C ILE B 429 20.14 -76.06 47.79
N THR B 430 21.31 -76.24 47.19
CA THR B 430 22.19 -75.14 46.84
C THR B 430 21.92 -74.69 45.40
N LYS B 431 22.68 -73.69 44.96
CA LYS B 431 22.57 -73.20 43.60
C LYS B 431 23.25 -74.11 42.59
N GLY B 432 24.24 -74.90 43.01
CA GLY B 432 24.88 -75.82 42.10
C GLY B 432 24.03 -77.02 41.75
N GLU B 433 23.19 -77.47 42.68
CA GLU B 433 22.33 -78.62 42.43
C GLU B 433 21.09 -78.26 41.63
N GLN B 434 20.60 -77.02 41.74
CA GLN B 434 19.45 -76.61 40.97
C GLN B 434 19.79 -76.35 39.51
N ASP B 435 21.06 -76.11 39.20
CA ASP B 435 21.49 -76.02 37.81
C ASP B 435 21.38 -77.34 37.08
N VAL B 436 21.18 -78.45 37.79
CA VAL B 436 21.03 -79.76 37.19
C VAL B 436 19.56 -80.15 37.17
N LEU B 437 18.82 -79.72 38.19
CA LEU B 437 17.43 -80.11 38.36
C LEU B 437 16.46 -79.23 37.57
N ASN B 438 16.74 -77.94 37.45
CA ASN B 438 15.78 -77.04 36.81
C ASN B 438 15.58 -77.32 35.32
N PRO B 439 16.62 -77.57 34.52
CA PRO B 439 16.38 -77.91 33.10
C PRO B 439 15.65 -79.22 32.88
N LYS B 440 15.35 -79.98 33.94
CA LYS B 440 14.67 -81.26 33.83
C LYS B 440 13.18 -81.19 34.17
N GLY B 441 12.67 -80.02 34.54
CA GLY B 441 11.27 -79.89 34.89
C GLY B 441 10.93 -80.15 36.34
N ILE B 442 11.93 -80.20 37.22
CA ILE B 442 11.73 -80.48 38.64
C ILE B 442 11.78 -79.15 39.39
N ASN B 443 10.72 -78.83 40.14
CA ASN B 443 10.63 -77.56 40.84
C ASN B 443 11.09 -77.73 42.28
N CYS B 444 11.82 -76.74 42.78
CA CYS B 444 12.48 -76.84 44.07
C CYS B 444 11.87 -75.86 45.07
N ILE B 445 11.88 -76.26 46.34
CA ILE B 445 11.53 -75.41 47.45
C ILE B 445 12.80 -75.14 48.25
N ARG B 446 13.20 -73.88 48.33
CA ARG B 446 14.49 -73.51 48.88
C ARG B 446 14.31 -72.53 50.04
N SER B 447 15.38 -72.29 50.77
CA SER B 447 15.37 -71.38 51.92
C SER B 447 16.53 -70.42 51.79
N PHE B 448 16.22 -69.13 51.75
CA PHE B 448 17.21 -68.07 51.63
C PHE B 448 17.38 -67.35 52.96
N GLN B 449 18.63 -66.99 53.25
CA GLN B 449 18.94 -66.26 54.48
C GLN B 449 18.48 -64.82 54.35
N GLY B 450 17.63 -64.39 55.28
CA GLY B 450 17.02 -63.07 55.21
C GLY B 450 15.71 -63.00 54.45
N ARG B 451 15.32 -64.08 53.76
CA ARG B 451 14.09 -64.06 52.97
C ARG B 451 13.13 -65.20 53.26
N GLY B 452 13.57 -66.32 53.82
CA GLY B 452 12.66 -67.37 54.21
C GLY B 452 12.61 -68.52 53.22
N ILE B 453 11.55 -69.33 53.36
CA ILE B 453 11.35 -70.51 52.54
C ILE B 453 10.40 -70.16 51.40
N ARG B 454 10.81 -70.44 50.17
CA ARG B 454 10.05 -70.05 48.98
C ARG B 454 10.12 -71.14 47.92
N VAL B 455 9.13 -71.11 47.03
CA VAL B 455 9.11 -71.96 45.84
C VAL B 455 9.91 -71.27 44.75
N TRP B 456 10.89 -71.98 44.16
CA TRP B 456 11.81 -71.40 43.20
C TRP B 456 11.78 -72.26 41.93
N GLY B 457 10.80 -72.01 41.07
CA GLY B 457 10.64 -72.78 39.85
C GLY B 457 9.20 -72.89 39.40
N ALA B 458 8.94 -72.69 38.11
CA ALA B 458 7.58 -72.58 37.59
C ALA B 458 7.42 -73.29 36.25
N ARG B 459 7.93 -74.51 36.13
CA ARG B 459 7.85 -75.25 34.87
C ARG B 459 6.92 -76.45 34.98
N THR B 460 6.51 -76.98 33.84
CA THR B 460 5.78 -78.23 33.75
C THR B 460 6.72 -79.38 33.41
N THR B 461 6.18 -80.60 33.51
CA THR B 461 6.92 -81.81 33.18
C THR B 461 7.04 -82.04 31.68
N SER B 462 6.58 -81.10 30.85
CA SER B 462 6.46 -81.32 29.42
C SER B 462 7.80 -81.16 28.70
N SER B 463 7.92 -81.86 27.58
CA SER B 463 9.07 -81.74 26.69
C SER B 463 8.80 -80.82 25.50
N ASP B 464 7.55 -80.61 25.16
CA ASP B 464 7.19 -79.66 24.11
C ASP B 464 7.64 -78.26 24.48
N PRO B 465 8.35 -77.55 23.60
CA PRO B 465 8.80 -76.19 23.95
C PRO B 465 7.68 -75.18 24.01
N GLU B 466 6.50 -75.51 23.51
CA GLU B 466 5.38 -74.58 23.50
C GLU B 466 4.65 -74.51 24.82
N TRP B 467 4.81 -75.51 25.70
CA TRP B 467 4.12 -75.58 26.98
C TRP B 467 5.12 -75.70 28.11
N LYS B 468 6.20 -74.95 28.03
CA LYS B 468 7.25 -75.02 29.05
C LYS B 468 6.84 -74.37 30.36
N TYR B 469 6.07 -73.29 30.31
CA TYR B 469 5.72 -72.54 31.50
C TYR B 469 4.28 -72.82 31.92
N LEU B 470 4.05 -72.73 33.23
CA LEU B 470 2.84 -73.23 33.87
C LEU B 470 1.67 -72.26 33.70
N ASN B 471 1.93 -70.96 33.80
CA ASN B 471 0.87 -69.97 33.71
C ASN B 471 0.26 -69.91 32.31
N VAL B 472 1.03 -70.26 31.28
CA VAL B 472 0.49 -70.28 29.92
C VAL B 472 -0.55 -71.38 29.79
N ARG B 473 -0.27 -72.56 30.32
CA ARG B 473 -1.24 -73.65 30.32
C ARG B 473 -2.48 -73.28 31.12
N ARG B 474 -2.30 -72.67 32.28
CA ARG B 474 -3.47 -72.32 33.09
C ARG B 474 -4.33 -71.26 32.40
N LEU B 475 -3.70 -70.26 31.77
CA LEU B 475 -4.45 -69.25 31.03
C LEU B 475 -5.24 -69.88 29.89
N PHE B 476 -4.62 -70.81 29.15
CA PHE B 476 -5.35 -71.44 28.06
C PHE B 476 -6.51 -72.29 28.55
N LEU B 477 -6.34 -73.00 29.67
CA LEU B 477 -7.46 -73.75 30.24
C LEU B 477 -8.62 -72.81 30.56
N PHE B 478 -8.33 -71.70 31.25
CA PHE B 478 -9.36 -70.73 31.60
C PHE B 478 -10.10 -70.22 30.37
N ILE B 479 -9.35 -69.78 29.35
CA ILE B 479 -9.95 -69.19 28.17
C ILE B 479 -10.81 -70.22 27.43
N GLU B 480 -10.30 -71.43 27.25
CA GLU B 480 -11.01 -72.42 26.47
C GLU B 480 -12.28 -72.88 27.16
N GLN B 481 -12.26 -73.03 28.49
CA GLN B 481 -13.49 -73.42 29.16
C GLN B 481 -14.53 -72.31 29.13
N SER B 482 -14.09 -71.05 29.29
CA SER B 482 -15.06 -69.95 29.18
C SER B 482 -15.72 -69.93 27.82
N ILE B 483 -14.93 -70.08 26.76
CA ILE B 483 -15.49 -70.09 25.41
C ILE B 483 -16.44 -71.27 25.22
N GLN B 484 -16.06 -72.45 25.69
CA GLN B 484 -16.90 -73.62 25.52
C GLN B 484 -18.25 -73.44 26.20
N GLU B 485 -18.26 -72.91 27.43
CA GLU B 485 -19.50 -72.85 28.18
C GLU B 485 -20.36 -71.64 27.83
N GLY B 486 -19.78 -70.57 27.30
CA GLY B 486 -20.56 -69.39 27.01
C GLY B 486 -20.95 -69.13 25.58
N THR B 487 -21.15 -70.17 24.76
CA THR B 487 -21.47 -69.96 23.35
C THR B 487 -22.52 -70.97 22.85
N GLN B 488 -23.28 -71.57 23.75
CA GLN B 488 -24.25 -72.58 23.33
C GLN B 488 -25.50 -71.98 22.72
N TRP B 489 -25.64 -70.66 22.71
CA TRP B 489 -26.77 -70.01 22.04
C TRP B 489 -26.64 -70.03 20.53
N ALA B 490 -25.45 -70.31 20.00
CA ALA B 490 -25.17 -70.16 18.58
C ALA B 490 -25.41 -71.44 17.77
N VAL B 491 -25.76 -72.54 18.43
CA VAL B 491 -25.99 -73.79 17.70
C VAL B 491 -27.37 -73.73 17.07
N PHE B 492 -27.44 -74.10 15.79
CA PHE B 492 -28.64 -74.14 14.96
C PHE B 492 -29.12 -72.77 14.53
N GLU B 493 -28.31 -71.73 14.68
CA GLU B 493 -28.63 -70.40 14.21
C GLU B 493 -28.30 -70.29 12.72
N PRO B 494 -28.91 -69.34 12.01
CA PRO B 494 -28.61 -69.18 10.59
C PRO B 494 -27.13 -68.90 10.33
N ASN B 495 -26.60 -69.53 9.29
CA ASN B 495 -25.18 -69.44 8.93
C ASN B 495 -24.99 -68.31 7.93
N GLU B 496 -25.07 -67.08 8.45
CA GLU B 496 -24.99 -65.89 7.61
C GLU B 496 -24.39 -64.74 8.41
N GLN B 497 -24.23 -63.59 7.75
CA GLN B 497 -23.32 -62.55 8.22
C GLN B 497 -23.70 -61.97 9.58
N ASP B 498 -24.98 -61.99 9.94
CA ASP B 498 -25.39 -61.44 11.23
C ASP B 498 -24.83 -62.27 12.39
N THR B 499 -25.01 -63.58 12.32
CA THR B 499 -24.45 -64.46 13.34
C THR B 499 -22.93 -64.33 13.42
N TRP B 500 -22.28 -64.18 12.26
CA TRP B 500 -20.83 -64.04 12.23
C TRP B 500 -20.38 -62.78 12.96
N GLY B 501 -21.01 -61.65 12.65
CA GLY B 501 -20.66 -60.42 13.34
C GLY B 501 -20.91 -60.50 14.83
N ARG B 502 -22.01 -61.14 15.23
CA ARG B 502 -22.34 -61.26 16.64
C ARG B 502 -21.26 -62.07 17.39
N ILE B 503 -20.90 -63.23 16.85
CA ILE B 503 -19.90 -64.08 17.48
C ILE B 503 -18.55 -63.37 17.56
N ARG B 504 -18.13 -62.76 16.45
CA ARG B 504 -16.87 -62.01 16.43
C ARG B 504 -16.84 -60.94 17.51
N GLN B 505 -17.94 -60.18 17.64
CA GLN B 505 -17.99 -59.10 18.61
C GLN B 505 -17.86 -59.62 20.04
N SER B 506 -18.58 -60.70 20.36
CA SER B 506 -18.48 -61.27 21.71
C SER B 506 -17.06 -61.70 22.04
N VAL B 507 -16.43 -62.46 21.15
CA VAL B 507 -15.11 -62.99 21.46
C VAL B 507 -14.09 -61.87 21.55
N THR B 508 -14.23 -60.84 20.72
CA THR B 508 -13.32 -59.71 20.80
C THR B 508 -13.45 -58.98 22.13
N ASN B 509 -14.69 -58.80 22.63
CA ASN B 509 -14.84 -58.15 23.93
C ASN B 509 -14.18 -58.95 25.04
N PHE B 510 -14.37 -60.28 25.05
CA PHE B 510 -13.74 -61.10 26.08
C PHE B 510 -12.21 -61.01 26.02
N LEU B 511 -11.64 -61.10 24.83
CA LEU B 511 -10.18 -61.08 24.74
C LEU B 511 -9.61 -59.70 25.07
N ARG B 512 -10.33 -58.62 24.75
CA ARG B 512 -9.86 -57.30 25.13
C ARG B 512 -9.88 -57.13 26.65
N THR B 513 -10.88 -57.69 27.31
CA THR B 513 -10.88 -57.68 28.76
C THR B 513 -9.67 -58.42 29.32
N VAL B 514 -9.38 -59.61 28.77
CA VAL B 514 -8.20 -60.36 29.24
C VAL B 514 -6.93 -59.55 29.01
N TRP B 515 -6.84 -58.85 27.89
CA TRP B 515 -5.64 -58.06 27.59
C TRP B 515 -5.47 -56.90 28.57
N ARG B 516 -6.57 -56.23 28.93
CA ARG B 516 -6.47 -55.07 29.82
C ARG B 516 -5.98 -55.43 31.22
N ASN B 517 -6.17 -56.67 31.66
CA ASN B 517 -5.77 -57.09 32.99
C ASN B 517 -4.34 -57.62 33.05
N GLY B 518 -3.57 -57.47 31.98
CA GLY B 518 -2.18 -57.88 32.01
C GLY B 518 -1.89 -59.30 31.57
N GLY B 519 -2.88 -60.01 31.03
CA GLY B 519 -2.66 -61.39 30.64
C GLY B 519 -2.06 -61.55 29.26
N LEU B 520 -2.30 -60.60 28.36
CA LEU B 520 -1.75 -60.64 27.01
C LEU B 520 -0.76 -59.50 26.85
N GLN B 521 0.09 -59.63 25.84
CA GLN B 521 1.28 -58.78 25.71
C GLN B 521 1.24 -58.02 24.39
N GLY B 522 1.42 -56.72 24.47
CA GLY B 522 1.49 -55.86 23.30
C GLY B 522 1.00 -54.46 23.63
N GLN B 523 1.57 -53.47 22.94
CA GLN B 523 1.20 -52.08 23.14
C GLN B 523 -0.07 -51.70 22.41
N SER B 524 -0.59 -52.57 21.54
CA SER B 524 -1.83 -52.31 20.83
C SER B 524 -2.64 -53.60 20.79
N GLU B 525 -3.89 -53.48 20.36
CA GLU B 525 -4.75 -54.66 20.27
C GLU B 525 -4.31 -55.60 19.16
N ASP B 526 -3.77 -55.05 18.07
CA ASP B 526 -3.32 -55.88 16.97
C ASP B 526 -2.13 -56.74 17.34
N ASP B 527 -1.34 -56.31 18.34
CA ASP B 527 -0.20 -57.09 18.80
C ASP B 527 -0.61 -58.22 19.72
N ALA B 528 -1.74 -58.08 20.41
CA ALA B 528 -2.12 -59.00 21.46
C ALA B 528 -2.97 -60.17 20.97
N PHE B 529 -3.86 -59.94 20.01
CA PHE B 529 -4.78 -60.99 19.56
C PHE B 529 -5.47 -60.58 18.27
N TYR B 530 -6.13 -61.58 17.65
CA TYR B 530 -7.05 -61.34 16.54
C TYR B 530 -8.13 -62.41 16.54
N VAL B 531 -9.27 -62.07 15.93
CA VAL B 531 -10.41 -62.97 15.76
C VAL B 531 -10.91 -62.83 14.32
N LYS B 532 -11.22 -63.97 13.69
CA LYS B 532 -11.66 -64.01 12.29
C LYS B 532 -12.86 -64.93 12.13
N CYS B 533 -13.89 -64.43 11.45
CA CYS B 533 -15.07 -65.23 11.10
C CYS B 533 -15.75 -64.57 9.92
N GLY B 534 -15.80 -65.27 8.79
CA GLY B 534 -16.42 -64.70 7.59
C GLY B 534 -16.17 -65.58 6.38
N GLU B 535 -15.96 -64.93 5.24
CA GLU B 535 -15.67 -65.64 4.00
C GLU B 535 -14.17 -65.90 3.81
N GLU B 536 -13.34 -65.47 4.75
CA GLU B 536 -11.93 -65.84 4.72
C GLU B 536 -11.68 -67.13 5.48
N THR B 537 -12.56 -67.51 6.40
CA THR B 537 -12.41 -68.76 7.14
C THR B 537 -13.34 -69.86 6.65
N MET B 538 -14.46 -69.52 6.02
CA MET B 538 -15.45 -70.48 5.57
C MET B 538 -15.54 -70.46 4.05
N SER B 539 -15.67 -71.65 3.46
CA SER B 539 -15.94 -71.81 2.05
C SER B 539 -17.39 -72.24 1.86
N GLU B 540 -17.75 -72.54 0.61
CA GLU B 540 -19.13 -72.90 0.31
C GLU B 540 -19.44 -74.34 0.70
N ASP B 541 -18.45 -75.24 0.55
CA ASP B 541 -18.61 -76.60 1.05
C ASP B 541 -18.85 -76.62 2.55
N ASP B 542 -18.30 -75.64 3.27
CA ASP B 542 -18.56 -75.53 4.70
C ASP B 542 -20.01 -75.15 4.97
N ILE B 543 -20.51 -74.13 4.28
CA ILE B 543 -21.88 -73.69 4.49
C ILE B 543 -22.87 -74.79 4.15
N ASP B 544 -22.61 -75.54 3.06
CA ASP B 544 -23.53 -76.59 2.66
C ASP B 544 -23.57 -77.75 3.65
N ASN B 545 -22.59 -77.88 4.54
CA ASN B 545 -22.54 -78.98 5.48
C ASN B 545 -22.78 -78.56 6.92
N GLY B 546 -23.00 -77.28 7.19
CA GLY B 546 -23.39 -76.84 8.51
C GLY B 546 -22.27 -76.45 9.45
N ARG B 547 -21.11 -76.05 8.92
CA ARG B 547 -19.95 -75.74 9.74
C ARG B 547 -19.75 -74.24 9.82
N LEU B 548 -19.56 -73.73 11.03
CA LEU B 548 -19.21 -72.33 11.29
C LEU B 548 -17.85 -72.31 11.96
N ILE B 549 -16.87 -71.67 11.33
CA ILE B 549 -15.48 -71.73 11.75
C ILE B 549 -15.01 -70.35 12.20
N VAL B 550 -14.40 -70.29 13.38
CA VAL B 550 -13.85 -69.07 13.96
C VAL B 550 -12.37 -69.32 14.27
N GLU B 551 -11.51 -68.39 13.88
CA GLU B 551 -10.07 -68.53 14.12
C GLU B 551 -9.57 -67.41 15.03
N ILE B 552 -8.87 -67.80 16.10
CA ILE B 552 -8.42 -66.87 17.13
C ILE B 552 -6.92 -67.02 17.32
N GLY B 553 -6.21 -65.90 17.40
CA GLY B 553 -4.78 -65.93 17.66
C GLY B 553 -4.45 -65.03 18.83
N VAL B 554 -3.58 -65.53 19.71
CA VAL B 554 -3.33 -64.88 21.00
C VAL B 554 -1.83 -64.91 21.30
N ALA B 555 -1.40 -64.00 22.18
CA ALA B 555 0.01 -63.89 22.58
C ALA B 555 0.12 -63.79 24.10
N PRO B 556 0.44 -64.88 24.78
CA PRO B 556 0.51 -64.86 26.24
C PRO B 556 1.81 -64.26 26.76
N VAL B 557 1.79 -63.90 28.04
CA VAL B 557 2.95 -63.31 28.71
C VAL B 557 3.64 -64.40 29.53
N LYS B 558 4.97 -64.31 29.62
CA LYS B 558 5.80 -65.31 30.24
C LYS B 558 6.63 -64.69 31.36
N PRO B 559 7.10 -65.49 32.32
CA PRO B 559 7.80 -64.92 33.48
C PRO B 559 9.24 -64.55 33.17
N ALA B 560 9.82 -63.77 34.09
CA ALA B 560 11.22 -63.36 34.04
C ALA B 560 11.99 -64.26 35.00
N GLU B 561 12.71 -65.23 34.44
CA GLU B 561 13.40 -66.23 35.24
C GLU B 561 14.85 -65.86 35.51
N PHE B 562 15.48 -65.11 34.61
CA PHE B 562 16.86 -64.68 34.75
C PHE B 562 16.92 -63.17 34.60
N VAL B 563 17.34 -62.49 35.66
CA VAL B 563 17.46 -61.04 35.68
C VAL B 563 18.94 -60.72 35.56
N ILE B 564 19.32 -60.07 34.46
CA ILE B 564 20.73 -59.90 34.07
C ILE B 564 21.06 -58.42 34.03
N PHE B 565 22.19 -58.06 34.63
CA PHE B 565 22.70 -56.69 34.66
C PHE B 565 24.10 -56.67 34.05
N ARG B 566 24.24 -56.02 32.91
CA ARG B 566 25.52 -55.88 32.22
C ARG B 566 26.02 -54.46 32.40
N ILE B 567 27.09 -54.28 33.18
CA ILE B 567 27.58 -52.97 33.59
C ILE B 567 28.98 -52.75 33.02
N SER B 568 29.22 -51.55 32.49
CA SER B 568 30.50 -51.19 31.89
C SER B 568 30.87 -49.77 32.31
N GLN B 569 32.03 -49.32 31.83
CA GLN B 569 32.57 -48.00 32.12
C GLN B 569 32.41 -47.03 30.97
N ASP B 570 31.84 -47.44 29.85
CA ASP B 570 31.80 -46.60 28.66
C ASP B 570 30.56 -45.71 28.71
N THR B 571 30.78 -44.42 28.48
CA THR B 571 29.70 -43.42 28.40
C THR B 571 28.80 -43.43 29.64
N SER C 2 27.83 -65.74 29.52
CA SER C 2 27.53 -66.52 30.72
C SER C 2 26.42 -67.52 30.43
N GLU C 3 26.26 -68.50 31.32
CA GLU C 3 25.22 -69.51 31.19
C GLU C 3 24.24 -69.39 32.35
N TYR C 4 22.95 -69.56 32.06
CA TYR C 4 21.88 -69.34 33.02
C TYR C 4 21.09 -70.63 33.14
N GLN C 5 21.30 -71.36 34.24
CA GLN C 5 20.65 -72.65 34.47
C GLN C 5 19.71 -72.66 35.67
N SER C 6 19.89 -71.77 36.64
CA SER C 6 18.98 -71.66 37.76
C SER C 6 18.52 -70.22 37.92
N PRO C 7 17.29 -70.01 38.37
CA PRO C 7 16.74 -68.64 38.45
C PRO C 7 17.45 -67.80 39.50
N GLY C 8 17.53 -66.51 39.21
CA GLY C 8 18.15 -65.58 40.13
C GLY C 8 18.53 -64.29 39.44
N VAL C 9 19.39 -63.53 40.12
CA VAL C 9 19.90 -62.24 39.63
C VAL C 9 21.36 -62.43 39.26
N TYR C 10 21.76 -61.86 38.12
CA TYR C 10 23.12 -61.95 37.62
C TYR C 10 23.65 -60.54 37.32
N VAL C 11 24.89 -60.28 37.74
CA VAL C 11 25.56 -59.01 37.48
C VAL C 11 26.87 -59.31 36.76
N GLU C 12 27.08 -58.67 35.61
CA GLU C 12 28.22 -58.96 34.76
C GLU C 12 28.94 -57.67 34.37
N GLU C 13 30.26 -57.77 34.24
CA GLU C 13 31.10 -56.65 33.86
C GLU C 13 31.51 -56.76 32.40
N VAL C 14 31.52 -55.60 31.72
CA VAL C 14 31.85 -55.52 30.31
C VAL C 14 33.12 -54.69 30.15
N GLN C 15 33.85 -54.96 29.08
CA GLN C 15 35.04 -54.18 28.75
C GLN C 15 34.66 -52.89 28.05
N SER C 16 35.42 -51.83 28.33
CA SER C 16 35.11 -50.50 27.84
C SER C 16 35.75 -50.25 26.48
N GLY C 17 35.58 -49.04 25.96
CA GLY C 17 35.92 -48.72 24.59
C GLY C 17 37.30 -48.17 24.33
N SER C 18 38.12 -47.96 25.37
CA SER C 18 39.49 -47.52 25.15
C SER C 18 40.29 -47.79 26.42
N LYS C 19 41.57 -48.07 26.23
CA LYS C 19 42.49 -48.35 27.32
C LYS C 19 43.70 -47.43 27.22
N SER C 20 44.09 -46.84 28.34
CA SER C 20 45.10 -45.81 28.34
C SER C 20 46.50 -46.39 28.18
N VAL C 21 47.36 -45.65 27.49
CA VAL C 21 48.78 -45.95 27.37
C VAL C 21 49.54 -44.92 28.18
N GLU C 22 50.59 -45.35 28.87
CA GLU C 22 51.41 -44.47 29.69
C GLU C 22 52.84 -44.45 29.17
N GLY C 23 53.45 -43.26 29.14
CA GLY C 23 54.81 -43.13 28.69
C GLY C 23 55.83 -43.68 29.67
N VAL C 24 56.98 -44.05 29.15
CA VAL C 24 58.03 -44.69 29.93
C VAL C 24 59.10 -43.66 30.28
N SER C 25 59.97 -44.04 31.22
CA SER C 25 61.07 -43.19 31.63
C SER C 25 62.08 -43.00 30.50
N THR C 26 62.73 -41.83 30.49
CA THR C 26 63.64 -41.48 29.42
C THR C 26 64.93 -40.79 29.84
N SER C 27 65.25 -40.71 31.13
CA SER C 27 66.42 -39.95 31.57
C SER C 27 67.31 -40.73 32.54
N THR C 28 67.32 -42.05 32.46
CA THR C 28 68.20 -42.87 33.27
C THR C 28 69.41 -43.31 32.45
N ALA C 29 70.56 -43.38 33.11
CA ALA C 29 71.82 -43.70 32.46
C ALA C 29 72.47 -44.92 33.10
N GLY C 30 73.42 -45.49 32.37
CA GLY C 30 74.19 -46.61 32.87
C GLY C 30 75.67 -46.40 32.67
N PHE C 31 76.44 -46.67 33.71
CA PHE C 31 77.88 -46.45 33.69
C PHE C 31 78.63 -47.73 34.06
N LEU C 32 79.80 -47.93 33.45
CA LEU C 32 80.66 -49.06 33.71
C LEU C 32 82.09 -48.59 33.93
N GLY C 33 82.80 -49.25 34.82
CA GLY C 33 84.17 -48.87 35.14
C GLY C 33 84.61 -49.39 36.48
N GLN C 34 85.85 -49.06 36.82
CA GLN C 34 86.52 -49.60 37.99
C GLN C 34 86.30 -48.74 39.22
N THR C 35 86.19 -49.39 40.37
CA THR C 35 86.03 -48.74 41.67
C THR C 35 86.94 -49.47 42.67
N GLU C 36 86.97 -48.98 43.91
CA GLU C 36 87.78 -49.61 44.95
C GLU C 36 86.99 -50.56 45.84
N ARG C 37 85.72 -50.24 46.11
CA ARG C 37 84.84 -51.06 46.92
C ARG C 37 83.56 -51.35 46.13
N GLY C 38 82.71 -52.19 46.70
CA GLY C 38 81.35 -52.32 46.20
C GLY C 38 81.02 -53.67 45.62
N PRO C 39 79.73 -53.92 45.44
CA PRO C 39 79.30 -55.16 44.79
C PRO C 39 79.44 -55.07 43.27
N VAL C 40 79.38 -56.24 42.63
CA VAL C 40 79.51 -56.32 41.18
C VAL C 40 78.18 -56.53 40.47
N GLU C 41 77.07 -56.51 41.20
CA GLU C 41 75.77 -56.45 40.54
C GLU C 41 75.34 -55.00 40.38
N PRO C 42 74.58 -54.68 39.33
CA PRO C 42 74.22 -53.28 39.08
C PRO C 42 73.33 -52.72 40.17
N ARG C 43 73.62 -51.48 40.59
CA ARG C 43 72.86 -50.85 41.66
C ARG C 43 72.45 -49.45 41.25
N LEU C 44 71.29 -49.02 41.74
CA LEU C 44 70.75 -47.71 41.41
C LEU C 44 71.25 -46.66 42.39
N VAL C 45 71.65 -45.52 41.85
CA VAL C 45 72.17 -44.40 42.62
C VAL C 45 71.41 -43.15 42.17
N THR C 46 71.03 -42.30 43.12
CA THR C 46 70.27 -41.10 42.82
C THR C 46 70.96 -39.83 43.27
N ASN C 47 72.23 -39.91 43.68
CA ASN C 47 72.91 -38.79 44.31
C ASN C 47 74.38 -39.17 44.44
N TYR C 48 75.25 -38.17 44.48
CA TYR C 48 76.68 -38.45 44.48
C TYR C 48 77.17 -38.94 45.84
N ALA C 49 76.52 -38.52 46.93
CA ALA C 49 76.89 -39.01 48.24
C ALA C 49 76.59 -40.50 48.39
N ASP C 50 75.49 -40.96 47.77
CA ASP C 50 75.22 -42.40 47.70
C ASP C 50 76.36 -43.12 47.01
N PHE C 51 76.87 -42.55 45.92
CA PHE C 51 77.96 -43.18 45.19
C PHE C 51 79.21 -43.29 46.06
N GLU C 52 79.60 -42.19 46.71
CA GLU C 52 80.79 -42.26 47.57
C GLU C 52 80.58 -43.22 48.73
N ARG C 53 79.35 -43.33 49.24
CA ARG C 53 79.10 -44.22 50.36
C ARG C 53 79.14 -45.69 49.98
N LEU C 54 78.62 -46.06 48.81
CA LEU C 54 78.55 -47.45 48.40
C LEU C 54 79.81 -47.96 47.71
N TYR C 55 80.53 -47.09 47.01
CA TYR C 55 81.61 -47.52 46.14
C TYR C 55 82.97 -46.93 46.51
N GLY C 56 83.04 -45.63 46.83
CA GLY C 56 84.31 -45.01 47.16
C GLY C 56 84.92 -44.23 46.02
N ALA C 57 86.24 -44.37 45.85
CA ALA C 57 86.97 -43.68 44.80
C ALA C 57 87.45 -44.66 43.74
N SER C 58 87.96 -44.10 42.64
CA SER C 58 88.49 -44.91 41.55
C SER C 58 90.01 -45.02 41.65
N PRO C 59 90.58 -46.11 41.16
CA PRO C 59 92.04 -46.21 41.08
C PRO C 59 92.60 -45.25 40.04
N LYS C 60 93.93 -45.29 39.90
CA LYS C 60 94.59 -44.36 38.99
C LYS C 60 94.40 -44.75 37.53
N SER C 61 93.87 -45.93 37.25
CA SER C 61 93.68 -46.40 35.89
C SER C 61 92.24 -46.25 35.41
N SER C 62 91.43 -45.48 36.12
CA SER C 62 90.02 -45.32 35.77
C SER C 62 89.58 -43.90 36.07
N ASP C 63 88.51 -43.48 35.41
CA ASP C 63 87.96 -42.13 35.59
C ASP C 63 86.45 -42.17 35.75
N LEU C 64 85.97 -43.12 36.55
CA LEU C 64 84.54 -43.27 36.78
C LEU C 64 84.01 -42.21 37.74
N ASP C 65 84.72 -42.00 38.83
CA ASP C 65 84.32 -41.01 39.84
C ASP C 65 84.11 -39.64 39.22
N ALA C 66 85.02 -39.25 38.32
CA ALA C 66 84.94 -37.95 37.66
C ALA C 66 83.72 -37.88 36.75
N ALA C 67 83.40 -38.98 36.07
CA ALA C 67 82.27 -38.99 35.15
C ALA C 67 80.94 -38.94 35.89
N VAL C 68 80.83 -39.65 37.02
CA VAL C 68 79.60 -39.61 37.79
C VAL C 68 79.42 -38.22 38.42
N ASP C 69 80.51 -37.62 38.88
CA ASP C 69 80.45 -36.25 39.40
C ASP C 69 79.99 -35.28 38.32
N GLY C 70 80.54 -35.39 37.11
CA GLY C 70 80.09 -34.54 36.03
C GLY C 70 78.65 -34.79 35.64
N PHE C 71 78.19 -36.03 35.76
CA PHE C 71 76.79 -36.33 35.48
C PHE C 71 75.87 -35.60 36.45
N PHE C 72 76.16 -35.68 37.74
CA PHE C 72 75.27 -35.08 38.73
C PHE C 72 75.42 -33.56 38.83
N LYS C 73 76.57 -33.00 38.44
CA LYS C 73 76.72 -31.55 38.45
C LYS C 73 75.93 -30.87 37.34
N ASN C 74 75.49 -31.62 36.33
CA ASN C 74 74.85 -31.06 35.16
C ASN C 74 73.34 -31.28 35.15
N GLY C 75 72.78 -31.81 36.23
CA GLY C 75 71.36 -31.99 36.32
C GLY C 75 70.84 -33.39 36.07
N GLY C 76 71.68 -34.41 36.19
CA GLY C 76 71.22 -35.78 36.03
C GLY C 76 70.46 -36.26 37.25
N SER C 77 69.59 -37.25 37.02
CA SER C 77 68.66 -37.73 38.04
C SER C 77 69.03 -39.11 38.59
N ARG C 78 69.28 -40.09 37.74
CA ARG C 78 69.43 -41.46 38.20
C ARG C 78 70.51 -42.18 37.38
N CYS C 79 71.38 -42.90 38.09
CA CYS C 79 72.41 -43.73 37.49
C CYS C 79 72.20 -45.19 37.86
N PHE C 80 72.59 -46.08 36.97
CA PHE C 80 72.81 -47.48 37.28
C PHE C 80 74.31 -47.75 37.16
N ILE C 81 74.92 -48.16 38.27
CA ILE C 81 76.36 -48.39 38.32
C ILE C 81 76.61 -49.89 38.24
N GLY C 82 77.55 -50.28 37.38
CA GLY C 82 78.05 -51.63 37.32
C GLY C 82 79.56 -51.67 37.47
N ARG C 83 80.04 -52.33 38.52
CA ARG C 83 81.46 -52.35 38.86
C ARG C 83 82.16 -53.47 38.11
N VAL C 84 83.23 -53.12 37.40
CA VAL C 84 84.07 -54.08 36.69
C VAL C 84 85.33 -54.30 37.49
N SER C 85 85.69 -55.56 37.70
CA SER C 85 86.81 -55.90 38.57
C SER C 85 87.70 -56.93 37.91
N GLY C 86 89.01 -56.77 38.07
CA GLY C 86 89.98 -57.73 37.57
C GLY C 86 90.19 -58.94 38.44
N ALA C 87 89.61 -58.98 39.63
CA ALA C 87 89.75 -60.10 40.54
C ALA C 87 88.58 -61.08 40.37
N ASP C 88 88.82 -62.33 40.73
CA ASP C 88 87.78 -63.34 40.70
C ASP C 88 86.64 -62.96 41.63
N ILE C 89 85.41 -63.30 41.23
CA ILE C 89 84.22 -62.91 41.96
C ILE C 89 84.18 -63.52 43.36
N ASP C 90 84.85 -64.65 43.58
CA ASP C 90 84.83 -65.33 44.86
C ASP C 90 86.08 -65.07 45.69
N ASP C 91 86.94 -64.15 45.26
CA ASP C 91 88.11 -63.73 46.03
C ASP C 91 87.68 -62.66 47.04
N VAL C 92 86.99 -63.12 48.07
CA VAL C 92 86.34 -62.26 49.06
C VAL C 92 86.88 -62.60 50.44
N ALA C 93 87.05 -61.58 51.28
CA ALA C 93 87.49 -61.78 52.65
C ALA C 93 86.33 -62.24 53.53
N THR C 94 86.63 -63.14 54.46
CA THR C 94 85.64 -63.77 55.31
C THR C 94 86.07 -63.73 56.77
N GLY C 95 85.18 -64.21 57.63
CA GLY C 95 85.43 -64.23 59.06
C GLY C 95 84.41 -65.11 59.76
N ILE C 96 84.57 -65.24 61.08
CA ILE C 96 83.78 -66.16 61.89
C ILE C 96 83.50 -65.51 63.24
N LEU C 97 82.28 -65.72 63.76
CA LEU C 97 81.92 -65.32 65.11
C LEU C 97 81.70 -66.56 65.97
N ALA C 98 82.20 -66.50 67.20
CA ALA C 98 82.21 -67.66 68.10
C ALA C 98 81.38 -67.37 69.35
N ASP C 99 80.93 -68.45 70.00
CA ASP C 99 80.05 -68.38 71.15
C ASP C 99 80.85 -68.50 72.45
N ASP C 100 80.11 -68.73 73.55
CA ASP C 100 80.69 -68.76 74.89
C ASP C 100 81.80 -69.79 75.04
N GLU C 101 81.58 -71.02 74.58
CA GLU C 101 82.56 -72.09 74.73
C GLU C 101 83.23 -72.47 73.41
N GLY C 102 83.16 -71.62 72.39
CA GLY C 102 83.92 -71.84 71.18
C GLY C 102 83.21 -72.60 70.09
N ASN C 103 82.01 -72.18 69.72
CA ASN C 103 81.28 -72.73 68.58
C ASN C 103 81.05 -71.61 67.58
N GLU C 104 81.32 -71.88 66.31
CA GLU C 104 81.06 -70.89 65.28
C GLU C 104 79.55 -70.76 65.04
N ILE C 105 79.03 -69.57 65.31
CA ILE C 105 77.59 -69.35 65.26
C ILE C 105 77.17 -68.53 64.04
N ALA C 106 78.07 -67.74 63.47
CA ALA C 106 77.75 -66.90 62.33
C ALA C 106 78.95 -66.84 61.40
N GLU C 107 78.71 -66.34 60.19
CA GLU C 107 79.77 -66.21 59.19
C GLU C 107 79.64 -64.84 58.53
N VAL C 108 80.75 -64.08 58.54
CA VAL C 108 80.79 -62.71 58.05
C VAL C 108 81.57 -62.69 56.74
N GLU C 109 81.10 -61.91 55.78
CA GLU C 109 81.70 -61.89 54.45
C GLU C 109 81.65 -60.48 53.88
N ALA C 110 82.73 -60.06 53.22
CA ALA C 110 82.78 -58.73 52.65
C ALA C 110 81.76 -58.58 51.52
N ASN C 111 81.37 -57.34 51.26
CA ASN C 111 80.36 -57.02 50.25
C ASN C 111 81.04 -56.67 48.91
N GLY C 112 81.77 -57.64 48.38
CA GLY C 112 82.49 -57.46 47.14
C GLY C 112 83.91 -58.00 47.19
N PRO C 113 84.45 -58.35 46.03
CA PRO C 113 85.80 -58.92 45.98
C PRO C 113 86.87 -57.86 45.95
N GLY C 114 88.06 -58.23 46.43
CA GLY C 114 89.22 -57.37 46.41
C GLY C 114 89.92 -57.33 47.76
N GLN C 115 91.07 -56.67 47.75
CA GLN C 115 91.90 -56.57 48.95
C GLN C 115 91.33 -55.62 50.00
N TRP C 116 90.42 -54.72 49.60
CA TRP C 116 89.85 -53.77 50.55
C TRP C 116 89.21 -54.47 51.74
N GLY C 117 88.62 -55.64 51.53
CA GLY C 117 87.99 -56.37 52.62
C GLY C 117 88.92 -56.77 53.74
N GLU C 118 90.24 -56.73 53.50
CA GLU C 118 91.19 -57.00 54.56
C GLU C 118 91.27 -55.87 55.59
N SER C 119 90.63 -54.74 55.33
CA SER C 119 90.69 -53.58 56.22
C SER C 119 89.36 -53.31 56.92
N VAL C 120 88.50 -54.32 57.04
CA VAL C 120 87.22 -54.18 57.71
C VAL C 120 87.31 -54.85 59.07
N ALA C 121 86.90 -54.14 60.11
CA ALA C 121 86.91 -54.67 61.47
C ALA C 121 85.49 -54.76 62.01
N VAL C 122 85.18 -55.88 62.67
CA VAL C 122 83.89 -56.13 63.29
C VAL C 122 84.09 -56.22 64.79
N ILE C 123 83.26 -55.48 65.54
CA ILE C 123 83.38 -55.36 66.99
C ILE C 123 82.05 -55.72 67.61
N VAL C 124 82.06 -56.65 68.56
CA VAL C 124 80.88 -57.08 69.29
C VAL C 124 81.00 -56.65 70.74
N GLU C 125 79.94 -56.04 71.28
CA GLU C 125 79.92 -55.67 72.69
C GLU C 125 78.55 -56.00 73.26
N ASP C 126 78.44 -55.94 74.59
CA ASP C 126 77.22 -56.33 75.27
C ASP C 126 76.38 -55.12 75.65
N SER C 127 75.06 -55.32 75.65
CA SER C 127 74.10 -54.25 75.86
C SER C 127 73.60 -54.24 77.32
N GLN C 128 73.05 -53.11 77.72
CA GLN C 128 72.54 -52.92 79.07
C GLN C 128 71.25 -53.68 79.32
N TYR C 129 70.59 -54.16 78.30
CA TYR C 129 69.36 -54.90 78.48
C TYR C 129 69.62 -56.40 78.37
N PRO C 130 68.89 -57.21 79.14
CA PRO C 130 69.12 -58.67 79.11
C PRO C 130 68.89 -59.25 77.72
N ASN C 131 69.79 -60.14 77.32
CA ASN C 131 69.70 -60.90 76.07
C ASN C 131 69.85 -60.01 74.84
N GLN C 132 70.70 -58.98 74.92
CA GLN C 132 70.89 -58.06 73.80
C GLN C 132 72.36 -57.68 73.71
N PHE C 133 72.79 -57.30 72.50
CA PHE C 133 74.18 -56.93 72.27
C PHE C 133 74.25 -55.94 71.12
N ASP C 134 75.40 -55.27 71.02
CA ASP C 134 75.67 -54.26 70.00
C ASP C 134 76.76 -54.76 69.05
N ILE C 135 76.66 -54.32 67.79
CA ILE C 135 77.64 -54.67 66.76
C ILE C 135 78.08 -53.40 66.03
N THR C 136 79.37 -53.30 65.74
CA THR C 136 79.93 -52.16 65.03
C THR C 136 80.85 -52.66 63.91
N VAL C 137 80.81 -51.97 62.77
CA VAL C 137 81.66 -52.30 61.63
C VAL C 137 82.42 -51.04 61.22
N ARG C 138 83.74 -51.17 61.07
CA ARG C 138 84.62 -50.04 60.77
C ARG C 138 85.49 -50.35 59.56
N TYR C 139 85.77 -49.32 58.77
CA TYR C 139 86.62 -49.47 57.58
C TYR C 139 87.54 -48.27 57.41
N TRP C 140 88.83 -48.54 57.23
CA TRP C 140 89.86 -47.54 56.98
C TRP C 140 90.36 -47.66 55.55
N SER C 141 90.51 -46.52 54.86
CA SER C 141 90.96 -46.52 53.47
C SER C 141 92.46 -46.54 53.32
N GLY C 142 93.22 -46.15 54.33
CA GLY C 142 94.65 -46.05 54.23
C GLY C 142 95.37 -47.22 54.85
N ASP C 143 96.52 -46.94 55.43
CA ASP C 143 97.40 -47.97 55.98
C ASP C 143 96.84 -48.53 57.28
N LEU C 144 97.01 -49.85 57.47
CA LEU C 144 96.62 -50.47 58.73
C LEU C 144 97.74 -50.39 59.77
N GLU C 145 98.99 -50.29 59.32
CA GLU C 145 100.13 -50.23 60.22
C GLU C 145 100.10 -49.01 61.13
N ALA C 146 99.36 -47.97 60.76
CA ALA C 146 99.33 -46.73 61.52
C ALA C 146 98.10 -46.60 62.42
N VAL C 147 97.20 -47.58 62.40
CA VAL C 147 95.99 -47.55 63.21
C VAL C 147 96.37 -47.97 64.63
N SER C 148 96.23 -47.04 65.58
CA SER C 148 96.69 -47.31 66.93
C SER C 148 95.65 -48.07 67.75
N LYS C 149 94.46 -47.50 67.91
CA LYS C 149 93.40 -48.08 68.74
C LYS C 149 92.19 -48.35 67.86
N PRO C 150 92.18 -49.45 67.11
CA PRO C 150 91.02 -49.77 66.29
C PRO C 150 89.78 -50.12 67.09
N HIS C 151 89.94 -50.52 68.35
CA HIS C 151 88.83 -50.94 69.19
C HIS C 151 88.30 -49.83 70.09
N GLY C 152 89.10 -48.80 70.36
CA GLY C 152 88.69 -47.74 71.26
C GLY C 152 87.60 -46.87 70.67
N ASP C 153 87.14 -45.93 71.49
CA ASP C 153 86.10 -45.00 71.07
C ASP C 153 86.61 -43.97 70.06
N ARG C 154 87.92 -43.79 69.95
CA ARG C 154 88.51 -42.84 69.01
C ARG C 154 89.82 -43.42 68.48
N PRO C 155 89.77 -44.09 67.33
CA PRO C 155 91.00 -44.61 66.72
C PRO C 155 91.91 -43.48 66.27
N ASP C 156 93.18 -43.82 66.05
CA ASP C 156 94.18 -42.79 65.75
C ASP C 156 93.88 -42.05 64.46
N PRO C 157 93.73 -42.69 63.29
CA PRO C 157 93.04 -42.03 62.17
C PRO C 157 91.57 -42.39 62.18
N SER C 158 90.72 -41.38 62.10
CA SER C 158 89.28 -41.61 62.13
C SER C 158 88.89 -42.52 60.96
N PRO C 159 88.09 -43.56 61.19
CA PRO C 159 87.78 -44.51 60.11
C PRO C 159 87.00 -43.85 58.99
N ASP C 160 87.14 -44.44 57.80
CA ASP C 160 86.48 -43.90 56.63
C ASP C 160 84.99 -44.25 56.61
N VAL C 161 84.62 -45.45 57.08
CA VAL C 161 83.23 -45.85 57.15
C VAL C 161 82.94 -46.43 58.53
N GLU C 162 81.75 -46.14 59.04
CA GLU C 162 81.32 -46.47 60.39
C GLU C 162 79.87 -46.93 60.36
N GLU C 163 79.57 -48.05 61.00
CA GLU C 163 78.19 -48.52 61.10
C GLU C 163 77.95 -49.14 62.48
N VAL C 164 76.81 -48.80 63.10
CA VAL C 164 76.49 -49.25 64.45
C VAL C 164 75.07 -49.81 64.45
N TYR C 165 74.88 -50.95 65.13
CA TYR C 165 73.58 -51.57 65.28
C TYR C 165 73.41 -52.00 66.73
N ASP C 166 72.35 -51.49 67.38
CA ASP C 166 72.24 -51.51 68.83
C ASP C 166 71.34 -52.62 69.37
N GLY C 167 70.08 -52.67 68.97
CA GLY C 167 69.16 -53.60 69.62
C GLY C 167 69.08 -54.97 68.99
N LEU C 168 70.13 -55.77 69.11
CA LEU C 168 70.20 -57.06 68.43
C LEU C 168 69.87 -58.20 69.38
N SER C 169 69.39 -59.30 68.81
CA SER C 169 69.02 -60.49 69.56
C SER C 169 69.43 -61.72 68.77
N ALA C 170 69.40 -62.87 69.45
CA ALA C 170 69.71 -64.15 68.83
C ALA C 170 68.48 -65.03 68.64
N ASP C 171 67.28 -64.46 68.69
CA ASP C 171 66.04 -65.20 68.47
C ASP C 171 65.65 -65.12 67.01
N PRO C 172 65.62 -66.23 66.27
CA PRO C 172 65.35 -66.15 64.82
C PRO C 172 63.95 -65.69 64.48
N GLU C 173 62.99 -65.81 65.38
CA GLU C 173 61.62 -65.42 65.09
C GLU C 173 61.31 -63.98 65.48
N ALA C 174 62.26 -63.27 66.10
CA ALA C 174 62.08 -61.88 66.45
C ALA C 174 62.40 -60.99 65.26
N SER C 175 62.00 -59.73 65.37
CA SER C 175 62.30 -58.75 64.33
C SER C 175 63.62 -58.04 64.55
N ASN C 176 64.25 -58.21 65.72
CA ASN C 176 65.57 -57.67 65.98
C ASN C 176 66.65 -58.76 65.93
N PHE C 177 66.38 -59.86 65.24
CA PHE C 177 67.41 -60.85 64.96
C PHE C 177 68.50 -60.23 64.10
N TYR C 178 69.75 -60.52 64.43
CA TYR C 178 70.86 -59.78 63.83
C TYR C 178 70.98 -60.04 62.33
N GLU C 179 70.57 -61.22 61.87
CA GLU C 179 70.59 -61.52 60.45
C GLU C 179 69.68 -60.59 59.66
N LYS C 180 68.55 -60.19 60.25
CA LYS C 180 67.62 -59.30 59.56
C LYS C 180 68.03 -57.84 59.69
N GLN C 181 68.72 -57.48 60.77
CA GLN C 181 69.07 -56.08 60.98
C GLN C 181 70.33 -55.69 60.21
N LEU C 182 71.32 -56.58 60.16
CA LEU C 182 72.54 -56.30 59.43
C LEU C 182 72.39 -56.46 57.92
N GLU C 183 71.18 -56.64 57.41
CA GLU C 183 71.01 -56.90 55.99
C GLU C 183 71.19 -55.62 55.18
N SER C 184 70.87 -54.47 55.77
CA SER C 184 71.09 -53.18 55.13
C SER C 184 72.43 -52.63 55.61
N SER C 185 73.50 -53.08 54.98
CA SER C 185 74.85 -52.67 55.32
C SER C 185 75.68 -52.65 54.05
N VAL C 186 76.44 -51.57 53.86
CA VAL C 186 77.23 -51.43 52.64
C VAL C 186 78.59 -52.10 52.73
N LEU C 187 78.91 -52.76 53.85
CA LEU C 187 80.24 -53.31 54.04
C LEU C 187 80.28 -54.83 54.12
N VAL C 188 79.37 -55.46 54.88
CA VAL C 188 79.49 -56.88 55.20
C VAL C 188 78.15 -57.57 54.96
N ASP C 189 78.18 -58.89 55.10
CA ASP C 189 77.03 -59.78 55.01
C ASP C 189 77.18 -60.84 56.10
N ILE C 190 76.06 -61.20 56.74
CA ILE C 190 76.04 -62.16 57.83
C ILE C 190 75.20 -63.37 57.42
N GLU C 191 75.65 -64.55 57.81
CA GLU C 191 74.86 -65.76 57.60
C GLU C 191 74.85 -66.59 58.88
N TYR C 192 73.68 -67.12 59.21
CA TYR C 192 73.47 -67.82 60.48
C TYR C 192 73.88 -69.28 60.37
N LYS C 193 74.58 -69.79 61.39
CA LYS C 193 75.02 -71.17 61.42
C LYS C 193 74.44 -71.98 62.57
N ASP C 194 74.58 -71.50 63.80
CA ASP C 194 74.26 -72.31 64.98
C ASP C 194 73.69 -71.42 66.06
N ASP C 195 73.17 -72.04 67.12
CA ASP C 195 72.50 -71.33 68.20
C ASP C 195 73.54 -70.81 69.18
N GLY C 196 73.39 -69.56 69.59
CA GLY C 196 74.29 -68.96 70.55
C GLY C 196 74.29 -67.45 70.42
N THR C 197 75.18 -66.83 71.21
CA THR C 197 75.38 -65.40 71.19
C THR C 197 76.88 -65.12 71.22
N PRO C 198 77.36 -64.15 70.45
CA PRO C 198 78.81 -63.98 70.32
C PRO C 198 79.44 -63.31 71.54
N VAL C 199 80.73 -63.56 71.72
CA VAL C 199 81.51 -62.95 72.79
C VAL C 199 82.08 -61.62 72.30
N ASP C 200 82.38 -60.74 73.24
CA ASP C 200 82.85 -59.40 72.91
C ASP C 200 84.24 -59.44 72.29
N GLY C 201 84.57 -58.38 71.55
CA GLY C 201 85.90 -58.22 71.02
C GLY C 201 85.87 -57.76 69.58
N LEU C 202 87.07 -57.69 69.00
CA LEU C 202 87.29 -57.21 67.65
C LEU C 202 87.84 -58.33 66.78
N THR C 203 87.56 -58.26 65.48
CA THR C 203 88.07 -59.26 64.55
C THR C 203 88.18 -58.65 63.15
N TRP C 204 89.24 -59.05 62.44
CA TRP C 204 89.49 -58.64 61.06
C TRP C 204 89.15 -59.77 60.10
N LEU C 205 88.82 -59.40 58.86
CA LEU C 205 88.51 -60.37 57.81
C LEU C 205 89.80 -60.73 57.06
N HIS C 206 90.06 -62.02 56.91
CA HIS C 206 91.34 -62.51 56.41
C HIS C 206 91.15 -63.33 55.13
N ARG C 207 92.28 -63.79 54.60
CA ARG C 207 92.38 -64.72 53.47
C ARG C 207 91.57 -64.22 52.28
N ASP C 208 92.05 -63.12 51.72
CA ASP C 208 91.51 -62.62 50.46
C ASP C 208 91.91 -63.50 49.28
N VAL C 292 92.18 -55.22 33.94
CA VAL C 292 90.92 -55.72 33.41
C VAL C 292 91.01 -55.87 31.89
N THR C 293 90.17 -56.73 31.34
CA THR C 293 90.15 -57.04 29.92
C THR C 293 88.76 -56.78 29.36
N LEU C 294 88.57 -57.17 28.09
CA LEU C 294 87.28 -57.03 27.44
C LEU C 294 86.28 -58.04 27.99
N LYS C 295 86.75 -59.23 28.37
CA LYS C 295 85.86 -60.25 28.91
C LYS C 295 85.32 -59.91 30.28
N ASP C 296 85.96 -59.00 31.02
CA ASP C 296 85.40 -58.51 32.27
C ASP C 296 84.32 -57.45 32.04
N TYR C 297 84.48 -56.64 30.99
CA TYR C 297 83.45 -55.70 30.61
C TYR C 297 82.23 -56.39 30.01
N GLU C 298 82.44 -57.54 29.37
CA GLU C 298 81.31 -58.32 28.88
C GLU C 298 80.48 -58.88 30.04
N GLY C 299 81.14 -59.36 31.09
CA GLY C 299 80.46 -59.79 32.28
C GLY C 299 80.17 -61.28 32.33
N VAL C 300 79.78 -61.72 33.50
CA VAL C 300 79.43 -63.12 33.76
C VAL C 300 77.94 -63.29 33.50
N ASN C 301 77.57 -64.43 32.90
CA ASN C 301 76.18 -64.78 32.65
C ASN C 301 75.97 -66.21 33.13
N LYS C 302 75.57 -66.35 34.39
CA LYS C 302 75.26 -67.61 35.01
C LYS C 302 73.82 -67.55 35.54
N PRO C 303 73.21 -68.71 35.85
CA PRO C 303 71.81 -68.71 36.27
C PRO C 303 71.49 -67.77 37.43
N GLY C 304 72.42 -67.57 38.37
CA GLY C 304 72.13 -66.69 39.49
C GLY C 304 73.15 -65.61 39.72
N LEU C 305 73.77 -65.09 38.66
CA LEU C 305 74.79 -64.06 38.79
C LEU C 305 75.02 -63.40 37.44
N ARG C 306 74.88 -62.07 37.39
CA ARG C 306 75.09 -61.31 36.17
C ARG C 306 75.89 -60.05 36.48
N THR C 307 76.97 -59.83 35.73
CA THR C 307 77.79 -58.63 35.86
C THR C 307 78.04 -58.06 34.47
N GLY C 308 78.59 -56.85 34.43
CA GLY C 308 78.96 -56.24 33.16
C GLY C 308 77.75 -55.81 32.35
N LEU C 309 77.78 -56.09 31.05
CA LEU C 309 76.66 -55.78 30.18
C LEU C 309 75.55 -56.82 30.29
N ALA C 310 75.90 -58.06 30.61
CA ALA C 310 74.88 -59.09 30.84
C ALA C 310 73.97 -58.72 32.00
N GLY C 311 74.51 -58.00 32.99
CA GLY C 311 73.66 -57.52 34.06
C GLY C 311 72.77 -56.37 33.64
N PHE C 312 73.29 -55.50 32.77
CA PHE C 312 72.50 -54.35 32.31
C PHE C 312 71.36 -54.78 31.41
N LYS C 313 71.52 -55.85 30.64
CA LYS C 313 70.47 -56.20 29.69
C LYS C 313 69.26 -56.84 30.34
N ALA C 314 69.23 -56.96 31.67
CA ALA C 314 68.06 -57.39 32.41
C ALA C 314 67.41 -56.26 33.18
N ILE C 315 67.79 -55.02 32.92
CA ILE C 315 67.19 -53.83 33.50
C ILE C 315 66.55 -53.05 32.37
N ASP C 316 65.26 -52.73 32.51
CA ASP C 316 64.50 -52.07 31.46
C ASP C 316 64.30 -50.57 31.69
N GLU C 317 65.00 -49.98 32.65
CA GLU C 317 64.91 -48.53 32.87
C GLU C 317 66.01 -47.77 32.14
N ILE C 318 67.13 -48.43 31.84
CA ILE C 318 68.26 -47.74 31.24
C ILE C 318 67.91 -47.29 29.83
N SER C 319 68.26 -46.05 29.49
CA SER C 319 68.01 -45.50 28.17
C SER C 319 69.26 -44.99 27.46
N MET C 320 70.40 -44.91 28.15
CA MET C 320 71.66 -44.56 27.52
C MET C 320 72.80 -45.15 28.34
N VAL C 321 73.83 -45.63 27.62
CA VAL C 321 74.95 -46.35 28.21
C VAL C 321 76.24 -45.62 27.88
N CYS C 322 77.16 -45.58 28.84
CA CYS C 322 78.48 -44.99 28.58
C CYS C 322 79.55 -45.75 29.35
N ALA C 323 80.71 -45.88 28.73
CA ALA C 323 81.90 -46.45 29.38
C ALA C 323 83.03 -45.43 29.24
N PRO C 324 83.42 -44.77 30.33
CA PRO C 324 84.45 -43.72 30.22
C PRO C 324 85.79 -44.18 29.67
N ASP C 325 86.22 -45.40 29.98
CA ASP C 325 87.54 -45.90 29.57
C ASP C 325 87.45 -46.78 28.34
N GLU C 326 86.55 -46.47 27.40
CA GLU C 326 86.32 -47.32 26.25
C GLU C 326 87.48 -47.31 25.26
N ASN C 327 88.40 -46.36 25.37
CA ASN C 327 89.51 -46.26 24.42
C ASN C 327 90.77 -46.94 24.91
N ASP C 328 90.80 -47.39 26.17
CA ASP C 328 91.92 -48.16 26.70
C ASP C 328 91.75 -49.66 26.49
N ILE C 329 90.54 -50.13 26.23
CA ILE C 329 90.25 -51.55 26.05
C ILE C 329 89.80 -51.73 24.61
N ASP C 330 90.61 -52.40 23.80
CA ASP C 330 90.29 -52.59 22.39
C ASP C 330 89.15 -53.59 22.23
N GLY C 331 88.19 -53.24 21.38
CA GLY C 331 87.04 -54.08 21.14
C GLY C 331 85.85 -53.81 22.01
N LEU C 332 85.82 -52.69 22.73
CA LEU C 332 84.69 -52.37 23.60
C LEU C 332 83.66 -51.47 22.95
N THR C 333 84.09 -50.59 22.04
CA THR C 333 83.15 -49.73 21.31
C THR C 333 82.15 -50.56 20.52
N ASP C 334 82.66 -51.56 19.78
CA ASP C 334 81.78 -52.41 19.00
C ASP C 334 80.83 -53.20 19.89
N SER C 335 81.33 -53.68 21.04
CA SER C 335 80.46 -54.41 21.96
C SER C 335 79.34 -53.54 22.50
N ILE C 336 79.65 -52.28 22.81
CA ILE C 336 78.62 -51.38 23.33
C ILE C 336 77.58 -51.08 22.25
N VAL C 337 78.04 -50.79 21.02
CA VAL C 337 77.10 -50.49 19.95
C VAL C 337 76.23 -51.71 19.63
N ALA C 338 76.83 -52.91 19.68
CA ALA C 338 76.06 -54.12 19.42
C ALA C 338 75.04 -54.39 20.52
N HIS C 339 75.41 -54.14 21.78
CA HIS C 339 74.47 -54.25 22.89
C HIS C 339 73.26 -53.34 22.67
N CYS C 340 73.52 -52.08 22.31
CA CYS C 340 72.42 -51.14 22.13
C CYS C 340 71.58 -51.49 20.90
N GLU C 341 72.18 -52.02 19.84
CA GLU C 341 71.40 -52.38 18.66
C GLU C 341 70.62 -53.67 18.86
N ASN C 342 71.11 -54.59 19.69
CA ASN C 342 70.41 -55.83 19.92
C ASN C 342 69.29 -55.69 20.93
N MET C 343 69.43 -54.80 21.91
CA MET C 343 68.30 -54.53 22.78
C MET C 343 67.23 -53.72 22.06
N GLY C 344 67.66 -52.73 21.26
CA GLY C 344 66.75 -51.93 20.49
C GLY C 344 66.02 -50.85 21.26
N ASP C 345 66.45 -50.54 22.49
CA ASP C 345 65.74 -49.56 23.30
C ASP C 345 66.69 -48.65 24.08
N ARG C 346 67.94 -48.50 23.65
CA ARG C 346 68.87 -47.63 24.35
C ARG C 346 69.81 -47.00 23.33
N PHE C 347 70.57 -46.02 23.81
CA PHE C 347 71.40 -45.16 22.98
C PHE C 347 72.82 -45.15 23.53
N ALA C 348 73.81 -45.06 22.65
CA ALA C 348 75.22 -45.12 23.03
C ALA C 348 75.90 -43.78 22.83
N ILE C 349 76.68 -43.36 23.83
CA ILE C 349 77.43 -42.11 23.81
C ILE C 349 78.91 -42.47 23.75
N LEU C 350 79.61 -41.90 22.78
CA LEU C 350 81.01 -42.22 22.53
C LEU C 350 81.83 -40.94 22.50
N GLN C 351 83.07 -41.04 22.97
CA GLN C 351 84.00 -39.93 22.99
C GLN C 351 85.24 -40.29 22.18
N SER C 352 85.91 -39.27 21.64
CA SER C 352 87.07 -39.46 20.80
C SER C 352 88.27 -39.87 21.65
N PRO C 353 89.38 -40.28 21.03
CA PRO C 353 90.62 -40.48 21.78
C PRO C 353 91.23 -39.15 22.19
N GLN C 354 92.23 -39.24 23.07
CA GLN C 354 92.95 -38.04 23.47
C GLN C 354 93.82 -37.50 22.35
N ASN C 355 94.25 -38.37 21.45
CA ASN C 355 95.03 -37.98 20.27
C ASN C 355 94.41 -38.64 19.05
N PRO C 356 93.45 -37.98 18.40
CA PRO C 356 92.75 -38.60 17.26
C PRO C 356 93.42 -38.38 15.91
N GLY C 357 94.52 -37.62 15.85
CA GLY C 357 95.24 -37.44 14.61
C GLY C 357 94.97 -36.10 13.95
N PRO C 358 95.32 -36.00 12.66
CA PRO C 358 95.03 -34.76 11.93
C PRO C 358 93.54 -34.61 11.64
N VAL C 359 93.11 -33.35 11.50
CA VAL C 359 91.70 -33.04 11.36
C VAL C 359 91.15 -33.57 10.04
N SER C 360 91.94 -33.48 8.97
CA SER C 360 91.48 -33.88 7.65
C SER C 360 91.34 -35.39 7.50
N GLU C 361 91.65 -36.18 8.53
CA GLU C 361 91.63 -37.63 8.43
C GLU C 361 90.73 -38.29 9.46
N MET C 362 89.98 -37.52 10.24
CA MET C 362 89.16 -38.09 11.29
C MET C 362 87.90 -38.75 10.71
N GLU C 363 87.48 -39.83 11.36
CA GLU C 363 86.27 -40.55 10.98
C GLU C 363 85.58 -41.04 12.24
N THR C 364 84.36 -41.47 12.09
CA THR C 364 83.72 -42.07 13.25
C THR C 364 84.03 -43.56 13.31
N PRO C 365 84.09 -44.14 14.52
CA PRO C 365 84.43 -45.58 14.60
C PRO C 365 83.37 -46.48 14.00
N VAL C 366 82.09 -46.22 14.27
CA VAL C 366 81.01 -47.06 13.76
C VAL C 366 80.11 -46.24 12.86
N ASP C 367 79.15 -46.90 12.22
CA ASP C 367 78.18 -46.27 11.32
C ASP C 367 76.77 -46.62 11.74
N SER C 368 76.52 -46.55 13.04
CA SER C 368 75.25 -46.96 13.62
C SER C 368 74.32 -45.76 13.80
N SER C 369 73.03 -46.04 13.76
CA SER C 369 72.01 -45.06 14.13
C SER C 369 71.74 -45.02 15.62
N TYR C 370 72.43 -45.86 16.41
CA TYR C 370 72.19 -45.98 17.84
C TYR C 370 73.33 -45.38 18.66
N ALA C 371 74.11 -44.47 18.09
CA ALA C 371 75.28 -43.93 18.76
C ALA C 371 75.49 -42.48 18.36
N ALA C 372 76.20 -41.76 19.22
CA ALA C 372 76.62 -40.38 18.96
C ALA C 372 78.05 -40.19 19.45
N TYR C 373 78.76 -39.25 18.83
CA TYR C 373 80.21 -39.14 18.95
C TYR C 373 80.60 -37.70 19.24
N TYR C 374 81.31 -37.48 20.36
CA TYR C 374 81.60 -36.14 20.85
C TYR C 374 83.10 -35.89 20.95
N TYR C 375 83.49 -34.62 20.84
CA TYR C 375 84.89 -34.22 20.76
C TYR C 375 85.03 -32.76 21.17
N PRO C 376 86.13 -32.35 21.85
CA PRO C 376 87.28 -33.00 22.49
C PRO C 376 87.15 -33.29 23.99
N TRP C 377 88.29 -33.52 24.65
CA TRP C 377 88.37 -33.76 26.09
C TRP C 377 88.26 -32.45 26.87
N VAL C 378 88.05 -32.57 28.18
CA VAL C 378 87.82 -31.41 29.04
C VAL C 378 88.79 -31.43 30.23
N ASN C 379 88.80 -30.31 30.96
CA ASN C 379 89.70 -30.11 32.11
C ASN C 379 88.87 -29.95 33.38
N VAL C 380 89.32 -30.59 34.47
CA VAL C 380 88.63 -30.55 35.75
C VAL C 380 89.66 -30.38 36.87
N LEU C 381 89.18 -30.08 38.06
CA LEU C 381 89.98 -30.06 39.28
C LEU C 381 89.97 -31.43 39.92
N ASP C 382 91.15 -31.93 40.27
CA ASP C 382 91.29 -33.27 40.84
C ASP C 382 91.26 -33.18 42.36
N PRO C 383 90.33 -33.87 43.04
CA PRO C 383 90.17 -33.66 44.48
C PRO C 383 91.23 -34.30 45.36
N VAL C 384 92.31 -34.83 44.80
CA VAL C 384 93.39 -35.38 45.61
C VAL C 384 94.71 -34.64 45.40
N THR C 385 94.86 -33.91 44.30
CA THR C 385 96.03 -33.08 44.06
C THR C 385 95.71 -31.59 43.99
N ASN C 386 94.44 -31.24 43.80
CA ASN C 386 94.00 -29.85 43.66
C ASN C 386 94.65 -29.18 42.46
N ARG C 387 94.84 -29.96 41.38
CA ARG C 387 95.39 -29.48 40.14
C ARG C 387 94.43 -29.82 39.00
N GLU C 388 94.70 -29.26 37.82
CA GLU C 388 93.90 -29.58 36.66
C GLU C 388 94.24 -30.97 36.13
N LYS C 389 93.26 -31.57 35.45
CA LYS C 389 93.37 -32.93 34.95
C LYS C 389 92.47 -33.05 33.74
N LEU C 390 92.92 -33.82 32.74
CA LEU C 390 92.22 -33.93 31.47
C LEU C 390 91.43 -35.24 31.45
N VAL C 391 90.14 -35.15 31.15
CA VAL C 391 89.24 -36.30 31.21
C VAL C 391 88.34 -36.29 29.99
N PRO C 392 87.75 -37.45 29.66
CA PRO C 392 86.78 -37.48 28.56
C PRO C 392 85.45 -36.87 28.98
N PRO C 393 84.69 -36.33 28.03
CA PRO C 393 83.48 -35.57 28.37
C PRO C 393 82.18 -36.37 28.46
N GLY C 394 82.23 -37.69 28.60
CA GLY C 394 81.03 -38.51 28.41
C GLY C 394 79.96 -38.29 29.47
N GLY C 395 80.35 -38.27 30.74
CA GLY C 395 79.35 -38.18 31.81
C GLY C 395 78.68 -36.83 31.86
N HIS C 396 79.43 -35.75 31.61
CA HIS C 396 78.84 -34.43 31.53
C HIS C 396 77.78 -34.36 30.44
N ILE C 397 78.05 -35.02 29.31
CA ILE C 397 77.11 -35.00 28.19
C ILE C 397 75.87 -35.83 28.52
N ALA C 398 76.04 -36.96 29.20
CA ALA C 398 74.88 -37.73 29.62
C ALA C 398 74.02 -36.93 30.60
N GLY C 399 74.66 -36.17 31.50
CA GLY C 399 73.90 -35.30 32.39
C GLY C 399 73.13 -34.22 31.65
N ILE C 400 73.73 -33.68 30.60
CA ILE C 400 73.03 -32.71 29.76
C ILE C 400 71.82 -33.35 29.08
N TYR C 401 71.97 -34.58 28.57
CA TYR C 401 70.85 -35.32 28.00
C TYR C 401 69.71 -35.43 29.00
N SER C 402 70.02 -35.89 30.23
CA SER C 402 69.00 -36.05 31.25
C SER C 402 68.30 -34.74 31.58
N ARG C 403 69.08 -33.66 31.74
CA ARG C 403 68.50 -32.35 32.06
C ARG C 403 67.54 -31.88 30.97
N THR C 404 67.99 -31.93 29.71
CA THR C 404 67.15 -31.51 28.60
C THR C 404 65.87 -32.34 28.53
N ASP C 405 65.98 -33.64 28.77
CA ASP C 405 64.79 -34.48 28.78
C ASP C 405 63.82 -34.09 29.87
N GLN C 406 64.35 -33.67 31.03
CA GLN C 406 63.47 -33.31 32.13
C GLN C 406 62.76 -31.98 31.89
N GLU C 407 63.45 -31.00 31.31
CA GLU C 407 62.87 -29.67 31.23
C GLU C 407 62.25 -29.32 29.89
N HIS C 408 62.49 -30.09 28.83
CA HIS C 408 61.95 -29.76 27.52
C HIS C 408 61.18 -30.90 26.86
N GLY C 409 61.58 -32.15 27.06
CA GLY C 409 61.04 -33.27 26.34
C GLY C 409 62.10 -34.00 25.53
N VAL C 410 61.72 -35.18 25.06
CA VAL C 410 62.63 -36.02 24.29
C VAL C 410 62.78 -35.56 22.84
N HIS C 411 61.93 -34.65 22.39
CA HIS C 411 61.98 -34.10 21.04
C HIS C 411 62.89 -32.90 20.91
N LYS C 412 63.51 -32.46 21.99
CA LYS C 412 64.39 -31.29 21.96
C LYS C 412 65.84 -31.73 21.78
N ALA C 413 66.53 -31.10 20.84
CA ALA C 413 67.92 -31.44 20.59
C ALA C 413 68.79 -31.00 21.76
N PRO C 414 69.61 -31.88 22.32
CA PRO C 414 70.45 -31.51 23.48
C PRO C 414 71.72 -30.77 23.06
N ALA C 415 71.54 -29.68 22.31
CA ALA C 415 72.65 -28.83 21.88
C ALA C 415 72.29 -27.38 22.13
N ASN C 416 73.31 -26.52 22.07
CA ASN C 416 73.19 -25.12 22.50
C ASN C 416 72.90 -25.05 24.00
N GLU C 417 73.56 -25.93 24.76
CA GLU C 417 73.41 -26.02 26.20
C GLU C 417 74.78 -25.91 26.86
N THR C 418 74.80 -25.42 28.09
CA THR C 418 76.04 -25.14 28.79
C THR C 418 76.54 -26.37 29.54
N LEU C 419 77.87 -26.49 29.62
CA LEU C 419 78.52 -27.52 30.41
C LEU C 419 78.95 -26.93 31.76
N ARG C 420 78.48 -27.55 32.83
CA ARG C 420 78.81 -27.15 34.18
C ARG C 420 79.78 -28.15 34.81
N GLY C 421 80.70 -27.64 35.61
CA GLY C 421 81.61 -28.49 36.36
C GLY C 421 82.99 -28.66 35.78
N ILE C 422 83.38 -27.83 34.81
CA ILE C 422 84.67 -27.94 34.16
C ILE C 422 85.41 -26.62 34.28
N VAL C 423 86.66 -26.62 33.81
CA VAL C 423 87.51 -25.44 33.85
C VAL C 423 87.85 -24.95 32.45
N GLY C 424 88.19 -25.85 31.54
CA GLY C 424 88.50 -25.48 30.18
C GLY C 424 88.42 -26.69 29.28
N LEU C 425 88.80 -26.49 28.02
CA LEU C 425 88.80 -27.53 27.01
C LEU C 425 90.23 -27.95 26.70
N GLN C 426 90.35 -28.95 25.83
CA GLN C 426 91.67 -29.38 25.36
C GLN C 426 92.16 -28.47 24.24
N HIS C 427 91.32 -28.24 23.23
CA HIS C 427 91.60 -27.31 22.15
C HIS C 427 90.39 -26.42 21.96
N ASN C 428 90.62 -25.28 21.31
CA ASN C 428 89.54 -24.42 20.85
C ASN C 428 89.37 -24.63 19.34
N ILE C 429 88.18 -25.05 18.93
CA ILE C 429 87.88 -25.31 17.53
C ILE C 429 87.27 -24.06 16.92
N THR C 430 87.70 -23.72 15.71
CA THR C 430 87.19 -22.56 14.99
C THR C 430 86.02 -22.95 14.09
N LYS C 431 85.51 -21.96 13.37
CA LYS C 431 84.42 -22.20 12.43
C LYS C 431 84.88 -22.84 11.14
N GLY C 432 86.16 -22.66 10.77
CA GLY C 432 86.67 -23.30 9.56
C GLY C 432 86.89 -24.79 9.71
N GLU C 433 87.22 -25.24 10.92
CA GLU C 433 87.46 -26.67 11.15
C GLU C 433 86.16 -27.45 11.35
N GLN C 434 85.11 -26.79 11.87
CA GLN C 434 83.84 -27.47 12.03
C GLN C 434 83.10 -27.65 10.71
N ASP C 435 83.44 -26.86 9.70
CA ASP C 435 82.89 -27.08 8.36
C ASP C 435 83.38 -28.38 7.73
N VAL C 436 84.41 -29.00 8.31
CA VAL C 436 84.94 -30.26 7.81
C VAL C 436 84.44 -31.40 8.69
N LEU C 437 84.28 -31.13 9.98
CA LEU C 437 83.92 -32.16 10.95
C LEU C 437 82.41 -32.41 11.02
N ASN C 438 81.60 -31.37 10.88
CA ASN C 438 80.16 -31.53 11.08
C ASN C 438 79.50 -32.41 10.02
N PRO C 439 79.79 -32.29 8.72
CA PRO C 439 79.19 -33.24 7.75
C PRO C 439 79.63 -34.68 7.92
N LYS C 440 80.53 -34.98 8.84
CA LYS C 440 81.01 -36.34 9.06
C LYS C 440 80.38 -37.03 10.27
N GLY C 441 79.48 -36.35 10.98
CA GLY C 441 78.85 -36.94 12.15
C GLY C 441 79.58 -36.77 13.46
N ILE C 442 80.58 -35.88 13.51
CA ILE C 442 81.39 -35.65 14.71
C ILE C 442 80.87 -34.38 15.38
N ASN C 443 80.48 -34.49 16.64
CA ASN C 443 79.91 -33.36 17.37
C ASN C 443 80.98 -32.66 18.19
N CYS C 444 80.93 -31.33 18.20
CA CYS C 444 81.99 -30.52 18.78
C CYS C 444 81.50 -29.79 20.03
N ILE C 445 82.42 -29.59 20.95
CA ILE C 445 82.21 -28.75 22.13
C ILE C 445 83.08 -27.51 21.96
N ARG C 446 82.45 -26.34 21.89
CA ARG C 446 83.14 -25.10 21.55
C ARG C 446 82.95 -24.07 22.65
N SER C 447 83.71 -22.99 22.57
CA SER C 447 83.65 -21.91 23.55
C SER C 447 83.51 -20.58 22.82
N PHE C 448 82.44 -19.87 23.11
CA PHE C 448 82.15 -18.58 22.49
C PHE C 448 82.41 -17.46 23.48
N GLN C 449 82.94 -16.35 22.97
CA GLN C 449 83.23 -15.18 23.79
C GLN C 449 81.92 -14.47 24.12
N GLY C 450 81.64 -14.30 25.41
CA GLY C 450 80.40 -13.74 25.85
C GLY C 450 79.30 -14.75 26.10
N ARG C 451 79.48 -16.01 25.72
CA ARG C 451 78.44 -17.03 25.87
C ARG C 451 78.89 -18.29 26.59
N GLY C 452 80.17 -18.61 26.63
CA GLY C 452 80.63 -19.74 27.41
C GLY C 452 80.91 -20.98 26.58
N ILE C 453 80.99 -22.12 27.26
CA ILE C 453 81.29 -23.40 26.64
C ILE C 453 79.98 -24.14 26.39
N ARG C 454 79.76 -24.57 25.15
CA ARG C 454 78.51 -25.20 24.76
C ARG C 454 78.76 -26.34 23.78
N VAL C 455 77.79 -27.25 23.73
CA VAL C 455 77.76 -28.32 22.73
C VAL C 455 77.14 -27.78 21.45
N TRP C 456 77.84 -27.95 20.32
CA TRP C 456 77.43 -27.36 19.05
C TRP C 456 77.37 -28.48 18.00
N GLY C 457 76.26 -29.21 17.98
CA GLY C 457 76.10 -30.32 17.06
C GLY C 457 75.21 -31.42 17.61
N ALA C 458 74.28 -31.92 16.80
CA ALA C 458 73.25 -32.85 17.27
C ALA C 458 72.97 -33.96 16.26
N ARG C 459 74.02 -34.58 15.72
CA ARG C 459 73.87 -35.64 14.73
C ARG C 459 74.28 -36.99 15.29
N THR C 460 73.86 -38.05 14.60
CA THR C 460 74.30 -39.41 14.88
C THR C 460 75.41 -39.82 13.92
N THR C 461 76.03 -40.95 14.21
CA THR C 461 77.08 -41.51 13.37
C THR C 461 76.55 -42.19 12.12
N SER C 462 75.25 -42.10 11.85
CA SER C 462 74.61 -42.89 10.80
C SER C 462 74.82 -42.26 9.43
N SER C 463 74.81 -43.13 8.42
CA SER C 463 74.87 -42.71 7.02
C SER C 463 73.50 -42.67 6.35
N ASP C 464 72.52 -43.38 6.89
CA ASP C 464 71.15 -43.32 6.40
C ASP C 464 70.59 -41.91 6.54
N PRO C 465 70.03 -41.33 5.48
CA PRO C 465 69.50 -39.96 5.60
C PRO C 465 68.25 -39.87 6.45
N GLU C 466 67.62 -40.99 6.77
CA GLU C 466 66.39 -40.98 7.56
C GLU C 466 66.64 -40.84 9.05
N TRP C 467 67.85 -41.15 9.52
CA TRP C 467 68.18 -41.10 10.94
C TRP C 467 69.36 -40.17 11.18
N LYS C 468 69.36 -39.03 10.51
CA LYS C 468 70.46 -38.07 10.63
C LYS C 468 70.46 -37.34 11.96
N TYR C 469 69.30 -37.03 12.52
CA TYR C 469 69.18 -36.24 13.73
C TYR C 469 68.86 -37.12 14.92
N LEU C 470 69.34 -36.69 16.09
CA LEU C 470 69.38 -37.50 17.30
C LEU C 470 68.02 -37.57 17.99
N ASN C 471 67.31 -36.45 18.03
CA ASN C 471 66.03 -36.40 18.72
C ASN C 471 64.97 -37.24 18.04
N VAL C 472 65.09 -37.45 16.72
CA VAL C 472 64.14 -38.30 16.01
C VAL C 472 64.30 -39.75 16.45
N ARG C 473 65.54 -40.22 16.56
CA ARG C 473 65.80 -41.56 17.07
C ARG C 473 65.30 -41.72 18.50
N ARG C 474 65.55 -40.72 19.36
CA ARG C 474 65.11 -40.84 20.74
C ARG C 474 63.59 -40.86 20.86
N LEU C 475 62.89 -40.02 20.07
CA LEU C 475 61.44 -40.03 20.06
C LEU C 475 60.89 -41.38 19.61
N PHE C 476 61.48 -41.96 18.57
CA PHE C 476 60.99 -43.26 18.12
C PHE C 476 61.23 -44.35 19.15
N LEU C 477 62.38 -44.33 19.83
CA LEU C 477 62.61 -45.30 20.91
C LEU C 477 61.53 -45.19 21.98
N PHE C 478 61.26 -43.96 22.43
CA PHE C 478 60.23 -43.73 23.44
C PHE C 478 58.87 -44.28 23.00
N ILE C 479 58.45 -43.91 21.79
CA ILE C 479 57.12 -44.31 21.30
C ILE C 479 57.02 -45.82 21.18
N GLU C 480 58.05 -46.45 20.60
CA GLU C 480 57.97 -47.88 20.35
C GLU C 480 57.98 -48.69 21.64
N GLN C 481 58.76 -48.26 22.63
CA GLN C 481 58.74 -49.01 23.89
C GLN C 481 57.42 -48.83 24.62
N SER C 482 56.84 -47.62 24.60
CA SER C 482 55.54 -47.43 25.22
C SER C 482 54.50 -48.34 24.59
N ILE C 483 54.47 -48.39 23.25
CA ILE C 483 53.50 -49.25 22.56
C ILE C 483 53.74 -50.72 22.90
N GLN C 484 55.00 -51.15 22.91
CA GLN C 484 55.29 -52.55 23.20
C GLN C 484 54.81 -52.95 24.59
N GLU C 485 55.07 -52.10 25.59
CA GLU C 485 54.77 -52.49 26.96
C GLU C 485 53.31 -52.27 27.35
N GLY C 486 52.59 -51.37 26.68
CA GLY C 486 51.23 -51.09 27.06
C GLY C 486 50.13 -51.69 26.21
N THR C 487 50.33 -52.87 25.61
CA THR C 487 49.31 -53.45 24.74
C THR C 487 49.20 -54.97 24.92
N GLN C 488 49.70 -55.50 26.03
CA GLN C 488 49.69 -56.94 26.22
C GLN C 488 48.32 -57.49 26.59
N TRP C 489 47.32 -56.62 26.80
CA TRP C 489 45.96 -57.09 27.05
C TRP C 489 45.27 -57.61 25.80
N ALA C 490 45.81 -57.31 24.61
CA ALA C 490 45.14 -57.59 23.35
C ALA C 490 45.50 -58.95 22.77
N VAL C 491 46.41 -59.69 23.37
CA VAL C 491 46.79 -60.99 22.85
C VAL C 491 45.72 -62.01 23.22
N PHE C 492 45.30 -62.81 22.24
CA PHE C 492 44.29 -63.86 22.34
C PHE C 492 42.87 -63.32 22.45
N GLU C 493 42.65 -62.05 22.16
CA GLU C 493 41.32 -61.47 22.12
C GLU C 493 40.67 -61.78 20.78
N PRO C 494 39.33 -61.72 20.71
CA PRO C 494 38.65 -61.99 19.44
C PRO C 494 39.09 -61.02 18.35
N ASN C 495 39.28 -61.57 17.14
CA ASN C 495 39.77 -60.80 15.99
C ASN C 495 38.56 -60.26 15.20
N GLU C 496 37.94 -59.24 15.76
CA GLU C 496 36.73 -58.66 15.19
C GLU C 496 36.65 -57.19 15.54
N GLN C 497 35.60 -56.53 15.04
CA GLN C 497 35.58 -55.07 14.93
C GLN C 497 35.67 -54.36 16.28
N ASP C 498 35.20 -54.97 17.36
CA ASP C 498 35.27 -54.32 18.67
C ASP C 498 36.71 -54.14 19.13
N THR C 499 37.51 -55.21 19.05
CA THR C 499 38.91 -55.12 19.41
C THR C 499 39.64 -54.11 18.53
N TRP C 500 39.29 -54.07 17.25
CA TRP C 500 39.92 -53.13 16.32
C TRP C 500 39.66 -51.70 16.72
N GLY C 501 38.39 -51.37 16.99
CA GLY C 501 38.06 -50.02 17.43
C GLY C 501 38.74 -49.64 18.72
N ARG C 502 38.82 -50.59 19.66
CA ARG C 502 39.45 -50.33 20.95
C ARG C 502 40.94 -49.98 20.78
N ILE C 503 41.65 -50.81 20.01
CA ILE C 503 43.08 -50.59 19.78
C ILE C 503 43.32 -49.27 19.07
N ARG C 504 42.54 -49.01 18.02
CA ARG C 504 42.67 -47.76 17.28
C ARG C 504 42.48 -46.55 18.20
N GLN C 505 41.46 -46.60 19.06
CA GLN C 505 41.18 -45.49 19.96
C GLN C 505 42.33 -45.23 20.91
N SER C 506 42.87 -46.29 21.51
CA SER C 506 43.99 -46.12 22.44
C SER C 506 45.18 -45.47 21.77
N VAL C 507 45.59 -46.00 20.61
CA VAL C 507 46.79 -45.48 19.96
C VAL C 507 46.59 -44.05 19.50
N THR C 508 45.38 -43.72 19.04
CA THR C 508 45.09 -42.34 18.65
C THR C 508 45.20 -41.38 19.83
N ASN C 509 44.69 -41.79 21.00
CA ASN C 509 44.82 -40.93 22.17
C ASN C 509 46.28 -40.67 22.54
N PHE C 510 47.10 -41.72 22.54
CA PHE C 510 48.52 -41.56 22.86
C PHE C 510 49.21 -40.62 21.87
N LEU C 511 48.96 -40.80 20.57
CA LEU C 511 49.65 -39.97 19.59
C LEU C 511 49.15 -38.52 19.62
N ARG C 512 47.88 -38.30 19.93
CA ARG C 512 47.39 -36.93 20.06
C ARG C 512 48.03 -36.24 21.25
N THR C 513 48.23 -36.97 22.34
CA THR C 513 48.97 -36.39 23.46
C THR C 513 50.38 -36.01 23.06
N VAL C 514 51.08 -36.90 22.34
CA VAL C 514 52.43 -36.56 21.89
C VAL C 514 52.43 -35.32 21.00
N TRP C 515 51.41 -35.21 20.13
CA TRP C 515 51.33 -34.06 19.23
C TRP C 515 51.11 -32.75 19.99
N ARG C 516 50.25 -32.78 21.03
CA ARG C 516 49.96 -31.56 21.76
C ARG C 516 51.16 -30.98 22.50
N ASN C 517 52.14 -31.81 22.84
CA ASN C 517 53.32 -31.36 23.58
C ASN C 517 54.45 -30.88 22.68
N GLY C 518 54.21 -30.73 21.38
CA GLY C 518 55.21 -30.20 20.49
C GLY C 518 56.12 -31.21 19.83
N GLY C 519 55.84 -32.52 19.97
CA GLY C 519 56.72 -33.52 19.39
C GLY C 519 56.43 -33.81 17.94
N LEU C 520 55.20 -33.63 17.49
CA LEU C 520 54.82 -33.85 16.10
C LEU C 520 54.47 -32.52 15.47
N GLN C 521 54.48 -32.51 14.13
CA GLN C 521 54.44 -31.26 13.37
C GLN C 521 53.22 -31.24 12.45
N GLY C 522 52.45 -30.18 12.52
CA GLY C 522 51.30 -29.98 11.67
C GLY C 522 50.25 -29.13 12.36
N GLN C 523 49.52 -28.36 11.56
CA GLN C 523 48.45 -27.51 12.09
C GLN C 523 47.16 -28.27 12.35
N SER C 524 47.07 -29.52 11.93
CA SER C 524 45.89 -30.34 12.18
C SER C 524 46.35 -31.74 12.53
N GLU C 525 45.41 -32.56 13.00
CA GLU C 525 45.73 -33.94 13.35
C GLU C 525 46.05 -34.77 12.13
N ASP C 526 45.40 -34.49 11.00
CA ASP C 526 45.65 -35.25 9.78
C ASP C 526 47.05 -35.01 9.24
N ASP C 527 47.66 -33.87 9.56
CA ASP C 527 49.01 -33.58 9.12
C ASP C 527 50.06 -34.26 9.99
N ALA C 528 49.72 -34.56 11.24
CA ALA C 528 50.71 -35.04 12.20
C ALA C 528 50.82 -36.55 12.24
N PHE C 529 49.73 -37.29 12.07
CA PHE C 529 49.76 -38.75 12.21
C PHE C 529 48.47 -39.36 11.68
N TYR C 530 48.50 -40.68 11.52
CA TYR C 530 47.31 -41.48 11.27
C TYR C 530 47.49 -42.88 11.83
N VAL C 531 46.37 -43.54 12.12
CA VAL C 531 46.30 -44.91 12.61
C VAL C 531 45.24 -45.67 11.83
N LYS C 532 45.55 -46.90 11.43
CA LYS C 532 44.65 -47.72 10.62
C LYS C 532 44.58 -49.15 11.15
N CYS C 533 43.37 -49.66 11.31
CA CYS C 533 43.14 -51.04 11.72
C CYS C 533 41.74 -51.44 11.29
N GLY C 534 41.62 -52.40 10.39
CA GLY C 534 40.31 -52.81 9.91
C GLY C 534 40.43 -53.76 8.73
N GLU C 535 39.51 -53.61 7.77
CA GLU C 535 39.53 -54.43 6.57
C GLU C 535 40.39 -53.81 5.46
N GLU C 536 40.99 -52.65 5.70
CA GLU C 536 41.96 -52.11 4.76
C GLU C 536 43.37 -52.58 5.06
N THR C 537 43.64 -53.02 6.30
CA THR C 537 44.95 -53.55 6.65
C THR C 537 44.99 -55.07 6.75
N MET C 538 43.86 -55.71 7.00
CA MET C 538 43.79 -57.15 7.18
C MET C 538 42.97 -57.78 6.06
N SER C 539 43.43 -58.92 5.58
CA SER C 539 42.69 -59.74 4.63
C SER C 539 42.14 -60.97 5.35
N GLU C 540 41.54 -61.87 4.59
CA GLU C 540 40.93 -63.06 5.19
C GLU C 540 41.97 -64.12 5.54
N ASP C 541 43.02 -64.24 4.73
CA ASP C 541 44.13 -65.11 5.08
C ASP C 541 44.77 -64.68 6.38
N ASP C 542 44.75 -63.39 6.69
CA ASP C 542 45.26 -62.91 7.97
C ASP C 542 44.39 -63.39 9.13
N ILE C 543 43.07 -63.21 9.01
CA ILE C 543 42.16 -63.62 10.07
C ILE C 543 42.25 -65.12 10.31
N ASP C 544 42.36 -65.91 9.25
CA ASP C 544 42.42 -67.36 9.41
C ASP C 544 43.69 -67.83 10.10
N ASN C 545 44.73 -67.00 10.14
CA ASN C 545 46.00 -67.40 10.74
C ASN C 545 46.31 -66.69 12.05
N GLY C 546 45.44 -65.79 12.51
CA GLY C 546 45.60 -65.20 13.82
C GLY C 546 46.39 -63.91 13.87
N ARG C 547 46.44 -63.15 12.78
CA ARG C 547 47.24 -61.93 12.70
C ARG C 547 46.33 -60.70 12.80
N LEU C 548 46.69 -59.77 13.66
CA LEU C 548 46.03 -58.47 13.77
C LEU C 548 47.05 -57.39 13.44
N ILE C 549 46.79 -56.61 12.41
CA ILE C 549 47.76 -55.67 11.85
C ILE C 549 47.27 -54.25 12.04
N VAL C 550 48.14 -53.39 12.57
CA VAL C 550 47.87 -51.98 12.79
C VAL C 550 48.96 -51.17 12.08
N GLU C 551 48.56 -50.15 11.33
CA GLU C 551 49.51 -49.31 10.60
C GLU C 551 49.46 -47.88 11.10
N ILE C 552 50.62 -47.34 11.44
CA ILE C 552 50.73 -46.01 12.04
C ILE C 552 51.71 -45.17 11.24
N GLY C 553 51.33 -43.93 10.96
CA GLY C 553 52.21 -43.00 10.27
C GLY C 553 52.36 -41.71 11.04
N VAL C 554 53.59 -41.22 11.13
CA VAL C 554 53.93 -40.12 12.03
C VAL C 554 54.86 -39.15 11.32
N ALA C 555 54.91 -37.91 11.81
CA ALA C 555 55.75 -36.85 11.25
C ALA C 555 56.50 -36.13 12.36
N PRO C 556 57.78 -36.45 12.59
CA PRO C 556 58.53 -35.84 13.67
C PRO C 556 59.04 -34.45 13.32
N VAL C 557 59.43 -33.71 14.35
CA VAL C 557 59.96 -32.35 14.20
C VAL C 557 61.47 -32.41 14.30
N LYS C 558 62.14 -31.54 13.55
CA LYS C 558 63.59 -31.53 13.40
C LYS C 558 64.14 -30.17 13.80
N PRO C 559 65.42 -30.09 14.18
CA PRO C 559 65.97 -28.83 14.68
C PRO C 559 66.29 -27.84 13.58
N ALA C 560 66.51 -26.60 14.01
CA ALA C 560 66.93 -25.50 13.12
C ALA C 560 68.43 -25.31 13.29
N GLU C 561 69.20 -25.80 12.31
CA GLU C 561 70.65 -25.81 12.40
C GLU C 561 71.27 -24.59 11.74
N PHE C 562 70.62 -24.04 10.72
CA PHE C 562 71.10 -22.87 10.00
C PHE C 562 70.01 -21.82 10.00
N VAL C 563 70.29 -20.68 10.61
CA VAL C 563 69.36 -19.56 10.70
C VAL C 563 69.83 -18.52 9.71
N ILE C 564 69.03 -18.25 8.68
CA ILE C 564 69.43 -17.47 7.52
C ILE C 564 68.56 -16.22 7.43
N PHE C 565 69.20 -15.07 7.21
CA PHE C 565 68.52 -13.79 7.04
C PHE C 565 68.92 -13.19 5.69
N ARG C 566 67.96 -13.08 4.78
CA ARG C 566 68.17 -12.50 3.46
C ARG C 566 67.53 -11.12 3.43
N ILE C 567 68.36 -10.07 3.37
CA ILE C 567 67.91 -8.69 3.51
C ILE C 567 68.19 -7.94 2.22
N SER C 568 67.21 -7.14 1.78
CA SER C 568 67.32 -6.37 0.54
C SER C 568 66.73 -4.98 0.76
N GLN C 569 66.78 -4.16 -0.29
CA GLN C 569 66.29 -2.79 -0.27
C GLN C 569 64.94 -2.63 -0.96
N ASP C 570 64.38 -3.70 -1.51
CA ASP C 570 63.18 -3.58 -2.32
C ASP C 570 61.94 -3.65 -1.42
N THR C 571 61.03 -2.68 -1.61
CA THR C 571 59.75 -2.63 -0.90
C THR C 571 59.92 -2.68 0.61
N SER D 2 74.84 -19.24 -1.04
CA SER D 2 75.83 -19.50 0.00
C SER D 2 75.81 -20.97 0.38
N GLU D 3 76.86 -21.42 1.07
CA GLU D 3 76.96 -22.80 1.54
C GLU D 3 76.95 -22.84 3.05
N TYR D 4 76.26 -23.83 3.61
CA TYR D 4 76.04 -23.93 5.05
C TYR D 4 76.60 -25.26 5.53
N GLN D 5 77.77 -25.24 6.16
CA GLN D 5 78.44 -26.45 6.63
C GLN D 5 78.57 -26.54 8.14
N SER D 6 78.53 -25.42 8.86
CA SER D 6 78.55 -25.45 10.31
C SER D 6 77.41 -24.63 10.87
N PRO D 7 76.84 -25.03 12.00
CA PRO D 7 75.67 -24.34 12.53
C PRO D 7 75.96 -22.92 12.98
N GLY D 8 74.97 -22.06 12.84
CA GLY D 8 75.11 -20.67 13.25
C GLY D 8 74.06 -19.80 12.59
N VAL D 9 74.31 -18.50 12.67
CA VAL D 9 73.44 -17.47 12.09
C VAL D 9 74.13 -16.88 10.87
N TYR D 10 73.36 -16.69 9.79
CA TYR D 10 73.88 -16.15 8.54
C TYR D 10 73.02 -14.96 8.12
N VAL D 11 73.69 -13.88 7.69
CA VAL D 11 73.02 -12.69 7.19
C VAL D 11 73.54 -12.41 5.79
N GLU D 12 72.62 -12.28 4.83
CA GLU D 12 72.98 -12.14 3.42
C GLU D 12 72.26 -10.96 2.79
N GLU D 13 72.93 -10.30 1.85
CA GLU D 13 72.40 -9.15 1.14
C GLU D 13 71.94 -9.55 -0.25
N VAL D 14 70.81 -8.99 -0.67
CA VAL D 14 70.21 -9.28 -1.96
C VAL D 14 70.21 -8.01 -2.80
N GLN D 15 70.23 -8.18 -4.12
CA GLN D 15 70.13 -7.06 -5.04
C GLN D 15 68.69 -6.63 -5.22
N SER D 16 68.48 -5.32 -5.37
CA SER D 16 67.15 -4.75 -5.42
C SER D 16 66.62 -4.73 -6.85
N GLY D 17 65.43 -4.15 -7.03
CA GLY D 17 64.69 -4.26 -8.28
C GLY D 17 64.89 -3.16 -9.30
N SER D 18 65.69 -2.13 -8.98
CA SER D 18 65.98 -1.10 -9.96
C SER D 18 67.22 -0.32 -9.52
N LYS D 19 67.98 0.15 -10.50
CA LYS D 19 69.20 0.91 -10.26
C LYS D 19 69.11 2.22 -11.01
N SER D 20 69.48 3.30 -10.32
CA SER D 20 69.28 4.64 -10.86
C SER D 20 70.33 4.98 -11.92
N VAL D 21 69.91 5.75 -12.92
CA VAL D 21 70.78 6.31 -13.93
C VAL D 21 70.86 7.81 -13.68
N GLU D 22 72.05 8.38 -13.87
CA GLU D 22 72.27 9.80 -13.65
C GLU D 22 72.74 10.45 -14.95
N GLY D 23 72.21 11.64 -15.23
CA GLY D 23 72.59 12.36 -16.43
C GLY D 23 73.99 12.95 -16.35
N VAL D 24 74.58 13.16 -17.52
CA VAL D 24 75.95 13.61 -17.64
C VAL D 24 75.97 15.11 -17.94
N SER D 25 77.15 15.70 -17.80
CA SER D 25 77.34 17.12 -18.09
C SER D 25 77.15 17.40 -19.57
N THR D 26 76.67 18.62 -19.88
CA THR D 26 76.36 18.98 -21.25
C THR D 26 76.75 20.39 -21.66
N SER D 27 77.51 21.14 -20.85
CA SER D 27 77.81 22.53 -21.17
C SER D 27 79.29 22.87 -21.06
N THR D 28 80.17 21.90 -21.26
CA THR D 28 81.60 22.15 -21.26
C THR D 28 82.12 22.22 -22.69
N ALA D 29 83.09 23.10 -22.92
CA ALA D 29 83.62 23.36 -24.25
C ALA D 29 85.13 23.12 -24.29
N GLY D 30 85.64 22.98 -25.49
CA GLY D 30 87.08 22.82 -25.70
C GLY D 30 87.58 23.77 -26.76
N PHE D 31 88.70 24.42 -26.47
CA PHE D 31 89.28 25.42 -27.38
C PHE D 31 90.73 25.09 -27.67
N LEU D 32 91.15 25.39 -28.90
CA LEU D 32 92.53 25.18 -29.34
C LEU D 32 93.04 26.44 -30.02
N GLY D 33 94.32 26.74 -29.84
CA GLY D 33 94.90 27.92 -30.42
C GLY D 33 96.17 28.33 -29.72
N GLN D 34 96.75 29.43 -30.21
CA GLN D 34 98.07 29.88 -29.77
C GLN D 34 97.98 30.85 -28.60
N THR D 35 98.95 30.76 -27.69
CA THR D 35 99.07 31.63 -26.53
C THR D 35 100.55 32.03 -26.40
N GLU D 36 100.85 32.86 -25.42
CA GLU D 36 102.24 33.30 -25.18
C GLU D 36 102.93 32.50 -24.09
N ARG D 37 102.19 32.09 -23.05
CA ARG D 37 102.72 31.30 -21.95
C ARG D 37 101.87 30.05 -21.79
N GLY D 38 102.29 29.15 -20.90
CA GLY D 38 101.44 28.10 -20.45
C GLY D 38 101.91 26.71 -20.82
N PRO D 39 101.34 25.70 -20.17
CA PRO D 39 101.64 24.31 -20.53
C PRO D 39 100.88 23.87 -21.78
N VAL D 40 101.35 22.76 -22.35
CA VAL D 40 100.74 22.22 -23.55
C VAL D 40 99.83 21.02 -23.28
N GLU D 41 99.62 20.65 -22.03
CA GLU D 41 98.59 19.69 -21.71
C GLU D 41 97.27 20.41 -21.42
N PRO D 42 96.13 19.79 -21.73
CA PRO D 42 94.85 20.48 -21.56
C PRO D 42 94.55 20.78 -20.11
N ARG D 43 94.05 21.99 -19.85
CA ARG D 43 93.76 22.42 -18.48
C ARG D 43 92.37 23.02 -18.41
N LEU D 44 91.72 22.83 -17.26
CA LEU D 44 90.37 23.32 -17.04
C LEU D 44 90.40 24.74 -16.50
N VAL D 45 89.55 25.59 -17.05
CA VAL D 45 89.41 26.99 -16.69
C VAL D 45 87.94 27.26 -16.43
N THR D 46 87.64 28.01 -15.38
CA THR D 46 86.25 28.30 -15.02
C THR D 46 85.95 29.79 -14.98
N ASN D 47 86.87 30.64 -15.46
CA ASN D 47 86.76 32.07 -15.31
C ASN D 47 87.84 32.71 -16.16
N TYR D 48 87.61 33.95 -16.58
CA TYR D 48 88.54 34.59 -17.50
C TYR D 48 89.82 35.05 -16.81
N ALA D 49 89.74 35.39 -15.51
CA ALA D 49 90.95 35.76 -14.78
C ALA D 49 91.88 34.57 -14.63
N ASP D 50 91.34 33.37 -14.45
CA ASP D 50 92.15 32.16 -14.48
C ASP D 50 92.90 32.04 -15.80
N PHE D 51 92.22 32.32 -16.91
CA PHE D 51 92.85 32.23 -18.22
C PHE D 51 94.00 33.21 -18.34
N GLU D 52 93.77 34.48 -17.99
CA GLU D 52 94.86 35.45 -18.07
C GLU D 52 96.00 35.10 -17.12
N ARG D 53 95.71 34.50 -15.98
CA ARG D 53 96.77 34.16 -15.03
C ARG D 53 97.61 32.98 -15.50
N LEU D 54 97.00 31.97 -16.11
CA LEU D 54 97.73 30.77 -16.51
C LEU D 54 98.37 30.88 -17.89
N TYR D 55 97.79 31.65 -18.79
CA TYR D 55 98.21 31.65 -20.19
C TYR D 55 98.68 33.00 -20.70
N GLY D 56 97.99 34.08 -20.37
CA GLY D 56 98.37 35.40 -20.85
C GLY D 56 97.57 35.88 -22.04
N ALA D 57 98.25 36.49 -23.01
CA ALA D 57 97.62 37.00 -24.22
C ALA D 57 98.01 36.16 -25.43
N SER D 58 97.34 36.44 -26.55
CA SER D 58 97.62 35.76 -27.80
C SER D 58 98.53 36.60 -28.68
N PRO D 59 99.33 35.96 -29.53
CA PRO D 59 100.11 36.72 -30.52
C PRO D 59 99.21 37.33 -31.57
N LYS D 60 99.84 38.03 -32.53
CA LYS D 60 99.08 38.72 -33.55
C LYS D 60 98.51 37.78 -34.60
N SER D 61 98.92 36.52 -34.60
CA SER D 61 98.46 35.54 -35.58
C SER D 61 97.38 34.62 -35.03
N SER D 62 96.78 34.97 -33.89
CA SER D 62 95.77 34.13 -33.27
C SER D 62 94.71 35.00 -32.61
N ASP D 63 93.53 34.42 -32.42
CA ASP D 63 92.42 35.14 -31.80
C ASP D 63 91.75 34.27 -30.73
N LEU D 64 92.56 33.63 -29.91
CA LEU D 64 92.05 32.77 -28.85
C LEU D 64 91.52 33.58 -27.66
N ASP D 65 92.29 34.58 -27.25
CA ASP D 65 91.91 35.44 -26.13
C ASP D 65 90.54 36.05 -26.35
N ALA D 66 90.28 36.52 -27.56
CA ALA D 66 89.00 37.14 -27.90
C ALA D 66 87.87 36.12 -27.84
N ALA D 67 88.13 34.88 -28.27
CA ALA D 67 87.09 33.86 -28.28
C ALA D 67 86.75 33.41 -26.86
N VAL D 68 87.74 33.28 -25.99
CA VAL D 68 87.48 32.89 -24.61
C VAL D 68 86.74 34.00 -23.88
N ASP D 69 87.11 35.26 -24.15
CA ASP D 69 86.39 36.39 -23.58
C ASP D 69 84.94 36.41 -24.03
N GLY D 70 84.70 36.18 -25.32
CA GLY D 70 83.32 36.11 -25.79
C GLY D 70 82.55 34.93 -25.21
N PHE D 71 83.24 33.83 -24.95
CA PHE D 71 82.59 32.69 -24.31
C PHE D 71 82.10 33.04 -22.92
N PHE D 72 82.97 33.66 -22.11
CA PHE D 72 82.57 33.94 -20.73
C PHE D 72 81.66 35.16 -20.60
N LYS D 73 81.67 36.08 -21.57
CA LYS D 73 80.74 37.21 -21.51
C LYS D 73 79.30 36.80 -21.81
N ASN D 74 79.08 35.62 -22.39
CA ASN D 74 77.77 35.19 -22.84
C ASN D 74 77.15 34.15 -21.92
N GLY D 75 77.76 33.86 -20.79
CA GLY D 75 77.22 32.93 -19.84
C GLY D 75 77.79 31.54 -19.84
N GLY D 76 78.99 31.34 -20.38
CA GLY D 76 79.62 30.04 -20.34
C GLY D 76 80.19 29.71 -18.97
N SER D 77 80.30 28.41 -18.69
CA SER D 77 80.68 27.93 -17.38
C SER D 77 82.10 27.37 -17.31
N ARG D 78 82.49 26.48 -18.22
CA ARG D 78 83.75 25.77 -18.09
C ARG D 78 84.39 25.57 -19.46
N CYS D 79 85.69 25.84 -19.53
CA CYS D 79 86.49 25.62 -20.73
C CYS D 79 87.58 24.61 -20.45
N PHE D 80 87.95 23.85 -21.47
CA PHE D 80 89.20 23.11 -21.50
C PHE D 80 90.09 23.73 -22.56
N ILE D 81 91.24 24.23 -22.14
CA ILE D 81 92.17 24.93 -23.01
C ILE D 81 93.30 23.98 -23.38
N GLY D 82 93.62 23.91 -24.67
CA GLY D 82 94.79 23.22 -25.18
C GLY D 82 95.66 24.14 -26.00
N ARG D 83 96.90 24.35 -25.56
CA ARG D 83 97.81 25.30 -26.18
C ARG D 83 98.57 24.62 -27.31
N VAL D 84 98.52 25.22 -28.50
CA VAL D 84 99.25 24.75 -29.66
C VAL D 84 100.46 25.64 -29.86
N SER D 85 101.63 25.04 -30.05
CA SER D 85 102.88 25.78 -30.11
C SER D 85 103.72 25.31 -31.29
N GLY D 86 104.37 26.26 -31.96
CA GLY D 86 105.27 25.94 -33.04
C GLY D 86 106.66 25.53 -32.63
N ALA D 87 106.99 25.64 -31.34
CA ALA D 87 108.29 25.26 -30.84
C ALA D 87 108.29 23.82 -30.33
N ASP D 88 109.46 23.20 -30.32
CA ASP D 88 109.61 21.86 -29.79
C ASP D 88 109.22 21.83 -28.32
N ILE D 89 108.64 20.70 -27.90
CA ILE D 89 108.12 20.56 -26.54
C ILE D 89 109.23 20.66 -25.50
N ASP D 90 110.46 20.32 -25.85
CA ASP D 90 111.57 20.32 -24.91
C ASP D 90 112.46 21.56 -25.03
N ASP D 91 112.04 22.56 -25.82
CA ASP D 91 112.75 23.83 -25.92
C ASP D 91 112.28 24.72 -24.77
N VAL D 92 112.78 24.40 -23.58
CA VAL D 92 112.34 25.02 -22.33
C VAL D 92 113.56 25.62 -21.64
N ALA D 93 113.35 26.78 -21.00
CA ALA D 93 114.41 27.42 -20.23
C ALA D 93 114.57 26.75 -18.87
N THR D 94 115.82 26.65 -18.43
CA THR D 94 116.19 25.93 -17.21
C THR D 94 117.11 26.78 -16.34
N GLY D 95 117.43 26.25 -15.17
CA GLY D 95 118.29 26.94 -14.21
C GLY D 95 118.72 25.99 -13.13
N ILE D 96 119.56 26.49 -12.22
CA ILE D 96 120.21 25.69 -11.19
C ILE D 96 120.29 26.50 -9.91
N LEU D 97 120.07 25.84 -8.77
CA LEU D 97 120.28 26.44 -7.46
C LEU D 97 121.47 25.76 -6.77
N ALA D 98 122.31 26.57 -6.13
CA ALA D 98 123.56 26.10 -5.55
C ALA D 98 123.57 26.30 -4.04
N ASP D 99 124.41 25.52 -3.37
CA ASP D 99 124.50 25.49 -1.92
C ASP D 99 125.65 26.37 -1.41
N ASP D 100 125.99 26.21 -0.12
CA ASP D 100 126.98 27.04 0.54
C ASP D 100 128.34 27.01 -0.14
N GLU D 101 128.84 25.82 -0.48
CA GLU D 101 130.17 25.70 -1.09
C GLU D 101 130.12 25.30 -2.55
N GLY D 102 128.97 25.46 -3.21
CA GLY D 102 128.90 25.30 -4.65
C GLY D 102 128.52 23.92 -5.12
N ASN D 103 127.42 23.38 -4.61
CA ASN D 103 126.85 22.13 -5.08
C ASN D 103 125.45 22.40 -5.60
N GLU D 104 125.14 21.87 -6.79
CA GLU D 104 123.79 22.03 -7.31
C GLU D 104 122.82 21.15 -6.54
N ILE D 105 121.85 21.79 -5.89
CA ILE D 105 120.93 21.09 -5.02
C ILE D 105 119.54 20.96 -5.61
N ALA D 106 119.15 21.83 -6.54
CA ALA D 106 117.84 21.80 -7.14
C ALA D 106 117.94 22.19 -8.61
N GLU D 107 116.87 21.93 -9.35
CA GLU D 107 116.82 22.28 -10.76
C GLU D 107 115.47 22.91 -11.07
N VAL D 108 115.52 24.10 -11.68
CA VAL D 108 114.34 24.91 -11.95
C VAL D 108 114.06 24.88 -13.45
N GLU D 109 112.79 24.80 -13.82
CA GLU D 109 112.43 24.65 -15.22
C GLU D 109 111.12 25.40 -15.49
N ALA D 110 111.06 26.08 -16.63
CA ALA D 110 109.87 26.84 -16.98
C ALA D 110 108.67 25.91 -17.20
N ASN D 111 107.48 26.47 -17.03
CA ASN D 111 106.23 25.72 -17.16
C ASN D 111 105.66 25.84 -18.58
N GLY D 112 106.45 25.37 -19.54
CA GLY D 112 106.06 25.43 -20.93
C GLY D 112 107.18 25.90 -21.84
N PRO D 113 107.13 25.53 -23.10
CA PRO D 113 108.20 25.90 -24.04
C PRO D 113 107.99 27.27 -24.64
N GLY D 114 109.10 27.87 -25.05
CA GLY D 114 109.09 29.16 -25.71
C GLY D 114 110.10 30.12 -25.10
N GLN D 115 110.23 31.27 -25.77
CA GLN D 115 111.19 32.28 -25.35
C GLN D 115 110.77 33.03 -24.10
N TRP D 116 109.48 32.99 -23.74
CA TRP D 116 109.01 33.70 -22.56
C TRP D 116 109.76 33.29 -21.31
N GLY D 117 110.16 32.03 -21.21
CA GLY D 117 110.89 31.56 -20.04
C GLY D 117 112.22 32.25 -19.81
N GLU D 118 112.74 32.95 -20.81
CA GLU D 118 113.96 33.72 -20.62
C GLU D 118 113.74 34.97 -19.77
N SER D 119 112.48 35.30 -19.45
CA SER D 119 112.16 36.51 -18.69
C SER D 119 111.65 36.20 -17.29
N VAL D 120 111.96 35.03 -16.75
CA VAL D 120 111.55 34.63 -15.42
C VAL D 120 112.75 34.73 -14.49
N ALA D 121 112.57 35.40 -13.35
CA ALA D 121 113.63 35.56 -12.36
C ALA D 121 113.23 34.86 -11.07
N VAL D 122 114.19 34.14 -10.48
CA VAL D 122 114.01 33.44 -9.21
C VAL D 122 114.92 34.09 -8.18
N ILE D 123 114.36 34.41 -7.02
CA ILE D 123 115.07 35.12 -5.96
C ILE D 123 114.95 34.33 -4.67
N VAL D 124 116.09 34.05 -4.04
CA VAL D 124 116.14 33.31 -2.77
C VAL D 124 116.65 34.26 -1.69
N GLU D 125 115.95 34.28 -0.55
CA GLU D 125 116.38 35.08 0.59
C GLU D 125 116.21 34.27 1.87
N ASP D 126 116.78 34.75 2.96
CA ASP D 126 116.76 34.02 4.23
C ASP D 126 115.68 34.55 5.15
N SER D 127 115.13 33.64 5.96
CA SER D 127 114.01 33.92 6.84
C SER D 127 114.49 34.19 8.27
N GLN D 128 113.61 34.84 9.04
CA GLN D 128 113.90 35.19 10.42
C GLN D 128 113.91 33.99 11.36
N TYR D 129 113.37 32.86 10.92
CA TYR D 129 113.36 31.68 11.76
C TYR D 129 114.47 30.73 11.38
N PRO D 130 115.04 30.01 12.34
CA PRO D 130 116.15 29.10 12.03
C PRO D 130 115.74 28.02 11.05
N ASN D 131 116.62 27.75 10.10
CA ASN D 131 116.47 26.68 9.11
C ASN D 131 115.31 26.93 8.16
N GLN D 132 115.07 28.19 7.78
CA GLN D 132 113.97 28.52 6.88
C GLN D 132 114.41 29.62 5.94
N PHE D 133 113.76 29.68 4.77
CA PHE D 133 114.11 30.66 3.76
C PHE D 133 112.88 30.97 2.91
N ASP D 134 112.95 32.09 2.18
CA ASP D 134 111.87 32.57 1.32
C ASP D 134 112.29 32.48 -0.15
N ILE D 135 111.30 32.24 -1.01
CA ILE D 135 111.53 32.17 -2.46
C ILE D 135 110.51 33.05 -3.17
N THR D 136 110.96 33.77 -4.20
CA THR D 136 110.10 34.64 -4.99
C THR D 136 110.35 34.37 -6.47
N VAL D 137 109.28 34.41 -7.28
CA VAL D 137 109.36 34.23 -8.71
C VAL D 137 108.67 35.42 -9.39
N ARG D 138 109.37 36.04 -10.35
CA ARG D 138 108.88 37.24 -11.02
C ARG D 138 108.94 37.07 -12.54
N TYR D 139 107.96 37.66 -13.23
CA TYR D 139 107.91 37.59 -14.68
C TYR D 139 107.45 38.92 -15.27
N TRP D 140 108.21 39.40 -16.26
CA TRP D 140 107.92 40.63 -17.00
C TRP D 140 107.54 40.28 -18.43
N SER D 141 106.49 40.92 -18.95
CA SER D 141 106.00 40.64 -20.29
C SER D 141 106.73 41.45 -21.37
N GLY D 142 107.36 42.55 -21.01
CA GLY D 142 107.97 43.43 -21.98
C GLY D 142 109.47 43.25 -22.07
N ASP D 143 110.16 44.36 -22.32
CA ASP D 143 111.60 44.34 -22.54
C ASP D 143 112.35 44.12 -21.24
N LEU D 144 113.45 43.36 -21.32
CA LEU D 144 114.32 43.18 -20.16
C LEU D 144 115.37 44.28 -20.06
N GLU D 145 115.71 44.91 -21.19
CA GLU D 145 116.72 45.97 -21.20
C GLU D 145 116.30 47.17 -20.36
N ALA D 146 115.01 47.33 -20.08
CA ALA D 146 114.51 48.50 -19.36
C ALA D 146 114.25 48.22 -17.88
N VAL D 147 114.47 46.99 -17.43
CA VAL D 147 114.22 46.62 -16.03
C VAL D 147 115.42 47.08 -15.22
N SER D 148 115.19 48.03 -14.31
CA SER D 148 116.30 48.64 -13.57
C SER D 148 116.70 47.79 -12.37
N LYS D 149 115.78 47.57 -11.44
CA LYS D 149 116.05 46.85 -10.19
C LYS D 149 115.18 45.60 -10.13
N PRO D 150 115.57 44.53 -10.82
CA PRO D 150 114.77 43.30 -10.75
C PRO D 150 114.78 42.64 -9.39
N HIS D 151 115.77 42.94 -8.55
CA HIS D 151 115.92 42.32 -7.25
C HIS D 151 115.34 43.14 -6.12
N GLY D 152 115.17 44.45 -6.30
CA GLY D 152 114.67 45.31 -5.26
C GLY D 152 113.20 45.08 -4.94
N ASP D 153 112.73 45.79 -3.92
CA ASP D 153 111.34 45.68 -3.51
C ASP D 153 110.38 46.33 -4.50
N ARG D 154 110.88 47.18 -5.39
CA ARG D 154 110.05 47.83 -6.40
C ARG D 154 110.84 47.98 -7.69
N PRO D 155 110.71 47.03 -8.61
CA PRO D 155 111.40 47.15 -9.91
C PRO D 155 110.85 48.31 -10.72
N ASP D 156 111.63 48.74 -11.72
CA ASP D 156 111.28 49.93 -12.47
C ASP D 156 109.95 49.79 -13.21
N PRO D 157 109.74 48.79 -14.09
CA PRO D 157 108.36 48.42 -14.45
C PRO D 157 107.86 47.31 -13.54
N SER D 158 106.67 47.50 -12.98
CA SER D 158 106.11 46.51 -12.08
C SER D 158 105.95 45.19 -12.83
N PRO D 159 106.38 44.07 -12.25
CA PRO D 159 106.34 42.80 -12.98
C PRO D 159 104.92 42.36 -13.29
N ASP D 160 104.80 41.57 -14.36
CA ASP D 160 103.48 41.11 -14.80
C ASP D 160 102.96 39.99 -13.90
N VAL D 161 103.83 39.10 -13.43
CA VAL D 161 103.43 38.02 -12.54
C VAL D 161 104.39 37.97 -11.36
N GLU D 162 103.84 37.68 -10.18
CA GLU D 162 104.52 37.71 -8.89
C GLU D 162 104.08 36.53 -8.06
N GLU D 163 105.03 35.80 -7.48
CA GLU D 163 104.70 34.70 -6.58
C GLU D 163 105.69 34.65 -5.43
N VAL D 164 105.18 34.46 -4.21
CA VAL D 164 106.00 34.47 -2.99
C VAL D 164 105.67 33.24 -2.16
N TYR D 165 106.70 32.59 -1.63
CA TYR D 165 106.55 31.43 -0.76
C TYR D 165 107.49 31.59 0.44
N ASP D 166 106.93 31.58 1.64
CA ASP D 166 107.61 32.06 2.83
C ASP D 166 108.19 30.96 3.70
N GLY D 167 107.37 30.03 4.18
CA GLY D 167 107.88 29.09 5.18
C GLY D 167 108.47 27.82 4.60
N LEU D 168 109.63 27.90 3.96
CA LEU D 168 110.20 26.75 3.27
C LEU D 168 111.32 26.12 4.10
N SER D 169 111.54 24.83 3.85
CA SER D 169 112.55 24.06 4.55
C SER D 169 113.23 23.11 3.56
N ALA D 170 114.35 22.54 4.00
CA ALA D 170 115.09 21.57 3.19
C ALA D 170 114.96 20.14 3.74
N ASP D 171 113.97 19.88 4.59
CA ASP D 171 113.74 18.54 5.13
C ASP D 171 112.74 17.80 4.25
N PRO D 172 113.13 16.71 3.59
CA PRO D 172 112.20 16.05 2.65
C PRO D 172 110.99 15.42 3.30
N GLU D 173 111.03 15.12 4.59
CA GLU D 173 109.91 14.49 5.27
C GLU D 173 108.95 15.49 5.90
N ALA D 174 109.27 16.77 5.85
CA ALA D 174 108.39 17.81 6.37
C ALA D 174 107.33 18.18 5.34
N SER D 175 106.30 18.88 5.79
CA SER D 175 105.26 19.35 4.89
C SER D 175 105.56 20.72 4.31
N ASN D 176 106.57 21.41 4.80
CA ASN D 176 107.02 22.67 4.23
C ASN D 176 108.30 22.50 3.40
N PHE D 177 108.58 21.29 2.93
CA PHE D 177 109.66 21.08 1.98
C PHE D 177 109.36 21.83 0.68
N TYR D 178 110.36 22.49 0.12
CA TYR D 178 110.11 23.43 -0.97
C TYR D 178 109.60 22.74 -2.22
N GLU D 179 109.98 21.47 -2.44
CA GLU D 179 109.48 20.73 -3.59
C GLU D 179 107.97 20.56 -3.52
N LYS D 180 107.40 20.40 -2.32
CA LYS D 180 105.96 20.24 -2.19
C LYS D 180 105.22 21.56 -2.20
N GLN D 181 105.88 22.63 -1.77
CA GLN D 181 105.20 23.93 -1.69
C GLN D 181 105.19 24.64 -3.02
N LEU D 182 106.28 24.55 -3.78
CA LEU D 182 106.34 25.20 -5.08
C LEU D 182 105.63 24.42 -6.17
N GLU D 183 104.87 23.38 -5.81
CA GLU D 183 104.24 22.55 -6.84
C GLU D 183 103.04 23.25 -7.45
N SER D 184 102.38 24.12 -6.68
CA SER D 184 101.27 24.91 -7.19
C SER D 184 101.81 26.28 -7.60
N SER D 185 102.36 26.34 -8.81
CA SER D 185 102.94 27.56 -9.35
C SER D 185 102.71 27.56 -10.85
N VAL D 186 102.26 28.71 -11.37
CA VAL D 186 101.95 28.80 -12.80
C VAL D 186 103.16 29.14 -13.65
N LEU D 187 104.35 29.29 -13.06
CA LEU D 187 105.51 29.76 -13.79
C LEU D 187 106.63 28.72 -13.91
N VAL D 188 106.98 28.04 -12.81
CA VAL D 188 108.18 27.22 -12.76
C VAL D 188 107.86 25.85 -12.17
N ASP D 189 108.86 24.98 -12.21
CA ASP D 189 108.85 23.64 -11.64
C ASP D 189 110.20 23.38 -10.99
N ILE D 190 110.20 22.72 -9.84
CA ILE D 190 111.41 22.44 -9.08
C ILE D 190 111.60 20.94 -8.98
N GLU D 191 112.86 20.50 -9.09
CA GLU D 191 113.18 19.10 -8.86
C GLU D 191 114.40 19.00 -7.96
N TYR D 192 114.33 18.06 -7.01
CA TYR D 192 115.35 17.93 -5.97
C TYR D 192 116.51 17.08 -6.45
N LYS D 193 117.74 17.52 -6.15
CA LYS D 193 118.94 16.80 -6.54
C LYS D 193 119.79 16.33 -5.37
N ASP D 194 120.15 17.23 -4.46
CA ASP D 194 121.13 16.91 -3.43
C ASP D 194 120.77 17.64 -2.14
N ASP D 195 121.47 17.30 -1.07
CA ASP D 195 121.18 17.84 0.26
C ASP D 195 121.85 19.20 0.43
N GLY D 196 121.10 20.16 0.95
CA GLY D 196 121.64 21.49 1.19
C GLY D 196 120.53 22.51 1.24
N THR D 197 120.95 23.77 1.34
CA THR D 197 120.05 24.90 1.34
C THR D 197 120.64 25.99 0.46
N PRO D 198 119.83 26.67 -0.35
CA PRO D 198 120.39 27.58 -1.35
C PRO D 198 120.86 28.89 -0.74
N VAL D 199 121.79 29.55 -1.43
CA VAL D 199 122.31 30.86 -1.04
C VAL D 199 121.43 31.94 -1.64
N ASP D 200 121.46 33.12 -1.02
CA ASP D 200 120.59 34.22 -1.43
C ASP D 200 121.02 34.77 -2.78
N GLY D 201 120.08 35.43 -3.46
CA GLY D 201 120.39 36.12 -4.69
C GLY D 201 119.34 35.87 -5.75
N LEU D 202 119.60 36.39 -6.94
CA LEU D 202 118.70 36.35 -8.08
C LEU D 202 119.32 35.54 -9.20
N THR D 203 118.47 34.92 -10.03
CA THR D 203 118.95 34.16 -11.16
C THR D 203 117.90 34.10 -12.26
N TRP D 204 118.35 34.16 -13.51
CA TRP D 204 117.50 34.07 -14.68
C TRP D 204 117.63 32.69 -15.32
N LEU D 205 116.58 32.29 -16.03
CA LEU D 205 116.56 31.01 -16.75
C LEU D 205 117.08 31.22 -18.17
N HIS D 206 118.04 30.39 -18.57
CA HIS D 206 118.79 30.59 -19.81
C HIS D 206 118.62 29.41 -20.75
N ARG D 207 119.26 29.54 -21.94
CA ARG D 207 119.38 28.50 -22.95
C ARG D 207 118.01 27.92 -23.32
N ASP D 208 117.20 28.76 -23.95
CA ASP D 208 115.95 28.32 -24.53
C ASP D 208 116.18 27.48 -25.78
N VAL D 292 102.83 27.62 -36.99
CA VAL D 292 102.26 26.32 -36.66
C VAL D 292 101.64 25.68 -37.90
N THR D 293 101.54 24.36 -37.88
CA THR D 293 101.03 23.57 -39.00
C THR D 293 99.84 22.73 -38.54
N LEU D 294 99.37 21.87 -39.44
CA LEU D 294 98.29 20.96 -39.11
C LEU D 294 98.76 19.85 -38.16
N LYS D 295 100.01 19.44 -38.27
CA LYS D 295 100.55 18.40 -37.40
C LYS D 295 100.72 18.84 -35.96
N ASP D 296 100.78 20.16 -35.71
CA ASP D 296 100.78 20.66 -34.34
C ASP D 296 99.38 20.70 -33.75
N TYR D 297 98.37 20.97 -34.58
CA TYR D 297 96.99 20.89 -34.13
C TYR D 297 96.55 19.45 -33.90
N GLU D 298 97.14 18.50 -34.64
CA GLU D 298 96.85 17.09 -34.38
C GLU D 298 97.39 16.66 -33.02
N GLY D 299 98.59 17.10 -32.67
CA GLY D 299 99.15 16.87 -31.35
C GLY D 299 100.05 15.65 -31.29
N VAL D 300 100.75 15.56 -30.17
CA VAL D 300 101.66 14.46 -29.88
C VAL D 300 100.89 13.36 -29.17
N ASN D 301 101.20 12.10 -29.52
CA ASN D 301 100.59 10.94 -28.87
C ASN D 301 101.72 9.98 -28.50
N LYS D 302 102.25 10.14 -27.30
CA LYS D 302 103.28 9.29 -26.74
C LYS D 302 102.77 8.70 -25.42
N PRO D 303 103.41 7.64 -24.92
CA PRO D 303 102.90 6.98 -23.71
C PRO D 303 102.67 7.91 -22.52
N GLY D 304 103.47 8.95 -22.36
CA GLY D 304 103.29 9.84 -21.23
C GLY D 304 103.18 11.32 -21.59
N LEU D 305 102.60 11.64 -22.75
CA LEU D 305 102.47 13.01 -23.18
C LEU D 305 101.45 13.09 -24.31
N ARG D 306 100.44 13.95 -24.13
CA ARG D 306 99.40 14.15 -25.14
C ARG D 306 99.10 15.63 -25.27
N THR D 307 99.12 16.13 -26.51
CA THR D 307 98.77 17.50 -26.81
C THR D 307 97.80 17.53 -27.98
N GLY D 308 97.23 18.70 -28.24
CA GLY D 308 96.36 18.85 -29.40
C GLY D 308 95.03 18.14 -29.22
N LEU D 309 94.58 17.46 -30.27
CA LEU D 309 93.34 16.70 -30.21
C LEU D 309 93.55 15.35 -29.53
N ALA D 310 94.75 14.78 -29.63
CA ALA D 310 95.07 13.55 -28.91
C ALA D 310 94.92 13.73 -27.41
N GLY D 311 95.19 14.93 -26.90
CA GLY D 311 94.97 15.19 -25.49
C GLY D 311 93.50 15.34 -25.16
N PHE D 312 92.73 15.93 -26.07
CA PHE D 312 91.29 16.10 -25.82
C PHE D 312 90.54 14.78 -25.83
N LYS D 313 90.99 13.81 -26.63
CA LYS D 313 90.21 12.59 -26.74
C LYS D 313 90.36 11.67 -25.55
N ALA D 314 91.10 12.08 -24.51
CA ALA D 314 91.17 11.37 -23.24
C ALA D 314 90.44 12.10 -22.13
N ILE D 315 89.64 13.11 -22.46
CA ILE D 315 88.80 13.83 -21.51
C ILE D 315 87.35 13.57 -21.90
N ASP D 316 86.55 13.10 -20.95
CA ASP D 316 85.17 12.73 -21.23
C ASP D 316 84.14 13.76 -20.79
N GLU D 317 84.58 14.96 -20.42
CA GLU D 317 83.64 16.03 -20.06
C GLU D 317 83.31 16.93 -21.23
N ILE D 318 84.18 17.00 -22.24
CA ILE D 318 83.99 17.93 -23.35
C ILE D 318 82.79 17.49 -24.18
N SER D 319 81.94 18.46 -24.53
CA SER D 319 80.76 18.20 -25.34
C SER D 319 80.69 19.01 -26.62
N MET D 320 81.57 20.00 -26.79
CA MET D 320 81.65 20.74 -28.04
C MET D 320 83.06 21.31 -28.19
N VAL D 321 83.56 21.30 -29.43
CA VAL D 321 84.94 21.65 -29.74
C VAL D 321 84.92 22.80 -30.74
N CYS D 322 85.85 23.75 -30.58
CA CYS D 322 85.99 24.83 -31.54
C CYS D 322 87.45 25.22 -31.69
N ALA D 323 87.83 25.56 -32.91
CA ALA D 323 89.15 26.11 -33.22
C ALA D 323 88.96 27.44 -33.93
N PRO D 324 89.25 28.56 -33.27
CA PRO D 324 89.00 29.87 -33.91
C PRO D 324 89.73 30.11 -35.22
N ASP D 325 90.95 29.61 -35.36
CA ASP D 325 91.77 29.87 -36.55
C ASP D 325 91.71 28.71 -37.54
N GLU D 326 90.56 28.05 -37.66
CA GLU D 326 90.46 26.86 -38.49
C GLU D 326 90.55 27.16 -39.98
N ASN D 327 90.40 28.41 -40.39
CA ASN D 327 90.44 28.77 -41.80
C ASN D 327 91.81 29.22 -42.28
N ASP D 328 92.77 29.41 -41.37
CA ASP D 328 94.14 29.70 -41.75
C ASP D 328 95.00 28.46 -41.95
N ILE D 329 94.56 27.32 -41.42
CA ILE D 329 95.31 26.07 -41.52
C ILE D 329 94.47 25.11 -42.36
N ASP D 330 94.96 24.81 -43.57
CA ASP D 330 94.22 23.94 -44.47
C ASP D 330 94.24 22.49 -43.98
N GLY D 331 93.07 21.85 -44.01
CA GLY D 331 92.94 20.49 -43.54
C GLY D 331 92.58 20.32 -42.09
N LEU D 332 92.15 21.38 -41.41
CA LEU D 332 91.80 21.29 -40.00
C LEU D 332 90.30 21.06 -39.78
N THR D 333 89.46 21.60 -40.66
CA THR D 333 88.02 21.38 -40.55
C THR D 333 87.68 19.91 -40.62
N ASP D 334 88.26 19.20 -41.60
CA ASP D 334 88.01 17.78 -41.73
C ASP D 334 88.52 17.00 -40.53
N SER D 335 89.68 17.38 -39.99
CA SER D 335 90.21 16.72 -38.81
C SER D 335 89.29 16.89 -37.61
N ILE D 336 88.74 18.09 -37.43
CA ILE D 336 87.84 18.33 -36.30
C ILE D 336 86.56 17.52 -36.46
N VAL D 337 85.98 17.52 -37.66
CA VAL D 337 84.74 16.77 -37.87
C VAL D 337 84.98 15.28 -37.70
N ALA D 338 86.15 14.79 -38.14
CA ALA D 338 86.46 13.38 -37.99
C ALA D 338 86.68 13.01 -36.52
N HIS D 339 87.34 13.89 -35.76
CA HIS D 339 87.48 13.68 -34.32
C HIS D 339 86.12 13.56 -33.65
N CYS D 340 85.20 14.46 -33.96
CA CYS D 340 83.89 14.41 -33.32
C CYS D 340 83.08 13.20 -33.76
N GLU D 341 83.22 12.77 -35.03
CA GLU D 341 82.48 11.60 -35.48
C GLU D 341 83.07 10.30 -34.96
N ASN D 342 84.38 10.25 -34.72
CA ASN D 342 85.00 9.03 -34.22
C ASN D 342 84.83 8.88 -32.72
N MET D 343 84.79 9.97 -31.97
CA MET D 343 84.45 9.84 -30.56
C MET D 343 82.98 9.51 -30.37
N GLY D 344 82.11 10.16 -31.15
CA GLY D 344 80.69 9.91 -31.10
C GLY D 344 79.97 10.54 -29.94
N ASP D 345 80.58 11.49 -29.24
CA ASP D 345 79.95 12.10 -28.07
C ASP D 345 80.20 13.59 -27.97
N ARG D 346 80.52 14.26 -29.07
CA ARG D 346 80.75 15.70 -29.03
C ARG D 346 80.28 16.31 -30.35
N PHE D 347 80.23 17.63 -30.36
CA PHE D 347 79.64 18.42 -31.45
C PHE D 347 80.65 19.47 -31.91
N ALA D 348 80.64 19.77 -33.20
CA ALA D 348 81.60 20.69 -33.79
C ALA D 348 80.91 21.97 -34.25
N ILE D 349 81.53 23.11 -33.93
CA ILE D 349 81.04 24.43 -34.29
C ILE D 349 82.02 25.02 -35.30
N LEU D 350 81.50 25.47 -36.44
CA LEU D 350 82.31 25.97 -37.54
C LEU D 350 81.83 27.35 -37.96
N GLN D 351 82.78 28.17 -38.38
CA GLN D 351 82.49 29.51 -38.85
C GLN D 351 82.98 29.68 -40.28
N SER D 352 82.33 30.58 -41.01
CA SER D 352 82.65 30.80 -42.41
C SER D 352 83.98 31.55 -42.55
N PRO D 353 84.50 31.66 -43.77
CA PRO D 353 85.66 32.53 -43.97
C PRO D 353 85.27 34.00 -43.92
N GLN D 354 86.29 34.86 -43.87
CA GLN D 354 86.03 36.28 -43.89
C GLN D 354 85.53 36.74 -45.27
N ASN D 355 85.91 36.03 -46.32
CA ASN D 355 85.43 36.32 -47.67
C ASN D 355 84.96 35.01 -48.29
N PRO D 356 83.67 34.66 -48.12
CA PRO D 356 83.19 33.38 -48.63
C PRO D 356 82.68 33.41 -50.07
N GLY D 357 82.69 34.56 -50.73
CA GLY D 357 82.32 34.64 -52.12
C GLY D 357 80.91 35.18 -52.34
N PRO D 358 80.37 34.96 -53.53
CA PRO D 358 78.99 35.39 -53.80
C PRO D 358 77.97 34.52 -53.08
N VAL D 359 76.82 35.11 -52.79
CA VAL D 359 75.80 34.44 -51.98
C VAL D 359 75.22 33.24 -52.72
N SER D 360 75.03 33.35 -54.03
CA SER D 360 74.40 32.29 -54.80
C SER D 360 75.31 31.07 -54.98
N GLU D 361 76.52 31.09 -54.45
CA GLU D 361 77.47 30.00 -54.65
C GLU D 361 77.99 29.40 -53.36
N MET D 362 77.47 29.81 -52.21
CA MET D 362 77.97 29.33 -50.93
C MET D 362 77.49 27.90 -50.66
N GLU D 363 78.34 27.14 -50.00
CA GLU D 363 78.03 25.76 -49.61
C GLU D 363 78.66 25.50 -48.25
N THR D 364 78.24 24.42 -47.63
CA THR D 364 78.93 24.07 -46.39
C THR D 364 80.15 23.22 -46.69
N PRO D 365 81.19 23.29 -45.85
CA PRO D 365 82.40 22.50 -46.14
C PRO D 365 82.18 21.00 -46.02
N VAL D 366 81.48 20.55 -44.99
CA VAL D 366 81.25 19.12 -44.78
C VAL D 366 79.76 18.83 -44.83
N ASP D 367 79.40 17.55 -44.80
CA ASP D 367 78.02 17.09 -44.82
C ASP D 367 77.75 16.18 -43.64
N SER D 368 78.22 16.58 -42.47
CA SER D 368 78.15 15.76 -41.26
C SER D 368 76.93 16.15 -40.43
N SER D 369 76.44 15.18 -39.67
CA SER D 369 75.43 15.43 -38.66
C SER D 369 76.01 15.88 -37.33
N TYR D 370 77.34 15.98 -37.23
CA TYR D 370 78.02 16.31 -35.99
C TYR D 370 78.61 17.72 -36.00
N ALA D 371 78.09 18.60 -36.85
CA ALA D 371 78.66 19.93 -37.02
C ALA D 371 77.56 20.94 -37.32
N ALA D 372 77.85 22.20 -37.03
CA ALA D 372 76.98 23.32 -37.36
C ALA D 372 77.83 24.48 -37.86
N TYR D 373 77.23 25.33 -38.70
CA TYR D 373 77.96 26.31 -39.50
C TYR D 373 77.31 27.68 -39.39
N TYR D 374 78.08 28.68 -38.94
CA TYR D 374 77.55 30.00 -38.62
C TYR D 374 78.20 31.09 -39.46
N TYR D 375 77.45 32.18 -39.67
CA TYR D 375 77.86 33.25 -40.56
C TYR D 375 77.12 34.53 -40.21
N PRO D 376 77.75 35.73 -40.32
CA PRO D 376 79.12 36.18 -40.61
C PRO D 376 80.00 36.49 -39.40
N TRP D 377 81.08 37.24 -39.62
CA TRP D 377 82.02 37.67 -38.59
C TRP D 377 81.45 38.85 -37.80
N VAL D 378 82.09 39.15 -36.66
CA VAL D 378 81.59 40.17 -35.74
C VAL D 378 82.70 41.17 -35.43
N ASN D 379 82.31 42.26 -34.76
CA ASN D 379 83.20 43.37 -34.42
C ASN D 379 83.31 43.50 -32.91
N VAL D 380 84.53 43.73 -32.41
CA VAL D 380 84.80 43.85 -30.98
C VAL D 380 85.78 45.00 -30.76
N LEU D 381 85.91 45.39 -29.50
CA LEU D 381 86.93 46.34 -29.05
C LEU D 381 88.21 45.61 -28.68
N ASP D 382 89.33 46.08 -29.21
CA ASP D 382 90.61 45.42 -28.99
C ASP D 382 91.31 46.06 -27.78
N PRO D 383 91.65 45.29 -26.74
CA PRO D 383 92.15 45.90 -25.50
C PRO D 383 93.58 46.39 -25.55
N VAL D 384 94.23 46.43 -26.72
CA VAL D 384 95.57 46.98 -26.82
C VAL D 384 95.63 48.21 -27.73
N THR D 385 94.64 48.39 -28.61
CA THR D 385 94.55 49.57 -29.44
C THR D 385 93.32 50.42 -29.17
N ASN D 386 92.32 49.85 -28.47
CA ASN D 386 91.07 50.53 -28.17
C ASN D 386 90.32 50.92 -29.45
N ARG D 387 90.42 50.07 -30.47
CA ARG D 387 89.74 50.25 -31.74
C ARG D 387 88.92 49.01 -32.05
N GLU D 388 88.07 49.12 -33.06
CA GLU D 388 87.28 47.97 -33.48
C GLU D 388 88.16 46.97 -34.24
N LYS D 389 87.74 45.71 -34.22
CA LYS D 389 88.48 44.61 -34.81
C LYS D 389 87.49 43.52 -35.19
N LEU D 390 87.74 42.86 -36.31
CA LEU D 390 86.84 41.87 -36.87
C LEU D 390 87.33 40.48 -36.53
N VAL D 391 86.45 39.67 -35.92
CA VAL D 391 86.82 38.34 -35.43
C VAL D 391 85.73 37.35 -35.80
N PRO D 392 86.07 36.05 -35.80
CA PRO D 392 85.04 35.04 -36.04
C PRO D 392 84.14 34.86 -34.83
N PRO D 393 82.89 34.43 -35.03
CA PRO D 393 81.92 34.39 -33.94
C PRO D 393 81.85 33.10 -33.12
N GLY D 394 82.87 32.24 -33.19
CA GLY D 394 82.72 30.89 -32.65
C GLY D 394 82.55 30.82 -31.15
N GLY D 395 83.37 31.55 -30.39
CA GLY D 395 83.33 31.45 -28.94
C GLY D 395 82.08 32.04 -28.34
N HIS D 396 81.60 33.15 -28.90
CA HIS D 396 80.33 33.73 -28.47
C HIS D 396 79.19 32.73 -28.64
N ILE D 397 79.21 31.98 -29.75
CA ILE D 397 78.16 31.01 -30.02
C ILE D 397 78.26 29.83 -29.07
N ALA D 398 79.47 29.38 -28.77
CA ALA D 398 79.62 28.31 -27.77
C ALA D 398 79.13 28.76 -26.40
N GLY D 399 79.37 30.02 -26.04
CA GLY D 399 78.84 30.54 -24.79
C GLY D 399 77.32 30.57 -24.77
N ILE D 400 76.71 30.91 -25.91
CA ILE D 400 75.25 30.87 -26.03
C ILE D 400 74.74 29.44 -25.85
N TYR D 401 75.41 28.46 -26.46
CA TYR D 401 75.07 27.06 -26.26
C TYR D 401 75.06 26.69 -24.79
N SER D 402 76.14 27.03 -24.08
CA SER D 402 76.26 26.70 -22.67
C SER D 402 75.16 27.36 -21.84
N ARG D 403 74.89 28.64 -22.10
CA ARG D 403 73.84 29.35 -21.36
C ARG D 403 72.48 28.71 -21.56
N THR D 404 72.11 28.45 -22.83
CA THR D 404 70.82 27.83 -23.11
C THR D 404 70.70 26.47 -22.45
N ASP D 405 71.79 25.69 -22.45
CA ASP D 405 71.76 24.40 -21.79
C ASP D 405 71.54 24.54 -20.29
N GLN D 406 72.11 25.59 -19.68
CA GLN D 406 71.97 25.76 -18.25
C GLN D 406 70.56 26.21 -17.86
N GLU D 407 69.93 27.08 -18.65
CA GLU D 407 68.67 27.67 -18.21
C GLU D 407 67.43 27.03 -18.83
N HIS D 408 67.56 26.21 -19.87
CA HIS D 408 66.39 25.62 -20.52
C HIS D 408 66.45 24.11 -20.65
N GLY D 409 67.63 23.53 -20.87
CA GLY D 409 67.77 22.12 -21.20
C GLY D 409 68.41 21.93 -22.56
N VAL D 410 68.80 20.67 -22.80
CA VAL D 410 69.46 20.32 -24.05
C VAL D 410 68.48 20.16 -25.21
N HIS D 411 67.19 20.15 -24.94
CA HIS D 411 66.16 20.04 -25.95
C HIS D 411 65.72 21.38 -26.52
N LYS D 412 66.27 22.49 -26.03
CA LYS D 412 65.90 23.82 -26.49
C LYS D 412 66.87 24.28 -27.58
N ALA D 413 66.31 24.77 -28.68
CA ALA D 413 67.13 25.25 -29.79
C ALA D 413 67.86 26.52 -29.38
N PRO D 414 69.17 26.58 -29.54
CA PRO D 414 69.92 27.79 -29.14
C PRO D 414 69.86 28.90 -30.19
N ALA D 415 68.64 29.29 -30.55
CA ALA D 415 68.40 30.37 -31.50
C ALA D 415 67.33 31.28 -30.94
N ASN D 416 67.22 32.47 -31.54
CA ASN D 416 66.42 33.58 -31.01
C ASN D 416 66.98 34.03 -29.66
N GLU D 417 68.31 34.08 -29.57
CA GLU D 417 69.02 34.49 -28.37
C GLU D 417 69.97 35.62 -28.72
N THR D 418 70.27 36.45 -27.72
CA THR D 418 71.07 37.65 -27.92
C THR D 418 72.55 37.36 -27.79
N LEU D 419 73.36 38.07 -28.57
CA LEU D 419 74.81 38.03 -28.46
C LEU D 419 75.30 39.21 -27.63
N ARG D 420 76.03 38.91 -26.58
CA ARG D 420 76.60 39.92 -25.71
C ARG D 420 78.11 40.01 -25.92
N GLY D 421 78.64 41.23 -25.83
CA GLY D 421 80.07 41.44 -25.90
C GLY D 421 80.60 41.91 -27.23
N ILE D 422 79.74 42.35 -28.15
CA ILE D 422 80.15 42.77 -29.48
C ILE D 422 79.67 44.20 -29.71
N VAL D 423 80.08 44.75 -30.85
CA VAL D 423 79.72 46.10 -31.25
C VAL D 423 78.84 46.11 -32.50
N GLY D 424 79.19 45.31 -33.50
CA GLY D 424 78.40 45.23 -34.71
C GLY D 424 78.75 43.98 -35.47
N LEU D 425 78.17 43.86 -36.66
CA LEU D 425 78.39 42.73 -37.55
C LEU D 425 79.25 43.14 -38.72
N GLN D 426 79.57 42.16 -39.57
CA GLN D 426 80.31 42.45 -40.80
C GLN D 426 79.36 42.95 -41.89
N HIS D 427 78.27 42.23 -42.12
CA HIS D 427 77.22 42.64 -43.03
C HIS D 427 75.88 42.50 -42.34
N ASN D 428 74.88 43.20 -42.87
CA ASN D 428 73.49 43.00 -42.47
C ASN D 428 72.80 42.17 -43.55
N ILE D 429 72.27 41.02 -43.16
CA ILE D 429 71.59 40.11 -44.07
C ILE D 429 70.09 40.42 -44.04
N THR D 430 69.47 40.42 -45.22
CA THR D 430 68.05 40.69 -45.34
C THR D 430 67.27 39.38 -45.34
N LYS D 431 65.94 39.50 -45.47
CA LYS D 431 65.08 38.33 -45.54
C LYS D 431 65.11 37.66 -46.90
N GLY D 432 65.46 38.38 -47.96
CA GLY D 432 65.55 37.76 -49.27
C GLY D 432 66.78 36.89 -49.44
N GLU D 433 67.88 37.22 -48.76
CA GLU D 433 69.09 36.43 -48.87
C GLU D 433 69.06 35.20 -47.99
N GLN D 434 68.34 35.25 -46.87
CA GLN D 434 68.24 34.08 -45.99
C GLN D 434 67.32 33.02 -46.58
N ASP D 435 66.42 33.38 -47.49
CA ASP D 435 65.63 32.39 -48.20
C ASP D 435 66.47 31.51 -49.11
N VAL D 436 67.71 31.89 -49.38
CA VAL D 436 68.61 31.11 -50.22
C VAL D 436 69.59 30.34 -49.34
N LEU D 437 69.97 30.94 -48.21
CA LEU D 437 70.98 30.36 -47.34
C LEU D 437 70.43 29.34 -46.37
N ASN D 438 69.21 29.55 -45.86
CA ASN D 438 68.69 28.67 -44.83
C ASN D 438 68.43 27.25 -45.31
N PRO D 439 67.85 27.00 -46.49
CA PRO D 439 67.69 25.61 -46.95
C PRO D 439 69.00 24.89 -47.23
N LYS D 440 70.14 25.56 -47.11
CA LYS D 440 71.44 24.95 -47.37
C LYS D 440 72.21 24.56 -46.11
N GLY D 441 71.64 24.80 -44.93
CA GLY D 441 72.30 24.46 -43.69
C GLY D 441 73.22 25.52 -43.13
N ILE D 442 73.14 26.74 -43.62
CA ILE D 442 74.00 27.84 -43.19
C ILE D 442 73.20 28.70 -42.22
N ASN D 443 73.71 28.89 -41.00
CA ASN D 443 73.00 29.65 -39.98
C ASN D 443 73.48 31.09 -39.95
N CYS D 444 72.54 32.01 -39.77
CA CYS D 444 72.80 33.43 -39.91
C CYS D 444 72.68 34.14 -38.58
N ILE D 445 73.48 35.19 -38.42
CA ILE D 445 73.38 36.11 -37.30
C ILE D 445 72.88 37.44 -37.86
N ARG D 446 71.71 37.88 -37.40
CA ARG D 446 71.04 39.04 -37.98
C ARG D 446 70.78 40.08 -36.90
N SER D 447 70.38 41.27 -37.34
CA SER D 447 70.09 42.38 -36.44
C SER D 447 68.74 42.97 -36.79
N PHE D 448 67.82 42.96 -35.82
CA PHE D 448 66.48 43.47 -36.00
C PHE D 448 66.33 44.81 -35.29
N GLN D 449 65.58 45.72 -35.91
CA GLN D 449 65.33 47.03 -35.34
C GLN D 449 64.33 46.90 -34.20
N GLY D 450 64.72 47.36 -33.01
CA GLY D 450 63.91 47.20 -31.83
C GLY D 450 64.17 45.93 -31.04
N ARG D 451 64.95 45.00 -31.58
CA ARG D 451 65.19 43.72 -30.91
C ARG D 451 66.66 43.36 -30.75
N GLY D 452 67.57 43.90 -31.56
CA GLY D 452 68.98 43.65 -31.35
C GLY D 452 69.56 42.61 -32.29
N ILE D 453 70.74 42.11 -31.92
CA ILE D 453 71.47 41.13 -32.71
C ILE D 453 71.20 39.74 -32.16
N ARG D 454 70.75 38.83 -33.03
CA ARG D 454 70.34 37.50 -32.61
C ARG D 454 70.77 36.45 -33.62
N VAL D 455 70.87 35.22 -33.15
CA VAL D 455 71.10 34.06 -34.00
C VAL D 455 69.76 33.58 -34.55
N TRP D 456 69.67 33.44 -35.88
CA TRP D 456 68.40 33.12 -36.55
C TRP D 456 68.63 31.88 -37.42
N GLY D 457 68.55 30.71 -36.82
CA GLY D 457 68.78 29.46 -37.53
C GLY D 457 69.35 28.37 -36.65
N ALA D 458 68.82 27.16 -36.74
CA ALA D 458 69.17 26.07 -35.82
C ALA D 458 69.29 24.73 -36.54
N ARG D 459 69.98 24.70 -37.67
CA ARG D 459 70.14 23.47 -38.44
C ARG D 459 71.58 22.96 -38.40
N THR D 460 71.74 21.69 -38.77
CA THR D 460 73.05 21.08 -38.97
C THR D 460 73.42 21.08 -40.45
N THR D 461 74.68 20.74 -40.72
CA THR D 461 75.18 20.63 -42.08
C THR D 461 74.74 19.35 -42.78
N SER D 462 73.88 18.56 -42.17
CA SER D 462 73.57 17.22 -42.65
C SER D 462 72.55 17.25 -43.78
N SER D 463 72.64 16.24 -44.64
CA SER D 463 71.67 16.03 -45.71
C SER D 463 70.61 15.00 -45.37
N ASP D 464 70.88 14.13 -44.40
CA ASP D 464 69.88 13.18 -43.92
C ASP D 464 68.69 13.92 -43.33
N PRO D 465 67.46 13.59 -43.73
CA PRO D 465 66.29 14.30 -43.18
C PRO D 465 66.02 13.96 -41.72
N GLU D 466 66.63 12.92 -41.19
CA GLU D 466 66.39 12.51 -39.81
C GLU D 466 67.18 13.33 -38.80
N TRP D 467 68.25 14.01 -39.22
CA TRP D 467 69.10 14.79 -38.33
C TRP D 467 69.18 16.23 -38.80
N LYS D 468 68.05 16.79 -39.21
CA LYS D 468 68.01 18.15 -39.71
C LYS D 468 68.17 19.19 -38.61
N TYR D 469 67.65 18.95 -37.42
CA TYR D 469 67.65 19.91 -36.34
C TYR D 469 68.70 19.55 -35.29
N LEU D 470 69.23 20.59 -34.64
CA LEU D 470 70.42 20.50 -33.82
C LEU D 470 70.13 19.92 -32.44
N ASN D 471 69.00 20.33 -31.86
CA ASN D 471 68.65 19.89 -30.51
C ASN D 471 68.35 18.39 -30.46
N VAL D 472 67.90 17.81 -31.57
CA VAL D 472 67.64 16.37 -31.61
C VAL D 472 68.94 15.60 -31.51
N ARG D 473 69.97 16.03 -32.24
CA ARG D 473 71.28 15.43 -32.14
C ARG D 473 71.86 15.57 -30.75
N ARG D 474 71.73 16.76 -30.14
CA ARG D 474 72.29 16.95 -28.80
C ARG D 474 71.57 16.09 -27.76
N LEU D 475 70.25 15.99 -27.86
CA LEU D 475 69.50 15.12 -26.95
C LEU D 475 69.92 13.66 -27.08
N PHE D 476 70.11 13.19 -28.31
CA PHE D 476 70.53 11.81 -28.48
C PHE D 476 71.93 11.57 -27.94
N LEU D 477 72.85 12.51 -28.14
CA LEU D 477 74.18 12.38 -27.54
C LEU D 477 74.08 12.23 -26.03
N PHE D 478 73.32 13.12 -25.39
CA PHE D 478 73.14 13.07 -23.94
C PHE D 478 72.61 11.72 -23.48
N ILE D 479 71.52 11.27 -24.11
CA ILE D 479 70.87 10.03 -23.69
C ILE D 479 71.81 8.83 -23.87
N GLU D 480 72.48 8.76 -25.02
CA GLU D 480 73.31 7.60 -25.31
C GLU D 480 74.52 7.53 -24.39
N GLN D 481 75.13 8.67 -24.08
CA GLN D 481 76.26 8.62 -23.17
C GLN D 481 75.84 8.25 -21.75
N SER D 482 74.69 8.77 -21.30
CA SER D 482 74.21 8.38 -19.98
C SER D 482 73.98 6.87 -19.90
N ILE D 483 73.33 6.31 -20.91
CA ILE D 483 73.08 4.87 -20.93
C ILE D 483 74.39 4.10 -20.95
N GLN D 484 75.34 4.52 -21.79
CA GLN D 484 76.60 3.80 -21.88
C GLN D 484 77.34 3.78 -20.54
N GLU D 485 77.38 4.91 -19.85
CA GLU D 485 78.19 4.99 -18.63
C GLU D 485 77.48 4.44 -17.40
N GLY D 486 76.16 4.40 -17.38
CA GLY D 486 75.45 3.95 -16.21
C GLY D 486 74.87 2.56 -16.23
N THR D 487 75.49 1.60 -16.94
CA THR D 487 74.93 0.25 -17.02
C THR D 487 76.03 -0.81 -16.97
N GLN D 488 77.21 -0.48 -16.47
CA GLN D 488 78.30 -1.44 -16.45
C GLN D 488 78.15 -2.49 -15.37
N TRP D 489 77.15 -2.38 -14.49
CA TRP D 489 76.91 -3.41 -13.49
C TRP D 489 76.28 -4.66 -14.08
N ALA D 490 75.76 -4.59 -15.30
CA ALA D 490 74.97 -5.66 -15.88
C ALA D 490 75.80 -6.66 -16.68
N VAL D 491 77.08 -6.42 -16.86
CA VAL D 491 77.92 -7.33 -17.63
C VAL D 491 78.26 -8.53 -16.77
N PHE D 492 78.11 -9.73 -17.34
CA PHE D 492 78.38 -11.03 -16.73
C PHE D 492 77.32 -11.43 -15.70
N GLU D 493 76.18 -10.77 -15.67
CA GLU D 493 75.08 -11.15 -14.80
C GLU D 493 74.27 -12.27 -15.46
N PRO D 494 73.52 -13.03 -14.67
CA PRO D 494 72.71 -14.11 -15.25
C PRO D 494 71.71 -13.58 -16.28
N ASN D 495 71.58 -14.32 -17.38
CA ASN D 495 70.72 -13.95 -18.50
C ASN D 495 69.34 -14.57 -18.31
N GLU D 496 68.58 -13.99 -17.38
CA GLU D 496 67.27 -14.51 -17.01
C GLU D 496 66.39 -13.35 -16.54
N GLN D 497 65.13 -13.70 -16.21
CA GLN D 497 64.06 -12.71 -16.15
C GLN D 497 64.29 -11.63 -15.09
N ASP D 498 65.02 -11.93 -14.02
CA ASP D 498 65.26 -10.92 -12.99
C ASP D 498 66.11 -9.77 -13.51
N THR D 499 67.22 -10.10 -14.18
CA THR D 499 68.06 -9.07 -14.78
C THR D 499 67.29 -8.26 -15.81
N TRP D 500 66.44 -8.93 -16.58
CA TRP D 500 65.64 -8.26 -17.60
C TRP D 500 64.71 -7.23 -16.99
N GLY D 501 63.97 -7.63 -15.95
CA GLY D 501 63.09 -6.70 -15.28
C GLY D 501 63.83 -5.54 -14.67
N ARG D 502 65.00 -5.80 -14.09
CA ARG D 502 65.79 -4.75 -13.46
C ARG D 502 66.23 -3.70 -14.49
N ILE D 503 66.78 -4.16 -15.61
CA ILE D 503 67.25 -3.25 -16.66
C ILE D 503 66.09 -2.45 -17.23
N ARG D 504 64.99 -3.12 -17.54
CA ARG D 504 63.81 -2.44 -18.06
C ARG D 504 63.33 -1.34 -17.12
N GLN D 505 63.28 -1.64 -15.82
CA GLN D 505 62.81 -0.67 -14.84
C GLN D 505 63.72 0.57 -14.80
N SER D 506 65.03 0.35 -14.78
CA SER D 506 65.95 1.48 -14.75
C SER D 506 65.78 2.39 -15.95
N VAL D 507 65.77 1.80 -17.16
CA VAL D 507 65.71 2.63 -18.36
C VAL D 507 64.37 3.35 -18.44
N THR D 508 63.29 2.70 -18.02
CA THR D 508 61.99 3.37 -18.00
C THR D 508 61.98 4.57 -17.07
N ASN D 509 62.59 4.44 -15.88
CA ASN D 509 62.64 5.58 -14.97
C ASN D 509 63.40 6.75 -15.59
N PHE D 510 64.55 6.48 -16.20
CA PHE D 510 65.32 7.56 -16.83
C PHE D 510 64.53 8.25 -17.93
N LEU D 511 63.88 7.47 -18.80
CA LEU D 511 63.15 8.09 -19.91
C LEU D 511 61.92 8.84 -19.44
N ARG D 512 61.26 8.37 -18.37
CA ARG D 512 60.13 9.12 -17.84
C ARG D 512 60.57 10.44 -17.24
N THR D 513 61.74 10.47 -16.61
CA THR D 513 62.28 11.74 -16.13
C THR D 513 62.54 12.69 -17.30
N VAL D 514 63.14 12.18 -18.38
CA VAL D 514 63.39 13.03 -19.55
C VAL D 514 62.08 13.56 -20.11
N TRP D 515 61.03 12.73 -20.14
CA TRP D 515 59.74 13.15 -20.67
C TRP D 515 59.10 14.24 -19.82
N ARG D 516 59.20 14.12 -18.48
CA ARG D 516 58.57 15.12 -17.61
C ARG D 516 59.17 16.50 -17.74
N ASN D 517 60.42 16.63 -18.17
CA ASN D 517 61.08 17.91 -18.30
C ASN D 517 60.88 18.57 -19.65
N GLY D 518 60.00 18.04 -20.49
CA GLY D 518 59.69 18.66 -21.76
C GLY D 518 60.53 18.21 -22.94
N GLY D 519 61.35 17.18 -22.78
CA GLY D 519 62.21 16.74 -23.87
C GLY D 519 61.54 15.81 -24.85
N LEU D 520 60.55 15.05 -24.40
CA LEU D 520 59.81 14.13 -25.26
C LEU D 520 58.38 14.63 -25.40
N GLN D 521 57.71 14.13 -26.44
CA GLN D 521 56.44 14.70 -26.87
C GLN D 521 55.34 13.65 -26.82
N GLY D 522 54.23 13.99 -26.19
CA GLY D 522 53.07 13.13 -26.10
C GLY D 522 52.30 13.38 -24.82
N GLN D 523 50.98 13.20 -24.90
CA GLN D 523 50.11 13.38 -23.76
C GLN D 523 50.10 12.19 -22.81
N SER D 524 50.71 11.07 -23.20
CA SER D 524 50.80 9.90 -22.34
C SER D 524 52.19 9.31 -22.50
N GLU D 525 52.50 8.35 -21.62
CA GLU D 525 53.81 7.70 -21.68
C GLU D 525 53.94 6.81 -22.91
N ASP D 526 52.84 6.20 -23.35
CA ASP D 526 52.88 5.34 -24.53
C ASP D 526 53.16 6.11 -25.79
N ASP D 527 52.83 7.41 -25.82
CA ASP D 527 53.11 8.23 -26.98
C ASP D 527 54.56 8.68 -27.03
N ALA D 528 55.22 8.77 -25.88
CA ALA D 528 56.55 9.37 -25.81
C ALA D 528 57.68 8.38 -26.00
N PHE D 529 57.55 7.14 -25.50
CA PHE D 529 58.64 6.18 -25.57
C PHE D 529 58.13 4.78 -25.22
N TYR D 530 58.99 3.79 -25.49
CA TYR D 530 58.80 2.43 -25.02
C TYR D 530 60.16 1.75 -24.83
N VAL D 531 60.17 0.74 -23.97
CA VAL D 531 61.35 -0.09 -23.68
C VAL D 531 60.93 -1.55 -23.68
N LYS D 532 61.74 -2.41 -24.31
CA LYS D 532 61.44 -3.83 -24.45
C LYS D 532 62.67 -4.68 -24.14
N CYS D 533 62.48 -5.70 -23.29
CA CYS D 533 63.53 -6.66 -22.98
C CYS D 533 62.86 -7.93 -22.46
N GLY D 534 63.01 -9.03 -23.18
CA GLY D 534 62.38 -10.28 -22.77
C GLY D 534 62.51 -11.33 -23.85
N GLU D 535 61.45 -12.13 -23.99
CA GLU D 535 61.42 -13.17 -25.02
C GLU D 535 60.88 -12.66 -26.35
N GLU D 536 60.50 -11.39 -26.43
CA GLU D 536 60.15 -10.79 -27.71
C GLU D 536 61.36 -10.20 -28.41
N THR D 537 62.42 -9.88 -27.67
CA THR D 537 63.64 -9.34 -28.27
C THR D 537 64.75 -10.36 -28.37
N MET D 538 64.75 -11.39 -27.52
CA MET D 538 65.80 -12.39 -27.48
C MET D 538 65.26 -13.74 -27.89
N SER D 539 66.04 -14.48 -28.67
CA SER D 539 65.76 -15.87 -29.01
C SER D 539 66.69 -16.78 -28.22
N GLU D 540 66.63 -18.07 -28.52
CA GLU D 540 67.43 -19.05 -27.79
C GLU D 540 68.88 -19.05 -28.27
N ASP D 541 69.09 -18.84 -29.57
CA ASP D 541 70.45 -18.68 -30.09
C ASP D 541 71.15 -17.49 -29.44
N ASP D 542 70.38 -16.46 -29.06
CA ASP D 542 70.96 -15.33 -28.35
C ASP D 542 71.42 -15.73 -26.95
N ILE D 543 70.57 -16.43 -26.20
CA ILE D 543 70.92 -16.84 -24.85
C ILE D 543 72.12 -17.77 -24.87
N ASP D 544 72.20 -18.68 -25.83
CA ASP D 544 73.32 -19.61 -25.88
C ASP D 544 74.65 -18.94 -26.20
N ASN D 545 74.63 -17.72 -26.73
CA ASN D 545 75.85 -17.03 -27.11
C ASN D 545 76.18 -15.83 -26.23
N GLY D 546 75.34 -15.53 -25.24
CA GLY D 546 75.68 -14.50 -24.27
C GLY D 546 75.21 -13.10 -24.60
N ARG D 547 74.16 -12.96 -25.40
CA ARG D 547 73.68 -11.65 -25.83
C ARG D 547 72.41 -11.27 -25.08
N LEU D 548 72.39 -10.05 -24.54
CA LEU D 548 71.20 -9.48 -23.92
C LEU D 548 70.82 -8.24 -24.71
N ILE D 549 69.60 -8.23 -25.28
CA ILE D 549 69.19 -7.21 -26.22
C ILE D 549 68.04 -6.40 -25.63
N VAL D 550 68.16 -5.08 -25.69
CA VAL D 550 67.14 -4.14 -25.20
C VAL D 550 66.78 -3.21 -26.36
N GLU D 551 65.49 -3.00 -26.60
CA GLU D 551 65.03 -2.13 -27.67
C GLU D 551 64.27 -0.94 -27.11
N ILE D 552 64.66 0.26 -27.53
CA ILE D 552 64.09 1.50 -27.00
C ILE D 552 63.60 2.35 -28.16
N GLY D 553 62.41 2.91 -28.02
CA GLY D 553 61.88 3.83 -29.01
C GLY D 553 61.45 5.13 -28.39
N VAL D 554 61.78 6.23 -29.04
CA VAL D 554 61.64 7.57 -28.45
C VAL D 554 61.10 8.54 -29.49
N ALA D 555 60.51 9.63 -29.02
CA ALA D 555 59.92 10.66 -29.88
C ALA D 555 60.36 12.05 -29.42
N PRO D 556 61.36 12.64 -30.08
CA PRO D 556 61.87 13.95 -29.66
C PRO D 556 60.98 15.10 -30.11
N VAL D 557 61.19 16.25 -29.49
CA VAL D 557 60.45 17.47 -29.80
C VAL D 557 61.31 18.36 -30.69
N LYS D 558 60.68 19.07 -31.60
CA LYS D 558 61.34 19.87 -32.62
C LYS D 558 60.88 21.32 -32.52
N PRO D 559 61.67 22.27 -33.03
CA PRO D 559 61.34 23.68 -32.87
C PRO D 559 60.26 24.16 -33.83
N ALA D 560 59.73 25.34 -33.52
CA ALA D 560 58.73 26.01 -34.35
C ALA D 560 59.46 27.09 -35.14
N GLU D 561 59.70 26.81 -36.43
CA GLU D 561 60.49 27.69 -37.27
C GLU D 561 59.64 28.67 -38.06
N PHE D 562 58.40 28.29 -38.38
CA PHE D 562 57.48 29.13 -39.13
C PHE D 562 56.19 29.24 -38.34
N VAL D 563 55.84 30.46 -37.93
CA VAL D 563 54.63 30.74 -37.18
C VAL D 563 53.65 31.38 -38.14
N ILE D 564 52.53 30.71 -38.40
CA ILE D 564 51.61 31.06 -39.48
C ILE D 564 50.25 31.40 -38.88
N PHE D 565 49.67 32.51 -39.33
CA PHE D 565 48.35 32.95 -38.92
C PHE D 565 47.47 33.10 -40.15
N ARG D 566 46.43 32.27 -40.24
CA ARG D 566 45.48 32.30 -41.34
C ARG D 566 44.17 32.90 -40.83
N ILE D 567 43.84 34.10 -41.29
CA ILE D 567 42.73 34.88 -40.76
C ILE D 567 41.68 35.07 -41.87
N SER D 568 40.42 34.91 -41.51
CA SER D 568 39.31 35.04 -42.46
C SER D 568 38.16 35.78 -41.79
N GLN D 569 37.08 35.98 -42.56
CA GLN D 569 35.89 36.68 -42.10
C GLN D 569 34.74 35.74 -41.78
N ASP D 570 34.91 34.43 -41.95
CA ASP D 570 33.80 33.51 -41.80
C ASP D 570 33.66 33.08 -40.34
N THR D 571 32.44 33.16 -39.82
CA THR D 571 32.10 32.73 -38.47
C THR D 571 32.99 33.38 -37.41
N SER E 2 51.31 29.66 -49.64
CA SER E 2 52.53 30.45 -49.49
C SER E 2 53.74 29.53 -49.33
N GLU E 3 54.94 30.08 -49.50
CA GLU E 3 56.17 29.34 -49.34
C GLU E 3 56.97 29.90 -48.16
N TYR E 4 57.57 29.00 -47.39
CA TYR E 4 58.26 29.36 -46.14
C TYR E 4 59.72 28.91 -46.26
N GLN E 5 60.62 29.86 -46.50
CA GLN E 5 62.03 29.57 -46.68
C GLN E 5 62.93 30.17 -45.60
N SER E 6 62.50 31.21 -44.92
CA SER E 6 63.27 31.77 -43.81
C SER E 6 62.37 31.90 -42.59
N PRO E 7 62.94 31.72 -41.39
CA PRO E 7 62.12 31.73 -40.17
C PRO E 7 61.52 33.09 -39.87
N GLY E 8 60.34 33.06 -39.28
CA GLY E 8 59.66 34.29 -38.91
C GLY E 8 58.18 34.05 -38.68
N VAL E 9 57.44 35.16 -38.65
CA VAL E 9 55.99 35.16 -38.45
C VAL E 9 55.32 35.51 -39.78
N TYR E 10 54.26 34.79 -40.11
CA TYR E 10 53.51 34.99 -41.34
C TYR E 10 52.03 35.17 -41.02
N VAL E 11 51.41 36.17 -41.66
CA VAL E 11 49.98 36.43 -41.51
C VAL E 11 49.35 36.39 -42.90
N GLU E 12 48.30 35.58 -43.05
CA GLU E 12 47.68 35.34 -44.35
C GLU E 12 46.17 35.53 -44.26
N GLU E 13 45.60 36.03 -45.35
CA GLU E 13 44.16 36.27 -45.45
C GLU E 13 43.51 35.17 -46.28
N VAL E 14 42.32 34.76 -45.84
CA VAL E 14 41.57 33.70 -46.49
C VAL E 14 40.26 34.27 -47.01
N GLN E 15 39.72 33.66 -48.06
CA GLN E 15 38.43 34.06 -48.61
C GLN E 15 37.30 33.44 -47.79
N SER E 16 36.20 34.20 -47.65
CA SER E 16 35.10 33.81 -46.80
C SER E 16 34.08 32.96 -47.57
N GLY E 17 32.99 32.60 -46.91
CA GLY E 17 32.05 31.61 -47.41
C GLY E 17 30.89 32.13 -48.22
N SER E 18 30.74 33.44 -48.38
CA SER E 18 29.68 33.97 -49.23
C SER E 18 30.00 35.42 -49.58
N LYS E 19 29.57 35.83 -50.77
CA LYS E 19 29.78 37.17 -51.27
C LYS E 19 28.45 37.78 -51.68
N SER E 20 28.24 39.02 -51.27
CA SER E 20 26.93 39.66 -51.44
C SER E 20 26.71 40.09 -52.88
N VAL E 21 25.45 40.01 -53.30
CA VAL E 21 25.00 40.54 -54.59
C VAL E 21 24.13 41.75 -54.31
N GLU E 22 24.25 42.79 -55.13
CA GLU E 22 23.49 44.01 -54.97
C GLU E 22 22.61 44.25 -56.19
N GLY E 23 21.38 44.68 -55.97
CA GLY E 23 20.47 44.95 -57.06
C GLY E 23 20.83 46.22 -57.83
N VAL E 24 20.39 46.25 -59.08
CA VAL E 24 20.72 47.34 -59.99
C VAL E 24 19.54 48.31 -60.08
N SER E 25 19.81 49.48 -60.66
CA SER E 25 18.78 50.48 -60.87
C SER E 25 17.73 49.99 -61.87
N THR E 26 16.49 50.46 -61.68
CA THR E 26 15.38 50.01 -62.51
C THR E 26 14.39 51.09 -62.94
N SER E 27 14.68 52.38 -62.72
CA SER E 27 13.70 53.43 -63.01
C SER E 27 14.28 54.58 -63.83
N THR E 28 15.31 54.33 -64.63
CA THR E 28 15.88 55.34 -65.51
C THR E 28 15.36 55.14 -66.93
N ALA E 29 15.14 56.25 -67.63
CA ALA E 29 14.56 56.23 -68.97
C ALA E 29 15.49 56.93 -69.96
N GLY E 30 15.24 56.67 -71.23
CA GLY E 30 15.98 57.32 -72.30
C GLY E 30 15.05 57.87 -73.35
N PHE E 31 15.32 59.11 -73.77
CA PHE E 31 14.47 59.81 -74.73
C PHE E 31 15.29 60.31 -75.90
N LEU E 32 14.69 60.29 -77.09
CA LEU E 32 15.31 60.77 -78.32
C LEU E 32 14.35 61.71 -79.04
N GLY E 33 14.90 62.73 -79.67
CA GLY E 33 14.08 63.71 -80.38
C GLY E 33 14.81 65.01 -80.58
N GLN E 34 14.11 65.94 -81.23
CA GLN E 34 14.68 67.21 -81.66
C GLN E 34 14.56 68.29 -80.60
N THR E 35 15.57 69.14 -80.53
CA THR E 35 15.62 70.29 -79.63
C THR E 35 16.17 71.48 -80.41
N GLU E 36 16.24 72.65 -79.77
CA GLU E 36 16.76 73.85 -80.42
C GLU E 36 18.22 74.11 -80.07
N ARG E 37 18.65 73.79 -78.86
CA ARG E 37 20.04 73.96 -78.41
C ARG E 37 20.54 72.62 -77.87
N GLY E 38 21.82 72.58 -77.54
CA GLY E 38 22.36 71.49 -76.76
C GLY E 38 23.38 70.64 -77.48
N PRO E 39 24.10 69.83 -76.71
CA PRO E 39 25.04 68.89 -77.31
C PRO E 39 24.33 67.65 -77.84
N VAL E 40 25.05 66.90 -78.68
CA VAL E 40 24.51 65.69 -79.29
C VAL E 40 25.00 64.41 -78.63
N GLU E 41 25.78 64.51 -77.55
CA GLU E 41 26.09 63.34 -76.75
C GLU E 41 25.05 63.20 -75.64
N PRO E 42 24.74 61.97 -75.22
CA PRO E 42 23.68 61.78 -74.22
C PRO E 42 24.06 62.38 -72.87
N ARG E 43 23.10 63.05 -72.25
CA ARG E 43 23.35 63.71 -70.98
C ARG E 43 22.25 63.36 -69.98
N LEU E 44 22.62 63.29 -68.70
CA LEU E 44 21.70 62.93 -67.64
C LEU E 44 21.00 64.18 -67.10
N VAL E 45 19.69 64.06 -66.91
CA VAL E 45 18.84 65.13 -66.41
C VAL E 45 18.02 64.55 -65.26
N THR E 46 17.87 65.32 -64.18
CA THR E 46 17.14 64.86 -63.00
C THR E 46 15.97 65.77 -62.65
N ASN E 47 15.62 66.71 -63.51
CA ASN E 47 14.65 67.74 -63.18
C ASN E 47 14.33 68.49 -64.46
N TYR E 48 13.14 69.08 -64.52
CA TYR E 48 12.71 69.73 -65.76
C TYR E 48 13.40 71.07 -65.98
N ALA E 49 13.77 71.76 -64.89
CA ALA E 49 14.51 73.01 -65.05
C ALA E 49 15.89 72.78 -65.64
N ASP E 50 16.53 71.67 -65.27
CA ASP E 50 17.77 71.27 -65.93
C ASP E 50 17.58 71.11 -67.43
N PHE E 51 16.47 70.48 -67.82
CA PHE E 51 16.19 70.28 -69.24
C PHE E 51 16.04 71.61 -69.96
N GLU E 52 15.23 72.52 -69.42
CA GLU E 52 15.07 73.82 -70.07
C GLU E 52 16.37 74.61 -70.10
N ARG E 53 17.22 74.44 -69.08
CA ARG E 53 18.48 75.17 -69.05
C ARG E 53 19.50 74.65 -70.06
N LEU E 54 19.57 73.34 -70.24
CA LEU E 54 20.58 72.76 -71.13
C LEU E 54 20.13 72.68 -72.58
N TYR E 55 18.84 72.54 -72.84
CA TYR E 55 18.36 72.25 -74.18
C TYR E 55 17.41 73.29 -74.74
N GLY E 56 16.46 73.78 -73.95
CA GLY E 56 15.51 74.76 -74.43
C GLY E 56 14.16 74.17 -74.81
N ALA E 57 13.60 74.63 -75.93
CA ALA E 57 12.31 74.16 -76.41
C ALA E 57 12.48 73.33 -77.67
N SER E 58 11.37 72.69 -78.08
CA SER E 58 11.37 71.89 -79.30
C SER E 58 10.80 72.68 -80.46
N PRO E 59 11.22 72.38 -81.68
CA PRO E 59 10.62 72.99 -82.87
C PRO E 59 9.18 72.49 -83.06
N LYS E 60 8.55 72.99 -84.12
CA LYS E 60 7.16 72.65 -84.37
C LYS E 60 7.00 71.23 -84.92
N SER E 61 8.08 70.57 -85.29
CA SER E 61 8.02 69.23 -85.85
C SER E 61 8.39 68.15 -84.84
N SER E 62 8.40 68.49 -83.55
CA SER E 62 8.79 67.54 -82.52
C SER E 62 7.97 67.79 -81.26
N ASP E 63 7.86 66.77 -80.43
CA ASP E 63 7.11 66.86 -79.18
C ASP E 63 7.89 66.27 -78.02
N LEU E 64 9.17 66.60 -77.96
CA LEU E 64 10.05 66.10 -76.90
C LEU E 64 9.81 66.83 -75.58
N ASP E 65 9.72 68.16 -75.65
CA ASP E 65 9.49 68.97 -74.45
C ASP E 65 8.25 68.52 -73.69
N ALA E 66 7.19 68.23 -74.43
CA ALA E 66 5.93 67.80 -73.82
C ALA E 66 6.08 66.44 -73.16
N ALA E 67 6.86 65.55 -73.78
CA ALA E 67 7.03 64.20 -73.23
C ALA E 67 7.87 64.22 -71.98
N VAL E 68 8.93 65.05 -71.94
CA VAL E 68 9.75 65.15 -70.74
C VAL E 68 8.97 65.80 -69.60
N ASP E 69 8.15 66.80 -69.93
CA ASP E 69 7.29 67.41 -68.93
C ASP E 69 6.30 66.41 -68.36
N GLY E 70 5.68 65.60 -69.22
CA GLY E 70 4.78 64.56 -68.73
C GLY E 70 5.50 63.49 -67.92
N PHE E 71 6.76 63.21 -68.26
CA PHE E 71 7.54 62.26 -67.47
C PHE E 71 7.73 62.77 -66.04
N PHE E 72 8.16 64.02 -65.90
CA PHE E 72 8.46 64.53 -64.57
C PHE E 72 7.21 64.91 -63.78
N LYS E 73 6.08 65.20 -64.44
CA LYS E 73 4.85 65.48 -63.71
C LYS E 73 4.25 64.24 -63.07
N ASN E 74 4.67 63.04 -63.50
CA ASN E 74 4.06 61.80 -63.06
C ASN E 74 4.92 61.04 -62.06
N GLY E 75 6.02 61.64 -61.60
CA GLY E 75 6.86 61.02 -60.60
C GLY E 75 8.13 60.35 -61.11
N GLY E 76 8.60 60.71 -62.30
CA GLY E 76 9.85 60.17 -62.78
C GLY E 76 11.05 60.80 -62.11
N SER E 77 12.16 60.04 -62.11
CA SER E 77 13.36 60.43 -61.37
C SER E 77 14.50 60.88 -62.26
N ARG E 78 14.85 60.12 -63.29
CA ARG E 78 16.06 60.40 -64.06
C ARG E 78 15.84 60.10 -65.54
N CYS E 79 16.28 61.03 -66.38
CA CYS E 79 16.24 60.88 -67.82
C CYS E 79 17.65 60.90 -68.40
N PHE E 80 17.84 60.19 -69.49
CA PHE E 80 18.99 60.37 -70.37
C PHE E 80 18.48 60.93 -71.68
N ILE E 81 18.94 62.12 -72.03
CA ILE E 81 18.49 62.82 -73.22
C ILE E 81 19.55 62.67 -74.31
N GLY E 82 19.10 62.31 -75.51
CA GLY E 82 19.93 62.30 -76.70
C GLY E 82 19.33 63.15 -77.80
N ARG E 83 20.04 64.19 -78.21
CA ARG E 83 19.53 65.16 -79.18
C ARG E 83 19.83 64.70 -80.59
N VAL E 84 18.79 64.63 -81.42
CA VAL E 84 18.90 64.27 -82.82
C VAL E 84 18.81 65.55 -83.65
N SER E 85 19.74 65.72 -84.58
CA SER E 85 19.82 66.96 -85.34
C SER E 85 20.00 66.66 -86.83
N GLY E 86 19.33 67.46 -87.66
CA GLY E 86 19.46 67.34 -89.10
C GLY E 86 20.68 68.03 -89.69
N ALA E 87 21.41 68.79 -88.89
CA ALA E 87 22.61 69.47 -89.36
C ALA E 87 23.85 68.63 -89.10
N ASP E 88 24.89 68.89 -89.90
CA ASP E 88 26.16 68.22 -89.70
C ASP E 88 26.73 68.54 -88.32
N ILE E 89 27.43 67.56 -87.75
CA ILE E 89 27.93 67.68 -86.39
C ILE E 89 28.96 68.80 -86.26
N ASP E 90 29.66 69.14 -87.35
CA ASP E 90 30.70 70.15 -87.32
C ASP E 90 30.24 71.51 -87.84
N ASP E 91 28.93 71.67 -88.09
CA ASP E 91 28.36 72.96 -88.49
C ASP E 91 28.08 73.77 -87.23
N VAL E 92 29.16 74.28 -86.64
CA VAL E 92 29.15 74.95 -85.35
C VAL E 92 29.70 76.36 -85.51
N ALA E 93 29.11 77.31 -84.78
CA ALA E 93 29.60 78.68 -84.79
C ALA E 93 30.84 78.83 -83.92
N THR E 94 31.77 79.66 -84.36
CA THR E 94 33.07 79.82 -83.71
C THR E 94 33.38 81.30 -83.54
N GLY E 95 34.52 81.57 -82.89
CA GLY E 95 34.97 82.92 -82.63
C GLY E 95 36.40 82.92 -82.15
N ILE E 96 36.93 84.13 -81.93
CA ILE E 96 38.34 84.32 -81.62
C ILE E 96 38.47 85.45 -80.59
N LEU E 97 39.38 85.29 -79.65
CA LEU E 97 39.74 86.35 -78.70
C LEU E 97 41.16 86.82 -78.99
N ALA E 98 41.36 88.13 -78.94
CA ALA E 98 42.62 88.75 -79.32
C ALA E 98 43.25 89.50 -78.15
N ASP E 99 44.56 89.68 -78.23
CA ASP E 99 45.36 90.27 -77.16
C ASP E 99 45.60 91.77 -77.42
N ASP E 100 46.53 92.34 -76.65
CA ASP E 100 46.80 93.77 -76.67
C ASP E 100 47.18 94.28 -78.05
N GLU E 101 48.09 93.60 -78.75
CA GLU E 101 48.55 94.06 -80.06
C GLU E 101 48.05 93.18 -81.20
N GLY E 102 47.02 92.38 -80.97
CA GLY E 102 46.38 91.66 -82.05
C GLY E 102 46.91 90.27 -82.32
N ASN E 103 46.97 89.43 -81.29
CA ASN E 103 47.31 88.02 -81.41
C ASN E 103 46.13 87.20 -80.91
N GLU E 104 45.74 86.19 -81.67
CA GLU E 104 44.67 85.31 -81.23
C GLU E 104 45.18 84.41 -80.10
N ILE E 105 44.57 84.55 -78.93
CA ILE E 105 45.03 83.85 -77.75
C ILE E 105 44.09 82.72 -77.34
N ALA E 106 42.82 82.75 -77.74
CA ALA E 106 41.87 81.72 -77.38
C ALA E 106 40.91 81.50 -78.54
N GLU E 107 40.16 80.41 -78.46
CA GLU E 107 39.19 80.06 -79.48
C GLU E 107 37.89 79.62 -78.82
N VAL E 108 36.78 80.26 -79.20
CA VAL E 108 35.47 80.05 -78.59
C VAL E 108 34.60 79.29 -79.58
N GLU E 109 33.82 78.34 -79.08
CA GLU E 109 33.02 77.48 -79.94
C GLU E 109 31.70 77.14 -79.27
N ALA E 110 30.62 77.15 -80.04
CA ALA E 110 29.30 76.86 -79.49
C ALA E 110 29.22 75.42 -79.00
N ASN E 111 28.31 75.19 -78.06
CA ASN E 111 28.12 73.87 -77.45
C ASN E 111 27.04 73.09 -78.18
N GLY E 112 27.27 72.83 -79.46
CA GLY E 112 26.33 72.12 -80.28
C GLY E 112 26.13 72.76 -81.64
N PRO E 113 25.71 71.96 -82.63
CA PRO E 113 25.54 72.49 -83.98
C PRO E 113 24.17 73.12 -84.18
N GLY E 114 24.12 74.04 -85.14
CA GLY E 114 22.88 74.71 -85.52
C GLY E 114 23.05 76.21 -85.58
N GLN E 115 21.99 76.85 -86.08
CA GLN E 115 21.98 78.30 -86.27
C GLN E 115 21.88 79.07 -84.95
N TRP E 116 21.43 78.41 -83.88
CA TRP E 116 21.29 79.10 -82.60
C TRP E 116 22.59 79.74 -82.13
N GLY E 117 23.73 79.11 -82.44
CA GLY E 117 25.01 79.65 -82.04
C GLY E 117 25.33 81.01 -82.62
N GLU E 118 24.61 81.43 -83.66
CA GLU E 118 24.80 82.77 -84.20
C GLU E 118 24.24 83.86 -83.28
N SER E 119 23.53 83.49 -82.21
CA SER E 119 22.91 84.45 -81.31
C SER E 119 23.56 84.47 -79.94
N VAL E 120 24.82 84.02 -79.84
CA VAL E 120 25.55 84.01 -78.58
C VAL E 120 26.57 85.14 -78.61
N ALA E 121 26.58 85.96 -77.56
CA ALA E 121 27.52 87.06 -77.44
C ALA E 121 28.45 86.84 -76.26
N VAL E 122 29.73 87.12 -76.47
CA VAL E 122 30.77 87.00 -75.44
C VAL E 122 31.31 88.39 -75.16
N ILE E 123 31.39 88.74 -73.88
CA ILE E 123 31.80 90.08 -73.44
C ILE E 123 32.94 89.93 -72.44
N VAL E 124 34.03 90.64 -72.70
CA VAL E 124 35.21 90.64 -71.82
C VAL E 124 35.35 92.03 -71.22
N GLU E 125 35.55 92.08 -69.89
CA GLU E 125 35.80 93.34 -69.20
C GLU E 125 36.91 93.14 -68.19
N ASP E 126 37.43 94.24 -67.65
CA ASP E 126 38.56 94.21 -66.74
C ASP E 126 38.11 94.30 -65.29
N SER E 127 38.87 93.64 -64.42
CA SER E 127 38.54 93.53 -63.01
C SER E 127 39.32 94.55 -62.18
N GLN E 128 38.81 94.80 -60.97
CA GLN E 128 39.41 95.75 -60.05
C GLN E 128 40.72 95.26 -59.44
N TYR E 129 41.01 93.98 -59.55
CA TYR E 129 42.24 93.45 -59.00
C TYR E 129 43.28 93.27 -60.10
N PRO E 130 44.55 93.46 -59.78
CA PRO E 130 45.60 93.35 -60.79
C PRO E 130 45.65 91.95 -61.40
N ASN E 131 45.81 91.91 -62.73
CA ASN E 131 45.97 90.68 -63.49
C ASN E 131 44.72 89.81 -63.48
N GLN E 132 43.54 90.42 -63.50
CA GLN E 132 42.29 89.67 -63.47
C GLN E 132 41.27 90.35 -64.37
N PHE E 133 40.31 89.56 -64.86
CA PHE E 133 39.29 90.07 -65.76
C PHE E 133 38.02 89.25 -65.61
N ASP E 134 36.91 89.80 -66.12
CA ASP E 134 35.59 89.18 -66.05
C ASP E 134 35.14 88.80 -67.46
N ILE E 135 34.35 87.72 -67.54
CA ILE E 135 33.79 87.24 -68.80
C ILE E 135 32.29 87.01 -68.62
N THR E 136 31.50 87.38 -69.62
CA THR E 136 30.06 87.19 -69.62
C THR E 136 29.62 86.58 -70.94
N VAL E 137 28.65 85.67 -70.88
CA VAL E 137 28.08 85.04 -72.08
C VAL E 137 26.57 85.21 -72.05
N ARG E 138 26.01 85.70 -73.16
CA ARG E 138 24.59 86.02 -73.26
C ARG E 138 23.98 85.34 -74.48
N TYR E 139 22.71 84.93 -74.35
CA TYR E 139 22.00 84.28 -75.44
C TYR E 139 20.55 84.73 -75.49
N TRP E 140 20.10 85.15 -76.67
CA TRP E 140 18.72 85.56 -76.94
C TRP E 140 18.05 84.54 -77.85
N SER E 141 16.82 84.18 -77.52
CA SER E 141 16.07 83.19 -78.29
C SER E 141 15.35 83.76 -79.49
N GLY E 142 15.07 85.06 -79.51
CA GLY E 142 14.30 85.67 -80.55
C GLY E 142 15.14 86.38 -81.58
N ASP E 143 14.61 87.48 -82.10
CA ASP E 143 15.24 88.22 -83.18
C ASP E 143 16.45 89.01 -82.67
N LEU E 144 17.49 89.08 -83.49
CA LEU E 144 18.65 89.90 -83.16
C LEU E 144 18.47 91.33 -83.63
N GLU E 145 17.65 91.55 -84.66
CA GLU E 145 17.42 92.90 -85.20
C GLU E 145 16.80 93.84 -84.17
N ALA E 146 16.16 93.30 -83.13
CA ALA E 146 15.47 94.12 -82.14
C ALA E 146 16.27 94.34 -80.87
N VAL E 147 17.46 93.76 -80.77
CA VAL E 147 18.30 93.90 -79.57
C VAL E 147 19.01 95.24 -79.65
N SER E 148 18.69 96.14 -78.71
CA SER E 148 19.21 97.50 -78.78
C SER E 148 20.61 97.59 -78.19
N LYS E 149 20.76 97.26 -76.91
CA LYS E 149 22.02 97.39 -76.18
C LYS E 149 22.46 96.01 -75.72
N PRO E 150 23.07 95.21 -76.59
CA PRO E 150 23.54 93.88 -76.15
C PRO E 150 24.70 93.95 -75.18
N HIS E 151 25.42 95.06 -75.13
CA HIS E 151 26.59 95.20 -74.27
C HIS E 151 26.29 95.89 -72.95
N GLY E 152 25.20 96.65 -72.86
CA GLY E 152 24.87 97.38 -71.66
C GLY E 152 24.43 96.48 -70.52
N ASP E 153 24.22 97.10 -69.36
CA ASP E 153 23.78 96.37 -68.18
C ASP E 153 22.35 95.88 -68.29
N ARG E 154 21.55 96.45 -69.20
CA ARG E 154 20.16 96.04 -69.39
C ARG E 154 19.82 96.11 -70.87
N PRO E 155 19.96 95.00 -71.60
CA PRO E 155 19.57 94.98 -73.01
C PRO E 155 18.08 95.18 -73.19
N ASP E 156 17.67 95.55 -74.40
CA ASP E 156 16.28 95.90 -74.65
C ASP E 156 15.33 94.75 -74.40
N PRO E 157 15.46 93.57 -75.04
CA PRO E 157 14.83 92.37 -74.51
C PRO E 157 15.80 91.63 -73.59
N SER E 158 15.34 91.29 -72.39
CA SER E 158 16.20 90.60 -71.45
C SER E 158 16.66 89.27 -72.04
N PRO E 159 17.95 88.95 -71.98
CA PRO E 159 18.44 87.74 -72.64
C PRO E 159 17.85 86.47 -72.03
N ASP E 160 17.80 85.43 -72.85
CA ASP E 160 17.23 84.16 -72.41
C ASP E 160 18.18 83.39 -71.50
N VAL E 161 19.49 83.46 -71.77
CA VAL E 161 20.47 82.79 -70.93
C VAL E 161 21.61 83.77 -70.62
N GLU E 162 22.11 83.70 -69.40
CA GLU E 162 23.10 84.62 -68.84
C GLU E 162 24.11 83.84 -68.03
N GLU E 163 25.39 84.10 -68.24
CA GLU E 163 26.44 83.46 -67.45
C GLU E 163 27.57 84.45 -67.18
N VAL E 164 28.05 84.50 -65.95
CA VAL E 164 29.07 85.45 -65.52
C VAL E 164 30.18 84.70 -64.79
N TYR E 165 31.44 85.04 -65.09
CA TYR E 165 32.60 84.47 -64.43
C TYR E 165 33.57 85.59 -64.08
N ASP E 166 33.89 85.72 -62.80
CA ASP E 166 34.52 86.92 -62.26
C ASP E 166 36.02 86.81 -62.06
N GLY E 167 36.49 85.85 -61.27
CA GLY E 167 37.90 85.85 -60.91
C GLY E 167 38.80 85.07 -61.84
N LEU E 168 39.01 85.56 -63.05
CA LEU E 168 39.76 84.82 -64.05
C LEU E 168 41.18 85.33 -64.18
N SER E 169 42.06 84.45 -64.63
CA SER E 169 43.47 84.76 -64.82
C SER E 169 43.99 84.09 -66.08
N ALA E 170 45.17 84.51 -66.51
CA ALA E 170 45.83 83.93 -67.69
C ALA E 170 47.02 83.06 -67.33
N ASP E 171 47.12 82.62 -66.08
CA ASP E 171 48.20 81.73 -65.65
C ASP E 171 47.76 80.29 -65.77
N PRO E 172 48.39 79.48 -66.63
CA PRO E 172 47.90 78.11 -66.84
C PRO E 172 48.03 77.20 -65.63
N GLU E 173 48.92 77.51 -64.68
CA GLU E 173 49.12 76.66 -63.52
C GLU E 173 48.25 77.05 -62.33
N ALA E 174 47.49 78.14 -62.45
CA ALA E 174 46.59 78.57 -61.40
C ALA E 174 45.27 77.80 -61.49
N SER E 175 44.48 77.89 -60.42
CA SER E 175 43.17 77.26 -60.42
C SER E 175 42.07 78.19 -60.93
N ASN E 176 42.37 79.47 -61.12
CA ASN E 176 41.44 80.41 -61.73
C ASN E 176 41.79 80.72 -63.18
N PHE E 177 42.54 79.83 -63.84
CA PHE E 177 42.76 79.95 -65.27
C PHE E 177 41.43 79.80 -66.00
N TYR E 178 41.21 80.65 -67.02
CA TYR E 178 39.87 80.75 -67.60
C TYR E 178 39.46 79.48 -68.32
N GLU E 179 40.43 78.72 -68.84
CA GLU E 179 40.11 77.45 -69.48
C GLU E 179 39.47 76.47 -68.50
N LYS E 180 39.90 76.48 -67.24
CA LYS E 180 39.34 75.57 -66.25
C LYS E 180 38.04 76.09 -65.67
N GLN E 181 37.84 77.40 -65.63
CA GLN E 181 36.65 77.95 -65.02
C GLN E 181 35.47 77.94 -65.98
N LEU E 182 35.71 78.23 -67.26
CA LEU E 182 34.64 78.22 -68.25
C LEU E 182 34.25 76.82 -68.71
N GLU E 183 34.77 75.78 -68.06
CA GLU E 183 34.51 74.42 -68.53
C GLU E 183 33.09 73.99 -68.18
N SER E 184 32.54 74.51 -67.09
CA SER E 184 31.16 74.24 -66.71
C SER E 184 30.29 75.37 -67.24
N SER E 185 29.92 75.27 -68.52
CA SER E 185 29.10 76.27 -69.18
C SER E 185 28.21 75.56 -70.19
N VAL E 186 26.93 75.90 -70.20
CA VAL E 186 25.99 75.25 -71.10
C VAL E 186 25.95 75.88 -72.49
N LEU E 187 26.74 76.90 -72.75
CA LEU E 187 26.65 77.62 -74.01
C LEU E 187 27.89 77.50 -74.89
N VAL E 188 29.10 77.64 -74.34
CA VAL E 188 30.30 77.78 -75.13
C VAL E 188 31.39 76.84 -74.60
N ASP E 189 32.49 76.78 -75.35
CA ASP E 189 33.70 76.05 -75.03
C ASP E 189 34.90 76.90 -75.41
N ILE E 190 35.93 76.87 -74.57
CA ILE E 190 37.13 77.68 -74.77
C ILE E 190 38.32 76.76 -74.97
N GLU E 191 39.22 77.14 -75.87
CA GLU E 191 40.48 76.41 -76.05
C GLU E 191 41.62 77.40 -76.12
N TYR E 192 42.72 77.06 -75.44
CA TYR E 192 43.85 77.97 -75.29
C TYR E 192 44.80 77.85 -76.47
N LYS E 193 45.28 79.00 -76.96
CA LYS E 193 46.20 79.04 -78.10
C LYS E 193 47.55 79.66 -77.76
N ASP E 194 47.57 80.85 -77.20
CA ASP E 194 48.82 81.60 -77.05
C ASP E 194 48.78 82.40 -75.75
N ASP E 195 49.92 82.98 -75.40
CA ASP E 195 50.07 83.71 -74.14
C ASP E 195 49.55 85.14 -74.30
N GLY E 196 48.76 85.59 -73.33
CA GLY E 196 48.24 86.93 -73.36
C GLY E 196 46.98 87.04 -72.53
N THR E 197 46.39 88.22 -72.59
CA THR E 197 45.12 88.50 -71.92
C THR E 197 44.23 89.29 -72.87
N PRO E 198 42.93 88.99 -72.92
CA PRO E 198 42.08 89.58 -73.95
C PRO E 198 41.72 91.03 -73.65
N VAL E 199 41.39 91.77 -74.70
CA VAL E 199 40.95 93.15 -74.59
C VAL E 199 39.44 93.18 -74.39
N ASP E 200 38.96 94.28 -73.82
CA ASP E 200 37.54 94.40 -73.49
C ASP E 200 36.69 94.52 -74.76
N GLY E 201 35.41 94.18 -74.62
CA GLY E 201 34.47 94.37 -75.70
C GLY E 201 33.57 93.18 -75.87
N LEU E 202 32.74 93.25 -76.92
CA LEU E 202 31.73 92.25 -77.23
C LEU E 202 32.05 91.61 -78.58
N THR E 203 31.63 90.35 -78.74
CA THR E 203 31.84 89.65 -80.00
C THR E 203 30.78 88.56 -80.17
N TRP E 204 30.33 88.40 -81.42
CA TRP E 204 29.38 87.37 -81.80
C TRP E 204 30.07 86.22 -82.51
N LEU E 205 29.45 85.05 -82.45
CA LEU E 205 29.96 83.86 -83.11
C LEU E 205 29.38 83.75 -84.52
N HIS E 206 30.24 83.56 -85.51
CA HIS E 206 29.87 83.68 -86.91
C HIS E 206 30.11 82.36 -87.66
N ARG E 207 29.75 82.37 -88.94
CA ARG E 207 30.03 81.31 -89.91
C ARG E 207 29.54 79.95 -89.39
N ASP E 208 28.23 79.85 -89.29
CA ASP E 208 27.60 78.57 -88.99
C ASP E 208 27.67 77.63 -90.18
N VAL E 292 15.05 65.59 -90.46
CA VAL E 292 15.83 64.46 -89.97
C VAL E 292 15.33 63.17 -90.60
N THR E 293 16.20 62.16 -90.64
CA THR E 293 15.92 60.87 -91.27
C THR E 293 16.12 59.76 -90.25
N LEU E 294 16.03 58.52 -90.73
CA LEU E 294 16.27 57.36 -89.88
C LEU E 294 17.76 57.21 -89.55
N LYS E 295 18.64 57.61 -90.46
CA LYS E 295 20.07 57.51 -90.23
C LYS E 295 20.58 58.49 -89.18
N ASP E 296 19.83 59.56 -88.90
CA ASP E 296 20.16 60.45 -87.79
C ASP E 296 19.71 59.88 -86.46
N TYR E 297 18.59 59.17 -86.43
CA TYR E 297 18.17 58.48 -85.23
C TYR E 297 19.05 57.28 -84.91
N GLU E 298 19.64 56.66 -85.94
CA GLU E 298 20.60 55.58 -85.69
C GLU E 298 21.86 56.12 -85.03
N GLY E 299 22.35 57.27 -85.47
CA GLY E 299 23.46 57.93 -84.83
C GLY E 299 24.80 57.62 -85.46
N VAL E 300 25.80 58.40 -85.04
CA VAL E 300 27.17 58.26 -85.50
C VAL E 300 27.90 57.29 -84.58
N ASN E 301 28.75 56.44 -85.15
CA ASN E 301 29.57 55.50 -84.39
C ASN E 301 31.01 55.63 -84.91
N LYS E 302 31.77 56.52 -84.29
CA LYS E 302 33.17 56.73 -84.58
C LYS E 302 33.99 56.51 -83.31
N PRO E 303 35.30 56.32 -83.43
CA PRO E 303 36.11 56.02 -82.23
C PRO E 303 35.95 57.01 -81.09
N GLY E 304 35.71 58.29 -81.36
CA GLY E 304 35.57 59.25 -80.29
C GLY E 304 34.32 60.10 -80.35
N LEU E 305 33.22 59.54 -80.85
CA LEU E 305 31.97 60.28 -80.97
C LEU E 305 30.82 59.31 -81.20
N ARG E 306 29.80 59.39 -80.35
CA ARG E 306 28.61 58.54 -80.45
C ARG E 306 27.37 59.37 -80.22
N THR E 307 26.41 59.26 -81.14
CA THR E 307 25.12 59.92 -81.02
C THR E 307 24.01 58.92 -81.31
N GLY E 308 22.78 59.32 -81.04
CA GLY E 308 21.64 58.47 -81.38
C GLY E 308 21.53 57.26 -80.47
N LEU E 309 21.25 56.11 -81.07
CA LEU E 309 21.18 54.86 -80.32
C LEU E 309 22.56 54.28 -80.05
N ALA E 310 23.53 54.54 -80.94
CA ALA E 310 24.90 54.12 -80.69
C ALA E 310 25.46 54.75 -79.43
N GLY E 311 25.03 55.96 -79.09
CA GLY E 311 25.44 56.57 -77.84
C GLY E 311 24.75 55.94 -76.64
N PHE E 312 23.48 55.55 -76.80
CA PHE E 312 22.75 54.94 -75.70
C PHE E 312 23.28 53.55 -75.36
N LYS E 313 23.77 52.80 -76.35
CA LYS E 313 24.16 51.44 -76.07
C LYS E 313 25.49 51.33 -75.33
N ALA E 314 26.10 52.46 -74.95
CA ALA E 314 27.27 52.48 -74.10
C ALA E 314 26.95 53.00 -72.69
N ILE E 315 25.67 53.13 -72.35
CA ILE E 315 25.21 53.52 -71.02
C ILE E 315 24.45 52.33 -70.44
N ASP E 316 24.85 51.90 -69.25
CA ASP E 316 24.26 50.71 -68.64
C ASP E 316 23.24 51.02 -67.54
N GLU E 317 22.81 52.27 -67.42
CA GLU E 317 21.78 52.62 -66.46
C GLU E 317 20.38 52.62 -67.06
N ILE E 318 20.27 52.80 -68.38
CA ILE E 318 18.98 52.92 -69.02
C ILE E 318 18.24 51.59 -68.94
N SER E 319 16.96 51.64 -68.60
CA SER E 319 16.13 50.45 -68.51
C SER E 319 14.88 50.50 -69.38
N MET E 320 14.55 51.64 -69.96
CA MET E 320 13.46 51.75 -70.91
C MET E 320 13.71 52.92 -71.85
N VAL E 321 13.35 52.72 -73.12
CA VAL E 321 13.65 53.66 -74.20
C VAL E 321 12.34 54.09 -74.85
N CYS E 322 12.24 55.37 -75.22
CA CYS E 322 11.08 55.85 -75.94
C CYS E 322 11.50 56.92 -76.94
N ALA E 323 10.83 56.92 -78.09
CA ALA E 323 10.98 57.97 -79.10
C ALA E 323 9.60 58.53 -79.40
N PRO E 324 9.29 59.76 -78.96
CA PRO E 324 7.93 60.30 -79.16
C PRO E 324 7.49 60.39 -80.62
N ASP E 325 8.39 60.69 -81.55
CA ASP E 325 8.03 60.89 -82.96
C ASP E 325 8.31 59.66 -83.79
N GLU E 326 8.11 58.47 -83.23
CA GLU E 326 8.47 57.23 -83.92
C GLU E 326 7.55 56.92 -85.10
N ASN E 327 6.40 57.58 -85.20
CA ASN E 327 5.46 57.31 -86.28
C ASN E 327 5.62 58.24 -87.47
N ASP E 328 6.43 59.29 -87.35
CA ASP E 328 6.74 60.17 -88.47
C ASP E 328 7.94 59.70 -89.29
N ILE E 329 8.77 58.83 -88.72
CA ILE E 329 9.98 58.34 -89.38
C ILE E 329 9.78 56.84 -89.60
N ASP E 330 9.65 56.44 -90.86
CA ASP E 330 9.41 55.04 -91.18
C ASP E 330 10.66 54.21 -90.95
N GLY E 331 10.50 53.07 -90.30
CA GLY E 331 11.62 52.19 -90.00
C GLY E 331 12.29 52.42 -88.67
N LEU E 332 11.67 53.18 -87.77
CA LEU E 332 12.26 53.46 -86.46
C LEU E 332 11.76 52.52 -85.37
N THR E 333 10.50 52.05 -85.48
CA THR E 333 9.97 51.11 -84.50
C THR E 333 10.79 49.82 -84.49
N ASP E 334 11.09 49.29 -85.67
CA ASP E 334 11.88 48.06 -85.76
C ASP E 334 13.29 48.28 -85.23
N SER E 335 13.88 49.45 -85.51
CA SER E 335 15.21 49.73 -85.00
C SER E 335 15.23 49.79 -83.47
N ILE E 336 14.20 50.38 -82.87
CA ILE E 336 14.14 50.46 -81.42
C ILE E 336 13.96 49.07 -80.81
N VAL E 337 13.05 48.26 -81.37
CA VAL E 337 12.84 46.93 -80.83
C VAL E 337 14.09 46.07 -81.00
N ALA E 338 14.80 46.23 -82.11
CA ALA E 338 16.02 45.47 -82.33
C ALA E 338 17.13 45.90 -81.37
N HIS E 339 17.24 47.20 -81.10
CA HIS E 339 18.18 47.70 -80.10
C HIS E 339 17.91 47.07 -78.74
N CYS E 340 16.65 47.06 -78.32
CA CYS E 340 16.33 46.50 -77.01
C CYS E 340 16.53 45.00 -76.96
N GLU E 341 16.27 44.28 -78.06
CA GLU E 341 16.47 42.83 -78.07
C GLU E 341 17.94 42.46 -78.16
N ASN E 342 18.77 43.28 -78.80
CA ASN E 342 20.19 42.97 -78.92
C ASN E 342 20.97 43.34 -77.67
N MET E 343 20.56 44.38 -76.96
CA MET E 343 21.19 44.63 -75.67
C MET E 343 20.76 43.62 -74.63
N GLY E 344 19.48 43.26 -74.63
CA GLY E 344 18.94 42.27 -73.72
C GLY E 344 18.71 42.74 -72.31
N ASP E 345 18.73 44.06 -72.06
CA ASP E 345 18.57 44.57 -70.71
C ASP E 345 17.70 45.82 -70.64
N ARG E 346 16.85 46.06 -71.63
CA ARG E 346 15.99 47.24 -71.60
C ARG E 346 14.66 46.89 -72.26
N PHE E 347 13.71 47.81 -72.11
CA PHE E 347 12.33 47.60 -72.51
C PHE E 347 11.87 48.76 -73.39
N ALA E 348 11.01 48.47 -74.36
CA ALA E 348 10.56 49.47 -75.32
C ALA E 348 9.09 49.80 -75.13
N ILE E 349 8.79 51.10 -75.16
CA ILE E 349 7.43 51.62 -75.00
C ILE E 349 7.02 52.22 -76.34
N LEU E 350 5.86 51.79 -76.85
CA LEU E 350 5.38 52.19 -78.16
C LEU E 350 3.96 52.73 -78.05
N GLN E 351 3.66 53.72 -78.88
CA GLN E 351 2.35 54.34 -78.94
C GLN E 351 1.77 54.18 -80.34
N SER E 352 0.44 54.17 -80.41
CA SER E 352 -0.27 53.97 -81.65
C SER E 352 -0.16 55.22 -82.53
N PRO E 353 -0.59 55.15 -83.78
CA PRO E 353 -0.70 56.36 -84.60
C PRO E 353 -1.89 57.20 -84.16
N GLN E 354 -1.94 58.42 -84.69
CA GLN E 354 -3.08 59.29 -84.40
C GLN E 354 -4.34 58.79 -85.10
N ASN E 355 -4.19 58.09 -86.22
CA ASN E 355 -5.31 57.50 -86.95
C ASN E 355 -4.95 56.05 -87.25
N PRO E 356 -5.30 55.12 -86.35
CA PRO E 356 -4.91 53.72 -86.55
C PRO E 356 -5.91 52.90 -87.35
N GLY E 357 -7.04 53.47 -87.76
CA GLY E 357 -8.00 52.76 -88.58
C GLY E 357 -9.20 52.25 -87.82
N PRO E 358 -9.92 51.31 -88.42
CA PRO E 358 -11.07 50.71 -87.73
C PRO E 358 -10.62 49.77 -86.61
N VAL E 359 -11.48 49.63 -85.60
CA VAL E 359 -11.14 48.87 -84.41
C VAL E 359 -10.97 47.39 -84.73
N SER E 360 -11.81 46.85 -85.61
CA SER E 360 -11.78 45.43 -85.92
C SER E 360 -10.56 45.02 -86.73
N GLU E 361 -9.68 45.95 -87.09
CA GLU E 361 -8.54 45.65 -87.95
C GLU E 361 -7.20 46.02 -87.33
N MET E 362 -7.18 46.45 -86.07
CA MET E 362 -5.95 46.89 -85.45
C MET E 362 -5.07 45.70 -85.08
N GLU E 363 -3.76 45.90 -85.17
CA GLU E 363 -2.77 44.90 -84.81
C GLU E 363 -1.58 45.60 -84.19
N THR E 364 -0.73 44.83 -83.56
CA THR E 364 0.49 45.46 -83.05
C THR E 364 1.56 45.45 -84.13
N PRO E 365 2.46 46.43 -84.13
CA PRO E 365 3.48 46.46 -85.19
C PRO E 365 4.48 45.31 -85.11
N VAL E 366 4.95 44.98 -83.91
CA VAL E 366 5.93 43.91 -83.74
C VAL E 366 5.34 42.80 -82.88
N ASP E 367 6.07 41.70 -82.74
CA ASP E 367 5.66 40.55 -81.94
C ASP E 367 6.75 40.19 -80.95
N SER E 368 7.31 41.20 -80.31
CA SER E 368 8.44 41.04 -79.41
C SER E 368 7.96 40.93 -77.97
N SER E 369 8.77 40.25 -77.16
CA SER E 369 8.58 40.22 -75.72
C SER E 369 9.25 41.40 -75.02
N TYR E 370 9.90 42.28 -75.76
CA TYR E 370 10.65 43.39 -75.20
C TYR E 370 9.97 44.74 -75.44
N ALA E 371 8.66 44.73 -75.69
CA ALA E 371 7.96 45.95 -76.04
C ALA E 371 6.53 45.91 -75.50
N ALA E 372 5.95 47.11 -75.33
CA ALA E 372 4.56 47.26 -74.93
C ALA E 372 3.95 48.39 -75.74
N TYR E 373 2.63 48.33 -75.93
CA TYR E 373 1.91 49.14 -76.91
C TYR E 373 0.68 49.78 -76.27
N TYR E 374 0.61 51.12 -76.33
CA TYR E 374 -0.41 51.87 -75.62
C TYR E 374 -1.26 52.71 -76.57
N TYR E 375 -2.50 52.98 -76.15
CA TYR E 375 -3.49 53.63 -77.00
C TYR E 375 -4.58 54.25 -76.14
N PRO E 376 -5.14 55.43 -76.49
CA PRO E 376 -4.91 56.44 -77.54
C PRO E 376 -4.04 57.64 -77.12
N TRP E 377 -4.13 58.72 -77.90
CA TRP E 377 -3.43 59.97 -77.66
C TRP E 377 -4.13 60.78 -76.56
N VAL E 378 -3.44 61.82 -76.06
CA VAL E 378 -3.93 62.61 -74.94
C VAL E 378 -3.91 64.10 -75.30
N ASN E 379 -4.53 64.90 -74.44
CA ASN E 379 -4.67 66.34 -74.62
C ASN E 379 -3.93 67.08 -73.51
N VAL E 380 -3.22 68.15 -73.87
CA VAL E 380 -2.44 68.95 -72.93
C VAL E 380 -2.62 70.43 -73.25
N LEU E 381 -2.19 71.28 -72.33
CA LEU E 381 -2.11 72.72 -72.54
C LEU E 381 -0.75 73.08 -73.12
N ASP E 382 -0.76 73.88 -74.18
CA ASP E 382 0.46 74.24 -74.88
C ASP E 382 0.99 75.56 -74.33
N PRO E 383 2.21 75.61 -73.81
CA PRO E 383 2.68 76.81 -73.10
C PRO E 383 3.05 77.99 -73.99
N VAL E 384 2.76 77.95 -75.30
CA VAL E 384 3.02 79.08 -76.16
C VAL E 384 1.73 79.63 -76.79
N THR E 385 0.66 78.85 -76.83
CA THR E 385 -0.63 79.32 -77.31
C THR E 385 -1.70 79.31 -76.23
N ASN E 386 -1.48 78.59 -75.13
CA ASN E 386 -2.45 78.46 -74.04
C ASN E 386 -3.74 77.81 -74.52
N ARG E 387 -3.61 76.87 -75.45
CA ARG E 387 -4.73 76.11 -75.99
C ARG E 387 -4.45 74.63 -75.83
N GLU E 388 -5.46 73.81 -76.07
CA GLU E 388 -5.28 72.37 -76.02
C GLU E 388 -4.52 71.88 -77.25
N LYS E 389 -3.86 70.75 -77.08
CA LYS E 389 -3.01 70.16 -78.12
C LYS E 389 -2.96 68.67 -77.89
N LEU E 390 -2.93 67.91 -78.98
CA LEU E 390 -2.99 66.45 -78.94
C LEU E 390 -1.60 65.88 -79.12
N VAL E 391 -1.19 65.03 -78.19
CA VAL E 391 0.17 64.48 -78.15
C VAL E 391 0.11 62.98 -77.86
N PRO E 392 1.18 62.26 -78.18
CA PRO E 392 1.24 60.84 -77.84
C PRO E 392 1.52 60.66 -76.35
N PRO E 393 1.07 59.54 -75.76
CA PRO E 393 1.15 59.37 -74.31
C PRO E 393 2.42 58.72 -73.76
N GLY E 394 3.51 58.68 -74.53
CA GLY E 394 4.64 57.83 -74.16
C GLY E 394 5.36 58.27 -72.89
N GLY E 395 5.65 59.56 -72.77
CA GLY E 395 6.44 60.02 -71.63
C GLY E 395 5.69 59.95 -70.32
N HIS E 396 4.38 60.24 -70.35
CA HIS E 396 3.56 60.08 -69.16
C HIS E 396 3.57 58.63 -68.68
N ILE E 397 3.55 57.68 -69.62
CA ILE E 397 3.53 56.27 -69.25
C ILE E 397 4.89 55.85 -68.70
N ALA E 398 5.98 56.36 -69.27
CA ALA E 398 7.29 56.07 -68.69
C ALA E 398 7.42 56.63 -67.28
N GLY E 399 6.86 57.81 -67.03
CA GLY E 399 6.84 58.35 -65.68
C GLY E 399 6.06 57.49 -64.72
N ILE E 400 4.94 56.94 -65.19
CA ILE E 400 4.16 56.00 -64.36
C ILE E 400 4.98 54.75 -64.03
N TYR E 401 5.70 54.22 -65.04
CA TYR E 401 6.59 53.09 -64.79
C TYR E 401 7.58 53.40 -63.68
N SER E 402 8.27 54.54 -63.79
CA SER E 402 9.27 54.92 -62.80
C SER E 402 8.66 55.06 -61.40
N ARG E 403 7.50 55.72 -61.31
CA ARG E 403 6.83 55.91 -60.03
C ARG E 403 6.47 54.57 -59.39
N THR E 404 5.84 53.68 -60.16
CA THR E 404 5.46 52.38 -59.63
C THR E 404 6.68 51.59 -59.16
N ASP E 405 7.78 51.67 -59.92
CA ASP E 405 8.99 50.99 -59.52
C ASP E 405 9.54 51.55 -58.21
N GLN E 406 9.40 52.85 -58.00
CA GLN E 406 9.94 53.44 -56.78
C GLN E 406 9.10 53.09 -55.56
N GLU E 407 7.77 53.04 -55.69
CA GLU E 407 6.93 52.89 -54.50
C GLU E 407 6.43 51.48 -54.26
N HIS E 408 6.53 50.57 -55.23
CA HIS E 408 6.02 49.21 -55.05
C HIS E 408 7.04 48.11 -55.34
N GLY E 409 7.93 48.30 -56.30
CA GLY E 409 8.81 47.26 -56.78
C GLY E 409 8.60 46.96 -58.25
N VAL E 410 9.55 46.20 -58.80
CA VAL E 410 9.50 45.85 -60.22
C VAL E 410 8.52 44.73 -60.51
N HIS E 411 8.00 44.06 -59.48
CA HIS E 411 7.04 42.99 -59.64
C HIS E 411 5.59 43.48 -59.67
N LYS E 412 5.35 44.77 -59.54
CA LYS E 412 4.02 45.33 -59.54
C LYS E 412 3.63 45.79 -60.93
N ALA E 413 2.46 45.41 -61.38
CA ALA E 413 1.99 45.80 -62.70
C ALA E 413 1.68 47.29 -62.74
N PRO E 414 2.24 48.04 -63.67
CA PRO E 414 1.99 49.49 -63.72
C PRO E 414 0.66 49.85 -64.38
N ALA E 415 -0.43 49.27 -63.86
CA ALA E 415 -1.77 49.54 -64.33
C ALA E 415 -2.69 49.78 -63.14
N ASN E 416 -3.87 50.33 -63.43
CA ASN E 416 -4.77 50.86 -62.40
C ASN E 416 -4.12 52.02 -61.66
N GLU E 417 -3.43 52.88 -62.42
CA GLU E 417 -2.74 54.04 -61.91
C GLU E 417 -3.21 55.28 -62.67
N THR E 418 -3.14 56.43 -62.00
CA THR E 418 -3.65 57.67 -62.54
C THR E 418 -2.62 58.38 -63.40
N LEU E 419 -3.10 59.07 -64.44
CA LEU E 419 -2.27 59.92 -65.27
C LEU E 419 -2.42 61.37 -64.83
N ARG E 420 -1.30 62.00 -64.50
CA ARG E 420 -1.27 63.39 -64.08
C ARG E 420 -0.66 64.25 -65.19
N GLY E 421 -1.19 65.46 -65.34
CA GLY E 421 -0.64 66.42 -66.27
C GLY E 421 -1.36 66.54 -67.58
N ILE E 422 -2.58 66.01 -67.70
CA ILE E 422 -3.33 66.04 -68.95
C ILE E 422 -4.68 66.69 -68.69
N VAL E 423 -5.43 66.87 -69.77
CA VAL E 423 -6.74 67.48 -69.73
C VAL E 423 -7.83 66.49 -70.14
N GLY E 424 -7.61 65.73 -71.21
CA GLY E 424 -8.57 64.75 -71.66
C GLY E 424 -7.90 63.76 -72.58
N LEU E 425 -8.72 62.89 -73.15
CA LEU E 425 -8.27 61.86 -74.08
C LEU E 425 -8.71 62.20 -75.49
N GLN E 426 -8.29 61.38 -76.44
CA GLN E 426 -8.74 61.54 -77.82
C GLN E 426 -10.11 60.91 -78.03
N HIS E 427 -10.29 59.68 -77.59
CA HIS E 427 -11.58 59.00 -77.60
C HIS E 427 -11.82 58.38 -76.24
N ASN E 428 -13.08 58.09 -75.94
CA ASN E 428 -13.45 57.29 -74.79
C ASN E 428 -13.79 55.88 -75.26
N ILE E 429 -13.06 54.91 -74.75
CA ILE E 429 -13.24 53.50 -75.10
C ILE E 429 -14.21 52.86 -74.12
N THR E 430 -15.13 52.05 -74.64
CA THR E 430 -16.11 51.35 -73.81
C THR E 430 -15.60 49.96 -73.44
N LYS E 431 -16.43 49.23 -72.71
CA LYS E 431 -16.10 47.86 -72.32
C LYS E 431 -16.29 46.87 -73.46
N GLY E 432 -17.16 47.18 -74.43
CA GLY E 432 -17.34 46.29 -75.57
C GLY E 432 -16.19 46.31 -76.54
N GLU E 433 -15.52 47.46 -76.68
CA GLU E 433 -14.39 47.57 -77.60
C GLU E 433 -13.10 47.01 -77.02
N GLN E 434 -12.95 47.05 -75.69
CA GLN E 434 -11.75 46.51 -75.07
C GLN E 434 -11.78 44.98 -75.05
N ASP E 435 -12.95 44.36 -75.16
CA ASP E 435 -13.03 42.92 -75.30
C ASP E 435 -12.46 42.43 -76.62
N VAL E 436 -12.20 43.33 -77.56
CA VAL E 436 -11.63 42.97 -78.85
C VAL E 436 -10.16 43.33 -78.86
N LEU E 437 -9.79 44.42 -78.17
CA LEU E 437 -8.44 44.93 -78.19
C LEU E 437 -7.52 44.25 -77.19
N ASN E 438 -8.04 43.89 -76.01
CA ASN E 438 -7.17 43.35 -74.97
C ASN E 438 -6.56 42.00 -75.31
N PRO E 439 -7.28 41.02 -75.89
CA PRO E 439 -6.63 39.76 -76.28
C PRO E 439 -5.61 39.91 -77.40
N LYS E 440 -5.41 41.10 -77.95
CA LYS E 440 -4.46 41.33 -79.03
C LYS E 440 -3.16 41.98 -78.57
N GLY E 441 -3.02 42.27 -77.28
CA GLY E 441 -1.82 42.90 -76.77
C GLY E 441 -1.80 44.41 -76.80
N ILE E 442 -2.94 45.05 -77.02
CA ILE E 442 -3.04 46.50 -77.12
C ILE E 442 -3.57 47.02 -75.79
N ASN E 443 -2.82 47.92 -75.15
CA ASN E 443 -3.20 48.44 -73.84
C ASN E 443 -3.94 49.75 -73.98
N CYS E 444 -4.97 49.93 -73.17
CA CYS E 444 -5.88 51.04 -73.31
C CYS E 444 -5.77 52.00 -72.12
N ILE E 445 -6.01 53.27 -72.40
CA ILE E 445 -6.13 54.31 -71.38
C ILE E 445 -7.59 54.76 -71.37
N ARG E 446 -8.27 54.56 -70.24
CA ARG E 446 -9.70 54.76 -70.15
C ARG E 446 -10.02 55.78 -69.06
N SER E 447 -11.27 56.22 -69.03
CA SER E 447 -11.74 57.19 -68.04
C SER E 447 -13.02 56.68 -67.41
N PHE E 448 -13.00 56.51 -66.09
CA PHE E 448 -14.13 56.02 -65.33
C PHE E 448 -14.77 57.16 -64.56
N GLN E 449 -16.10 57.14 -64.49
CA GLN E 449 -16.86 58.14 -63.76
C GLN E 449 -16.71 57.91 -62.26
N GLY E 450 -16.22 58.93 -61.55
CA GLY E 450 -15.92 58.79 -60.14
C GLY E 450 -14.52 58.34 -59.82
N ARG E 451 -13.75 57.92 -60.82
CA ARG E 451 -12.39 57.41 -60.58
C ARG E 451 -11.31 58.07 -61.42
N GLY E 452 -11.62 58.68 -62.55
CA GLY E 452 -10.62 59.42 -63.30
C GLY E 452 -10.08 58.65 -64.49
N ILE E 453 -8.94 59.12 -64.99
CA ILE E 453 -8.28 58.54 -66.16
C ILE E 453 -7.18 57.61 -65.69
N ARG E 454 -7.21 56.36 -66.17
CA ARG E 454 -6.29 55.34 -65.71
C ARG E 454 -5.85 54.44 -66.87
N VAL E 455 -4.70 53.81 -66.68
CA VAL E 455 -4.21 52.79 -67.61
C VAL E 455 -4.85 51.45 -67.23
N TRP E 456 -5.47 50.78 -68.21
CA TRP E 456 -6.23 49.56 -67.97
C TRP E 456 -5.70 48.47 -68.90
N GLY E 457 -4.62 47.81 -68.51
CA GLY E 457 -4.00 46.78 -69.31
C GLY E 457 -2.50 46.69 -69.11
N ALA E 458 -1.98 45.46 -68.96
CA ALA E 458 -0.59 45.25 -68.57
C ALA E 458 0.05 44.09 -69.33
N ARG E 459 -0.14 44.03 -70.65
CA ARG E 459 0.40 42.95 -71.46
C ARG E 459 1.51 43.44 -72.38
N THR E 460 2.30 42.49 -72.88
CA THR E 460 3.29 42.75 -73.92
C THR E 460 2.73 42.39 -75.30
N THR E 461 3.47 42.78 -76.34
CA THR E 461 3.13 42.47 -77.71
C THR E 461 3.44 41.03 -78.10
N SER E 462 3.86 40.19 -77.16
CA SER E 462 4.38 38.88 -77.46
C SER E 462 3.26 37.87 -77.70
N SER E 463 3.58 36.86 -78.51
CA SER E 463 2.69 35.74 -78.76
C SER E 463 3.02 34.52 -77.92
N ASP E 464 4.25 34.42 -77.42
CA ASP E 464 4.64 33.34 -76.52
C ASP E 464 3.82 33.40 -75.24
N PRO E 465 3.20 32.29 -74.81
CA PRO E 465 2.39 32.33 -73.58
C PRO E 465 3.22 32.50 -72.32
N GLU E 466 4.53 32.32 -72.40
CA GLU E 466 5.39 32.41 -71.22
C GLU E 466 5.73 33.85 -70.85
N TRP E 467 5.60 34.79 -71.78
CA TRP E 467 5.95 36.19 -71.56
C TRP E 467 4.75 37.09 -71.83
N LYS E 468 3.58 36.67 -71.38
CA LYS E 468 2.35 37.42 -71.61
C LYS E 468 2.28 38.69 -70.77
N TYR E 469 2.78 38.66 -69.54
CA TYR E 469 2.65 39.77 -68.62
C TYR E 469 3.97 40.52 -68.50
N LEU E 470 3.84 41.83 -68.23
CA LEU E 470 4.93 42.78 -68.36
C LEU E 470 5.88 42.73 -67.15
N ASN E 471 5.32 42.58 -65.96
CA ASN E 471 6.13 42.59 -64.75
C ASN E 471 7.03 41.36 -64.66
N VAL E 472 6.64 40.25 -65.29
CA VAL E 472 7.48 39.06 -65.30
C VAL E 472 8.75 39.32 -66.11
N ARG E 473 8.59 39.94 -67.28
CA ARG E 473 9.76 40.31 -68.09
C ARG E 473 10.65 41.29 -67.36
N ARG E 474 10.06 42.29 -66.70
CA ARG E 474 10.89 43.27 -66.00
C ARG E 474 11.64 42.65 -64.82
N LEU E 475 10.99 41.75 -64.08
CA LEU E 475 11.66 41.06 -62.98
C LEU E 475 12.82 40.21 -63.50
N PHE E 476 12.62 39.50 -64.61
CA PHE E 476 13.72 38.69 -65.14
C PHE E 476 14.88 39.55 -65.62
N LEU E 477 14.59 40.70 -66.25
CA LEU E 477 15.68 41.60 -66.64
C LEU E 477 16.48 42.02 -65.43
N PHE E 478 15.80 42.46 -64.37
CA PHE E 478 16.48 42.89 -63.15
C PHE E 478 17.36 41.78 -62.58
N ILE E 479 16.81 40.58 -62.44
CA ILE E 479 17.55 39.47 -61.82
C ILE E 479 18.76 39.11 -62.66
N GLU E 480 18.58 39.00 -63.99
CA GLU E 480 19.67 38.55 -64.84
C GLU E 480 20.79 39.56 -64.90
N GLN E 481 20.48 40.85 -64.92
CA GLN E 481 21.56 41.82 -64.94
C GLN E 481 22.31 41.86 -63.61
N SER E 482 21.58 41.73 -62.49
CA SER E 482 22.27 41.69 -61.21
C SER E 482 23.24 40.51 -61.15
N ILE E 483 22.78 39.33 -61.58
CA ILE E 483 23.65 38.15 -61.57
C ILE E 483 24.84 38.36 -62.49
N GLN E 484 24.62 38.89 -63.69
CA GLN E 484 25.73 39.09 -64.62
C GLN E 484 26.79 40.01 -64.05
N GLU E 485 26.38 41.12 -63.43
CA GLU E 485 27.35 42.11 -63.01
C GLU E 485 27.99 41.79 -61.66
N GLY E 486 27.34 40.99 -60.81
CA GLY E 486 27.89 40.71 -59.49
C GLY E 486 28.55 39.36 -59.29
N THR E 487 29.18 38.77 -60.32
CA THR E 487 29.77 37.45 -60.16
C THR E 487 31.11 37.35 -60.91
N GLN E 488 31.73 38.48 -61.24
CA GLN E 488 32.97 38.43 -62.00
C GLN E 488 34.18 38.02 -61.17
N TRP E 489 34.02 37.85 -59.85
CA TRP E 489 35.11 37.36 -59.02
C TRP E 489 35.36 35.87 -59.21
N ALA E 490 34.43 35.14 -59.82
CA ALA E 490 34.48 33.69 -59.87
C ALA E 490 35.18 33.15 -61.11
N VAL E 491 35.60 34.01 -62.03
CA VAL E 491 36.26 33.56 -63.25
C VAL E 491 37.71 33.23 -62.91
N PHE E 492 38.17 32.06 -63.37
CA PHE E 492 39.52 31.53 -63.19
C PHE E 492 39.79 31.01 -61.77
N GLU E 493 38.75 30.84 -60.97
CA GLU E 493 38.89 30.26 -59.65
C GLU E 493 38.92 28.73 -59.75
N PRO E 494 39.46 28.05 -58.74
CA PRO E 494 39.49 26.59 -58.79
C PRO E 494 38.10 25.98 -58.91
N ASN E 495 37.99 24.94 -59.75
CA ASN E 495 36.72 24.28 -60.03
C ASN E 495 36.54 23.10 -59.07
N GLU E 496 36.21 23.44 -57.84
CA GLU E 496 36.09 22.44 -56.78
C GLU E 496 35.07 22.92 -55.75
N GLN E 497 34.83 22.08 -54.74
CA GLN E 497 33.63 22.17 -53.91
C GLN E 497 33.53 23.49 -53.14
N ASP E 498 34.66 24.12 -52.80
CA ASP E 498 34.60 25.38 -52.06
C ASP E 498 33.97 26.49 -52.89
N THR E 499 34.43 26.65 -54.13
CA THR E 499 33.85 27.64 -55.02
C THR E 499 32.37 27.37 -55.25
N TRP E 500 32.01 26.09 -55.38
CA TRP E 500 30.62 25.72 -55.61
C TRP E 500 29.74 26.14 -54.44
N GLY E 501 30.16 25.82 -53.21
CA GLY E 501 29.39 26.23 -52.05
C GLY E 501 29.27 27.74 -51.94
N ARG E 502 30.35 28.46 -52.25
CA ARG E 502 30.34 29.91 -52.16
C ARG E 502 29.33 30.52 -53.13
N ILE E 503 29.36 30.08 -54.38
CA ILE E 503 28.45 30.60 -55.40
C ILE E 503 27.00 30.27 -55.04
N ARG E 504 26.74 29.02 -54.65
CA ARG E 504 25.40 28.63 -54.25
C ARG E 504 24.87 29.49 -53.12
N GLN E 505 25.70 29.75 -52.11
CA GLN E 505 25.28 30.55 -50.97
C GLN E 505 24.91 31.97 -51.37
N SER E 506 25.75 32.59 -52.21
CA SER E 506 25.46 33.95 -52.65
C SER E 506 24.13 34.04 -53.39
N VAL E 507 23.93 33.14 -54.37
CA VAL E 507 22.72 33.23 -55.18
C VAL E 507 21.48 32.94 -54.34
N THR E 508 21.59 32.01 -53.38
CA THR E 508 20.47 31.73 -52.50
C THR E 508 20.10 32.94 -51.65
N ASN E 509 21.10 33.65 -51.13
CA ASN E 509 20.80 34.85 -50.35
C ASN E 509 20.07 35.89 -51.19
N PHE E 510 20.54 36.14 -52.41
CA PHE E 510 19.87 37.12 -53.28
C PHE E 510 18.42 36.72 -53.57
N LEU E 511 18.18 35.44 -53.90
CA LEU E 511 16.83 35.04 -54.24
C LEU E 511 15.91 35.03 -53.03
N ARG E 512 16.44 34.73 -51.84
CA ARG E 512 15.60 34.79 -50.64
C ARG E 512 15.22 36.24 -50.34
N THR E 513 16.12 37.18 -50.58
CA THR E 513 15.75 38.58 -50.43
C THR E 513 14.64 38.97 -51.40
N VAL E 514 14.76 38.54 -52.66
CA VAL E 514 13.70 38.84 -53.64
C VAL E 514 12.37 38.23 -53.20
N TRP E 515 12.40 37.02 -52.65
CA TRP E 515 11.18 36.37 -52.19
C TRP E 515 10.53 37.10 -51.03
N ARG E 516 11.32 37.59 -50.08
CA ARG E 516 10.76 38.26 -48.91
C ARG E 516 10.03 39.55 -49.25
N ASN E 517 10.38 40.19 -50.36
CA ASN E 517 9.76 41.46 -50.74
C ASN E 517 8.52 41.29 -51.60
N GLY E 518 8.01 40.06 -51.74
CA GLY E 518 6.79 39.84 -52.48
C GLY E 518 6.93 39.57 -53.95
N GLY E 519 8.15 39.37 -54.45
CA GLY E 519 8.35 39.14 -55.87
C GLY E 519 8.15 37.69 -56.30
N LEU E 520 8.40 36.75 -55.41
CA LEU E 520 8.22 35.34 -55.69
C LEU E 520 7.07 34.79 -54.86
N GLN E 521 6.54 33.65 -55.28
CA GLN E 521 5.28 33.14 -54.77
C GLN E 521 5.47 31.77 -54.14
N GLY E 522 4.98 31.61 -52.92
CA GLY E 522 5.03 30.35 -52.21
C GLY E 522 5.10 30.57 -50.72
N GLN E 523 4.52 29.64 -49.97
CA GLN E 523 4.52 29.71 -48.51
C GLN E 523 5.82 29.22 -47.90
N SER E 524 6.71 28.63 -48.69
CA SER E 524 8.00 28.18 -48.20
C SER E 524 9.05 28.49 -49.24
N GLU E 525 10.32 28.34 -48.86
CA GLU E 525 11.41 28.61 -49.79
C GLU E 525 11.47 27.58 -50.90
N ASP E 526 11.11 26.34 -50.61
CA ASP E 526 11.13 25.29 -51.63
C ASP E 526 10.09 25.52 -52.71
N ASP E 527 9.02 26.23 -52.40
CA ASP E 527 8.00 26.54 -53.39
C ASP E 527 8.41 27.69 -54.30
N ALA E 528 9.28 28.58 -53.82
CA ALA E 528 9.57 29.82 -54.52
C ALA E 528 10.75 29.69 -55.49
N PHE E 529 11.79 28.93 -55.13
CA PHE E 529 12.98 28.86 -55.96
C PHE E 529 13.86 27.70 -55.51
N TYR E 530 14.85 27.38 -56.36
CA TYR E 530 15.94 26.48 -56.01
C TYR E 530 17.20 26.87 -56.77
N VAL E 531 18.35 26.49 -56.21
CA VAL E 531 19.67 26.70 -56.82
C VAL E 531 20.47 25.41 -56.70
N LYS E 532 21.17 25.02 -57.78
CA LYS E 532 21.94 23.78 -57.83
C LYS E 532 23.30 24.02 -58.44
N CYS E 533 24.33 23.51 -57.76
CA CYS E 533 25.70 23.55 -58.28
C CYS E 533 26.51 22.46 -57.58
N GLY E 534 26.99 21.49 -58.34
CA GLY E 534 27.74 20.38 -57.75
C GLY E 534 27.99 19.28 -58.76
N GLU E 535 27.93 18.04 -58.28
CA GLU E 535 28.11 16.89 -59.16
C GLU E 535 26.80 16.42 -59.79
N GLU E 536 25.69 17.08 -59.50
CA GLU E 536 24.45 16.80 -60.21
C GLU E 536 24.30 17.66 -61.45
N THR E 537 25.00 18.80 -61.52
CA THR E 537 24.96 19.66 -62.69
C THR E 537 26.19 19.55 -63.57
N MET E 538 27.33 19.14 -63.01
CA MET E 538 28.59 19.06 -63.74
C MET E 538 29.04 17.62 -63.84
N SER E 539 29.56 17.25 -65.01
CA SER E 539 30.20 15.96 -65.22
C SER E 539 31.72 16.16 -65.29
N GLU E 540 32.43 15.08 -65.60
CA GLU E 540 33.89 15.14 -65.64
C GLU E 540 34.38 15.80 -66.92
N ASP E 541 33.69 15.57 -68.04
CA ASP E 541 34.02 16.28 -69.27
C ASP E 541 33.87 17.78 -69.09
N ASP E 542 32.96 18.22 -68.23
CA ASP E 542 32.83 19.64 -67.93
C ASP E 542 34.06 20.16 -67.18
N ILE E 543 34.47 19.46 -66.13
CA ILE E 543 35.63 19.89 -65.34
C ILE E 543 36.88 19.93 -66.21
N ASP E 544 37.06 18.94 -67.08
CA ASP E 544 38.26 18.91 -67.91
C ASP E 544 38.32 20.04 -68.93
N ASN E 545 37.19 20.70 -69.21
CA ASN E 545 37.15 21.76 -70.20
C ASN E 545 36.93 23.15 -69.61
N GLY E 546 36.80 23.26 -68.30
CA GLY E 546 36.74 24.56 -67.66
C GLY E 546 35.37 25.15 -67.48
N ARG E 547 34.32 24.34 -67.43
CA ARG E 547 32.94 24.83 -67.33
C ARG E 547 32.41 24.64 -65.92
N LEU E 548 31.82 25.70 -65.38
CA LEU E 548 31.13 25.66 -64.09
C LEU E 548 29.67 26.02 -64.35
N ILE E 549 28.76 25.10 -64.02
CA ILE E 549 27.36 25.21 -64.38
C ILE E 549 26.51 25.34 -63.12
N VAL E 550 25.62 26.34 -63.12
CA VAL E 550 24.69 26.60 -62.02
C VAL E 550 23.28 26.62 -62.60
N GLU E 551 22.36 25.91 -61.95
CA GLU E 551 20.98 25.85 -62.41
C GLU E 551 20.03 26.46 -61.38
N ILE E 552 19.19 27.39 -61.82
CA ILE E 552 18.31 28.15 -60.95
C ILE E 552 16.88 28.02 -61.46
N GLY E 553 15.95 27.78 -60.55
CA GLY E 553 14.54 27.74 -60.90
C GLY E 553 13.74 28.66 -60.00
N VAL E 554 12.81 29.40 -60.61
CA VAL E 554 12.11 30.49 -59.95
C VAL E 554 10.63 30.46 -60.31
N ALA E 555 9.81 31.08 -59.46
CA ALA E 555 8.36 31.14 -59.67
C ALA E 555 7.86 32.56 -59.46
N PRO E 556 7.62 33.32 -60.54
CA PRO E 556 7.19 34.71 -60.39
C PRO E 556 5.71 34.84 -60.08
N VAL E 557 5.33 36.03 -59.63
CA VAL E 557 3.94 36.34 -59.28
C VAL E 557 3.33 37.14 -60.42
N LYS E 558 2.03 36.91 -60.66
CA LYS E 558 1.31 37.48 -61.78
C LYS E 558 0.11 38.29 -61.29
N PRO E 559 -0.39 39.23 -62.08
CA PRO E 559 -1.46 40.11 -61.60
C PRO E 559 -2.82 39.45 -61.62
N ALA E 560 -3.76 40.09 -60.94
CA ALA E 560 -5.17 39.68 -60.89
C ALA E 560 -5.94 40.57 -61.86
N GLU E 561 -6.27 40.01 -63.02
CA GLU E 561 -6.90 40.78 -64.09
C GLU E 561 -8.41 40.67 -64.07
N PHE E 562 -8.95 39.55 -63.57
CA PHE E 562 -10.38 39.32 -63.49
C PHE E 562 -10.73 38.95 -62.06
N VAL E 563 -11.54 39.78 -61.41
CA VAL E 563 -11.98 39.56 -60.04
C VAL E 563 -13.41 39.07 -60.11
N ILE E 564 -13.65 37.84 -59.68
CA ILE E 564 -14.91 37.14 -59.90
C ILE E 564 -15.54 36.81 -58.55
N PHE E 565 -16.84 37.09 -58.42
CA PHE E 565 -17.62 36.80 -57.23
C PHE E 565 -18.79 35.91 -57.60
N ARG E 566 -18.79 34.67 -57.12
CA ARG E 566 -19.86 33.72 -57.37
C ARG E 566 -20.69 33.57 -56.09
N ILE E 567 -21.93 34.07 -56.12
CA ILE E 567 -22.78 34.16 -54.94
C ILE E 567 -24.00 33.28 -55.12
N SER E 568 -24.36 32.54 -54.07
CA SER E 568 -25.50 31.64 -54.09
C SER E 568 -26.27 31.74 -52.78
N GLN E 569 -27.34 30.96 -52.67
CA GLN E 569 -28.21 30.94 -51.50
C GLN E 569 -27.99 29.72 -50.62
N ASP E 570 -27.09 28.83 -50.99
CA ASP E 570 -26.93 27.57 -50.27
C ASP E 570 -25.97 27.74 -49.10
N THR E 571 -26.40 27.28 -47.93
CA THR E 571 -25.59 27.30 -46.70
C THR E 571 -25.05 28.69 -46.39
N SER F 2 -19.21 32.03 -67.69
CA SER F 2 -19.05 33.37 -68.25
C SER F 2 -17.72 33.48 -68.97
N GLU F 3 -17.57 34.50 -69.81
CA GLU F 3 -16.33 34.76 -70.53
C GLU F 3 -15.72 36.08 -70.07
N TYR F 4 -14.40 36.10 -69.94
CA TYR F 4 -13.66 37.23 -69.37
C TYR F 4 -12.67 37.72 -70.42
N GLN F 5 -12.99 38.84 -71.09
CA GLN F 5 -12.14 39.38 -72.13
C GLN F 5 -11.55 40.74 -71.81
N SER F 6 -12.16 41.51 -70.91
CA SER F 6 -11.59 42.78 -70.48
C SER F 6 -11.52 42.83 -68.96
N PRO F 7 -10.51 43.49 -68.41
CA PRO F 7 -10.32 43.49 -66.96
C PRO F 7 -11.42 44.22 -66.22
N GLY F 8 -11.72 43.74 -65.02
CA GLY F 8 -12.73 44.36 -64.19
C GLY F 8 -13.20 43.41 -63.10
N VAL F 9 -14.33 43.78 -62.51
CA VAL F 9 -14.98 43.01 -61.45
C VAL F 9 -16.24 42.36 -62.02
N TYR F 10 -16.44 41.09 -61.68
CA TYR F 10 -17.59 40.33 -62.14
C TYR F 10 -18.32 39.72 -60.95
N VAL F 11 -19.65 39.82 -60.95
CA VAL F 11 -20.49 39.23 -59.92
C VAL F 11 -21.49 38.29 -60.59
N GLU F 12 -21.54 37.05 -60.13
CA GLU F 12 -22.35 36.01 -60.76
C GLU F 12 -23.21 35.30 -59.74
N GLU F 13 -24.40 34.89 -60.17
CA GLU F 13 -25.35 34.18 -59.32
C GLU F 13 -25.35 32.70 -59.66
N VAL F 14 -25.45 31.88 -58.62
CA VAL F 14 -25.43 30.43 -58.74
C VAL F 14 -26.77 29.87 -58.27
N GLN F 15 -27.14 28.72 -58.81
CA GLN F 15 -28.35 28.03 -58.38
C GLN F 15 -28.10 27.25 -57.10
N SER F 16 -29.12 27.20 -56.23
CA SER F 16 -28.99 26.60 -54.91
C SER F 16 -29.30 25.11 -54.96
N GLY F 17 -29.28 24.48 -53.79
CA GLY F 17 -29.34 23.03 -53.69
C GLY F 17 -30.71 22.40 -53.53
N SER F 18 -31.78 23.18 -53.44
CA SER F 18 -33.12 22.62 -53.37
C SER F 18 -34.13 23.70 -53.71
N LYS F 19 -35.23 23.28 -54.31
CA LYS F 19 -36.31 24.17 -54.71
C LYS F 19 -37.62 23.67 -54.12
N SER F 20 -38.38 24.59 -53.55
CA SER F 20 -39.58 24.21 -52.81
C SER F 20 -40.73 23.84 -53.74
N VAL F 21 -41.53 22.88 -53.29
CA VAL F 21 -42.77 22.50 -53.94
C VAL F 21 -43.93 22.96 -53.05
N GLU F 22 -44.99 23.45 -53.67
CA GLU F 22 -46.15 23.94 -52.95
C GLU F 22 -47.38 23.13 -53.33
N GLY F 23 -48.20 22.80 -52.33
CA GLY F 23 -49.41 22.04 -52.58
C GLY F 23 -50.49 22.86 -53.28
N VAL F 24 -51.37 22.14 -53.97
CA VAL F 24 -52.42 22.76 -54.77
C VAL F 24 -53.74 22.73 -54.01
N SER F 25 -54.70 23.50 -54.51
CA SER F 25 -56.04 23.53 -53.92
C SER F 25 -56.74 22.19 -54.08
N THR F 26 -57.61 21.86 -53.13
CA THR F 26 -58.29 20.57 -53.11
C THR F 26 -59.76 20.61 -52.72
N SER F 27 -60.40 21.77 -52.60
CA SER F 27 -61.77 21.83 -52.11
C SER F 27 -62.69 22.68 -52.99
N THR F 28 -62.39 22.79 -54.28
CA THR F 28 -63.24 23.51 -55.22
C THR F 28 -64.09 22.51 -56.01
N ALA F 29 -65.33 22.90 -56.31
CA ALA F 29 -66.28 22.04 -56.99
C ALA F 29 -66.79 22.69 -58.27
N GLY F 30 -67.38 21.87 -59.12
CA GLY F 30 -67.98 22.35 -60.35
C GLY F 30 -69.38 21.80 -60.52
N PHE F 31 -70.31 22.68 -60.88
CA PHE F 31 -71.71 22.31 -61.03
C PHE F 31 -72.23 22.69 -62.40
N LEU F 32 -73.13 21.87 -62.94
CA LEU F 32 -73.77 22.11 -64.23
C LEU F 32 -75.27 21.94 -64.09
N GLY F 33 -76.02 22.75 -64.83
CA GLY F 33 -77.47 22.68 -64.77
C GLY F 33 -78.11 23.96 -65.26
N GLN F 34 -79.43 23.97 -65.22
CA GLN F 34 -80.24 25.04 -65.81
C GLN F 34 -80.52 26.14 -64.80
N THR F 35 -80.56 27.38 -65.30
CA THR F 35 -80.87 28.57 -64.52
C THR F 35 -81.81 29.44 -65.36
N GLU F 36 -82.26 30.56 -64.79
CA GLU F 36 -83.14 31.48 -65.50
C GLU F 36 -82.40 32.64 -66.13
N ARG F 37 -81.34 33.14 -65.49
CA ARG F 37 -80.53 34.24 -66.00
C ARG F 37 -79.08 33.79 -66.03
N GLY F 38 -78.22 34.65 -66.58
CA GLY F 38 -76.80 34.48 -66.41
C GLY F 38 -76.03 34.19 -67.69
N PRO F 39 -74.72 34.33 -67.63
CA PRO F 39 -73.88 33.98 -68.78
C PRO F 39 -73.66 32.47 -68.87
N VAL F 40 -73.19 32.04 -70.03
CA VAL F 40 -72.94 30.62 -70.27
C VAL F 40 -71.46 30.26 -70.20
N GLU F 41 -70.59 31.20 -69.86
CA GLU F 41 -69.22 30.85 -69.54
C GLU F 41 -69.09 30.57 -68.04
N PRO F 42 -68.19 29.68 -67.65
CA PRO F 42 -68.09 29.30 -66.22
C PRO F 42 -67.64 30.47 -65.37
N ARG F 43 -68.29 30.63 -64.21
CA ARG F 43 -67.97 31.74 -63.31
C ARG F 43 -67.78 31.23 -61.90
N LEU F 44 -66.91 31.90 -61.16
CA LEU F 44 -66.60 31.50 -59.79
C LEU F 44 -67.54 32.19 -58.81
N VAL F 45 -68.04 31.42 -57.86
CA VAL F 45 -68.97 31.88 -56.82
C VAL F 45 -68.41 31.42 -55.48
N THR F 46 -68.47 32.31 -54.48
CA THR F 46 -67.94 32.01 -53.16
C THR F 46 -68.98 32.11 -52.06
N ASN F 47 -70.26 32.24 -52.42
CA ASN F 47 -71.30 32.53 -51.45
C ASN F 47 -72.64 32.39 -52.17
N TYR F 48 -73.69 32.09 -51.40
CA TYR F 48 -74.98 31.82 -52.03
C TYR F 48 -75.66 33.10 -52.51
N ALA F 49 -75.41 34.22 -51.84
CA ALA F 49 -75.99 35.49 -52.29
C ALA F 49 -75.41 35.90 -53.63
N ASP F 50 -74.12 35.63 -53.86
CA ASP F 50 -73.53 35.82 -55.19
C ASP F 50 -74.28 35.01 -56.23
N PHE F 51 -74.61 33.77 -55.91
CA PHE F 51 -75.33 32.92 -56.85
C PHE F 51 -76.70 33.50 -57.19
N GLU F 52 -77.47 33.88 -56.17
CA GLU F 52 -78.78 34.46 -56.45
C GLU F 52 -78.67 35.77 -57.22
N ARG F 53 -77.61 36.54 -56.97
CA ARG F 53 -77.46 37.82 -57.67
C ARG F 53 -77.08 37.65 -59.13
N LEU F 54 -76.22 36.68 -59.46
CA LEU F 54 -75.75 36.51 -60.83
C LEU F 54 -76.66 35.64 -61.69
N TYR F 55 -77.35 34.68 -61.09
CA TYR F 55 -78.07 33.67 -61.85
C TYR F 55 -79.57 33.65 -61.57
N GLY F 56 -79.99 33.75 -60.32
CA GLY F 56 -81.41 33.70 -60.01
C GLY F 56 -81.89 32.35 -59.51
N ALA F 57 -83.05 31.92 -59.98
CA ALA F 57 -83.64 30.65 -59.58
C ALA F 57 -83.61 29.66 -60.75
N SER F 58 -83.95 28.41 -60.43
CA SER F 58 -84.00 27.35 -61.43
C SER F 58 -85.43 27.13 -61.91
N PRO F 59 -85.62 26.70 -63.16
CA PRO F 59 -86.95 26.32 -63.61
C PRO F 59 -87.43 25.06 -62.93
N LYS F 60 -88.64 24.63 -63.28
CA LYS F 60 -89.25 23.47 -62.64
C LYS F 60 -88.62 22.16 -63.09
N SER F 61 -87.80 22.18 -64.13
CA SER F 61 -87.18 20.98 -64.66
C SER F 61 -85.73 20.81 -64.21
N SER F 62 -85.31 21.56 -63.19
CA SER F 62 -83.93 21.51 -62.73
C SER F 62 -83.90 21.69 -61.22
N ASP F 63 -82.81 21.21 -60.61
CA ASP F 63 -82.64 21.32 -59.16
C ASP F 63 -81.24 21.81 -58.83
N LEU F 64 -80.77 22.83 -59.54
CA LEU F 64 -79.45 23.38 -59.32
C LEU F 64 -79.42 24.27 -58.07
N ASP F 65 -80.41 25.14 -57.94
CA ASP F 65 -80.49 26.04 -56.81
C ASP F 65 -80.43 25.29 -55.49
N ALA F 66 -81.16 24.18 -55.41
CA ALA F 66 -81.20 23.37 -54.20
C ALA F 66 -79.84 22.74 -53.92
N ALA F 67 -79.13 22.31 -54.96
CA ALA F 67 -77.84 21.67 -54.78
C ALA F 67 -76.78 22.67 -54.33
N VAL F 68 -76.80 23.89 -54.88
CA VAL F 68 -75.83 24.90 -54.47
C VAL F 68 -76.12 25.34 -53.04
N ASP F 69 -77.40 25.46 -52.67
CA ASP F 69 -77.76 25.78 -51.30
C ASP F 69 -77.28 24.70 -50.35
N GLY F 70 -77.47 23.42 -50.69
CA GLY F 70 -76.96 22.35 -49.86
C GLY F 70 -75.46 22.32 -49.78
N PHE F 71 -74.78 22.73 -50.86
CA PHE F 71 -73.32 22.81 -50.83
C PHE F 71 -72.85 23.83 -49.81
N PHE F 72 -73.44 25.04 -49.84
CA PHE F 72 -72.95 26.08 -48.95
C PHE F 72 -73.46 25.94 -47.52
N LYS F 73 -74.57 25.23 -47.29
CA LYS F 73 -75.03 24.99 -45.92
C LYS F 73 -74.16 23.99 -45.18
N ASN F 74 -73.34 23.22 -45.88
CA ASN F 74 -72.55 22.15 -45.29
C ASN F 74 -71.09 22.50 -45.13
N GLY F 75 -70.71 23.74 -45.40
CA GLY F 75 -69.34 24.17 -45.23
C GLY F 75 -68.49 24.25 -46.47
N GLY F 76 -69.10 24.33 -47.65
CA GLY F 76 -68.31 24.47 -48.86
C GLY F 76 -67.80 25.89 -49.05
N SER F 77 -66.71 26.00 -49.79
CA SER F 77 -65.98 27.26 -49.94
C SER F 77 -66.15 27.91 -51.31
N ARG F 78 -65.97 27.17 -52.40
CA ARG F 78 -65.93 27.78 -53.73
C ARG F 78 -66.59 26.87 -54.75
N CYS F 79 -67.42 27.47 -55.60
CA CYS F 79 -68.07 26.78 -56.71
C CYS F 79 -67.65 27.40 -58.02
N PHE F 80 -67.60 26.57 -59.07
CA PHE F 80 -67.58 27.04 -60.44
C PHE F 80 -68.90 26.64 -61.08
N ILE F 81 -69.67 27.62 -61.53
CA ILE F 81 -70.99 27.40 -62.10
C ILE F 81 -70.88 27.49 -63.61
N GLY F 82 -71.47 26.51 -64.30
CA GLY F 82 -71.63 26.53 -65.74
C GLY F 82 -73.09 26.36 -66.13
N ARG F 83 -73.65 27.36 -66.79
CA ARG F 83 -75.07 27.39 -67.12
C ARG F 83 -75.31 26.67 -68.45
N VAL F 84 -76.22 25.70 -68.44
CA VAL F 84 -76.62 24.96 -69.63
C VAL F 84 -77.97 25.50 -70.09
N SER F 85 -78.08 25.81 -71.38
CA SER F 85 -79.28 26.44 -71.90
C SER F 85 -79.73 25.76 -73.17
N GLY F 86 -81.05 25.62 -73.33
CA GLY F 86 -81.62 25.06 -74.54
C GLY F 86 -81.78 26.03 -75.69
N ALA F 87 -81.52 27.31 -75.46
CA ALA F 87 -81.62 28.32 -76.50
C ALA F 87 -80.27 28.55 -77.17
N ASP F 88 -80.32 29.03 -78.41
CA ASP F 88 -79.09 29.37 -79.12
C ASP F 88 -78.33 30.47 -78.39
N ILE F 89 -76.99 30.39 -78.46
CA ILE F 89 -76.15 31.31 -77.72
C ILE F 89 -76.32 32.75 -78.16
N ASP F 90 -76.75 32.98 -79.40
CA ASP F 90 -76.90 34.32 -79.94
C ASP F 90 -78.35 34.82 -79.93
N ASP F 91 -79.25 34.08 -79.28
CA ASP F 91 -80.64 34.51 -79.11
C ASP F 91 -80.71 35.41 -77.88
N VAL F 92 -80.22 36.64 -78.06
CA VAL F 92 -80.04 37.59 -76.98
C VAL F 92 -80.82 38.86 -77.31
N ALA F 93 -81.41 39.48 -76.29
CA ALA F 93 -82.12 40.75 -76.47
C ALA F 93 -81.14 41.90 -76.56
N THR F 94 -81.46 42.87 -77.41
CA THR F 94 -80.59 44.00 -77.71
C THR F 94 -81.35 45.31 -77.64
N GLY F 95 -80.64 46.41 -77.81
CA GLY F 95 -81.21 47.74 -77.76
C GLY F 95 -80.23 48.76 -78.30
N ILE F 96 -80.69 50.01 -78.34
CA ILE F 96 -79.94 51.11 -78.96
C ILE F 96 -80.14 52.38 -78.14
N LEU F 97 -79.08 53.17 -78.00
CA LEU F 97 -79.15 54.50 -77.39
C LEU F 97 -78.89 55.55 -78.46
N ALA F 98 -79.68 56.63 -78.43
CA ALA F 98 -79.66 57.66 -79.45
C ALA F 98 -79.25 59.00 -78.87
N ASP F 99 -78.75 59.88 -79.74
CA ASP F 99 -78.22 61.17 -79.35
C ASP F 99 -79.26 62.28 -79.56
N ASP F 100 -78.78 63.54 -79.49
CA ASP F 100 -79.66 64.70 -79.54
C ASP F 100 -80.51 64.75 -80.79
N GLU F 101 -79.92 64.54 -81.97
CA GLU F 101 -80.67 64.62 -83.23
C GLU F 101 -80.88 63.26 -83.88
N GLY F 102 -80.74 62.17 -83.14
CA GLY F 102 -81.12 60.86 -83.64
C GLY F 102 -80.01 60.08 -84.30
N ASN F 103 -78.88 59.93 -83.63
CA ASN F 103 -77.79 59.07 -84.07
C ASN F 103 -77.57 57.99 -83.03
N GLU F 104 -77.45 56.74 -83.48
CA GLU F 104 -77.17 55.66 -82.54
C GLU F 104 -75.73 55.75 -82.08
N ILE F 105 -75.55 55.94 -80.77
CA ILE F 105 -74.22 56.17 -80.21
C ILE F 105 -73.70 54.97 -79.42
N ALA F 106 -74.59 54.10 -78.93
CA ALA F 106 -74.19 52.95 -78.15
C ALA F 106 -75.11 51.78 -78.47
N GLU F 107 -74.69 50.60 -78.04
CA GLU F 107 -75.48 49.39 -78.26
C GLU F 107 -75.49 48.57 -76.97
N VAL F 108 -76.69 48.23 -76.51
CA VAL F 108 -76.92 47.55 -75.24
C VAL F 108 -77.34 46.12 -75.53
N GLU F 109 -76.82 45.17 -74.74
CA GLU F 109 -77.08 43.76 -74.99
C GLU F 109 -77.18 43.01 -73.68
N ALA F 110 -78.14 42.09 -73.59
CA ALA F 110 -78.33 41.32 -72.36
C ALA F 110 -77.13 40.44 -72.08
N ASN F 111 -76.97 40.09 -70.81
CA ASN F 111 -75.84 39.28 -70.35
C ASN F 111 -76.21 37.80 -70.30
N GLY F 112 -76.57 37.27 -71.46
CA GLY F 112 -76.97 35.88 -71.57
C GLY F 112 -78.20 35.70 -72.44
N PRO F 113 -78.36 34.52 -73.01
CA PRO F 113 -79.50 34.27 -73.90
C PRO F 113 -80.74 33.83 -73.14
N GLY F 114 -81.88 34.09 -73.75
CA GLY F 114 -83.17 33.71 -73.21
C GLY F 114 -84.16 34.84 -73.22
N GLN F 115 -85.40 34.50 -72.87
CA GLN F 115 -86.50 35.45 -72.87
C GLN F 115 -86.43 36.44 -71.72
N TRP F 116 -85.66 36.14 -70.66
CA TRP F 116 -85.57 37.03 -69.53
C TRP F 116 -85.11 38.42 -69.92
N GLY F 117 -84.24 38.53 -70.93
CA GLY F 117 -83.75 39.82 -71.38
C GLY F 117 -84.83 40.74 -71.89
N GLU F 118 -86.02 40.23 -72.20
CA GLU F 118 -87.12 41.08 -72.61
C GLU F 118 -87.69 41.89 -71.45
N SER F 119 -87.27 41.62 -70.22
CA SER F 119 -87.80 42.29 -69.04
C SER F 119 -86.79 43.22 -68.38
N VAL F 120 -85.78 43.67 -69.12
CA VAL F 120 -84.76 44.58 -68.63
C VAL F 120 -85.04 45.97 -69.17
N ALA F 121 -85.07 46.96 -68.29
CA ALA F 121 -85.29 48.34 -68.68
C ALA F 121 -84.06 49.18 -68.37
N VAL F 122 -83.70 50.05 -69.32
CA VAL F 122 -82.57 50.97 -69.18
C VAL F 122 -83.11 52.39 -69.18
N ILE F 123 -82.68 53.18 -68.20
CA ILE F 123 -83.16 54.54 -67.98
C ILE F 123 -81.98 55.49 -67.94
N VAL F 124 -82.04 56.54 -68.76
CA VAL F 124 -80.99 57.56 -68.82
C VAL F 124 -81.57 58.87 -68.31
N GLU F 125 -80.84 59.53 -67.40
CA GLU F 125 -81.24 60.84 -66.90
C GLU F 125 -80.02 61.74 -66.85
N ASP F 126 -80.26 63.03 -66.65
CA ASP F 126 -79.18 64.02 -66.66
C ASP F 126 -78.75 64.39 -65.24
N SER F 127 -77.46 64.71 -65.11
CA SER F 127 -76.84 64.97 -63.82
C SER F 127 -76.73 66.47 -63.57
N GLN F 128 -76.56 66.82 -62.29
CA GLN F 128 -76.45 68.21 -61.87
C GLN F 128 -75.12 68.86 -62.27
N TYR F 129 -74.14 68.07 -62.65
CA TYR F 129 -72.86 68.63 -63.06
C TYR F 129 -72.76 68.69 -64.58
N PRO F 130 -72.08 69.69 -65.11
CA PRO F 130 -71.97 69.83 -66.57
C PRO F 130 -71.28 68.63 -67.20
N ASN F 131 -71.85 68.18 -68.33
CA ASN F 131 -71.29 67.10 -69.14
C ASN F 131 -71.32 65.75 -68.43
N GLN F 132 -72.36 65.49 -67.64
CA GLN F 132 -72.47 64.23 -66.90
C GLN F 132 -73.92 63.77 -66.90
N PHE F 133 -74.11 62.46 -66.75
CA PHE F 133 -75.44 61.88 -66.76
C PHE F 133 -75.45 60.61 -65.92
N ASP F 134 -76.66 60.16 -65.56
CA ASP F 134 -76.87 58.97 -64.75
C ASP F 134 -77.55 57.89 -65.58
N ILE F 135 -77.24 56.63 -65.25
CA ILE F 135 -77.84 55.47 -65.92
C ILE F 135 -78.35 54.50 -64.87
N THR F 136 -79.52 53.92 -65.12
CA THR F 136 -80.13 52.94 -64.22
C THR F 136 -80.60 51.74 -65.03
N VAL F 137 -80.45 50.54 -64.46
CA VAL F 137 -80.89 49.29 -65.08
C VAL F 137 -81.77 48.55 -64.10
N ARG F 138 -82.96 48.14 -64.56
CA ARG F 138 -83.96 47.49 -63.71
C ARG F 138 -84.42 46.18 -64.33
N TYR F 139 -84.72 45.20 -63.48
CA TYR F 139 -85.19 43.90 -63.94
C TYR F 139 -86.28 43.36 -63.01
N TRP F 140 -87.39 42.93 -63.62
CA TRP F 140 -88.52 42.32 -62.93
C TRP F 140 -88.62 40.85 -63.30
N SER F 141 -88.83 39.99 -62.30
CA SER F 141 -88.91 38.55 -62.53
C SER F 141 -90.30 38.07 -62.95
N GLY F 142 -91.34 38.83 -62.66
CA GLY F 142 -92.69 38.41 -62.92
C GLY F 142 -93.27 39.02 -64.18
N ASP F 143 -94.57 39.29 -64.14
CA ASP F 143 -95.30 39.78 -65.29
C ASP F 143 -94.97 41.24 -65.58
N LEU F 144 -94.90 41.58 -66.87
CA LEU F 144 -94.71 42.97 -67.26
C LEU F 144 -96.03 43.72 -67.37
N GLU F 145 -97.13 42.99 -67.63
CA GLU F 145 -98.44 43.60 -67.77
C GLU F 145 -98.90 44.31 -66.50
N ALA F 146 -98.34 43.96 -65.34
CA ALA F 146 -98.75 44.52 -64.07
C ALA F 146 -97.85 45.63 -63.57
N VAL F 147 -96.79 45.96 -64.29
CA VAL F 147 -95.85 47.00 -63.87
C VAL F 147 -96.46 48.35 -64.26
N SER F 148 -96.77 49.16 -63.25
CA SER F 148 -97.48 50.41 -63.49
C SER F 148 -96.54 51.52 -63.91
N LYS F 149 -95.57 51.86 -63.04
CA LYS F 149 -94.65 52.98 -63.26
C LYS F 149 -93.22 52.43 -63.31
N PRO F 150 -92.80 51.88 -64.44
CA PRO F 150 -91.42 51.38 -64.53
C PRO F 150 -90.38 52.47 -64.49
N HIS F 151 -90.76 53.71 -64.81
CA HIS F 151 -89.82 54.82 -64.86
C HIS F 151 -89.79 55.66 -63.59
N GLY F 152 -90.83 55.59 -62.76
CA GLY F 152 -90.89 56.39 -61.56
C GLY F 152 -89.92 55.92 -60.49
N ASP F 153 -89.88 56.70 -59.40
CA ASP F 153 -89.00 56.37 -58.28
C ASP F 153 -89.46 55.15 -57.51
N ARG F 154 -90.71 54.73 -57.67
CA ARG F 154 -91.24 53.55 -56.98
C ARG F 154 -92.22 52.83 -57.91
N PRO F 155 -91.74 51.83 -58.65
CA PRO F 155 -92.65 51.05 -59.51
C PRO F 155 -93.63 50.25 -58.68
N ASP F 156 -94.71 49.81 -59.34
CA ASP F 156 -95.80 49.15 -58.62
C ASP F 156 -95.36 47.87 -57.94
N PRO F 157 -94.79 46.86 -58.64
CA PRO F 157 -94.02 45.83 -57.93
C PRO F 157 -92.54 46.23 -57.91
N SER F 158 -91.94 46.19 -56.74
CA SER F 158 -90.55 46.56 -56.60
C SER F 158 -89.68 45.65 -57.48
N PRO F 159 -88.77 46.20 -58.27
CA PRO F 159 -88.01 45.36 -59.21
C PRO F 159 -87.12 44.36 -58.49
N ASP F 160 -86.84 43.26 -59.20
CA ASP F 160 -86.03 42.20 -58.61
C ASP F 160 -84.55 42.56 -58.58
N VAL F 161 -84.06 43.26 -59.61
CA VAL F 161 -82.67 43.69 -59.65
C VAL F 161 -82.61 45.16 -60.02
N GLU F 162 -81.68 45.89 -59.39
CA GLU F 162 -81.53 47.34 -59.49
C GLU F 162 -80.06 47.68 -59.58
N GLU F 163 -79.69 48.54 -60.53
CA GLU F 163 -78.30 49.01 -60.63
C GLU F 163 -78.28 50.47 -61.04
N VAL F 164 -77.44 51.26 -60.38
CA VAL F 164 -77.36 52.70 -60.61
C VAL F 164 -75.91 53.09 -60.81
N TYR F 165 -75.64 53.95 -61.79
CA TYR F 165 -74.31 54.48 -62.07
C TYR F 165 -74.42 55.99 -62.30
N ASP F 166 -73.70 56.77 -61.50
CA ASP F 166 -73.95 58.20 -61.36
C ASP F 166 -72.99 59.07 -62.16
N GLY F 167 -71.68 58.96 -61.93
CA GLY F 167 -70.78 59.93 -62.54
C GLY F 167 -70.25 59.54 -63.91
N LEU F 168 -71.10 59.54 -64.92
CA LEU F 168 -70.70 59.06 -66.24
C LEU F 168 -70.38 60.22 -67.18
N SER F 169 -69.55 59.93 -68.17
CA SER F 169 -69.13 60.90 -69.17
C SER F 169 -69.05 60.23 -70.53
N ALA F 170 -68.94 61.06 -71.57
CA ALA F 170 -68.80 60.58 -72.94
C ALA F 170 -67.40 60.79 -73.49
N ASP F 171 -66.40 61.03 -72.64
CA ASP F 171 -65.02 61.19 -73.07
C ASP F 171 -64.31 59.85 -73.02
N PRO F 172 -63.86 59.31 -74.16
CA PRO F 172 -63.26 57.96 -74.15
C PRO F 172 -61.95 57.86 -73.39
N GLU F 173 -61.24 58.97 -73.18
CA GLU F 173 -59.96 58.93 -72.50
C GLU F 173 -60.08 59.16 -71.00
N ALA F 174 -61.27 59.44 -70.50
CA ALA F 174 -61.51 59.62 -69.07
C ALA F 174 -61.71 58.27 -68.40
N SER F 175 -61.63 58.28 -67.07
CA SER F 175 -61.87 57.07 -66.30
C SER F 175 -63.33 56.89 -65.92
N ASN F 176 -64.16 57.91 -66.12
CA ASN F 176 -65.60 57.80 -65.92
C ASN F 176 -66.37 57.67 -67.24
N PHE F 177 -65.70 57.22 -68.30
CA PHE F 177 -66.39 56.87 -69.53
C PHE F 177 -67.35 55.71 -69.27
N TYR F 178 -68.55 55.80 -69.84
CA TYR F 178 -69.61 54.86 -69.44
C TYR F 178 -69.29 53.43 -69.86
N GLU F 179 -68.53 53.26 -70.95
CA GLU F 179 -68.14 51.91 -71.36
C GLU F 179 -67.28 51.23 -70.30
N LYS F 180 -66.44 51.97 -69.59
CA LYS F 180 -65.60 51.38 -68.57
C LYS F 180 -66.33 51.20 -67.25
N GLN F 181 -67.33 52.05 -66.98
CA GLN F 181 -68.02 51.97 -65.70
C GLN F 181 -69.10 50.90 -65.70
N LEU F 182 -69.82 50.76 -66.81
CA LEU F 182 -70.87 49.74 -66.90
C LEU F 182 -70.32 48.35 -67.16
N GLU F 183 -69.00 48.15 -67.08
CA GLU F 183 -68.44 46.85 -67.41
C GLU F 183 -68.68 45.85 -66.29
N SER F 184 -68.79 46.32 -65.06
CA SER F 184 -69.12 45.46 -63.92
C SER F 184 -70.61 45.56 -63.67
N SER F 185 -71.38 44.78 -64.43
CA SER F 185 -72.83 44.76 -64.34
C SER F 185 -73.30 43.34 -64.63
N VAL F 186 -74.20 42.84 -63.79
CA VAL F 186 -74.68 41.47 -63.96
C VAL F 186 -75.84 41.35 -64.94
N LEU F 187 -76.27 42.45 -65.56
CA LEU F 187 -77.46 42.43 -66.39
C LEU F 187 -77.18 42.72 -67.86
N VAL F 188 -76.38 43.74 -68.18
CA VAL F 188 -76.26 44.24 -69.55
C VAL F 188 -74.79 44.40 -69.90
N ASP F 189 -74.56 44.71 -71.18
CA ASP F 189 -73.26 45.03 -71.76
C ASP F 189 -73.43 46.19 -72.72
N ILE F 190 -72.46 47.10 -72.73
CA ILE F 190 -72.50 48.30 -73.56
C ILE F 190 -71.34 48.26 -74.55
N GLU F 191 -71.61 48.71 -75.77
CA GLU F 191 -70.55 48.86 -76.77
C GLU F 191 -70.67 50.21 -77.44
N TYR F 192 -69.53 50.87 -77.64
CA TYR F 192 -69.50 52.24 -78.14
C TYR F 192 -69.53 52.25 -79.67
N LYS F 193 -70.32 53.16 -80.24
CA LYS F 193 -70.46 53.28 -81.68
C LYS F 193 -70.01 54.64 -82.21
N ASP F 194 -70.56 55.74 -81.68
CA ASP F 194 -70.35 57.06 -82.28
C ASP F 194 -70.29 58.10 -81.17
N ASP F 195 -69.92 59.32 -81.55
CA ASP F 195 -69.72 60.41 -80.61
C ASP F 195 -71.05 61.06 -80.27
N GLY F 196 -71.28 61.30 -78.98
CA GLY F 196 -72.50 61.95 -78.54
C GLY F 196 -72.80 61.61 -77.10
N THR F 197 -73.96 62.08 -76.66
CA THR F 197 -74.46 61.80 -75.32
C THR F 197 -75.95 61.47 -75.42
N PRO F 198 -76.43 60.48 -74.68
CA PRO F 198 -77.80 60.01 -74.88
C PRO F 198 -78.83 60.95 -74.28
N VAL F 199 -80.05 60.87 -74.82
CA VAL F 199 -81.18 61.65 -74.33
C VAL F 199 -81.87 60.86 -73.22
N ASP F 200 -82.60 61.58 -72.37
CA ASP F 200 -83.25 60.96 -71.22
C ASP F 200 -84.40 60.06 -71.65
N GLY F 201 -84.75 59.13 -70.78
CA GLY F 201 -85.92 58.30 -71.00
C GLY F 201 -85.64 56.85 -70.68
N LEU F 202 -86.64 56.01 -70.96
CA LEU F 202 -86.62 54.59 -70.66
C LEU F 202 -86.69 53.79 -71.96
N THR F 203 -86.11 52.59 -71.95
CA THR F 203 -86.15 51.73 -73.12
C THR F 203 -86.03 50.27 -72.69
N TRP F 204 -86.77 49.41 -73.40
CA TRP F 204 -86.76 47.97 -73.19
C TRP F 204 -85.95 47.27 -74.28
N LEU F 205 -85.42 46.10 -73.96
CA LEU F 205 -84.67 45.30 -74.90
C LEU F 205 -85.60 44.34 -75.63
N HIS F 206 -85.54 44.33 -76.96
CA HIS F 206 -86.51 43.64 -77.80
C HIS F 206 -85.85 42.57 -78.66
N ARG F 207 -86.69 41.86 -79.42
CA ARG F 207 -86.30 40.89 -80.44
C ARG F 207 -85.34 39.84 -79.87
N ASP F 208 -85.89 39.04 -78.97
CA ASP F 208 -85.18 37.87 -78.47
C ASP F 208 -85.09 36.78 -79.53
N VAL F 292 -83.36 20.71 -72.99
CA VAL F 292 -81.93 20.54 -73.21
C VAL F 292 -81.60 19.08 -73.51
N THR F 293 -80.49 18.86 -74.18
CA THR F 293 -80.05 17.54 -74.61
C THR F 293 -78.66 17.25 -74.05
N LEU F 294 -78.09 16.14 -74.49
CA LEU F 294 -76.73 15.77 -74.11
C LEU F 294 -75.70 16.66 -74.79
N LYS F 295 -75.98 17.11 -76.01
CA LYS F 295 -75.05 17.96 -76.74
C LYS F 295 -74.95 19.36 -76.15
N ASP F 296 -75.94 19.80 -75.37
CA ASP F 296 -75.82 21.05 -74.64
C ASP F 296 -74.99 20.91 -73.37
N TYR F 297 -75.05 19.75 -72.72
CA TYR F 297 -74.19 19.47 -71.59
C TYR F 297 -72.74 19.26 -72.01
N GLU F 298 -72.53 18.76 -73.23
CA GLU F 298 -71.17 18.65 -73.75
C GLU F 298 -70.54 20.03 -73.98
N GLY F 299 -71.32 20.97 -74.52
CA GLY F 299 -70.88 22.33 -74.65
C GLY F 299 -70.30 22.66 -76.01
N VAL F 300 -70.12 23.95 -76.25
CA VAL F 300 -69.55 24.47 -77.47
C VAL F 300 -68.04 24.58 -77.31
N ASN F 301 -67.31 24.23 -78.37
CA ASN F 301 -65.85 24.35 -78.38
C ASN F 301 -65.46 25.07 -79.67
N LYS F 302 -65.37 26.39 -79.59
CA LYS F 302 -64.94 27.25 -80.68
C LYS F 302 -63.73 28.06 -80.23
N PRO F 303 -62.98 28.65 -81.16
CA PRO F 303 -61.75 29.37 -80.78
C PRO F 303 -61.95 30.42 -79.69
N GLY F 304 -63.09 31.09 -79.63
CA GLY F 304 -63.29 32.11 -78.62
C GLY F 304 -64.56 31.96 -77.80
N LEU F 305 -64.98 30.72 -77.54
CA LEU F 305 -66.21 30.47 -76.79
C LEU F 305 -66.23 29.02 -76.33
N ARG F 306 -66.39 28.82 -75.02
CA ARG F 306 -66.44 27.47 -74.44
C ARG F 306 -67.56 27.43 -73.41
N THR F 307 -68.43 26.44 -73.53
CA THR F 307 -69.50 26.20 -72.56
C THR F 307 -69.51 24.72 -72.19
N GLY F 308 -70.29 24.38 -71.16
CA GLY F 308 -70.46 22.99 -70.79
C GLY F 308 -69.22 22.42 -70.14
N LEU F 309 -68.86 21.19 -70.54
CA LEU F 309 -67.65 20.55 -70.03
C LEU F 309 -66.40 21.05 -70.75
N ALA F 310 -66.54 21.46 -72.01
CA ALA F 310 -65.43 22.06 -72.74
C ALA F 310 -64.92 23.32 -72.05
N GLY F 311 -65.83 24.06 -71.40
CA GLY F 311 -65.40 25.21 -70.63
C GLY F 311 -64.71 24.82 -69.33
N PHE F 312 -65.18 23.74 -68.70
CA PHE F 312 -64.56 23.31 -67.45
C PHE F 312 -63.17 22.75 -67.65
N LYS F 313 -62.90 22.13 -68.79
CA LYS F 313 -61.60 21.49 -68.96
C LYS F 313 -60.47 22.48 -69.23
N ALA F 314 -60.75 23.78 -69.21
CA ALA F 314 -59.73 24.82 -69.27
C ALA F 314 -59.55 25.54 -67.95
N ILE F 315 -60.12 25.01 -66.87
CA ILE F 315 -59.95 25.53 -65.52
C ILE F 315 -59.24 24.47 -64.72
N ASP F 316 -58.12 24.85 -64.08
CA ASP F 316 -57.30 23.90 -63.35
C ASP F 316 -57.49 23.94 -61.83
N GLU F 317 -58.51 24.64 -61.34
CA GLU F 317 -58.80 24.66 -59.92
C GLU F 317 -59.82 23.60 -59.51
N ILE F 318 -60.67 23.16 -60.44
CA ILE F 318 -61.74 22.23 -60.12
C ILE F 318 -61.16 20.88 -59.72
N SER F 319 -61.68 20.31 -58.64
CA SER F 319 -61.24 19.01 -58.16
C SER F 319 -62.35 17.98 -58.05
N MET F 320 -63.61 18.38 -58.19
CA MET F 320 -64.72 17.45 -58.22
C MET F 320 -65.88 18.06 -59.00
N VAL F 321 -66.57 17.23 -59.77
CA VAL F 321 -67.61 17.65 -60.69
C VAL F 321 -68.90 16.95 -60.33
N CYS F 322 -70.02 17.66 -60.44
CA CYS F 322 -71.33 17.04 -60.22
C CYS F 322 -72.36 17.67 -61.14
N ALA F 323 -73.28 16.83 -61.62
CA ALA F 323 -74.44 17.27 -62.39
C ALA F 323 -75.69 16.76 -61.70
N PRO F 324 -76.48 17.62 -61.06
CA PRO F 324 -77.65 17.13 -60.31
C PRO F 324 -78.67 16.37 -61.14
N ASP F 325 -78.90 16.76 -62.39
CA ASP F 325 -79.93 16.15 -63.23
C ASP F 325 -79.35 15.10 -64.18
N GLU F 326 -78.34 14.35 -63.73
CA GLU F 326 -77.65 13.41 -64.61
C GLU F 326 -78.50 12.21 -64.97
N ASN F 327 -79.60 11.96 -64.28
CA ASN F 327 -80.43 10.80 -64.53
C ASN F 327 -81.61 11.10 -65.46
N ASP F 328 -81.85 12.37 -65.78
CA ASP F 328 -82.87 12.74 -66.76
C ASP F 328 -82.33 12.80 -68.18
N ILE F 329 -81.02 12.89 -68.35
CA ILE F 329 -80.39 12.98 -69.66
C ILE F 329 -79.57 11.72 -69.86
N ASP F 330 -79.99 10.86 -70.79
CA ASP F 330 -79.30 9.60 -71.02
C ASP F 330 -77.97 9.83 -71.71
N GLY F 331 -76.93 9.17 -71.22
CA GLY F 331 -75.59 9.31 -71.77
C GLY F 331 -74.73 10.38 -71.13
N LEU F 332 -75.13 10.92 -69.98
CA LEU F 332 -74.36 11.96 -69.32
C LEU F 332 -73.42 11.41 -68.26
N THR F 333 -73.80 10.32 -67.59
CA THR F 333 -72.92 9.70 -66.60
C THR F 333 -71.59 9.27 -67.22
N ASP F 334 -71.67 8.60 -68.38
CA ASP F 334 -70.46 8.16 -69.05
C ASP F 334 -69.62 9.34 -69.50
N SER F 335 -70.26 10.40 -69.98
CA SER F 335 -69.51 11.59 -70.40
C SER F 335 -68.78 12.23 -69.23
N ILE F 336 -69.42 12.28 -68.05
CA ILE F 336 -68.77 12.87 -66.88
C ILE F 336 -67.59 12.01 -66.44
N VAL F 337 -67.78 10.69 -66.38
CA VAL F 337 -66.70 9.81 -65.96
C VAL F 337 -65.54 9.87 -66.95
N ALA F 338 -65.84 9.97 -68.25
CA ALA F 338 -64.80 10.06 -69.25
C ALA F 338 -64.05 11.39 -69.16
N HIS F 339 -64.76 12.47 -68.90
CA HIS F 339 -64.11 13.77 -68.68
C HIS F 339 -63.13 13.69 -67.51
N CYS F 340 -63.56 13.11 -66.40
CA CYS F 340 -62.67 13.03 -65.24
C CYS F 340 -61.49 12.09 -65.48
N GLU F 341 -61.70 11.01 -66.23
CA GLU F 341 -60.59 10.08 -66.50
C GLU F 341 -59.62 10.64 -67.53
N ASN F 342 -60.09 11.47 -68.46
CA ASN F 342 -59.20 12.02 -69.48
C ASN F 342 -58.42 13.22 -68.97
N MET F 343 -59.00 14.01 -68.06
CA MET F 343 -58.20 15.06 -67.43
C MET F 343 -57.20 14.47 -66.46
N GLY F 344 -57.62 13.48 -65.68
CA GLY F 344 -56.74 12.81 -64.74
C GLY F 344 -56.48 13.56 -63.46
N ASP F 345 -57.25 14.60 -63.15
CA ASP F 345 -57.01 15.40 -61.96
C ASP F 345 -58.29 15.80 -61.24
N ARG F 346 -59.39 15.10 -61.45
CA ARG F 346 -60.64 15.44 -60.78
C ARG F 346 -61.41 14.17 -60.49
N PHE F 347 -62.47 14.32 -59.70
CA PHE F 347 -63.23 13.20 -59.14
C PHE F 347 -64.71 13.43 -59.43
N ALA F 348 -65.44 12.34 -59.66
CA ALA F 348 -66.84 12.42 -60.04
C ALA F 348 -67.73 11.88 -58.93
N ILE F 349 -68.80 12.62 -58.63
CA ILE F 349 -69.78 12.25 -57.61
C ILE F 349 -71.09 11.91 -58.32
N LEU F 350 -71.65 10.74 -58.04
CA LEU F 350 -72.83 10.25 -58.71
C LEU F 350 -73.88 9.84 -57.68
N GLN F 351 -75.14 10.05 -58.04
CA GLN F 351 -76.26 9.70 -57.19
C GLN F 351 -77.17 8.70 -57.93
N SER F 352 -77.87 7.89 -57.15
CA SER F 352 -78.73 6.86 -57.69
C SER F 352 -79.99 7.47 -58.31
N PRO F 353 -80.78 6.68 -59.03
CA PRO F 353 -82.09 7.17 -59.46
C PRO F 353 -83.07 7.24 -58.29
N GLN F 354 -84.21 7.88 -58.55
CA GLN F 354 -85.24 7.95 -57.53
C GLN F 354 -85.90 6.59 -57.33
N ASN F 355 -85.91 5.74 -58.36
CA ASN F 355 -86.44 4.38 -58.27
C ASN F 355 -85.40 3.44 -58.87
N PRO F 356 -84.48 2.93 -58.06
CA PRO F 356 -83.41 2.07 -58.59
C PRO F 356 -83.76 0.60 -58.65
N GLY F 357 -84.94 0.18 -58.20
CA GLY F 357 -85.36 -1.19 -58.31
C GLY F 357 -85.23 -1.98 -57.02
N PRO F 358 -85.26 -3.30 -57.11
CA PRO F 358 -85.08 -4.13 -55.92
C PRO F 358 -83.63 -4.11 -55.42
N VAL F 359 -83.48 -4.33 -54.12
CA VAL F 359 -82.16 -4.20 -53.49
C VAL F 359 -81.21 -5.28 -53.99
N SER F 360 -81.71 -6.49 -54.19
CA SER F 360 -80.87 -7.61 -54.58
C SER F 360 -80.36 -7.51 -56.02
N GLU F 361 -80.74 -6.46 -56.76
CA GLU F 361 -80.39 -6.35 -58.16
C GLU F 361 -79.64 -5.06 -58.50
N MET F 362 -79.29 -4.26 -57.49
CA MET F 362 -78.65 -2.98 -57.74
C MET F 362 -77.19 -3.17 -58.12
N GLU F 363 -76.70 -2.30 -59.00
CA GLU F 363 -75.31 -2.30 -59.43
C GLU F 363 -74.87 -0.86 -59.63
N THR F 364 -73.58 -0.67 -59.75
CA THR F 364 -73.14 0.69 -60.07
C THR F 364 -73.13 0.89 -61.57
N PRO F 365 -73.34 2.12 -62.04
CA PRO F 365 -73.37 2.33 -63.50
C PRO F 365 -72.02 2.12 -64.17
N VAL F 366 -70.94 2.62 -63.57
CA VAL F 366 -69.62 2.49 -64.17
C VAL F 366 -68.71 1.70 -63.24
N ASP F 367 -67.50 1.38 -63.70
CA ASP F 367 -66.51 0.64 -62.93
C ASP F 367 -65.21 1.40 -62.88
N SER F 368 -65.30 2.71 -62.64
CA SER F 368 -64.15 3.59 -62.67
C SER F 368 -63.59 3.79 -61.27
N SER F 369 -62.29 4.09 -61.22
CA SER F 369 -61.64 4.51 -59.99
C SER F 369 -61.77 6.01 -59.76
N TYR F 370 -62.42 6.74 -60.65
CA TYR F 370 -62.53 8.19 -60.58
C TYR F 370 -63.93 8.65 -60.21
N ALA F 371 -64.72 7.79 -59.58
CA ALA F 371 -66.11 8.11 -59.29
C ALA F 371 -66.54 7.46 -57.98
N ALA F 372 -67.57 8.03 -57.37
CA ALA F 372 -68.20 7.49 -56.17
C ALA F 372 -69.71 7.63 -56.30
N TYR F 373 -70.44 6.74 -55.63
CA TYR F 373 -71.87 6.52 -55.86
C TYR F 373 -72.62 6.51 -54.54
N TYR F 374 -73.61 7.39 -54.41
CA TYR F 374 -74.30 7.61 -53.14
C TYR F 374 -75.80 7.35 -53.26
N TYR F 375 -76.41 6.97 -52.13
CA TYR F 375 -77.80 6.52 -52.11
C TYR F 375 -78.36 6.67 -50.69
N PRO F 376 -79.64 7.04 -50.51
CA PRO F 376 -80.75 7.49 -51.36
C PRO F 376 -80.93 9.01 -51.47
N TRP F 377 -82.12 9.44 -51.91
CA TRP F 377 -82.50 10.83 -52.04
C TRP F 377 -82.87 11.42 -50.68
N VAL F 378 -82.98 12.76 -50.62
CA VAL F 378 -83.23 13.48 -49.37
C VAL F 378 -84.42 14.41 -49.52
N ASN F 379 -84.87 14.95 -48.39
CA ASN F 379 -86.03 15.82 -48.30
C ASN F 379 -85.60 17.21 -47.83
N VAL F 380 -86.17 18.25 -48.45
CA VAL F 380 -85.84 19.64 -48.14
C VAL F 380 -87.12 20.46 -48.13
N LEU F 381 -87.02 21.68 -47.61
CA LEU F 381 -88.09 22.67 -47.68
C LEU F 381 -87.94 23.50 -48.95
N ASP F 382 -89.03 23.65 -49.69
CA ASP F 382 -89.00 24.37 -50.95
C ASP F 382 -89.38 25.82 -50.73
N PRO F 383 -88.52 26.78 -51.10
CA PRO F 383 -88.76 28.18 -50.73
C PRO F 383 -89.83 28.89 -51.54
N VAL F 384 -90.61 28.19 -52.37
CA VAL F 384 -91.70 28.81 -53.09
C VAL F 384 -93.06 28.22 -52.72
N THR F 385 -93.09 27.02 -52.14
CA THR F 385 -94.32 26.41 -51.65
C THR F 385 -94.32 26.19 -50.14
N ASN F 386 -93.15 26.23 -49.51
CA ASN F 386 -93.01 25.99 -48.07
C ASN F 386 -93.46 24.58 -47.70
N ARG F 387 -93.21 23.63 -48.59
CA ARG F 387 -93.54 22.24 -48.38
C ARG F 387 -92.28 21.40 -48.57
N GLU F 388 -92.35 20.13 -48.19
CA GLU F 388 -91.23 19.23 -48.42
C GLU F 388 -91.12 18.85 -49.89
N LYS F 389 -89.90 18.49 -50.29
CA LYS F 389 -89.60 18.17 -51.67
C LYS F 389 -88.41 17.22 -51.67
N LEU F 390 -88.43 16.27 -52.61
CA LEU F 390 -87.43 15.22 -52.67
C LEU F 390 -86.40 15.56 -53.74
N VAL F 391 -85.12 15.55 -53.36
CA VAL F 391 -84.03 15.97 -54.25
C VAL F 391 -82.88 14.98 -54.13
N PRO F 392 -81.98 14.96 -55.13
CA PRO F 392 -80.79 14.12 -55.02
C PRO F 392 -79.78 14.72 -54.07
N PRO F 393 -78.94 13.89 -53.44
CA PRO F 393 -78.04 14.38 -52.38
C PRO F 393 -76.67 14.86 -52.83
N GLY F 394 -76.47 15.18 -54.10
CA GLY F 394 -75.11 15.37 -54.60
C GLY F 394 -74.40 16.60 -54.04
N GLY F 395 -75.08 17.74 -54.00
CA GLY F 395 -74.43 18.97 -53.57
C GLY F 395 -74.10 18.98 -52.09
N HIS F 396 -74.99 18.42 -51.27
CA HIS F 396 -74.70 18.27 -49.84
C HIS F 396 -73.45 17.44 -49.62
N ILE F 397 -73.27 16.39 -50.43
CA ILE F 397 -72.12 15.51 -50.28
C ILE F 397 -70.85 16.21 -50.74
N ALA F 398 -70.93 17.00 -51.81
CA ALA F 398 -69.76 17.77 -52.23
C ALA F 398 -69.37 18.80 -51.16
N GLY F 399 -70.37 19.41 -50.50
CA GLY F 399 -70.06 20.30 -49.40
C GLY F 399 -69.38 19.60 -48.23
N ILE F 400 -69.80 18.38 -47.95
CA ILE F 400 -69.15 17.57 -46.91
C ILE F 400 -67.69 17.28 -47.30
N TYR F 401 -67.46 16.94 -48.57
CA TYR F 401 -66.09 16.75 -49.05
C TYR F 401 -65.24 17.97 -48.79
N SER F 402 -65.73 19.15 -49.19
CA SER F 402 -64.98 20.39 -49.02
C SER F 402 -64.69 20.67 -47.55
N ARG F 403 -65.69 20.49 -46.68
CA ARG F 403 -65.51 20.74 -45.25
C ARG F 403 -64.45 19.82 -44.66
N THR F 404 -64.55 18.52 -44.94
CA THR F 404 -63.57 17.57 -44.42
C THR F 404 -62.17 17.90 -44.91
N ASP F 405 -62.04 18.30 -46.17
CA ASP F 405 -60.73 18.69 -46.69
C ASP F 405 -60.19 19.91 -45.98
N GLN F 406 -61.06 20.85 -45.60
CA GLN F 406 -60.57 22.05 -44.93
C GLN F 406 -60.14 21.78 -43.49
N GLU F 407 -60.86 20.92 -42.77
CA GLU F 407 -60.59 20.78 -41.34
C GLU F 407 -59.74 19.56 -40.98
N HIS F 408 -59.55 18.60 -41.87
CA HIS F 408 -58.77 17.41 -41.55
C HIS F 408 -57.64 17.11 -42.52
N GLY F 409 -57.79 17.39 -43.79
CA GLY F 409 -56.85 16.99 -44.82
C GLY F 409 -57.50 16.08 -45.86
N VAL F 410 -56.77 15.88 -46.95
CA VAL F 410 -57.27 15.05 -48.05
C VAL F 410 -57.14 13.56 -47.77
N HIS F 411 -56.43 13.18 -46.71
CA HIS F 411 -56.26 11.79 -46.33
C HIS F 411 -57.35 11.28 -45.41
N LYS F 412 -58.31 12.12 -45.03
CA LYS F 412 -59.37 11.73 -44.12
C LYS F 412 -60.60 11.31 -44.92
N ALA F 413 -61.16 10.16 -44.56
CA ALA F 413 -62.34 9.66 -45.26
C ALA F 413 -63.55 10.53 -44.94
N PRO F 414 -64.27 11.03 -45.94
CA PRO F 414 -65.42 11.91 -45.69
C PRO F 414 -66.68 11.12 -45.32
N ALA F 415 -66.57 10.28 -44.29
CA ALA F 415 -67.69 9.50 -43.80
C ALA F 415 -67.73 9.61 -42.28
N ASN F 416 -68.86 9.19 -41.71
CA ASN F 416 -69.17 9.43 -40.29
C ASN F 416 -69.27 10.93 -40.02
N GLU F 417 -69.90 11.65 -40.96
CA GLU F 417 -70.10 13.09 -40.88
C GLU F 417 -71.57 13.40 -41.05
N THR F 418 -72.00 14.53 -40.47
CA THR F 418 -73.40 14.89 -40.44
C THR F 418 -73.79 15.68 -41.68
N LEU F 419 -75.04 15.48 -42.12
CA LEU F 419 -75.63 16.26 -43.21
C LEU F 419 -76.49 17.38 -42.63
N ARG F 420 -76.17 18.61 -43.01
CA ARG F 420 -76.92 19.78 -42.58
C ARG F 420 -77.76 20.32 -43.73
N GLY F 421 -78.94 20.81 -43.39
CA GLY F 421 -79.79 21.46 -44.36
C GLY F 421 -80.92 20.62 -44.92
N ILE F 422 -81.24 19.48 -44.31
CA ILE F 422 -82.26 18.59 -44.79
C ILE F 422 -83.28 18.35 -43.68
N VAL F 423 -84.34 17.63 -44.03
CA VAL F 423 -85.42 17.30 -43.11
C VAL F 423 -85.50 15.81 -42.84
N GLY F 424 -85.40 14.99 -43.87
CA GLY F 424 -85.43 13.55 -43.72
C GLY F 424 -84.87 12.88 -44.94
N LEU F 425 -84.97 11.55 -44.95
CA LEU F 425 -84.50 10.73 -46.05
C LEU F 425 -85.67 10.17 -46.84
N GLN F 426 -85.35 9.46 -47.92
CA GLN F 426 -86.40 8.77 -48.69
C GLN F 426 -86.78 7.46 -48.04
N HIS F 427 -85.78 6.64 -47.70
CA HIS F 427 -85.99 5.39 -46.97
C HIS F 427 -84.99 5.34 -45.83
N ASN F 428 -85.30 4.51 -44.84
CA ASN F 428 -84.35 4.17 -43.78
C ASN F 428 -83.77 2.78 -44.08
N ILE F 429 -82.47 2.70 -44.23
CA ILE F 429 -81.77 1.46 -44.53
C ILE F 429 -81.32 0.82 -43.22
N THR F 430 -81.49 -0.49 -43.12
CA THR F 430 -81.09 -1.24 -41.94
C THR F 430 -79.68 -1.79 -42.11
N LYS F 431 -79.22 -2.52 -41.09
CA LYS F 431 -77.91 -3.16 -41.14
C LYS F 431 -77.90 -4.41 -41.99
N GLY F 432 -79.04 -5.07 -42.17
CA GLY F 432 -79.10 -6.25 -43.02
C GLY F 432 -79.01 -5.94 -44.49
N GLU F 433 -79.54 -4.78 -44.91
CA GLU F 433 -79.50 -4.41 -46.31
C GLU F 433 -78.16 -3.83 -46.73
N GLN F 434 -77.44 -3.19 -45.79
CA GLN F 434 -76.13 -2.65 -46.12
C GLN F 434 -75.07 -3.73 -46.23
N ASP F 435 -75.30 -4.91 -45.64
CA ASP F 435 -74.41 -6.04 -45.83
C ASP F 435 -74.44 -6.56 -47.27
N VAL F 436 -75.41 -6.14 -48.07
CA VAL F 436 -75.52 -6.56 -49.46
C VAL F 436 -75.02 -5.44 -50.36
N LEU F 437 -75.24 -4.19 -49.94
CA LEU F 437 -74.91 -3.03 -50.76
C LEU F 437 -73.46 -2.60 -50.63
N ASN F 438 -72.88 -2.70 -49.43
CA ASN F 438 -71.53 -2.18 -49.21
C ASN F 438 -70.46 -2.92 -50.00
N PRO F 439 -70.44 -4.26 -50.08
CA PRO F 439 -69.42 -4.92 -50.92
C PRO F 439 -69.56 -4.65 -52.41
N LYS F 440 -70.58 -3.91 -52.85
CA LYS F 440 -70.79 -3.61 -54.25
C LYS F 440 -70.35 -2.20 -54.65
N GLY F 441 -69.82 -1.41 -53.71
CA GLY F 441 -69.38 -0.07 -54.01
C GLY F 441 -70.43 1.01 -53.91
N ILE F 442 -71.58 0.71 -53.29
CA ILE F 442 -72.68 1.65 -53.17
C ILE F 442 -72.64 2.23 -51.76
N ASN F 443 -72.56 3.55 -51.64
CA ASN F 443 -72.45 4.21 -50.35
C ASN F 443 -73.82 4.66 -49.87
N CYS F 444 -74.06 4.51 -48.57
CA CYS F 444 -75.38 4.70 -48.00
C CYS F 444 -75.38 5.91 -47.06
N ILE F 445 -76.53 6.58 -47.01
CA ILE F 445 -76.80 7.64 -46.04
C ILE F 445 -77.85 7.11 -45.08
N ARG F 446 -77.49 7.01 -43.80
CA ARG F 446 -78.33 6.35 -42.80
C ARG F 446 -78.65 7.30 -41.67
N SER F 447 -79.58 6.90 -40.82
CA SER F 447 -80.00 7.70 -39.67
C SER F 447 -79.98 6.83 -38.42
N PHE F 448 -79.19 7.24 -37.44
CA PHE F 448 -79.05 6.52 -36.18
C PHE F 448 -79.78 7.25 -35.07
N GLN F 449 -80.40 6.48 -34.18
CA GLN F 449 -81.13 7.04 -33.06
C GLN F 449 -80.13 7.54 -32.01
N GLY F 450 -80.22 8.82 -31.66
CA GLY F 450 -79.28 9.44 -30.78
C GLY F 450 -78.08 10.07 -31.46
N ARG F 451 -77.89 9.84 -32.76
CA ARG F 451 -76.72 10.36 -33.46
C ARG F 451 -77.04 11.15 -34.72
N GLY F 452 -78.20 10.95 -35.35
CA GLY F 452 -78.57 11.76 -36.49
C GLY F 452 -78.36 11.08 -37.82
N ILE F 453 -78.36 11.89 -38.88
CA ILE F 453 -78.21 11.41 -40.25
C ILE F 453 -76.75 11.57 -40.66
N ARG F 454 -76.15 10.48 -41.13
CA ARG F 454 -74.73 10.46 -41.47
C ARG F 454 -74.48 9.64 -42.72
N VAL F 455 -73.35 9.93 -43.36
CA VAL F 455 -72.85 9.13 -44.48
C VAL F 455 -72.06 7.95 -43.92
N TRP F 456 -72.41 6.73 -44.35
CA TRP F 456 -71.83 5.50 -43.80
C TRP F 456 -71.27 4.68 -44.96
N GLY F 457 -70.06 4.99 -45.40
CA GLY F 457 -69.44 4.31 -46.51
C GLY F 457 -68.49 5.20 -47.30
N ALA F 458 -67.31 4.68 -47.63
CA ALA F 458 -66.24 5.50 -48.22
C ALA F 458 -65.49 4.75 -49.32
N ARG F 459 -66.21 4.09 -50.23
CA ARG F 459 -65.59 3.32 -51.29
C ARG F 459 -65.83 3.97 -52.66
N THR F 460 -65.02 3.55 -53.64
CA THR F 460 -65.21 3.92 -55.03
C THR F 460 -65.95 2.80 -55.79
N THR F 461 -66.35 3.11 -57.01
CA THR F 461 -67.01 2.16 -57.89
C THR F 461 -66.05 1.16 -58.52
N SER F 462 -64.79 1.18 -58.14
CA SER F 462 -63.75 0.43 -58.83
C SER F 462 -63.74 -1.04 -58.41
N SER F 463 -63.29 -1.89 -59.33
CA SER F 463 -63.09 -3.31 -59.07
C SER F 463 -61.65 -3.66 -58.75
N ASP F 464 -60.70 -2.82 -59.14
CA ASP F 464 -59.30 -3.01 -58.80
C ASP F 464 -59.12 -2.96 -57.29
N PRO F 465 -58.45 -3.94 -56.68
CA PRO F 465 -58.27 -3.90 -55.22
C PRO F 465 -57.33 -2.82 -54.74
N GLU F 466 -56.56 -2.20 -55.64
CA GLU F 466 -55.59 -1.19 -55.26
C GLU F 466 -56.23 0.18 -55.05
N TRP F 467 -57.42 0.41 -55.59
CA TRP F 467 -58.11 1.71 -55.51
C TRP F 467 -59.48 1.54 -54.89
N LYS F 468 -59.56 0.73 -53.84
CA LYS F 468 -60.83 0.46 -53.17
C LYS F 468 -61.33 1.65 -52.35
N TYR F 469 -60.43 2.39 -51.73
CA TYR F 469 -60.79 3.46 -50.82
C TYR F 469 -60.59 4.82 -51.49
N LEU F 470 -61.42 5.78 -51.07
CA LEU F 470 -61.59 7.05 -51.76
C LEU F 470 -60.46 8.03 -51.43
N ASN F 471 -60.04 8.06 -50.17
CA ASN F 471 -59.02 9.00 -49.74
C ASN F 471 -57.66 8.69 -50.36
N VAL F 472 -57.40 7.43 -50.71
CA VAL F 472 -56.15 7.07 -51.36
C VAL F 472 -56.09 7.68 -52.76
N ARG F 473 -57.18 7.58 -53.50
CA ARG F 473 -57.26 8.21 -54.82
C ARG F 473 -57.11 9.72 -54.72
N ARG F 474 -57.77 10.34 -53.75
CA ARG F 474 -57.67 11.79 -53.63
C ARG F 474 -56.26 12.24 -53.26
N LEU F 475 -55.60 11.51 -52.35
CA LEU F 475 -54.22 11.82 -52.00
C LEU F 475 -53.30 11.70 -53.21
N PHE F 476 -53.47 10.65 -54.01
CA PHE F 476 -52.62 10.51 -55.18
C PHE F 476 -52.86 11.62 -56.20
N LEU F 477 -54.12 12.01 -56.40
CA LEU F 477 -54.38 13.15 -57.29
C LEU F 477 -53.65 14.40 -56.83
N PHE F 478 -53.77 14.71 -55.53
CA PHE F 478 -53.10 15.88 -54.97
C PHE F 478 -51.60 15.83 -55.21
N ILE F 479 -50.97 14.71 -54.85
CA ILE F 479 -49.52 14.58 -54.95
C ILE F 479 -49.06 14.71 -56.40
N GLU F 480 -49.75 14.02 -57.31
CA GLU F 480 -49.31 13.99 -58.70
C GLU F 480 -49.46 15.36 -59.36
N GLN F 481 -50.53 16.09 -59.05
CA GLN F 481 -50.66 17.41 -59.65
C GLN F 481 -49.63 18.38 -59.09
N SER F 482 -49.35 18.31 -57.78
CA SER F 482 -48.31 19.17 -57.23
C SER F 482 -46.97 18.91 -57.90
N ILE F 483 -46.60 17.64 -58.07
CA ILE F 483 -45.34 17.31 -58.71
C ILE F 483 -45.32 17.80 -60.16
N GLN F 484 -46.42 17.59 -60.89
CA GLN F 484 -46.46 18.01 -62.28
C GLN F 484 -46.27 19.52 -62.42
N GLU F 485 -46.94 20.30 -61.57
CA GLU F 485 -46.89 21.75 -61.76
C GLU F 485 -45.67 22.41 -61.15
N GLY F 486 -45.02 21.79 -60.18
CA GLY F 486 -43.88 22.42 -59.53
C GLY F 486 -42.51 21.92 -59.92
N THR F 487 -42.29 21.47 -61.15
CA THR F 487 -40.98 20.93 -61.54
C THR F 487 -40.61 21.35 -62.97
N GLN F 488 -41.24 22.40 -63.50
CA GLN F 488 -40.95 22.79 -64.88
C GLN F 488 -39.63 23.52 -65.03
N TRP F 489 -38.93 23.82 -63.94
CA TRP F 489 -37.61 24.43 -64.02
C TRP F 489 -36.53 23.44 -64.46
N ALA F 490 -36.82 22.14 -64.42
CA ALA F 490 -35.82 21.12 -64.64
C ALA F 490 -35.71 20.66 -66.09
N VAL F 491 -36.56 21.16 -66.97
CA VAL F 491 -36.50 20.76 -68.37
C VAL F 491 -35.37 21.50 -69.05
N PHE F 492 -34.55 20.77 -69.81
CA PHE F 492 -33.39 21.24 -70.57
C PHE F 492 -32.19 21.57 -69.69
N GLU F 493 -32.20 21.16 -68.43
CA GLU F 493 -31.05 21.33 -67.56
C GLU F 493 -30.04 20.22 -67.80
N PRO F 494 -28.77 20.43 -67.43
CA PRO F 494 -27.76 19.39 -67.63
C PRO F 494 -28.12 18.10 -66.91
N ASN F 495 -27.88 16.98 -67.58
CA ASN F 495 -28.21 15.65 -67.08
C ASN F 495 -27.01 15.06 -66.33
N GLU F 496 -26.78 15.60 -65.13
CA GLU F 496 -25.63 15.22 -64.34
C GLU F 496 -25.96 15.37 -62.86
N GLN F 497 -24.99 15.01 -62.01
CA GLN F 497 -25.25 14.71 -60.61
C GLN F 497 -25.83 15.88 -59.82
N ASP F 498 -25.52 17.12 -60.21
CA ASP F 498 -26.04 18.27 -59.48
C ASP F 498 -27.56 18.37 -59.61
N THR F 499 -28.06 18.29 -60.85
CA THR F 499 -29.50 18.31 -61.08
C THR F 499 -30.18 17.16 -60.35
N TRP F 500 -29.55 15.99 -60.34
CA TRP F 500 -30.11 14.81 -59.68
C TRP F 500 -30.28 15.05 -58.19
N GLY F 501 -29.22 15.55 -57.54
CA GLY F 501 -29.31 15.84 -56.12
C GLY F 501 -30.36 16.89 -55.81
N ARG F 502 -30.46 17.92 -56.66
CA ARG F 502 -31.43 18.98 -56.43
C ARG F 502 -32.86 18.45 -56.49
N ILE F 503 -33.17 17.66 -57.54
CA ILE F 503 -34.51 17.10 -57.69
C ILE F 503 -34.85 16.17 -56.54
N ARG F 504 -33.91 15.28 -56.19
CA ARG F 504 -34.12 14.36 -55.08
C ARG F 504 -34.43 15.11 -53.79
N GLN F 505 -33.67 16.17 -53.51
CA GLN F 505 -33.86 16.93 -52.28
C GLN F 505 -35.25 17.57 -52.24
N SER F 506 -35.67 18.19 -53.34
CA SER F 506 -36.99 18.81 -53.38
C SER F 506 -38.11 17.80 -53.10
N VAL F 507 -38.09 16.68 -53.81
CA VAL F 507 -39.18 15.72 -53.67
C VAL F 507 -39.18 15.11 -52.28
N THR F 508 -37.99 14.89 -51.70
CA THR F 508 -37.94 14.37 -50.34
C THR F 508 -38.54 15.34 -49.33
N ASN F 509 -38.26 16.65 -49.48
CA ASN F 509 -38.85 17.63 -48.58
C ASN F 509 -40.37 17.62 -48.67
N PHE F 510 -40.91 17.59 -49.89
CA PHE F 510 -42.37 17.56 -50.03
C PHE F 510 -42.99 16.33 -49.39
N LEU F 511 -42.39 15.15 -49.62
CA LEU F 511 -42.98 13.94 -49.07
C LEU F 511 -42.84 13.86 -47.56
N ARG F 512 -41.76 14.40 -47.00
CA ARG F 512 -41.63 14.43 -45.55
C ARG F 512 -42.67 15.35 -44.93
N THR F 513 -42.98 16.46 -45.59
CA THR F 513 -44.07 17.30 -45.11
C THR F 513 -45.40 16.55 -45.12
N VAL F 514 -45.68 15.83 -46.21
CA VAL F 514 -46.92 15.05 -46.28
C VAL F 514 -46.96 14.01 -45.16
N TRP F 515 -45.82 13.38 -44.88
CA TRP F 515 -45.76 12.36 -43.82
C TRP F 515 -46.03 12.95 -42.44
N ARG F 516 -45.47 14.13 -42.16
CA ARG F 516 -45.64 14.74 -40.84
C ARG F 516 -47.08 15.10 -40.52
N ASN F 517 -47.92 15.34 -41.53
CA ASN F 517 -49.30 15.73 -41.31
C ASN F 517 -50.26 14.54 -41.22
N GLY F 518 -49.74 13.32 -41.13
CA GLY F 518 -50.59 12.16 -40.95
C GLY F 518 -51.06 11.48 -42.21
N GLY F 519 -50.55 11.86 -43.37
CA GLY F 519 -51.01 11.26 -44.61
C GLY F 519 -50.33 9.96 -44.97
N LEU F 520 -49.09 9.77 -44.52
CA LEU F 520 -48.34 8.55 -44.76
C LEU F 520 -48.14 7.81 -43.45
N GLN F 521 -47.83 6.52 -43.55
CA GLN F 521 -47.87 5.62 -42.41
C GLN F 521 -46.50 4.99 -42.19
N GLY F 522 -46.03 5.07 -40.95
CA GLY F 522 -44.76 4.47 -40.56
C GLY F 522 -44.13 5.25 -39.42
N GLN F 523 -43.41 4.53 -38.57
CA GLN F 523 -42.72 5.13 -37.43
C GLN F 523 -41.40 5.79 -37.82
N SER F 524 -40.93 5.58 -39.05
CA SER F 524 -39.71 6.20 -39.53
C SER F 524 -39.92 6.64 -40.96
N GLU F 525 -38.97 7.42 -41.48
CA GLU F 525 -39.07 7.89 -42.85
C GLU F 525 -38.88 6.76 -43.86
N ASP F 526 -38.05 5.78 -43.53
CA ASP F 526 -37.82 4.65 -44.42
C ASP F 526 -39.05 3.79 -44.58
N ASP F 527 -39.96 3.80 -43.60
CA ASP F 527 -41.19 3.03 -43.69
C ASP F 527 -42.24 3.74 -44.54
N ALA F 528 -42.17 5.07 -44.63
CA ALA F 528 -43.23 5.85 -45.24
C ALA F 528 -43.02 6.09 -46.74
N PHE F 529 -41.78 6.28 -47.19
CA PHE F 529 -41.53 6.60 -48.58
C PHE F 529 -40.05 6.47 -48.92
N TYR F 530 -39.75 6.50 -50.21
CA TYR F 530 -38.38 6.63 -50.71
C TYR F 530 -38.40 7.34 -52.06
N VAL F 531 -37.26 7.96 -52.39
CA VAL F 531 -37.03 8.65 -53.65
C VAL F 531 -35.66 8.24 -54.19
N LYS F 532 -35.58 7.96 -55.49
CA LYS F 532 -34.35 7.50 -56.13
C LYS F 532 -34.11 8.23 -57.44
N CYS F 533 -32.89 8.73 -57.63
CA CYS F 533 -32.48 9.37 -58.87
C CYS F 533 -30.97 9.32 -58.95
N GLY F 534 -30.42 8.61 -59.93
CA GLY F 534 -28.97 8.50 -60.04
C GLY F 534 -28.59 7.47 -61.09
N GLU F 535 -27.52 6.73 -60.80
CA GLU F 535 -27.07 5.68 -61.71
C GLU F 535 -27.74 4.34 -61.43
N GLU F 536 -28.61 4.27 -60.43
CA GLU F 536 -29.41 3.07 -60.23
C GLU F 536 -30.72 3.12 -61.01
N THR F 537 -31.18 4.32 -61.39
CA THR F 537 -32.39 4.45 -62.19
C THR F 537 -32.12 4.75 -63.66
N MET F 538 -30.98 5.34 -63.97
CA MET F 538 -30.64 5.74 -65.33
C MET F 538 -29.46 4.92 -65.83
N SER F 539 -29.52 4.53 -67.10
CA SER F 539 -28.41 3.90 -67.79
C SER F 539 -27.80 4.90 -68.78
N GLU F 540 -26.84 4.43 -69.57
CA GLU F 540 -26.15 5.30 -70.50
C GLU F 540 -27.00 5.57 -71.75
N ASP F 541 -27.76 4.57 -72.19
CA ASP F 541 -28.71 4.80 -73.28
C ASP F 541 -29.74 5.85 -72.92
N ASP F 542 -30.07 5.96 -71.63
CA ASP F 542 -30.97 7.02 -71.18
C ASP F 542 -30.33 8.39 -71.32
N ILE F 543 -29.09 8.55 -70.84
CA ILE F 543 -28.40 9.83 -70.91
C ILE F 543 -28.23 10.26 -72.36
N ASP F 544 -27.89 9.32 -73.26
CA ASP F 544 -27.67 9.68 -74.65
C ASP F 544 -28.94 10.12 -75.35
N ASN F 545 -30.11 9.83 -74.81
CA ASN F 545 -31.37 10.17 -75.45
C ASN F 545 -32.14 11.26 -74.72
N GLY F 546 -31.63 11.77 -73.60
CA GLY F 546 -32.24 12.92 -72.95
C GLY F 546 -33.28 12.61 -71.90
N ARG F 547 -33.22 11.44 -71.27
CA ARG F 547 -34.21 11.02 -70.29
C ARG F 547 -33.65 11.12 -68.89
N LEU F 548 -34.41 11.74 -67.99
CA LEU F 548 -34.10 11.80 -66.56
C LEU F 548 -35.22 11.10 -65.81
N ILE F 549 -34.88 10.04 -65.08
CA ILE F 549 -35.87 9.16 -64.47
C ILE F 549 -35.76 9.24 -62.95
N VAL F 550 -36.90 9.44 -62.29
CA VAL F 550 -37.00 9.51 -60.84
C VAL F 550 -38.03 8.47 -60.40
N GLU F 551 -37.69 7.68 -59.38
CA GLU F 551 -38.60 6.64 -58.87
C GLU F 551 -38.98 6.93 -57.43
N ILE F 552 -40.28 6.93 -57.16
CA ILE F 552 -40.83 7.29 -55.85
C ILE F 552 -41.73 6.18 -55.36
N GLY F 553 -41.58 5.81 -54.09
CA GLY F 553 -42.45 4.82 -53.48
C GLY F 553 -43.05 5.34 -52.20
N VAL F 554 -44.35 5.08 -52.02
CA VAL F 554 -45.12 5.72 -50.96
C VAL F 554 -46.05 4.70 -50.31
N ALA F 555 -46.48 4.98 -49.09
CA ALA F 555 -47.37 4.11 -48.33
C ALA F 555 -48.52 4.90 -47.72
N PRO F 556 -49.69 4.89 -48.33
CA PRO F 556 -50.81 5.68 -47.81
C PRO F 556 -51.50 5.03 -46.62
N VAL F 557 -52.29 5.83 -45.92
CA VAL F 557 -53.05 5.38 -44.75
C VAL F 557 -54.49 5.14 -45.17
N LYS F 558 -55.12 4.15 -44.56
CA LYS F 558 -56.45 3.69 -44.92
C LYS F 558 -57.38 3.75 -43.71
N PRO F 559 -58.69 3.82 -43.92
CA PRO F 559 -59.61 4.01 -42.79
C PRO F 559 -59.86 2.73 -42.01
N ALA F 560 -60.45 2.91 -40.83
CA ALA F 560 -60.86 1.81 -39.96
C ALA F 560 -62.36 1.62 -40.13
N GLU F 561 -62.73 0.58 -40.88
CA GLU F 561 -64.12 0.35 -41.24
C GLU F 561 -64.82 -0.61 -40.27
N PHE F 562 -64.07 -1.52 -39.67
CA PHE F 562 -64.60 -2.50 -38.73
C PHE F 562 -63.80 -2.41 -37.44
N VAL F 563 -64.46 -2.04 -36.35
CA VAL F 563 -63.85 -1.93 -35.04
C VAL F 563 -64.28 -3.14 -34.23
N ILE F 564 -63.32 -3.99 -33.88
CA ILE F 564 -63.60 -5.31 -33.32
C ILE F 564 -63.01 -5.40 -31.91
N PHE F 565 -63.81 -5.91 -30.98
CA PHE F 565 -63.40 -6.12 -29.59
C PHE F 565 -63.59 -7.59 -29.23
N ARG F 566 -62.49 -8.27 -28.97
CA ARG F 566 -62.49 -9.68 -28.58
C ARG F 566 -62.17 -9.77 -27.09
N ILE F 567 -63.17 -10.16 -26.29
CA ILE F 567 -63.08 -10.13 -24.83
C ILE F 567 -63.18 -11.54 -24.29
N SER F 568 -62.32 -11.87 -23.32
CA SER F 568 -62.30 -13.19 -22.72
C SER F 568 -62.10 -13.06 -21.21
N GLN F 569 -62.06 -14.21 -20.53
CA GLN F 569 -61.90 -14.28 -19.08
C GLN F 569 -60.49 -14.68 -18.66
N ASP F 570 -59.59 -14.93 -19.60
CA ASP F 570 -58.28 -15.46 -19.26
C ASP F 570 -57.32 -14.32 -18.94
N THR F 571 -56.62 -14.44 -17.81
CA THR F 571 -55.61 -13.49 -17.38
C THR F 571 -56.13 -12.05 -17.33
N SER G 2 -64.97 -33.90 3.50
CA SER G 2 -66.41 -33.66 3.54
C SER G 2 -66.92 -33.27 2.15
N GLU G 3 -68.23 -33.33 1.96
CA GLU G 3 -68.86 -32.95 0.71
C GLU G 3 -69.76 -31.74 0.92
N TYR G 4 -69.74 -30.83 -0.04
CA TYR G 4 -70.44 -29.54 0.07
C TYR G 4 -71.42 -29.43 -1.09
N GLN G 5 -72.71 -29.63 -0.81
CA GLN G 5 -73.75 -29.61 -1.82
C GLN G 5 -74.76 -28.49 -1.65
N SER G 6 -74.92 -27.95 -0.45
CA SER G 6 -75.79 -26.81 -0.23
C SER G 6 -75.04 -25.72 0.52
N PRO G 7 -75.35 -24.45 0.24
CA PRO G 7 -74.60 -23.35 0.85
C PRO G 7 -74.81 -23.25 2.34
N GLY G 8 -73.76 -22.81 3.03
CA GLY G 8 -73.82 -22.63 4.47
C GLY G 8 -72.44 -22.57 5.08
N VAL G 9 -72.42 -22.73 6.40
CA VAL G 9 -71.18 -22.71 7.19
C VAL G 9 -70.89 -24.13 7.65
N TYR G 10 -69.63 -24.53 7.56
CA TYR G 10 -69.19 -25.87 7.96
C TYR G 10 -68.03 -25.75 8.94
N VAL G 11 -68.08 -26.54 10.00
CA VAL G 11 -67.01 -26.61 11.00
C VAL G 11 -66.54 -28.05 11.11
N GLU G 12 -65.24 -28.27 10.97
CA GLU G 12 -64.67 -29.61 10.91
C GLU G 12 -63.49 -29.73 11.88
N GLU G 13 -63.34 -30.92 12.45
CA GLU G 13 -62.28 -31.22 13.39
C GLU G 13 -61.19 -32.03 12.71
N VAL G 14 -59.94 -31.71 13.04
CA VAL G 14 -58.77 -32.35 12.47
C VAL G 14 -58.01 -33.08 13.57
N GLN G 15 -57.30 -34.13 13.18
CA GLN G 15 -56.46 -34.87 14.13
C GLN G 15 -55.13 -34.16 14.32
N SER G 16 -54.61 -34.22 15.55
CA SER G 16 -53.41 -33.49 15.93
C SER G 16 -52.15 -34.31 15.64
N GLY G 17 -51.00 -33.76 16.01
CA GLY G 17 -49.72 -34.30 15.61
C GLY G 17 -49.06 -35.28 16.55
N SER G 18 -49.66 -35.57 17.71
CA SER G 18 -49.10 -36.59 18.59
C SER G 18 -50.18 -37.01 19.58
N LYS G 19 -50.10 -38.28 19.99
CA LYS G 19 -51.04 -38.86 20.93
C LYS G 19 -50.28 -39.48 22.08
N SER G 20 -50.73 -39.22 23.30
CA SER G 20 -49.99 -39.60 24.49
C SER G 20 -50.13 -41.09 24.78
N VAL G 21 -49.06 -41.66 25.31
CA VAL G 21 -49.04 -43.03 25.81
C VAL G 21 -48.94 -42.96 27.33
N GLU G 22 -49.65 -43.84 28.01
CA GLU G 22 -49.66 -43.88 29.47
C GLU G 22 -49.13 -45.23 29.96
N GLY G 23 -48.31 -45.20 31.00
CA GLY G 23 -47.76 -46.41 31.56
C GLY G 23 -48.79 -47.24 32.32
N VAL G 24 -48.52 -48.54 32.41
CA VAL G 24 -49.44 -49.49 33.02
C VAL G 24 -48.98 -49.81 34.44
N SER G 25 -49.86 -50.44 35.20
CA SER G 25 -49.55 -50.86 36.55
C SER G 25 -48.48 -51.94 36.57
N THR G 26 -47.68 -51.95 37.63
CA THR G 26 -46.55 -52.88 37.73
C THR G 26 -46.33 -53.52 39.09
N SER G 27 -47.25 -53.37 40.05
CA SER G 27 -47.01 -53.87 41.40
C SER G 27 -48.16 -54.70 41.95
N THR G 28 -48.95 -55.34 41.08
CA THR G 28 -50.02 -56.22 41.52
C THR G 28 -49.56 -57.68 41.42
N ALA G 29 -50.03 -58.49 42.36
CA ALA G 29 -49.61 -59.88 42.47
C ALA G 29 -50.82 -60.81 42.43
N GLY G 30 -50.55 -62.08 42.16
CA GLY G 30 -51.59 -63.09 42.16
C GLY G 30 -51.17 -64.30 42.97
N PHE G 31 -52.09 -64.77 43.82
CA PHE G 31 -51.80 -65.89 44.71
C PHE G 31 -52.84 -66.99 44.53
N LEU G 32 -52.40 -68.24 44.68
CA LEU G 32 -53.26 -69.42 44.59
C LEU G 32 -53.01 -70.33 45.78
N GLY G 33 -54.06 -70.97 46.26
CA GLY G 33 -53.93 -71.85 47.40
C GLY G 33 -55.26 -72.08 48.08
N GLN G 34 -55.21 -72.88 49.15
CA GLN G 34 -56.41 -73.34 49.83
C GLN G 34 -56.82 -72.41 50.96
N THR G 35 -58.13 -72.28 51.16
CA THR G 35 -58.72 -71.48 52.21
C THR G 35 -59.87 -72.28 52.81
N GLU G 36 -60.53 -71.73 53.84
CA GLU G 36 -61.65 -72.40 54.48
C GLU G 36 -63.00 -71.92 53.97
N ARG G 37 -63.12 -70.63 53.65
CA ARG G 37 -64.33 -70.02 53.12
C ARG G 37 -64.01 -69.32 51.81
N GLY G 38 -65.05 -68.82 51.15
CA GLY G 38 -64.87 -67.89 50.07
C GLY G 38 -65.29 -68.40 48.71
N PRO G 39 -65.43 -67.48 47.75
CA PRO G 39 -65.74 -67.88 46.38
C PRO G 39 -64.51 -68.39 45.65
N VAL G 40 -64.76 -69.06 44.53
CA VAL G 40 -63.69 -69.63 43.72
C VAL G 40 -63.38 -68.80 42.48
N GLU G 41 -64.03 -67.66 42.29
CA GLU G 41 -63.59 -66.73 41.27
C GLU G 41 -62.58 -65.75 41.85
N PRO G 42 -61.64 -65.27 41.04
CA PRO G 42 -60.59 -64.39 41.58
C PRO G 42 -61.14 -63.07 42.07
N ARG G 43 -60.66 -62.63 43.23
CA ARG G 43 -61.14 -61.39 43.83
C ARG G 43 -59.97 -60.52 44.25
N LEU G 44 -60.17 -59.20 44.17
CA LEU G 44 -59.13 -58.24 44.50
C LEU G 44 -59.18 -57.90 45.99
N VAL G 45 -58.01 -57.87 46.61
CA VAL G 45 -57.84 -57.56 48.02
C VAL G 45 -56.77 -56.49 48.13
N THR G 46 -56.99 -55.50 49.01
CA THR G 46 -56.07 -54.40 49.17
C THR G 46 -55.55 -54.27 50.59
N ASN G 47 -55.81 -55.25 51.45
CA ASN G 47 -55.53 -55.13 52.88
C ASN G 47 -55.75 -56.50 53.50
N TYR G 48 -55.07 -56.75 54.61
CA TYR G 48 -55.13 -58.08 55.21
C TYR G 48 -56.45 -58.33 55.93
N ALA G 49 -57.06 -57.28 56.47
CA ALA G 49 -58.37 -57.44 57.12
C ALA G 49 -59.44 -57.82 56.11
N ASP G 50 -59.36 -57.28 54.88
CA ASP G 50 -60.23 -57.74 53.80
C ASP G 50 -60.07 -59.23 53.57
N PHE G 51 -58.82 -59.71 53.57
CA PHE G 51 -58.57 -61.13 53.35
C PHE G 51 -59.21 -61.98 54.44
N GLU G 52 -58.98 -61.62 55.71
CA GLU G 52 -59.58 -62.40 56.79
C GLU G 52 -61.11 -62.33 56.75
N ARG G 53 -61.67 -61.20 56.32
CA ARG G 53 -63.11 -61.07 56.27
C ARG G 53 -63.75 -61.90 55.16
N LEU G 54 -63.12 -61.97 53.98
CA LEU G 54 -63.70 -62.66 52.84
C LEU G 54 -63.39 -64.15 52.81
N TYR G 55 -62.23 -64.55 53.33
CA TYR G 55 -61.75 -65.92 53.16
C TYR G 55 -61.55 -66.68 54.47
N GLY G 56 -60.97 -66.05 55.49
CA GLY G 56 -60.72 -66.73 56.74
C GLY G 56 -59.30 -67.23 56.91
N ALA G 57 -59.15 -68.44 57.43
CA ALA G 57 -57.84 -69.04 57.66
C ALA G 57 -57.61 -70.20 56.69
N SER G 58 -56.37 -70.68 56.69
CA SER G 58 -56.00 -71.82 55.85
C SER G 58 -56.02 -73.12 56.64
N PRO G 59 -56.29 -74.24 55.99
CA PRO G 59 -56.18 -75.54 56.68
C PRO G 59 -54.72 -75.87 56.97
N LYS G 60 -54.53 -77.03 57.59
CA LYS G 60 -53.18 -77.43 58.00
C LYS G 60 -52.31 -77.86 56.82
N SER G 61 -52.89 -78.05 55.64
CA SER G 61 -52.16 -78.50 54.47
C SER G 61 -51.82 -77.36 53.52
N SER G 62 -51.93 -76.11 53.96
CA SER G 62 -51.69 -74.96 53.10
C SER G 62 -51.06 -73.85 53.93
N ASP G 63 -50.36 -72.94 53.25
CA ASP G 63 -49.70 -71.82 53.89
C ASP G 63 -49.97 -70.52 53.14
N LEU G 64 -51.23 -70.32 52.76
CA LEU G 64 -51.62 -69.13 52.02
C LEU G 64 -51.73 -67.92 52.94
N ASP G 65 -52.37 -68.10 54.08
CA ASP G 65 -52.55 -67.03 55.06
C ASP G 65 -51.22 -66.39 55.44
N ALA G 66 -50.22 -67.22 55.66
CA ALA G 66 -48.89 -66.75 56.05
C ALA G 66 -48.25 -65.97 54.92
N ALA G 67 -48.45 -66.41 53.68
CA ALA G 67 -47.85 -65.73 52.53
C ALA G 67 -48.48 -64.38 52.28
N VAL G 68 -49.81 -64.29 52.42
CA VAL G 68 -50.49 -63.00 52.24
C VAL G 68 -50.10 -62.02 53.35
N ASP G 69 -49.99 -62.54 54.58
CA ASP G 69 -49.52 -61.71 55.69
C ASP G 69 -48.11 -61.19 55.44
N GLY G 70 -47.21 -62.05 54.97
CA GLY G 70 -45.88 -61.59 54.64
C GLY G 70 -45.85 -60.61 53.49
N PHE G 71 -46.77 -60.75 52.54
CA PHE G 71 -46.86 -59.79 51.44
C PHE G 71 -47.22 -58.41 51.96
N PHE G 72 -48.24 -58.32 52.81
CA PHE G 72 -48.68 -57.01 53.26
C PHE G 72 -47.80 -56.41 54.35
N LYS G 73 -47.05 -57.23 55.09
CA LYS G 73 -46.12 -56.69 56.07
C LYS G 73 -44.91 -56.03 55.44
N ASN G 74 -44.64 -56.30 54.17
CA ASN G 74 -43.43 -55.84 53.50
C ASN G 74 -43.69 -54.68 52.56
N GLY G 75 -44.90 -54.14 52.54
CA GLY G 75 -45.20 -53.00 51.71
C GLY G 75 -45.94 -53.28 50.41
N GLY G 76 -46.61 -54.43 50.30
CA GLY G 76 -47.40 -54.70 49.12
C GLY G 76 -48.70 -53.94 49.10
N SER G 77 -49.22 -53.72 47.90
CA SER G 77 -50.39 -52.89 47.68
C SER G 77 -51.65 -53.65 47.34
N ARG G 78 -51.60 -54.57 46.37
CA ARG G 78 -52.82 -55.20 45.86
C ARG G 78 -52.56 -56.66 45.53
N CYS G 79 -53.48 -57.52 45.94
CA CYS G 79 -53.46 -58.94 45.64
C CYS G 79 -54.69 -59.32 44.84
N PHE G 80 -54.53 -60.33 43.98
CA PHE G 80 -55.64 -61.05 43.41
C PHE G 80 -55.60 -62.47 43.97
N ILE G 81 -56.65 -62.86 44.67
CA ILE G 81 -56.73 -64.15 45.33
C ILE G 81 -57.60 -65.08 44.49
N GLY G 82 -57.10 -66.29 44.26
CA GLY G 82 -57.87 -67.36 43.65
C GLY G 82 -57.88 -68.60 44.53
N ARG G 83 -59.07 -69.00 44.97
CA ARG G 83 -59.23 -70.10 45.92
C ARG G 83 -59.31 -71.43 45.17
N VAL G 84 -58.45 -72.37 45.55
CA VAL G 84 -58.44 -73.72 44.99
C VAL G 84 -59.10 -74.65 45.99
N SER G 85 -60.02 -75.47 45.52
CA SER G 85 -60.81 -76.32 46.41
C SER G 85 -60.88 -77.73 45.87
N GLY G 86 -60.81 -78.71 46.76
CA GLY G 86 -60.95 -80.11 46.39
C GLY G 86 -62.37 -80.59 46.25
N ALA G 87 -63.35 -79.78 46.60
CA ALA G 87 -64.75 -80.14 46.49
C ALA G 87 -65.33 -79.67 45.16
N ASP G 88 -66.39 -80.34 44.72
CA ASP G 88 -67.08 -79.93 43.51
C ASP G 88 -67.65 -78.52 43.67
N ILE G 89 -67.66 -77.78 42.56
CA ILE G 89 -68.08 -76.37 42.59
C ILE G 89 -69.54 -76.23 43.00
N ASP G 90 -70.37 -77.24 42.77
CA ASP G 90 -71.79 -77.16 43.07
C ASP G 90 -72.16 -77.86 44.38
N ASP G 91 -71.17 -78.28 45.16
CA ASP G 91 -71.41 -78.86 46.49
C ASP G 91 -71.54 -77.70 47.49
N VAL G 92 -72.69 -77.04 47.43
CA VAL G 92 -72.95 -75.82 48.19
C VAL G 92 -74.18 -76.04 49.05
N ALA G 93 -74.16 -75.46 50.26
CA ALA G 93 -75.32 -75.53 51.15
C ALA G 93 -76.37 -74.51 50.74
N THR G 94 -77.64 -74.91 50.87
CA THR G 94 -78.78 -74.12 50.42
C THR G 94 -79.83 -74.04 51.52
N GLY G 95 -80.88 -73.27 51.24
CA GLY G 95 -81.97 -73.07 52.18
C GLY G 95 -83.15 -72.42 51.49
N ILE G 96 -84.23 -72.23 52.24
CA ILE G 96 -85.51 -71.76 51.71
C ILE G 96 -86.15 -70.84 52.73
N LEU G 97 -86.78 -69.76 52.24
CA LEU G 97 -87.59 -68.87 53.06
C LEU G 97 -89.06 -69.01 52.67
N ALA G 98 -89.94 -69.06 53.68
CA ALA G 98 -91.35 -69.33 53.48
C ALA G 98 -92.20 -68.15 53.93
N ASP G 99 -93.41 -68.07 53.38
CA ASP G 99 -94.34 -66.98 53.61
C ASP G 99 -95.36 -67.32 54.70
N ASP G 100 -96.40 -66.49 54.79
CA ASP G 100 -97.40 -66.60 55.85
C ASP G 100 -98.07 -67.97 55.89
N GLU G 101 -98.52 -68.48 54.74
CA GLU G 101 -99.23 -69.75 54.69
C GLU G 101 -98.41 -70.87 54.06
N GLY G 102 -97.09 -70.71 53.96
CA GLY G 102 -96.23 -71.80 53.55
C GLY G 102 -95.94 -71.87 52.07
N ASN G 103 -95.48 -70.77 51.48
CA ASN G 103 -95.02 -70.74 50.10
C ASN G 103 -93.55 -70.31 50.10
N GLU G 104 -92.73 -71.05 49.35
CA GLU G 104 -91.33 -70.67 49.24
C GLU G 104 -91.20 -69.42 48.38
N ILE G 105 -90.69 -68.34 48.99
CA ILE G 105 -90.62 -67.05 48.32
C ILE G 105 -89.20 -66.67 47.92
N ALA G 106 -88.18 -67.23 48.56
CA ALA G 106 -86.80 -66.90 48.26
C ALA G 106 -85.95 -68.15 48.41
N GLU G 107 -84.72 -68.08 47.90
CA GLU G 107 -83.79 -69.18 47.99
C GLU G 107 -82.42 -68.64 48.39
N VAL G 108 -81.86 -69.22 49.46
CA VAL G 108 -80.60 -68.77 50.05
C VAL G 108 -79.53 -69.79 49.74
N GLU G 109 -78.32 -69.32 49.43
CA GLU G 109 -77.24 -70.19 49.01
C GLU G 109 -75.92 -69.67 49.53
N ALA G 110 -75.06 -70.58 49.99
CA ALA G 110 -73.76 -70.17 50.52
C ALA G 110 -72.88 -69.57 49.42
N ASN G 111 -71.93 -68.75 49.84
CA ASN G 111 -71.03 -68.05 48.92
C ASN G 111 -69.73 -68.84 48.73
N GLY G 112 -69.88 -70.06 48.22
CA GLY G 112 -68.75 -70.93 47.99
C GLY G 112 -69.01 -72.35 48.46
N PRO G 113 -68.29 -73.31 47.87
CA PRO G 113 -68.51 -74.71 48.21
C PRO G 113 -67.72 -75.15 49.44
N GLY G 114 -68.23 -76.17 50.10
CA GLY G 114 -67.57 -76.75 51.26
C GLY G 114 -68.53 -76.93 52.42
N GLN G 115 -68.01 -77.60 53.46
CA GLN G 115 -68.80 -77.90 54.64
C GLN G 115 -69.05 -76.69 55.52
N TRP G 116 -68.26 -75.62 55.36
CA TRP G 116 -68.42 -74.44 56.20
C TRP G 116 -69.84 -73.88 56.10
N GLY G 117 -70.46 -73.98 54.93
CA GLY G 117 -71.81 -73.47 54.76
C GLY G 117 -72.85 -74.11 55.66
N GLU G 118 -72.53 -75.26 56.24
CA GLU G 118 -73.45 -75.89 57.19
C GLU G 118 -73.51 -75.14 58.52
N SER G 119 -72.65 -74.15 58.74
CA SER G 119 -72.59 -73.42 60.00
C SER G 119 -73.07 -71.97 59.86
N VAL G 120 -73.87 -71.68 58.84
CA VAL G 120 -74.41 -70.35 58.61
C VAL G 120 -75.87 -70.35 59.02
N ALA G 121 -76.26 -69.37 59.84
CA ALA G 121 -77.64 -69.22 60.29
C ALA G 121 -78.23 -67.92 59.78
N VAL G 122 -79.46 -68.00 59.30
CA VAL G 122 -80.20 -66.84 58.79
C VAL G 122 -81.40 -66.61 59.72
N ILE G 123 -81.58 -65.36 60.15
CA ILE G 123 -82.60 -64.99 61.11
C ILE G 123 -83.43 -63.85 60.54
N VAL G 124 -84.74 -64.02 60.51
CA VAL G 124 -85.68 -63.01 60.02
C VAL G 124 -86.50 -62.50 61.18
N GLU G 125 -86.62 -61.17 61.31
CA GLU G 125 -87.47 -60.57 62.33
C GLU G 125 -88.24 -59.41 61.71
N ASP G 126 -89.23 -58.92 62.45
CA ASP G 126 -90.11 -57.86 61.94
C ASP G 126 -89.68 -56.50 62.46
N SER G 127 -89.92 -55.48 61.63
CA SER G 127 -89.49 -54.12 61.91
C SER G 127 -90.64 -53.28 62.46
N GLN G 128 -90.28 -52.18 63.11
CA GLN G 128 -91.25 -51.28 63.72
C GLN G 128 -92.04 -50.48 62.70
N TYR G 129 -91.59 -50.43 61.46
CA TYR G 129 -92.31 -49.69 60.44
C TYR G 129 -93.16 -50.63 59.59
N PRO G 130 -94.32 -50.16 59.13
CA PRO G 130 -95.19 -51.03 58.33
C PRO G 130 -94.52 -51.50 57.05
N ASN G 131 -94.71 -52.78 56.76
CA ASN G 131 -94.23 -53.43 55.52
C ASN G 131 -92.71 -53.49 55.45
N GLN G 132 -92.04 -53.71 56.59
CA GLN G 132 -90.59 -53.77 56.62
C GLN G 132 -90.15 -54.85 57.61
N PHE G 133 -88.96 -55.39 57.38
CA PHE G 133 -88.43 -56.46 58.22
C PHE G 133 -86.90 -56.40 58.23
N ASP G 134 -86.31 -57.08 59.20
CA ASP G 134 -84.87 -57.14 59.39
C ASP G 134 -84.36 -58.55 59.12
N ILE G 135 -83.12 -58.63 58.62
CA ILE G 135 -82.47 -59.91 58.34
C ILE G 135 -81.07 -59.90 58.95
N THR G 136 -80.67 -61.03 59.53
CA THR G 136 -79.36 -61.19 60.15
C THR G 136 -78.74 -62.51 59.68
N VAL G 137 -77.43 -62.49 59.45
CA VAL G 137 -76.68 -63.68 59.04
C VAL G 137 -75.51 -63.86 60.00
N ARG G 138 -75.37 -65.07 60.54
CA ARG G 138 -74.35 -65.38 61.54
C ARG G 138 -73.55 -66.60 61.13
N TYR G 139 -72.25 -66.60 61.47
CA TYR G 139 -71.37 -67.72 61.15
C TYR G 139 -70.40 -67.98 62.29
N TRP G 140 -70.32 -69.25 62.71
CA TRP G 140 -69.41 -69.73 63.75
C TRP G 140 -68.34 -70.62 63.12
N SER G 141 -67.09 -70.41 63.51
CA SER G 141 -65.98 -71.19 62.96
C SER G 141 -65.75 -72.51 63.67
N GLY G 142 -66.22 -72.67 64.90
CA GLY G 142 -65.96 -73.86 65.67
C GLY G 142 -67.13 -74.83 65.68
N ASP G 143 -67.30 -75.51 66.81
CA ASP G 143 -68.29 -76.55 66.95
C ASP G 143 -69.70 -75.96 67.03
N LEU G 144 -70.66 -76.65 66.42
CA LEU G 144 -72.06 -76.25 66.55
C LEU G 144 -72.72 -76.85 67.79
N GLU G 145 -72.21 -77.99 68.27
CA GLU G 145 -72.77 -78.66 69.43
C GLU G 145 -72.70 -77.80 70.68
N ALA G 146 -71.80 -76.81 70.73
CA ALA G 146 -71.60 -75.99 71.92
C ALA G 146 -72.31 -74.65 71.84
N VAL G 147 -73.00 -74.36 70.75
CA VAL G 147 -73.70 -73.08 70.58
C VAL G 147 -75.03 -73.19 71.32
N SER G 148 -75.18 -72.38 72.38
CA SER G 148 -76.36 -72.49 73.24
C SER G 148 -77.56 -71.74 72.67
N LYS G 149 -77.42 -70.42 72.48
CA LYS G 149 -78.51 -69.56 72.01
C LYS G 149 -78.11 -68.92 70.70
N PRO G 150 -78.23 -69.64 69.58
CA PRO G 150 -77.88 -69.04 68.28
C PRO G 150 -78.84 -67.93 67.86
N HIS G 151 -80.04 -67.89 68.43
CA HIS G 151 -81.04 -66.90 68.05
C HIS G 151 -81.08 -65.69 68.97
N GLY G 152 -80.57 -65.81 70.19
CA GLY G 152 -80.62 -64.72 71.14
C GLY G 152 -79.70 -63.57 70.77
N ASP G 153 -79.78 -62.51 71.57
CA ASP G 153 -78.95 -61.33 71.35
C ASP G 153 -77.48 -61.58 71.69
N ARG G 154 -77.18 -62.64 72.45
CA ARG G 154 -75.80 -62.97 72.81
C ARG G 154 -75.65 -64.47 72.85
N PRO G 155 -75.19 -65.07 71.75
CA PRO G 155 -74.96 -66.53 71.75
C PRO G 155 -73.81 -66.91 72.67
N ASP G 156 -73.75 -68.20 73.02
CA ASP G 156 -72.79 -68.64 74.02
C ASP G 156 -71.35 -68.42 73.58
N PRO G 157 -70.87 -68.93 72.44
CA PRO G 157 -69.65 -68.37 71.84
C PRO G 157 -70.01 -67.30 70.84
N SER G 158 -69.38 -66.13 70.97
CA SER G 158 -69.67 -65.03 70.06
C SER G 158 -69.37 -65.46 68.62
N PRO G 159 -70.27 -65.20 67.68
CA PRO G 159 -70.08 -65.69 66.31
C PRO G 159 -68.86 -65.05 65.65
N ASP G 160 -68.31 -65.78 64.68
CA ASP G 160 -67.11 -65.31 63.99
C ASP G 160 -67.45 -64.23 62.97
N VAL G 161 -68.60 -64.34 62.29
CA VAL G 161 -69.02 -63.32 61.34
C VAL G 161 -70.47 -62.97 61.60
N GLU G 162 -70.78 -61.67 61.45
CA GLU G 162 -72.08 -61.08 61.78
C GLU G 162 -72.46 -60.08 60.70
N GLU G 163 -73.69 -60.15 60.20
CA GLU G 163 -74.18 -59.18 59.23
C GLU G 163 -75.64 -58.87 59.50
N VAL G 164 -76.00 -57.59 59.46
CA VAL G 164 -77.35 -57.12 59.78
C VAL G 164 -77.82 -56.18 58.67
N TYR G 165 -79.08 -56.35 58.25
CA TYR G 165 -79.71 -55.51 57.24
C TYR G 165 -81.11 -55.14 57.72
N ASP G 166 -81.37 -53.84 57.84
CA ASP G 166 -82.51 -53.33 58.59
C ASP G 166 -83.70 -52.94 57.73
N GLY G 167 -83.53 -52.00 56.79
CA GLY G 167 -84.69 -51.48 56.10
C GLY G 167 -85.08 -52.22 54.84
N LEU G 168 -85.59 -53.44 54.97
CA LEU G 168 -85.88 -54.27 53.81
C LEU G 168 -87.36 -54.25 53.47
N SER G 169 -87.67 -54.52 52.20
CA SER G 169 -89.02 -54.54 51.69
C SER G 169 -89.17 -55.67 50.69
N ALA G 170 -90.42 -55.99 50.35
CA ALA G 170 -90.73 -57.01 49.37
C ALA G 170 -91.23 -56.43 48.05
N ASP G 171 -91.00 -55.15 47.81
CA ASP G 171 -91.42 -54.51 46.56
C ASP G 171 -90.27 -54.57 45.55
N PRO G 172 -90.41 -55.27 44.43
CA PRO G 172 -89.27 -55.42 43.51
C PRO G 172 -88.83 -54.14 42.84
N GLU G 173 -89.68 -53.12 42.78
CA GLU G 173 -89.32 -51.87 42.11
C GLU G 173 -88.73 -50.84 43.07
N ALA G 174 -88.69 -51.13 44.36
CA ALA G 174 -88.09 -50.25 45.34
C ALA G 174 -86.58 -50.44 45.39
N SER G 175 -85.90 -49.50 46.02
CA SER G 175 -84.45 -49.60 46.19
C SER G 175 -84.07 -50.33 47.47
N ASN G 176 -85.02 -50.59 48.36
CA ASN G 176 -84.77 -51.39 49.56
C ASN G 176 -85.33 -52.80 49.43
N PHE G 177 -85.52 -53.28 48.21
CA PHE G 177 -85.85 -54.68 47.98
C PHE G 177 -84.70 -55.56 48.46
N TYR G 178 -85.03 -56.66 49.14
CA TYR G 178 -84.01 -57.42 49.85
C TYR G 178 -83.02 -58.07 48.90
N GLU G 179 -83.45 -58.40 47.68
CA GLU G 179 -82.53 -58.96 46.70
C GLU G 179 -81.42 -57.99 46.34
N LYS G 180 -81.71 -56.68 46.31
CA LYS G 180 -80.69 -55.70 45.99
C LYS G 180 -79.83 -55.34 47.18
N GLN G 181 -80.38 -55.44 48.39
CA GLN G 181 -79.63 -55.03 49.57
C GLN G 181 -78.69 -56.13 50.06
N LEU G 182 -79.13 -57.39 49.99
CA LEU G 182 -78.28 -58.49 50.41
C LEU G 182 -77.24 -58.88 49.38
N GLU G 183 -77.07 -58.08 48.32
CA GLU G 183 -76.14 -58.48 47.26
C GLU G 183 -74.70 -58.27 47.68
N SER G 184 -74.45 -57.31 48.58
CA SER G 184 -73.12 -57.09 49.11
C SER G 184 -73.04 -57.82 50.45
N SER G 185 -72.75 -59.11 50.39
CA SER G 185 -72.64 -59.96 51.57
C SER G 185 -71.57 -61.01 51.29
N VAL G 186 -70.67 -61.20 52.26
CA VAL G 186 -69.59 -62.15 52.08
C VAL G 186 -69.98 -63.58 52.44
N LEU G 187 -71.22 -63.83 52.83
CA LEU G 187 -71.61 -65.15 53.33
C LEU G 187 -72.64 -65.85 52.44
N VAL G 188 -73.69 -65.17 51.99
CA VAL G 188 -74.82 -65.81 51.36
C VAL G 188 -75.20 -65.07 50.08
N ASP G 189 -76.13 -65.67 49.35
CA ASP G 189 -76.73 -65.13 48.13
C ASP G 189 -78.23 -65.43 48.17
N ILE G 190 -79.04 -64.48 47.72
CA ILE G 190 -80.49 -64.60 47.73
C ILE G 190 -81.00 -64.56 46.30
N GLU G 191 -82.02 -65.37 46.02
CA GLU G 191 -82.69 -65.32 44.72
C GLU G 191 -84.19 -65.33 44.94
N TYR G 192 -84.88 -64.49 44.16
CA TYR G 192 -86.32 -64.27 44.34
C TYR G 192 -87.12 -65.32 43.58
N LYS G 193 -88.18 -65.83 44.22
CA LYS G 193 -89.04 -66.84 43.62
C LYS G 193 -90.48 -66.39 43.46
N ASP G 194 -91.12 -65.94 44.54
CA ASP G 194 -92.55 -65.69 44.53
C ASP G 194 -92.88 -64.49 45.41
N ASP G 195 -94.13 -64.04 45.34
CA ASP G 195 -94.57 -62.84 46.05
C ASP G 195 -94.91 -63.19 47.49
N GLY G 196 -94.43 -62.36 48.42
CA GLY G 196 -94.72 -62.58 49.82
C GLY G 196 -93.67 -61.91 50.69
N THR G 197 -93.81 -62.15 51.99
CA THR G 197 -92.86 -61.67 52.98
C THR G 197 -92.59 -62.78 53.98
N PRO G 198 -91.34 -62.98 54.40
CA PRO G 198 -91.02 -64.15 55.21
C PRO G 198 -91.47 -64.02 56.65
N VAL G 199 -91.66 -65.17 57.30
CA VAL G 199 -92.03 -65.23 58.71
C VAL G 199 -90.77 -65.23 59.55
N ASP G 200 -90.91 -64.83 60.81
CA ASP G 200 -89.77 -64.68 61.70
C ASP G 200 -89.20 -66.05 62.07
N GLY G 201 -87.93 -66.05 62.48
CA GLY G 201 -87.32 -67.25 63.00
C GLY G 201 -85.91 -67.44 62.44
N LEU G 202 -85.32 -68.58 62.80
CA LEU G 202 -83.96 -68.93 62.44
C LEU G 202 -83.95 -70.16 61.55
N THR G 203 -82.94 -70.27 60.70
CA THR G 203 -82.81 -71.42 59.82
C THR G 203 -81.35 -71.65 59.45
N TRP G 204 -80.96 -72.93 59.37
CA TRP G 204 -79.63 -73.34 58.98
C TRP G 204 -79.63 -73.85 57.53
N LEU G 205 -78.47 -73.76 56.88
CA LEU G 205 -78.30 -74.25 55.52
C LEU G 205 -77.85 -75.71 55.56
N HIS G 206 -78.53 -76.56 54.81
CA HIS G 206 -78.36 -78.01 54.89
C HIS G 206 -77.91 -78.60 53.56
N ARG G 207 -77.69 -79.92 53.59
CA ARG G 207 -77.40 -80.75 52.42
C ARG G 207 -76.23 -80.18 51.59
N ASP G 208 -75.06 -80.24 52.22
CA ASP G 208 -73.82 -79.92 51.53
C ASP G 208 -73.46 -81.01 50.53
N VAL G 292 -56.39 -81.86 47.06
CA VAL G 292 -56.39 -81.18 45.78
C VAL G 292 -55.31 -81.76 44.86
N THR G 293 -55.50 -81.61 43.56
CA THR G 293 -54.62 -82.14 42.54
C THR G 293 -54.13 -81.02 41.65
N LEU G 294 -53.41 -81.41 40.58
CA LEU G 294 -52.94 -80.44 39.60
C LEU G 294 -54.08 -79.90 38.74
N LYS G 295 -55.09 -80.73 38.48
CA LYS G 295 -56.22 -80.31 37.68
C LYS G 295 -57.11 -79.30 38.38
N ASP G 296 -57.04 -79.20 39.70
CA ASP G 296 -57.74 -78.14 40.42
C ASP G 296 -56.98 -76.83 40.38
N TYR G 297 -55.64 -76.89 40.37
CA TYR G 297 -54.84 -75.70 40.19
C TYR G 297 -54.92 -75.17 38.77
N GLU G 298 -55.15 -76.05 37.79
CA GLU G 298 -55.36 -75.61 36.42
C GLU G 298 -56.66 -74.83 36.29
N GLY G 299 -57.72 -75.30 36.94
CA GLY G 299 -58.97 -74.58 36.99
C GLY G 299 -59.97 -75.01 35.94
N VAL G 300 -61.20 -74.55 36.12
CA VAL G 300 -62.31 -74.81 35.21
C VAL G 300 -62.34 -73.72 34.15
N ASN G 301 -62.63 -74.11 32.91
CA ASN G 301 -62.77 -73.17 31.80
C ASN G 301 -64.07 -73.52 31.08
N LYS G 302 -65.15 -72.88 31.50
CA LYS G 302 -66.46 -73.01 30.89
C LYS G 302 -66.95 -71.64 30.46
N PRO G 303 -67.97 -71.57 29.60
CA PRO G 303 -68.40 -70.26 29.08
C PRO G 303 -68.74 -69.23 30.16
N GLY G 304 -69.24 -69.64 31.31
CA GLY G 304 -69.57 -68.68 32.34
C GLY G 304 -68.98 -68.97 33.71
N LEU G 305 -67.79 -69.56 33.75
CA LEU G 305 -67.15 -69.90 35.01
C LEU G 305 -65.68 -70.17 34.77
N ARG G 306 -64.80 -69.47 35.50
CA ARG G 306 -63.36 -69.65 35.39
C ARG G 306 -62.75 -69.66 36.78
N THR G 307 -61.94 -70.68 37.07
CA THR G 307 -61.21 -70.78 38.32
C THR G 307 -59.76 -71.12 38.02
N GLY G 308 -58.92 -71.04 39.05
CA GLY G 308 -57.53 -71.44 38.89
C GLY G 308 -56.73 -70.46 38.06
N LEU G 309 -55.90 -70.99 37.15
CA LEU G 309 -55.12 -70.15 36.26
C LEU G 309 -55.95 -69.66 35.07
N ALA G 310 -56.96 -70.44 34.66
CA ALA G 310 -57.87 -69.99 33.62
C ALA G 310 -58.61 -68.72 34.02
N GLY G 311 -58.87 -68.55 35.31
CA GLY G 311 -59.47 -67.31 35.77
C GLY G 311 -58.48 -66.16 35.78
N PHE G 312 -57.21 -66.45 36.10
CA PHE G 312 -56.20 -65.39 36.13
C PHE G 312 -55.88 -64.88 34.74
N LYS G 313 -55.95 -65.73 33.72
CA LYS G 313 -55.52 -65.29 32.40
C LYS G 313 -56.53 -64.38 31.71
N ALA G 314 -57.63 -64.03 32.39
CA ALA G 314 -58.57 -63.02 31.91
C ALA G 314 -58.51 -61.74 32.71
N ILE G 315 -57.48 -61.56 33.53
CA ILE G 315 -57.22 -60.34 34.28
C ILE G 315 -55.91 -59.77 33.77
N ASP G 316 -55.93 -58.50 33.37
CA ASP G 316 -54.76 -57.86 32.77
C ASP G 316 -54.01 -56.95 33.73
N GLU G 317 -54.32 -56.98 35.02
CA GLU G 317 -53.57 -56.18 35.99
C GLU G 317 -52.44 -56.96 36.64
N ILE G 318 -52.52 -58.29 36.67
CA ILE G 318 -51.53 -59.10 37.36
C ILE G 318 -50.19 -59.00 36.64
N SER G 319 -49.12 -58.83 37.41
CA SER G 319 -47.77 -58.75 36.87
C SER G 319 -46.81 -59.77 37.45
N MET G 320 -47.20 -60.48 38.50
CA MET G 320 -46.39 -61.57 39.02
C MET G 320 -47.29 -62.57 39.74
N VAL G 321 -46.95 -63.85 39.60
CA VAL G 321 -47.78 -64.95 40.07
C VAL G 321 -46.95 -65.80 41.03
N CYS G 322 -47.59 -66.28 42.11
CA CYS G 322 -46.91 -67.18 43.02
C CYS G 322 -47.90 -68.21 43.57
N ALA G 323 -47.41 -69.43 43.76
CA ALA G 323 -48.15 -70.49 44.41
C ALA G 323 -47.32 -71.02 45.58
N PRO G 324 -47.70 -70.73 46.82
CA PRO G 324 -46.86 -71.14 47.96
C PRO G 324 -46.62 -72.64 48.07
N ASP G 325 -47.60 -73.48 47.72
CA ASP G 325 -47.49 -74.92 47.88
C ASP G 325 -47.10 -75.62 46.58
N GLU G 326 -46.26 -74.99 45.77
CA GLU G 326 -45.94 -75.53 44.45
C GLU G 326 -45.08 -76.78 44.50
N ASN G 327 -44.47 -77.08 45.65
CA ASN G 327 -43.60 -78.24 45.77
C ASN G 327 -44.31 -79.47 46.30
N ASP G 328 -45.56 -79.34 46.76
CA ASP G 328 -46.35 -80.48 47.18
C ASP G 328 -47.15 -81.09 46.05
N ILE G 329 -47.36 -80.36 44.95
CA ILE G 329 -48.14 -80.82 43.81
C ILE G 329 -47.19 -80.94 42.64
N ASP G 330 -46.94 -82.16 42.20
CA ASP G 330 -46.00 -82.38 41.11
C ASP G 330 -46.59 -81.94 39.78
N GLY G 331 -45.79 -81.21 38.99
CA GLY G 331 -46.23 -80.71 37.71
C GLY G 331 -46.84 -79.32 37.74
N LEU G 332 -46.68 -78.57 38.83
CA LEU G 332 -47.25 -77.23 38.93
C LEU G 332 -46.25 -76.15 38.56
N THR G 333 -44.96 -76.36 38.81
CA THR G 333 -43.94 -75.39 38.44
C THR G 333 -43.93 -75.17 36.93
N ASP G 334 -43.97 -76.25 36.16
CA ASP G 334 -43.98 -76.13 34.72
C ASP G 334 -45.25 -75.45 34.23
N SER G 335 -46.38 -75.74 34.84
CA SER G 335 -47.63 -75.10 34.45
C SER G 335 -47.57 -73.59 34.70
N ILE G 336 -47.00 -73.17 35.83
CA ILE G 336 -46.90 -71.75 36.12
C ILE G 336 -45.97 -71.05 35.15
N VAL G 337 -44.81 -71.66 34.86
CA VAL G 337 -43.87 -71.05 33.94
C VAL G 337 -44.46 -70.97 32.53
N ALA G 338 -45.22 -72.00 32.14
CA ALA G 338 -45.85 -71.99 30.82
C ALA G 338 -46.96 -70.94 30.74
N HIS G 339 -47.73 -70.78 31.81
CA HIS G 339 -48.74 -69.71 31.86
C HIS G 339 -48.08 -68.35 31.67
N CYS G 340 -46.99 -68.09 32.39
CA CYS G 340 -46.34 -66.78 32.27
C CYS G 340 -45.70 -66.58 30.90
N GLU G 341 -45.16 -67.65 30.29
CA GLU G 341 -44.54 -67.51 28.97
C GLU G 341 -45.59 -67.37 27.86
N ASN G 342 -46.76 -67.97 28.04
CA ASN G 342 -47.79 -67.89 27.01
C ASN G 342 -48.57 -66.59 27.07
N MET G 343 -48.74 -66.02 28.27
CA MET G 343 -49.34 -64.68 28.33
C MET G 343 -48.35 -63.64 27.84
N GLY G 344 -47.09 -63.76 28.24
CA GLY G 344 -46.05 -62.85 27.80
C GLY G 344 -46.03 -61.52 28.52
N ASP G 345 -46.74 -61.39 29.64
CA ASP G 345 -46.79 -60.11 30.35
C ASP G 345 -46.74 -60.26 31.86
N ARG G 346 -46.21 -61.37 32.37
CA ARG G 346 -46.12 -61.55 33.81
C ARG G 346 -44.86 -62.33 34.14
N PHE G 347 -44.55 -62.39 35.43
CA PHE G 347 -43.29 -62.93 35.93
C PHE G 347 -43.60 -63.96 37.01
N ALA G 348 -42.77 -65.01 37.09
CA ALA G 348 -43.00 -66.10 38.03
C ALA G 348 -41.92 -66.12 39.12
N ILE G 349 -42.37 -66.29 40.36
CA ILE G 349 -41.50 -66.36 41.53
C ILE G 349 -41.56 -67.78 42.06
N LEU G 350 -40.39 -68.40 42.24
CA LEU G 350 -40.29 -69.79 42.66
C LEU G 350 -39.38 -69.90 43.88
N GLN G 351 -39.71 -70.85 44.74
CA GLN G 351 -38.94 -71.12 45.94
C GLN G 351 -38.45 -72.56 45.92
N SER G 352 -37.34 -72.79 46.60
CA SER G 352 -36.71 -74.11 46.63
C SER G 352 -37.52 -75.06 47.51
N PRO G 353 -37.21 -76.36 47.50
CA PRO G 353 -37.81 -77.28 48.46
C PRO G 353 -37.23 -77.07 49.85
N GLN G 354 -37.88 -77.69 50.83
CA GLN G 354 -37.38 -77.62 52.19
C GLN G 354 -36.10 -78.43 52.35
N ASN G 355 -35.92 -79.47 51.53
CA ASN G 355 -34.70 -80.26 51.52
C ASN G 355 -34.24 -80.39 50.07
N PRO G 356 -33.40 -79.48 49.60
CA PRO G 356 -32.97 -79.51 48.20
C PRO G 356 -31.74 -80.36 47.93
N GLY G 357 -31.12 -80.95 48.94
CA GLY G 357 -30.00 -81.83 48.74
C GLY G 357 -28.66 -81.17 49.05
N PRO G 358 -27.57 -81.79 48.56
CA PRO G 358 -26.25 -81.19 48.75
C PRO G 358 -26.06 -79.95 47.89
N VAL G 359 -25.18 -79.06 48.37
CA VAL G 359 -25.00 -77.77 47.72
C VAL G 359 -24.37 -77.94 46.34
N SER G 360 -23.42 -78.87 46.21
CA SER G 360 -22.70 -79.04 44.96
C SER G 360 -23.54 -79.67 43.86
N GLU G 361 -24.81 -79.99 44.13
CA GLU G 361 -25.66 -80.67 43.16
C GLU G 361 -26.94 -79.91 42.85
N MET G 362 -27.11 -78.71 43.37
CA MET G 362 -28.36 -77.97 43.18
C MET G 362 -28.43 -77.39 41.77
N GLU G 363 -29.64 -77.34 41.23
CA GLU G 363 -29.90 -76.78 39.92
C GLU G 363 -31.25 -76.06 39.97
N THR G 364 -31.51 -75.27 38.95
CA THR G 364 -32.83 -74.67 38.91
C THR G 364 -33.80 -75.61 38.19
N PRO G 365 -35.09 -75.57 38.53
CA PRO G 365 -36.03 -76.49 37.87
C PRO G 365 -36.24 -76.18 36.40
N VAL G 366 -36.38 -74.91 36.03
CA VAL G 366 -36.61 -74.54 34.65
C VAL G 366 -35.48 -73.66 34.15
N ASP G 367 -35.48 -73.34 32.86
CA ASP G 367 -34.47 -72.51 32.22
C ASP G 367 -35.13 -71.36 31.49
N SER G 368 -36.11 -70.74 32.13
CA SER G 368 -36.92 -69.69 31.53
C SER G 368 -36.37 -68.31 31.88
N SER G 369 -36.63 -67.36 31.00
CA SER G 369 -36.37 -65.96 31.27
C SER G 369 -37.52 -65.28 32.01
N TYR G 370 -38.60 -66.01 32.30
CA TYR G 370 -39.78 -65.45 32.92
C TYR G 370 -39.95 -65.89 34.37
N ALA G 371 -38.87 -66.31 35.02
CA ALA G 371 -38.95 -66.84 36.36
C ALA G 371 -37.70 -66.48 37.15
N ALA G 372 -37.84 -66.49 38.48
CA ALA G 372 -36.74 -66.28 39.41
C ALA G 372 -36.88 -67.26 40.56
N TYR G 373 -35.75 -67.61 41.18
CA TYR G 373 -35.65 -68.73 42.10
C TYR G 373 -34.93 -68.32 43.38
N TYR G 374 -35.59 -68.49 44.52
CA TYR G 374 -35.09 -67.98 45.80
C TYR G 374 -34.88 -69.09 46.81
N TYR G 375 -33.96 -68.86 47.75
CA TYR G 375 -33.53 -69.88 48.71
C TYR G 375 -32.90 -69.22 49.91
N PRO G 376 -33.09 -69.75 51.15
CA PRO G 376 -33.89 -70.83 51.73
C PRO G 376 -35.24 -70.41 52.34
N TRP G 377 -35.80 -71.28 53.17
CA TRP G 377 -37.05 -71.06 53.89
C TRP G 377 -36.83 -70.14 55.09
N VAL G 378 -37.93 -69.64 55.66
CA VAL G 378 -37.88 -68.66 56.75
C VAL G 378 -38.72 -69.14 57.92
N ASN G 379 -38.58 -68.44 59.05
CA ASN G 379 -39.25 -68.75 60.31
C ASN G 379 -40.20 -67.63 60.69
N VAL G 380 -41.40 -67.99 61.16
CA VAL G 380 -42.43 -67.02 61.55
C VAL G 380 -43.09 -67.49 62.84
N LEU G 381 -43.85 -66.59 63.44
CA LEU G 381 -44.71 -66.91 64.58
C LEU G 381 -46.08 -67.35 64.09
N ASP G 382 -46.57 -68.47 64.62
CA ASP G 382 -47.84 -69.03 64.18
C ASP G 382 -48.96 -68.53 65.10
N PRO G 383 -49.98 -67.86 64.56
CA PRO G 383 -50.97 -67.21 65.42
C PRO G 383 -51.98 -68.15 66.08
N VAL G 384 -51.80 -69.46 66.01
CA VAL G 384 -52.67 -70.39 66.71
C VAL G 384 -51.93 -71.22 67.76
N THR G 385 -50.61 -71.32 67.67
CA THR G 385 -49.81 -71.99 68.69
C THR G 385 -48.84 -71.07 69.39
N ASN G 386 -48.56 -69.89 68.82
CA ASN G 386 -47.61 -68.92 69.37
C ASN G 386 -46.21 -69.51 69.44
N ARG G 387 -45.87 -70.33 68.46
CA ARG G 387 -44.55 -70.94 68.34
C ARG G 387 -43.98 -70.62 66.96
N GLU G 388 -42.70 -70.92 66.78
CA GLU G 388 -42.07 -70.72 65.49
C GLU G 388 -42.52 -71.80 64.50
N LYS G 389 -42.46 -71.46 63.23
CA LYS G 389 -42.92 -72.32 62.15
C LYS G 389 -42.14 -71.98 60.90
N LEU G 390 -41.83 -72.98 60.09
CA LEU G 390 -40.98 -72.83 58.92
C LEU G 390 -41.85 -72.77 57.67
N VAL G 391 -41.69 -71.72 56.86
CA VAL G 391 -42.53 -71.49 55.70
C VAL G 391 -41.66 -71.07 54.53
N PRO G 392 -42.19 -71.20 53.30
CA PRO G 392 -41.45 -70.71 52.13
C PRO G 392 -41.49 -69.21 52.04
N PRO G 393 -40.48 -68.59 51.42
CA PRO G 393 -40.36 -67.12 51.44
C PRO G 393 -41.05 -66.37 50.30
N GLY G 394 -41.99 -66.98 49.58
CA GLY G 394 -42.45 -66.40 48.33
C GLY G 394 -43.22 -65.10 48.48
N GLY G 395 -44.16 -65.05 49.43
CA GLY G 395 -44.99 -63.86 49.58
C GLY G 395 -44.24 -62.65 50.08
N HIS G 396 -43.30 -62.87 51.01
CA HIS G 396 -42.44 -61.78 51.48
C HIS G 396 -41.65 -61.19 50.32
N ILE G 397 -41.18 -62.03 49.41
CA ILE G 397 -40.38 -61.57 48.29
C ILE G 397 -41.26 -60.81 47.29
N ALA G 398 -42.49 -61.27 47.07
CA ALA G 398 -43.40 -60.52 46.20
C ALA G 398 -43.73 -59.15 46.80
N GLY G 399 -43.87 -59.08 48.13
CA GLY G 399 -44.07 -57.79 48.77
C GLY G 399 -42.88 -56.87 48.61
N ILE G 400 -41.67 -57.42 48.66
CA ILE G 400 -40.47 -56.63 48.41
C ILE G 400 -40.46 -56.10 46.98
N TYR G 401 -40.84 -56.94 46.01
CA TYR G 401 -40.96 -56.50 44.62
C TYR G 401 -41.90 -55.30 44.52
N SER G 402 -43.10 -55.42 45.09
CA SER G 402 -44.08 -54.34 45.03
C SER G 402 -43.55 -53.06 45.66
N ARG G 403 -42.93 -53.17 46.83
CA ARG G 403 -42.40 -52.00 47.52
C ARG G 403 -41.34 -51.29 46.68
N THR G 404 -40.37 -52.06 46.17
CA THR G 404 -39.31 -51.48 45.35
C THR G 404 -39.89 -50.80 44.11
N ASP G 405 -40.90 -51.42 43.49
CA ASP G 405 -41.53 -50.81 42.33
C ASP G 405 -42.20 -49.49 42.69
N GLN G 406 -42.79 -49.40 43.89
CA GLN G 406 -43.47 -48.18 44.28
C GLN G 406 -42.51 -47.06 44.59
N GLU G 407 -41.37 -47.36 45.23
CA GLU G 407 -40.52 -46.27 45.70
C GLU G 407 -39.32 -45.98 44.82
N HIS G 408 -38.97 -46.84 43.86
CA HIS G 408 -37.80 -46.61 43.02
C HIS G 408 -38.08 -46.68 41.53
N GLY G 409 -38.99 -47.53 41.09
CA GLY G 409 -39.19 -47.80 39.68
C GLY G 409 -38.94 -49.26 39.34
N VAL G 410 -39.36 -49.62 38.12
CA VAL G 410 -39.23 -51.00 37.66
C VAL G 410 -37.81 -51.32 37.20
N HIS G 411 -36.96 -50.32 37.06
CA HIS G 411 -35.57 -50.50 36.64
C HIS G 411 -34.63 -50.76 37.82
N LYS G 412 -35.12 -50.76 39.04
CA LYS G 412 -34.29 -50.97 40.21
C LYS G 412 -34.32 -52.44 40.61
N ALA G 413 -33.14 -53.00 40.85
CA ALA G 413 -33.04 -54.40 41.23
C ALA G 413 -33.59 -54.59 42.65
N PRO G 414 -34.51 -55.52 42.85
CA PRO G 414 -35.10 -55.72 44.20
C PRO G 414 -34.20 -56.57 45.10
N ALA G 415 -32.96 -56.13 45.25
CA ALA G 415 -32.00 -56.80 46.13
C ALA G 415 -31.29 -55.76 46.98
N ASN G 416 -30.61 -56.23 48.03
CA ASN G 416 -30.07 -55.37 49.08
C ASN G 416 -31.20 -54.67 49.82
N GLU G 417 -32.29 -55.40 50.07
CA GLU G 417 -33.46 -54.91 50.75
C GLU G 417 -33.79 -55.82 51.93
N THR G 418 -34.43 -55.24 52.94
CA THR G 418 -34.69 -55.95 54.19
C THR G 418 -36.00 -56.73 54.12
N LEU G 419 -36.03 -57.87 54.79
CA LEU G 419 -37.23 -58.67 54.97
C LEU G 419 -37.87 -58.37 56.32
N ARG G 420 -39.13 -57.96 56.29
CA ARG G 420 -39.87 -57.66 57.50
C ARG G 420 -40.91 -58.75 57.74
N GLY G 421 -41.12 -59.06 59.03
CA GLY G 421 -42.17 -60.00 59.40
C GLY G 421 -41.71 -61.40 59.71
N ILE G 422 -40.41 -61.63 59.89
CA ILE G 422 -39.87 -62.95 60.13
C ILE G 422 -39.06 -62.93 61.42
N VAL G 423 -38.61 -64.11 61.83
CA VAL G 423 -37.82 -64.28 63.04
C VAL G 423 -36.40 -64.74 62.72
N GLY G 424 -36.25 -65.71 61.83
CA GLY G 424 -34.94 -66.18 61.44
C GLY G 424 -35.02 -66.93 60.14
N LEU G 425 -33.89 -67.51 59.75
CA LEU G 425 -33.78 -68.29 58.52
C LEU G 425 -33.69 -69.77 58.85
N GLN G 426 -33.64 -70.59 57.80
CA GLN G 426 -33.44 -72.02 57.97
C GLN G 426 -31.96 -72.35 58.16
N HIS G 427 -31.12 -71.83 57.27
CA HIS G 427 -29.67 -71.95 57.39
C HIS G 427 -29.05 -70.57 57.18
N ASN G 428 -27.82 -70.42 57.66
CA ASN G 428 -27.00 -69.26 57.34
C ASN G 428 -25.99 -69.66 56.26
N ILE G 429 -26.04 -68.97 55.13
CA ILE G 429 -25.15 -69.23 54.01
C ILE G 429 -23.94 -68.32 54.11
N THR G 430 -22.77 -68.87 53.85
CA THR G 430 -21.52 -68.13 53.89
C THR G 430 -21.17 -67.59 52.52
N LYS G 431 -20.03 -66.90 52.44
CA LYS G 431 -19.55 -66.37 51.17
C LYS G 431 -18.93 -67.43 50.29
N GLY G 432 -18.42 -68.53 50.87
CA GLY G 432 -17.86 -69.59 50.06
C GLY G 432 -18.90 -70.41 49.34
N GLU G 433 -20.09 -70.56 49.92
CA GLU G 433 -21.14 -71.34 49.29
C GLU G 433 -21.89 -70.55 48.23
N GLN G 434 -21.96 -69.23 48.37
CA GLN G 434 -22.63 -68.42 47.36
C GLN G 434 -21.79 -68.27 46.10
N ASP G 435 -20.48 -68.47 46.19
CA ASP G 435 -19.65 -68.49 45.00
C ASP G 435 -19.95 -69.69 44.10
N VAL G 436 -20.69 -70.67 44.59
CA VAL G 436 -21.06 -71.84 43.80
C VAL G 436 -22.50 -71.70 43.32
N LEU G 437 -23.34 -71.06 44.14
CA LEU G 437 -24.76 -70.95 43.86
C LEU G 437 -25.10 -69.78 42.94
N ASN G 438 -24.40 -68.66 43.08
CA ASN G 438 -24.78 -67.47 42.32
C ASN G 438 -24.58 -67.63 40.81
N PRO G 439 -23.48 -68.20 40.29
CA PRO G 439 -23.38 -68.39 38.84
C PRO G 439 -24.38 -69.38 38.26
N LYS G 440 -25.22 -70.01 39.09
CA LYS G 440 -26.21 -70.98 38.63
C LYS G 440 -27.62 -70.41 38.55
N GLY G 441 -27.82 -69.14 38.89
CA GLY G 441 -29.14 -68.54 38.86
C GLY G 441 -29.97 -68.70 40.11
N ILE G 442 -29.37 -69.11 41.22
CA ILE G 442 -30.08 -69.34 42.47
C ILE G 442 -29.83 -68.14 43.37
N ASN G 443 -30.91 -67.49 43.82
CA ASN G 443 -30.79 -66.28 44.63
C ASN G 443 -30.89 -66.63 46.11
N CYS G 444 -30.07 -65.97 46.92
CA CYS G 444 -29.90 -66.31 48.31
C CYS G 444 -30.44 -65.21 49.21
N ILE G 445 -30.95 -65.63 50.37
CA ILE G 445 -31.34 -64.72 51.44
C ILE G 445 -30.36 -64.93 52.59
N ARG G 446 -29.61 -63.88 52.94
CA ARG G 446 -28.51 -64.00 53.88
C ARG G 446 -28.73 -63.04 55.05
N SER G 447 -27.90 -63.21 56.08
CA SER G 447 -27.99 -62.38 57.28
C SER G 447 -26.59 -61.87 57.62
N PHE G 448 -26.44 -60.55 57.65
CA PHE G 448 -25.17 -59.90 57.95
C PHE G 448 -25.21 -59.31 59.35
N GLN G 449 -24.07 -59.40 60.03
CA GLN G 449 -23.93 -58.86 61.37
C GLN G 449 -23.84 -57.34 61.31
N GLY G 450 -24.74 -56.67 62.01
CA GLY G 450 -24.84 -55.23 61.94
C GLY G 450 -25.76 -54.69 60.86
N ARG G 451 -26.25 -55.55 59.96
CA ARG G 451 -27.09 -55.10 58.86
C ARG G 451 -28.41 -55.83 58.72
N GLY G 452 -28.54 -57.05 59.23
CA GLY G 452 -29.82 -57.74 59.22
C GLY G 452 -29.94 -58.77 58.12
N ILE G 453 -31.18 -59.16 57.85
CA ILE G 453 -31.50 -60.19 56.85
C ILE G 453 -31.89 -59.50 55.55
N ARG G 454 -31.21 -59.88 54.46
CA ARG G 454 -31.41 -59.23 53.18
C ARG G 454 -31.37 -60.24 52.04
N VAL G 455 -31.98 -59.86 50.93
CA VAL G 455 -31.90 -60.62 49.68
C VAL G 455 -30.62 -60.22 48.95
N TRP G 456 -29.80 -61.21 48.58
CA TRP G 456 -28.48 -60.96 47.99
C TRP G 456 -28.40 -61.72 46.67
N GLY G 457 -28.94 -61.13 45.61
CA GLY G 457 -28.95 -61.78 44.30
C GLY G 457 -30.14 -61.37 43.45
N ALA G 458 -29.91 -61.06 42.17
CA ALA G 458 -30.94 -60.48 41.32
C ALA G 458 -30.89 -61.05 39.90
N ARG G 459 -30.78 -62.36 39.78
CA ARG G 459 -30.71 -63.01 38.47
C ARG G 459 -31.96 -63.82 38.16
N THR G 460 -32.14 -64.14 36.88
CA THR G 460 -33.17 -65.07 36.44
C THR G 460 -32.60 -66.47 36.24
N THR G 461 -33.49 -67.43 36.02
CA THR G 461 -33.12 -68.81 35.76
C THR G 461 -32.62 -69.03 34.33
N SER G 462 -32.48 -67.98 33.55
CA SER G 462 -32.22 -68.10 32.12
C SER G 462 -30.75 -68.39 31.83
N SER G 463 -30.52 -69.07 30.71
CA SER G 463 -29.18 -69.33 30.20
C SER G 463 -28.75 -68.35 29.12
N ASP G 464 -29.71 -67.70 28.46
CA ASP G 464 -29.40 -66.67 27.48
C ASP G 464 -28.66 -65.51 28.14
N PRO G 465 -27.52 -65.07 27.59
CA PRO G 465 -26.79 -63.96 28.22
C PRO G 465 -27.49 -62.63 28.11
N GLU G 466 -28.50 -62.52 27.25
CA GLU G 466 -29.20 -61.26 27.04
C GLU G 466 -30.24 -60.97 28.11
N TRP G 467 -30.69 -61.98 28.84
CA TRP G 467 -31.72 -61.84 29.86
C TRP G 467 -31.23 -62.33 31.21
N LYS G 468 -29.99 -62.00 31.54
CA LYS G 468 -29.37 -62.44 32.78
C LYS G 468 -29.95 -61.73 34.00
N TYR G 469 -30.27 -60.45 33.88
CA TYR G 469 -30.71 -59.64 35.02
C TYR G 469 -32.21 -59.43 34.96
N LEU G 470 -32.79 -59.29 36.16
CA LEU G 470 -34.23 -59.36 36.37
C LEU G 470 -34.92 -58.04 35.99
N ASN G 471 -34.29 -56.92 36.33
CA ASN G 471 -34.90 -55.62 36.07
C ASN G 471 -35.00 -55.32 34.59
N VAL G 472 -34.12 -55.90 33.78
CA VAL G 472 -34.18 -55.70 32.32
C VAL G 472 -35.43 -56.36 31.76
N ARG G 473 -35.72 -57.59 32.20
CA ARG G 473 -36.93 -58.28 31.79
C ARG G 473 -38.17 -57.52 32.24
N ARG G 474 -38.18 -57.03 33.48
CA ARG G 474 -39.35 -56.32 33.96
C ARG G 474 -39.58 -55.01 33.20
N LEU G 475 -38.50 -54.28 32.90
CA LEU G 475 -38.62 -53.05 32.12
C LEU G 475 -39.18 -53.34 30.72
N PHE G 476 -38.69 -54.41 30.08
CA PHE G 476 -39.21 -54.73 28.76
C PHE G 476 -40.68 -55.13 28.79
N LEU G 477 -41.09 -55.89 29.82
CA LEU G 477 -42.51 -56.22 29.95
C LEU G 477 -43.35 -54.95 30.05
N PHE G 478 -42.94 -54.02 30.92
CA PHE G 478 -43.67 -52.77 31.09
C PHE G 478 -43.79 -52.00 29.77
N ILE G 479 -42.65 -51.82 29.08
CA ILE G 479 -42.64 -51.03 27.85
C ILE G 479 -43.52 -51.67 26.79
N GLU G 480 -43.39 -52.99 26.61
CA GLU G 480 -44.10 -53.67 25.53
C GLU G 480 -45.61 -53.67 25.77
N GLN G 481 -46.04 -53.84 27.02
CA GLN G 481 -47.47 -53.81 27.27
C GLN G 481 -48.04 -52.40 27.09
N SER G 482 -47.30 -51.37 27.52
CA SER G 482 -47.77 -50.01 27.29
C SER G 482 -47.95 -49.73 25.80
N ILE G 483 -46.95 -50.12 25.00
CA ILE G 483 -47.04 -49.90 23.55
C ILE G 483 -48.21 -50.67 22.97
N GLN G 484 -48.39 -51.93 23.37
CA GLN G 484 -49.47 -52.74 22.82
C GLN G 484 -50.84 -52.12 23.11
N GLU G 485 -51.05 -51.65 24.34
CA GLU G 485 -52.38 -51.18 24.72
C GLU G 485 -52.65 -49.74 24.30
N GLY G 486 -51.63 -48.92 24.09
CA GLY G 486 -51.85 -47.53 23.75
C GLY G 486 -51.67 -47.13 22.30
N THR G 487 -51.94 -48.02 21.34
CA THR G 487 -51.72 -47.67 19.93
C THR G 487 -52.83 -48.24 19.04
N GLN G 488 -53.99 -48.57 19.61
CA GLN G 488 -55.04 -49.17 18.81
C GLN G 488 -55.78 -48.16 17.94
N TRP G 489 -55.49 -46.87 18.06
CA TRP G 489 -56.09 -45.87 17.19
C TRP G 489 -55.51 -45.89 15.79
N ALA G 490 -54.37 -46.55 15.59
CA ALA G 490 -53.63 -46.48 14.34
C ALA G 490 -54.01 -47.57 13.34
N VAL G 491 -54.88 -48.50 13.71
CA VAL G 491 -55.26 -49.57 12.81
C VAL G 491 -56.28 -49.03 11.82
N PHE G 492 -56.07 -49.33 10.54
CA PHE G 492 -56.91 -48.93 9.40
C PHE G 492 -56.76 -47.46 9.04
N GLU G 493 -55.75 -46.78 9.54
CA GLU G 493 -55.47 -45.41 9.17
C GLU G 493 -54.68 -45.38 7.86
N PRO G 494 -54.70 -44.26 7.14
CA PRO G 494 -53.95 -44.17 5.89
C PRO G 494 -52.46 -44.42 6.10
N ASN G 495 -51.86 -45.17 5.17
CA ASN G 495 -50.45 -45.56 5.25
C ASN G 495 -49.60 -44.54 4.50
N GLU G 496 -49.43 -43.38 5.12
CA GLU G 496 -48.73 -42.26 4.49
C GLU G 496 -48.07 -41.42 5.57
N GLN G 497 -47.35 -40.37 5.13
CA GLN G 497 -46.34 -39.72 5.96
C GLN G 497 -46.92 -39.08 7.23
N ASP G 498 -48.18 -38.65 7.21
CA ASP G 498 -48.77 -38.04 8.40
C ASP G 498 -48.90 -39.03 9.54
N THR G 499 -49.45 -40.21 9.26
CA THR G 499 -49.55 -41.25 10.28
C THR G 499 -48.17 -41.64 10.80
N TRP G 500 -47.19 -41.70 9.90
CA TRP G 500 -45.83 -42.08 10.29
C TRP G 500 -45.25 -41.07 11.27
N GLY G 501 -45.35 -39.78 10.95
CA GLY G 501 -44.86 -38.76 11.86
C GLY G 501 -45.56 -38.78 13.20
N ARG G 502 -46.88 -39.02 13.19
CA ARG G 502 -47.65 -39.05 14.42
C ARG G 502 -47.18 -40.19 15.33
N ILE G 503 -47.05 -41.39 14.77
CA ILE G 503 -46.62 -42.56 15.55
C ILE G 503 -45.21 -42.35 16.09
N ARG G 504 -44.30 -41.89 15.23
CA ARG G 504 -42.93 -41.63 15.66
C ARG G 504 -42.88 -40.66 16.83
N GLN G 505 -43.67 -39.58 16.74
CA GLN G 505 -43.67 -38.57 17.80
C GLN G 505 -44.15 -39.14 19.13
N SER G 506 -45.24 -39.91 19.09
CA SER G 506 -45.76 -40.51 20.32
C SER G 506 -44.72 -41.41 20.99
N VAL G 507 -44.14 -42.33 20.22
CA VAL G 507 -43.21 -43.29 20.81
C VAL G 507 -41.97 -42.58 21.33
N THR G 508 -41.51 -41.55 20.63
CA THR G 508 -40.35 -40.79 21.11
C THR G 508 -40.65 -40.10 22.43
N ASN G 509 -41.84 -39.52 22.58
CA ASN G 509 -42.19 -38.88 23.85
C ASN G 509 -42.18 -39.90 25.00
N PHE G 510 -42.79 -41.07 24.78
CA PHE G 510 -42.81 -42.09 25.83
C PHE G 510 -41.39 -42.53 26.23
N LEU G 511 -40.53 -42.78 25.24
CA LEU G 511 -39.19 -43.25 25.56
C LEU G 511 -38.33 -42.18 26.21
N ARG G 512 -38.54 -40.90 25.85
CA ARG G 512 -37.81 -39.84 26.51
C ARG G 512 -38.24 -39.70 27.96
N THR G 513 -39.52 -39.90 28.24
CA THR G 513 -39.96 -39.92 29.63
C THR G 513 -39.29 -41.05 30.41
N VAL G 514 -39.24 -42.25 29.81
CA VAL G 514 -38.57 -43.37 30.48
C VAL G 514 -37.11 -43.05 30.74
N TRP G 515 -36.44 -42.40 29.78
CA TRP G 515 -35.04 -42.05 29.94
C TRP G 515 -34.82 -41.05 31.07
N ARG G 516 -35.69 -40.04 31.18
CA ARG G 516 -35.50 -39.02 32.20
C ARG G 516 -35.61 -39.56 33.62
N ASN G 517 -36.32 -40.67 33.83
CA ASN G 517 -36.50 -41.23 35.17
C ASN G 517 -35.41 -42.22 35.56
N GLY G 518 -34.34 -42.33 34.78
CA GLY G 518 -33.23 -43.19 35.13
C GLY G 518 -33.30 -44.60 34.62
N GLY G 519 -34.25 -44.92 33.74
CA GLY G 519 -34.37 -46.28 33.25
C GLY G 519 -33.46 -46.61 32.08
N LEU G 520 -33.10 -45.61 31.28
CA LEU G 520 -32.20 -45.79 30.15
C LEU G 520 -30.90 -45.08 30.42
N GLN G 521 -29.86 -45.47 29.69
CA GLN G 521 -28.50 -45.07 30.00
C GLN G 521 -27.88 -44.31 28.83
N GLY G 522 -27.32 -43.15 29.12
CA GLY G 522 -26.62 -42.34 28.14
C GLY G 522 -26.72 -40.87 28.50
N GLN G 523 -25.67 -40.12 28.13
CA GLN G 523 -25.62 -38.69 28.39
C GLN G 523 -26.42 -37.88 27.38
N SER G 524 -26.89 -38.50 26.30
CA SER G 524 -27.69 -37.81 25.32
C SER G 524 -28.82 -38.74 24.88
N GLU G 525 -29.77 -38.19 24.14
CA GLU G 525 -30.90 -39.00 23.66
C GLU G 525 -30.46 -40.00 22.61
N ASP G 526 -29.47 -39.65 21.79
CA ASP G 526 -28.99 -40.56 20.76
C ASP G 526 -28.30 -41.78 21.35
N ASP G 527 -27.77 -41.67 22.56
CA ASP G 527 -27.14 -42.80 23.22
C ASP G 527 -28.16 -43.75 23.84
N ALA G 528 -29.33 -43.24 24.19
CA ALA G 528 -30.30 -44.00 24.98
C ALA G 528 -31.28 -44.80 24.12
N PHE G 529 -31.71 -44.26 22.98
CA PHE G 529 -32.73 -44.92 22.18
C PHE G 529 -32.82 -44.26 20.80
N TYR G 530 -33.53 -44.95 19.90
CA TYR G 530 -33.94 -44.38 18.61
C TYR G 530 -35.26 -45.02 18.18
N VAL G 531 -35.98 -44.29 17.32
CA VAL G 531 -37.23 -44.73 16.71
C VAL G 531 -37.20 -44.40 15.22
N LYS G 532 -37.65 -45.35 14.39
CA LYS G 532 -37.63 -45.20 12.93
C LYS G 532 -38.94 -45.65 12.33
N CYS G 533 -39.49 -44.81 11.45
CA CYS G 533 -40.70 -45.15 10.69
C CYS G 533 -40.74 -44.27 9.46
N GLY G 534 -40.67 -44.87 8.27
CA GLY G 534 -40.67 -44.10 7.03
C GLY G 534 -40.34 -44.98 5.84
N GLU G 535 -39.60 -44.41 4.90
CA GLU G 535 -39.18 -45.15 3.71
C GLU G 535 -37.87 -45.90 3.92
N GLU G 536 -37.27 -45.81 5.11
CA GLU G 536 -36.13 -46.65 5.43
C GLU G 536 -36.55 -47.97 6.05
N THR G 537 -37.74 -48.04 6.63
CA THR G 537 -38.24 -49.28 7.21
C THR G 537 -39.27 -49.98 6.35
N MET G 538 -39.97 -49.25 5.48
CA MET G 538 -41.02 -49.80 4.65
C MET G 538 -40.64 -49.72 3.19
N SER G 539 -40.94 -50.78 2.44
CA SER G 539 -40.81 -50.81 0.99
C SER G 539 -42.19 -50.70 0.36
N GLU G 540 -42.22 -50.83 -0.97
CA GLU G 540 -43.48 -50.68 -1.70
C GLU G 540 -44.34 -51.94 -1.59
N ASP G 541 -43.70 -53.12 -1.57
CA ASP G 541 -44.43 -54.35 -1.32
C ASP G 541 -45.11 -54.32 0.04
N ASP G 542 -44.53 -53.62 1.01
CA ASP G 542 -45.16 -53.46 2.31
C ASP G 542 -46.43 -52.61 2.21
N ILE G 543 -46.33 -51.46 1.54
CA ILE G 543 -47.49 -50.57 1.40
C ILE G 543 -48.62 -51.27 0.66
N ASP G 544 -48.29 -52.03 -0.38
CA ASP G 544 -49.33 -52.69 -1.16
C ASP G 544 -50.05 -53.79 -0.38
N ASN G 545 -49.47 -54.26 0.72
CA ASN G 545 -50.08 -55.35 1.49
C ASN G 545 -50.61 -54.90 2.85
N GLY G 546 -50.47 -53.62 3.20
CA GLY G 546 -51.09 -53.11 4.41
C GLY G 546 -50.24 -53.16 5.66
N ARG G 547 -48.92 -53.18 5.54
CA ARG G 547 -48.02 -53.30 6.68
C ARG G 547 -47.39 -51.95 7.01
N LEU G 548 -47.43 -51.58 8.28
CA LEU G 548 -46.74 -50.39 8.79
C LEU G 548 -45.72 -50.85 9.82
N ILE G 549 -44.45 -50.57 9.57
CA ILE G 549 -43.35 -51.12 10.37
C ILE G 549 -42.64 -49.99 11.10
N VAL G 550 -42.44 -50.17 12.40
CA VAL G 550 -41.72 -49.23 13.26
C VAL G 550 -40.58 -49.98 13.94
N GLU G 551 -39.38 -49.41 13.93
CA GLU G 551 -38.22 -50.03 14.55
C GLU G 551 -37.69 -49.17 15.69
N ILE G 552 -37.52 -49.80 16.86
CA ILE G 552 -37.13 -49.11 18.08
C ILE G 552 -35.89 -49.79 18.66
N GLY G 553 -34.92 -48.98 19.07
CA GLY G 553 -33.74 -49.50 19.73
C GLY G 553 -33.50 -48.80 21.05
N VAL G 554 -33.16 -49.58 22.07
CA VAL G 554 -33.13 -49.10 23.45
C VAL G 554 -31.88 -49.65 24.16
N ALA G 555 -31.48 -48.96 25.23
CA ALA G 555 -30.30 -49.36 26.02
C ALA G 555 -30.63 -49.34 27.50
N PRO G 556 -30.91 -50.49 28.11
CA PRO G 556 -31.29 -50.52 29.52
C PRO G 556 -30.09 -50.42 30.46
N VAL G 557 -30.39 -50.11 31.71
CA VAL G 557 -29.38 -49.97 32.75
C VAL G 557 -29.35 -51.24 33.58
N LYS G 558 -28.17 -51.62 34.06
CA LYS G 558 -27.93 -52.87 34.76
C LYS G 558 -27.33 -52.60 36.13
N PRO G 559 -27.46 -53.53 37.07
CA PRO G 559 -27.01 -53.26 38.44
C PRO G 559 -25.50 -53.40 38.60
N ALA G 560 -25.03 -52.89 39.74
CA ALA G 560 -23.62 -52.99 40.13
C ALA G 560 -23.50 -54.12 41.15
N GLU G 561 -23.01 -55.27 40.70
CA GLU G 561 -22.96 -56.46 41.52
C GLU G 561 -21.62 -56.62 42.24
N PHE G 562 -20.54 -56.10 41.66
CA PHE G 562 -19.21 -56.19 42.23
C PHE G 562 -18.62 -54.79 42.29
N VAL G 563 -18.36 -54.32 43.51
CA VAL G 563 -17.79 -53.01 43.75
C VAL G 563 -16.32 -53.21 44.10
N ILE G 564 -15.43 -52.70 43.23
CA ILE G 564 -14.00 -53.02 43.28
C ILE G 564 -13.22 -51.74 43.53
N PHE G 565 -12.27 -51.81 44.46
CA PHE G 565 -11.38 -50.70 44.80
C PHE G 565 -9.93 -51.16 44.62
N ARG G 566 -9.25 -50.57 43.66
CA ARG G 566 -7.85 -50.86 43.38
C ARG G 566 -7.00 -49.69 43.88
N ILE G 567 -6.22 -49.91 44.94
CA ILE G 567 -5.48 -48.87 45.64
C ILE G 567 -3.99 -49.13 45.51
N SER G 568 -3.23 -48.07 45.23
CA SER G 568 -1.79 -48.16 45.07
C SER G 568 -1.13 -46.96 45.75
N GLN G 569 0.21 -46.93 45.68
CA GLN G 569 1.02 -45.88 46.28
C GLN G 569 1.56 -44.89 45.26
N ASP G 570 1.25 -45.05 43.98
CA ASP G 570 1.84 -44.22 42.94
C ASP G 570 1.01 -42.96 42.75
N THR G 571 1.68 -41.81 42.75
CA THR G 571 1.07 -40.50 42.52
C THR G 571 -0.11 -40.24 43.44
N SER H 2 -8.12 -60.86 40.20
CA SER H 2 -9.01 -61.51 41.15
C SER H 2 -10.23 -62.07 40.43
N GLU H 3 -10.96 -62.96 41.11
CA GLU H 3 -12.18 -63.54 40.58
C GLU H 3 -13.38 -63.11 41.42
N TYR H 4 -14.48 -62.82 40.75
CA TYR H 4 -15.68 -62.27 41.39
C TYR H 4 -16.85 -63.21 41.13
N GLN H 5 -17.22 -64.00 42.14
CA GLN H 5 -18.29 -64.98 42.01
C GLN H 5 -19.51 -64.71 42.88
N SER H 6 -19.35 -63.95 43.97
CA SER H 6 -20.48 -63.57 44.79
C SER H 6 -20.47 -62.06 45.01
N PRO H 7 -21.66 -61.44 45.10
CA PRO H 7 -21.72 -59.98 45.20
C PRO H 7 -21.15 -59.45 46.50
N GLY H 8 -20.57 -58.26 46.42
CA GLY H 8 -20.00 -57.62 47.59
C GLY H 8 -19.03 -56.53 47.20
N VAL H 9 -18.23 -56.12 48.18
CA VAL H 9 -17.21 -55.09 48.03
C VAL H 9 -15.85 -55.75 48.07
N TYR H 10 -14.96 -55.33 47.16
CA TYR H 10 -13.61 -55.86 47.06
C TYR H 10 -12.60 -54.73 47.10
N VAL H 11 -11.54 -54.92 47.88
CA VAL H 11 -10.45 -53.95 47.98
C VAL H 11 -9.15 -54.66 47.63
N GLU H 12 -8.40 -54.11 46.67
CA GLU H 12 -7.20 -54.75 46.15
C GLU H 12 -6.03 -53.78 46.14
N GLU H 13 -4.84 -54.32 46.38
CA GLU H 13 -3.61 -53.55 46.41
C GLU H 13 -2.83 -53.75 45.11
N VAL H 14 -2.24 -52.67 44.62
CA VAL H 14 -1.49 -52.67 43.37
C VAL H 14 -0.03 -52.32 43.69
N GLN H 15 0.87 -52.80 42.84
CA GLN H 15 2.29 -52.47 42.97
C GLN H 15 2.58 -51.11 42.35
N SER H 16 3.51 -50.37 42.97
CA SER H 16 3.80 -49.01 42.59
C SER H 16 4.87 -48.97 41.49
N GLY H 17 5.27 -47.76 41.11
CA GLY H 17 6.10 -47.55 39.95
C GLY H 17 7.60 -47.50 40.15
N SER H 18 8.08 -47.61 41.40
CA SER H 18 9.51 -47.67 41.63
C SER H 18 9.76 -48.21 43.03
N LYS H 19 10.88 -48.92 43.18
CA LYS H 19 11.28 -49.53 44.44
C LYS H 19 12.68 -49.08 44.79
N SER H 20 12.86 -48.68 46.04
CA SER H 20 14.11 -48.06 46.46
C SER H 20 15.22 -49.09 46.63
N VAL H 21 16.45 -48.67 46.31
CA VAL H 21 17.66 -49.44 46.55
C VAL H 21 18.42 -48.75 47.67
N GLU H 22 19.02 -49.53 48.57
CA GLU H 22 19.77 -49.00 49.69
C GLU H 22 21.22 -49.47 49.60
N GLY H 23 22.15 -48.56 49.90
CA GLY H 23 23.56 -48.90 49.87
C GLY H 23 23.98 -49.78 51.02
N VAL H 24 25.07 -50.52 50.80
CA VAL H 24 25.56 -51.50 51.75
C VAL H 24 26.74 -50.91 52.52
N SER H 25 27.10 -51.59 53.60
CA SER H 25 28.25 -51.18 54.43
C SER H 25 29.55 -51.32 53.65
N THR H 26 30.51 -50.44 53.97
CA THR H 26 31.78 -50.41 53.26
C THR H 26 33.02 -50.21 54.10
N SER H 27 32.94 -50.28 55.43
CA SER H 27 34.08 -49.97 56.27
C SER H 27 34.34 -51.03 57.35
N THR H 28 33.95 -52.28 57.11
CA THR H 28 34.22 -53.37 58.03
C THR H 28 35.42 -54.17 57.53
N ALA H 29 36.23 -54.66 58.47
CA ALA H 29 37.46 -55.37 58.16
C ALA H 29 37.45 -56.75 58.80
N GLY H 30 38.34 -57.60 58.30
CA GLY H 30 38.51 -58.93 58.85
C GLY H 30 39.97 -59.24 59.10
N PHE H 31 40.26 -59.79 60.28
CA PHE H 31 41.63 -60.07 60.69
C PHE H 31 41.77 -61.53 61.09
N LEU H 32 42.93 -62.11 60.81
CA LEU H 32 43.27 -63.48 61.16
C LEU H 32 44.63 -63.53 61.83
N GLY H 33 44.78 -64.42 62.81
CA GLY H 33 46.03 -64.54 63.52
C GLY H 33 45.85 -65.21 64.86
N GLN H 34 46.97 -65.33 65.58
CA GLN H 34 47.03 -66.11 66.82
C GLN H 34 46.73 -65.24 68.03
N THR H 35 46.06 -65.84 69.01
CA THR H 35 45.73 -65.21 70.28
C THR H 35 46.00 -66.23 71.39
N GLU H 36 45.81 -65.81 72.65
CA GLU H 36 46.02 -66.71 73.78
C GLU H 36 44.72 -67.35 74.29
N ARG H 37 43.61 -66.62 74.23
CA ARG H 37 42.29 -67.11 74.65
C ARG H 37 41.32 -66.92 73.50
N GLY H 38 40.10 -67.42 73.69
CA GLY H 38 39.00 -67.07 72.83
C GLY H 38 38.45 -68.20 72.00
N PRO H 39 37.27 -68.00 71.43
CA PRO H 39 36.69 -69.00 70.53
C PRO H 39 37.30 -68.92 69.14
N VAL H 40 37.08 -69.99 68.37
CA VAL H 40 37.61 -70.07 67.02
C VAL H 40 36.57 -69.78 65.94
N GLU H 41 35.35 -69.41 66.32
CA GLU H 41 34.41 -68.89 65.34
C GLU H 41 34.55 -67.37 65.25
N PRO H 42 34.30 -66.79 64.09
CA PRO H 42 34.50 -65.34 63.92
C PRO H 42 33.54 -64.54 64.77
N ARG H 43 34.07 -63.49 65.41
CA ARG H 43 33.26 -62.66 66.30
C ARG H 43 33.47 -61.19 65.97
N LEU H 44 32.42 -60.41 66.16
CA LEU H 44 32.45 -58.98 65.86
C LEU H 44 32.94 -58.20 67.07
N VAL H 45 33.83 -57.25 66.83
CA VAL H 45 34.42 -56.39 67.84
C VAL H 45 34.28 -54.94 67.36
N THR H 46 33.92 -54.04 68.27
CA THR H 46 33.71 -52.64 67.91
C THR H 46 34.60 -51.70 68.70
N ASN H 47 35.57 -52.22 69.43
CA ASN H 47 36.36 -51.42 70.37
C ASN H 47 37.51 -52.29 70.86
N TYR H 48 38.61 -51.65 71.27
CA TYR H 48 39.79 -52.39 71.64
C TYR H 48 39.65 -53.06 73.00
N ALA H 49 38.87 -52.47 73.91
CA ALA H 49 38.65 -53.10 75.20
C ALA H 49 37.85 -54.39 75.05
N ASP H 50 36.90 -54.42 74.11
CA ASP H 50 36.23 -55.67 73.78
C ASP H 50 37.23 -56.74 73.35
N PHE H 51 38.20 -56.36 72.53
CA PHE H 51 39.20 -57.31 72.06
C PHE H 51 40.02 -57.86 73.22
N GLU H 52 40.53 -56.97 74.10
CA GLU H 52 41.29 -57.47 75.24
C GLU H 52 40.45 -58.32 76.17
N ARG H 53 39.15 -58.02 76.30
CA ARG H 53 38.30 -58.79 77.18
C ARG H 53 37.98 -60.17 76.64
N LEU H 54 37.76 -60.31 75.33
CA LEU H 54 37.37 -61.59 74.75
C LEU H 54 38.55 -62.47 74.37
N TYR H 55 39.69 -61.89 74.03
CA TYR H 55 40.80 -62.65 73.45
C TYR H 55 42.08 -62.57 74.26
N GLY H 56 42.47 -61.39 74.75
CA GLY H 56 43.69 -61.25 75.50
C GLY H 56 44.85 -60.70 74.68
N ALA H 57 46.04 -61.28 74.87
CA ALA H 57 47.24 -60.86 74.17
C ALA H 57 47.67 -61.91 73.16
N SER H 58 48.65 -61.55 72.33
CA SER H 58 49.20 -62.45 71.35
C SER H 58 50.49 -63.09 71.85
N PRO H 59 50.80 -64.30 71.41
CA PRO H 59 52.11 -64.90 71.73
C PRO H 59 53.23 -64.16 71.02
N LYS H 60 54.46 -64.64 71.26
CA LYS H 60 55.63 -63.98 70.70
C LYS H 60 55.78 -64.24 69.20
N SER H 61 55.02 -65.16 68.64
CA SER H 61 55.11 -65.50 67.23
C SER H 61 54.02 -64.86 66.39
N SER H 62 53.32 -63.87 66.93
CA SER H 62 52.22 -63.24 66.23
C SER H 62 52.19 -61.76 66.57
N ASP H 63 51.57 -60.97 65.69
CA ASP H 63 51.45 -59.53 65.89
C ASP H 63 50.04 -59.06 65.61
N LEU H 64 49.06 -59.79 66.10
CA LEU H 64 47.65 -59.45 65.90
C LEU H 64 47.22 -58.29 66.80
N ASP H 65 47.60 -58.37 68.08
CA ASP H 65 47.24 -57.33 69.04
C ASP H 65 47.69 -55.95 68.57
N ALA H 66 48.89 -55.87 68.02
CA ALA H 66 49.43 -54.61 67.54
C ALA H 66 48.66 -54.11 66.33
N ALA H 67 48.23 -55.02 65.46
CA ALA H 67 47.50 -54.62 64.26
C ALA H 67 46.10 -54.13 64.60
N VAL H 68 45.43 -54.78 65.55
CA VAL H 68 44.09 -54.33 65.94
C VAL H 68 44.17 -52.99 66.67
N ASP H 69 45.21 -52.81 67.49
CA ASP H 69 45.44 -51.52 68.14
C ASP H 69 45.67 -50.42 67.12
N GLY H 70 46.50 -50.68 66.10
CA GLY H 70 46.70 -49.71 65.05
C GLY H 70 45.45 -49.43 64.23
N PHE H 71 44.60 -50.45 64.07
CA PHE H 71 43.33 -50.24 63.37
C PHE H 71 42.45 -49.26 64.13
N PHE H 72 42.29 -49.47 65.43
CA PHE H 72 41.38 -48.61 66.19
C PHE H 72 41.96 -47.25 66.52
N LYS H 73 43.30 -47.11 66.55
CA LYS H 73 43.89 -45.80 66.79
C LYS H 73 43.75 -44.86 65.60
N ASN H 74 43.42 -45.39 64.41
CA ASN H 74 43.39 -44.61 63.18
C ASN H 74 41.98 -44.30 62.73
N GLY H 75 40.96 -44.63 63.53
CA GLY H 75 39.59 -44.31 63.19
C GLY H 75 38.76 -45.45 62.63
N GLY H 76 39.16 -46.70 62.85
CA GLY H 76 38.35 -47.81 62.40
C GLY H 76 37.14 -48.04 63.29
N SER H 77 36.12 -48.66 62.70
CA SER H 77 34.83 -48.82 63.35
C SER H 77 34.54 -50.25 63.80
N ARG H 78 34.71 -51.24 62.93
CA ARG H 78 34.27 -52.59 63.24
C ARG H 78 35.24 -53.62 62.67
N CYS H 79 35.57 -54.60 63.50
CA CYS H 79 36.42 -55.72 63.11
C CYS H 79 35.66 -57.03 63.23
N PHE H 80 35.99 -57.98 62.37
CA PHE H 80 35.65 -59.37 62.55
C PHE H 80 36.93 -60.14 62.82
N ILE H 81 37.01 -60.76 63.99
CA ILE H 81 38.21 -61.47 64.42
C ILE H 81 37.98 -62.97 64.23
N GLY H 82 38.96 -63.64 63.62
CA GLY H 82 39.00 -65.08 63.53
C GLY H 82 40.29 -65.63 64.10
N ARG H 83 40.19 -66.45 65.14
CA ARG H 83 41.35 -66.95 65.87
C ARG H 83 41.85 -68.23 65.21
N VAL H 84 43.13 -68.26 64.87
CA VAL H 84 43.80 -69.42 64.31
C VAL H 84 44.60 -70.09 65.40
N SER H 85 44.46 -71.40 65.55
CA SER H 85 45.09 -72.12 66.64
C SER H 85 45.76 -73.38 66.13
N GLY H 86 46.93 -73.69 66.68
CA GLY H 86 47.65 -74.91 66.35
C GLY H 86 47.18 -76.15 67.09
N ALA H 87 46.28 -76.00 68.05
CA ALA H 87 45.76 -77.13 68.81
C ALA H 87 44.47 -77.63 68.19
N ASP H 88 44.17 -78.91 68.45
CA ASP H 88 42.92 -79.49 67.99
C ASP H 88 41.73 -78.76 68.61
N ILE H 89 40.65 -78.66 67.83
CA ILE H 89 39.48 -77.89 68.25
C ILE H 89 38.82 -78.48 69.49
N ASP H 90 38.98 -79.78 69.74
CA ASP H 90 38.36 -80.44 70.88
C ASP H 90 39.31 -80.65 72.05
N ASP H 91 40.50 -80.07 72.00
CA ASP H 91 41.44 -80.10 73.11
C ASP H 91 41.09 -78.97 74.08
N VAL H 92 40.00 -79.19 74.82
CA VAL H 92 39.41 -78.18 75.68
C VAL H 92 39.36 -78.72 77.10
N ALA H 93 39.58 -77.84 78.08
CA ALA H 93 39.49 -78.21 79.48
C ALA H 93 38.02 -78.26 79.93
N THR H 94 37.72 -79.24 80.79
CA THR H 94 36.36 -79.51 81.23
C THR H 94 36.32 -79.65 82.75
N GLY H 95 35.10 -79.82 83.26
CA GLY H 95 34.87 -79.96 84.69
C GLY H 95 33.46 -80.44 84.96
N ILE H 96 33.17 -80.65 86.24
CA ILE H 96 31.91 -81.27 86.68
C ILE H 96 31.45 -80.59 87.97
N LEU H 97 30.14 -80.39 88.08
CA LEU H 97 29.52 -79.91 89.31
C LEU H 97 28.67 -81.02 89.92
N ALA H 98 28.75 -81.17 91.24
CA ALA H 98 28.12 -82.27 91.95
C ALA H 98 27.08 -81.75 92.93
N ASP H 99 26.14 -82.62 93.28
CA ASP H 99 25.01 -82.29 94.14
C ASP H 99 25.28 -82.71 95.59
N ASP H 100 24.22 -82.70 96.40
CA ASP H 100 24.31 -82.95 97.84
C ASP H 100 24.92 -84.31 98.16
N GLU H 101 24.48 -85.38 97.50
CA GLU H 101 24.97 -86.72 97.78
C GLU H 101 25.85 -87.28 96.68
N GLY H 102 26.37 -86.43 95.79
CA GLY H 102 27.35 -86.86 94.82
C GLY H 102 26.81 -87.31 93.49
N ASN H 103 25.98 -86.49 92.85
CA ASN H 103 25.50 -86.72 91.50
C ASN H 103 25.96 -85.57 90.62
N GLU H 104 26.52 -85.90 89.46
CA GLU H 104 26.91 -84.84 88.53
C GLU H 104 25.68 -84.21 87.90
N ILE H 105 25.50 -82.91 88.16
CA ILE H 105 24.31 -82.21 87.73
C ILE H 105 24.56 -81.26 86.55
N ALA H 106 25.81 -80.82 86.36
CA ALA H 106 26.14 -79.90 85.29
C ALA H 106 27.52 -80.22 84.76
N GLU H 107 27.84 -79.65 83.59
CA GLU H 107 29.14 -79.86 82.97
C GLU H 107 29.67 -78.53 82.47
N VAL H 108 30.89 -78.19 82.89
CA VAL H 108 31.52 -76.91 82.61
C VAL H 108 32.63 -77.13 81.59
N GLU H 109 32.76 -76.20 80.64
CA GLU H 109 33.71 -76.37 79.55
C GLU H 109 34.29 -75.01 79.17
N ALA H 110 35.59 -74.98 78.90
CA ALA H 110 36.24 -73.72 78.54
C ALA H 110 35.73 -73.21 77.19
N ASN H 111 35.86 -71.90 77.00
CA ASN H 111 35.37 -71.24 75.79
C ASN H 111 36.49 -71.11 74.75
N GLY H 112 37.00 -72.26 74.33
CA GLY H 112 38.08 -72.31 73.37
C GLY H 112 39.16 -73.29 73.75
N PRO H 113 39.90 -73.79 72.76
CA PRO H 113 40.93 -74.79 73.03
C PRO H 113 42.26 -74.16 73.43
N GLY H 114 43.05 -74.93 74.17
CA GLY H 114 44.37 -74.52 74.59
C GLY H 114 44.58 -74.76 76.07
N GLN H 115 45.83 -74.53 76.48
CA GLN H 115 46.24 -74.75 77.87
C GLN H 115 45.71 -73.69 78.82
N TRP H 116 45.31 -72.53 78.30
CA TRP H 116 44.81 -71.46 79.16
C TRP H 116 43.65 -71.92 80.03
N GLY H 117 42.80 -72.81 79.51
CA GLY H 117 41.67 -73.30 80.27
C GLY H 117 42.04 -74.03 81.56
N GLU H 118 43.31 -74.43 81.70
CA GLU H 118 43.74 -75.04 82.95
C GLU H 118 43.85 -74.04 84.08
N SER H 119 43.72 -72.74 83.80
CA SER H 119 43.87 -71.70 84.81
C SER H 119 42.56 -71.01 85.15
N VAL H 120 41.43 -71.66 84.89
CA VAL H 120 40.12 -71.11 85.18
C VAL H 120 39.56 -71.81 86.41
N ALA H 121 39.11 -71.02 87.39
CA ALA H 121 38.52 -71.55 88.61
C ALA H 121 37.06 -71.16 88.70
N VAL H 122 36.23 -72.13 89.11
CA VAL H 122 34.79 -71.92 89.29
C VAL H 122 34.48 -72.10 90.78
N ILE H 123 33.75 -71.15 91.35
CA ILE H 123 33.45 -71.12 92.77
C ILE H 123 31.94 -71.00 92.96
N VAL H 124 31.36 -71.90 93.75
CA VAL H 124 29.94 -71.92 94.04
C VAL H 124 29.75 -71.59 95.51
N GLU H 125 28.83 -70.67 95.81
CA GLU H 125 28.49 -70.34 97.19
C GLU H 125 26.98 -70.19 97.31
N ASP H 126 26.49 -70.14 98.54
CA ASP H 126 25.07 -70.09 98.80
C ASP H 126 24.58 -68.67 99.08
N SER H 127 23.35 -68.41 98.68
CA SER H 127 22.75 -67.08 98.76
C SER H 127 21.87 -66.94 99.99
N GLN H 128 21.62 -65.69 100.37
CA GLN H 128 20.81 -65.37 101.53
C GLN H 128 19.32 -65.66 101.31
N TYR H 129 18.89 -65.85 100.09
CA TYR H 129 17.49 -66.13 99.82
C TYR H 129 17.28 -67.63 99.60
N PRO H 130 16.13 -68.15 100.02
CA PRO H 130 15.88 -69.59 99.87
C PRO H 130 15.91 -70.02 98.42
N ASN H 131 16.56 -71.17 98.17
CA ASN H 131 16.62 -71.82 96.87
C ASN H 131 17.42 -71.01 95.85
N GLN H 132 18.48 -70.33 96.29
CA GLN H 132 19.30 -69.51 95.40
C GLN H 132 20.76 -69.65 95.78
N PHE H 133 21.64 -69.43 94.80
CA PHE H 133 23.07 -69.55 95.01
C PHE H 133 23.81 -68.62 94.07
N ASP H 134 25.09 -68.37 94.39
CA ASP H 134 25.96 -67.50 93.61
C ASP H 134 27.07 -68.31 92.95
N ILE H 135 27.51 -67.84 91.79
CA ILE H 135 28.59 -68.48 91.03
C ILE H 135 29.62 -67.42 90.63
N THR H 136 30.90 -67.77 90.73
CA THR H 136 31.99 -66.87 90.36
C THR H 136 32.98 -67.63 89.48
N VAL H 137 33.53 -66.94 88.48
CA VAL H 137 34.53 -67.52 87.59
C VAL H 137 35.74 -66.59 87.57
N ARG H 138 36.93 -67.16 87.77
CA ARG H 138 38.18 -66.40 87.88
C ARG H 138 39.22 -66.96 86.94
N TYR H 139 40.06 -66.06 86.40
CA TYR H 139 41.13 -66.48 85.49
C TYR H 139 42.39 -65.66 85.74
N TRP H 140 43.52 -66.35 85.89
CA TRP H 140 44.84 -65.76 86.07
C TRP H 140 45.69 -66.02 84.83
N SER H 141 46.39 -64.98 84.36
CA SER H 141 47.22 -65.10 83.17
C SER H 141 48.61 -65.64 83.45
N GLY H 142 49.10 -65.55 84.67
CA GLY H 142 50.45 -65.95 84.99
C GLY H 142 50.53 -67.31 85.63
N ASP H 143 51.48 -67.46 86.56
CA ASP H 143 51.76 -68.73 87.18
C ASP H 143 50.68 -69.11 88.20
N LEU H 144 50.35 -70.39 88.26
CA LEU H 144 49.42 -70.88 89.27
C LEU H 144 50.13 -71.22 90.58
N GLU H 145 51.42 -71.55 90.52
CA GLU H 145 52.18 -71.90 91.70
C GLU H 145 52.26 -70.77 92.71
N ALA H 146 52.05 -69.52 92.28
CA ALA H 146 52.18 -68.36 93.15
C ALA H 146 50.85 -67.85 93.68
N VAL H 147 49.73 -68.46 93.29
CA VAL H 147 48.42 -68.02 93.72
C VAL H 147 48.17 -68.58 95.12
N SER H 148 48.06 -67.69 96.11
CA SER H 148 47.97 -68.13 97.49
C SER H 148 46.54 -68.51 97.87
N LYS H 149 45.60 -67.57 97.77
CA LYS H 149 44.22 -67.76 98.19
C LYS H 149 43.32 -67.58 96.97
N PRO H 150 43.18 -68.60 96.12
CA PRO H 150 42.30 -68.47 94.97
C PRO H 150 40.83 -68.40 95.34
N HIS H 151 40.46 -68.86 96.53
CA HIS H 151 39.07 -68.89 96.96
C HIS H 151 38.67 -67.69 97.82
N GLY H 152 39.64 -67.00 98.43
CA GLY H 152 39.33 -65.89 99.30
C GLY H 152 38.83 -64.68 98.55
N ASP H 153 38.44 -63.66 99.32
CA ASP H 153 37.95 -62.42 98.74
C ASP H 153 39.04 -61.61 98.06
N ARG H 154 40.31 -61.88 98.34
CA ARG H 154 41.43 -61.18 97.73
C ARG H 154 42.58 -62.14 97.52
N PRO H 155 42.68 -62.74 96.33
CA PRO H 155 43.80 -63.64 96.04
C PRO H 155 45.12 -62.87 96.00
N ASP H 156 46.22 -63.63 96.11
CA ASP H 156 47.53 -63.00 96.24
C ASP H 156 47.89 -62.15 95.02
N PRO H 157 47.93 -62.69 93.78
CA PRO H 157 47.86 -61.81 92.61
C PRO H 157 46.42 -61.64 92.16
N SER H 158 46.01 -60.39 91.97
CA SER H 158 44.64 -60.12 91.56
C SER H 158 44.35 -60.81 90.22
N PRO H 159 43.24 -61.52 90.09
CA PRO H 159 42.99 -62.28 88.86
C PRO H 159 42.84 -61.37 87.65
N ASP H 160 43.14 -61.94 86.48
CA ASP H 160 43.08 -61.17 85.25
C ASP H 160 41.65 -60.99 84.77
N VAL H 161 40.79 -62.00 84.96
CA VAL H 161 39.38 -61.89 84.59
C VAL H 161 38.52 -62.39 85.74
N GLU H 162 37.38 -61.71 85.93
CA GLU H 162 36.48 -61.91 87.06
C GLU H 162 35.05 -61.83 86.56
N GLU H 163 34.22 -62.80 86.94
CA GLU H 163 32.80 -62.77 86.60
C GLU H 163 31.96 -63.30 87.76
N VAL H 164 30.86 -62.61 88.06
CA VAL H 164 30.01 -62.94 89.20
C VAL H 164 28.56 -62.98 88.74
N TYR H 165 27.82 -64.00 89.18
CA TYR H 165 26.41 -64.15 88.87
C TYR H 165 25.67 -64.52 90.16
N ASP H 166 24.69 -63.70 90.54
CA ASP H 166 24.14 -63.71 91.89
C ASP H 166 22.81 -64.46 92.01
N GLY H 167 21.78 -64.06 91.26
CA GLY H 167 20.47 -64.63 91.51
C GLY H 167 20.14 -65.87 90.72
N LEU H 168 20.80 -66.99 91.01
CA LEU H 168 20.64 -68.20 90.23
C LEU H 168 19.70 -69.19 90.90
N SER H 169 19.08 -70.04 90.08
CA SER H 169 18.15 -71.05 90.53
C SER H 169 18.36 -72.33 89.74
N ALA H 170 17.76 -73.41 90.23
CA ALA H 170 17.81 -74.71 89.57
C ALA H 170 16.49 -75.09 88.92
N ASP H 171 15.58 -74.14 88.71
CA ASP H 171 14.31 -74.42 88.06
C ASP H 171 14.43 -74.17 86.57
N PRO H 172 14.27 -75.19 85.72
CA PRO H 172 14.50 -74.98 84.28
C PRO H 172 13.50 -74.06 83.61
N GLU H 173 12.32 -73.86 84.18
CA GLU H 173 11.30 -73.02 83.57
C GLU H 173 11.37 -71.57 84.04
N ALA H 174 12.26 -71.25 84.99
CA ALA H 174 12.44 -69.89 85.45
C ALA H 174 13.38 -69.13 84.52
N SER H 175 13.39 -67.81 84.68
CA SER H 175 14.29 -66.98 83.89
C SER H 175 15.64 -66.77 84.56
N ASN H 176 15.78 -67.17 85.82
CA ASN H 176 17.05 -67.13 86.52
C ASN H 176 17.69 -68.52 86.63
N PHE H 177 17.31 -69.44 85.76
CA PHE H 177 18.00 -70.72 85.66
C PHE H 177 19.44 -70.50 85.22
N TYR H 178 20.37 -71.21 85.86
CA TYR H 178 21.79 -70.87 85.68
C TYR H 178 22.27 -71.13 84.26
N GLU H 179 21.66 -72.09 83.56
CA GLU H 179 22.03 -72.34 82.17
C GLU H 179 21.75 -71.12 81.29
N LYS H 180 20.68 -70.38 81.57
CA LYS H 180 20.36 -69.21 80.77
C LYS H 180 21.14 -67.98 81.20
N GLN H 181 21.55 -67.91 82.47
CA GLN H 181 22.24 -66.72 82.94
C GLN H 181 23.73 -66.78 82.62
N LEU H 182 24.35 -67.95 82.73
CA LEU H 182 25.76 -68.09 82.42
C LEU H 182 26.05 -68.16 80.93
N GLU H 183 25.05 -67.90 80.08
CA GLU H 183 25.25 -68.04 78.64
C GLU H 183 26.06 -66.88 78.08
N SER H 184 25.98 -65.71 78.71
CA SER H 184 26.79 -64.56 78.32
C SER H 184 28.01 -64.51 79.22
N SER H 185 29.02 -65.28 78.87
CA SER H 185 30.26 -65.38 79.62
C SER H 185 31.40 -65.61 78.65
N VAL H 186 32.49 -64.85 78.82
CA VAL H 186 33.61 -64.97 77.90
C VAL H 186 34.58 -66.07 78.29
N LEU H 187 34.32 -66.83 79.34
CA LEU H 187 35.27 -67.80 79.84
C LEU H 187 34.80 -69.25 79.74
N VAL H 188 33.55 -69.55 80.12
CA VAL H 188 33.10 -70.91 80.27
C VAL H 188 31.75 -71.10 79.59
N ASP H 189 31.31 -72.35 79.56
CA ASP H 189 30.02 -72.79 79.05
C ASP H 189 29.48 -73.87 79.98
N ILE H 190 28.17 -73.83 80.22
CA ILE H 190 27.51 -74.76 81.14
C ILE H 190 26.49 -75.59 80.36
N GLU H 191 26.40 -76.86 80.71
CA GLU H 191 25.37 -77.73 80.13
C GLU H 191 24.70 -78.53 81.24
N TYR H 192 23.39 -78.63 81.16
CA TYR H 192 22.58 -79.25 82.22
C TYR H 192 22.51 -80.76 82.04
N LYS H 193 22.66 -81.49 83.14
CA LYS H 193 22.60 -82.94 83.11
C LYS H 193 21.48 -83.53 83.95
N ASP H 194 21.37 -83.16 85.22
CA ASP H 194 20.46 -83.84 86.14
C ASP H 194 19.90 -82.83 87.13
N ASP H 195 18.91 -83.26 87.91
CA ASP H 195 18.21 -82.38 88.85
C ASP H 195 19.00 -82.28 90.14
N GLY H 196 19.14 -81.06 90.63
CA GLY H 196 19.85 -80.84 91.88
C GLY H 196 20.37 -79.42 91.95
N THR H 197 21.11 -79.16 93.03
CA THR H 197 21.77 -77.87 93.24
C THR H 197 23.19 -78.13 93.74
N PRO H 198 24.18 -77.37 93.26
CA PRO H 198 25.57 -77.72 93.57
C PRO H 198 25.96 -77.33 94.98
N VAL H 199 26.99 -78.01 95.49
CA VAL H 199 27.55 -77.73 96.80
C VAL H 199 28.63 -76.66 96.67
N ASP H 200 28.91 -75.97 97.77
CA ASP H 200 29.85 -74.85 97.75
C ASP H 200 31.28 -75.35 97.55
N GLY H 201 32.14 -74.46 97.07
CA GLY H 201 33.54 -74.76 96.96
C GLY H 201 34.11 -74.28 95.65
N LEU H 202 35.38 -74.62 95.43
CA LEU H 202 36.15 -74.20 94.26
C LEU H 202 36.56 -75.43 93.46
N THR H 203 36.73 -75.23 92.15
CA THR H 203 37.16 -76.32 91.29
C THR H 203 37.87 -75.78 90.06
N TRP H 204 38.91 -76.48 89.63
CA TRP H 204 39.69 -76.15 88.44
C TRP H 204 39.32 -77.08 87.28
N LEU H 205 39.53 -76.58 86.07
CA LEU H 205 39.26 -77.36 84.86
C LEU H 205 40.52 -78.12 84.45
N HIS H 206 40.40 -79.42 84.22
CA HIS H 206 41.53 -80.32 84.04
C HIS H 206 41.50 -80.99 82.68
N ARG H 207 42.53 -81.79 82.43
CA ARG H 207 42.68 -82.67 81.26
C ARG H 207 42.47 -81.90 79.95
N ASP H 208 43.42 -81.01 79.70
CA ASP H 208 43.48 -80.33 78.42
C ASP H 208 43.92 -81.28 77.31
N VAL H 292 51.54 -73.23 63.83
CA VAL H 292 50.42 -73.25 62.91
C VAL H 292 50.92 -73.38 61.47
N THR H 293 50.05 -73.89 60.60
CA THR H 293 50.38 -74.15 59.21
C THR H 293 49.39 -73.40 58.31
N LEU H 294 49.49 -73.67 57.00
CA LEU H 294 48.56 -73.08 56.04
C LEU H 294 47.18 -73.70 56.16
N LYS H 295 47.10 -74.98 56.50
CA LYS H 295 45.82 -75.66 56.64
C LYS H 295 45.01 -75.19 57.83
N ASP H 296 45.65 -74.57 58.83
CA ASP H 296 44.93 -73.94 59.92
C ASP H 296 44.38 -72.57 59.53
N TYR H 297 45.10 -71.84 58.68
CA TYR H 297 44.59 -70.58 58.15
C TYR H 297 43.47 -70.81 57.15
N GLU H 298 43.48 -71.94 56.46
CA GLU H 298 42.36 -72.28 55.57
C GLU H 298 41.09 -72.54 56.37
N GLY H 299 41.20 -73.24 57.48
CA GLY H 299 40.09 -73.45 58.39
C GLY H 299 39.34 -74.75 58.15
N VAL H 300 38.48 -75.06 59.11
CA VAL H 300 37.63 -76.24 59.07
C VAL H 300 36.33 -75.90 58.39
N ASN H 301 35.83 -76.82 57.57
CA ASN H 301 34.54 -76.66 56.89
C ASN H 301 33.74 -77.94 57.11
N LYS H 302 32.97 -77.97 58.18
CA LYS H 302 32.07 -79.06 58.52
C LYS H 302 30.65 -78.53 58.63
N PRO H 303 29.65 -79.41 58.60
CA PRO H 303 28.26 -78.93 58.60
C PRO H 303 27.91 -77.98 59.74
N GLY H 304 28.51 -78.12 60.91
CA GLY H 304 28.20 -77.23 62.01
C GLY H 304 29.39 -76.57 62.67
N LEU H 305 30.44 -76.26 61.90
CA LEU H 305 31.64 -75.65 62.44
C LEU H 305 32.47 -75.08 61.29
N ARG H 306 32.79 -73.79 61.39
CA ARG H 306 33.60 -73.11 60.38
C ARG H 306 34.62 -72.22 61.07
N THR H 307 35.88 -72.36 60.68
CA THR H 307 36.97 -71.53 61.17
C THR H 307 37.80 -71.03 60.00
N GLY H 308 38.70 -70.09 60.28
CA GLY H 308 39.61 -69.63 59.25
C GLY H 308 38.92 -68.78 58.19
N LEU H 309 39.25 -69.03 56.93
CA LEU H 309 38.61 -68.32 55.82
C LEU H 309 37.25 -68.91 55.48
N ALA H 310 37.07 -70.21 55.71
CA ALA H 310 35.76 -70.84 55.53
C ALA H 310 34.72 -70.20 56.43
N GLY H 311 35.11 -69.73 57.61
CA GLY H 311 34.17 -69.02 58.45
C GLY H 311 33.89 -67.62 57.95
N PHE H 312 34.90 -66.96 57.38
CA PHE H 312 34.70 -65.61 56.87
C PHE H 312 33.80 -65.58 55.63
N LYS H 313 33.85 -66.63 54.81
CA LYS H 313 33.09 -66.57 53.56
C LYS H 313 31.59 -66.78 53.76
N ALA H 314 31.13 -66.91 55.00
CA ALA H 314 29.71 -66.93 55.32
C ALA H 314 29.25 -65.66 56.02
N ILE H 315 30.08 -64.62 56.02
CA ILE H 315 29.74 -63.31 56.57
C ILE H 315 29.76 -62.32 55.40
N ASP H 316 28.66 -61.59 55.23
CA ASP H 316 28.52 -60.68 54.09
C ASP H 316 28.75 -59.22 54.44
N GLU H 317 29.26 -58.92 55.63
CA GLU H 317 29.59 -57.55 55.99
C GLU H 317 31.04 -57.18 55.71
N ILE H 318 31.93 -58.18 55.65
CA ILE H 318 33.35 -57.91 55.49
C ILE H 318 33.61 -57.34 54.10
N SER H 319 34.43 -56.29 54.05
CA SER H 319 34.79 -55.64 52.79
C SER H 319 36.28 -55.59 52.53
N MET H 320 37.12 -55.92 53.51
CA MET H 320 38.55 -56.02 53.32
C MET H 320 39.14 -56.98 54.34
N VAL H 321 40.12 -57.76 53.89
CA VAL H 321 40.71 -58.84 54.66
C VAL H 321 42.21 -58.58 54.80
N CYS H 322 42.75 -58.89 55.98
CA CYS H 322 44.20 -58.79 56.18
C CYS H 322 44.68 -59.88 57.12
N ALA H 323 45.86 -60.40 56.84
CA ALA H 323 46.55 -61.34 57.72
C ALA H 323 47.92 -60.77 58.05
N PRO H 324 48.16 -60.31 59.27
CA PRO H 324 49.45 -59.67 59.58
C PRO H 324 50.67 -60.56 59.37
N ASP H 325 50.57 -61.86 59.64
CA ASP H 325 51.72 -62.77 59.56
C ASP H 325 51.74 -63.54 58.25
N GLU H 326 51.32 -62.91 57.14
CA GLU H 326 51.19 -63.62 55.87
C GLU H 326 52.54 -63.99 55.26
N ASN H 327 53.63 -63.41 55.73
CA ASN H 327 54.94 -63.67 55.16
C ASN H 327 55.71 -64.76 55.90
N ASP H 328 55.21 -65.22 57.05
CA ASP H 328 55.80 -66.33 57.76
C ASP H 328 55.24 -67.68 57.33
N ILE H 329 54.07 -67.70 56.69
CA ILE H 329 53.42 -68.92 56.25
C ILE H 329 53.39 -68.90 54.73
N ASP H 330 54.16 -69.81 54.11
CA ASP H 330 54.24 -69.83 52.66
C ASP H 330 52.95 -70.37 52.05
N GLY H 331 52.47 -69.69 51.01
CA GLY H 331 51.25 -70.09 50.36
C GLY H 331 49.98 -69.45 50.88
N LEU H 332 50.10 -68.40 51.70
CA LEU H 332 48.93 -67.73 52.26
C LEU H 332 48.49 -66.51 51.46
N THR H 333 49.44 -65.81 50.82
CA THR H 333 49.10 -64.67 49.99
C THR H 333 48.19 -65.08 48.84
N ASP H 334 48.54 -66.18 48.16
CA ASP H 334 47.72 -66.66 47.05
C ASP H 334 46.34 -67.10 47.54
N SER H 335 46.28 -67.74 48.71
CA SER H 335 44.99 -68.16 49.25
C SER H 335 44.10 -66.96 49.56
N ILE H 336 44.68 -65.89 50.10
CA ILE H 336 43.88 -64.70 50.41
C ILE H 336 43.39 -64.03 49.13
N VAL H 337 44.27 -63.89 48.13
CA VAL H 337 43.85 -63.27 46.89
C VAL H 337 42.79 -64.11 46.18
N ALA H 338 42.92 -65.43 46.25
CA ALA H 338 41.92 -66.30 45.63
C ALA H 338 40.59 -66.23 46.36
N HIS H 339 40.61 -66.15 47.69
CA HIS H 339 39.39 -65.96 48.46
C HIS H 339 38.67 -64.68 48.03
N CYS H 340 39.42 -63.58 47.93
CA CYS H 340 38.79 -62.32 47.55
C CYS H 340 38.30 -62.32 46.11
N GLU H 341 39.00 -63.01 45.21
CA GLU H 341 38.55 -63.05 43.82
C GLU H 341 37.36 -64.00 43.63
N ASN H 342 37.26 -65.05 44.44
CA ASN H 342 36.16 -65.98 44.30
C ASN H 342 34.89 -65.48 44.96
N MET H 343 35.00 -64.72 46.05
CA MET H 343 33.81 -64.10 46.60
C MET H 343 33.34 -62.96 45.71
N GLY H 344 34.27 -62.16 45.20
CA GLY H 344 33.95 -61.06 44.31
C GLY H 344 33.41 -59.83 44.98
N ASP H 345 33.51 -59.71 46.30
CA ASP H 345 32.95 -58.56 47.00
C ASP H 345 33.85 -58.06 48.12
N ARG H 346 35.15 -58.33 48.08
CA ARG H 346 36.05 -57.85 49.12
C ARG H 346 37.40 -57.56 48.50
N PHE H 347 38.26 -56.91 49.29
CA PHE H 347 39.53 -56.37 48.84
C PHE H 347 40.63 -56.86 49.77
N ALA H 348 41.82 -57.10 49.21
CA ALA H 348 42.93 -57.65 49.98
C ALA H 348 44.05 -56.62 50.14
N ILE H 349 44.56 -56.53 51.36
CA ILE H 349 45.65 -55.61 51.72
C ILE H 349 46.88 -56.44 52.03
N LEU H 350 47.99 -56.14 51.37
CA LEU H 350 49.21 -56.91 51.49
C LEU H 350 50.38 -55.99 51.86
N GLN H 351 51.30 -56.52 52.64
CA GLN H 351 52.49 -55.81 53.06
C GLN H 351 53.73 -56.55 52.60
N SER H 352 54.82 -55.80 52.39
CA SER H 352 56.06 -56.36 51.91
C SER H 352 56.75 -57.18 53.00
N PRO H 353 57.80 -57.93 52.67
CA PRO H 353 58.61 -58.56 53.70
C PRO H 353 59.46 -57.54 54.43
N GLN H 354 60.05 -57.99 55.54
CA GLN H 354 60.96 -57.12 56.28
C GLN H 354 62.26 -56.89 55.52
N ASN H 355 62.65 -57.83 54.67
CA ASN H 355 63.83 -57.69 53.82
C ASN H 355 63.44 -58.08 52.41
N PRO H 356 62.98 -57.11 51.60
CA PRO H 356 62.52 -57.43 50.25
C PRO H 356 63.60 -57.41 49.18
N GLY H 357 64.84 -57.08 49.52
CA GLY H 357 65.93 -57.13 48.57
C GLY H 357 66.32 -55.77 48.04
N PRO H 358 67.06 -55.76 46.92
CA PRO H 358 67.42 -54.49 46.30
C PRO H 358 66.23 -53.81 45.63
N VAL H 359 66.30 -52.49 45.54
CA VAL H 359 65.16 -51.71 45.04
C VAL H 359 64.91 -51.99 43.57
N SER H 360 65.98 -52.15 42.78
CA SER H 360 65.84 -52.33 41.34
C SER H 360 65.29 -53.70 40.97
N GLU H 361 65.00 -54.56 41.93
CA GLU H 361 64.54 -55.93 41.65
C GLU H 361 63.20 -56.26 42.29
N MET H 362 62.54 -55.30 42.92
CA MET H 362 61.29 -55.58 43.62
C MET H 362 60.15 -55.74 42.63
N GLU H 363 59.21 -56.62 42.98
CA GLU H 363 58.02 -56.88 42.19
C GLU H 363 56.86 -57.14 43.13
N THR H 364 55.67 -57.11 42.59
CA THR H 364 54.55 -57.48 43.45
C THR H 364 54.34 -59.00 43.40
N PRO H 365 53.82 -59.58 44.49
CA PRO H 365 53.64 -61.05 44.48
C PRO H 365 52.59 -61.52 43.50
N VAL H 366 51.44 -60.84 43.43
CA VAL H 366 50.36 -61.24 42.54
C VAL H 366 50.09 -60.14 41.52
N ASP H 367 49.21 -60.42 40.57
CA ASP H 367 48.84 -59.47 39.52
C ASP H 367 47.32 -59.32 39.48
N SER H 368 46.72 -59.21 40.65
CA SER H 368 45.27 -59.17 40.79
C SER H 368 44.77 -57.73 40.85
N SER H 369 43.53 -57.54 40.42
CA SER H 369 42.84 -56.28 40.61
C SER H 369 42.14 -56.19 41.96
N TYR H 370 42.24 -57.23 42.79
CA TYR H 370 41.55 -57.29 44.07
C TYR H 370 42.51 -57.14 45.25
N ALA H 371 43.68 -56.54 45.04
CA ALA H 371 44.69 -56.46 46.07
C ALA H 371 45.47 -55.16 45.94
N ALA H 372 46.08 -54.74 47.05
CA ALA H 372 46.97 -53.58 47.09
C ALA H 372 48.16 -53.92 47.98
N TYR H 373 49.30 -53.27 47.72
CA TYR H 373 50.59 -53.66 48.25
C TYR H 373 51.31 -52.44 48.83
N TYR H 374 51.68 -52.52 50.11
CA TYR H 374 52.21 -51.37 50.83
C TYR H 374 53.61 -51.65 51.38
N TYR H 375 54.40 -50.58 51.55
CA TYR H 375 55.80 -50.69 51.92
C TYR H 375 56.28 -49.38 52.52
N PRO H 376 57.17 -49.39 53.54
CA PRO H 376 57.80 -50.42 54.39
C PRO H 376 57.13 -50.67 55.75
N TRP H 377 57.86 -51.30 56.66
CA TRP H 377 57.43 -51.59 58.01
C TRP H 377 57.51 -50.34 58.90
N VAL H 378 56.88 -50.40 60.08
CA VAL H 378 56.77 -49.26 60.98
C VAL H 378 57.27 -49.64 62.37
N ASN H 379 57.42 -48.62 63.22
CA ASN H 379 57.93 -48.76 64.59
C ASN H 379 56.85 -48.36 65.59
N VAL H 380 56.72 -49.13 66.66
CA VAL H 380 55.72 -48.90 67.69
C VAL H 380 56.36 -49.12 69.06
N LEU H 381 55.65 -48.69 70.11
CA LEU H 381 56.00 -48.98 71.49
C LEU H 381 55.35 -50.28 71.92
N ASP H 382 56.15 -51.17 72.53
CA ASP H 382 55.66 -52.48 72.93
C ASP H 382 55.19 -52.42 74.38
N PRO H 383 53.94 -52.75 74.68
CA PRO H 383 53.42 -52.54 76.04
C PRO H 383 53.88 -53.54 77.09
N VAL H 384 54.85 -54.40 76.79
CA VAL H 384 55.39 -55.30 77.79
C VAL H 384 56.88 -55.05 78.06
N THR H 385 57.58 -54.38 77.15
CA THR H 385 58.97 -54.00 77.36
C THR H 385 59.19 -52.50 77.39
N ASN H 386 58.22 -51.73 76.90
CA ASN H 386 58.32 -50.26 76.82
C ASN H 386 59.48 -49.83 75.93
N ARG H 387 59.73 -50.60 74.88
CA ARG H 387 60.77 -50.31 73.91
C ARG H 387 60.15 -50.28 72.51
N GLU H 388 60.93 -49.81 71.54
CA GLU H 388 60.46 -49.81 70.16
C GLU H 388 60.48 -51.22 69.58
N LYS H 389 59.63 -51.43 68.59
CA LYS H 389 59.45 -52.73 67.96
C LYS H 389 58.97 -52.52 66.54
N LEU H 390 59.43 -53.35 65.62
CA LEU H 390 59.17 -53.21 64.20
C LEU H 390 58.05 -54.16 63.79
N VAL H 391 57.01 -53.62 63.16
CA VAL H 391 55.82 -54.39 62.81
C VAL H 391 55.38 -54.05 61.40
N PRO H 392 54.58 -54.92 60.78
CA PRO H 392 54.04 -54.59 59.46
C PRO H 392 52.93 -53.57 59.55
N PRO H 393 52.71 -52.78 58.50
CA PRO H 393 51.76 -51.67 58.59
C PRO H 393 50.31 -51.97 58.21
N GLY H 394 49.90 -53.23 58.18
CA GLY H 394 48.61 -53.58 57.56
C GLY H 394 47.40 -53.03 58.29
N GLY H 395 47.36 -53.18 59.62
CA GLY H 395 46.17 -52.77 60.36
C GLY H 395 45.98 -51.26 60.40
N HIS H 396 47.08 -50.52 60.51
CA HIS H 396 47.00 -49.06 60.43
C HIS H 396 46.41 -48.61 59.10
N ILE H 397 46.78 -49.28 58.02
CA ILE H 397 46.30 -48.92 56.70
C ILE H 397 44.82 -49.28 56.56
N ALA H 398 44.39 -50.42 57.11
CA ALA H 398 42.97 -50.75 57.09
C ALA H 398 42.16 -49.73 57.88
N GLY H 399 42.70 -49.26 59.00
CA GLY H 399 42.03 -48.20 59.75
C GLY H 399 41.91 -46.92 58.97
N ILE H 400 42.95 -46.58 58.20
CA ILE H 400 42.89 -45.40 57.32
C ILE H 400 41.80 -45.58 56.27
N TYR H 401 41.71 -46.77 55.67
CA TYR H 401 40.64 -47.06 54.72
C TYR H 401 39.27 -46.79 55.34
N SER H 402 39.04 -47.36 56.52
CA SER H 402 37.74 -47.20 57.19
C SER H 402 37.44 -45.72 57.48
N ARG H 403 38.43 -44.99 57.98
CA ARG H 403 38.24 -43.57 58.29
C ARG H 403 37.87 -42.77 57.04
N THR H 404 38.64 -42.95 55.97
CA THR H 404 38.36 -42.23 54.73
C THR H 404 36.98 -42.57 54.19
N ASP H 405 36.57 -43.84 54.29
CA ASP H 405 35.24 -44.21 53.85
C ASP H 405 34.17 -43.54 54.68
N GLN H 406 34.41 -43.35 55.98
CA GLN H 406 33.40 -42.74 56.83
C GLN H 406 33.28 -41.24 56.57
N GLU H 407 34.38 -40.55 56.33
CA GLU H 407 34.32 -39.09 56.26
C GLU H 407 34.28 -38.52 54.85
N HIS H 408 34.58 -39.30 53.82
CA HIS H 408 34.60 -38.78 52.46
C HIS H 408 33.74 -39.56 51.47
N GLY H 409 33.64 -40.88 51.62
CA GLY H 409 33.02 -41.74 50.63
C GLY H 409 33.98 -42.76 50.07
N VAL H 410 33.41 -43.73 49.37
CA VAL H 410 34.20 -44.81 48.78
C VAL H 410 34.92 -44.39 47.51
N HIS H 411 34.60 -43.23 46.96
CA HIS H 411 35.22 -42.71 45.76
C HIS H 411 36.47 -41.89 46.04
N LYS H 412 36.85 -41.71 47.30
CA LYS H 412 38.00 -40.92 47.66
C LYS H 412 39.21 -41.83 47.85
N ALA H 413 40.33 -41.46 47.23
CA ALA H 413 41.54 -42.24 47.33
C ALA H 413 42.11 -42.16 48.75
N PRO H 414 42.38 -43.28 49.40
CA PRO H 414 42.90 -43.24 50.78
C PRO H 414 44.40 -42.98 50.84
N ALA H 415 44.82 -41.87 50.22
CA ALA H 415 46.22 -41.46 50.23
C ALA H 415 46.28 -39.97 50.54
N ASN H 416 47.49 -39.51 50.88
CA ASN H 416 47.71 -38.18 51.44
C ASN H 416 47.00 -38.05 52.79
N GLU H 417 47.08 -39.11 53.58
CA GLU H 417 46.48 -39.18 54.91
C GLU H 417 47.54 -39.56 55.93
N THR H 418 47.32 -39.13 57.17
CA THR H 418 48.30 -39.32 58.23
C THR H 418 48.14 -40.66 58.92
N LEU H 419 49.26 -41.23 59.35
CA LEU H 419 49.27 -42.44 60.15
C LEU H 419 49.42 -42.08 61.63
N ARG H 420 48.48 -42.52 62.44
CA ARG H 420 48.49 -42.28 63.87
C ARG H 420 48.84 -43.57 64.61
N GLY H 421 49.59 -43.43 65.70
CA GLY H 421 49.90 -44.56 66.56
C GLY H 421 51.26 -45.18 66.37
N ILE H 422 52.17 -44.51 65.67
CA ILE H 422 53.50 -45.04 65.39
C ILE H 422 54.55 -44.05 65.89
N VAL H 423 55.80 -44.47 65.80
CA VAL H 423 56.94 -43.67 66.23
C VAL H 423 57.82 -43.28 65.04
N GLY H 424 58.12 -44.24 64.16
CA GLY H 424 58.93 -43.95 63.00
C GLY H 424 58.75 -45.04 61.97
N LEU H 425 59.54 -44.95 60.91
CA LEU H 425 59.52 -45.91 59.82
C LEU H 425 60.76 -46.79 59.87
N GLN H 426 60.83 -47.75 58.95
CA GLN H 426 62.01 -48.58 58.81
C GLN H 426 63.09 -47.88 58.00
N HIS H 427 62.72 -47.36 56.84
CA HIS H 427 63.60 -46.56 56.00
C HIS H 427 62.87 -45.29 55.59
N ASN H 428 63.62 -44.29 55.19
CA ASN H 428 63.08 -43.11 54.55
C ASN H 428 63.32 -43.20 53.05
N ILE H 429 62.26 -43.18 52.27
CA ILE H 429 62.32 -43.28 50.82
C ILE H 429 62.37 -41.88 50.23
N THR H 430 63.23 -41.69 49.23
CA THR H 430 63.38 -40.41 48.56
C THR H 430 62.48 -40.36 47.32
N LYS H 431 62.56 -39.23 46.61
CA LYS H 431 61.79 -39.05 45.39
C LYS H 431 62.41 -39.79 44.21
N GLY H 432 63.72 -40.05 44.24
CA GLY H 432 64.34 -40.79 43.16
C GLY H 432 64.00 -42.27 43.17
N GLU H 433 63.80 -42.84 44.36
CA GLU H 433 63.48 -44.26 44.46
C GLU H 433 62.01 -44.55 44.18
N GLN H 434 61.12 -43.60 44.46
CA GLN H 434 59.71 -43.79 44.18
C GLN H 434 59.40 -43.69 42.69
N ASP H 435 60.26 -43.03 41.92
CA ASP H 435 60.11 -43.02 40.47
C ASP H 435 60.33 -44.39 39.85
N VAL H 436 60.88 -45.33 40.60
CA VAL H 436 61.10 -46.69 40.11
C VAL H 436 60.02 -47.60 40.66
N LEU H 437 59.56 -47.33 41.87
CA LEU H 437 58.61 -48.20 42.57
C LEU H 437 57.16 -47.91 42.18
N ASN H 438 56.81 -46.66 41.96
CA ASN H 438 55.41 -46.32 41.72
C ASN H 438 54.86 -46.89 40.42
N PRO H 439 55.55 -46.86 39.28
CA PRO H 439 55.01 -47.50 38.07
C PRO H 439 54.89 -49.01 38.16
N LYS H 440 55.31 -49.64 39.26
CA LYS H 440 55.24 -51.07 39.43
C LYS H 440 54.09 -51.53 40.32
N GLY H 441 53.28 -50.60 40.83
CA GLY H 441 52.16 -50.96 41.68
C GLY H 441 52.48 -51.09 43.15
N ILE H 442 53.64 -50.60 43.59
CA ILE H 442 54.07 -50.69 44.99
C ILE H 442 53.81 -49.34 45.65
N ASN H 443 53.02 -49.33 46.73
CA ASN H 443 52.65 -48.09 47.39
C ASN H 443 53.60 -47.83 48.57
N CYS H 444 53.97 -46.56 48.74
CA CYS H 444 55.00 -46.18 49.68
C CYS H 444 54.41 -45.35 50.82
N ILE H 445 55.02 -45.50 52.00
CA ILE H 445 54.73 -44.67 53.16
C ILE H 445 55.96 -43.80 53.40
N ARG H 446 55.79 -42.48 53.31
CA ARG H 446 56.91 -41.55 53.33
C ARG H 446 56.73 -40.55 54.47
N SER H 447 57.78 -39.79 54.73
CA SER H 447 57.77 -38.78 55.79
C SER H 447 58.30 -37.47 55.22
N PHE H 448 57.48 -36.43 55.28
CA PHE H 448 57.83 -35.11 54.78
C PHE H 448 58.11 -34.17 55.93
N GLN H 449 59.11 -33.31 55.75
CA GLN H 449 59.48 -32.32 56.75
C GLN H 449 58.44 -31.22 56.78
N GLY H 450 57.85 -30.99 57.96
CA GLY H 450 56.77 -30.05 58.10
C GLY H 450 55.38 -30.62 57.90
N ARG H 451 55.27 -31.86 57.43
CA ARG H 451 53.96 -32.46 57.15
C ARG H 451 53.74 -33.82 57.80
N GLY H 452 54.76 -34.56 58.16
CA GLY H 452 54.58 -35.80 58.88
C GLY H 452 54.68 -37.03 58.02
N ILE H 453 54.18 -38.14 58.54
CA ILE H 453 54.22 -39.44 57.87
C ILE H 453 52.90 -39.68 57.18
N ARG H 454 52.95 -39.98 55.88
CA ARG H 454 51.75 -40.13 55.06
C ARG H 454 51.91 -41.26 54.07
N VAL H 455 50.76 -41.77 53.63
CA VAL H 455 50.71 -42.74 52.54
C VAL H 455 50.71 -42.01 51.21
N TRP H 456 51.64 -42.37 50.32
CA TRP H 456 51.84 -41.65 49.05
C TRP H 456 51.76 -42.66 47.91
N GLY H 457 50.54 -42.97 47.48
CA GLY H 457 50.31 -43.93 46.42
C GLY H 457 48.99 -44.65 46.55
N ALA H 458 48.25 -44.80 45.46
CA ALA H 458 46.89 -45.31 45.49
C ALA H 458 46.60 -46.24 44.32
N ARG H 459 47.49 -47.18 44.02
CA ARG H 459 47.32 -48.09 42.89
C ARG H 459 47.09 -49.52 43.37
N THR H 460 46.58 -50.34 42.46
CA THR H 460 46.46 -51.78 42.67
C THR H 460 47.63 -52.53 42.03
N THR H 461 47.72 -53.81 42.34
CA THR H 461 48.74 -54.69 41.77
C THR H 461 48.44 -55.10 40.33
N SER H 462 47.38 -54.57 39.73
CA SER H 462 46.87 -55.05 38.46
C SER H 462 47.68 -54.51 37.28
N SER H 463 47.72 -55.29 36.20
CA SER H 463 48.33 -54.89 34.94
C SER H 463 47.32 -54.37 33.93
N ASP H 464 46.05 -54.71 34.09
CA ASP H 464 45.00 -54.17 33.23
C ASP H 464 44.91 -52.66 33.39
N PRO H 465 44.91 -51.90 32.29
CA PRO H 465 44.84 -50.43 32.43
C PRO H 465 43.49 -49.94 32.91
N GLU H 466 42.46 -50.78 32.89
CA GLU H 466 41.13 -50.36 33.29
C GLU H 466 40.93 -50.36 34.80
N TRP H 467 41.78 -51.07 35.55
CA TRP H 467 41.65 -51.17 37.01
C TRP H 467 42.93 -50.71 37.68
N LYS H 468 43.51 -49.62 37.18
CA LYS H 468 44.75 -49.10 37.72
C LYS H 468 44.58 -48.46 39.09
N TYR H 469 43.46 -47.78 39.33
CA TYR H 469 43.24 -47.03 40.56
C TYR H 469 42.30 -47.77 41.49
N LEU H 470 42.50 -47.55 42.79
CA LEU H 470 41.92 -48.35 43.84
C LEU H 470 40.47 -47.97 44.11
N ASN H 471 40.17 -46.67 44.08
CA ASN H 471 38.83 -46.20 44.40
C ASN H 471 37.82 -46.61 43.34
N VAL H 472 38.27 -46.82 42.09
CA VAL H 472 37.37 -47.27 41.04
C VAL H 472 36.90 -48.69 41.33
N ARG H 473 37.83 -49.57 41.72
CA ARG H 473 37.48 -50.93 42.10
C ARG H 473 36.54 -50.94 43.30
N ARG H 474 36.82 -50.11 44.31
CA ARG H 474 35.97 -50.11 45.50
C ARG H 474 34.56 -49.60 45.17
N LEU H 475 34.45 -48.56 44.34
CA LEU H 475 33.15 -48.07 43.92
C LEU H 475 32.36 -49.13 43.17
N PHE H 476 33.02 -49.86 42.26
CA PHE H 476 32.30 -50.90 41.54
C PHE H 476 31.86 -52.03 42.45
N LEU H 477 32.68 -52.42 43.42
CA LEU H 477 32.25 -53.43 44.39
C LEU H 477 30.98 -52.98 45.11
N PHE H 478 30.99 -51.74 45.62
CA PHE H 478 29.83 -51.20 46.32
C PHE H 478 28.58 -51.24 45.45
N ILE H 479 28.68 -50.72 44.23
CA ILE H 479 27.52 -50.62 43.34
C ILE H 479 26.98 -52.00 43.00
N GLU H 480 27.88 -52.94 42.67
CA GLU H 480 27.44 -54.25 42.22
C GLU H 480 26.78 -55.03 43.35
N GLN H 481 27.31 -54.92 44.57
CA GLN H 481 26.67 -55.65 45.66
C GLN H 481 25.32 -55.04 46.01
N SER H 482 25.20 -53.71 45.98
CA SER H 482 23.89 -53.11 46.24
C SER H 482 22.87 -53.59 45.21
N ILE H 483 23.24 -53.59 43.93
CA ILE H 483 22.31 -54.04 42.90
C ILE H 483 21.95 -55.51 43.10
N GLN H 484 22.94 -56.36 43.40
CA GLN H 484 22.66 -57.77 43.58
C GLN H 484 21.67 -58.01 44.72
N GLU H 485 21.87 -57.34 45.85
CA GLU H 485 21.05 -57.63 47.02
C GLU H 485 19.69 -56.93 47.01
N GLY H 486 19.54 -55.83 46.28
CA GLY H 486 18.30 -55.09 46.29
C GLY H 486 17.38 -55.27 45.10
N THR H 487 17.36 -56.41 44.44
CA THR H 487 16.54 -56.59 43.24
C THR H 487 15.91 -57.99 43.20
N GLN H 488 15.83 -58.69 44.34
CA GLN H 488 15.30 -60.04 44.32
C GLN H 488 13.78 -60.09 44.21
N TRP H 489 13.10 -58.94 44.24
CA TRP H 489 11.66 -58.91 44.04
C TRP H 489 11.26 -59.14 42.59
N ALA H 490 12.20 -59.02 41.66
CA ALA H 490 11.91 -59.02 40.24
C ALA H 490 11.96 -60.40 39.60
N VAL H 491 12.36 -61.43 40.34
CA VAL H 491 12.44 -62.77 39.79
C VAL H 491 11.05 -63.36 39.71
N PHE H 492 10.71 -63.94 38.55
CA PHE H 492 9.43 -64.59 38.24
C PHE H 492 8.31 -63.60 38.00
N GLU H 493 8.61 -62.32 37.84
CA GLU H 493 7.60 -61.33 37.50
C GLU H 493 7.34 -61.34 35.99
N PRO H 494 6.18 -60.83 35.56
CA PRO H 494 5.89 -60.82 34.13
C PRO H 494 6.92 -60.03 33.33
N ASN H 495 7.29 -60.58 32.18
CA ASN H 495 8.31 -60.01 31.31
C ASN H 495 7.67 -59.07 30.29
N GLU H 496 7.26 -57.90 30.78
CA GLU H 496 6.53 -56.94 29.96
C GLU H 496 6.83 -55.53 30.47
N GLN H 497 6.25 -54.54 29.77
CA GLN H 497 6.73 -53.16 29.85
C GLN H 497 6.64 -52.56 31.25
N ASP H 498 5.68 -53.00 32.07
CA ASP H 498 5.55 -52.44 33.41
C ASP H 498 6.75 -52.78 34.28
N THR H 499 7.14 -54.05 34.29
CA THR H 499 8.33 -54.47 35.05
C THR H 499 9.57 -53.74 34.55
N TRP H 500 9.67 -53.55 33.23
CA TRP H 500 10.82 -52.87 32.64
C TRP H 500 10.91 -51.43 33.14
N GLY H 501 9.80 -50.71 33.07
CA GLY H 501 9.80 -49.34 33.56
C GLY H 501 10.14 -49.25 35.04
N ARG H 502 9.61 -50.19 35.83
CA ARG H 502 9.87 -50.18 37.26
C ARG H 502 11.36 -50.37 37.57
N ILE H 503 11.98 -51.37 36.94
CA ILE H 503 13.40 -51.65 37.15
C ILE H 503 14.25 -50.47 36.71
N ARG H 504 13.97 -49.94 35.51
CA ARG H 504 14.71 -48.79 35.01
C ARG H 504 14.65 -47.62 35.98
N GLN H 505 13.45 -47.34 36.51
CA GLN H 505 13.27 -46.21 37.42
C GLN H 505 14.10 -46.39 38.70
N SER H 506 14.06 -47.59 39.28
CA SER H 506 14.82 -47.84 40.50
C SER H 506 16.31 -47.62 40.27
N VAL H 507 16.86 -48.23 39.22
CA VAL H 507 18.31 -48.14 39.02
C VAL H 507 18.72 -46.71 38.70
N THR H 508 17.88 -45.98 37.97
CA THR H 508 18.20 -44.58 37.68
C THR H 508 18.23 -43.74 38.96
N ASN H 509 17.28 -43.97 39.88
CA ASN H 509 17.31 -43.23 41.14
C ASN H 509 18.60 -43.50 41.93
N PHE H 510 18.99 -44.78 42.02
CA PHE H 510 20.22 -45.12 42.75
C PHE H 510 21.45 -44.45 42.13
N LEU H 511 21.56 -44.50 40.80
CA LEU H 511 22.74 -43.93 40.16
C LEU H 511 22.76 -42.41 40.24
N ARG H 512 21.59 -41.77 40.21
CA ARG H 512 21.56 -40.32 40.35
C ARG H 512 21.98 -39.92 41.75
N THR H 513 21.60 -40.71 42.76
CA THR H 513 22.09 -40.44 44.11
C THR H 513 23.61 -40.56 44.18
N VAL H 514 24.16 -41.61 43.57
CA VAL H 514 25.62 -41.76 43.57
C VAL H 514 26.28 -40.57 42.87
N TRP H 515 25.69 -40.09 41.78
CA TRP H 515 26.25 -38.96 41.05
C TRP H 515 26.24 -37.68 41.88
N ARG H 516 25.15 -37.43 42.61
CA ARG H 516 25.05 -36.19 43.38
C ARG H 516 26.09 -36.09 44.50
N ASN H 517 26.60 -37.22 44.99
CA ASN H 517 27.56 -37.21 46.08
C ASN H 517 29.01 -37.14 45.61
N GLY H 518 29.24 -36.88 44.33
CA GLY H 518 30.59 -36.70 43.82
C GLY H 518 31.27 -37.96 43.33
N GLY H 519 30.56 -39.08 43.21
CA GLY H 519 31.20 -40.31 42.78
C GLY H 519 31.31 -40.46 41.28
N LEU H 520 30.40 -39.85 40.53
CA LEU H 520 30.42 -39.89 39.07
C LEU H 520 30.73 -38.51 38.53
N GLN H 521 31.15 -38.47 37.28
CA GLN H 521 31.74 -37.27 36.70
C GLN H 521 30.95 -36.81 35.48
N GLY H 522 30.58 -35.54 35.47
CA GLY H 522 29.87 -34.94 34.35
C GLY H 522 28.98 -33.81 34.83
N GLN H 523 28.82 -32.81 33.96
CA GLN H 523 27.98 -31.66 34.27
C GLN H 523 26.50 -31.93 34.07
N SER H 524 26.14 -33.06 33.47
CA SER H 524 24.75 -33.43 33.28
C SER H 524 24.60 -34.92 33.56
N GLU H 525 23.35 -35.37 33.64
CA GLU H 525 23.09 -36.78 33.89
C GLU H 525 23.49 -37.66 32.71
N ASP H 526 23.34 -37.13 31.49
CA ASP H 526 23.70 -37.90 30.31
C ASP H 526 25.20 -38.14 30.21
N ASP H 527 26.01 -37.29 30.83
CA ASP H 527 27.45 -37.47 30.83
C ASP H 527 27.90 -38.51 31.86
N ALA H 528 27.12 -38.69 32.92
CA ALA H 528 27.55 -39.50 34.06
C ALA H 528 27.15 -40.97 33.93
N PHE H 529 25.98 -41.27 33.38
CA PHE H 529 25.52 -42.65 33.33
C PHE H 529 24.31 -42.77 32.39
N TYR H 530 23.97 -44.02 32.06
CA TYR H 530 22.73 -44.36 31.39
C TYR H 530 22.26 -45.75 31.81
N VAL H 531 20.95 -45.98 31.68
CA VAL H 531 20.31 -47.27 31.95
C VAL H 531 19.35 -47.58 30.81
N LYS H 532 19.36 -48.84 30.36
CA LYS H 532 18.54 -49.29 29.24
C LYS H 532 17.86 -50.61 29.55
N CYS H 533 16.55 -50.67 29.29
CA CYS H 533 15.79 -51.91 29.43
C CYS H 533 14.54 -51.79 28.58
N GLY H 534 14.40 -52.63 27.58
CA GLY H 534 13.24 -52.56 26.69
C GLY H 534 13.41 -53.45 25.48
N GLU H 535 12.93 -52.98 24.34
CA GLU H 535 13.05 -53.72 23.09
C GLU H 535 14.36 -53.41 22.35
N GLU H 536 15.19 -52.53 22.90
CA GLU H 536 16.52 -52.34 22.35
C GLU H 536 17.55 -53.28 22.97
N THR H 537 17.26 -53.81 24.17
CA THR H 537 18.17 -54.76 24.80
C THR H 537 17.69 -56.20 24.72
N MET H 538 16.39 -56.42 24.56
CA MET H 538 15.81 -57.75 24.52
C MET H 538 15.22 -58.03 23.16
N SER H 539 15.41 -59.25 22.67
CA SER H 539 14.77 -59.75 21.46
C SER H 539 13.67 -60.73 21.85
N GLU H 540 13.07 -61.36 20.83
CA GLU H 540 11.95 -62.27 21.08
C GLU H 540 12.44 -63.63 21.57
N ASP H 541 13.60 -64.08 21.07
CA ASP H 541 14.20 -65.30 21.61
C ASP H 541 14.52 -65.15 23.09
N ASP H 542 14.82 -63.93 23.54
CA ASP H 542 15.04 -63.69 24.97
C ASP H 542 13.75 -63.86 25.76
N ILE H 543 12.66 -63.24 25.29
CA ILE H 543 11.39 -63.33 25.99
C ILE H 543 10.91 -64.79 26.06
N ASP H 544 11.08 -65.54 24.97
CA ASP H 544 10.62 -66.93 24.96
C ASP H 544 11.40 -67.82 25.91
N ASN H 545 12.58 -67.39 26.36
CA ASN H 545 13.41 -68.22 27.23
C ASN H 545 13.52 -67.69 28.65
N GLY H 546 12.88 -66.57 28.96
CA GLY H 546 12.81 -66.09 30.33
C GLY H 546 13.91 -65.15 30.76
N ARG H 547 14.53 -64.43 29.84
CA ARG H 547 15.66 -63.55 30.15
C ARG H 547 15.21 -62.10 30.13
N LEU H 548 15.57 -61.36 31.18
CA LEU H 548 15.37 -59.92 31.25
C LEU H 548 16.73 -59.26 31.37
N ILE H 549 17.07 -58.40 30.40
CA ILE H 549 18.40 -57.85 30.27
C ILE H 549 18.36 -56.35 30.50
N VAL H 550 19.26 -55.85 31.36
CA VAL H 550 19.40 -54.43 31.67
C VAL H 550 20.84 -54.03 31.40
N GLU H 551 21.05 -52.92 30.71
CA GLU H 551 22.40 -52.45 30.38
C GLU H 551 22.65 -51.10 31.03
N ILE H 552 23.76 -50.99 31.75
CA ILE H 552 24.10 -49.80 32.52
C ILE H 552 25.49 -49.33 32.12
N GLY H 553 25.64 -48.04 31.92
CA GLY H 553 26.95 -47.45 31.63
C GLY H 553 27.24 -46.31 32.56
N VAL H 554 28.48 -46.27 33.07
CA VAL H 554 28.86 -45.38 34.15
C VAL H 554 30.22 -44.77 33.86
N ALA H 555 30.50 -43.63 34.51
CA ALA H 555 31.78 -42.92 34.34
C ALA H 555 32.35 -42.52 35.70
N PRO H 556 33.30 -43.28 36.22
CA PRO H 556 33.85 -42.97 37.55
C PRO H 556 34.86 -41.84 37.54
N VAL H 557 35.13 -41.30 38.72
CA VAL H 557 36.08 -40.21 38.90
C VAL H 557 37.39 -40.79 39.41
N LYS H 558 38.50 -40.18 38.99
CA LYS H 558 39.85 -40.66 39.26
C LYS H 558 40.65 -39.58 39.98
N PRO H 559 41.71 -39.96 40.70
CA PRO H 559 42.45 -38.99 41.50
C PRO H 559 43.40 -38.14 40.67
N ALA H 560 43.86 -37.06 41.29
CA ALA H 560 44.86 -36.15 40.70
C ALA H 560 46.20 -36.51 41.31
N GLU H 561 47.04 -37.20 40.54
CA GLU H 561 48.31 -37.71 41.02
C GLU H 561 49.46 -36.77 40.73
N PHE H 562 49.37 -35.99 39.65
CA PHE H 562 50.40 -35.04 39.25
C PHE H 562 49.76 -33.68 39.07
N VAL H 563 50.18 -32.72 39.88
CA VAL H 563 49.68 -31.35 39.84
C VAL H 563 50.75 -30.51 39.16
N ILE H 564 50.43 -29.96 37.99
CA ILE H 564 51.40 -29.34 37.11
C ILE H 564 51.05 -27.87 36.92
N PHE H 565 52.05 -27.00 37.04
CA PHE H 565 51.91 -25.57 36.85
C PHE H 565 52.87 -25.11 35.77
N ARG H 566 52.33 -24.65 34.65
CA ARG H 566 53.11 -24.14 33.52
C ARG H 566 53.00 -22.63 33.48
N ILE H 567 54.08 -21.93 33.80
CA ILE H 567 54.08 -20.48 33.98
C ILE H 567 54.97 -19.84 32.92
N SER H 568 54.48 -18.75 32.32
CA SER H 568 55.20 -18.03 31.28
C SER H 568 55.07 -16.53 31.50
N GLN H 569 55.69 -15.75 30.62
CA GLN H 569 55.68 -14.30 30.67
C GLN H 569 54.74 -13.66 29.65
N ASP H 570 54.06 -14.46 28.84
CA ASP H 570 53.27 -13.92 27.74
C ASP H 570 51.87 -13.58 28.24
N THR H 571 51.42 -12.36 27.93
CA THR H 571 50.07 -11.89 28.26
C THR H 571 49.74 -12.03 29.74
N SER I 2 58.31 -32.66 30.27
CA SER I 2 58.79 -33.27 31.50
C SER I 2 58.18 -34.66 31.67
N GLU I 3 58.76 -35.45 32.56
CA GLU I 3 58.27 -36.79 32.85
C GLU I 3 57.79 -36.87 34.30
N TYR I 4 56.68 -37.56 34.51
CA TYR I 4 56.01 -37.62 35.81
C TYR I 4 55.93 -39.08 36.25
N GLN I 5 56.79 -39.47 37.19
CA GLN I 5 56.85 -40.85 37.65
C GLN I 5 56.47 -41.02 39.12
N SER I 6 56.58 -39.98 39.94
CA SER I 6 56.14 -40.04 41.33
C SER I 6 55.21 -38.89 41.63
N PRO I 7 54.23 -39.09 42.50
CA PRO I 7 53.23 -38.05 42.76
C PRO I 7 53.82 -36.84 43.46
N GLY I 8 53.25 -35.68 43.15
CA GLY I 8 53.68 -34.44 43.76
C GLY I 8 53.23 -33.25 42.94
N VAL I 9 53.85 -32.10 43.25
CA VAL I 9 53.58 -30.83 42.59
C VAL I 9 54.76 -30.49 41.69
N TYR I 10 54.47 -30.02 40.48
CA TYR I 10 55.48 -29.65 39.50
C TYR I 10 55.23 -28.23 39.01
N VAL I 11 56.30 -27.44 38.93
CA VAL I 11 56.24 -26.08 38.42
C VAL I 11 57.22 -25.97 37.26
N GLU I 12 56.75 -25.50 36.11
CA GLU I 12 57.54 -25.46 34.89
C GLU I 12 57.47 -24.10 34.25
N GLU I 13 58.58 -23.69 33.62
CA GLU I 13 58.68 -22.40 32.94
C GLU I 13 58.58 -22.60 31.44
N VAL I 14 57.88 -21.67 30.79
CA VAL I 14 57.64 -21.70 29.36
C VAL I 14 58.30 -20.49 28.72
N GLN I 15 58.67 -20.62 27.45
CA GLN I 15 59.24 -19.51 26.69
C GLN I 15 58.13 -18.61 26.17
N SER I 16 58.41 -17.31 26.14
CA SER I 16 57.42 -16.31 25.78
C SER I 16 57.39 -16.08 24.28
N GLY I 17 56.56 -15.13 23.84
CA GLY I 17 56.25 -14.94 22.44
C GLY I 17 57.10 -13.94 21.67
N SER I 18 58.05 -13.27 22.31
CA SER I 18 58.95 -12.38 21.60
C SER I 18 60.16 -12.09 22.47
N LYS I 19 61.29 -11.88 21.81
CA LYS I 19 62.55 -11.59 22.48
C LYS I 19 63.14 -10.31 21.90
N SER I 20 63.60 -9.44 22.80
CA SER I 20 64.02 -8.10 22.40
C SER I 20 65.39 -8.13 21.73
N VAL I 21 65.56 -7.23 20.76
CA VAL I 21 66.85 -6.98 20.11
C VAL I 21 67.32 -5.61 20.57
N GLU I 22 68.63 -5.48 20.81
CA GLU I 22 69.21 -4.22 21.25
C GLU I 22 70.23 -3.74 20.23
N GLY I 23 70.23 -2.43 19.97
CA GLY I 23 71.17 -1.86 19.02
C GLY I 23 72.59 -1.80 19.56
N VAL I 24 73.54 -1.78 18.63
CA VAL I 24 74.95 -1.83 18.97
C VAL I 24 75.54 -0.42 18.88
N SER I 25 76.75 -0.27 19.43
CA SER I 25 77.47 1.00 19.39
C SER I 25 77.83 1.37 17.96
N THR I 26 77.89 2.67 17.68
CA THR I 26 78.15 3.16 16.33
C THR I 26 79.09 4.36 16.23
N SER I 27 79.76 4.78 17.31
CA SER I 27 80.56 6.00 17.27
C SER I 27 81.97 5.80 17.84
N THR I 28 82.51 4.59 17.77
CA THR I 28 83.87 4.32 18.21
C THR I 28 84.79 4.26 17.00
N ALA I 29 86.03 4.75 17.16
CA ALA I 29 86.99 4.83 16.08
C ALA I 29 88.27 4.09 16.44
N GLY I 30 89.06 3.81 15.42
CA GLY I 30 90.36 3.18 15.61
C GLY I 30 91.44 3.91 14.85
N PHE I 31 92.56 4.14 15.54
CA PHE I 31 93.67 4.89 14.97
C PHE I 31 94.97 4.09 15.04
N LEU I 32 95.82 4.25 14.04
CA LEU I 32 97.12 3.61 13.97
C LEU I 32 98.19 4.63 13.63
N GLY I 33 99.38 4.46 14.20
CA GLY I 33 100.46 5.37 13.96
C GLY I 33 101.51 5.31 15.05
N GLN I 34 102.54 6.14 14.89
CA GLN I 34 103.72 6.11 15.73
C GLN I 34 103.58 7.03 16.94
N THR I 35 104.15 6.58 18.06
CA THR I 35 104.18 7.33 19.30
C THR I 35 105.59 7.19 19.90
N GLU I 36 105.85 7.85 21.03
CA GLU I 36 107.14 7.78 21.69
C GLU I 36 107.16 6.76 22.84
N ARG I 37 106.06 6.61 23.56
CA ARG I 37 105.93 5.66 24.66
C ARG I 37 104.72 4.77 24.41
N GLY I 38 104.54 3.77 25.26
CA GLY I 38 103.29 3.05 25.31
C GLY I 38 103.39 1.59 24.92
N PRO I 39 102.35 0.84 25.24
CA PRO I 39 102.28 -0.56 24.81
C PRO I 39 101.85 -0.68 23.36
N VAL I 40 102.09 -1.87 22.80
CA VAL I 40 101.74 -2.15 21.41
C VAL I 40 100.46 -2.96 21.26
N GLU I 41 99.77 -3.27 22.36
CA GLU I 41 98.44 -3.82 22.24
C GLU I 41 97.40 -2.70 22.23
N PRO I 42 96.28 -2.88 21.54
CA PRO I 42 95.30 -1.79 21.42
C PRO I 42 94.67 -1.44 22.77
N ARG I 43 94.54 -0.14 23.03
CA ARG I 43 94.00 0.32 24.30
C ARG I 43 92.92 1.36 24.06
N LEU I 44 91.93 1.38 24.95
CA LEU I 44 90.81 2.30 24.83
C LEU I 44 91.12 3.62 25.54
N VAL I 45 90.80 4.72 24.87
CA VAL I 45 91.01 6.07 25.37
C VAL I 45 89.70 6.83 25.23
N THR I 46 89.35 7.62 26.24
CA THR I 46 88.09 8.36 26.23
C THR I 46 88.29 9.86 26.38
N ASN I 47 89.53 10.33 26.28
CA ASN I 47 89.84 11.72 26.58
C ASN I 47 91.28 11.96 26.15
N TYR I 48 91.60 13.23 25.85
CA TYR I 48 92.93 13.53 25.32
C TYR I 48 94.00 13.50 26.40
N ALA I 49 93.65 13.81 27.64
CA ALA I 49 94.61 13.73 28.73
C ALA I 49 95.03 12.29 28.99
N ASP I 50 94.10 11.34 28.85
CA ASP I 50 94.45 9.93 28.90
C ASP I 50 95.48 9.59 27.83
N PHE I 51 95.30 10.11 26.63
CA PHE I 51 96.24 9.84 25.55
C PHE I 51 97.63 10.38 25.88
N GLU I 52 97.72 11.64 26.31
CA GLU I 52 99.03 12.17 26.66
C GLU I 52 99.66 11.42 27.83
N ARG I 53 98.85 10.93 28.78
CA ARG I 53 99.39 10.23 29.92
C ARG I 53 99.92 8.84 29.57
N LEU I 54 99.24 8.12 28.69
CA LEU I 54 99.63 6.75 28.36
C LEU I 54 100.66 6.67 27.24
N TYR I 55 100.66 7.62 26.31
CA TYR I 55 101.47 7.50 25.10
C TYR I 55 102.48 8.62 24.93
N GLY I 56 102.10 9.87 25.17
CA GLY I 56 103.01 10.98 24.99
C GLY I 56 102.82 11.73 23.70
N ALA I 57 103.92 12.08 23.04
CA ALA I 57 103.90 12.82 21.79
C ALA I 57 104.35 11.93 20.63
N SER I 58 104.18 12.45 19.42
CA SER I 58 104.60 11.74 18.21
C SER I 58 105.95 12.24 17.74
N PRO I 59 106.73 11.38 17.08
CA PRO I 59 107.97 11.84 16.46
C PRO I 59 107.69 12.75 15.27
N LYS I 60 108.77 13.21 14.64
CA LYS I 60 108.63 14.16 13.54
C LYS I 60 108.14 13.49 12.26
N SER I 61 108.11 12.16 12.22
CA SER I 61 107.68 11.43 11.04
C SER I 61 106.25 10.92 11.13
N SER I 62 105.47 11.43 12.09
CA SER I 62 104.10 10.97 12.30
C SER I 62 103.23 12.14 12.73
N ASP I 63 101.93 12.00 12.51
CA ASP I 63 100.98 13.04 12.87
C ASP I 63 99.77 12.44 13.59
N LEU I 64 100.03 11.53 14.52
CA LEU I 64 98.97 10.88 15.28
C LEU I 64 98.40 11.79 16.36
N ASP I 65 99.28 12.45 17.10
CA ASP I 65 98.87 13.36 18.17
C ASP I 65 97.90 14.42 17.65
N ALA I 66 98.20 14.97 16.48
CA ALA I 66 97.36 16.00 15.88
C ALA I 66 96.00 15.44 15.49
N ALA I 67 95.97 14.20 14.99
CA ALA I 67 94.71 13.60 14.56
C ALA I 67 93.82 13.26 15.76
N VAL I 68 94.40 12.77 16.86
CA VAL I 68 93.61 12.46 18.04
C VAL I 68 93.09 13.75 18.67
N ASP I 69 93.91 14.81 18.68
CA ASP I 69 93.45 16.10 19.17
C ASP I 69 92.29 16.63 18.33
N GLY I 70 92.39 16.53 17.00
CA GLY I 70 91.29 16.94 16.15
C GLY I 70 90.04 16.09 16.34
N PHE I 71 90.22 14.81 16.64
CA PHE I 71 89.08 13.95 16.92
C PHE I 71 88.33 14.42 18.15
N PHE I 72 89.05 14.68 19.25
CA PHE I 72 88.37 15.04 20.48
C PHE I 72 87.90 16.50 20.51
N LYS I 73 88.50 17.39 19.71
CA LYS I 73 88.01 18.77 19.63
C LYS I 73 86.68 18.88 18.90
N ASN I 74 86.29 17.87 18.14
CA ASN I 74 85.12 17.92 17.29
C ASN I 74 83.94 17.14 17.85
N GLY I 75 84.05 16.63 19.07
CA GLY I 75 82.96 15.92 19.70
C GLY I 75 83.03 14.41 19.68
N GLY I 76 84.22 13.84 19.48
CA GLY I 76 84.34 12.39 19.53
C GLY I 76 84.33 11.86 20.95
N SER I 77 83.93 10.60 21.08
CA SER I 77 83.71 9.98 22.38
C SER I 77 84.78 8.97 22.77
N ARG I 78 85.11 8.02 21.90
CA ARG I 78 85.98 6.91 22.27
C ARG I 78 86.91 6.54 21.13
N CYS I 79 88.19 6.34 21.46
CA CYS I 79 89.20 5.90 20.53
C CYS I 79 89.77 4.56 20.98
N PHE I 80 90.17 3.74 20.00
CA PHE I 80 91.06 2.62 20.23
C PHE I 80 92.38 2.93 19.55
N ILE I 81 93.45 2.98 20.34
CA ILE I 81 94.78 3.33 19.86
C ILE I 81 95.59 2.06 19.72
N GLY I 82 96.25 1.92 18.57
CA GLY I 82 97.23 0.89 18.33
C GLY I 82 98.56 1.46 17.90
N ARG I 83 99.61 1.23 18.70
CA ARG I 83 100.92 1.82 18.48
C ARG I 83 101.73 0.94 17.53
N VAL I 84 102.24 1.56 16.47
CA VAL I 84 103.10 0.89 15.50
C VAL I 84 104.54 1.31 15.78
N SER I 85 105.44 0.34 15.84
CA SER I 85 106.82 0.62 16.23
C SER I 85 107.78 -0.09 15.29
N GLY I 86 108.87 0.59 14.96
CA GLY I 86 109.91 0.02 14.14
C GLY I 86 110.91 -0.86 14.87
N ALA I 87 110.83 -0.91 16.20
CA ALA I 87 111.73 -1.72 16.99
C ALA I 87 111.10 -3.09 17.29
N ASP I 88 111.96 -4.07 17.55
CA ASP I 88 111.48 -5.39 17.93
C ASP I 88 110.68 -5.32 19.22
N ILE I 89 109.66 -6.18 19.31
CA ILE I 89 108.74 -6.16 20.44
C ILE I 89 109.44 -6.49 21.75
N ASP I 90 110.55 -7.23 21.72
CA ASP I 90 111.25 -7.62 22.92
C ASP I 90 112.48 -6.77 23.21
N ASP I 91 112.67 -5.67 22.47
CA ASP I 91 113.74 -4.71 22.75
C ASP I 91 113.26 -3.74 23.82
N VAL I 92 113.23 -4.25 25.05
CA VAL I 92 112.65 -3.55 26.20
C VAL I 92 113.72 -3.41 27.28
N ALA I 93 113.72 -2.28 27.97
CA ALA I 93 114.63 -2.06 29.08
C ALA I 93 114.14 -2.78 30.34
N THR I 94 115.10 -3.32 31.10
CA THR I 94 114.81 -4.13 32.27
C THR I 94 115.65 -3.67 33.46
N GLY I 95 115.40 -4.31 34.60
CA GLY I 95 116.10 -3.99 35.83
C GLY I 95 115.85 -5.06 36.87
N ILE I 96 116.49 -4.88 38.03
CA ILE I 96 116.49 -5.89 39.09
C ILE I 96 116.43 -5.18 40.44
N LEU I 97 115.68 -5.75 41.37
CA LEU I 97 115.64 -5.30 42.76
C LEU I 97 116.28 -6.36 43.66
N ALA I 98 117.10 -5.91 44.61
CA ALA I 98 117.88 -6.79 45.45
C ALA I 98 117.50 -6.64 46.92
N ASP I 99 117.79 -7.68 47.69
CA ASP I 99 117.41 -7.77 49.09
C ASP I 99 118.58 -7.36 50.01
N ASP I 100 118.42 -7.66 51.31
CA ASP I 100 119.37 -7.24 52.33
C ASP I 100 120.79 -7.72 52.06
N GLU I 101 120.97 -9.00 51.73
CA GLU I 101 122.31 -9.55 51.50
C GLU I 101 122.58 -9.87 50.05
N GLY I 102 121.81 -9.31 49.12
CA GLY I 102 122.13 -9.41 47.71
C GLY I 102 121.50 -10.56 46.98
N ASN I 103 120.18 -10.70 47.08
CA ASN I 103 119.41 -11.67 46.32
C ASN I 103 118.41 -10.92 45.47
N GLU I 104 118.32 -11.27 44.19
CA GLU I 104 117.34 -10.64 43.32
C GLU I 104 115.95 -11.16 43.67
N ILE I 105 115.08 -10.24 44.10
CA ILE I 105 113.76 -10.61 44.59
C ILE I 105 112.65 -10.23 43.61
N ALA I 106 112.88 -9.26 42.73
CA ALA I 106 111.87 -8.82 41.78
C ALA I 106 112.54 -8.45 40.47
N GLU I 107 111.72 -8.30 39.43
CA GLU I 107 112.22 -7.94 38.11
C GLU I 107 111.31 -6.86 37.52
N VAL I 108 111.92 -5.75 37.11
CA VAL I 108 111.21 -4.57 36.62
C VAL I 108 111.42 -4.48 35.11
N GLU I 109 110.37 -4.10 34.40
CA GLU I 109 110.43 -4.08 32.94
C GLU I 109 109.58 -2.93 32.41
N ALA I 110 110.10 -2.25 31.39
CA ALA I 110 109.38 -1.11 30.82
C ALA I 110 108.08 -1.57 30.16
N ASN I 111 107.14 -0.63 30.05
CA ASN I 111 105.82 -0.90 29.49
C ASN I 111 105.79 -0.55 28.00
N GLY I 112 106.64 -1.24 27.24
CA GLY I 112 106.73 -1.02 25.82
C GLY I 112 108.17 -0.94 25.33
N PRO I 113 108.39 -1.26 24.06
CA PRO I 113 109.75 -1.25 23.52
C PRO I 113 110.19 0.12 23.06
N GLY I 114 111.51 0.32 23.06
CA GLY I 114 112.11 1.55 22.59
C GLY I 114 113.14 2.08 23.57
N GLN I 115 113.83 3.12 23.13
CA GLN I 115 114.89 3.74 23.92
C GLN I 115 114.36 4.56 25.10
N TRP I 116 113.09 4.94 25.06
CA TRP I 116 112.52 5.76 26.14
C TRP I 116 112.69 5.09 27.50
N GLY I 117 112.61 3.75 27.54
CA GLY I 117 112.76 3.04 28.79
C GLY I 117 114.08 3.23 29.48
N GLU I 118 115.09 3.73 28.76
CA GLU I 118 116.37 4.03 29.39
C GLU I 118 116.31 5.25 30.30
N SER I 119 115.20 6.00 30.29
CA SER I 119 115.06 7.22 31.07
C SER I 119 114.07 7.07 32.22
N VAL I 120 113.82 5.85 32.67
CA VAL I 120 112.90 5.58 33.78
C VAL I 120 113.73 5.24 35.01
N ALA I 121 113.43 5.90 36.12
CA ALA I 121 114.12 5.66 37.38
C ALA I 121 113.14 5.12 38.41
N VAL I 122 113.58 4.10 39.15
CA VAL I 122 112.81 3.48 40.21
C VAL I 122 113.52 3.74 41.54
N ILE I 123 112.77 4.21 42.53
CA ILE I 123 113.31 4.61 43.83
C ILE I 123 112.54 3.88 44.92
N VAL I 124 113.28 3.20 45.80
CA VAL I 124 112.70 2.47 46.92
C VAL I 124 113.13 3.16 48.22
N GLU I 125 112.16 3.40 49.11
CA GLU I 125 112.44 3.96 50.42
C GLU I 125 111.63 3.23 51.47
N ASP I 126 111.97 3.46 52.74
CA ASP I 126 111.34 2.75 53.84
C ASP I 126 110.24 3.60 54.49
N SER I 127 109.22 2.91 54.98
CA SER I 127 108.03 3.54 55.54
C SER I 127 108.11 3.60 57.06
N GLN I 128 107.30 4.49 57.64
CA GLN I 128 107.24 4.68 59.08
C GLN I 128 106.57 3.54 59.82
N TYR I 129 105.86 2.68 59.12
CA TYR I 129 105.21 1.56 59.76
C TYR I 129 106.02 0.28 59.58
N PRO I 130 106.00 -0.61 60.57
CA PRO I 130 106.80 -1.84 60.48
C PRO I 130 106.38 -2.70 59.29
N ASN I 131 107.39 -3.23 58.60
CA ASN I 131 107.21 -4.15 57.48
C ASN I 131 106.55 -3.50 56.27
N GLN I 132 106.85 -2.23 56.00
CA GLN I 132 106.25 -1.51 54.89
C GLN I 132 107.29 -0.61 54.25
N PHE I 133 107.08 -0.31 52.97
CA PHE I 133 108.02 0.53 52.22
C PHE I 133 107.28 1.26 51.11
N ASP I 134 107.92 2.30 50.58
CA ASP I 134 107.38 3.14 49.52
C ASP I 134 108.18 2.94 48.23
N ILE I 135 107.49 3.09 47.09
CA ILE I 135 108.11 2.98 45.78
C ILE I 135 107.69 4.17 44.93
N THR I 136 108.65 4.72 44.17
CA THR I 136 108.40 5.85 43.28
C THR I 136 108.99 5.55 41.90
N VAL I 137 108.29 5.97 40.86
CA VAL I 137 108.76 5.81 39.48
C VAL I 137 108.72 7.17 38.79
N ARG I 138 109.84 7.55 38.16
CA ARG I 138 110.01 8.85 37.54
C ARG I 138 110.46 8.71 36.09
N TYR I 139 110.00 9.62 35.24
CA TYR I 139 110.37 9.60 33.83
C TYR I 139 110.57 11.02 33.30
N TRP I 140 111.71 11.24 32.65
CA TRP I 140 112.07 12.50 32.02
C TRP I 140 112.06 12.34 30.50
N SER I 141 111.47 13.31 29.80
CA SER I 141 111.38 13.25 28.34
C SER I 141 112.60 13.79 27.63
N GLY I 142 113.41 14.61 28.28
CA GLY I 142 114.54 15.23 27.64
C GLY I 142 115.85 14.55 27.96
N ASP I 143 116.91 15.36 28.06
CA ASP I 143 118.26 14.86 28.24
C ASP I 143 118.47 14.35 29.67
N LEU I 144 119.22 13.26 29.80
CA LEU I 144 119.59 12.77 31.12
C LEU I 144 120.85 13.44 31.65
N GLU I 145 121.71 13.94 30.76
CA GLU I 145 122.95 14.59 31.17
C GLU I 145 122.71 15.83 32.00
N ALA I 146 121.52 16.43 31.92
CA ALA I 146 121.22 17.67 32.63
C ALA I 146 120.45 17.47 33.92
N VAL I 147 120.10 16.23 34.26
CA VAL I 147 119.34 15.94 35.47
C VAL I 147 120.31 15.93 36.64
N SER I 148 120.13 16.88 37.56
CA SER I 148 121.08 17.05 38.65
C SER I 148 120.81 16.09 39.80
N LYS I 149 119.62 16.18 40.40
CA LYS I 149 119.25 15.38 41.57
C LYS I 149 118.05 14.52 41.21
N PRO I 150 118.27 13.39 40.54
CA PRO I 150 117.13 12.51 40.22
C PRO I 150 116.52 11.85 41.44
N HIS I 151 117.24 11.77 42.55
CA HIS I 151 116.77 11.10 43.75
C HIS I 151 116.16 12.05 44.77
N GLY I 152 116.50 13.34 44.71
CA GLY I 152 116.00 14.29 45.68
C GLY I 152 114.52 14.57 45.53
N ASP I 153 114.01 15.38 46.46
CA ASP I 153 112.60 15.75 46.45
C ASP I 153 112.26 16.70 45.31
N ARG I 154 113.25 17.36 44.71
CA ARG I 154 113.02 18.28 43.61
C ARG I 154 114.18 18.18 42.63
N PRO I 155 114.04 17.35 41.59
CA PRO I 155 115.08 17.26 40.57
C PRO I 155 115.22 18.56 39.79
N ASP I 156 116.36 18.70 39.11
CA ASP I 156 116.67 19.97 38.45
C ASP I 156 115.65 20.31 37.36
N PRO I 157 115.41 19.47 36.33
CA PRO I 157 114.18 19.61 35.55
C PRO I 157 113.09 18.72 36.13
N SER I 158 111.93 19.29 36.36
CA SER I 158 110.83 18.53 36.92
C SER I 158 110.48 17.36 36.01
N PRO I 159 110.33 16.15 36.53
CA PRO I 159 110.11 14.98 35.66
C PRO I 159 108.79 15.08 34.91
N ASP I 160 108.76 14.40 33.76
CA ASP I 160 107.57 14.43 32.92
C ASP I 160 106.47 13.54 33.47
N VAL I 161 106.82 12.39 34.06
CA VAL I 161 105.84 11.50 34.66
C VAL I 161 106.32 11.10 36.05
N GLU I 162 105.36 10.99 36.97
CA GLU I 162 105.60 10.74 38.39
C GLU I 162 104.56 9.76 38.92
N GLU I 163 105.00 8.74 39.64
CA GLU I 163 104.07 7.80 40.26
C GLU I 163 104.59 7.38 41.63
N VAL I 164 103.70 7.35 42.63
CA VAL I 164 104.07 7.06 44.00
C VAL I 164 103.12 6.00 44.55
N TYR I 165 103.66 5.01 45.26
CA TYR I 165 102.89 3.96 45.91
C TYR I 165 103.41 3.76 47.32
N ASP I 166 102.54 3.91 48.31
CA ASP I 166 102.94 4.11 49.70
C ASP I 166 102.83 2.85 50.55
N GLY I 167 101.65 2.24 50.66
CA GLY I 167 101.50 1.16 51.62
C GLY I 167 101.80 -0.22 51.08
N LEU I 168 103.05 -0.53 50.80
CA LEU I 168 103.42 -1.78 50.17
C LEU I 168 103.96 -2.78 51.19
N SER I 169 103.82 -4.06 50.86
CA SER I 169 104.27 -5.16 51.70
C SER I 169 104.86 -6.25 50.83
N ALA I 170 105.55 -7.19 51.49
CA ALA I 170 106.15 -8.34 50.81
C ALA I 170 105.41 -9.64 51.11
N ASP I 171 104.18 -9.57 51.60
CA ASP I 171 103.39 -10.75 51.88
C ASP I 171 102.52 -11.09 50.67
N PRO I 172 102.71 -12.23 50.01
CA PRO I 172 101.96 -12.51 48.77
C PRO I 172 100.48 -12.70 48.97
N GLU I 173 100.02 -13.02 50.18
CA GLU I 173 98.61 -13.24 50.43
C GLU I 173 97.87 -11.99 50.88
N ALA I 174 98.59 -10.88 51.08
CA ALA I 174 97.97 -9.62 51.47
C ALA I 174 97.45 -8.89 50.23
N SER I 175 96.62 -7.89 50.47
CA SER I 175 96.11 -7.07 49.37
C SER I 175 97.00 -5.87 49.07
N ASN I 176 97.98 -5.58 49.92
CA ASN I 176 98.96 -4.54 49.66
C ASN I 176 100.31 -5.12 49.22
N PHE I 177 100.32 -6.35 48.69
CA PHE I 177 101.50 -6.89 48.06
C PHE I 177 101.87 -6.05 46.83
N TYR I 178 103.16 -5.77 46.67
CA TYR I 178 103.57 -4.78 45.68
C TYR I 178 103.28 -5.22 44.26
N GLU I 179 103.28 -6.53 44.01
CA GLU I 179 102.94 -7.02 42.68
C GLU I 179 101.51 -6.67 42.29
N LYS I 180 100.59 -6.65 43.26
CA LYS I 180 99.21 -6.31 42.96
C LYS I 180 98.97 -4.81 42.90
N GLN I 181 99.77 -4.04 43.64
CA GLN I 181 99.55 -2.60 43.68
C GLN I 181 100.19 -1.89 42.50
N LEU I 182 101.38 -2.34 42.08
CA LEU I 182 102.04 -1.72 40.94
C LEU I 182 101.47 -2.18 39.60
N GLU I 183 100.35 -2.90 39.60
CA GLU I 183 99.84 -3.44 38.35
C GLU I 183 99.17 -2.35 37.52
N SER I 184 98.63 -1.32 38.16
CA SER I 184 98.04 -0.18 37.47
C SER I 184 99.09 0.92 37.41
N SER I 185 99.98 0.82 36.41
CA SER I 185 101.05 1.77 36.22
C SER I 185 101.31 1.89 34.73
N VAL I 186 101.43 3.13 34.25
CA VAL I 186 101.63 3.36 32.82
C VAL I 186 103.09 3.28 32.40
N LEU I 187 104.01 3.00 33.32
CA LEU I 187 105.43 3.05 33.00
C LEU I 187 106.13 1.70 33.08
N VAL I 188 105.89 0.91 34.13
CA VAL I 188 106.70 -0.27 34.40
C VAL I 188 105.78 -1.46 34.70
N ASP I 189 106.41 -2.62 34.83
CA ASP I 189 105.79 -3.89 35.20
C ASP I 189 106.72 -4.61 36.17
N ILE I 190 106.15 -5.26 37.18
CA ILE I 190 106.91 -5.95 38.22
C ILE I 190 106.58 -7.43 38.16
N GLU I 191 107.59 -8.28 38.37
CA GLU I 191 107.37 -9.71 38.48
C GLU I 191 108.14 -10.24 39.69
N TYR I 192 107.49 -11.13 40.45
CA TYR I 192 108.04 -11.62 41.69
C TYR I 192 108.96 -12.80 41.46
N LYS I 193 110.10 -12.83 42.15
CA LYS I 193 111.07 -13.91 42.02
C LYS I 193 111.31 -14.66 43.32
N ASP I 194 111.65 -13.97 44.41
CA ASP I 194 112.11 -14.63 45.62
C ASP I 194 111.62 -13.85 46.84
N ASP I 195 111.80 -14.44 48.01
CA ASP I 195 111.31 -13.87 49.26
C ASP I 195 112.30 -12.82 49.78
N GLY I 196 111.78 -11.67 50.19
CA GLY I 196 112.61 -10.62 50.73
C GLY I 196 111.93 -9.28 50.60
N THR I 197 112.68 -8.25 50.98
CA THR I 197 112.24 -6.87 50.86
C THR I 197 113.39 -6.03 50.32
N PRO I 198 113.13 -5.10 49.41
CA PRO I 198 114.24 -4.41 48.74
C PRO I 198 114.89 -3.36 49.62
N VAL I 199 116.14 -3.04 49.30
CA VAL I 199 116.90 -2.01 50.00
C VAL I 199 116.64 -0.67 49.32
N ASP I 200 116.86 0.41 50.07
CA ASP I 200 116.57 1.75 49.56
C ASP I 200 117.54 2.15 48.46
N GLY I 201 117.12 3.11 47.64
CA GLY I 201 117.99 3.68 46.65
C GLY I 201 117.29 3.84 45.32
N LEU I 202 118.08 4.27 44.32
CA LEU I 202 117.59 4.56 42.98
C LEU I 202 118.24 3.61 41.98
N THR I 203 117.54 3.35 40.88
CA THR I 203 118.08 2.49 39.84
C THR I 203 117.45 2.82 38.50
N TRP I 204 118.26 2.76 37.45
CA TRP I 204 117.83 2.99 36.07
C TRP I 204 117.70 1.67 35.33
N LEU I 205 116.85 1.67 34.30
CA LEU I 205 116.65 0.49 33.45
C LEU I 205 117.61 0.54 32.28
N HIS I 206 118.33 -0.56 32.06
CA HIS I 206 119.45 -0.60 31.12
C HIS I 206 119.20 -1.62 30.01
N ARG I 207 120.17 -1.69 29.10
CA ARG I 207 120.26 -2.69 28.02
C ARG I 207 118.96 -2.75 27.22
N ASP I 208 118.71 -1.67 26.51
CA ASP I 208 117.63 -1.63 25.54
C ASP I 208 117.95 -2.47 24.32
N VAL I 292 109.49 2.51 9.91
CA VAL I 292 108.46 1.49 9.90
C VAL I 292 108.08 1.14 8.46
N THR I 293 107.55 -0.07 8.28
CA THR I 293 107.19 -0.61 6.98
C THR I 293 105.71 -1.00 6.97
N LEU I 294 105.29 -1.62 5.88
CA LEU I 294 103.93 -2.12 5.76
C LEU I 294 103.70 -3.34 6.67
N LYS I 295 104.72 -4.15 6.86
CA LYS I 295 104.60 -5.35 7.70
C LYS I 295 104.46 -5.01 9.18
N ASP I 296 104.85 -3.81 9.61
CA ASP I 296 104.59 -3.37 10.97
C ASP I 296 103.17 -2.87 11.14
N TYR I 297 102.61 -2.24 10.11
CA TYR I 297 101.22 -1.85 10.14
C TYR I 297 100.28 -3.05 10.04
N GLU I 298 100.72 -4.13 9.39
CA GLU I 298 99.93 -5.35 9.37
C GLU I 298 99.87 -5.98 10.76
N GLY I 299 100.98 -5.99 11.49
CA GLY I 299 101.00 -6.43 12.86
C GLY I 299 101.39 -7.89 13.03
N VAL I 300 101.65 -8.24 14.28
CA VAL I 300 102.03 -9.60 14.67
C VAL I 300 100.76 -10.38 14.98
N ASN I 301 100.73 -11.65 14.58
CA ASN I 301 99.63 -12.56 14.88
C ASN I 301 100.22 -13.85 15.42
N LYS I 302 100.36 -13.91 16.74
CA LYS I 302 100.84 -15.08 17.45
C LYS I 302 99.79 -15.49 18.48
N PRO I 303 99.88 -16.72 19.01
CA PRO I 303 98.83 -17.19 19.93
C PRO I 303 98.56 -16.26 21.11
N GLY I 304 99.57 -15.56 21.63
CA GLY I 304 99.34 -14.69 22.77
C GLY I 304 99.82 -13.26 22.58
N LEU I 305 99.76 -12.74 21.36
CA LEU I 305 100.22 -11.39 21.08
C LEU I 305 99.68 -10.94 19.74
N ARG I 306 99.00 -9.79 19.72
CA ARG I 306 98.44 -9.23 18.50
C ARG I 306 98.69 -7.72 18.47
N THR I 307 99.25 -7.24 17.37
CA THR I 307 99.47 -5.81 17.16
C THR I 307 98.96 -5.43 15.78
N GLY I 308 98.91 -4.13 15.52
CA GLY I 308 98.54 -3.66 14.19
C GLY I 308 97.06 -3.86 13.90
N LEU I 309 96.77 -4.33 12.68
CA LEU I 309 95.39 -4.62 12.30
C LEU I 309 94.93 -5.97 12.84
N ALA I 310 95.86 -6.92 13.00
CA ALA I 310 95.53 -8.20 13.62
C ALA I 310 95.00 -8.02 15.03
N GLY I 311 95.47 -7.00 15.75
CA GLY I 311 94.92 -6.70 17.06
C GLY I 311 93.55 -6.06 16.98
N PHE I 312 93.32 -5.23 15.97
CA PHE I 312 92.02 -4.58 15.82
C PHE I 312 90.93 -5.56 15.44
N LYS I 313 91.25 -6.60 14.67
CA LYS I 313 90.20 -7.48 14.19
C LYS I 313 89.67 -8.42 15.26
N ALA I 314 90.15 -8.31 16.49
CA ALA I 314 89.60 -9.03 17.63
C ALA I 314 88.83 -8.13 18.58
N ILE I 315 88.54 -6.90 18.18
CA ILE I 315 87.73 -5.95 18.93
C ILE I 315 86.47 -5.69 18.12
N ASP I 316 85.30 -5.88 18.74
CA ASP I 316 84.03 -5.75 18.04
C ASP I 316 83.31 -4.43 18.30
N GLU I 317 83.97 -3.46 18.93
CA GLU I 317 83.36 -2.16 19.14
C GLU I 317 83.72 -1.16 18.04
N ILE I 318 84.83 -1.36 17.35
CA ILE I 318 85.30 -0.41 16.35
C ILE I 318 84.34 -0.37 15.17
N SER I 319 84.00 0.83 14.72
CA SER I 319 83.10 1.01 13.58
C SER I 319 83.70 1.83 12.44
N MET I 320 84.86 2.46 12.66
CA MET I 320 85.55 3.15 11.59
C MET I 320 87.05 3.20 11.91
N VAL I 321 87.86 3.05 10.88
CA VAL I 321 89.31 2.92 11.01
C VAL I 321 89.97 4.03 10.21
N CYS I 322 91.06 4.58 10.75
CA CYS I 322 91.82 5.57 10.00
C CYS I 322 93.31 5.44 10.32
N ALA I 323 94.14 5.66 9.31
CA ALA I 323 95.59 5.72 9.46
C ALA I 323 96.06 7.06 8.91
N PRO I 324 96.49 8.00 9.75
CA PRO I 324 96.86 9.33 9.24
C PRO I 324 98.00 9.32 8.23
N ASP I 325 98.99 8.45 8.37
CA ASP I 325 100.16 8.43 7.50
C ASP I 325 100.05 7.39 6.40
N GLU I 326 98.84 7.17 5.87
CA GLU I 326 98.62 6.10 4.91
C GLU I 326 99.25 6.39 3.55
N ASN I 327 99.66 7.63 3.28
CA ASN I 327 100.23 7.98 2.00
C ASN I 327 101.75 7.94 1.98
N ASP I 328 102.39 7.77 3.14
CA ASP I 328 103.83 7.58 3.20
C ASP I 328 104.26 6.14 3.09
N ILE I 329 103.35 5.19 3.33
CA ILE I 329 103.64 3.77 3.29
C ILE I 329 102.85 3.18 2.13
N ASP I 330 103.56 2.74 1.09
CA ASP I 330 102.89 2.21 -0.10
C ASP I 330 102.29 0.83 0.19
N GLY I 331 101.05 0.64 -0.24
CA GLY I 331 100.36 -0.61 -0.02
C GLY I 331 99.53 -0.69 1.25
N LEU I 332 99.27 0.45 1.91
CA LEU I 332 98.49 0.45 3.13
C LEU I 332 97.02 0.76 2.90
N THR I 333 96.70 1.57 1.89
CA THR I 333 95.31 1.86 1.57
C THR I 333 94.55 0.59 1.21
N ASP I 334 95.15 -0.25 0.36
CA ASP I 334 94.50 -1.50 -0.02
C ASP I 334 94.35 -2.43 1.17
N SER I 335 95.34 -2.48 2.05
CA SER I 335 95.24 -3.31 3.24
C SER I 335 94.11 -2.86 4.14
N ILE I 336 93.94 -1.55 4.31
CA ILE I 336 92.86 -1.05 5.16
C ILE I 336 91.50 -1.36 4.55
N VAL I 337 91.35 -1.13 3.25
CA VAL I 337 90.08 -1.41 2.60
C VAL I 337 89.75 -2.90 2.63
N ALA I 338 90.77 -3.74 2.49
CA ALA I 338 90.55 -5.18 2.55
C ALA I 338 90.18 -5.63 3.96
N HIS I 339 90.82 -5.05 4.97
CA HIS I 339 90.44 -5.34 6.36
C HIS I 339 88.97 -5.01 6.60
N CYS I 340 88.53 -3.82 6.16
CA CYS I 340 87.15 -3.43 6.39
C CYS I 340 86.17 -4.28 5.58
N GLU I 341 86.55 -4.71 4.38
CA GLU I 341 85.65 -5.54 3.58
C GLU I 341 85.60 -6.97 4.08
N ASN I 342 86.68 -7.47 4.68
CA ASN I 342 86.69 -8.85 5.16
C ASN I 342 86.03 -8.97 6.52
N MET I 343 86.11 -7.94 7.37
CA MET I 343 85.33 -7.98 8.60
C MET I 343 83.85 -7.79 8.32
N GLY I 344 83.53 -6.86 7.42
CA GLY I 344 82.15 -6.61 7.03
C GLY I 344 81.35 -5.80 8.01
N ASP I 345 81.99 -5.14 8.97
CA ASP I 345 81.26 -4.37 9.98
C ASP I 345 81.93 -3.05 10.34
N ARG I 346 82.77 -2.51 9.47
CA ARG I 346 83.43 -1.24 9.75
C ARG I 346 83.60 -0.48 8.45
N PHE I 347 84.00 0.78 8.59
CA PHE I 347 84.05 1.74 7.50
C PHE I 347 85.43 2.39 7.46
N ALA I 348 85.92 2.71 6.27
CA ALA I 348 87.26 3.26 6.10
C ALA I 348 87.20 4.70 5.64
N ILE I 349 88.02 5.55 6.26
CA ILE I 349 88.11 6.97 5.95
C ILE I 349 89.49 7.21 5.33
N LEU I 350 89.52 7.84 4.16
CA LEU I 350 90.74 8.04 3.40
C LEU I 350 90.88 9.52 3.05
N GLN I 351 92.13 9.98 3.02
CA GLN I 351 92.44 11.35 2.67
C GLN I 351 93.37 11.37 1.46
N SER I 352 93.31 12.46 0.70
CA SER I 352 94.09 12.59 -0.52
C SER I 352 95.57 12.83 -0.18
N PRO I 353 96.45 12.79 -1.17
CA PRO I 353 97.84 13.21 -0.94
C PRO I 353 97.93 14.72 -0.81
N GLN I 354 99.10 15.18 -0.37
CA GLN I 354 99.34 16.61 -0.29
C GLN I 354 99.46 17.24 -1.65
N ASN I 355 99.89 16.47 -2.65
CA ASN I 355 99.98 16.93 -4.04
C ASN I 355 99.33 15.88 -4.92
N PRO I 356 98.02 15.99 -5.17
CA PRO I 356 97.32 14.97 -5.96
C PRO I 356 97.32 15.20 -7.46
N GLY I 357 97.91 16.30 -7.93
CA GLY I 357 98.02 16.54 -9.36
C GLY I 357 97.00 17.53 -9.89
N PRO I 358 96.82 17.54 -11.20
CA PRO I 358 95.80 18.42 -11.80
C PRO I 358 94.39 17.94 -11.50
N VAL I 359 93.46 18.89 -11.49
CA VAL I 359 92.08 18.59 -11.09
C VAL I 359 91.40 17.67 -12.10
N SER I 360 91.66 17.88 -13.38
CA SER I 360 91.00 17.11 -14.43
C SER I 360 91.48 15.67 -14.50
N GLU I 361 92.41 15.25 -13.65
CA GLU I 361 92.98 13.91 -13.72
C GLU I 361 92.84 13.14 -12.41
N MET I 362 92.15 13.68 -11.43
CA MET I 362 92.05 13.03 -10.13
C MET I 362 91.09 11.85 -10.19
N GLU I 363 91.39 10.81 -9.41
CA GLU I 363 90.56 9.63 -9.30
C GLU I 363 90.61 9.13 -7.87
N THR I 364 89.71 8.24 -7.53
CA THR I 364 89.83 7.65 -6.21
C THR I 364 90.74 6.43 -6.25
N PRO I 365 91.44 6.12 -5.16
CA PRO I 365 92.36 4.98 -5.19
C PRO I 365 91.64 3.64 -5.32
N VAL I 366 90.54 3.43 -4.60
CA VAL I 366 89.82 2.16 -4.65
C VAL I 366 88.41 2.41 -5.16
N ASP I 367 87.67 1.33 -5.38
CA ASP I 367 86.29 1.37 -5.86
C ASP I 367 85.39 0.58 -4.92
N SER I 368 85.59 0.77 -3.62
CA SER I 368 84.88 0.00 -2.60
C SER I 368 83.66 0.76 -2.10
N SER I 369 82.68 0.01 -1.64
CA SER I 369 81.54 0.57 -0.93
C SER I 369 81.80 0.75 0.55
N TYR I 370 82.99 0.39 1.03
CA TYR I 370 83.33 0.43 2.44
C TYR I 370 84.30 1.55 2.77
N ALA I 371 84.38 2.59 1.93
CA ALA I 371 85.37 3.63 2.11
C ALA I 371 84.81 4.97 1.64
N ALA I 372 85.39 6.04 2.16
CA ALA I 372 85.07 7.41 1.73
C ALA I 372 86.35 8.21 1.65
N TYR I 373 86.35 9.23 0.80
CA TYR I 373 87.57 9.92 0.36
C TYR I 373 87.38 11.42 0.46
N TYR I 374 88.26 12.09 1.23
CA TYR I 374 88.10 13.50 1.55
C TYR I 374 89.30 14.32 1.07
N TYR I 375 89.04 15.60 0.81
CA TYR I 375 90.03 16.50 0.20
C TYR I 375 89.67 17.95 0.50
N PRO I 376 90.65 18.85 0.73
CA PRO I 376 92.11 18.81 0.89
C PRO I 376 92.63 18.76 2.33
N TRP I 377 93.91 19.10 2.51
CA TRP I 377 94.56 19.17 3.81
C TRP I 377 94.18 20.44 4.56
N VAL I 378 94.50 20.47 5.86
CA VAL I 378 94.11 21.58 6.73
C VAL I 378 95.33 22.14 7.46
N ASN I 379 95.12 23.28 8.12
CA ASN I 379 96.17 24.00 8.84
C ASN I 379 95.84 24.05 10.32
N VAL I 380 96.85 23.83 11.17
CA VAL I 380 96.69 23.82 12.62
C VAL I 380 97.87 24.55 13.26
N LEU I 381 97.73 24.85 14.54
CA LEU I 381 98.81 25.39 15.37
C LEU I 381 99.61 24.25 15.99
N ASP I 382 100.93 24.31 15.86
CA ASP I 382 101.79 23.25 16.36
C ASP I 382 102.24 23.58 17.77
N PRO I 383 101.99 22.72 18.76
CA PRO I 383 102.25 23.08 20.16
C PRO I 383 103.71 23.05 20.57
N VAL I 384 104.66 22.89 19.65
CA VAL I 384 106.06 22.95 20.01
C VAL I 384 106.78 24.10 19.31
N THR I 385 106.23 24.64 18.22
CA THR I 385 106.80 25.80 17.55
C THR I 385 105.87 27.01 17.59
N ASN I 386 104.59 26.81 17.88
CA ASN I 386 103.59 27.87 17.91
C ASN I 386 103.44 28.52 16.52
N ARG I 387 103.57 27.71 15.49
CA ARG I 387 103.41 28.15 14.11
C ARG I 387 102.37 27.28 13.43
N GLU I 388 101.95 27.68 12.23
CA GLU I 388 101.01 26.88 11.47
C GLU I 388 101.71 25.67 10.86
N LYS I 389 100.92 24.63 10.61
CA LYS I 389 101.41 23.36 10.11
C LYS I 389 100.30 22.69 9.34
N LEU I 390 100.66 22.01 8.25
CA LEU I 390 99.70 21.41 7.34
C LEU I 390 99.58 19.92 7.64
N VAL I 391 98.35 19.45 7.85
CA VAL I 391 98.10 18.06 8.25
C VAL I 391 96.93 17.52 7.47
N PRO I 392 96.80 16.18 7.40
CA PRO I 392 95.63 15.59 6.75
C PRO I 392 94.40 15.70 7.62
N PRO I 393 93.21 15.74 7.02
CA PRO I 393 91.98 16.01 7.80
C PRO I 393 91.26 14.80 8.39
N GLY I 394 91.92 13.64 8.50
CA GLY I 394 91.18 12.42 8.80
C GLY I 394 90.54 12.38 10.18
N GLY I 395 91.30 12.76 11.22
CA GLY I 395 90.78 12.64 12.57
C GLY I 395 89.65 13.62 12.86
N HIS I 396 89.75 14.84 12.33
CA HIS I 396 88.67 15.80 12.47
C HIS I 396 87.38 15.27 11.85
N ILE I 397 87.50 14.58 10.71
CA ILE I 397 86.33 14.04 10.03
C ILE I 397 85.74 12.87 10.81
N ALA I 398 86.60 12.02 11.39
CA ALA I 398 86.08 10.94 12.24
C ALA I 398 85.36 11.51 13.46
N GLY I 399 85.87 12.60 14.03
CA GLY I 399 85.18 13.24 15.14
C GLY I 399 83.83 13.80 14.73
N ILE I 400 83.73 14.34 13.52
CA ILE I 400 82.45 14.81 12.99
C ILE I 400 81.48 13.64 12.84
N TYR I 401 81.96 12.50 12.33
CA TYR I 401 81.13 11.30 12.23
C TYR I 401 80.56 10.93 13.59
N SER I 402 81.42 10.84 14.61
CA SER I 402 80.98 10.47 15.95
C SER I 402 79.96 11.45 16.50
N ARG I 403 80.19 12.75 16.34
CA ARG I 403 79.27 13.76 16.83
C ARG I 403 77.90 13.64 16.17
N THR I 404 77.87 13.55 14.85
CA THR I 404 76.61 13.42 14.13
C THR I 404 75.87 12.17 14.56
N ASP I 405 76.58 11.07 14.76
CA ASP I 405 75.93 9.84 15.22
C ASP I 405 75.34 10.02 16.61
N GLN I 406 75.99 10.79 17.48
CA GLN I 406 75.47 10.97 18.82
C GLN I 406 74.24 11.86 18.85
N GLU I 407 74.20 12.92 18.03
CA GLU I 407 73.13 13.89 18.17
C GLU I 407 72.00 13.73 17.15
N HIS I 408 72.17 12.95 16.08
CA HIS I 408 71.13 12.81 15.08
C HIS I 408 70.75 11.37 14.78
N GLY I 409 71.68 10.43 14.82
CA GLY I 409 71.45 9.07 14.37
C GLY I 409 72.38 8.70 13.23
N VAL I 410 72.40 7.38 12.95
CA VAL I 410 73.26 6.86 11.90
C VAL I 410 72.70 7.09 10.50
N HIS I 411 71.45 7.51 10.40
CA HIS I 411 70.80 7.79 9.13
C HIS I 411 71.02 9.21 8.64
N LYS I 412 71.72 10.04 9.40
CA LYS I 412 71.95 11.43 9.02
C LYS I 412 73.30 11.56 8.32
N ALA I 413 73.30 12.23 7.18
CA ALA I 413 74.53 12.42 6.43
C ALA I 413 75.47 13.36 7.17
N PRO I 414 76.72 12.97 7.40
CA PRO I 414 77.65 13.83 8.14
C PRO I 414 78.27 14.92 7.27
N ALA I 415 77.41 15.71 6.63
CA ALA I 415 77.84 16.83 5.80
C ALA I 415 77.00 18.05 6.15
N ASN I 416 77.48 19.22 5.69
CA ASN I 416 76.94 20.51 6.12
C ASN I 416 77.17 20.71 7.62
N GLU I 417 78.35 20.31 8.08
CA GLU I 417 78.76 20.41 9.48
C GLU I 417 80.08 21.16 9.56
N THR I 418 80.30 21.81 10.69
CA THR I 418 81.47 22.66 10.88
C THR I 418 82.66 21.87 11.39
N LEU I 419 83.85 22.29 10.96
CA LEU I 419 85.11 21.75 11.46
C LEU I 419 85.67 22.66 12.54
N ARG I 420 85.90 22.11 13.72
CA ARG I 420 86.47 22.83 14.84
C ARG I 420 87.91 22.41 15.06
N GLY I 421 88.75 23.37 15.45
CA GLY I 421 90.12 23.07 15.81
C GLY I 421 91.16 23.36 14.76
N ILE I 422 90.81 24.09 13.70
CA ILE I 422 91.72 24.38 12.61
C ILE I 422 91.82 25.88 12.43
N VAL I 423 92.71 26.29 11.52
CA VAL I 423 92.96 27.69 11.22
C VAL I 423 92.55 28.03 9.79
N GLY I 424 92.92 27.19 8.83
CA GLY I 424 92.55 27.41 7.45
C GLY I 424 92.70 26.13 6.66
N LEU I 425 92.51 26.25 5.35
CA LEU I 425 92.62 25.13 4.43
C LEU I 425 93.88 25.25 3.61
N GLN I 426 94.12 24.24 2.77
CA GLN I 426 95.24 24.29 1.84
C GLN I 426 94.90 25.11 0.60
N HIS I 427 93.76 24.81 -0.02
CA HIS I 427 93.23 25.58 -1.13
C HIS I 427 91.77 25.90 -0.87
N ASN I 428 91.26 26.91 -1.56
CA ASN I 428 89.83 27.18 -1.60
C ASN I 428 89.27 26.69 -2.92
N ILE I 429 88.32 25.78 -2.85
CA ILE I 429 87.68 25.18 -4.03
C ILE I 429 86.44 25.98 -4.38
N THR I 430 86.25 26.23 -5.67
CA THR I 430 85.10 26.97 -6.16
C THR I 430 83.97 26.01 -6.54
N LYS I 431 82.87 26.58 -7.02
CA LYS I 431 81.74 25.79 -7.47
C LYS I 431 81.97 25.16 -8.84
N GLY I 432 82.84 25.76 -9.67
CA GLY I 432 83.13 25.18 -10.96
C GLY I 432 84.00 23.94 -10.89
N GLU I 433 84.88 23.86 -9.90
CA GLU I 433 85.75 22.70 -9.75
C GLU I 433 85.06 21.53 -9.07
N GLN I 434 84.08 21.81 -8.21
CA GLN I 434 83.35 20.72 -7.56
C GLN I 434 82.37 20.05 -8.50
N ASP I 435 81.96 20.73 -9.58
CA ASP I 435 81.14 20.09 -10.60
C ASP I 435 81.89 18.99 -11.35
N VAL I 436 83.21 18.92 -11.20
CA VAL I 436 84.02 17.90 -11.85
C VAL I 436 84.39 16.82 -10.84
N LEU I 437 84.57 17.23 -9.59
CA LEU I 437 85.03 16.32 -8.54
C LEU I 437 83.90 15.52 -7.90
N ASN I 438 82.72 16.13 -7.74
CA ASN I 438 81.64 15.46 -7.01
C ASN I 438 81.11 14.22 -7.72
N PRO I 439 80.87 14.22 -9.04
CA PRO I 439 80.43 12.97 -9.70
C PRO I 439 81.46 11.85 -9.70
N LYS I 440 82.66 12.08 -9.16
CA LYS I 440 83.71 11.08 -9.14
C LYS I 440 83.88 10.42 -7.77
N GLY I 441 83.08 10.80 -6.77
CA GLY I 441 83.19 10.23 -5.46
C GLY I 441 84.17 10.90 -4.52
N ILE I 442 84.65 12.09 -4.86
CA ILE I 442 85.63 12.81 -4.06
C ILE I 442 84.90 13.88 -3.26
N ASN I 443 85.04 13.85 -1.94
CA ASN I 443 84.33 14.77 -1.06
C ASN I 443 85.21 15.96 -0.72
N CYS I 444 84.62 17.14 -0.70
CA CYS I 444 85.35 18.38 -0.57
C CYS I 444 85.06 19.08 0.75
N ILE I 445 86.07 19.77 1.25
CA ILE I 445 85.92 20.65 2.41
C ILE I 445 86.08 22.08 1.92
N ARG I 446 85.03 22.89 2.08
CA ARG I 446 84.98 24.21 1.48
C ARG I 446 84.76 25.26 2.57
N SER I 447 84.90 26.52 2.19
CA SER I 447 84.73 27.65 3.11
C SER I 447 83.81 28.67 2.46
N PHE I 448 82.70 28.95 3.12
CA PHE I 448 81.71 29.91 2.65
C PHE I 448 81.79 31.19 3.45
N GLN I 449 81.60 32.31 2.76
CA GLN I 449 81.62 33.62 3.41
C GLN I 449 80.33 33.82 4.19
N GLY I 450 80.46 34.08 5.49
CA GLY I 450 79.33 34.19 6.37
C GLY I 450 78.90 32.89 7.03
N ARG I 451 79.47 31.75 6.61
CA ARG I 451 79.07 30.46 7.16
C ARG I 451 80.22 29.60 7.68
N GLY I 452 81.45 29.81 7.24
CA GLY I 452 82.58 29.10 7.79
C GLY I 452 83.05 27.94 6.93
N ILE I 453 83.83 27.06 7.55
CA ILE I 453 84.42 25.90 6.88
C ILE I 453 83.55 24.68 7.15
N ARG I 454 83.13 24.00 6.08
CA ARG I 454 82.20 22.89 6.20
C ARG I 454 82.57 21.78 5.22
N VAL I 455 82.11 20.57 5.55
CA VAL I 455 82.21 19.42 4.65
C VAL I 455 81.03 19.45 3.69
N TRP I 456 81.31 19.38 2.38
CA TRP I 456 80.28 19.53 1.35
C TRP I 456 80.35 18.32 0.42
N GLY I 457 79.72 17.23 0.83
CA GLY I 457 79.74 15.99 0.05
C GLY I 457 79.64 14.76 0.92
N ALA I 458 78.80 13.80 0.52
CA ALA I 458 78.47 12.64 1.35
C ALA I 458 78.37 11.35 0.53
N ARG I 459 79.34 11.11 -0.35
CA ARG I 459 79.31 9.92 -1.20
C ARG I 459 80.43 8.95 -0.82
N THR I 460 80.28 7.70 -1.28
CA THR I 460 81.33 6.69 -1.17
C THR I 460 82.11 6.60 -2.48
N THR I 461 83.20 5.85 -2.43
CA THR I 461 84.04 5.61 -3.60
C THR I 461 83.46 4.58 -4.55
N SER I 462 82.24 4.11 -4.30
CA SER I 462 81.68 2.97 -5.02
C SER I 462 81.13 3.38 -6.38
N SER I 463 81.14 2.42 -7.31
CA SER I 463 80.55 2.58 -8.62
C SER I 463 79.14 1.98 -8.73
N ASP I 464 78.81 1.05 -7.84
CA ASP I 464 77.46 0.49 -7.78
C ASP I 464 76.45 1.58 -7.46
N PRO I 465 75.37 1.71 -8.24
CA PRO I 465 74.38 2.75 -7.94
C PRO I 465 73.58 2.50 -6.68
N GLU I 466 73.64 1.29 -6.13
CA GLU I 466 72.87 0.96 -4.94
C GLU I 466 73.52 1.44 -3.65
N TRP I 467 74.82 1.72 -3.67
CA TRP I 467 75.56 2.13 -2.49
C TRP I 467 76.24 3.47 -2.72
N LYS I 468 75.53 4.39 -3.36
CA LYS I 468 76.09 5.70 -3.67
C LYS I 468 76.24 6.58 -2.45
N TYR I 469 75.31 6.51 -1.50
CA TYR I 469 75.30 7.40 -0.34
C TYR I 469 75.80 6.66 0.90
N LEU I 470 76.40 7.44 1.79
CA LEU I 470 77.20 6.93 2.91
C LEU I 470 76.33 6.47 4.06
N ASN I 471 75.26 7.21 4.35
CA ASN I 471 74.39 6.88 5.47
C ASN I 471 73.63 5.59 5.25
N VAL I 472 73.38 5.22 3.99
CA VAL I 472 72.69 3.96 3.70
C VAL I 472 73.58 2.78 4.07
N ARG I 473 74.87 2.86 3.71
CA ARG I 473 75.82 1.82 4.10
C ARG I 473 75.95 1.74 5.61
N ARG I 474 76.04 2.88 6.30
CA ARG I 474 76.18 2.84 7.75
C ARG I 474 74.95 2.26 8.43
N LEU I 475 73.76 2.61 7.95
CA LEU I 475 72.53 2.04 8.50
C LEU I 475 72.48 0.53 8.30
N PHE I 476 72.87 0.05 7.11
CA PHE I 476 72.86 -1.39 6.90
C PHE I 476 73.86 -2.10 7.78
N LEU I 477 75.06 -1.53 7.98
CA LEU I 477 76.02 -2.13 8.90
C LEU I 477 75.43 -2.28 10.29
N PHE I 478 74.83 -1.20 10.80
CA PHE I 478 74.21 -1.21 12.12
C PHE I 478 73.14 -2.30 12.23
N ILE I 479 72.22 -2.34 11.27
CA ILE I 479 71.12 -3.29 11.33
C ILE I 479 71.63 -4.73 11.28
N GLU I 480 72.56 -5.00 10.36
CA GLU I 480 73.02 -6.37 10.16
C GLU I 480 73.80 -6.87 11.37
N GLN I 481 74.62 -6.01 11.99
CA GLN I 481 75.33 -6.49 13.17
C GLN I 481 74.40 -6.72 14.35
N SER I 482 73.40 -5.85 14.52
CA SER I 482 72.43 -6.08 15.59
C SER I 482 71.73 -7.41 15.41
N ILE I 483 71.27 -7.70 14.19
CA ILE I 483 70.58 -8.96 13.93
C ILE I 483 71.52 -10.14 14.17
N GLN I 484 72.76 -10.05 13.70
CA GLN I 484 73.70 -11.15 13.88
C GLN I 484 73.94 -11.45 15.35
N GLU I 485 74.13 -10.42 16.16
CA GLU I 485 74.49 -10.66 17.56
C GLU I 485 73.31 -10.95 18.47
N GLY I 486 72.11 -10.54 18.10
CA GLY I 486 70.97 -10.74 18.97
C GLY I 486 70.01 -11.86 18.61
N THR I 487 70.47 -12.95 17.98
CA THR I 487 69.56 -14.02 17.57
C THR I 487 70.18 -15.41 17.80
N GLN I 488 71.20 -15.50 18.65
CA GLN I 488 71.86 -16.78 18.84
C GLN I 488 71.06 -17.76 19.71
N TRP I 489 69.93 -17.32 20.27
CA TRP I 489 69.07 -18.22 21.02
C TRP I 489 68.28 -19.17 20.13
N ALA I 490 68.22 -18.89 18.83
CA ALA I 490 67.35 -19.62 17.92
C ALA I 490 68.01 -20.81 17.26
N VAL I 491 69.31 -21.03 17.49
CA VAL I 491 70.00 -22.15 16.88
C VAL I 491 69.65 -23.42 17.63
N PHE I 492 69.30 -24.47 16.90
CA PHE I 492 68.93 -25.80 17.40
C PHE I 492 67.55 -25.84 18.01
N GLU I 493 66.73 -24.82 17.82
CA GLU I 493 65.35 -24.83 18.28
C GLU I 493 64.47 -25.58 17.29
N PRO I 494 63.31 -26.06 17.72
CA PRO I 494 62.42 -26.78 16.80
C PRO I 494 62.01 -25.92 15.61
N ASN I 495 61.99 -26.54 14.44
CA ASN I 495 61.69 -25.87 13.17
C ASN I 495 60.18 -25.97 12.89
N GLU I 496 59.41 -25.19 13.63
CA GLU I 496 57.96 -25.24 13.55
C GLU I 496 57.39 -23.86 13.90
N GLN I 497 56.06 -23.76 13.82
CA GLN I 497 55.38 -22.47 13.70
C GLN I 497 55.62 -21.55 14.91
N ASP I 498 55.85 -22.12 16.10
CA ASP I 498 56.07 -21.28 17.27
C ASP I 498 57.36 -20.48 17.15
N THR I 499 58.46 -21.15 16.80
CA THR I 499 59.73 -20.46 16.59
C THR I 499 59.62 -19.41 15.50
N TRP I 500 58.87 -19.73 14.44
CA TRP I 500 58.69 -18.80 13.33
C TRP I 500 57.99 -17.52 13.79
N GLY I 501 56.88 -17.67 14.51
CA GLY I 501 56.18 -16.51 15.02
C GLY I 501 57.04 -15.68 15.95
N ARG I 502 57.82 -16.35 16.80
CA ARG I 502 58.68 -15.65 17.75
C ARG I 502 59.72 -14.79 17.04
N ILE I 503 60.42 -15.39 16.06
CA ILE I 503 61.44 -14.68 15.31
C ILE I 503 60.84 -13.51 14.55
N ARG I 504 59.72 -13.75 13.85
CA ARG I 504 59.06 -12.69 13.11
C ARG I 504 58.70 -11.52 14.01
N GLN I 505 58.15 -11.81 15.20
CA GLN I 505 57.75 -10.76 16.11
C GLN I 505 58.93 -9.92 16.58
N SER I 506 60.03 -10.58 16.93
CA SER I 506 61.23 -9.83 17.37
C SER I 506 61.73 -8.89 16.28
N VAL I 507 61.90 -9.41 15.06
CA VAL I 507 62.48 -8.59 14.01
C VAL I 507 61.54 -7.44 13.64
N THR I 508 60.23 -7.69 13.67
CA THR I 508 59.28 -6.62 13.39
C THR I 508 59.36 -5.51 14.43
N ASN I 509 59.49 -5.87 15.72
CA ASN I 509 59.63 -4.83 16.74
C ASN I 509 60.88 -3.98 16.53
N PHE I 510 62.01 -4.62 16.23
CA PHE I 510 63.24 -3.86 15.99
C PHE I 510 63.09 -2.91 14.79
N LEU I 511 62.52 -3.39 13.70
CA LEU I 511 62.41 -2.54 12.51
C LEU I 511 61.40 -1.42 12.71
N ARG I 512 60.34 -1.65 13.48
CA ARG I 512 59.40 -0.59 13.76
C ARG I 512 60.04 0.50 14.62
N THR I 513 60.90 0.10 15.56
CA THR I 513 61.65 1.09 16.32
C THR I 513 62.54 1.92 15.41
N VAL I 514 63.25 1.26 14.48
CA VAL I 514 64.10 2.01 13.55
C VAL I 514 63.27 2.97 12.71
N TRP I 515 62.07 2.55 12.29
CA TRP I 515 61.22 3.40 11.48
C TRP I 515 60.74 4.63 12.25
N ARG I 516 60.38 4.46 13.53
CA ARG I 516 59.85 5.57 14.30
C ARG I 516 60.88 6.68 14.53
N ASN I 517 62.17 6.37 14.48
CA ASN I 517 63.22 7.36 14.72
C ASN I 517 63.67 8.07 13.45
N GLY I 518 62.96 7.90 12.34
CA GLY I 518 63.28 8.61 11.12
C GLY I 518 64.25 7.93 10.18
N GLY I 519 64.61 6.67 10.44
CA GLY I 519 65.58 6.00 9.58
C GLY I 519 64.97 5.38 8.34
N LEU I 520 63.71 4.99 8.39
CA LEU I 520 63.01 4.41 7.25
C LEU I 520 61.94 5.37 6.77
N GLN I 521 61.49 5.17 5.54
CA GLN I 521 60.67 6.14 4.84
C GLN I 521 59.34 5.54 4.45
N GLY I 522 58.26 6.22 4.78
CA GLY I 522 56.92 5.80 4.43
C GLY I 522 55.91 6.28 5.46
N GLN I 523 54.69 6.56 4.99
CA GLN I 523 53.62 7.01 5.86
C GLN I 523 52.94 5.87 6.61
N SER I 524 53.25 4.62 6.27
CA SER I 524 52.69 3.47 6.96
C SER I 524 53.78 2.43 7.12
N GLU I 525 53.49 1.41 7.92
CA GLU I 525 54.48 0.35 8.14
C GLU I 525 54.68 -0.50 6.90
N ASP I 526 53.63 -0.68 6.10
CA ASP I 526 53.75 -1.47 4.88
C ASP I 526 54.64 -0.82 3.85
N ASP I 527 54.78 0.50 3.90
CA ASP I 527 55.65 1.22 2.98
C ASP I 527 57.11 1.15 3.40
N ALA I 528 57.37 0.97 4.69
CA ALA I 528 58.72 1.08 5.21
C ALA I 528 59.48 -0.25 5.23
N PHE I 529 58.81 -1.36 5.49
CA PHE I 529 59.50 -2.65 5.62
C PHE I 529 58.49 -3.79 5.63
N TYR I 530 59.03 -5.01 5.48
CA TYR I 530 58.28 -6.24 5.71
C TYR I 530 59.22 -7.33 6.19
N VAL I 531 58.64 -8.32 6.89
CA VAL I 531 59.34 -9.51 7.38
C VAL I 531 58.49 -10.74 7.07
N LYS I 532 59.14 -11.80 6.59
CA LYS I 532 58.46 -13.04 6.20
C LYS I 532 59.19 -14.25 6.73
N CYS I 533 58.43 -15.16 7.35
CA CYS I 533 58.97 -16.44 7.82
C CYS I 533 57.81 -17.40 7.96
N GLY I 534 57.81 -18.48 7.18
CA GLY I 534 56.72 -19.45 7.24
C GLY I 534 56.82 -20.46 6.11
N GLU I 535 55.67 -20.84 5.58
CA GLU I 535 55.62 -21.77 4.46
C GLU I 535 55.70 -21.08 3.11
N GLU I 536 55.80 -19.75 3.10
CA GLU I 536 56.07 -19.04 1.84
C GLU I 536 57.56 -18.88 1.59
N THR I 537 58.38 -18.97 2.64
CA THR I 537 59.83 -18.86 2.48
C THR I 537 60.54 -20.21 2.57
N MET I 538 59.95 -21.19 3.24
CA MET I 538 60.56 -22.50 3.45
C MET I 538 59.75 -23.57 2.74
N SER I 539 60.46 -24.51 2.12
CA SER I 539 59.86 -25.71 1.54
C SER I 539 60.16 -26.91 2.44
N GLU I 540 59.78 -28.09 1.97
CA GLU I 540 59.97 -29.30 2.77
C GLU I 540 61.41 -29.79 2.71
N ASP I 541 62.07 -29.64 1.56
CA ASP I 541 63.49 -29.93 1.47
C ASP I 541 64.30 -29.07 2.44
N ASP I 542 63.83 -27.85 2.71
CA ASP I 542 64.49 -27.01 3.70
C ASP I 542 64.34 -27.58 5.10
N ILE I 543 63.13 -27.96 5.49
CA ILE I 543 62.89 -28.50 6.82
C ILE I 543 63.68 -29.77 7.03
N ASP I 544 63.75 -30.64 6.01
CA ASP I 544 64.46 -31.90 6.16
C ASP I 544 65.96 -31.72 6.32
N ASN I 545 66.50 -30.56 5.97
CA ASN I 545 67.94 -30.33 6.04
C ASN I 545 68.35 -29.33 7.12
N GLY I 546 67.39 -28.78 7.87
CA GLY I 546 67.72 -27.95 9.01
C GLY I 546 67.85 -26.48 8.75
N ARG I 547 67.21 -25.95 7.72
CA ARG I 547 67.34 -24.55 7.33
C ARG I 547 66.09 -23.78 7.73
N LEU I 548 66.29 -22.64 8.39
CA LEU I 548 65.22 -21.71 8.72
C LEU I 548 65.52 -20.39 8.02
N ILE I 549 64.61 -19.96 7.15
CA ILE I 549 64.86 -18.83 6.25
C ILE I 549 63.90 -17.69 6.61
N VAL I 550 64.45 -16.49 6.76
CA VAL I 550 63.70 -15.27 7.04
C VAL I 550 64.02 -14.24 5.96
N GLU I 551 63.01 -13.60 5.41
CA GLU I 551 63.22 -12.60 4.36
C GLU I 551 62.73 -11.23 4.82
N ILE I 552 63.59 -10.23 4.70
CA ILE I 552 63.33 -8.88 5.19
C ILE I 552 63.52 -7.89 4.06
N GLY I 553 62.59 -6.95 3.94
CA GLY I 553 62.71 -5.88 2.94
C GLY I 553 62.54 -4.53 3.60
N VAL I 554 63.41 -3.59 3.21
CA VAL I 554 63.53 -2.31 3.90
C VAL I 554 63.66 -1.19 2.88
N ALA I 555 63.35 0.03 3.31
CA ALA I 555 63.42 1.22 2.45
C ALA I 555 64.12 2.37 3.18
N PRO I 556 65.41 2.58 2.91
CA PRO I 556 66.15 3.63 3.63
C PRO I 556 65.87 5.03 3.09
N VAL I 557 66.23 6.02 3.89
CA VAL I 557 66.05 7.43 3.54
C VAL I 557 67.39 7.98 3.05
N LYS I 558 67.32 8.90 2.09
CA LYS I 558 68.49 9.44 1.41
C LYS I 558 68.51 10.96 1.56
N PRO I 559 69.68 11.59 1.42
CA PRO I 559 69.78 13.03 1.66
C PRO I 559 69.27 13.86 0.51
N ALA I 560 69.07 15.15 0.80
CA ALA I 560 68.66 16.15 -0.19
C ALA I 560 69.90 16.92 -0.60
N GLU I 561 70.42 16.62 -1.78
CA GLU I 561 71.67 17.18 -2.25
C GLU I 561 71.47 18.42 -3.12
N PHE I 562 70.33 18.50 -3.81
CA PHE I 562 70.00 19.62 -4.69
C PHE I 562 68.64 20.15 -4.29
N VAL I 563 68.61 21.40 -3.84
CA VAL I 563 67.38 22.06 -3.42
C VAL I 563 66.99 23.03 -4.53
N ILE I 564 65.86 22.78 -5.18
CA ILE I 564 65.48 23.46 -6.41
C ILE I 564 64.19 24.22 -6.20
N PHE I 565 64.16 25.48 -6.65
CA PHE I 565 63.00 26.35 -6.57
C PHE I 565 62.62 26.82 -7.96
N ARG I 566 61.46 26.39 -8.44
CA ARG I 566 60.96 26.78 -9.76
C ARG I 566 59.82 27.78 -9.57
N ILE I 567 60.05 29.03 -9.94
CA ILE I 567 59.14 30.14 -9.66
C ILE I 567 58.61 30.71 -10.97
N SER I 568 57.31 30.97 -11.02
CA SER I 568 56.66 31.50 -12.21
C SER I 568 55.65 32.58 -11.81
N GLN I 569 54.99 33.16 -12.81
CA GLN I 569 54.01 34.21 -12.62
C GLN I 569 52.57 33.72 -12.76
N ASP I 570 52.36 32.44 -13.04
CA ASP I 570 51.02 31.94 -13.33
C ASP I 570 50.32 31.55 -12.04
N THR I 571 49.09 32.04 -11.87
CA THR I 571 48.23 31.72 -10.74
C THR I 571 48.90 31.99 -9.39
N SER J 2 67.89 22.49 -16.37
CA SER J 2 69.18 22.80 -15.77
C SER J 2 69.92 21.53 -15.39
N GLU J 3 71.21 21.64 -15.14
CA GLU J 3 72.04 20.51 -14.74
C GLU J 3 72.57 20.73 -13.33
N TYR J 4 72.59 19.67 -12.54
CA TYR J 4 72.94 19.73 -11.12
C TYR J 4 74.13 18.81 -10.87
N GLN J 5 75.32 19.40 -10.72
CA GLN J 5 76.54 18.64 -10.54
C GLN J 5 77.21 18.86 -9.18
N SER J 6 76.95 19.98 -8.52
CA SER J 6 77.47 20.22 -7.18
C SER J 6 76.34 20.61 -6.25
N PRO J 7 76.43 20.23 -4.97
CA PRO J 7 75.31 20.48 -4.05
C PRO J 7 75.13 21.96 -3.76
N GLY J 8 73.87 22.34 -3.53
CA GLY J 8 73.54 23.71 -3.22
C GLY J 8 72.07 23.98 -3.44
N VAL J 9 71.75 25.28 -3.48
CA VAL J 9 70.40 25.77 -3.70
C VAL J 9 70.32 26.36 -5.10
N TYR J 10 69.24 26.06 -5.81
CA TYR J 10 69.01 26.53 -7.16
C TYR J 10 67.64 27.21 -7.26
N VAL J 11 67.60 28.37 -7.90
CA VAL J 11 66.37 29.11 -8.14
C VAL J 11 66.21 29.32 -9.64
N GLU J 12 65.06 28.93 -10.18
CA GLU J 12 64.83 28.95 -11.62
C GLU J 12 63.51 29.64 -11.94
N GLU J 13 63.48 30.34 -13.08
CA GLU J 13 62.31 31.05 -13.54
C GLU J 13 61.63 30.28 -14.66
N VAL J 14 60.30 30.28 -14.63
CA VAL J 14 59.48 29.56 -15.59
C VAL J 14 58.65 30.57 -16.38
N GLN J 15 58.30 30.19 -17.61
CA GLN J 15 57.44 31.02 -18.43
C GLN J 15 55.98 30.82 -18.06
N SER J 16 55.19 31.90 -18.14
CA SER J 16 53.82 31.90 -17.69
C SER J 16 52.87 31.46 -18.82
N GLY J 17 51.58 31.49 -18.53
CA GLY J 17 50.58 30.90 -19.41
C GLY J 17 49.94 31.81 -20.44
N SER J 18 50.28 33.09 -20.46
CA SER J 18 49.76 33.98 -21.50
C SER J 18 50.63 35.23 -21.56
N LYS J 19 50.73 35.79 -22.77
CA LYS J 19 51.51 36.99 -23.01
C LYS J 19 50.64 38.03 -23.69
N SER J 20 50.71 39.25 -23.21
CA SER J 20 49.81 40.30 -23.65
C SER J 20 50.19 40.83 -25.04
N VAL J 21 49.18 41.20 -25.80
CA VAL J 21 49.33 41.88 -27.09
C VAL J 21 48.84 43.31 -26.91
N GLU J 22 49.54 44.25 -27.52
CA GLU J 22 49.21 45.66 -27.42
C GLU J 22 48.88 46.22 -28.81
N GLY J 23 47.84 47.04 -28.88
CA GLY J 23 47.45 47.64 -30.15
C GLY J 23 48.40 48.72 -30.62
N VAL J 24 48.41 48.93 -31.92
CA VAL J 24 49.34 49.86 -32.56
C VAL J 24 48.62 51.18 -32.85
N SER J 25 49.41 52.20 -33.18
CA SER J 25 48.87 53.50 -33.54
C SER J 25 48.09 53.43 -34.84
N THR J 26 47.07 54.29 -34.96
CA THR J 26 46.19 54.26 -36.12
C THR J 26 45.79 55.64 -36.67
N SER J 27 46.39 56.74 -36.22
CA SER J 27 45.94 58.06 -36.64
C SER J 27 47.08 58.97 -37.10
N THR J 28 48.16 58.39 -37.60
CA THR J 28 49.27 59.17 -38.15
C THR J 28 49.17 59.19 -39.67
N ALA J 29 49.55 60.32 -40.26
CA ALA J 29 49.45 60.54 -41.69
C ALA J 29 50.80 60.89 -42.29
N GLY J 30 50.88 60.77 -43.61
CA GLY J 30 52.09 61.14 -44.34
C GLY J 30 51.74 62.01 -45.53
N PHE J 31 52.51 63.09 -45.68
CA PHE J 31 52.28 64.05 -46.75
C PHE J 31 53.54 64.27 -47.58
N LEU J 32 53.35 64.50 -48.87
CA LEU J 32 54.44 64.77 -49.81
C LEU J 32 54.11 66.00 -50.64
N GLY J 33 55.12 66.78 -50.96
CA GLY J 33 54.91 67.99 -51.73
C GLY J 33 56.05 68.97 -51.56
N GLN J 34 55.91 70.10 -52.26
CA GLN J 34 56.98 71.10 -52.34
C GLN J 34 56.88 72.14 -51.24
N THR J 35 58.05 72.58 -50.77
CA THR J 35 58.17 73.62 -49.75
C THR J 35 59.30 74.57 -50.19
N GLU J 36 59.53 75.63 -49.41
CA GLU J 36 60.58 76.59 -49.72
C GLU J 36 61.88 76.31 -48.96
N ARG J 37 61.79 75.84 -47.72
CA ARG J 37 62.94 75.52 -46.89
C ARG J 37 62.79 74.08 -46.40
N GLY J 38 63.83 73.59 -45.72
CA GLY J 38 63.72 72.37 -44.97
C GLY J 38 64.57 71.23 -45.47
N PRO J 39 64.73 70.20 -44.65
CA PRO J 39 65.45 69.00 -45.08
C PRO J 39 64.58 68.10 -45.94
N VAL J 40 65.25 67.18 -46.63
CA VAL J 40 64.55 66.24 -47.51
C VAL J 40 64.40 64.85 -46.91
N GLU J 41 64.79 64.65 -45.65
CA GLU J 41 64.44 63.43 -44.95
C GLU J 41 63.11 63.63 -44.21
N PRO J 42 62.32 62.57 -44.05
CA PRO J 42 61.01 62.74 -43.42
C PRO J 42 61.12 63.13 -41.96
N ARG J 43 60.28 64.08 -41.55
CA ARG J 43 60.32 64.58 -40.19
C ARG J 43 58.92 64.61 -39.59
N LEU J 44 58.84 64.38 -38.28
CA LEU J 44 57.58 64.34 -37.57
C LEU J 44 57.17 65.73 -37.10
N VAL J 45 55.91 66.08 -37.31
CA VAL J 45 55.34 67.35 -36.93
C VAL J 45 54.06 67.07 -36.14
N THR J 46 53.84 67.82 -35.06
CA THR J 46 52.69 67.61 -34.20
C THR J 46 51.82 68.85 -34.08
N ASN J 47 52.07 69.88 -34.87
CA ASN J 47 51.42 71.16 -34.71
C ASN J 47 51.78 72.03 -35.92
N TYR J 48 50.91 72.99 -36.23
CA TYR J 48 51.12 73.77 -37.45
C TYR J 48 52.24 74.80 -37.29
N ALA J 49 52.46 75.30 -36.07
CA ALA J 49 53.56 76.22 -35.85
C ALA J 49 54.91 75.53 -36.05
N ASP J 50 55.01 74.26 -35.66
CA ASP J 50 56.20 73.47 -35.98
C ASP J 50 56.44 73.43 -37.49
N PHE J 51 55.37 73.23 -38.26
CA PHE J 51 55.49 73.18 -39.71
C PHE J 51 56.00 74.49 -40.27
N GLU J 52 55.40 75.61 -39.87
CA GLU J 52 55.87 76.90 -40.37
C GLU J 52 57.31 77.18 -39.92
N ARG J 53 57.70 76.71 -38.74
CA ARG J 53 59.05 76.97 -38.27
C ARG J 53 60.10 76.15 -39.00
N LEU J 54 59.81 74.90 -39.33
CA LEU J 54 60.79 74.03 -39.96
C LEU J 54 60.83 74.14 -41.47
N TYR J 55 59.70 74.46 -42.11
CA TYR J 55 59.58 74.38 -43.55
C TYR J 55 59.24 75.71 -44.22
N GLY J 56 58.30 76.47 -43.67
CA GLY J 56 57.91 77.73 -44.27
C GLY J 56 56.64 77.65 -45.08
N ALA J 57 56.62 78.30 -46.24
CA ALA J 57 55.47 78.32 -47.13
C ALA J 57 55.73 77.51 -48.38
N SER J 58 54.67 77.31 -49.17
CA SER J 58 54.77 76.58 -50.43
C SER J 58 54.89 77.55 -51.60
N PRO J 59 55.55 77.14 -52.67
CA PRO J 59 55.55 77.96 -53.90
C PRO J 59 54.18 77.99 -54.54
N LYS J 60 54.09 78.70 -55.67
CA LYS J 60 52.81 78.86 -56.35
C LYS J 60 52.38 77.61 -57.08
N SER J 61 53.26 76.62 -57.22
CA SER J 61 52.95 75.39 -57.95
C SER J 61 52.62 74.24 -57.01
N SER J 62 52.35 74.51 -55.74
CA SER J 62 52.07 73.46 -54.77
C SER J 62 51.03 73.95 -53.77
N ASP J 63 50.35 73.01 -53.14
CA ASP J 63 49.32 73.33 -52.16
C ASP J 63 49.47 72.47 -50.91
N LEU J 64 50.71 72.34 -50.44
CA LEU J 64 51.00 71.54 -49.25
C LEU J 64 50.61 72.28 -47.97
N ASP J 65 50.99 73.55 -47.89
CA ASP J 65 50.68 74.37 -46.72
C ASP J 65 49.19 74.37 -46.40
N ALA J 66 48.36 74.48 -47.43
CA ALA J 66 46.92 74.48 -47.28
C ALA J 66 46.41 73.14 -46.78
N ALA J 67 47.00 72.05 -47.26
CA ALA J 67 46.57 70.72 -46.87
C ALA J 67 46.94 70.42 -45.42
N VAL J 68 48.13 70.83 -44.99
CA VAL J 68 48.54 70.60 -43.60
C VAL J 68 47.69 71.46 -42.66
N ASP J 69 47.39 72.69 -43.07
CA ASP J 69 46.50 73.54 -42.28
C ASP J 69 45.11 72.91 -42.15
N GLY J 70 44.56 72.39 -43.25
CA GLY J 70 43.28 71.72 -43.16
C GLY J 70 43.33 70.46 -42.33
N PHE J 71 44.46 69.76 -42.32
CA PHE J 71 44.61 68.58 -41.48
C PHE J 71 44.52 68.95 -40.01
N PHE J 72 45.26 69.98 -39.60
CA PHE J 72 45.28 70.32 -38.17
C PHE J 72 44.04 71.09 -37.72
N LYS J 73 43.33 71.77 -38.63
CA LYS J 73 42.09 72.44 -38.24
C LYS J 73 40.96 71.46 -37.97
N ASN J 74 41.08 70.22 -38.42
CA ASN J 74 40.00 69.24 -38.32
C ASN J 74 40.22 68.21 -37.23
N GLY J 75 41.25 68.38 -36.40
CA GLY J 75 41.50 67.48 -35.30
C GLY J 75 42.58 66.44 -35.51
N GLY J 76 43.48 66.65 -36.46
CA GLY J 76 44.58 65.71 -36.65
C GLY J 76 45.65 65.87 -35.59
N SER J 77 46.39 64.79 -35.36
CA SER J 77 47.36 64.71 -34.27
C SER J 77 48.81 64.76 -34.74
N ARG J 78 49.20 63.96 -35.73
CA ARG J 78 50.61 63.81 -36.08
C ARG J 78 50.76 63.66 -37.59
N CYS J 79 51.72 64.38 -38.15
CA CYS J 79 52.08 64.30 -39.55
C CYS J 79 53.53 63.85 -39.69
N PHE J 80 53.81 63.14 -40.77
CA PHE J 80 55.17 62.93 -41.26
C PHE J 80 55.29 63.67 -42.58
N ILE J 81 56.20 64.63 -42.64
CA ILE J 81 56.38 65.47 -43.80
C ILE J 81 57.62 64.99 -44.56
N GLY J 82 57.48 64.84 -45.87
CA GLY J 82 58.58 64.57 -46.77
C GLY J 82 58.65 65.61 -47.87
N ARG J 83 59.75 66.35 -47.94
CA ARG J 83 59.91 67.46 -48.88
C ARG J 83 60.45 66.95 -50.20
N VAL J 84 59.75 67.26 -51.29
CA VAL J 84 60.17 66.92 -52.64
C VAL J 84 60.75 68.16 -53.28
N SER J 85 61.93 68.04 -53.89
CA SER J 85 62.64 69.18 -54.43
C SER J 85 63.15 68.88 -55.82
N GLY J 86 63.07 69.87 -56.71
CA GLY J 86 63.58 69.76 -58.06
C GLY J 86 65.08 70.00 -58.19
N ALA J 87 65.73 70.43 -57.13
CA ALA J 87 67.17 70.68 -57.15
C ALA J 87 67.94 69.46 -56.66
N ASP J 88 69.19 69.36 -57.09
CA ASP J 88 70.06 68.28 -56.63
C ASP J 88 70.25 68.36 -55.12
N ILE J 89 70.37 67.18 -54.50
CA ILE J 89 70.45 67.10 -53.04
C ILE J 89 71.70 67.78 -52.49
N ASP J 90 72.76 67.89 -53.29
CA ASP J 90 74.00 68.49 -52.84
C ASP J 90 74.19 69.92 -53.30
N ASP J 91 73.15 70.53 -53.89
CA ASP J 91 73.18 71.94 -54.26
C ASP J 91 72.79 72.78 -53.03
N VAL J 92 73.75 72.87 -52.11
CA VAL J 92 73.55 73.48 -50.79
C VAL J 92 74.54 74.61 -50.63
N ALA J 93 74.11 75.69 -49.97
CA ALA J 93 74.98 76.80 -49.66
C ALA J 93 75.86 76.50 -48.46
N THR J 94 77.11 76.96 -48.52
CA THR J 94 78.12 76.66 -47.52
C THR J 94 78.83 77.93 -47.08
N GLY J 95 79.73 77.77 -46.10
CA GLY J 95 80.48 78.89 -45.55
C GLY J 95 81.61 78.38 -44.70
N ILE J 96 82.41 79.33 -44.19
CA ILE J 96 83.65 79.02 -43.46
C ILE J 96 83.81 80.00 -42.32
N LEU J 97 84.28 79.52 -41.17
CA LEU J 97 84.65 80.36 -40.05
C LEU J 97 86.16 80.33 -39.85
N ALA J 98 86.76 81.49 -39.58
CA ALA J 98 88.20 81.65 -39.52
C ALA J 98 88.63 82.09 -38.13
N ASP J 99 89.89 81.82 -37.81
CA ASP J 99 90.47 82.08 -36.50
C ASP J 99 91.24 83.41 -36.49
N ASP J 100 92.03 83.59 -35.42
CA ASP J 100 92.73 84.86 -35.18
C ASP J 100 93.67 85.24 -36.33
N GLU J 101 94.48 84.31 -36.82
CA GLU J 101 95.44 84.60 -37.88
C GLU J 101 95.05 83.97 -39.21
N GLY J 102 93.80 83.56 -39.39
CA GLY J 102 93.33 83.14 -40.69
C GLY J 102 93.43 81.66 -40.97
N ASN J 103 92.91 80.84 -40.07
CA ASN J 103 92.80 79.40 -40.28
C ASN J 103 91.33 79.01 -40.24
N GLU J 104 90.89 78.22 -41.21
CA GLU J 104 89.51 77.75 -41.19
C GLU J 104 89.33 76.70 -40.10
N ILE J 105 88.47 77.02 -39.13
CA ILE J 105 88.28 76.18 -37.97
C ILE J 105 86.96 75.42 -37.98
N ALA J 106 85.96 75.91 -38.71
CA ALA J 106 84.66 75.26 -38.77
C ALA J 106 84.09 75.41 -40.17
N GLU J 107 83.04 74.64 -40.46
CA GLU J 107 82.38 74.69 -41.74
C GLU J 107 80.87 74.69 -41.53
N VAL J 108 80.20 75.68 -42.12
CA VAL J 108 78.77 75.92 -41.94
C VAL J 108 78.06 75.53 -43.22
N GLU J 109 76.89 74.89 -43.08
CA GLU J 109 76.17 74.38 -44.25
C GLU J 109 74.67 74.51 -44.01
N ALA J 110 73.95 74.91 -45.05
CA ALA J 110 72.50 75.07 -44.93
C ALA J 110 71.82 73.74 -44.68
N ASN J 111 70.64 73.82 -44.08
CA ASN J 111 69.86 72.63 -43.71
C ASN J 111 68.85 72.28 -44.81
N GLY J 112 69.38 71.99 -45.99
CA GLY J 112 68.56 71.66 -47.13
C GLY J 112 69.00 72.37 -48.40
N PRO J 113 68.68 71.79 -49.55
CA PRO J 113 69.12 72.38 -50.82
C PRO J 113 68.16 73.44 -51.32
N GLY J 114 68.69 74.35 -52.13
CA GLY J 114 67.91 75.40 -52.74
C GLY J 114 68.57 76.76 -52.57
N GLN J 115 67.98 77.74 -53.25
CA GLN J 115 68.49 79.10 -53.26
C GLN J 115 68.24 79.83 -51.94
N TRP J 116 67.30 79.35 -51.12
CA TRP J 116 67.00 80.02 -49.85
C TRP J 116 68.23 80.15 -48.98
N GLY J 117 69.14 79.17 -49.02
CA GLY J 117 70.34 79.23 -48.21
C GLY J 117 71.23 80.41 -48.50
N GLU J 118 71.05 81.08 -49.64
CA GLU J 118 71.81 82.29 -49.93
C GLU J 118 71.39 83.47 -49.07
N SER J 119 70.30 83.35 -48.31
CA SER J 119 69.77 84.43 -47.50
C SER J 119 69.94 84.20 -46.01
N VAL J 120 70.88 83.35 -45.62
CA VAL J 120 71.16 83.05 -44.22
C VAL J 120 72.44 83.77 -43.82
N ALA J 121 72.39 84.50 -42.70
CA ALA J 121 73.55 85.22 -42.19
C ALA J 121 73.95 84.65 -40.83
N VAL J 122 75.25 84.47 -40.64
CA VAL J 122 75.81 83.98 -39.39
C VAL J 122 76.67 85.10 -38.78
N ILE J 123 76.46 85.37 -37.50
CA ILE J 123 77.12 86.48 -36.80
C ILE J 123 77.78 85.93 -35.54
N VAL J 124 79.08 86.22 -35.39
CA VAL J 124 79.85 85.80 -34.23
C VAL J 124 80.23 87.03 -33.43
N GLU J 125 80.02 86.97 -32.11
CA GLU J 125 80.44 88.05 -31.23
C GLU J 125 81.07 87.46 -29.97
N ASP J 126 81.71 88.31 -29.18
CA ASP J 126 82.44 87.87 -28.00
C ASP J 126 81.62 88.08 -26.73
N SER J 127 81.81 87.18 -25.77
CA SER J 127 81.04 87.15 -24.54
C SER J 127 81.81 87.82 -23.40
N GLN J 128 81.07 88.20 -22.36
CA GLN J 128 81.62 88.87 -21.20
C GLN J 128 82.45 87.93 -20.32
N TYR J 129 82.34 86.64 -20.50
CA TYR J 129 83.10 85.70 -19.70
C TYR J 129 84.32 85.20 -20.48
N PRO J 130 85.42 84.94 -19.78
CA PRO J 130 86.64 84.49 -20.47
C PRO J 130 86.42 83.19 -21.21
N ASN J 131 86.95 83.12 -22.43
CA ASN J 131 86.95 81.92 -23.27
C ASN J 131 85.54 81.54 -23.73
N GLN J 132 84.68 82.52 -24.00
CA GLN J 132 83.31 82.25 -24.41
C GLN J 132 82.89 83.26 -25.47
N PHE J 133 81.93 82.86 -26.31
CA PHE J 133 81.46 83.70 -27.39
C PHE J 133 80.02 83.37 -27.71
N ASP J 134 79.36 84.28 -28.43
CA ASP J 134 77.96 84.16 -28.81
C ASP J 134 77.85 83.99 -30.33
N ILE J 135 76.82 83.25 -30.76
CA ILE J 135 76.56 83.03 -32.18
C ILE J 135 75.08 83.30 -32.46
N THR J 136 74.81 83.95 -33.60
CA THR J 136 73.45 84.27 -34.03
C THR J 136 73.27 83.88 -35.48
N VAL J 137 72.09 83.36 -35.82
CA VAL J 137 71.74 82.99 -37.18
C VAL J 137 70.44 83.68 -37.56
N ARG J 138 70.43 84.35 -38.72
CA ARG J 138 69.29 85.14 -39.17
C ARG J 138 68.91 84.74 -40.59
N TYR J 139 67.60 84.79 -40.86
CA TYR J 139 67.09 84.45 -42.19
C TYR J 139 65.95 85.39 -42.59
N TRP J 140 66.05 85.95 -43.79
CA TRP J 140 65.04 86.83 -44.38
C TRP J 140 64.38 86.12 -45.57
N SER J 141 63.05 86.19 -45.65
CA SER J 141 62.31 85.53 -46.71
C SER J 141 62.21 86.35 -47.99
N GLY J 142 62.39 87.67 -47.90
CA GLY J 142 62.21 88.54 -49.05
C GLY J 142 63.52 88.94 -49.70
N ASP J 143 63.55 90.16 -50.20
CA ASP J 143 64.69 90.67 -50.95
C ASP J 143 65.86 90.98 -50.03
N LEU J 144 67.07 90.70 -50.52
CA LEU J 144 68.27 91.07 -49.77
C LEU J 144 68.72 92.49 -50.08
N GLU J 145 68.36 93.00 -51.26
CA GLU J 145 68.75 94.35 -51.66
C GLU J 145 68.19 95.42 -50.74
N ALA J 146 67.12 95.12 -50.00
CA ALA J 146 66.47 96.10 -49.15
C ALA J 146 66.86 96.00 -47.69
N VAL J 147 67.71 95.04 -47.33
CA VAL J 147 68.14 94.85 -45.95
C VAL J 147 69.22 95.87 -45.64
N SER J 148 68.94 96.80 -44.74
CA SER J 148 69.86 97.90 -44.47
C SER J 148 70.97 97.50 -43.51
N LYS J 149 70.60 97.10 -42.29
CA LYS J 149 71.55 96.76 -41.23
C LYS J 149 71.36 95.31 -40.83
N PRO J 150 71.91 94.37 -41.60
CA PRO J 150 71.77 92.96 -41.23
C PRO J 150 72.53 92.59 -39.96
N HIS J 151 73.52 93.39 -39.56
CA HIS J 151 74.34 93.10 -38.40
C HIS J 151 73.89 93.82 -37.14
N GLY J 152 73.14 94.91 -37.27
CA GLY J 152 72.71 95.68 -36.12
C GLY J 152 71.67 94.95 -35.28
N ASP J 153 71.33 95.58 -34.16
CA ASP J 153 70.33 95.02 -33.25
C ASP J 153 68.92 95.06 -33.81
N ARG J 154 68.68 95.88 -34.84
CA ARG J 154 67.36 95.98 -35.47
C ARG J 154 67.53 96.20 -36.96
N PRO J 155 67.51 95.13 -37.75
CA PRO J 155 67.61 95.28 -39.21
C PRO J 155 66.38 95.99 -39.78
N ASP J 156 66.52 96.50 -40.99
CA ASP J 156 65.46 97.32 -41.58
C ASP J 156 64.15 96.55 -41.75
N PRO J 157 64.10 95.42 -42.47
CA PRO J 157 62.97 94.50 -42.29
C PRO J 157 63.33 93.44 -41.25
N SER J 158 62.44 93.26 -40.28
CA SER J 158 62.70 92.30 -39.23
C SER J 158 62.87 90.90 -39.84
N PRO J 159 63.90 90.15 -39.45
CA PRO J 159 64.15 88.86 -40.09
C PRO J 159 63.03 87.86 -39.84
N ASP J 160 62.91 86.92 -40.77
CA ASP J 160 61.85 85.92 -40.67
C ASP J 160 62.17 84.85 -39.64
N VAL J 161 63.45 84.46 -39.52
CA VAL J 161 63.87 83.48 -38.53
C VAL J 161 65.09 84.00 -37.79
N GLU J 162 65.15 83.73 -36.48
CA GLU J 162 66.15 84.25 -35.56
C GLU J 162 66.56 83.14 -34.61
N GLU J 163 67.86 82.95 -34.42
CA GLU J 163 68.35 81.97 -33.44
C GLU J 163 69.60 82.51 -32.76
N VAL J 164 69.66 82.35 -31.43
CA VAL J 164 70.76 82.89 -30.62
C VAL J 164 71.28 81.79 -29.71
N TYR J 165 72.61 81.67 -29.60
CA TYR J 165 73.26 80.72 -28.72
C TYR J 165 74.38 81.43 -27.97
N ASP J 166 74.32 81.41 -26.64
CA ASP J 166 75.10 82.31 -25.80
C ASP J 166 76.34 81.68 -25.20
N GLY J 167 76.22 80.60 -24.44
CA GLY J 167 77.37 80.11 -23.70
C GLY J 167 78.21 79.09 -24.44
N LEU J 168 78.92 79.51 -25.47
CA LEU J 168 79.67 78.58 -26.31
C LEU J 168 81.15 78.57 -25.96
N SER J 169 81.80 77.45 -26.25
CA SER J 169 83.22 77.26 -25.99
C SER J 169 83.84 76.49 -27.14
N ALA J 170 85.18 76.48 -27.16
CA ALA J 170 85.94 75.75 -28.16
C ALA J 170 86.61 74.51 -27.60
N ASP J 171 86.18 74.02 -26.43
CA ASP J 171 86.74 72.82 -25.84
C ASP J 171 85.91 71.60 -26.26
N PRO J 172 86.48 70.65 -27.00
CA PRO J 172 85.66 69.54 -27.51
C PRO J 172 85.13 68.61 -26.44
N GLU J 173 85.72 68.58 -25.26
CA GLU J 173 85.27 67.68 -24.20
C GLU J 173 84.26 68.32 -23.27
N ALA J 174 83.96 69.61 -23.44
CA ALA J 174 82.97 70.29 -22.64
C ALA J 174 81.57 70.04 -23.21
N SER J 175 80.56 70.37 -22.40
CA SER J 175 79.18 70.23 -22.85
C SER J 175 78.65 71.48 -23.52
N ASN J 176 79.39 72.59 -23.46
CA ASN J 176 79.03 73.80 -24.18
C ASN J 176 79.91 74.01 -25.42
N PHE J 177 80.48 72.94 -25.94
CA PHE J 177 81.17 73.00 -27.24
C PHE J 177 80.15 73.34 -28.33
N TYR J 178 80.54 74.23 -29.24
CA TYR J 178 79.56 74.80 -30.16
C TYR J 178 79.00 73.76 -31.12
N GLU J 179 79.78 72.73 -31.44
CA GLU J 179 79.29 71.66 -32.30
C GLU J 179 78.11 70.94 -31.68
N LYS J 180 78.11 70.78 -30.35
CA LYS J 180 77.01 70.09 -29.68
C LYS J 180 75.82 71.02 -29.43
N GLN J 181 76.06 72.31 -29.29
CA GLN J 181 74.97 73.23 -28.98
C GLN J 181 74.21 73.64 -30.22
N LEU J 182 74.91 73.87 -31.33
CA LEU J 182 74.25 74.25 -32.57
C LEU J 182 73.61 73.07 -33.29
N GLU J 183 73.53 71.91 -32.67
CA GLU J 183 73.01 70.74 -33.36
C GLU J 183 71.49 70.80 -33.48
N SER J 184 70.83 71.46 -32.54
CA SER J 184 69.39 71.67 -32.60
C SER J 184 69.14 73.05 -33.20
N SER J 185 69.16 73.12 -34.52
CA SER J 185 68.96 74.34 -35.26
C SER J 185 68.24 74.01 -36.56
N VAL J 186 67.21 74.78 -36.88
CA VAL J 186 66.43 74.50 -38.09
C VAL J 186 67.02 75.14 -39.34
N LEU J 187 68.15 75.83 -39.24
CA LEU J 187 68.69 76.58 -40.37
C LEU J 187 70.03 76.05 -40.87
N VAL J 188 70.98 75.76 -40.00
CA VAL J 188 72.35 75.49 -40.40
C VAL J 188 72.86 74.22 -39.71
N ASP J 189 74.05 73.81 -40.11
CA ASP J 189 74.80 72.69 -39.56
C ASP J 189 76.26 73.09 -39.47
N ILE J 190 76.93 72.68 -38.40
CA ILE J 190 78.32 73.03 -38.15
C ILE J 190 79.15 71.76 -38.11
N GLU J 191 80.37 71.84 -38.68
CA GLU J 191 81.30 70.72 -38.59
C GLU J 191 82.68 71.26 -38.19
N TYR J 192 83.34 70.54 -37.29
CA TYR J 192 84.60 71.00 -36.70
C TYR J 192 85.77 70.59 -37.58
N LYS J 193 86.72 71.52 -37.77
CA LYS J 193 87.90 71.26 -38.57
C LYS J 193 89.21 71.37 -37.80
N ASP J 194 89.44 72.48 -37.11
CA ASP J 194 90.76 72.75 -36.52
C ASP J 194 90.57 73.48 -35.19
N ASP J 195 91.67 73.62 -34.46
CA ASP J 195 91.65 74.23 -33.14
C ASP J 195 91.69 75.74 -33.26
N GLY J 196 90.83 76.42 -32.50
CA GLY J 196 90.81 77.86 -32.50
C GLY J 196 89.46 78.37 -32.05
N THR J 197 89.32 79.69 -32.12
CA THR J 197 88.08 80.38 -31.80
C THR J 197 87.82 81.45 -32.86
N PRO J 198 86.57 81.61 -33.31
CA PRO J 198 86.33 82.49 -34.46
C PRO J 198 86.37 83.96 -34.08
N VAL J 199 86.64 84.79 -35.08
CA VAL J 199 86.66 86.24 -34.92
C VAL J 199 85.25 86.78 -35.17
N ASP J 200 84.99 87.97 -34.61
CA ASP J 200 83.66 88.55 -34.68
C ASP J 200 83.33 88.99 -36.10
N GLY J 201 82.03 89.11 -36.39
CA GLY J 201 81.59 89.65 -37.65
C GLY J 201 80.44 88.83 -38.23
N LEU J 202 80.04 89.21 -39.44
CA LEU J 202 78.92 88.63 -40.15
C LEU J 202 79.42 87.95 -41.41
N THR J 203 78.68 86.92 -41.85
CA THR J 203 79.03 86.22 -43.07
C THR J 203 77.79 85.56 -43.68
N TRP J 204 77.73 85.58 -45.02
CA TRP J 204 76.65 84.98 -45.78
C TRP J 204 77.12 83.66 -46.40
N LEU J 205 76.16 82.77 -46.66
CA LEU J 205 76.46 81.49 -47.30
C LEU J 205 76.33 81.64 -48.81
N HIS J 206 77.34 81.19 -49.55
CA HIS J 206 77.47 81.45 -50.98
C HIS J 206 77.50 80.15 -51.77
N ARG J 207 77.58 80.31 -53.09
CA ARG J 207 77.78 79.24 -54.07
C ARG J 207 76.75 78.12 -53.89
N ASP J 208 75.51 78.47 -54.17
CA ASP J 208 74.44 77.48 -54.23
C ASP J 208 74.58 76.61 -55.47
N VAL J 292 59.50 69.66 -60.80
CA VAL J 292 59.68 68.32 -60.27
C VAL J 292 59.01 67.29 -61.18
N THR J 293 59.48 66.06 -61.10
CA THR J 293 59.01 64.96 -61.93
C THR J 293 58.52 63.82 -61.06
N LEU J 294 58.18 62.69 -61.70
CA LEU J 294 57.78 61.50 -60.96
C LEU J 294 58.95 60.84 -60.25
N LYS J 295 60.15 60.94 -60.82
CA LYS J 295 61.33 60.35 -60.21
C LYS J 295 61.77 61.07 -58.95
N ASP J 296 61.36 62.32 -58.75
CA ASP J 296 61.60 63.01 -57.49
C ASP J 296 60.61 62.61 -56.41
N TYR J 297 59.37 62.32 -56.80
CA TYR J 297 58.39 61.79 -55.86
C TYR J 297 58.70 60.35 -55.47
N GLU J 298 59.35 59.59 -56.36
CA GLU J 298 59.79 58.25 -55.99
C GLU J 298 60.89 58.30 -54.93
N GLY J 299 61.82 59.22 -55.07
CA GLY J 299 62.84 59.45 -54.06
C GLY J 299 64.13 58.70 -54.33
N VAL J 300 65.15 59.08 -53.55
CA VAL J 300 66.48 58.49 -53.62
C VAL J 300 66.53 57.31 -52.66
N ASN J 301 67.19 56.24 -53.08
CA ASN J 301 67.40 55.05 -52.24
C ASN J 301 68.88 54.69 -52.32
N LYS J 302 69.66 55.24 -51.40
CA LYS J 302 71.07 54.97 -51.25
C LYS J 302 71.34 54.46 -49.85
N PRO J 303 72.50 53.83 -49.61
CA PRO J 303 72.76 53.24 -48.28
C PRO J 303 72.57 54.19 -47.11
N GLY J 304 72.85 55.48 -47.28
CA GLY J 304 72.71 56.41 -46.17
C GLY J 304 71.88 57.64 -46.48
N LEU J 305 70.86 57.50 -47.33
CA LEU J 305 70.03 58.63 -47.70
C LEU J 305 68.75 58.12 -48.36
N ARG J 306 67.60 58.53 -47.84
CA ARG J 306 66.31 58.14 -48.37
C ARG J 306 65.38 59.34 -48.41
N THR J 307 64.77 59.59 -49.55
CA THR J 307 63.79 60.66 -49.73
C THR J 307 62.57 60.10 -50.43
N GLY J 308 61.50 60.90 -50.48
CA GLY J 308 60.32 60.50 -51.22
C GLY J 308 59.55 59.38 -50.55
N LEU J 309 59.11 58.41 -51.34
CA LEU J 309 58.43 57.24 -50.81
C LEU J 309 59.39 56.22 -50.23
N ALA J 310 60.61 56.15 -50.78
CA ALA J 310 61.64 55.28 -50.21
C ALA J 310 61.95 55.64 -48.77
N GLY J 311 61.85 56.92 -48.42
CA GLY J 311 62.02 57.32 -47.04
C GLY J 311 60.83 56.94 -46.17
N PHE J 312 59.63 57.02 -46.73
CA PHE J 312 58.43 56.67 -45.96
C PHE J 312 58.35 55.17 -45.67
N LYS J 313 58.86 54.33 -46.57
CA LYS J 313 58.68 52.90 -46.36
C LYS J 313 59.61 52.33 -45.30
N ALA J 314 60.41 53.16 -44.63
CA ALA J 314 61.20 52.76 -43.48
C ALA J 314 60.65 53.33 -42.17
N ILE J 315 59.44 53.88 -42.18
CA ILE J 315 58.74 54.37 -41.00
C ILE J 315 57.50 53.51 -40.81
N ASP J 316 57.34 52.93 -39.62
CA ASP J 316 56.25 52.01 -39.35
C ASP J 316 55.11 52.62 -38.57
N GLU J 317 55.09 53.95 -38.41
CA GLU J 317 53.98 54.61 -37.74
C GLU J 317 52.90 55.10 -38.70
N ILE J 318 53.27 55.34 -39.97
CA ILE J 318 52.34 55.91 -40.94
C ILE J 318 51.24 54.91 -41.24
N SER J 319 50.00 55.40 -41.26
CA SER J 319 48.85 54.57 -41.56
C SER J 319 48.01 55.06 -42.72
N MET J 320 48.27 56.26 -43.23
CA MET J 320 47.61 56.76 -44.43
C MET J 320 48.51 57.79 -45.11
N VAL J 321 48.51 57.76 -46.44
CA VAL J 321 49.41 58.57 -47.26
C VAL J 321 48.58 59.43 -48.19
N CYS J 322 49.01 60.68 -48.40
CA CYS J 322 48.35 61.55 -49.36
C CYS J 322 49.37 62.44 -50.06
N ALA J 323 49.12 62.69 -51.34
CA ALA J 323 49.91 63.64 -52.12
C ALA J 323 48.95 64.66 -52.72
N PRO J 324 48.93 65.90 -52.25
CA PRO J 324 47.95 66.88 -52.74
C PRO J 324 48.03 67.16 -54.24
N ASP J 325 49.21 67.15 -54.83
CA ASP J 325 49.39 67.49 -56.24
C ASP J 325 49.50 66.26 -57.12
N GLU J 326 48.77 65.19 -56.80
CA GLU J 326 48.91 63.93 -57.51
C GLU J 326 48.35 63.99 -58.93
N ASN J 327 47.57 65.00 -59.27
CA ASN J 327 46.96 65.10 -60.59
C ASN J 327 47.77 65.95 -61.55
N ASP J 328 48.80 66.64 -61.08
CA ASP J 328 49.69 67.38 -61.94
C ASP J 328 50.87 66.55 -62.44
N ILE J 329 51.17 65.44 -61.78
CA ILE J 329 52.29 64.57 -62.13
C ILE J 329 51.71 63.24 -62.59
N ASP J 330 51.84 62.94 -63.88
CA ASP J 330 51.27 61.72 -64.43
C ASP J 330 52.06 60.50 -63.96
N GLY J 331 51.35 59.47 -63.53
CA GLY J 331 51.97 58.26 -63.05
C GLY J 331 52.24 58.21 -61.56
N LEU J 332 51.65 59.12 -60.78
CA LEU J 332 51.87 59.14 -59.34
C LEU J 332 50.78 58.41 -58.56
N THR J 333 49.55 58.41 -59.07
CA THR J 333 48.46 57.67 -58.42
C THR J 333 48.78 56.19 -58.34
N ASP J 334 49.24 55.61 -59.45
CA ASP J 334 49.58 54.20 -59.47
C ASP J 334 50.75 53.90 -58.54
N SER J 335 51.74 54.79 -58.49
CA SER J 335 52.87 54.60 -57.59
C SER J 335 52.43 54.60 -56.13
N ILE J 336 51.52 55.50 -55.77
CA ILE J 336 51.03 55.56 -54.39
C ILE J 336 50.25 54.31 -54.04
N VAL J 337 49.35 53.88 -54.93
CA VAL J 337 48.56 52.69 -54.65
C VAL J 337 49.46 51.45 -54.56
N ALA J 338 50.49 51.39 -55.41
CA ALA J 338 51.40 50.25 -55.36
C ALA J 338 52.24 50.26 -54.08
N HIS J 339 52.67 51.44 -53.63
CA HIS J 339 53.37 51.55 -52.35
C HIS J 339 52.51 51.02 -51.22
N CYS J 340 51.24 51.43 -51.17
CA CYS J 340 50.37 50.99 -50.08
C CYS J 340 50.06 49.50 -50.18
N GLU J 341 49.94 48.95 -51.39
CA GLU J 341 49.65 47.53 -51.52
C GLU J 341 50.87 46.66 -51.23
N ASN J 342 52.08 47.17 -51.51
CA ASN J 342 53.28 46.40 -51.27
C ASN J 342 53.71 46.44 -49.82
N MET J 343 53.46 47.55 -49.11
CA MET J 343 53.72 47.53 -47.68
C MET J 343 52.69 46.70 -46.96
N GLY J 344 51.42 46.82 -47.35
CA GLY J 344 50.35 46.04 -46.76
C GLY J 344 49.85 46.54 -45.42
N ASP J 345 50.22 47.75 -45.02
CA ASP J 345 49.82 48.26 -43.70
C ASP J 345 49.43 49.73 -43.72
N ARG J 346 49.04 50.28 -44.88
CA ARG J 346 48.64 51.67 -44.94
C ARG J 346 47.54 51.82 -45.99
N PHE J 347 46.94 53.00 -46.00
CA PHE J 347 45.76 53.29 -46.79
C PHE J 347 46.00 54.56 -47.61
N ALA J 348 45.43 54.61 -48.81
CA ALA J 348 45.65 55.72 -49.73
C ALA J 348 44.38 56.54 -49.92
N ILE J 349 44.52 57.86 -49.86
CA ILE J 349 43.43 58.81 -50.03
C ILE J 349 43.66 59.54 -51.34
N LEU J 350 42.64 59.55 -52.20
CA LEU J 350 42.75 60.13 -53.53
C LEU J 350 41.62 61.12 -53.76
N GLN J 351 41.92 62.18 -54.51
CA GLN J 351 40.95 63.20 -54.86
C GLN J 351 40.82 63.29 -56.37
N SER J 352 39.65 63.73 -56.81
CA SER J 352 39.34 63.82 -58.23
C SER J 352 40.10 64.98 -58.87
N PRO J 353 40.08 65.09 -60.20
CA PRO J 353 40.62 66.29 -60.84
C PRO J 353 39.69 67.48 -60.66
N GLN J 354 40.20 68.65 -61.01
CA GLN J 354 39.36 69.85 -60.95
C GLN J 354 38.29 69.84 -62.03
N ASN J 355 38.55 69.16 -63.15
CA ASN J 355 37.58 68.99 -64.22
C ASN J 355 37.52 67.52 -64.60
N PRO J 356 36.65 66.74 -63.96
CA PRO J 356 36.61 65.30 -64.22
C PRO J 356 35.68 64.89 -65.37
N GLY J 357 34.98 65.83 -65.99
CA GLY J 357 34.16 65.52 -67.14
C GLY J 357 32.69 65.42 -66.82
N PRO J 358 31.91 64.81 -67.71
CA PRO J 358 30.48 64.62 -67.45
C PRO J 358 30.24 63.56 -66.38
N VAL J 359 29.11 63.70 -65.69
CA VAL J 359 28.81 62.84 -64.56
C VAL J 359 28.59 61.40 -65.00
N SER J 360 27.93 61.20 -66.13
CA SER J 360 27.60 59.87 -66.60
C SER J 360 28.81 59.08 -67.09
N GLU J 361 30.00 59.67 -67.07
CA GLU J 361 31.20 59.01 -67.60
C GLU J 361 32.31 58.88 -66.58
N MET J 362 32.09 59.24 -65.33
CA MET J 362 33.15 59.22 -64.33
C MET J 362 33.43 57.80 -63.88
N GLU J 363 34.71 57.53 -63.58
CA GLU J 363 35.15 56.25 -63.08
C GLU J 363 36.25 56.48 -62.06
N THR J 364 36.57 55.44 -61.32
CA THR J 364 37.71 55.60 -60.43
C THR J 364 39.00 55.25 -61.15
N PRO J 365 40.12 55.86 -60.77
CA PRO J 365 41.37 55.57 -61.48
C PRO J 365 41.87 54.14 -61.27
N VAL J 366 41.81 53.64 -60.05
CA VAL J 366 42.29 52.29 -59.75
C VAL J 366 41.15 51.44 -59.23
N ASP J 367 41.40 50.14 -59.04
CA ASP J 367 40.42 49.19 -58.54
C ASP J 367 40.98 48.45 -57.33
N SER J 368 41.61 49.20 -56.43
CA SER J 368 42.29 48.65 -55.28
C SER J 368 41.39 48.66 -54.05
N SER J 369 41.64 47.72 -53.15
CA SER J 369 41.02 47.73 -51.83
C SER J 369 41.78 48.59 -50.84
N TYR J 370 42.89 49.21 -51.25
CA TYR J 370 43.74 49.99 -50.36
C TYR J 370 43.63 51.49 -50.61
N ALA J 371 42.53 51.94 -51.21
CA ALA J 371 42.40 53.33 -51.59
C ALA J 371 40.95 53.78 -51.48
N ALA J 372 40.75 55.09 -51.33
CA ALA J 372 39.44 55.71 -51.33
C ALA J 372 39.50 57.00 -52.12
N TYR J 373 38.35 57.40 -52.68
CA TYR J 373 38.28 58.43 -53.71
C TYR J 373 37.19 59.44 -53.38
N TYR J 374 37.57 60.72 -53.27
CA TYR J 374 36.68 61.77 -52.79
C TYR J 374 36.48 62.86 -53.82
N TYR J 375 35.32 63.53 -53.74
CA TYR J 375 34.91 64.51 -54.75
C TYR J 375 33.87 65.44 -54.15
N PRO J 376 33.86 66.74 -54.50
CA PRO J 376 34.71 67.64 -55.30
C PRO J 376 35.74 68.46 -54.51
N TRP J 377 36.26 69.52 -55.14
CA TRP J 377 37.20 70.45 -54.55
C TRP J 377 36.50 71.43 -53.60
N VAL J 378 37.29 72.14 -52.80
CA VAL J 378 36.77 73.03 -51.77
C VAL J 378 37.38 74.43 -51.91
N ASN J 379 36.80 75.37 -51.17
CA ASN J 379 37.20 76.78 -51.20
C ASN J 379 37.75 77.20 -49.84
N VAL J 380 38.85 77.96 -49.84
CA VAL J 380 39.51 78.42 -48.63
C VAL J 380 39.93 79.88 -48.80
N LEU J 381 40.30 80.51 -47.68
CA LEU J 381 40.89 81.83 -47.68
C LEU J 381 42.41 81.72 -47.81
N ASP J 382 42.98 82.50 -48.72
CA ASP J 382 44.41 82.43 -48.99
C ASP J 382 45.13 83.48 -48.15
N PRO J 383 46.09 83.09 -47.31
CA PRO J 383 46.67 84.05 -46.36
C PRO J 383 47.65 85.05 -46.95
N VAL J 384 47.79 85.13 -48.27
CA VAL J 384 48.65 86.13 -48.88
C VAL J 384 47.87 87.11 -49.77
N THR J 385 46.67 86.74 -50.20
CA THR J 385 45.81 87.64 -50.96
C THR J 385 44.51 87.98 -50.24
N ASN J 386 44.14 87.19 -49.22
CA ASN J 386 42.90 87.38 -48.48
C ASN J 386 41.68 87.23 -49.38
N ARG J 387 41.78 86.32 -50.36
CA ARG J 387 40.70 86.01 -51.27
C ARG J 387 40.43 84.51 -51.23
N GLU J 388 39.32 84.11 -51.85
CA GLU J 388 39.02 82.69 -51.94
C GLU J 388 39.92 82.00 -52.95
N LYS J 389 40.10 80.69 -52.75
CA LYS J 389 40.98 79.89 -53.58
C LYS J 389 40.48 78.45 -53.53
N LEU J 390 40.60 77.76 -54.66
CA LEU J 390 40.06 76.41 -54.82
C LEU J 390 41.19 75.40 -54.67
N VAL J 391 40.99 74.43 -53.77
CA VAL J 391 42.02 73.46 -53.44
C VAL J 391 41.41 72.07 -53.36
N PRO J 392 42.23 71.02 -53.47
CA PRO J 392 41.72 69.66 -53.29
C PRO J 392 41.44 69.37 -51.83
N PRO J 393 40.51 68.46 -51.54
CA PRO J 393 40.07 68.24 -50.15
C PRO J 393 40.84 67.17 -49.36
N GLY J 394 42.03 66.78 -49.78
CA GLY J 394 42.66 65.58 -49.22
C GLY J 394 43.06 65.71 -47.76
N GLY J 395 43.70 66.83 -47.39
CA GLY J 395 44.20 66.96 -46.03
C GLY J 395 43.09 67.11 -45.01
N HIS J 396 42.03 67.84 -45.36
CA HIS J 396 40.88 67.95 -44.48
C HIS J 396 40.27 66.57 -44.20
N ILE J 397 40.24 65.71 -45.22
CA ILE J 397 39.67 64.38 -45.07
C ILE J 397 40.57 63.51 -44.21
N ALA J 398 41.89 63.63 -44.38
CA ALA J 398 42.80 62.88 -43.51
C ALA J 398 42.66 63.32 -42.05
N GLY J 399 42.45 64.63 -41.83
CA GLY J 399 42.20 65.10 -40.48
C GLY J 399 40.91 64.56 -39.89
N ILE J 400 39.88 64.43 -40.71
CA ILE J 400 38.63 63.80 -40.27
C ILE J 400 38.87 62.34 -39.89
N TYR J 401 39.64 61.61 -40.70
CA TYR J 401 40.00 60.23 -40.37
C TYR J 401 40.65 60.16 -39.00
N SER J 402 41.67 60.99 -38.76
CA SER J 402 42.38 60.98 -37.48
C SER J 402 41.44 61.29 -36.31
N ARG J 403 40.59 62.31 -36.47
CA ARG J 403 39.67 62.68 -35.41
C ARG J 403 38.72 61.54 -35.07
N THR J 404 38.09 60.94 -36.08
CA THR J 404 37.17 59.83 -35.87
C THR J 404 37.87 58.67 -35.18
N ASP J 405 39.11 58.39 -35.58
CA ASP J 405 39.86 57.30 -34.94
C ASP J 405 40.12 57.62 -33.48
N GLN J 406 40.36 58.89 -33.14
CA GLN J 406 40.65 59.23 -31.76
C GLN J 406 39.41 59.15 -30.87
N GLU J 407 38.25 59.58 -31.39
CA GLU J 407 37.09 59.68 -30.51
C GLU J 407 36.10 58.52 -30.60
N HIS J 408 36.20 57.65 -31.61
CA HIS J 408 35.26 56.56 -31.75
C HIS J 408 35.90 55.18 -31.89
N GLY J 409 37.06 55.09 -32.52
CA GLY J 409 37.65 53.80 -32.86
C GLY J 409 37.82 53.64 -34.36
N VAL J 410 38.59 52.61 -34.72
CA VAL J 410 38.88 52.33 -36.11
C VAL J 410 37.73 51.63 -36.82
N HIS J 411 36.74 51.16 -36.08
CA HIS J 411 35.57 50.49 -36.63
C HIS J 411 34.45 51.44 -37.01
N LYS J 412 34.62 52.73 -36.78
CA LYS J 412 33.59 53.71 -37.07
C LYS J 412 33.83 54.32 -38.45
N ALA J 413 32.79 54.36 -39.26
CA ALA J 413 32.90 54.93 -40.60
C ALA J 413 33.11 56.44 -40.52
N PRO J 414 34.14 56.97 -41.17
CA PRO J 414 34.40 58.43 -41.10
C PRO J 414 33.52 59.23 -42.06
N ALA J 415 32.21 59.04 -41.94
CA ALA J 415 31.24 59.77 -42.74
C ALA J 415 30.13 60.28 -41.82
N ASN J 416 29.33 61.22 -42.36
CA ASN J 416 28.37 61.99 -41.57
C ASN J 416 29.11 62.85 -40.54
N GLU J 417 30.23 63.43 -40.96
CA GLU J 417 31.06 64.28 -40.13
C GLU J 417 31.28 65.62 -40.82
N THR J 418 31.51 66.65 -40.02
CA THR J 418 31.60 68.01 -40.53
C THR J 418 33.02 68.35 -40.96
N LEU J 419 33.13 69.17 -41.99
CA LEU J 419 34.40 69.72 -42.45
C LEU J 419 34.61 71.11 -41.88
N ARG J 420 35.71 71.31 -41.17
CA ARG J 420 36.05 72.60 -40.59
C ARG J 420 37.21 73.22 -41.37
N GLY J 421 37.16 74.54 -41.50
CA GLY J 421 38.26 75.27 -42.11
C GLY J 421 38.06 75.67 -43.55
N ILE J 422 36.84 75.58 -44.07
CA ILE J 422 36.56 75.90 -45.46
C ILE J 422 35.47 76.97 -45.52
N VAL J 423 35.20 77.42 -46.73
CA VAL J 423 34.20 78.45 -46.99
C VAL J 423 33.03 77.91 -47.81
N GLY J 424 33.32 77.15 -48.85
CA GLY J 424 32.28 76.56 -49.68
C GLY J 424 32.84 75.43 -50.50
N LEU J 425 32.00 74.90 -51.37
CA LEU J 425 32.37 73.81 -52.26
C LEU J 425 32.52 74.31 -53.69
N GLN J 426 32.92 73.40 -54.58
CA GLN J 426 33.00 73.74 -56.00
C GLN J 426 31.63 73.65 -56.66
N HIS J 427 30.93 72.54 -56.44
CA HIS J 427 29.57 72.35 -56.91
C HIS J 427 28.73 71.81 -55.76
N ASN J 428 27.42 71.97 -55.87
CA ASN J 428 26.48 71.32 -54.98
C ASN J 428 25.87 70.13 -55.70
N ILE J 429 26.05 68.94 -55.12
CA ILE J 429 25.55 67.69 -55.70
C ILE J 429 24.17 67.40 -55.11
N THR J 430 23.25 66.97 -55.97
CA THR J 430 21.90 66.63 -55.55
C THR J 430 21.79 65.15 -55.24
N LYS J 431 20.58 64.72 -54.86
CA LYS J 431 20.33 63.32 -54.58
C LYS J 431 20.19 62.49 -55.84
N GLY J 432 19.80 63.10 -56.97
CA GLY J 432 19.71 62.36 -58.20
C GLY J 432 21.05 62.00 -58.80
N GLU J 433 22.06 62.84 -58.61
CA GLU J 433 23.38 62.58 -59.16
C GLU J 433 24.18 61.61 -58.31
N GLN J 434 23.93 61.56 -57.00
CA GLN J 434 24.62 60.61 -56.15
C GLN J 434 24.11 59.19 -56.32
N ASP J 435 22.89 59.03 -56.83
CA ASP J 435 22.40 57.69 -57.17
C ASP J 435 23.17 57.07 -58.33
N VAL J 436 23.97 57.85 -59.05
CA VAL J 436 24.76 57.34 -60.15
C VAL J 436 26.21 57.17 -59.71
N LEU J 437 26.66 58.05 -58.81
CA LEU J 437 28.05 58.07 -58.38
C LEU J 437 28.35 57.10 -57.24
N ASN J 438 27.40 56.90 -56.33
CA ASN J 438 27.68 56.08 -55.15
C ASN J 438 27.90 54.60 -55.49
N PRO J 439 27.12 53.96 -56.36
CA PRO J 439 27.43 52.55 -56.71
C PRO J 439 28.74 52.36 -57.46
N LYS J 440 29.46 53.43 -57.79
CA LYS J 440 30.71 53.34 -58.52
C LYS J 440 31.94 53.49 -57.63
N GLY J 441 31.76 53.69 -56.33
CA GLY J 441 32.89 53.85 -55.43
C GLY J 441 33.40 55.26 -55.26
N ILE J 442 32.66 56.26 -55.71
CA ILE J 442 33.06 57.66 -55.64
C ILE J 442 32.34 58.30 -54.46
N ASN J 443 33.10 58.86 -53.52
CA ASN J 443 32.54 59.45 -52.32
C ASN J 443 32.33 60.95 -52.50
N CYS J 444 31.22 61.45 -51.99
CA CYS J 444 30.80 62.82 -52.23
C CYS J 444 30.84 63.65 -50.95
N ILE J 445 31.12 64.93 -51.13
CA ILE J 445 31.03 65.92 -50.06
C ILE J 445 29.87 66.84 -50.40
N ARG J 446 28.85 66.87 -49.54
CA ARG J 446 27.60 67.55 -49.84
C ARG J 446 27.31 68.58 -48.76
N SER J 447 26.31 69.43 -49.02
CA SER J 447 25.91 70.48 -48.09
C SER J 447 24.40 70.42 -47.92
N PHE J 448 23.97 70.23 -46.68
CA PHE J 448 22.55 70.15 -46.34
C PHE J 448 22.11 71.42 -45.64
N GLN J 449 20.89 71.84 -45.95
CA GLN J 449 20.30 73.03 -45.33
C GLN J 449 19.91 72.72 -43.90
N GLY J 450 20.45 73.49 -42.96
CA GLY J 450 20.24 73.24 -41.55
C GLY J 450 21.26 72.32 -40.91
N ARG J 451 22.13 71.68 -41.69
CA ARG J 451 23.10 70.74 -41.14
C ARG J 451 24.53 71.00 -41.55
N GLY J 452 24.80 71.70 -42.64
CA GLY J 452 26.15 72.06 -42.99
C GLY J 452 26.76 71.18 -44.07
N ILE J 453 28.09 71.25 -44.16
CA ILE J 453 28.86 70.50 -45.16
C ILE J 453 29.39 69.23 -44.52
N ARG J 454 29.11 68.09 -45.14
CA ARG J 454 29.48 66.79 -44.58
C ARG J 454 29.94 65.84 -45.68
N VAL J 455 30.71 64.84 -45.25
CA VAL J 455 31.10 63.73 -46.12
C VAL J 455 29.99 62.69 -46.11
N TRP J 456 29.51 62.30 -47.31
CA TRP J 456 28.36 61.41 -47.45
C TRP J 456 28.78 60.23 -48.32
N GLY J 457 29.42 59.23 -47.72
CA GLY J 457 29.89 58.07 -48.46
C GLY J 457 31.13 57.45 -47.84
N ALA J 458 31.17 56.13 -47.71
CA ALA J 458 32.22 55.44 -46.98
C ALA J 458 32.66 54.15 -47.67
N ARG J 459 32.87 54.19 -48.98
CA ARG J 459 33.26 53.01 -49.74
C ARG J 459 34.70 53.11 -50.24
N THR J 460 35.25 51.96 -50.62
CA THR J 460 36.54 51.89 -51.30
C THR J 460 36.35 51.77 -52.81
N THR J 461 37.45 51.90 -53.53
CA THR J 461 37.48 51.77 -54.98
C THR J 461 37.41 50.32 -55.44
N SER J 462 37.23 49.37 -54.54
CA SER J 462 37.37 47.95 -54.85
C SER J 462 36.11 47.40 -55.51
N SER J 463 36.32 46.36 -56.33
CA SER J 463 35.24 45.62 -56.96
C SER J 463 34.89 44.34 -56.22
N ASP J 464 35.80 43.81 -55.41
CA ASP J 464 35.53 42.66 -54.58
C ASP J 464 34.42 42.97 -53.59
N PRO J 465 33.39 42.12 -53.50
CA PRO J 465 32.30 42.41 -52.55
C PRO J 465 32.70 42.25 -51.10
N GLU J 466 33.84 41.63 -50.82
CA GLU J 466 34.27 41.39 -49.46
C GLU J 466 34.93 42.61 -48.82
N TRP J 467 35.40 43.57 -49.62
CA TRP J 467 36.09 44.76 -49.14
C TRP J 467 35.39 46.02 -49.61
N LYS J 468 34.07 46.01 -49.57
CA LYS J 468 33.29 47.15 -50.03
C LYS J 468 33.36 48.35 -49.10
N TYR J 469 33.43 48.11 -47.79
CA TYR J 469 33.38 49.19 -46.80
C TYR J 469 34.77 49.44 -46.23
N LEU J 470 34.99 50.69 -45.85
CA LEU J 470 36.31 51.21 -45.54
C LEU J 470 36.77 50.81 -44.13
N ASN J 471 35.84 50.83 -43.17
CA ASN J 471 36.20 50.53 -41.79
C ASN J 471 36.59 49.08 -41.61
N VAL J 472 36.08 48.18 -42.46
CA VAL J 472 36.46 46.78 -42.38
C VAL J 472 37.92 46.59 -42.76
N ARG J 473 38.35 47.26 -43.84
CA ARG J 473 39.75 47.23 -44.24
C ARG J 473 40.64 47.83 -43.16
N ARG J 474 40.23 48.95 -42.57
CA ARG J 474 41.08 49.58 -41.55
C ARG J 474 41.19 48.69 -40.30
N LEU J 475 40.09 48.06 -39.89
CA LEU J 475 40.13 47.15 -38.75
C LEU J 475 41.05 45.97 -39.02
N PHE J 476 40.99 45.40 -40.23
CA PHE J 476 41.88 44.28 -40.53
C PHE J 476 43.34 44.70 -40.55
N LEU J 477 43.65 45.88 -41.08
CA LEU J 477 45.02 46.38 -41.04
C LEU J 477 45.52 46.46 -39.60
N PHE J 478 44.71 47.08 -38.73
CA PHE J 478 45.08 47.21 -37.32
C PHE J 478 45.35 45.86 -36.67
N ILE J 479 44.42 44.92 -36.84
CA ILE J 479 44.53 43.61 -36.19
C ILE J 479 45.76 42.87 -36.70
N GLU J 480 45.98 42.87 -38.01
CA GLU J 480 47.06 42.08 -38.59
C GLU J 480 48.42 42.64 -38.20
N GLN J 481 48.55 43.97 -38.14
CA GLN J 481 49.84 44.52 -37.73
C GLN J 481 50.11 44.26 -36.25
N SER J 482 49.09 44.36 -35.41
CA SER J 482 49.30 44.05 -34.00
C SER J 482 49.76 42.61 -33.82
N ILE J 483 49.11 41.66 -34.51
CA ILE J 483 49.50 40.26 -34.41
C ILE J 483 50.92 40.07 -34.92
N GLN J 484 51.27 40.68 -36.05
CA GLN J 484 52.59 40.51 -36.61
C GLN J 484 53.67 41.00 -35.65
N GLU J 485 53.47 42.15 -35.04
CA GLU J 485 54.53 42.74 -34.22
C GLU J 485 54.58 42.19 -32.80
N GLY J 486 53.49 41.63 -32.28
CA GLY J 486 53.48 41.16 -30.92
C GLY J 486 53.58 39.66 -30.71
N THR J 487 54.26 38.92 -31.57
CA THR J 487 54.33 37.46 -31.44
C THR J 487 55.72 36.93 -31.78
N GLN J 488 56.74 37.78 -31.77
CA GLN J 488 58.07 37.33 -32.16
C GLN J 488 58.77 36.50 -31.08
N TRP J 489 58.17 36.37 -29.90
CA TRP J 489 58.73 35.51 -28.86
C TRP J 489 58.53 34.03 -29.15
N ALA J 490 57.66 33.68 -30.09
CA ALA J 490 57.25 32.31 -30.32
C ALA J 490 58.09 31.59 -31.36
N VAL J 491 59.02 32.27 -32.01
CA VAL J 491 59.85 31.65 -33.03
C VAL J 491 60.93 30.83 -32.35
N PHE J 492 61.11 29.59 -32.80
CA PHE J 492 62.09 28.62 -32.32
C PHE J 492 61.72 28.02 -30.97
N GLU J 493 60.50 28.20 -30.51
CA GLU J 493 60.02 27.56 -29.30
C GLU J 493 59.59 26.13 -29.59
N PRO J 494 59.55 25.28 -28.56
CA PRO J 494 59.12 23.89 -28.78
C PRO J 494 57.72 23.80 -29.36
N ASN J 495 57.55 22.89 -30.32
CA ASN J 495 56.29 22.71 -31.03
C ASN J 495 55.45 21.65 -30.33
N GLU J 496 54.88 22.04 -29.19
CA GLU J 496 54.13 21.12 -28.34
C GLU J 496 53.05 21.90 -27.59
N GLN J 497 52.25 21.17 -26.80
CA GLN J 497 50.96 21.65 -26.35
C GLN J 497 51.05 22.90 -25.47
N ASP J 498 52.15 23.10 -24.76
CA ASP J 498 52.28 24.28 -23.91
C ASP J 498 52.33 25.56 -24.73
N THR J 499 53.18 25.58 -25.76
CA THR J 499 53.25 26.74 -26.64
C THR J 499 51.92 27.00 -27.31
N TRP J 500 51.22 25.92 -27.70
CA TRP J 500 49.92 26.06 -28.36
C TRP J 500 48.91 26.73 -27.44
N GLY J 501 48.80 26.26 -26.20
CA GLY J 501 47.89 26.87 -25.25
C GLY J 501 48.23 28.32 -24.98
N ARG J 502 49.52 28.64 -24.89
CA ARG J 502 49.95 30.00 -24.62
C ARG J 502 49.54 30.94 -25.75
N ILE J 503 49.81 30.55 -26.99
CA ILE J 503 49.47 31.38 -28.15
C ILE J 503 47.97 31.56 -28.25
N ARG J 504 47.21 30.47 -28.11
CA ARG J 504 45.76 30.55 -28.16
C ARG J 504 45.21 31.52 -27.13
N GLN J 505 45.74 31.45 -25.90
CA GLN J 505 45.26 32.31 -24.82
C GLN J 505 45.51 33.79 -25.14
N SER J 506 46.72 34.10 -25.62
CA SER J 506 47.03 35.50 -25.95
C SER J 506 46.09 36.04 -27.01
N VAL J 507 45.93 35.30 -28.11
CA VAL J 507 45.12 35.82 -29.22
C VAL J 507 43.66 35.95 -28.80
N THR J 508 43.17 35.02 -27.98
CA THR J 508 41.80 35.11 -27.49
C THR J 508 41.59 36.36 -26.63
N ASN J 509 42.56 36.67 -25.76
CA ASN J 509 42.44 37.88 -24.95
C ASN J 509 42.37 39.14 -25.83
N PHE J 510 43.25 39.23 -26.83
CA PHE J 510 43.23 40.40 -27.71
C PHE J 510 41.90 40.54 -28.45
N LEU J 511 41.37 39.43 -28.98
CA LEU J 511 40.14 39.52 -29.75
C LEU J 511 38.94 39.80 -28.86
N ARG J 512 38.94 39.31 -27.61
CA ARG J 512 37.86 39.63 -26.70
C ARG J 512 37.88 41.11 -26.34
N THR J 513 39.06 41.68 -26.19
CA THR J 513 39.13 43.13 -25.97
C THR J 513 38.56 43.89 -27.16
N VAL J 514 38.92 43.48 -28.38
CA VAL J 514 38.36 44.15 -29.56
C VAL J 514 36.85 44.03 -29.60
N TRP J 515 36.31 42.87 -29.21
CA TRP J 515 34.88 42.66 -29.22
C TRP J 515 34.17 43.55 -28.21
N ARG J 516 34.75 43.71 -27.01
CA ARG J 516 34.09 44.50 -25.97
C ARG J 516 33.96 45.97 -26.34
N ASN J 517 34.82 46.49 -27.22
CA ASN J 517 34.79 47.90 -27.59
C ASN J 517 33.88 48.18 -28.78
N GLY J 518 33.08 47.22 -29.22
CA GLY J 518 32.14 47.44 -30.29
C GLY J 518 32.63 47.17 -31.69
N GLY J 519 33.82 46.57 -31.84
CA GLY J 519 34.35 46.33 -33.16
C GLY J 519 33.85 45.06 -33.81
N LEU J 520 33.50 44.05 -33.01
CA LEU J 520 32.96 42.80 -33.51
C LEU J 520 31.51 42.67 -33.11
N GLN J 521 30.80 41.78 -33.81
CA GLN J 521 29.34 41.73 -33.74
C GLN J 521 28.88 40.36 -33.27
N GLY J 522 28.03 40.35 -32.26
CA GLY J 522 27.44 39.14 -31.74
C GLY J 522 27.12 39.28 -30.26
N GLN J 523 26.06 38.59 -29.83
CA GLN J 523 25.64 38.62 -28.44
C GLN J 523 26.46 37.70 -27.54
N SER J 524 27.30 36.86 -28.13
CA SER J 524 28.16 35.98 -27.36
C SER J 524 29.53 35.94 -28.02
N GLU J 525 30.50 35.35 -27.32
CA GLU J 525 31.85 35.25 -27.86
C GLU J 525 31.92 34.29 -29.03
N ASP J 526 31.10 33.23 -29.01
CA ASP J 526 31.11 32.27 -30.10
C ASP J 526 30.58 32.87 -31.40
N ASP J 527 29.75 33.90 -31.31
CA ASP J 527 29.24 34.57 -32.50
C ASP J 527 30.25 35.52 -33.11
N ALA J 528 31.17 36.05 -32.29
CA ALA J 528 32.05 37.12 -32.73
C ALA J 528 33.36 36.62 -33.32
N PHE J 529 33.93 35.55 -32.79
CA PHE J 529 35.24 35.09 -33.26
C PHE J 529 35.52 33.68 -32.72
N TYR J 530 36.57 33.06 -33.29
CA TYR J 530 37.14 31.83 -32.76
C TYR J 530 38.63 31.79 -33.09
N VAL J 531 39.37 31.02 -32.28
CA VAL J 531 40.81 30.77 -32.46
C VAL J 531 41.06 29.28 -32.28
N LYS J 532 41.90 28.71 -33.16
CA LYS J 532 42.20 27.28 -33.16
C LYS J 532 43.69 27.05 -33.32
N CYS J 533 44.24 26.20 -32.46
CA CYS J 533 45.65 25.78 -32.55
C CYS J 533 45.79 24.46 -31.81
N GLY J 534 46.15 23.40 -32.51
CA GLY J 534 46.29 22.09 -31.88
C GLY J 534 46.47 21.00 -32.92
N GLU J 535 45.87 19.84 -32.63
CA GLU J 535 45.93 18.72 -33.57
C GLU J 535 44.81 18.75 -34.59
N GLU J 536 43.93 19.73 -34.54
CA GLU J 536 42.95 19.92 -35.60
C GLU J 536 43.48 20.81 -36.72
N THR J 537 44.49 21.63 -36.43
CA THR J 537 45.08 22.48 -37.46
C THR J 537 46.42 21.98 -37.95
N MET J 538 47.14 21.19 -37.16
CA MET J 538 48.47 20.70 -37.51
C MET J 538 48.43 19.19 -37.66
N SER J 539 49.15 18.69 -38.67
CA SER J 539 49.37 17.27 -38.86
C SER J 539 50.81 16.94 -38.47
N GLU J 540 51.20 15.68 -38.71
CA GLU J 540 52.54 15.24 -38.32
C GLU J 540 53.60 15.71 -39.32
N ASP J 541 53.24 15.76 -40.61
CA ASP J 541 54.13 16.35 -41.60
C ASP J 541 54.44 17.81 -41.28
N ASP J 542 53.50 18.51 -40.65
CA ASP J 542 53.74 19.88 -40.23
C ASP J 542 54.77 19.93 -39.10
N ILE J 543 54.60 19.10 -38.08
CA ILE J 543 55.53 19.09 -36.95
C ILE J 543 56.93 18.71 -37.42
N ASP J 544 57.05 17.75 -38.32
CA ASP J 544 58.36 17.33 -38.77
C ASP J 544 59.10 18.39 -39.58
N ASN J 545 58.39 19.40 -40.08
CA ASN J 545 58.99 20.44 -40.91
C ASN J 545 59.06 21.80 -40.23
N GLY J 546 58.57 21.92 -39.00
CA GLY J 546 58.74 23.14 -38.24
C GLY J 546 57.65 24.17 -38.39
N ARG J 547 56.43 23.77 -38.73
CA ARG J 547 55.32 24.70 -38.97
C ARG J 547 54.36 24.67 -37.80
N LEU J 548 54.00 25.86 -37.30
CA LEU J 548 52.97 26.03 -36.29
C LEU J 548 51.85 26.87 -36.90
N ILE J 549 50.65 26.32 -36.96
CA ILE J 549 49.53 26.91 -37.69
C ILE J 549 48.43 27.30 -36.71
N VAL J 550 47.96 28.54 -36.82
CA VAL J 550 46.87 29.08 -36.01
C VAL J 550 45.79 29.59 -36.95
N GLU J 551 44.53 29.24 -36.69
CA GLU J 551 43.42 29.67 -37.53
C GLU J 551 42.45 30.53 -36.73
N ILE J 552 42.13 31.71 -37.27
CA ILE J 552 41.32 32.71 -36.59
C ILE J 552 40.15 33.09 -37.49
N GLY J 553 38.96 33.16 -36.92
CA GLY J 553 37.79 33.62 -37.65
C GLY J 553 37.09 34.73 -36.91
N VAL J 554 36.68 35.76 -37.66
CA VAL J 554 36.21 37.01 -37.08
C VAL J 554 34.98 37.50 -37.85
N ALA J 555 34.19 38.35 -37.19
CA ALA J 555 32.97 38.91 -37.79
C ALA J 555 32.91 40.41 -37.56
N PRO J 556 33.28 41.22 -38.55
CA PRO J 556 33.29 42.68 -38.35
C PRO J 556 31.90 43.30 -38.46
N VAL J 557 31.81 44.53 -37.98
CA VAL J 557 30.56 45.30 -38.00
C VAL J 557 30.61 46.29 -39.16
N LYS J 558 29.47 46.53 -39.77
CA LYS J 558 29.34 47.34 -40.98
C LYS J 558 28.38 48.49 -40.74
N PRO J 559 28.48 49.57 -41.52
CA PRO J 559 27.65 50.75 -41.25
C PRO J 559 26.22 50.60 -41.74
N ALA J 560 25.38 51.52 -41.26
CA ALA J 560 23.97 51.60 -41.67
C ALA J 560 23.86 52.73 -42.69
N GLU J 561 23.75 52.35 -43.97
CA GLU J 561 23.76 53.31 -45.06
C GLU J 561 22.35 53.73 -45.48
N PHE J 562 21.37 52.85 -45.30
CA PHE J 562 19.98 53.13 -45.66
C PHE J 562 19.11 52.86 -44.44
N VAL J 563 18.46 53.91 -43.94
CA VAL J 563 17.57 53.82 -42.79
C VAL J 563 16.15 53.86 -43.33
N ILE J 564 15.41 52.77 -43.14
CA ILE J 564 14.13 52.55 -43.78
C ILE J 564 13.04 52.43 -42.72
N PHE J 565 11.93 53.13 -42.93
CA PHE J 565 10.77 53.10 -42.06
C PHE J 565 9.55 52.68 -42.87
N ARG J 566 9.00 51.51 -42.55
CA ARG J 566 7.81 50.99 -43.21
C ARG J 566 6.63 51.11 -42.24
N ILE J 567 5.69 51.99 -42.56
CA ILE J 567 4.60 52.36 -41.67
C ILE J 567 3.27 51.95 -42.30
N SER J 568 2.39 51.36 -41.49
CA SER J 568 1.09 50.90 -41.94
C SER J 568 0.03 51.23 -40.89
N GLN J 569 -1.22 50.87 -41.20
CA GLN J 569 -2.36 51.12 -40.33
C GLN J 569 -2.84 49.87 -39.59
N ASP J 570 -2.19 48.73 -39.80
CA ASP J 570 -2.68 47.49 -39.23
C ASP J 570 -2.13 47.29 -37.83
N THR J 571 -3.01 46.98 -36.89
CA THR J 571 -2.65 46.69 -35.50
C THR J 571 -1.82 47.80 -34.86
N SER K 2 11.02 49.44 -53.07
CA SER K 2 11.77 50.64 -53.39
C SER K 2 13.22 50.31 -53.69
N GLU K 3 13.94 51.25 -54.30
CA GLU K 3 15.35 51.07 -54.61
C GLU K 3 16.18 52.09 -53.84
N TYR K 4 17.33 51.65 -53.33
CA TYR K 4 18.18 52.45 -52.46
C TYR K 4 19.56 52.59 -53.10
N GLN K 5 19.83 53.76 -53.67
CA GLN K 5 21.09 54.01 -54.38
C GLN K 5 21.95 55.07 -53.72
N SER K 6 21.38 55.97 -52.94
CA SER K 6 22.16 56.97 -52.21
C SER K 6 21.77 56.94 -50.74
N PRO K 7 22.72 57.22 -49.85
CA PRO K 7 22.44 57.10 -48.41
C PRO K 7 21.47 58.15 -47.92
N GLY K 8 20.67 57.77 -46.93
CA GLY K 8 19.71 58.69 -46.35
C GLY K 8 18.65 57.94 -45.57
N VAL K 9 17.57 58.66 -45.28
CA VAL K 9 16.42 58.14 -44.54
C VAL K 9 15.26 57.97 -45.52
N TYR K 10 14.56 56.84 -45.41
CA TYR K 10 13.43 56.53 -46.28
C TYR K 10 12.21 56.18 -45.42
N VAL K 11 11.06 56.73 -45.79
CA VAL K 11 9.79 56.45 -45.11
C VAL K 11 8.81 55.93 -46.17
N GLU K 12 8.22 54.76 -45.89
CA GLU K 12 7.36 54.09 -46.86
C GLU K 12 6.04 53.69 -46.22
N GLU K 13 4.98 53.73 -47.01
CA GLU K 13 3.64 53.38 -46.57
C GLU K 13 3.26 51.99 -47.07
N VAL K 14 2.59 51.22 -46.21
CA VAL K 14 2.19 49.87 -46.51
C VAL K 14 0.66 49.79 -46.51
N GLN K 15 0.12 48.85 -47.27
CA GLN K 15 -1.31 48.62 -47.29
C GLN K 15 -1.73 47.76 -46.10
N SER K 16 -2.93 48.05 -45.57
CA SER K 16 -3.41 47.41 -44.36
C SER K 16 -4.16 46.12 -44.68
N GLY K 17 -4.70 45.48 -43.64
CA GLY K 17 -5.25 44.14 -43.75
C GLY K 17 -6.72 44.02 -44.05
N SER K 18 -7.46 45.12 -44.16
CA SER K 18 -8.86 45.05 -44.56
C SER K 18 -9.31 46.42 -45.02
N LYS K 19 -10.25 46.43 -45.96
CA LYS K 19 -10.81 47.64 -46.53
C LYS K 19 -12.32 47.60 -46.41
N SER K 20 -12.89 48.72 -45.96
CA SER K 20 -14.30 48.76 -45.63
C SER K 20 -15.17 48.83 -46.89
N VAL K 21 -16.34 48.20 -46.81
CA VAL K 21 -17.37 48.29 -47.83
C VAL K 21 -18.53 49.09 -47.25
N GLU K 22 -19.14 49.94 -48.08
CA GLU K 22 -20.24 50.78 -47.65
C GLU K 22 -21.48 50.45 -48.46
N GLY K 23 -22.63 50.39 -47.78
CA GLY K 23 -23.88 50.10 -48.46
C GLY K 23 -24.38 51.26 -49.32
N VAL K 24 -25.18 50.91 -50.32
CA VAL K 24 -25.67 51.87 -51.30
C VAL K 24 -27.10 52.28 -50.95
N SER K 25 -27.56 53.34 -51.59
CA SER K 25 -28.93 53.82 -51.41
C SER K 25 -29.94 52.81 -51.93
N THR K 26 -31.12 52.78 -51.31
CA THR K 26 -32.14 51.79 -51.64
C THR K 26 -33.57 52.33 -51.68
N SER K 27 -33.80 53.64 -51.60
CA SER K 27 -35.16 54.15 -51.52
C SER K 27 -35.44 55.29 -52.50
N THR K 28 -34.74 55.32 -53.63
CA THR K 28 -34.99 56.31 -54.67
C THR K 28 -35.82 55.69 -55.79
N ALA K 29 -36.71 56.49 -56.37
CA ALA K 29 -37.63 56.03 -57.39
C ALA K 29 -37.49 56.84 -58.67
N GLY K 30 -38.02 56.30 -59.75
CA GLY K 30 -38.03 56.98 -61.03
C GLY K 30 -39.41 56.95 -61.65
N PHE K 31 -39.84 58.10 -62.15
CA PHE K 31 -41.17 58.23 -62.73
C PHE K 31 -41.08 58.81 -64.14
N LEU K 32 -41.99 58.37 -65.00
CA LEU K 32 -42.09 58.83 -66.38
C LEU K 32 -43.54 59.19 -66.70
N GLY K 33 -43.72 60.23 -67.51
CA GLY K 33 -45.05 60.67 -67.86
C GLY K 33 -45.06 62.10 -68.35
N GLN K 34 -46.26 62.56 -68.68
CA GLN K 34 -46.46 63.86 -69.32
C GLN K 34 -46.67 64.97 -68.31
N THR K 35 -46.14 66.15 -68.64
CA THR K 35 -46.29 67.36 -67.83
C THR K 35 -46.60 68.52 -68.78
N GLU K 36 -46.81 69.72 -68.22
CA GLU K 36 -47.09 70.89 -69.03
C GLU K 36 -45.86 71.75 -69.28
N ARG K 37 -44.94 71.84 -68.31
CA ARG K 37 -43.71 72.59 -68.41
C ARG K 37 -42.54 71.68 -68.10
N GLY K 38 -41.33 72.19 -68.27
CA GLY K 38 -40.16 71.55 -67.73
C GLY K 38 -39.18 71.04 -68.76
N PRO K 39 -37.98 70.72 -68.33
CA PRO K 39 -36.98 70.12 -69.23
C PRO K 39 -37.24 68.64 -69.44
N VAL K 40 -36.60 68.10 -70.48
CA VAL K 40 -36.76 66.69 -70.81
C VAL K 40 -35.57 65.84 -70.38
N GLU K 41 -34.60 66.41 -69.68
CA GLU K 41 -33.58 65.60 -69.03
C GLU K 41 -34.01 65.25 -67.61
N PRO K 42 -33.61 64.10 -67.09
CA PRO K 42 -34.08 63.68 -65.76
C PRO K 42 -33.57 64.60 -64.67
N ARG K 43 -34.45 64.94 -63.73
CA ARG K 43 -34.09 65.85 -62.66
C ARG K 43 -34.52 65.28 -61.31
N LEU K 44 -33.75 65.58 -60.28
CA LEU K 44 -34.01 65.08 -58.94
C LEU K 44 -34.94 66.02 -58.19
N VAL K 45 -35.93 65.45 -57.52
CA VAL K 45 -36.94 66.18 -56.75
C VAL K 45 -36.99 65.53 -55.36
N THR K 46 -37.07 66.36 -54.32
CA THR K 46 -37.10 65.86 -52.95
C THR K 46 -38.34 66.28 -52.19
N ASN K 47 -39.33 66.86 -52.87
CA ASN K 47 -40.47 67.46 -52.20
C ASN K 47 -41.49 67.81 -53.29
N TYR K 48 -42.77 67.88 -52.89
CA TYR K 48 -43.82 68.08 -53.88
C TYR K 48 -43.87 69.53 -54.36
N ALA K 49 -43.49 70.49 -53.51
CA ALA K 49 -43.45 71.88 -53.95
C ALA K 49 -42.39 72.10 -55.01
N ASP K 50 -41.25 71.40 -54.90
CA ASP K 50 -40.26 71.41 -55.97
C ASP K 50 -40.86 70.93 -57.28
N PHE K 51 -41.67 69.87 -57.23
CA PHE K 51 -42.29 69.34 -58.43
C PHE K 51 -43.22 70.36 -59.06
N GLU K 52 -44.11 70.96 -58.26
CA GLU K 52 -45.01 71.97 -58.82
C GLU K 52 -44.25 73.19 -59.35
N ARG K 53 -43.13 73.53 -58.73
CA ARG K 53 -42.38 74.69 -59.18
C ARG K 53 -41.64 74.43 -60.49
N LEU K 54 -41.08 73.25 -60.68
CA LEU K 54 -40.28 72.96 -61.87
C LEU K 54 -41.12 72.47 -63.04
N TYR K 55 -42.23 71.80 -62.80
CA TYR K 55 -42.97 71.12 -63.85
C TYR K 55 -44.40 71.60 -64.02
N GLY K 56 -45.13 71.81 -62.94
CA GLY K 56 -46.52 72.25 -63.03
C GLY K 56 -47.53 71.13 -62.86
N ALA K 57 -48.56 71.15 -63.69
CA ALA K 57 -49.62 70.14 -63.65
C ALA K 57 -49.55 69.23 -64.86
N SER K 58 -50.35 68.16 -64.83
CA SER K 58 -50.43 67.22 -65.93
C SER K 58 -51.64 67.52 -66.81
N PRO K 59 -51.56 67.21 -68.10
CA PRO K 59 -52.73 67.32 -68.97
C PRO K 59 -53.79 66.28 -68.60
N LYS K 60 -54.89 66.31 -69.35
CA LYS K 60 -56.00 65.41 -69.05
C LYS K 60 -55.73 63.98 -69.47
N SER K 61 -54.66 63.73 -70.23
CA SER K 61 -54.34 62.40 -70.71
C SER K 61 -53.23 61.75 -69.89
N SER K 62 -52.92 62.27 -68.71
CA SER K 62 -51.85 61.74 -67.89
C SER K 62 -52.22 61.87 -66.42
N ASP K 63 -51.60 61.03 -65.60
CA ASP K 63 -51.85 61.03 -64.16
C ASP K 63 -50.54 61.00 -63.37
N LEU K 64 -49.58 61.81 -63.80
CA LEU K 64 -48.28 61.87 -63.14
C LEU K 64 -48.34 62.67 -61.84
N ASP K 65 -49.00 63.82 -61.89
CA ASP K 65 -49.13 64.67 -60.71
C ASP K 65 -49.74 63.92 -59.53
N ALA K 66 -50.76 63.12 -59.80
CA ALA K 66 -51.42 62.34 -58.77
C ALA K 66 -50.51 61.28 -58.19
N ALA K 67 -49.68 60.67 -59.05
CA ALA K 67 -48.79 59.61 -58.59
C ALA K 67 -47.65 60.17 -57.74
N VAL K 68 -47.11 61.33 -58.12
CA VAL K 68 -46.05 61.94 -57.32
C VAL K 68 -46.60 62.42 -55.98
N ASP K 69 -47.82 62.96 -55.98
CA ASP K 69 -48.46 63.35 -54.74
C ASP K 69 -48.68 62.15 -53.83
N GLY K 70 -49.15 61.03 -54.38
CA GLY K 70 -49.30 59.83 -53.58
C GLY K 70 -47.98 59.28 -53.09
N PHE K 71 -46.91 59.45 -53.86
CA PHE K 71 -45.59 59.02 -53.41
C PHE K 71 -45.15 59.80 -52.19
N PHE K 72 -45.28 61.13 -52.23
CA PHE K 72 -44.79 61.93 -51.11
C PHE K 72 -45.73 61.93 -49.91
N LYS K 73 -47.02 61.64 -50.10
CA LYS K 73 -47.93 61.55 -48.96
C LYS K 73 -47.69 60.29 -48.13
N ASN K 74 -46.99 59.30 -48.67
CA ASN K 74 -46.82 58.02 -48.02
C ASN K 74 -45.44 57.83 -47.41
N GLY K 75 -44.62 58.87 -47.40
CA GLY K 75 -43.31 58.80 -46.80
C GLY K 75 -42.14 58.61 -47.73
N GLY K 76 -42.29 58.92 -49.01
CA GLY K 76 -41.17 58.82 -49.93
C GLY K 76 -40.20 59.97 -49.78
N SER K 77 -38.95 59.72 -50.17
CA SER K 77 -37.86 60.65 -49.95
C SER K 77 -37.39 61.35 -51.21
N ARG K 78 -37.12 60.62 -52.29
CA ARG K 78 -36.49 61.21 -53.47
C ARG K 78 -37.05 60.61 -54.74
N CYS K 79 -37.34 61.47 -55.71
CA CYS K 79 -37.80 61.08 -57.02
C CYS K 79 -36.82 61.55 -58.09
N PHE K 80 -36.72 60.79 -59.16
CA PHE K 80 -36.13 61.25 -60.41
C PHE K 80 -37.25 61.33 -61.44
N ILE K 81 -37.48 62.53 -61.96
CA ILE K 81 -38.55 62.79 -62.90
C ILE K 81 -37.97 62.88 -64.30
N GLY K 82 -38.59 62.18 -65.24
CA GLY K 82 -38.30 62.29 -66.65
C GLY K 82 -39.54 62.64 -67.45
N ARG K 83 -39.52 63.78 -68.12
CA ARG K 83 -40.68 64.30 -68.83
C ARG K 83 -40.72 63.75 -70.24
N VAL K 84 -41.84 63.15 -70.62
CA VAL K 84 -42.06 62.63 -71.95
C VAL K 84 -42.96 63.61 -72.70
N SER K 85 -42.58 63.97 -73.92
CA SER K 85 -43.27 64.99 -74.67
C SER K 85 -43.50 64.54 -76.11
N GLY K 86 -44.68 64.86 -76.63
CA GLY K 86 -45.01 64.56 -78.01
C GLY K 86 -44.48 65.55 -79.03
N ALA K 87 -43.91 66.66 -78.58
CA ALA K 87 -43.35 67.67 -79.47
C ALA K 87 -41.86 67.43 -79.70
N ASP K 88 -41.37 67.93 -80.82
CA ASP K 88 -39.95 67.84 -81.11
C ASP K 88 -39.14 68.59 -80.06
N ILE K 89 -37.95 68.06 -79.77
CA ILE K 89 -37.11 68.62 -78.71
C ILE K 89 -36.67 70.04 -79.00
N ASP K 90 -36.60 70.44 -80.27
CA ASP K 90 -36.14 71.76 -80.65
C ASP K 90 -37.29 72.72 -80.98
N ASP K 91 -38.53 72.32 -80.71
CA ASP K 91 -39.69 73.20 -80.89
C ASP K 91 -39.84 74.04 -79.62
N VAL K 92 -38.95 75.02 -79.50
CA VAL K 92 -38.81 75.84 -78.29
C VAL K 92 -39.00 77.30 -78.68
N ALA K 93 -39.64 78.07 -77.79
CA ALA K 93 -39.82 79.50 -78.00
C ALA K 93 -38.55 80.25 -77.65
N THR K 94 -38.26 81.29 -78.44
CA THR K 94 -37.01 82.05 -78.33
C THR K 94 -37.32 83.55 -78.31
N GLY K 95 -36.26 84.33 -78.13
CA GLY K 95 -36.37 85.79 -78.08
C GLY K 95 -34.99 86.42 -78.17
N ILE K 96 -34.99 87.75 -78.19
CA ILE K 96 -33.77 88.54 -78.43
C ILE K 96 -33.80 89.78 -77.55
N LEU K 97 -32.64 90.15 -77.02
CA LEU K 97 -32.46 91.40 -76.29
C LEU K 97 -31.56 92.33 -77.10
N ALA K 98 -31.94 93.61 -77.15
CA ALA K 98 -31.27 94.60 -77.99
C ALA K 98 -30.66 95.70 -77.14
N ASP K 99 -29.66 96.37 -77.72
CA ASP K 99 -28.88 97.40 -77.04
C ASP K 99 -29.39 98.80 -77.38
N ASP K 100 -28.59 99.80 -77.03
CA ASP K 100 -28.98 101.20 -77.17
C ASP K 100 -29.34 101.58 -78.60
N GLU K 101 -28.52 101.20 -79.58
CA GLU K 101 -28.76 101.57 -80.98
C GLU K 101 -29.21 100.38 -81.83
N GLY K 102 -29.66 99.29 -81.22
CA GLY K 102 -30.26 98.21 -81.97
C GLY K 102 -29.32 97.10 -82.39
N ASN K 103 -28.56 96.55 -81.45
CA ASN K 103 -27.72 95.39 -81.68
C ASN K 103 -28.19 94.27 -80.76
N GLU K 104 -28.36 93.07 -81.32
CA GLU K 104 -28.73 91.93 -80.48
C GLU K 104 -27.55 91.50 -79.62
N ILE K 105 -27.73 91.60 -78.30
CA ILE K 105 -26.65 91.34 -77.36
C ILE K 105 -26.82 90.02 -76.63
N ALA K 106 -28.03 89.50 -76.52
CA ALA K 106 -28.28 88.25 -75.80
C ALA K 106 -29.38 87.49 -76.51
N GLU K 107 -29.53 86.21 -76.15
CA GLU K 107 -30.55 85.36 -76.72
C GLU K 107 -31.22 84.57 -75.62
N VAL K 108 -32.54 84.66 -75.56
CA VAL K 108 -33.35 84.06 -74.50
C VAL K 108 -34.10 82.87 -75.08
N GLU K 109 -34.19 81.78 -74.30
CA GLU K 109 -34.79 80.56 -74.79
C GLU K 109 -35.53 79.86 -73.66
N ALA K 110 -36.71 79.31 -73.97
CA ALA K 110 -37.50 78.63 -72.95
C ALA K 110 -36.80 77.38 -72.46
N ASN K 111 -37.16 76.97 -71.24
CA ASN K 111 -36.54 75.81 -70.59
C ASN K 111 -37.38 74.55 -70.84
N GLY K 112 -37.51 74.20 -72.12
CA GLY K 112 -38.28 73.04 -72.51
C GLY K 112 -39.17 73.32 -73.71
N PRO K 113 -39.51 72.27 -74.44
CA PRO K 113 -40.34 72.45 -75.64
C PRO K 113 -41.83 72.46 -75.32
N GLY K 114 -42.58 73.10 -76.20
CA GLY K 114 -44.03 73.17 -76.08
C GLY K 114 -44.55 74.59 -76.23
N GLN K 115 -45.88 74.67 -76.29
CA GLN K 115 -46.55 75.95 -76.48
C GLN K 115 -46.52 76.83 -75.24
N TRP K 116 -46.26 76.26 -74.06
CA TRP K 116 -46.25 77.04 -72.83
C TRP K 116 -45.26 78.19 -72.91
N GLY K 117 -44.14 78.01 -73.60
CA GLY K 117 -43.15 79.07 -73.73
C GLY K 117 -43.66 80.33 -74.40
N GLU K 118 -44.80 80.25 -75.10
CA GLU K 118 -45.38 81.45 -75.68
C GLU K 118 -45.99 82.37 -74.64
N SER K 119 -46.09 81.95 -73.38
CA SER K 119 -46.70 82.73 -72.32
C SER K 119 -45.70 83.23 -71.30
N VAL K 120 -44.42 83.33 -71.67
CA VAL K 120 -43.37 83.82 -70.79
C VAL K 120 -43.01 85.23 -71.21
N ALA K 121 -42.98 86.16 -70.25
CA ALA K 121 -42.63 87.54 -70.51
C ALA K 121 -41.34 87.89 -69.77
N VAL K 122 -40.44 88.61 -70.46
CA VAL K 122 -39.19 89.07 -69.89
C VAL K 122 -39.21 90.59 -69.85
N ILE K 123 -38.87 91.16 -68.70
CA ILE K 123 -38.94 92.60 -68.46
C ILE K 123 -37.59 93.08 -67.96
N VAL K 124 -37.05 94.11 -68.62
CA VAL K 124 -35.77 94.71 -68.26
C VAL K 124 -36.03 96.12 -67.77
N GLU K 125 -35.44 96.48 -66.62
CA GLU K 125 -35.53 97.83 -66.09
C GLU K 125 -34.16 98.25 -65.57
N ASP K 126 -34.02 99.54 -65.29
CA ASP K 126 -32.74 100.10 -64.87
C ASP K 126 -32.67 100.26 -63.35
N SER K 127 -31.46 100.11 -62.83
CA SER K 127 -31.21 100.11 -61.39
C SER K 127 -30.71 101.48 -60.93
N GLN K 128 -30.83 101.72 -59.62
CA GLN K 128 -30.42 102.97 -59.01
C GLN K 128 -28.90 103.13 -58.94
N TYR K 129 -28.15 102.07 -59.14
CA TYR K 129 -26.71 102.15 -59.09
C TYR K 129 -26.12 102.21 -60.50
N PRO K 130 -25.03 102.93 -60.67
CA PRO K 130 -24.44 103.06 -62.02
C PRO K 130 -24.01 101.71 -62.57
N ASN K 131 -24.32 101.51 -63.87
CA ASN K 131 -23.92 100.32 -64.63
C ASN K 131 -24.59 99.05 -64.13
N GLN K 132 -25.85 99.15 -63.70
CA GLN K 132 -26.58 97.99 -63.19
C GLN K 132 -28.03 98.06 -63.65
N PHE K 133 -28.66 96.89 -63.73
CA PHE K 133 -30.04 96.80 -64.19
C PHE K 133 -30.72 95.59 -63.56
N ASP K 134 -32.05 95.57 -63.61
CA ASP K 134 -32.87 94.52 -63.05
C ASP K 134 -33.58 93.75 -64.16
N ILE K 135 -33.81 92.46 -63.93
CA ILE K 135 -34.51 91.60 -64.88
C ILE K 135 -35.60 90.83 -64.15
N THR K 136 -36.77 90.69 -64.79
CA THR K 136 -37.89 89.96 -64.24
C THR K 136 -38.45 89.01 -65.29
N VAL K 137 -38.87 87.82 -64.86
CA VAL K 137 -39.48 86.83 -65.73
C VAL K 137 -40.81 86.41 -65.13
N ARG K 138 -41.86 86.44 -65.96
CA ARG K 138 -43.23 86.16 -65.52
C ARG K 138 -43.87 85.10 -66.41
N TYR K 139 -44.72 84.27 -65.79
CA TYR K 139 -45.41 83.22 -66.54
C TYR K 139 -46.85 83.06 -66.04
N TRP K 140 -47.79 83.06 -66.98
CA TRP K 140 -49.22 82.87 -66.71
C TRP K 140 -49.67 81.51 -67.28
N SER K 141 -50.44 80.76 -66.49
CA SER K 141 -50.90 79.44 -66.92
C SER K 141 -52.16 79.48 -67.77
N GLY K 142 -52.95 80.55 -67.69
CA GLY K 142 -54.20 80.63 -68.37
C GLY K 142 -54.14 81.43 -69.65
N ASP K 143 -55.23 82.13 -69.95
CA ASP K 143 -55.38 82.86 -71.19
C ASP K 143 -54.53 84.13 -71.19
N LEU K 144 -53.95 84.45 -72.35
CA LEU K 144 -53.21 85.70 -72.49
C LEU K 144 -54.13 86.86 -72.87
N GLU K 145 -55.26 86.57 -73.52
CA GLU K 145 -56.20 87.60 -73.94
C GLU K 145 -56.77 88.39 -72.77
N ALA K 146 -56.73 87.84 -71.56
CA ALA K 146 -57.33 88.48 -70.39
C ALA K 146 -56.31 89.20 -69.52
N VAL K 147 -55.03 89.16 -69.87
CA VAL K 147 -53.99 89.80 -69.09
C VAL K 147 -53.99 91.28 -69.44
N SER K 148 -54.31 92.12 -68.47
CA SER K 148 -54.47 93.55 -68.74
C SER K 148 -53.13 94.29 -68.72
N LYS K 149 -52.43 94.25 -67.59
CA LYS K 149 -51.18 94.98 -67.40
C LYS K 149 -50.07 93.98 -67.11
N PRO K 150 -49.52 93.33 -68.14
CA PRO K 150 -48.42 92.40 -67.90
C PRO K 150 -47.14 93.06 -67.43
N HIS K 151 -46.98 94.37 -67.68
CA HIS K 151 -45.78 95.09 -67.33
C HIS K 151 -45.87 95.83 -65.99
N GLY K 152 -47.08 96.11 -65.51
CA GLY K 152 -47.25 96.85 -64.28
C GLY K 152 -46.85 96.06 -63.06
N ASP K 153 -46.91 96.74 -61.91
CA ASP K 153 -46.56 96.11 -60.64
C ASP K 153 -47.60 95.09 -60.19
N ARG K 154 -48.82 95.13 -60.75
CA ARG K 154 -49.88 94.19 -60.40
C ARG K 154 -50.70 93.87 -61.63
N PRO K 155 -50.36 92.80 -62.33
CA PRO K 155 -51.16 92.40 -63.50
C PRO K 155 -52.56 91.96 -63.11
N ASP K 156 -53.46 91.94 -64.09
CA ASP K 156 -54.87 91.68 -63.79
C ASP K 156 -55.10 90.30 -63.18
N PRO K 157 -54.70 89.18 -63.81
CA PRO K 157 -54.55 87.94 -63.06
C PRO K 157 -53.10 87.80 -62.58
N SER K 158 -52.95 87.51 -61.29
CA SER K 158 -51.61 87.39 -60.73
C SER K 158 -50.87 86.25 -61.44
N PRO K 159 -49.62 86.47 -61.86
CA PRO K 159 -48.92 85.45 -62.65
C PRO K 159 -48.68 84.19 -61.84
N ASP K 160 -48.56 83.07 -62.57
CA ASP K 160 -48.35 81.78 -61.93
C ASP K 160 -46.93 81.61 -61.44
N VAL K 161 -45.94 82.12 -62.18
CA VAL K 161 -44.55 82.06 -61.77
C VAL K 161 -43.90 83.43 -61.93
N GLU K 162 -43.03 83.77 -60.98
CA GLU K 162 -42.42 85.08 -60.84
C GLU K 162 -40.95 84.90 -60.47
N GLU K 163 -40.05 85.59 -61.16
CA GLU K 163 -38.63 85.56 -60.81
C GLU K 163 -38.02 86.93 -61.00
N VAL K 164 -37.21 87.37 -60.04
CA VAL K 164 -36.61 88.71 -60.05
C VAL K 164 -35.11 88.58 -59.77
N TYR K 165 -34.29 89.32 -60.54
CA TYR K 165 -32.85 89.36 -60.36
C TYR K 165 -32.40 90.81 -60.41
N ASP K 166 -31.74 91.27 -59.35
CA ASP K 166 -31.55 92.70 -59.11
C ASP K 166 -30.16 93.21 -59.48
N GLY K 167 -29.10 92.65 -58.92
CA GLY K 167 -27.79 93.26 -59.12
C GLY K 167 -27.02 92.74 -60.32
N LEU K 168 -27.47 93.06 -61.52
CA LEU K 168 -26.86 92.51 -62.73
C LEU K 168 -25.91 93.51 -63.38
N SER K 169 -24.96 92.97 -64.13
CA SER K 169 -23.95 93.76 -64.83
C SER K 169 -23.68 93.14 -66.18
N ALA K 170 -23.00 93.90 -67.04
CA ALA K 170 -22.61 93.44 -68.36
C ALA K 170 -21.12 93.17 -68.47
N ASP K 171 -20.42 93.02 -67.34
CA ASP K 171 -18.99 92.71 -67.36
C ASP K 171 -18.79 91.21 -67.28
N PRO K 172 -18.21 90.57 -68.30
CA PRO K 172 -18.12 89.11 -68.29
C PRO K 172 -17.20 88.54 -67.21
N GLU K 173 -16.28 89.32 -66.68
CA GLU K 173 -15.36 88.83 -65.66
C GLU K 173 -15.85 89.05 -64.25
N ALA K 174 -16.98 89.73 -64.07
CA ALA K 174 -17.57 89.94 -62.76
C ALA K 174 -18.39 88.72 -62.35
N SER K 175 -18.73 88.68 -61.06
CA SER K 175 -19.58 87.60 -60.55
C SER K 175 -21.05 87.93 -60.62
N ASN K 176 -21.41 89.17 -60.92
CA ASN K 176 -22.80 89.56 -61.14
C ASN K 176 -23.12 89.73 -62.62
N PHE K 177 -22.35 89.11 -63.50
CA PHE K 177 -22.69 89.05 -64.92
C PHE K 177 -24.00 88.28 -65.09
N TYR K 178 -24.88 88.78 -65.96
CA TYR K 178 -26.24 88.27 -66.00
C TYR K 178 -26.29 86.83 -66.49
N GLU K 179 -25.33 86.43 -67.33
CA GLU K 179 -25.29 85.04 -67.79
C GLU K 179 -25.07 84.07 -66.63
N LYS K 180 -24.28 84.47 -65.62
CA LYS K 180 -24.04 83.60 -64.47
C LYS K 180 -25.17 83.66 -63.45
N GLN K 181 -25.87 84.78 -63.37
CA GLN K 181 -26.90 84.92 -62.35
C GLN K 181 -28.22 84.28 -62.80
N LEU K 182 -28.57 84.43 -64.07
CA LEU K 182 -29.80 83.84 -64.59
C LEU K 182 -29.68 82.35 -64.84
N GLU K 183 -28.59 81.71 -64.43
CA GLU K 183 -28.40 80.30 -64.76
C GLU K 183 -29.28 79.41 -63.89
N SER K 184 -29.61 79.87 -62.68
CA SER K 184 -30.52 79.14 -61.80
C SER K 184 -31.91 79.74 -61.97
N SER K 185 -32.61 79.29 -63.00
CA SER K 185 -33.95 79.77 -63.33
C SER K 185 -34.73 78.61 -63.92
N VAL K 186 -35.96 78.43 -63.45
CA VAL K 186 -36.77 77.31 -63.91
C VAL K 186 -37.55 77.63 -65.19
N LEU K 187 -37.39 78.82 -65.75
CA LEU K 187 -38.21 79.24 -66.88
C LEU K 187 -37.41 79.45 -68.17
N VAL K 188 -36.27 80.14 -68.12
CA VAL K 188 -35.58 80.59 -69.31
C VAL K 188 -34.09 80.25 -69.22
N ASP K 189 -33.39 80.50 -70.33
CA ASP K 189 -31.96 80.35 -70.48
C ASP K 189 -31.44 81.52 -71.29
N ILE K 190 -30.27 82.04 -70.92
CA ILE K 190 -29.67 83.20 -71.57
C ILE K 190 -28.34 82.80 -72.18
N GLU K 191 -28.06 83.33 -73.36
CA GLU K 191 -26.76 83.13 -73.99
C GLU K 191 -26.23 84.46 -74.50
N TYR K 192 -24.94 84.69 -74.29
CA TYR K 192 -24.31 85.97 -74.58
C TYR K 192 -23.86 86.04 -76.04
N LYS K 193 -24.11 87.18 -76.68
CA LYS K 193 -23.75 87.37 -78.08
C LYS K 193 -22.75 88.51 -78.29
N ASP K 194 -23.05 89.71 -77.79
CA ASP K 194 -22.27 90.89 -78.13
C ASP K 194 -22.20 91.83 -76.93
N ASP K 195 -21.37 92.85 -77.04
CA ASP K 195 -21.13 93.78 -75.94
C ASP K 195 -22.22 94.85 -75.91
N GLY K 196 -22.75 95.11 -74.73
CA GLY K 196 -23.76 96.13 -74.56
C GLY K 196 -24.58 95.87 -73.32
N THR K 197 -25.61 96.71 -73.16
CA THR K 197 -26.55 96.59 -72.06
C THR K 197 -27.96 96.79 -72.62
N PRO K 198 -28.94 96.01 -72.17
CA PRO K 198 -30.26 96.05 -72.81
C PRO K 198 -31.06 97.27 -72.42
N VAL K 199 -32.01 97.63 -73.27
CA VAL K 199 -32.93 98.74 -73.03
C VAL K 199 -34.14 98.22 -72.27
N ASP K 200 -34.83 99.12 -71.57
CA ASP K 200 -35.95 98.73 -70.73
C ASP K 200 -37.14 98.30 -71.58
N GLY K 201 -38.04 97.52 -70.98
CA GLY K 201 -39.27 97.16 -71.62
C GLY K 201 -39.59 95.69 -71.42
N LEU K 202 -40.67 95.25 -72.08
CA LEU K 202 -41.20 93.90 -71.98
C LEU K 202 -41.11 93.21 -73.33
N THR K 203 -40.99 91.89 -73.31
CA THR K 203 -40.94 91.12 -74.54
C THR K 203 -41.43 89.69 -74.30
N TRP K 204 -42.16 89.15 -75.28
CA TRP K 204 -42.68 87.80 -75.25
C TRP K 204 -41.83 86.89 -76.16
N LEU K 205 -41.84 85.61 -75.85
CA LEU K 205 -41.12 84.61 -76.64
C LEU K 205 -42.05 84.05 -77.72
N HIS K 206 -41.58 84.05 -78.96
CA HIS K 206 -42.41 83.76 -80.13
C HIS K 206 -41.90 82.55 -80.89
N ARG K 207 -42.65 82.20 -81.94
CA ARG K 207 -42.30 81.17 -82.93
C ARG K 207 -41.95 79.84 -82.25
N ASP K 208 -42.98 79.25 -81.66
CA ASP K 208 -42.87 77.90 -81.13
C ASP K 208 -42.81 76.87 -82.25
N VAL K 292 -48.43 61.04 -77.58
CA VAL K 292 -47.14 60.40 -77.41
C VAL K 292 -47.23 58.93 -77.79
N THR K 293 -46.10 58.35 -78.15
CA THR K 293 -45.99 56.96 -78.60
C THR K 293 -45.00 56.20 -77.72
N LEU K 294 -44.73 54.96 -78.12
CA LEU K 294 -43.74 54.15 -77.41
C LEU K 294 -42.32 54.65 -77.65
N LYS K 295 -42.05 55.19 -78.84
CA LYS K 295 -40.72 55.70 -79.17
C LYS K 295 -40.37 56.96 -78.40
N ASP K 296 -41.35 57.69 -77.87
CA ASP K 296 -41.06 58.80 -76.98
C ASP K 296 -40.76 58.35 -75.57
N TYR K 297 -41.39 57.27 -75.12
CA TYR K 297 -41.04 56.68 -73.83
C TYR K 297 -39.69 55.99 -73.86
N GLU K 298 -39.28 55.48 -75.02
CA GLU K 298 -37.93 54.93 -75.15
C GLU K 298 -36.87 56.01 -75.02
N GLY K 299 -37.11 57.17 -75.62
CA GLY K 299 -36.22 58.31 -75.45
C GLY K 299 -35.18 58.43 -76.54
N VAL K 300 -34.54 59.60 -76.55
CA VAL K 300 -33.48 59.92 -77.49
C VAL K 300 -32.14 59.49 -76.90
N ASN K 301 -31.26 58.94 -77.73
CA ASN K 301 -29.92 58.55 -77.33
C ASN K 301 -28.94 59.12 -78.35
N LYS K 302 -28.46 60.33 -78.08
CA LYS K 302 -27.48 61.01 -78.88
C LYS K 302 -26.27 61.35 -78.02
N PRO K 303 -25.12 61.66 -78.62
CA PRO K 303 -23.91 61.90 -77.81
C PRO K 303 -24.07 62.94 -76.70
N GLY K 304 -24.90 63.96 -76.89
CA GLY K 304 -25.07 64.96 -75.85
C GLY K 304 -26.50 65.24 -75.44
N LEU K 305 -27.36 64.21 -75.48
CA LEU K 305 -28.77 64.39 -75.13
C LEU K 305 -29.39 63.02 -74.89
N ARG K 306 -30.01 62.84 -73.72
CA ARG K 306 -30.67 61.60 -73.36
C ARG K 306 -32.00 61.90 -72.69
N THR K 307 -33.07 61.28 -73.17
CA THR K 307 -34.40 61.41 -72.59
C THR K 307 -34.99 60.02 -72.42
N GLY K 308 -36.11 59.95 -71.71
CA GLY K 308 -36.83 58.68 -71.58
C GLY K 308 -36.09 57.70 -70.68
N LEU K 309 -36.05 56.44 -71.12
CA LEU K 309 -35.33 55.41 -70.38
C LEU K 309 -33.83 55.46 -70.64
N ALA K 310 -33.43 55.92 -71.83
CA ALA K 310 -32.02 56.12 -72.13
C ALA K 310 -31.38 57.12 -71.17
N GLY K 311 -32.14 58.10 -70.72
CA GLY K 311 -31.63 59.02 -69.72
C GLY K 311 -31.53 58.39 -68.34
N PHE K 312 -32.49 57.52 -68.01
CA PHE K 312 -32.48 56.88 -66.70
C PHE K 312 -31.34 55.87 -66.57
N LYS K 313 -30.94 55.22 -67.67
CA LYS K 313 -29.94 54.18 -67.53
C LYS K 313 -28.53 54.72 -67.34
N ALA K 314 -28.37 56.04 -67.25
CA ALA K 314 -27.10 56.66 -66.89
C ALA K 314 -27.11 57.25 -65.49
N ILE K 315 -28.12 56.93 -64.69
CA ILE K 315 -28.23 57.34 -63.29
C ILE K 315 -28.17 56.06 -62.45
N ASP K 316 -27.25 56.02 -61.48
CA ASP K 316 -27.04 54.83 -60.68
C ASP K 316 -27.65 54.89 -59.29
N GLU K 317 -28.50 55.89 -59.02
CA GLU K 317 -29.20 55.97 -57.75
C GLU K 317 -30.57 55.32 -57.78
N ILE K 318 -31.19 55.22 -58.96
CA ILE K 318 -32.54 54.71 -59.07
C ILE K 318 -32.57 53.24 -58.71
N SER K 319 -33.56 52.85 -57.90
CA SER K 319 -33.73 51.46 -57.48
C SER K 319 -35.09 50.88 -57.81
N MET K 320 -36.05 51.70 -58.25
CA MET K 320 -37.34 51.20 -58.71
C MET K 320 -37.93 52.20 -59.70
N VAL K 321 -38.58 51.67 -60.74
CA VAL K 321 -39.09 52.45 -61.85
C VAL K 321 -40.59 52.23 -61.97
N CYS K 322 -41.34 53.29 -62.29
CA CYS K 322 -42.76 53.15 -62.53
C CYS K 322 -43.21 54.11 -63.62
N ALA K 323 -44.16 53.65 -64.43
CA ALA K 323 -44.81 54.48 -65.43
C ALA K 323 -46.32 54.41 -65.20
N PRO K 324 -46.94 55.49 -64.70
CA PRO K 324 -48.38 55.42 -64.37
C PRO K 324 -49.28 55.07 -65.54
N ASP K 325 -48.97 55.55 -66.76
CA ASP K 325 -49.83 55.34 -67.92
C ASP K 325 -49.36 54.19 -68.79
N GLU K 326 -48.83 53.12 -68.19
CA GLU K 326 -48.24 52.03 -68.94
C GLU K 326 -49.28 51.19 -69.68
N ASN K 327 -50.56 51.33 -69.35
CA ASN K 327 -51.60 50.53 -69.98
C ASN K 327 -52.26 51.24 -71.16
N ASP K 328 -51.97 52.52 -71.37
CA ASP K 328 -52.47 53.24 -72.53
C ASP K 328 -51.53 53.14 -73.73
N ILE K 329 -50.28 52.78 -73.52
CA ILE K 329 -49.27 52.69 -74.58
C ILE K 329 -48.89 51.22 -74.70
N ASP K 330 -49.25 50.58 -75.80
CA ASP K 330 -48.98 49.16 -75.98
C ASP K 330 -47.49 48.94 -76.24
N GLY K 331 -46.93 47.95 -75.56
CA GLY K 331 -45.52 47.64 -75.69
C GLY K 331 -44.59 48.33 -74.72
N LEU K 332 -45.13 48.94 -73.66
CA LEU K 332 -44.31 49.64 -72.68
C LEU K 332 -43.98 48.78 -71.46
N THR K 333 -44.86 47.86 -71.08
CA THR K 333 -44.59 46.95 -69.97
C THR K 333 -43.35 46.11 -70.25
N ASP K 334 -43.28 45.54 -71.46
CA ASP K 334 -42.12 44.72 -71.82
C ASP K 334 -40.85 45.55 -71.86
N SER K 335 -40.94 46.78 -72.36
CA SER K 335 -39.76 47.65 -72.39
C SER K 335 -39.26 47.96 -70.99
N ILE K 336 -40.17 48.21 -70.05
CA ILE K 336 -39.76 48.51 -68.68
C ILE K 336 -39.12 47.29 -68.03
N VAL K 337 -39.73 46.12 -68.20
CA VAL K 337 -39.18 44.91 -67.60
C VAL K 337 -37.81 44.58 -68.21
N ALA K 338 -37.66 44.81 -69.52
CA ALA K 338 -36.38 44.56 -70.17
C ALA K 338 -35.31 45.55 -69.70
N HIS K 339 -35.68 46.81 -69.51
CA HIS K 339 -34.75 47.80 -68.96
C HIS K 339 -34.25 47.35 -67.58
N CYS K 340 -35.17 46.92 -66.72
CA CYS K 340 -34.76 46.52 -65.38
C CYS K 340 -33.94 45.23 -65.39
N GLU K 341 -34.22 44.31 -66.30
CA GLU K 341 -33.45 43.07 -66.36
C GLU K 341 -32.09 43.28 -67.00
N ASN K 342 -31.95 44.25 -67.92
CA ASN K 342 -30.68 44.48 -68.56
C ASN K 342 -29.74 45.33 -67.71
N MET K 343 -30.29 46.25 -66.90
CA MET K 343 -29.43 46.94 -65.95
C MET K 343 -29.01 46.02 -64.81
N GLY K 344 -29.95 45.21 -64.32
CA GLY K 344 -29.67 44.26 -63.27
C GLY K 344 -29.58 44.84 -61.88
N ASP K 345 -30.04 46.08 -61.67
CA ASP K 345 -29.93 46.71 -60.36
C ASP K 345 -31.17 47.52 -59.99
N ARG K 346 -32.32 47.24 -60.59
CA ARG K 346 -33.53 47.97 -60.25
C ARG K 346 -34.72 47.04 -60.36
N PHE K 347 -35.86 47.52 -59.87
CA PHE K 347 -37.08 46.73 -59.71
C PHE K 347 -38.24 47.45 -60.37
N ALA K 348 -39.17 46.69 -60.94
CA ALA K 348 -40.29 47.26 -61.68
C ALA K 348 -41.61 47.03 -60.95
N ILE K 349 -42.42 48.08 -60.87
CA ILE K 349 -43.73 48.06 -60.22
C ILE K 349 -44.78 48.21 -61.31
N LEU K 350 -45.75 47.29 -61.34
CA LEU K 350 -46.76 47.25 -62.38
C LEU K 350 -48.14 47.21 -61.74
N GLN K 351 -49.10 47.85 -62.41
CA GLN K 351 -50.48 47.89 -61.97
C GLN K 351 -51.38 47.28 -63.05
N SER K 352 -52.52 46.74 -62.62
CA SER K 352 -53.45 46.08 -63.50
C SER K 352 -54.18 47.10 -64.36
N PRO K 353 -54.93 46.66 -65.37
CA PRO K 353 -55.82 47.58 -66.09
C PRO K 353 -57.02 47.95 -65.24
N GLN K 354 -57.76 48.95 -65.72
CA GLN K 354 -58.98 49.34 -65.04
C GLN K 354 -60.07 48.29 -65.20
N ASN K 355 -60.02 47.52 -66.29
CA ASN K 355 -60.96 46.43 -66.53
C ASN K 355 -60.15 45.20 -66.93
N PRO K 356 -59.74 44.37 -65.96
CA PRO K 356 -58.90 43.22 -66.28
C PRO K 356 -59.66 41.95 -66.62
N GLY K 357 -60.99 41.96 -66.57
CA GLY K 357 -61.78 40.82 -66.97
C GLY K 357 -62.30 40.01 -65.81
N PRO K 358 -62.73 38.78 -66.07
CA PRO K 358 -63.20 37.91 -65.00
C PRO K 358 -62.05 37.43 -64.13
N VAL K 359 -62.39 37.13 -62.87
CA VAL K 359 -61.36 36.78 -61.88
C VAL K 359 -60.70 35.45 -62.22
N SER K 360 -61.48 34.49 -62.71
CA SER K 360 -60.96 33.16 -62.99
C SER K 360 -60.04 33.12 -64.21
N GLU K 361 -59.81 34.25 -64.88
CA GLU K 361 -59.02 34.27 -66.10
C GLU K 361 -57.84 35.23 -66.04
N MET K 362 -57.58 35.83 -64.88
CA MET K 362 -56.51 36.82 -64.78
C MET K 362 -55.15 36.15 -64.75
N GLU K 363 -54.16 36.82 -65.34
CA GLU K 363 -52.79 36.36 -65.36
C GLU K 363 -51.86 37.55 -65.24
N THR K 364 -50.61 37.29 -64.96
CA THR K 364 -49.69 38.41 -64.98
C THR K 364 -49.14 38.64 -66.38
N PRO K 365 -48.79 39.88 -66.73
CA PRO K 365 -48.31 40.13 -68.09
C PRO K 365 -46.96 39.48 -68.38
N VAL K 366 -46.01 39.55 -67.45
CA VAL K 366 -44.69 39.00 -67.66
C VAL K 366 -44.42 37.92 -66.61
N ASP K 367 -43.30 37.22 -66.75
CA ASP K 367 -42.88 36.15 -65.84
C ASP K 367 -41.49 36.42 -65.33
N SER K 368 -41.22 37.67 -64.96
CA SER K 368 -39.90 38.11 -64.55
C SER K 368 -39.77 38.08 -63.03
N SER K 369 -38.53 37.90 -62.58
CA SER K 369 -38.18 38.05 -61.18
C SER K 369 -37.89 39.49 -60.80
N TYR K 370 -37.96 40.42 -61.75
CA TYR K 370 -37.61 41.81 -61.52
C TYR K 370 -38.84 42.72 -61.50
N ALA K 371 -40.02 42.18 -61.24
CA ALA K 371 -41.25 42.94 -61.31
C ALA K 371 -42.24 42.45 -60.26
N ALA K 372 -43.17 43.33 -59.91
CA ALA K 372 -44.28 43.01 -59.02
C ALA K 372 -45.55 43.66 -59.54
N TYR K 373 -46.69 43.06 -59.22
CA TYR K 373 -47.97 43.35 -59.87
C TYR K 373 -49.05 43.57 -58.84
N TYR K 374 -49.70 44.74 -58.86
CA TYR K 374 -50.64 45.15 -57.83
C TYR K 374 -52.02 45.41 -58.40
N TYR K 375 -53.05 45.24 -57.55
CA TYR K 375 -54.44 45.32 -57.97
C TYR K 375 -55.32 45.61 -56.76
N PRO K 376 -56.41 46.40 -56.90
CA PRO K 376 -57.00 47.23 -57.96
C PRO K 376 -56.64 48.71 -57.92
N TRP K 377 -57.43 49.52 -58.63
CA TRP K 377 -57.29 50.98 -58.68
C TRP K 377 -57.85 51.63 -57.42
N VAL K 378 -57.53 52.91 -57.22
CA VAL K 378 -57.90 53.63 -56.01
C VAL K 378 -58.63 54.94 -56.37
N ASN K 379 -59.21 55.56 -55.34
CA ASN K 379 -59.99 56.79 -55.48
C ASN K 379 -59.31 57.93 -54.74
N VAL K 380 -59.28 59.11 -55.35
CA VAL K 380 -58.64 60.29 -54.78
C VAL K 380 -59.53 61.51 -55.03
N LEU K 381 -59.21 62.61 -54.35
CA LEU K 381 -59.83 63.91 -54.59
C LEU K 381 -59.04 64.67 -55.65
N ASP K 382 -59.74 65.20 -56.64
CA ASP K 382 -59.10 65.89 -57.75
C ASP K 382 -59.03 67.38 -57.46
N PRO K 383 -57.84 67.99 -57.45
CA PRO K 383 -57.72 69.38 -56.97
C PRO K 383 -58.21 70.44 -57.96
N VAL K 384 -58.87 70.07 -59.05
CA VAL K 384 -59.43 71.05 -59.97
C VAL K 384 -60.95 70.94 -60.07
N THR K 385 -61.54 69.81 -59.68
CA THR K 385 -62.99 69.65 -59.65
C THR K 385 -63.52 69.42 -58.24
N ASN K 386 -62.65 69.04 -57.30
CA ASN K 386 -63.05 68.72 -55.93
C ASN K 386 -64.02 67.56 -55.88
N ARG K 387 -63.83 66.60 -56.78
CA ARG K 387 -64.63 65.39 -56.84
C ARG K 387 -63.71 64.18 -56.78
N GLU K 388 -64.31 63.00 -56.61
CA GLU K 388 -63.53 61.77 -56.61
C GLU K 388 -63.10 61.41 -58.03
N LYS K 389 -62.00 60.68 -58.12
CA LYS K 389 -61.40 60.30 -59.39
C LYS K 389 -60.64 59.00 -59.18
N LEU K 390 -60.67 58.13 -60.19
CA LEU K 390 -60.09 56.80 -60.11
C LEU K 390 -58.73 56.79 -60.79
N VAL K 391 -57.71 56.33 -60.08
CA VAL K 391 -56.34 56.37 -60.56
C VAL K 391 -55.65 55.05 -60.24
N PRO K 392 -54.55 54.75 -60.94
CA PRO K 392 -53.79 53.54 -60.61
C PRO K 392 -52.98 53.73 -59.34
N PRO K 393 -52.69 52.65 -58.62
CA PRO K 393 -52.04 52.78 -57.30
C PRO K 393 -50.53 52.77 -57.27
N GLY K 394 -49.85 53.02 -58.39
CA GLY K 394 -48.42 52.75 -58.46
C GLY K 394 -47.57 53.64 -57.57
N GLY K 395 -47.82 54.95 -57.58
CA GLY K 395 -46.98 55.87 -56.83
C GLY K 395 -47.13 55.72 -55.32
N HIS K 396 -48.36 55.48 -54.87
CA HIS K 396 -48.58 55.22 -53.45
C HIS K 396 -47.79 54.00 -52.99
N ILE K 397 -47.73 52.97 -53.84
CA ILE K 397 -47.02 51.74 -53.49
C ILE K 397 -45.52 51.98 -53.47
N ALA K 398 -45.01 52.78 -54.42
CA ALA K 398 -43.59 53.11 -54.39
C ALA K 398 -43.24 53.90 -53.14
N GLY K 399 -44.13 54.80 -52.71
CA GLY K 399 -43.91 55.51 -51.46
C GLY K 399 -43.89 54.60 -50.25
N ILE K 400 -44.75 53.58 -50.25
CA ILE K 400 -44.74 52.58 -49.19
C ILE K 400 -43.41 51.82 -49.19
N TYR K 401 -42.92 51.44 -50.37
CA TYR K 401 -41.61 50.79 -50.47
C TYR K 401 -40.53 51.65 -49.82
N SER K 402 -40.46 52.93 -50.20
CA SER K 402 -39.45 53.84 -49.66
C SER K 402 -39.56 53.96 -48.14
N ARG K 403 -40.78 54.12 -47.63
CA ARG K 403 -40.97 54.26 -46.18
C ARG K 403 -40.49 53.02 -45.43
N THR K 404 -40.93 51.84 -45.90
CA THR K 404 -40.52 50.60 -45.24
C THR K 404 -39.00 50.43 -45.27
N ASP K 405 -38.37 50.80 -46.39
CA ASP K 405 -36.92 50.71 -46.47
C ASP K 405 -36.25 51.66 -45.47
N GLN K 406 -36.85 52.83 -45.24
CA GLN K 406 -36.24 53.78 -44.32
C GLN K 406 -36.37 53.34 -42.87
N GLU K 407 -37.52 52.77 -42.49
CA GLU K 407 -37.76 52.50 -41.08
C GLU K 407 -37.50 51.06 -40.64
N HIS K 408 -37.36 50.11 -41.57
CA HIS K 408 -37.15 48.72 -41.19
C HIS K 408 -35.93 48.06 -41.83
N GLY K 409 -35.58 48.43 -43.06
CA GLY K 409 -34.57 47.74 -43.82
C GLY K 409 -35.12 47.14 -45.09
N VAL K 410 -34.19 46.72 -45.96
CA VAL K 410 -34.56 46.14 -47.24
C VAL K 410 -35.01 44.69 -47.13
N HIS K 411 -34.82 44.07 -45.98
CA HIS K 411 -35.23 42.70 -45.74
C HIS K 411 -36.66 42.57 -45.24
N LYS K 412 -37.35 43.68 -45.05
CA LYS K 412 -38.72 43.66 -44.53
C LYS K 412 -39.71 43.71 -45.69
N ALA K 413 -40.69 42.82 -45.66
CA ALA K 413 -41.69 42.77 -46.71
C ALA K 413 -42.59 44.00 -46.64
N PRO K 414 -42.76 44.73 -47.73
CA PRO K 414 -43.60 45.95 -47.69
C PRO K 414 -45.10 45.63 -47.81
N ALA K 415 -45.58 44.78 -46.91
CA ALA K 415 -46.98 44.43 -46.84
C ALA K 415 -47.45 44.49 -45.40
N ASN K 416 -48.78 44.49 -45.22
CA ASN K 416 -49.41 44.79 -43.93
C ASN K 416 -49.11 46.23 -43.51
N GLU K 417 -49.14 47.14 -44.49
CA GLU K 417 -48.88 48.55 -44.29
C GLU K 417 -50.06 49.36 -44.82
N THR K 418 -50.25 50.54 -44.26
CA THR K 418 -51.40 51.37 -44.57
C THR K 418 -51.11 52.27 -45.77
N LEU K 419 -52.16 52.53 -46.54
CA LEU K 419 -52.11 53.49 -47.65
C LEU K 419 -52.69 54.82 -47.20
N ARG K 420 -51.91 55.87 -47.32
CA ARG K 420 -52.32 57.22 -46.96
C ARG K 420 -52.55 58.04 -48.23
N GLY K 421 -53.56 58.91 -48.18
CA GLY K 421 -53.81 59.83 -49.26
C GLY K 421 -54.92 59.45 -50.21
N ILE K 422 -55.75 58.47 -49.86
CA ILE K 422 -56.81 58.00 -50.73
C ILE K 422 -58.14 58.10 -49.98
N VAL K 423 -59.22 57.80 -50.71
CA VAL K 423 -60.57 57.84 -50.18
C VAL K 423 -61.20 56.46 -50.14
N GLY K 424 -61.06 55.68 -51.20
CA GLY K 424 -61.60 54.33 -51.24
C GLY K 424 -60.94 53.54 -52.34
N LEU K 425 -61.44 52.34 -52.53
CA LEU K 425 -60.95 51.43 -53.55
C LEU K 425 -61.94 51.33 -54.71
N GLN K 426 -61.55 50.57 -55.73
CA GLN K 426 -62.46 50.31 -56.85
C GLN K 426 -63.43 49.18 -56.50
N HIS K 427 -62.91 48.07 -56.01
CA HIS K 427 -63.71 46.95 -55.53
C HIS K 427 -63.20 46.52 -54.16
N ASN K 428 -64.03 45.83 -53.42
CA ASN K 428 -63.62 45.16 -52.20
C ASN K 428 -63.46 43.67 -52.49
N ILE K 429 -62.27 43.16 -52.27
CA ILE K 429 -61.94 41.75 -52.51
C ILE K 429 -62.15 40.96 -51.24
N THR K 430 -62.76 39.78 -51.35
CA THR K 430 -63.01 38.92 -50.22
C THR K 430 -61.87 37.91 -50.05
N LYS K 431 -62.01 37.05 -49.05
CA LYS K 431 -61.02 36.01 -48.80
C LYS K 431 -61.16 34.84 -49.77
N GLY K 432 -62.34 34.62 -50.34
CA GLY K 432 -62.50 33.55 -51.31
C GLY K 432 -61.87 33.86 -52.65
N GLU K 433 -61.84 35.13 -53.05
CA GLU K 433 -61.25 35.50 -54.33
C GLU K 433 -59.74 35.60 -54.26
N GLN K 434 -59.18 35.92 -53.10
CA GLN K 434 -57.73 35.99 -52.98
C GLN K 434 -57.09 34.60 -52.92
N ASP K 435 -57.85 33.58 -52.57
CA ASP K 435 -57.36 32.21 -52.65
C ASP K 435 -57.12 31.77 -54.08
N VAL K 436 -57.60 32.51 -55.07
CA VAL K 436 -57.40 32.18 -56.47
C VAL K 436 -56.32 33.09 -57.05
N LEU K 437 -56.25 34.32 -56.56
CA LEU K 437 -55.33 35.32 -57.10
C LEU K 437 -53.93 35.23 -56.50
N ASN K 438 -53.82 34.89 -55.21
CA ASN K 438 -52.51 34.92 -54.56
C ASN K 438 -51.55 33.87 -55.11
N PRO K 439 -51.93 32.61 -55.34
CA PRO K 439 -50.98 31.66 -55.95
C PRO K 439 -50.55 32.00 -57.37
N LYS K 440 -51.09 33.05 -57.96
CA LYS K 440 -50.75 33.44 -59.33
C LYS K 440 -49.78 34.61 -59.40
N GLY K 441 -49.35 35.15 -58.27
CA GLY K 441 -48.42 36.27 -58.26
C GLY K 441 -49.06 37.64 -58.32
N ILE K 442 -50.35 37.75 -58.09
CA ILE K 442 -51.09 39.01 -58.15
C ILE K 442 -51.30 39.50 -56.73
N ASN K 443 -50.84 40.71 -56.43
CA ASN K 443 -50.92 41.26 -55.09
C ASN K 443 -52.16 42.15 -54.96
N CYS K 444 -52.82 42.04 -53.81
CA CYS K 444 -54.11 42.68 -53.61
C CYS K 444 -54.02 43.79 -52.56
N ILE K 445 -54.85 44.81 -52.75
CA ILE K 445 -55.05 45.86 -51.78
C ILE K 445 -56.46 45.72 -51.22
N ARG K 446 -56.57 45.47 -49.92
CA ARG K 446 -57.83 45.11 -49.30
C ARG K 446 -58.16 46.08 -48.18
N SER K 447 -59.38 46.01 -47.67
CA SER K 447 -59.85 46.88 -46.60
C SER K 447 -60.50 46.02 -45.53
N PHE K 448 -59.97 46.11 -44.32
CA PHE K 448 -60.46 45.36 -43.17
C PHE K 448 -61.22 46.27 -42.23
N GLN K 449 -62.30 45.74 -41.66
CA GLN K 449 -63.11 46.50 -40.71
C GLN K 449 -62.38 46.59 -39.38
N GLY K 450 -62.16 47.82 -38.92
CA GLY K 450 -61.38 48.05 -37.72
C GLY K 450 -59.90 48.25 -37.95
N ARG K 451 -59.40 48.00 -39.17
CA ARG K 451 -57.98 48.10 -39.44
C ARG K 451 -57.63 48.97 -40.64
N GLY K 452 -58.52 49.21 -41.57
CA GLY K 452 -58.25 50.13 -42.66
C GLY K 452 -57.87 49.44 -43.96
N ILE K 453 -57.28 50.23 -44.86
CA ILE K 453 -56.88 49.75 -46.18
C ILE K 453 -55.39 49.42 -46.16
N ARG K 454 -55.07 48.19 -46.57
CA ARG K 454 -53.70 47.69 -46.48
C ARG K 454 -53.34 46.86 -47.71
N VAL K 455 -52.05 46.76 -47.96
CA VAL K 455 -51.51 45.87 -48.99
C VAL K 455 -51.36 44.48 -48.39
N TRP K 456 -51.93 43.46 -49.05
CA TRP K 456 -51.97 42.09 -48.52
C TRP K 456 -51.39 41.15 -49.57
N GLY K 457 -50.05 41.06 -49.61
CA GLY K 457 -49.38 40.22 -50.58
C GLY K 457 -48.01 40.75 -50.94
N ALA K 458 -47.01 39.87 -50.99
CA ALA K 458 -45.61 40.27 -51.15
C ALA K 458 -44.84 39.34 -52.09
N ARG K 459 -45.42 39.00 -53.23
CA ARG K 459 -44.78 38.08 -54.17
C ARG K 459 -44.37 38.80 -55.45
N THR K 460 -43.48 38.16 -56.21
CA THR K 460 -43.10 38.60 -57.55
C THR K 460 -43.88 37.82 -58.61
N THR K 461 -43.77 38.29 -59.85
CA THR K 461 -44.40 37.65 -60.99
C THR K 461 -43.66 36.39 -61.44
N SER K 462 -42.64 35.96 -60.72
CA SER K 462 -41.74 34.91 -61.19
C SER K 462 -42.34 33.52 -60.97
N SER K 463 -41.92 32.59 -61.83
CA SER K 463 -42.28 31.19 -61.71
C SER K 463 -41.20 30.35 -61.04
N ASP K 464 -39.95 30.83 -61.05
CA ASP K 464 -38.87 30.16 -60.34
C ASP K 464 -39.16 30.11 -58.85
N PRO K 465 -39.06 28.93 -58.21
CA PRO K 465 -39.33 28.87 -56.77
C PRO K 465 -38.29 29.55 -55.91
N GLU K 466 -37.14 29.88 -56.48
CA GLU K 466 -36.06 30.50 -55.71
C GLU K 466 -36.25 32.00 -55.52
N TRP K 467 -37.08 32.64 -56.34
CA TRP K 467 -37.29 34.08 -56.28
C TRP K 467 -38.77 34.39 -56.09
N LYS K 468 -39.43 33.62 -55.23
CA LYS K 468 -40.85 33.80 -54.98
C LYS K 468 -41.17 35.06 -54.19
N TYR K 469 -40.32 35.44 -53.24
CA TYR K 469 -40.58 36.56 -52.35
C TYR K 469 -39.75 37.77 -52.75
N LEU K 470 -40.32 38.94 -52.48
CA LEU K 470 -39.85 40.21 -53.02
C LEU K 470 -38.63 40.73 -52.26
N ASN K 471 -38.63 40.58 -50.93
CA ASN K 471 -37.54 41.11 -50.13
C ASN K 471 -36.24 40.36 -50.36
N VAL K 472 -36.31 39.10 -50.79
CA VAL K 472 -35.10 38.34 -51.10
C VAL K 472 -34.41 38.92 -52.33
N ARG K 473 -35.20 39.23 -53.37
CA ARG K 473 -34.67 39.87 -54.56
C ARG K 473 -34.08 41.24 -54.23
N ARG K 474 -34.77 42.04 -53.41
CA ARG K 474 -34.25 43.37 -53.09
C ARG K 474 -32.96 43.28 -52.27
N LEU K 475 -32.88 42.34 -51.33
CA LEU K 475 -31.64 42.16 -50.57
C LEU K 475 -30.49 41.76 -51.46
N PHE K 476 -30.73 40.84 -52.41
CA PHE K 476 -29.65 40.44 -53.31
C PHE K 476 -29.20 41.60 -54.20
N LEU K 477 -30.14 42.41 -54.70
CA LEU K 477 -29.75 43.59 -55.47
C LEU K 477 -28.82 44.49 -54.67
N PHE K 478 -29.23 44.80 -53.43
CA PHE K 478 -28.42 45.65 -52.56
C PHE K 478 -27.02 45.09 -52.36
N ILE K 479 -26.94 43.82 -51.99
CA ILE K 479 -25.64 43.20 -51.69
C ILE K 479 -24.75 43.20 -52.93
N GLU K 480 -25.31 42.81 -54.08
CA GLU K 480 -24.48 42.67 -55.27
C GLU K 480 -23.98 44.01 -55.77
N GLN K 481 -24.80 45.06 -55.68
CA GLN K 481 -24.31 46.36 -56.12
C GLN K 481 -23.25 46.90 -55.18
N SER K 482 -23.42 46.70 -53.86
CA SER K 482 -22.39 47.13 -52.94
C SER K 482 -21.06 46.46 -53.23
N ILE K 483 -21.09 45.14 -53.45
CA ILE K 483 -19.86 44.40 -53.75
C ILE K 483 -19.25 44.90 -55.06
N GLN K 484 -20.07 45.09 -56.09
CA GLN K 484 -19.55 45.54 -57.37
C GLN K 484 -18.85 46.89 -57.26
N GLU K 485 -19.45 47.83 -56.55
CA GLU K 485 -18.90 49.19 -56.53
C GLU K 485 -17.78 49.37 -55.52
N GLY K 486 -17.69 48.53 -54.48
CA GLY K 486 -16.67 48.72 -53.47
C GLY K 486 -15.48 47.79 -53.52
N THR K 487 -15.05 47.31 -54.69
CA THR K 487 -13.94 46.37 -54.76
C THR K 487 -13.02 46.67 -55.95
N GLN K 488 -13.09 47.88 -56.50
CA GLN K 488 -12.28 48.19 -57.68
C GLN K 488 -10.81 48.42 -57.37
N TRP K 489 -10.43 48.43 -56.08
CA TRP K 489 -9.02 48.55 -55.72
C TRP K 489 -8.25 47.26 -55.96
N ALA K 490 -8.93 46.14 -56.17
CA ALA K 490 -8.30 44.83 -56.22
C ALA K 490 -7.90 44.41 -57.63
N VAL K 491 -8.22 45.20 -58.65
CA VAL K 491 -7.87 44.84 -60.02
C VAL K 491 -6.40 45.15 -60.25
N PHE K 492 -5.68 44.20 -60.82
CA PHE K 492 -4.26 44.26 -61.17
C PHE K 492 -3.34 44.15 -59.95
N GLU K 493 -3.87 43.73 -58.81
CA GLU K 493 -3.06 43.47 -57.63
C GLU K 493 -2.42 42.08 -57.73
N PRO K 494 -1.35 41.84 -56.99
CA PRO K 494 -0.72 40.52 -57.03
C PRO K 494 -1.67 39.41 -56.60
N ASN K 495 -1.61 38.30 -57.32
CA ASN K 495 -2.49 37.15 -57.10
C ASN K 495 -1.82 36.18 -56.13
N GLU K 496 -1.82 36.56 -54.86
CA GLU K 496 -1.14 35.79 -53.82
C GLU K 496 -1.85 36.01 -52.50
N GLN K 497 -1.36 35.32 -51.45
CA GLN K 497 -2.13 35.09 -50.24
C GLN K 497 -2.51 36.37 -49.50
N ASP K 498 -1.72 37.44 -49.62
CA ASP K 498 -2.04 38.68 -48.93
C ASP K 498 -3.32 39.31 -49.47
N THR K 499 -3.42 39.42 -50.80
CA THR K 499 -4.63 39.94 -51.42
C THR K 499 -5.83 39.09 -51.07
N TRP K 500 -5.65 37.77 -51.04
CA TRP K 500 -6.74 36.85 -50.71
C TRP K 500 -7.27 37.10 -49.31
N GLY K 501 -6.36 37.17 -48.33
CA GLY K 501 -6.78 37.44 -46.97
C GLY K 501 -7.48 38.78 -46.84
N ARG K 502 -6.97 39.80 -47.54
CA ARG K 502 -7.57 41.12 -47.47
C ARG K 502 -9.01 41.12 -47.99
N ILE K 503 -9.22 40.52 -49.16
CA ILE K 503 -10.55 40.46 -49.76
C ILE K 503 -11.51 39.67 -48.87
N ARG K 504 -11.05 38.51 -48.40
CA ARG K 504 -11.89 37.69 -47.52
C ARG K 504 -12.32 38.47 -46.29
N GLN K 505 -11.39 39.19 -45.67
CA GLN K 505 -11.69 39.95 -44.46
C GLN K 505 -12.74 41.03 -44.72
N SER K 506 -12.58 41.77 -45.81
CA SER K 506 -13.56 42.82 -46.13
C SER K 506 -14.95 42.25 -46.31
N VAL K 507 -15.08 41.19 -47.13
CA VAL K 507 -16.41 40.67 -47.42
C VAL K 507 -17.04 40.07 -46.17
N THR K 508 -16.23 39.44 -45.32
CA THR K 508 -16.76 38.89 -44.07
C THR K 508 -17.29 39.99 -43.17
N ASN K 509 -16.57 41.12 -43.07
CA ASN K 509 -17.07 42.22 -42.24
C ASN K 509 -18.42 42.74 -42.75
N PHE K 510 -18.53 42.94 -44.07
CA PHE K 510 -19.79 43.42 -44.64
C PHE K 510 -20.94 42.45 -44.35
N LEU K 511 -20.72 41.15 -44.54
CA LEU K 511 -21.80 40.20 -44.35
C LEU K 511 -22.17 40.04 -42.88
N ARG K 512 -21.20 40.17 -41.97
CA ARG K 512 -21.52 40.11 -40.56
C ARG K 512 -22.35 41.31 -40.14
N THR K 513 -22.07 42.48 -40.72
CA THR K 513 -22.92 43.64 -40.46
C THR K 513 -24.35 43.39 -40.94
N VAL K 514 -24.49 42.84 -42.15
CA VAL K 514 -25.83 42.53 -42.66
C VAL K 514 -26.55 41.54 -41.74
N TRP K 515 -25.82 40.55 -41.22
CA TRP K 515 -26.42 39.56 -40.34
C TRP K 515 -26.89 40.18 -39.02
N ARG K 516 -26.10 41.08 -38.44
CA ARG K 516 -26.47 41.67 -37.16
C ARG K 516 -27.73 42.50 -37.22
N ASN K 517 -28.10 43.03 -38.39
CA ASN K 517 -29.28 43.88 -38.52
C ASN K 517 -30.54 43.09 -38.84
N GLY K 518 -30.50 41.77 -38.77
CA GLY K 518 -31.69 40.96 -38.98
C GLY K 518 -31.94 40.52 -40.40
N GLY K 519 -31.00 40.73 -41.32
CA GLY K 519 -31.22 40.35 -42.70
C GLY K 519 -30.93 38.90 -43.02
N LEU K 520 -30.02 38.28 -42.27
CA LEU K 520 -29.66 36.88 -42.44
C LEU K 520 -30.12 36.09 -41.23
N GLN K 521 -30.23 34.78 -41.41
CA GLN K 521 -30.90 33.92 -40.45
C GLN K 521 -29.95 32.85 -39.92
N GLY K 522 -29.88 32.73 -38.61
CA GLY K 522 -29.06 31.73 -37.95
C GLY K 522 -28.59 32.21 -36.60
N GLN K 523 -28.44 31.27 -35.67
CA GLN K 523 -27.97 31.57 -34.32
C GLN K 523 -26.47 31.74 -34.24
N SER K 524 -25.74 31.42 -35.30
CA SER K 524 -24.29 31.59 -35.33
C SER K 524 -23.90 32.11 -36.71
N GLU K 525 -22.64 32.52 -36.83
CA GLU K 525 -22.15 33.03 -38.10
C GLU K 525 -22.04 31.92 -39.14
N ASP K 526 -21.71 30.70 -38.72
CA ASP K 526 -21.59 29.60 -39.65
C ASP K 526 -22.93 29.22 -40.27
N ASP K 527 -24.04 29.51 -39.59
CA ASP K 527 -25.35 29.23 -40.12
C ASP K 527 -25.81 30.27 -41.13
N ALA K 528 -25.29 31.49 -41.03
CA ALA K 528 -25.80 32.60 -41.81
C ALA K 528 -25.08 32.79 -43.14
N PHE K 529 -23.77 32.55 -43.19
CA PHE K 529 -23.02 32.81 -44.42
C PHE K 529 -21.62 32.18 -44.32
N TYR K 530 -20.95 32.13 -45.47
CA TYR K 530 -19.53 31.79 -45.55
C TYR K 530 -18.89 32.51 -46.74
N VAL K 531 -17.58 32.70 -46.65
CA VAL K 531 -16.76 33.30 -47.71
C VAL K 531 -15.50 32.45 -47.88
N LYS K 532 -15.13 32.19 -49.14
CA LYS K 532 -13.97 31.35 -49.46
C LYS K 532 -13.12 32.00 -50.54
N CYS K 533 -11.81 32.05 -50.31
CA CYS K 533 -10.85 32.53 -51.30
C CYS K 533 -9.49 31.97 -50.94
N GLY K 534 -8.93 31.14 -51.82
CA GLY K 534 -7.62 30.53 -51.54
C GLY K 534 -7.29 29.46 -52.56
N GLU K 535 -6.65 28.39 -52.08
CA GLU K 535 -6.31 27.27 -52.95
C GLU K 535 -7.43 26.24 -53.03
N GLU K 536 -8.54 26.45 -52.35
CA GLU K 536 -9.71 25.59 -52.53
C GLU K 536 -10.62 26.11 -53.64
N THR K 537 -10.53 27.40 -53.97
CA THR K 537 -11.33 27.96 -55.05
C THR K 537 -10.54 28.19 -56.33
N MET K 538 -9.22 28.35 -56.24
CA MET K 538 -8.38 28.64 -57.39
C MET K 538 -7.43 27.49 -57.64
N SER K 539 -7.22 27.16 -58.90
CA SER K 539 -6.21 26.20 -59.34
C SER K 539 -5.04 26.96 -59.97
N GLU K 540 -4.10 26.20 -60.52
CA GLU K 540 -2.91 26.81 -61.10
C GLU K 540 -3.19 27.39 -62.49
N ASP K 541 -4.07 26.72 -63.26
CA ASP K 541 -4.51 27.28 -64.53
C ASP K 541 -5.20 28.62 -64.34
N ASP K 542 -5.86 28.81 -63.19
CA ASP K 542 -6.46 30.10 -62.88
C ASP K 542 -5.41 31.17 -62.65
N ILE K 543 -4.40 30.86 -61.83
CA ILE K 543 -3.34 31.84 -61.55
C ILE K 543 -2.60 32.22 -62.81
N ASP K 544 -2.33 31.24 -63.69
CA ASP K 544 -1.59 31.54 -64.91
C ASP K 544 -2.37 32.41 -65.89
N ASN K 545 -3.68 32.53 -65.73
CA ASN K 545 -4.50 33.30 -66.65
C ASN K 545 -5.06 34.58 -66.04
N GLY K 546 -4.78 34.84 -64.76
CA GLY K 546 -5.17 36.11 -64.17
C GLY K 546 -6.52 36.15 -63.50
N ARG K 547 -7.04 35.02 -63.03
CA ARG K 547 -8.36 34.95 -62.44
C ARG K 547 -8.26 34.81 -60.93
N LEU K 548 -9.02 35.64 -60.21
CA LEU K 548 -9.15 35.55 -58.76
C LEU K 548 -10.61 35.26 -58.45
N ILE K 549 -10.87 34.14 -57.79
CA ILE K 549 -12.23 33.63 -57.60
C ILE K 549 -12.57 33.64 -56.11
N VAL K 550 -13.73 34.21 -55.78
CA VAL K 550 -14.26 34.27 -54.42
C VAL K 550 -15.64 33.63 -54.42
N GLU K 551 -15.91 32.75 -53.46
CA GLU K 551 -17.20 32.08 -53.37
C GLU K 551 -17.90 32.45 -52.07
N ILE K 552 -19.15 32.89 -52.17
CA ILE K 552 -19.92 33.38 -51.03
C ILE K 552 -21.24 32.63 -50.96
N GLY K 553 -21.62 32.21 -49.77
CA GLY K 553 -22.90 31.56 -49.55
C GLY K 553 -23.66 32.23 -48.44
N VAL K 554 -24.96 32.44 -48.66
CA VAL K 554 -25.78 33.28 -47.80
C VAL K 554 -27.13 32.61 -47.57
N ALA K 555 -27.80 33.00 -46.48
CA ALA K 555 -29.12 32.46 -46.13
C ALA K 555 -30.08 33.58 -45.76
N PRO K 556 -30.95 34.00 -46.68
CA PRO K 556 -31.85 35.12 -46.40
C PRO K 556 -33.05 34.72 -45.55
N VAL K 557 -33.72 35.73 -45.00
CA VAL K 557 -34.89 35.53 -44.16
C VAL K 557 -36.14 35.82 -44.99
N LYS K 558 -37.21 35.08 -44.72
CA LYS K 558 -38.45 35.12 -45.49
C LYS K 558 -39.62 35.47 -44.59
N PRO K 559 -40.70 36.00 -45.16
CA PRO K 559 -41.82 36.46 -44.31
C PRO K 559 -42.70 35.33 -43.81
N ALA K 560 -43.52 35.68 -42.82
CA ALA K 560 -44.52 34.76 -42.25
C ALA K 560 -45.86 35.11 -42.86
N GLU K 561 -46.31 34.27 -43.81
CA GLU K 561 -47.51 34.55 -44.57
C GLU K 561 -48.74 33.87 -43.97
N PHE K 562 -48.55 32.74 -43.30
CA PHE K 562 -49.63 31.98 -42.68
C PHE K 562 -49.28 31.75 -41.22
N VAL K 563 -50.09 32.30 -40.32
CA VAL K 563 -49.91 32.16 -38.89
C VAL K 563 -50.93 31.16 -38.39
N ILE K 564 -50.46 30.02 -37.90
CA ILE K 564 -51.30 28.86 -37.62
C ILE K 564 -51.24 28.55 -36.12
N PHE K 565 -52.40 28.32 -35.52
CA PHE K 565 -52.54 27.96 -34.12
C PHE K 565 -53.27 26.63 -34.02
N ARG K 566 -52.59 25.60 -33.54
CA ARG K 566 -53.17 24.27 -33.36
C ARG K 566 -53.37 24.04 -31.86
N ILE K 567 -54.63 24.01 -31.42
CA ILE K 567 -54.99 23.96 -30.01
C ILE K 567 -55.71 22.65 -29.71
N SER K 568 -55.35 22.03 -28.59
CA SER K 568 -55.93 20.76 -28.17
C SER K 568 -56.17 20.79 -26.66
N GLN K 569 -56.71 19.68 -26.15
CA GLN K 569 -57.03 19.53 -24.74
C GLN K 569 -56.04 18.65 -23.99
N ASP K 570 -55.03 18.12 -24.66
CA ASP K 570 -54.11 17.18 -24.04
C ASP K 570 -52.99 17.90 -23.32
N THR K 571 -52.76 17.52 -22.06
CA THR K 571 -51.67 18.06 -21.25
C THR K 571 -51.70 19.58 -21.17
N SER L 2 -55.40 21.24 -43.14
CA SER L 2 -56.01 22.42 -43.74
C SER L 2 -55.18 22.92 -44.91
N GLU L 3 -55.78 23.77 -45.75
CA GLU L 3 -55.09 24.35 -46.89
C GLU L 3 -54.98 25.86 -46.71
N TYR L 4 -53.82 26.41 -47.08
CA TYR L 4 -53.50 27.82 -46.86
C TYR L 4 -53.21 28.47 -48.21
N GLN L 5 -54.18 29.25 -48.71
CA GLN L 5 -54.06 29.88 -50.02
C GLN L 5 -54.02 31.41 -49.95
N SER L 6 -54.55 32.02 -48.90
CA SER L 6 -54.46 33.46 -48.73
C SER L 6 -53.91 33.79 -47.36
N PRO L 7 -53.16 34.88 -47.24
CA PRO L 7 -52.50 35.19 -45.97
C PRO L 7 -53.49 35.56 -44.87
N GLY L 8 -53.13 35.22 -43.64
CA GLY L 8 -53.96 35.52 -42.50
C GLY L 8 -53.60 34.67 -41.31
N VAL L 9 -54.51 34.66 -40.33
CA VAL L 9 -54.36 33.89 -39.09
C VAL L 9 -55.34 32.72 -39.14
N TYR L 10 -54.86 31.54 -38.73
CA TYR L 10 -55.66 30.33 -38.71
C TYR L 10 -55.61 29.69 -37.33
N VAL L 11 -56.77 29.28 -36.83
CA VAL L 11 -56.89 28.60 -35.55
C VAL L 11 -57.56 27.24 -35.79
N GLU L 12 -56.93 26.17 -35.32
CA GLU L 12 -57.37 24.82 -35.59
C GLU L 12 -57.45 24.00 -34.30
N GLU L 13 -58.43 23.11 -34.24
CA GLU L 13 -58.65 22.24 -33.10
C GLU L 13 -58.14 20.83 -33.39
N VAL L 14 -57.52 20.24 -32.38
CA VAL L 14 -56.93 18.91 -32.48
C VAL L 14 -57.66 17.97 -31.53
N GLN L 15 -57.66 16.68 -31.87
CA GLN L 15 -58.25 15.67 -31.01
C GLN L 15 -57.27 15.27 -29.91
N SER L 16 -57.82 14.98 -28.72
CA SER L 16 -57.01 14.72 -27.55
C SER L 16 -56.66 13.24 -27.45
N GLY L 17 -55.99 12.86 -26.37
CA GLY L 17 -55.39 11.55 -26.24
C GLY L 17 -56.21 10.47 -25.57
N SER L 18 -57.41 10.79 -25.08
CA SER L 18 -58.28 9.77 -24.51
C SER L 18 -59.70 10.30 -24.45
N LYS L 19 -60.65 9.39 -24.59
CA LYS L 19 -62.07 9.72 -24.56
C LYS L 19 -62.76 8.85 -23.52
N SER L 20 -63.61 9.48 -22.71
CA SER L 20 -64.19 8.82 -21.56
C SER L 20 -65.32 7.87 -21.98
N VAL L 21 -65.44 6.77 -21.25
CA VAL L 21 -66.55 5.83 -21.38
C VAL L 21 -67.41 5.96 -20.14
N GLU L 22 -68.73 5.89 -20.31
CA GLU L 22 -69.65 6.00 -19.21
C GLU L 22 -70.48 4.73 -19.08
N GLY L 23 -70.70 4.27 -17.85
CA GLY L 23 -71.47 3.09 -17.61
C GLY L 23 -72.96 3.28 -17.85
N VAL L 24 -73.64 2.18 -18.15
CA VAL L 24 -75.04 2.20 -18.51
C VAL L 24 -75.89 1.78 -17.30
N SER L 25 -77.19 2.02 -17.40
CA SER L 25 -78.14 1.64 -16.37
C SER L 25 -78.21 0.12 -16.23
N THR L 26 -78.48 -0.34 -15.01
CA THR L 26 -78.50 -1.77 -14.72
C THR L 26 -79.62 -2.25 -13.81
N SER L 27 -80.61 -1.42 -13.48
CA SER L 27 -81.63 -1.81 -12.51
C SER L 27 -83.04 -1.55 -12.98
N THR L 28 -83.28 -1.55 -14.30
CA THR L 28 -84.62 -1.39 -14.85
C THR L 28 -85.17 -2.75 -15.24
N ALA L 29 -86.48 -2.92 -15.06
CA ALA L 29 -87.15 -4.19 -15.31
C ALA L 29 -88.29 -4.01 -16.31
N GLY L 30 -88.72 -5.13 -16.87
CA GLY L 30 -89.85 -5.14 -17.78
C GLY L 30 -90.85 -6.21 -17.41
N PHE L 31 -92.13 -5.84 -17.40
CA PHE L 31 -93.20 -6.74 -17.01
C PHE L 31 -94.25 -6.83 -18.09
N LEU L 32 -94.86 -8.00 -18.23
CA LEU L 32 -95.92 -8.26 -19.19
C LEU L 32 -97.08 -8.97 -18.49
N GLY L 33 -98.29 -8.65 -18.90
CA GLY L 33 -99.47 -9.26 -18.29
C GLY L 33 -100.71 -8.43 -18.53
N GLN L 34 -101.81 -8.94 -17.98
CA GLN L 34 -103.14 -8.38 -18.24
C GLN L 34 -103.51 -7.31 -17.21
N THR L 35 -104.22 -6.29 -17.68
CA THR L 35 -104.72 -5.20 -16.85
C THR L 35 -106.17 -4.92 -17.27
N GLU L 36 -106.82 -3.98 -16.60
CA GLU L 36 -108.20 -3.61 -16.94
C GLU L 36 -108.28 -2.37 -17.81
N ARG L 37 -107.39 -1.40 -17.63
CA ARG L 37 -107.33 -0.18 -18.41
C ARG L 37 -105.93 -0.03 -18.99
N GLY L 38 -105.75 0.98 -19.84
CA GLY L 38 -104.43 1.41 -20.22
C GLY L 38 -104.11 1.22 -21.68
N PRO L 39 -103.04 1.87 -22.13
CA PRO L 39 -102.57 1.67 -23.50
C PRO L 39 -101.77 0.39 -23.64
N VAL L 40 -101.60 -0.03 -24.90
CA VAL L 40 -100.87 -1.25 -25.21
C VAL L 40 -99.45 -1.00 -25.69
N GLU L 41 -99.00 0.25 -25.71
CA GLU L 41 -97.58 0.52 -25.93
C GLU L 41 -96.85 0.57 -24.59
N PRO L 42 -95.58 0.18 -24.55
CA PRO L 42 -94.86 0.12 -23.26
C PRO L 42 -94.69 1.50 -22.65
N ARG L 43 -94.91 1.58 -21.35
CA ARG L 43 -94.81 2.86 -20.65
C ARG L 43 -93.96 2.72 -19.40
N LEU L 44 -93.24 3.79 -19.06
CA LEU L 44 -92.36 3.79 -17.90
C LEU L 44 -93.11 4.20 -16.65
N VAL L 45 -92.89 3.47 -15.56
CA VAL L 45 -93.50 3.71 -14.27
C VAL L 45 -92.40 3.75 -13.23
N THR L 46 -92.49 4.68 -12.29
CA THR L 46 -91.46 4.84 -11.26
C THR L 46 -92.01 4.72 -9.86
N ASN L 47 -93.26 4.29 -9.70
CA ASN L 47 -93.94 4.32 -8.42
C ASN L 47 -95.24 3.55 -8.58
N TYR L 48 -95.75 3.00 -7.47
CA TYR L 48 -96.92 2.15 -7.55
C TYR L 48 -98.20 2.96 -7.75
N ALA L 49 -98.25 4.20 -7.24
CA ALA L 49 -99.40 5.04 -7.46
C ALA L 49 -99.55 5.41 -8.94
N ASP L 50 -98.43 5.63 -9.63
CA ASP L 50 -98.47 5.80 -11.08
C ASP L 50 -99.10 4.60 -11.76
N PHE L 51 -98.75 3.39 -11.31
CA PHE L 51 -99.31 2.18 -11.90
C PHE L 51 -100.81 2.13 -11.71
N GLU L 52 -101.28 2.34 -10.47
CA GLU L 52 -102.73 2.31 -10.25
C GLU L 52 -103.45 3.42 -11.02
N ARG L 53 -102.80 4.57 -11.20
CA ARG L 53 -103.44 5.66 -11.92
C ARG L 53 -103.55 5.41 -13.41
N LEU L 54 -102.54 4.82 -14.03
CA LEU L 54 -102.53 4.61 -15.47
C LEU L 54 -103.21 3.32 -15.90
N TYR L 55 -103.19 2.28 -15.08
CA TYR L 55 -103.62 0.96 -15.49
C TYR L 55 -104.78 0.41 -14.68
N GLY L 56 -104.76 0.54 -13.36
CA GLY L 56 -105.82 0.01 -12.53
C GLY L 56 -105.48 -1.32 -11.87
N ALA L 57 -106.44 -2.24 -11.86
CA ALA L 57 -106.26 -3.55 -11.25
C ALA L 57 -106.21 -4.64 -12.33
N SER L 58 -105.86 -5.84 -11.90
CA SER L 58 -105.80 -6.99 -12.80
C SER L 58 -107.07 -7.82 -12.69
N PRO L 59 -107.46 -8.50 -13.77
CA PRO L 59 -108.59 -9.44 -13.69
C PRO L 59 -108.22 -10.65 -12.85
N LYS L 60 -109.19 -11.57 -12.72
CA LYS L 60 -108.98 -12.74 -11.88
C LYS L 60 -108.06 -13.77 -12.52
N SER L 61 -107.72 -13.61 -13.79
CA SER L 61 -106.87 -14.55 -14.50
C SER L 61 -105.43 -14.07 -14.63
N SER L 62 -105.05 -13.04 -13.86
CA SER L 62 -103.71 -12.48 -13.95
C SER L 62 -103.25 -12.04 -12.57
N ASP L 63 -101.94 -11.95 -12.41
CA ASP L 63 -101.35 -11.54 -11.13
C ASP L 63 -100.25 -10.50 -11.35
N LEU L 64 -100.54 -9.52 -12.21
CA LEU L 64 -99.58 -8.46 -12.51
C LEU L 64 -99.51 -7.44 -11.38
N ASP L 65 -100.66 -7.02 -10.89
CA ASP L 65 -100.74 -6.03 -9.82
C ASP L 65 -99.93 -6.46 -8.61
N ALA L 66 -100.03 -7.74 -8.26
CA ALA L 66 -99.31 -8.28 -7.11
C ALA L 66 -97.81 -8.28 -7.35
N ALA L 67 -97.40 -8.57 -8.58
CA ALA L 67 -95.97 -8.62 -8.89
C ALA L 67 -95.36 -7.23 -8.90
N VAL L 68 -96.06 -6.23 -9.41
CA VAL L 68 -95.55 -4.86 -9.41
C VAL L 68 -95.48 -4.33 -7.97
N ASP L 69 -96.49 -4.66 -7.16
CA ASP L 69 -96.47 -4.28 -5.76
C ASP L 69 -95.28 -4.90 -5.03
N GLY L 70 -95.02 -6.20 -5.28
CA GLY L 70 -93.87 -6.83 -4.68
C GLY L 70 -92.55 -6.26 -5.18
N PHE L 71 -92.52 -5.82 -6.43
CA PHE L 71 -91.32 -5.17 -6.96
C PHE L 71 -91.02 -3.88 -6.20
N PHE L 72 -92.02 -3.03 -6.03
CA PHE L 72 -91.77 -1.74 -5.40
C PHE L 72 -91.63 -1.83 -3.88
N LYS L 73 -92.20 -2.86 -3.24
CA LYS L 73 -92.02 -3.03 -1.80
C LYS L 73 -90.62 -3.47 -1.43
N ASN L 74 -89.84 -3.97 -2.38
CA ASN L 74 -88.53 -4.53 -2.11
C ASN L 74 -87.39 -3.62 -2.52
N GLY L 75 -87.68 -2.39 -2.93
CA GLY L 75 -86.65 -1.45 -3.30
C GLY L 75 -86.39 -1.26 -4.77
N GLY L 76 -87.32 -1.62 -5.64
CA GLY L 76 -87.15 -1.40 -7.06
C GLY L 76 -87.37 0.06 -7.43
N SER L 77 -86.75 0.45 -8.55
CA SER L 77 -86.72 1.84 -8.97
C SER L 77 -87.61 2.14 -10.18
N ARG L 78 -87.51 1.36 -11.25
CA ARG L 78 -88.18 1.70 -12.49
C ARG L 78 -88.69 0.45 -13.19
N CYS L 79 -89.93 0.52 -13.66
CA CYS L 79 -90.56 -0.54 -14.44
C CYS L 79 -90.91 -0.04 -15.82
N PHE L 80 -90.88 -0.95 -16.79
CA PHE L 80 -91.52 -0.76 -18.08
C PHE L 80 -92.68 -1.74 -18.17
N ILE L 81 -93.89 -1.22 -18.31
CA ILE L 81 -95.10 -2.02 -18.33
C ILE L 81 -95.56 -2.17 -19.77
N GLY L 82 -95.87 -3.40 -20.18
CA GLY L 82 -96.51 -3.69 -21.45
C GLY L 82 -97.79 -4.46 -21.25
N ARG L 83 -98.91 -3.90 -21.67
CA ARG L 83 -100.23 -4.48 -21.44
C ARG L 83 -100.57 -5.44 -22.56
N VAL L 84 -100.93 -6.67 -22.20
CA VAL L 84 -101.35 -7.70 -23.15
C VAL L 84 -102.86 -7.81 -23.06
N SER L 85 -103.54 -7.79 -24.21
CA SER L 85 -104.98 -7.76 -24.26
C SER L 85 -105.50 -8.77 -25.26
N GLY L 86 -106.61 -9.44 -24.90
CA GLY L 86 -107.26 -10.37 -25.79
C GLY L 86 -108.19 -9.75 -26.81
N ALA L 87 -108.44 -8.45 -26.71
CA ALA L 87 -109.30 -7.76 -27.66
C ALA L 87 -108.49 -7.14 -28.78
N ASP L 88 -109.14 -6.93 -29.92
CA ASP L 88 -108.50 -6.26 -31.05
C ASP L 88 -108.08 -4.86 -30.66
N ILE L 89 -106.95 -4.42 -31.24
CA ILE L 89 -106.36 -3.13 -30.90
C ILE L 89 -107.28 -1.97 -31.25
N ASP L 90 -108.15 -2.14 -32.24
CA ASP L 90 -109.03 -1.07 -32.70
C ASP L 90 -110.45 -1.19 -32.14
N ASP L 91 -110.68 -2.10 -31.19
CA ASP L 91 -111.97 -2.21 -30.51
C ASP L 91 -111.99 -1.21 -29.36
N VAL L 92 -112.16 0.07 -29.73
CA VAL L 92 -112.05 1.18 -28.81
C VAL L 92 -113.35 1.97 -28.84
N ALA L 93 -113.76 2.48 -27.69
CA ALA L 93 -114.95 3.32 -27.59
C ALA L 93 -114.64 4.74 -28.06
N THR L 94 -115.62 5.35 -28.74
CA THR L 94 -115.45 6.66 -29.36
C THR L 94 -116.64 7.55 -29.01
N GLY L 95 -116.55 8.80 -29.46
CA GLY L 95 -117.58 9.79 -29.21
C GLY L 95 -117.37 11.00 -30.09
N ILE L 96 -118.30 11.95 -29.98
CA ILE L 96 -118.34 13.13 -30.85
C ILE L 96 -118.78 14.34 -30.03
N LEU L 97 -118.16 15.50 -30.32
CA LEU L 97 -118.58 16.77 -29.74
C LEU L 97 -119.17 17.65 -30.84
N ALA L 98 -120.27 18.32 -30.52
CA ALA L 98 -121.03 19.09 -31.49
C ALA L 98 -121.06 20.57 -31.11
N ASP L 99 -121.31 21.40 -32.12
CA ASP L 99 -121.28 22.85 -31.99
C ASP L 99 -122.68 23.42 -31.80
N ASP L 100 -122.79 24.75 -31.93
CA ASP L 100 -124.04 25.47 -31.66
C ASP L 100 -125.21 24.96 -32.50
N GLU L 101 -125.02 24.79 -33.81
CA GLU L 101 -126.09 24.38 -34.69
C GLU L 101 -125.93 22.95 -35.20
N GLY L 102 -125.09 22.15 -34.55
CA GLY L 102 -125.03 20.73 -34.85
C GLY L 102 -123.99 20.32 -35.88
N ASN L 103 -122.75 20.74 -35.67
CA ASN L 103 -121.63 20.30 -36.49
C ASN L 103 -120.63 19.60 -35.60
N GLU L 104 -120.15 18.43 -36.03
CA GLU L 104 -119.14 17.72 -35.27
C GLU L 104 -117.80 18.44 -35.38
N ILE L 105 -117.29 18.91 -34.25
CA ILE L 105 -116.09 19.72 -34.22
C ILE L 105 -114.89 18.96 -33.68
N ALA L 106 -115.10 17.92 -32.88
CA ALA L 106 -114.00 17.16 -32.30
C ALA L 106 -114.39 15.69 -32.22
N GLU L 107 -113.40 14.85 -31.97
CA GLU L 107 -113.62 13.41 -31.86
C GLU L 107 -112.85 12.89 -30.65
N VAL L 108 -113.56 12.19 -29.77
CA VAL L 108 -113.04 11.71 -28.50
C VAL L 108 -112.89 10.20 -28.59
N GLU L 109 -111.79 9.67 -28.04
CA GLU L 109 -111.49 8.25 -28.17
C GLU L 109 -110.81 7.75 -26.90
N ALA L 110 -111.20 6.56 -26.45
CA ALA L 110 -110.63 6.01 -25.23
C ALA L 110 -109.14 5.72 -25.41
N ASN L 111 -108.42 5.69 -24.28
CA ASN L 111 -106.98 5.46 -24.27
C ASN L 111 -106.66 3.99 -24.07
N GLY L 112 -107.13 3.17 -25.01
CA GLY L 112 -106.91 1.74 -24.94
C GLY L 112 -108.17 0.95 -25.28
N PRO L 113 -107.99 -0.29 -25.74
CA PRO L 113 -109.15 -1.10 -26.12
C PRO L 113 -109.75 -1.84 -24.94
N GLY L 114 -111.03 -2.16 -25.08
CA GLY L 114 -111.76 -2.92 -24.08
C GLY L 114 -113.09 -2.27 -23.74
N GLN L 115 -113.86 -3.01 -22.94
CA GLN L 115 -115.19 -2.56 -22.54
C GLN L 115 -115.16 -1.44 -21.51
N TRP L 116 -114.03 -1.25 -20.82
CA TRP L 116 -113.94 -0.20 -19.80
C TRP L 116 -114.28 1.17 -20.37
N GLY L 117 -113.93 1.42 -21.63
CA GLY L 117 -114.22 2.71 -22.25
C GLY L 117 -115.69 3.05 -22.33
N GLU L 118 -116.57 2.06 -22.16
CA GLU L 118 -118.00 2.34 -22.12
C GLU L 118 -118.43 3.06 -20.85
N SER L 119 -117.54 3.19 -19.86
CA SER L 119 -117.87 3.79 -18.58
C SER L 119 -117.19 5.13 -18.37
N VAL L 120 -116.79 5.80 -19.45
CA VAL L 120 -116.14 7.11 -19.38
C VAL L 120 -117.15 8.16 -19.79
N ALA L 121 -117.30 9.20 -18.98
CA ALA L 121 -118.20 10.30 -19.27
C ALA L 121 -117.42 11.59 -19.46
N VAL L 122 -117.80 12.36 -20.49
CA VAL L 122 -117.19 13.65 -20.80
C VAL L 122 -118.24 14.73 -20.61
N ILE L 123 -117.88 15.78 -19.88
CA ILE L 123 -118.79 16.86 -19.51
C ILE L 123 -118.19 18.19 -19.93
N VAL L 124 -118.95 18.98 -20.68
CA VAL L 124 -118.52 20.30 -21.15
C VAL L 124 -119.38 21.35 -20.47
N GLU L 125 -118.75 22.39 -19.92
CA GLU L 125 -119.47 23.50 -19.32
C GLU L 125 -118.80 24.80 -19.74
N ASP L 126 -119.48 25.91 -19.48
CA ASP L 126 -119.00 27.23 -19.91
C ASP L 126 -118.31 27.96 -18.76
N SER L 127 -117.32 28.76 -19.13
CA SER L 127 -116.47 29.48 -18.17
C SER L 127 -116.92 30.91 -18.00
N GLN L 128 -116.49 31.51 -16.89
CA GLN L 128 -116.85 32.89 -16.56
C GLN L 128 -116.15 33.91 -17.43
N TYR L 129 -115.12 33.52 -18.15
CA TYR L 129 -114.41 34.45 -19.02
C TYR L 129 -114.86 34.29 -20.47
N PRO L 130 -114.89 35.37 -21.23
CA PRO L 130 -115.36 35.29 -22.62
C PRO L 130 -114.48 34.36 -23.45
N ASN L 131 -115.14 33.55 -24.28
CA ASN L 131 -114.50 32.64 -25.23
C ASN L 131 -113.71 31.53 -24.54
N GLN L 132 -114.21 31.02 -23.41
CA GLN L 132 -113.53 29.97 -22.67
C GLN L 132 -114.54 28.99 -22.11
N PHE L 133 -114.10 27.75 -21.89
CA PHE L 133 -114.98 26.71 -21.38
C PHE L 133 -114.17 25.70 -20.59
N ASP L 134 -114.87 24.89 -19.80
CA ASP L 134 -114.28 23.87 -18.96
C ASP L 134 -114.68 22.47 -19.45
N ILE L 135 -113.78 21.51 -19.25
CA ILE L 135 -114.01 20.11 -19.62
C ILE L 135 -113.66 19.21 -18.45
N THR L 136 -114.50 18.19 -18.22
CA THR L 136 -114.29 17.22 -17.16
C THR L 136 -114.46 15.81 -17.70
N VAL L 137 -113.62 14.89 -17.23
CA VAL L 137 -113.68 13.48 -17.62
C VAL L 137 -113.79 12.63 -16.36
N ARG L 138 -114.76 11.72 -16.34
CA ARG L 138 -115.05 10.89 -15.17
C ARG L 138 -115.09 9.42 -15.55
N TYR L 139 -114.64 8.56 -14.63
CA TYR L 139 -114.64 7.13 -14.87
C TYR L 139 -115.01 6.37 -13.60
N TRP L 140 -115.97 5.45 -13.73
CA TRP L 140 -116.43 4.58 -12.65
C TRP L 140 -116.01 3.14 -12.94
N SER L 141 -115.50 2.45 -11.92
CA SER L 141 -115.04 1.08 -12.08
C SER L 141 -116.13 0.04 -11.94
N GLY L 142 -117.24 0.37 -11.29
CA GLY L 142 -118.29 -0.58 -11.02
C GLY L 142 -119.45 -0.46 -11.98
N ASP L 143 -120.64 -0.71 -11.44
CA ASP L 143 -121.86 -0.76 -12.25
C ASP L 143 -122.30 0.65 -12.65
N LEU L 144 -122.81 0.77 -13.89
CA LEU L 144 -123.37 2.03 -14.34
C LEU L 144 -124.84 2.18 -13.95
N GLU L 145 -125.53 1.06 -13.76
CA GLU L 145 -126.95 1.08 -13.40
C GLU L 145 -127.20 1.76 -12.06
N ALA L 146 -126.19 1.85 -11.20
CA ALA L 146 -126.35 2.42 -9.87
C ALA L 146 -125.89 3.86 -9.75
N VAL L 147 -125.38 4.45 -10.84
CA VAL L 147 -124.90 5.82 -10.82
C VAL L 147 -126.10 6.74 -10.95
N SER L 148 -126.36 7.53 -9.91
CA SER L 148 -127.57 8.35 -9.88
C SER L 148 -127.38 9.65 -10.64
N LYS L 149 -126.43 10.48 -10.21
CA LYS L 149 -126.20 11.81 -10.78
C LYS L 149 -124.79 11.86 -11.35
N PRO L 150 -124.58 11.32 -12.56
CA PRO L 150 -123.23 11.39 -13.15
C PRO L 150 -122.81 12.80 -13.53
N HIS L 151 -123.76 13.72 -13.69
CA HIS L 151 -123.46 15.08 -14.11
C HIS L 151 -123.35 16.06 -12.95
N GLY L 152 -123.92 15.74 -11.79
CA GLY L 152 -123.90 16.64 -10.66
C GLY L 152 -122.53 16.78 -10.04
N ASP L 153 -122.45 17.67 -9.05
CA ASP L 153 -121.20 17.91 -8.34
C ASP L 153 -120.80 16.75 -7.45
N ARG L 154 -121.74 15.87 -7.11
CA ARG L 154 -121.45 14.71 -6.26
C ARG L 154 -122.28 13.53 -6.74
N PRO L 155 -121.71 12.68 -7.60
CA PRO L 155 -122.44 11.48 -8.03
C PRO L 155 -122.65 10.51 -6.88
N ASP L 156 -123.59 9.58 -7.08
CA ASP L 156 -123.99 8.69 -6.00
C ASP L 156 -122.84 7.81 -5.52
N PRO L 157 -122.17 7.00 -6.37
CA PRO L 157 -120.85 6.49 -5.99
C PRO L 157 -119.77 7.41 -6.53
N SER L 158 -118.85 7.81 -5.67
CA SER L 158 -117.78 8.71 -6.09
C SER L 158 -116.98 8.07 -7.22
N PRO L 159 -116.70 8.78 -8.30
CA PRO L 159 -116.03 8.17 -9.44
C PRO L 159 -114.61 7.72 -9.10
N ASP L 160 -114.16 6.72 -9.85
CA ASP L 160 -112.83 6.16 -9.61
C ASP L 160 -111.73 7.06 -10.14
N VAL L 161 -111.95 7.71 -11.28
CA VAL L 161 -110.98 8.64 -11.85
C VAL L 161 -111.69 9.93 -12.23
N GLU L 162 -110.99 11.05 -12.02
CA GLU L 162 -111.51 12.40 -12.18
C GLU L 162 -110.45 13.28 -12.82
N GLU L 163 -110.81 14.03 -13.86
CA GLU L 163 -109.88 14.97 -14.48
C GLU L 163 -110.62 16.23 -14.88
N VAL L 164 -110.02 17.40 -14.60
CA VAL L 164 -110.65 18.70 -14.86
C VAL L 164 -109.66 19.58 -15.59
N TYR L 165 -110.14 20.30 -16.62
CA TYR L 165 -109.32 21.24 -17.38
C TYR L 165 -110.13 22.52 -17.57
N ASP L 166 -109.58 23.64 -17.11
CA ASP L 166 -110.34 24.87 -16.91
C ASP L 166 -110.18 25.90 -18.03
N GLY L 167 -108.96 26.34 -18.31
CA GLY L 167 -108.82 27.46 -19.22
C GLY L 167 -108.67 27.08 -20.68
N LEU L 168 -109.72 26.58 -21.30
CA LEU L 168 -109.63 26.08 -22.66
C LEU L 168 -110.17 27.08 -23.66
N SER L 169 -109.68 26.99 -24.90
CA SER L 169 -110.06 27.86 -25.99
C SER L 169 -110.18 27.05 -27.28
N ALA L 170 -110.80 27.66 -28.29
CA ALA L 170 -110.93 27.05 -29.60
C ALA L 170 -110.03 27.69 -30.65
N ASP L 171 -109.01 28.42 -30.23
CA ASP L 171 -108.07 29.04 -31.17
C ASP L 171 -106.87 28.11 -31.37
N PRO L 172 -106.65 27.60 -32.59
CA PRO L 172 -105.58 26.61 -32.79
C PRO L 172 -104.18 27.16 -32.57
N GLU L 173 -103.97 28.47 -32.67
CA GLU L 173 -102.64 29.05 -32.52
C GLU L 173 -102.34 29.47 -31.09
N ALA L 174 -103.30 29.34 -30.18
CA ALA L 174 -103.09 29.66 -28.77
C ALA L 174 -102.46 28.48 -28.06
N SER L 175 -101.95 28.74 -26.84
CA SER L 175 -101.38 27.68 -26.04
C SER L 175 -102.40 27.02 -25.13
N ASN L 176 -103.61 27.58 -25.02
CA ASN L 176 -104.70 26.96 -24.28
C ASN L 176 -105.73 26.32 -25.20
N PHE L 177 -105.33 25.99 -26.43
CA PHE L 177 -106.19 25.20 -27.31
C PHE L 177 -106.42 23.82 -26.70
N TYR L 178 -107.66 23.33 -26.76
CA TYR L 178 -108.02 22.15 -25.99
C TYR L 178 -107.29 20.90 -26.48
N GLU L 179 -106.95 20.85 -27.77
CA GLU L 179 -106.18 19.72 -28.29
C GLU L 179 -104.83 19.60 -27.62
N LYS L 180 -104.19 20.73 -27.30
CA LYS L 180 -102.88 20.70 -26.66
C LYS L 180 -102.98 20.48 -25.15
N GLN L 181 -104.08 20.90 -24.54
CA GLN L 181 -104.20 20.78 -23.09
C GLN L 181 -104.66 19.39 -22.67
N LEU L 182 -105.58 18.80 -23.42
CA LEU L 182 -106.06 17.46 -23.10
C LEU L 182 -105.09 16.36 -23.52
N GLU L 183 -103.88 16.70 -23.94
CA GLU L 183 -102.97 15.68 -24.45
C GLU L 183 -102.37 14.87 -23.31
N SER L 184 -102.24 15.47 -22.13
CA SER L 184 -101.77 14.75 -20.94
C SER L 184 -102.99 14.31 -20.15
N SER L 185 -103.56 13.18 -20.56
CA SER L 185 -104.74 12.61 -19.92
C SER L 185 -104.64 11.10 -19.99
N VAL L 186 -104.90 10.43 -18.88
CA VAL L 186 -104.78 8.98 -18.83
C VAL L 186 -106.04 8.26 -19.30
N LEU L 187 -107.07 8.98 -19.71
CA LEU L 187 -108.35 8.36 -20.05
C LEU L 187 -108.73 8.49 -21.52
N VAL L 188 -108.59 9.66 -22.12
CA VAL L 188 -109.16 9.93 -23.44
C VAL L 188 -108.11 10.59 -24.33
N ASP L 189 -108.48 10.75 -25.61
CA ASP L 189 -107.72 11.43 -26.63
C ASP L 189 -108.68 12.25 -27.47
N ILE L 190 -108.25 13.45 -27.86
CA ILE L 190 -109.07 14.38 -28.63
C ILE L 190 -108.42 14.63 -29.99
N GLU L 191 -109.24 14.73 -31.02
CA GLU L 191 -108.74 15.10 -32.35
C GLU L 191 -109.65 16.16 -32.94
N TYR L 192 -109.03 17.16 -33.56
CA TYR L 192 -109.76 18.33 -34.06
C TYR L 192 -110.31 18.08 -35.46
N LYS L 193 -111.55 18.49 -35.68
CA LYS L 193 -112.20 18.31 -36.99
C LYS L 193 -112.59 19.62 -37.65
N ASP L 194 -113.32 20.50 -36.97
CA ASP L 194 -113.92 21.66 -37.61
C ASP L 194 -113.92 22.83 -36.63
N ASP L 195 -114.26 24.01 -37.14
CA ASP L 195 -114.23 25.24 -36.35
C ASP L 195 -115.51 25.37 -35.54
N GLY L 196 -115.37 25.71 -34.26
CA GLY L 196 -116.52 25.90 -33.41
C GLY L 196 -116.14 25.72 -31.96
N THR L 197 -117.17 25.77 -31.11
CA THR L 197 -117.01 25.56 -29.67
C THR L 197 -118.16 24.67 -29.21
N PRO L 198 -117.90 23.70 -28.33
CA PRO L 198 -118.92 22.72 -27.99
C PRO L 198 -119.99 23.28 -27.05
N VAL L 199 -121.16 22.64 -27.09
CA VAL L 199 -122.27 22.99 -26.22
C VAL L 199 -122.15 22.20 -24.92
N ASP L 200 -122.77 22.72 -23.87
CA ASP L 200 -122.66 22.10 -22.55
C ASP L 200 -123.41 20.77 -22.50
N GLY L 201 -123.02 19.93 -21.55
CA GLY L 201 -123.72 18.69 -21.31
C GLY L 201 -122.76 17.54 -21.10
N LEU L 202 -123.34 16.35 -20.96
CA LEU L 202 -122.63 15.12 -20.69
C LEU L 202 -122.79 14.14 -21.85
N THR L 203 -121.79 13.28 -22.04
CA THR L 203 -121.85 12.28 -23.09
C THR L 203 -121.00 11.08 -22.74
N TRP L 204 -121.49 9.89 -23.09
CA TRP L 204 -120.80 8.63 -22.88
C TRP L 204 -120.20 8.13 -24.19
N LEU L 205 -119.14 7.32 -24.08
CA LEU L 205 -118.49 6.73 -25.23
C LEU L 205 -119.12 5.37 -25.54
N HIS L 206 -119.51 5.16 -26.80
CA HIS L 206 -120.32 4.02 -27.19
C HIS L 206 -119.59 3.16 -28.23
N ARG L 207 -120.27 2.07 -28.61
CA ARG L 207 -119.88 1.16 -29.69
C ARG L 207 -118.43 0.68 -29.51
N ASP L 208 -118.25 -0.11 -28.46
CA ASP L 208 -117.00 -0.81 -28.25
C ASP L 208 -116.82 -1.94 -29.25
N VAL L 292 -106.35 -14.73 -23.64
CA VAL L 292 -105.16 -14.36 -24.39
C VAL L 292 -104.38 -15.61 -24.77
N THR L 293 -103.57 -15.50 -25.81
CA THR L 293 -102.78 -16.59 -26.37
C THR L 293 -101.31 -16.22 -26.38
N LEU L 294 -100.50 -17.09 -26.98
CA LEU L 294 -99.08 -16.82 -27.13
C LEU L 294 -98.81 -15.74 -28.16
N LYS L 295 -99.65 -15.65 -29.19
CA LYS L 295 -99.49 -14.64 -30.23
C LYS L 295 -99.79 -13.23 -29.74
N ASP L 296 -100.53 -13.08 -28.64
CA ASP L 296 -100.72 -11.77 -28.03
C ASP L 296 -99.53 -11.38 -27.17
N TYR L 297 -98.88 -12.34 -26.53
CA TYR L 297 -97.65 -12.07 -25.80
C TYR L 297 -96.49 -11.77 -26.75
N GLU L 298 -96.51 -12.34 -27.96
CA GLU L 298 -95.49 -12.01 -28.94
C GLU L 298 -95.64 -10.56 -29.40
N GLY L 299 -96.86 -10.10 -29.62
CA GLY L 299 -97.11 -8.71 -29.92
C GLY L 299 -97.22 -8.43 -31.42
N VAL L 300 -97.70 -7.22 -31.71
CA VAL L 300 -97.85 -6.73 -33.07
C VAL L 300 -96.56 -6.04 -33.49
N ASN L 301 -96.16 -6.24 -34.74
CA ASN L 301 -94.99 -5.57 -35.32
C ASN L 301 -95.40 -4.99 -36.66
N LYS L 302 -95.85 -3.75 -36.63
CA LYS L 302 -96.22 -2.98 -37.81
C LYS L 302 -95.40 -1.70 -37.86
N PRO L 303 -95.34 -1.04 -39.02
CA PRO L 303 -94.47 0.15 -39.13
C PRO L 303 -94.71 1.22 -38.07
N GLY L 304 -95.94 1.38 -37.59
CA GLY L 304 -96.20 2.41 -36.59
C GLY L 304 -96.93 1.92 -35.35
N LEU L 305 -96.68 0.67 -34.94
CA LEU L 305 -97.34 0.11 -33.77
C LEU L 305 -96.60 -1.14 -33.32
N ARG L 306 -96.19 -1.17 -32.05
CA ARG L 306 -95.49 -2.30 -31.47
C ARG L 306 -96.05 -2.61 -30.10
N THR L 307 -96.41 -3.86 -29.86
CA THR L 307 -96.88 -4.32 -28.56
C THR L 307 -96.14 -5.60 -28.19
N GLY L 308 -96.31 -6.03 -26.94
CA GLY L 308 -95.73 -7.30 -26.52
C GLY L 308 -94.22 -7.23 -26.38
N LEU L 309 -93.55 -8.27 -26.87
CA LEU L 309 -92.09 -8.29 -26.85
C LEU L 309 -91.49 -7.48 -27.99
N ALA L 310 -92.20 -7.38 -29.12
CA ALA L 310 -91.76 -6.53 -30.21
C ALA L 310 -91.64 -5.07 -29.78
N GLY L 311 -92.49 -4.64 -28.85
CA GLY L 311 -92.35 -3.30 -28.31
C GLY L 311 -91.17 -3.17 -27.36
N PHE L 312 -90.90 -4.22 -26.59
CA PHE L 312 -89.78 -4.16 -25.65
C PHE L 312 -88.44 -4.16 -26.37
N LYS L 313 -88.33 -4.82 -27.52
CA LYS L 313 -87.03 -4.92 -28.15
C LYS L 313 -86.58 -3.63 -28.84
N ALA L 314 -87.36 -2.57 -28.74
CA ALA L 314 -86.97 -1.24 -29.20
C ALA L 314 -86.67 -0.28 -28.05
N ILE L 315 -86.57 -0.79 -26.83
CA ILE L 315 -86.20 -0.03 -25.64
C ILE L 315 -84.86 -0.58 -25.16
N ASP L 316 -83.87 0.30 -24.99
CA ASP L 316 -82.53 -0.11 -24.62
C ASP L 316 -82.20 0.11 -23.15
N GLU L 317 -83.19 0.42 -22.31
CA GLU L 317 -82.95 0.57 -20.89
C GLU L 317 -83.24 -0.70 -20.11
N ILE L 318 -84.07 -1.60 -20.65
CA ILE L 318 -84.47 -2.80 -19.93
C ILE L 318 -83.27 -3.73 -19.77
N SER L 319 -83.11 -4.27 -18.56
CA SER L 319 -82.02 -5.19 -18.27
C SER L 319 -82.49 -6.53 -17.73
N MET L 320 -83.76 -6.68 -17.39
CA MET L 320 -84.32 -7.97 -16.99
C MET L 320 -85.81 -7.98 -17.28
N VAL L 321 -86.30 -9.14 -17.72
CA VAL L 321 -87.67 -9.31 -18.19
C VAL L 321 -88.33 -10.40 -17.36
N CYS L 322 -89.61 -10.20 -17.03
CA CYS L 322 -90.38 -11.23 -16.34
C CYS L 322 -91.82 -11.22 -16.81
N ALA L 323 -92.40 -12.41 -16.89
CA ALA L 323 -93.82 -12.59 -17.17
C ALA L 323 -94.43 -13.43 -16.06
N PRO L 324 -95.24 -12.85 -15.17
CA PRO L 324 -95.77 -13.61 -14.03
C PRO L 324 -96.58 -14.82 -14.40
N ASP L 325 -97.36 -14.78 -15.48
CA ASP L 325 -98.25 -15.88 -15.86
C ASP L 325 -97.64 -16.76 -16.94
N GLU L 326 -96.33 -16.97 -16.91
CA GLU L 326 -95.65 -17.71 -17.96
C GLU L 326 -95.98 -19.19 -17.97
N ASN L 327 -96.56 -19.72 -16.90
CA ASN L 327 -96.86 -21.14 -16.81
C ASN L 327 -98.28 -21.47 -17.23
N ASP L 328 -99.13 -20.47 -17.45
CA ASP L 328 -100.48 -20.70 -17.98
C ASP L 328 -100.53 -20.69 -19.49
N ILE L 329 -99.53 -20.12 -20.15
CA ILE L 329 -99.48 -20.02 -21.60
C ILE L 329 -98.32 -20.88 -22.08
N ASP L 330 -98.63 -21.97 -22.77
CA ASP L 330 -97.59 -22.89 -23.22
C ASP L 330 -96.79 -22.28 -24.37
N GLY L 331 -95.47 -22.39 -24.30
CA GLY L 331 -94.61 -21.85 -25.31
C GLY L 331 -94.12 -20.44 -25.07
N LEU L 332 -94.28 -19.91 -23.86
CA LEU L 332 -93.86 -18.55 -23.55
C LEU L 332 -92.47 -18.50 -22.92
N THR L 333 -92.11 -19.53 -22.14
CA THR L 333 -90.77 -19.57 -21.54
C THR L 333 -89.69 -19.57 -22.61
N ASP L 334 -89.86 -20.40 -23.65
CA ASP L 334 -88.88 -20.45 -24.73
C ASP L 334 -88.83 -19.12 -25.48
N SER L 335 -89.98 -18.49 -25.70
CA SER L 335 -89.99 -17.20 -26.37
C SER L 335 -89.24 -16.14 -25.58
N ILE L 336 -89.41 -16.14 -24.25
CA ILE L 336 -88.72 -15.16 -23.42
C ILE L 336 -87.21 -15.40 -23.44
N VAL L 337 -86.80 -16.66 -23.30
CA VAL L 337 -85.37 -16.96 -23.31
C VAL L 337 -84.76 -16.63 -24.67
N ALA L 338 -85.49 -16.89 -25.75
CA ALA L 338 -84.98 -16.56 -27.08
C ALA L 338 -84.88 -15.06 -27.30
N HIS L 339 -85.86 -14.30 -26.80
CA HIS L 339 -85.78 -12.84 -26.85
C HIS L 339 -84.53 -12.33 -26.15
N CYS L 340 -84.27 -12.84 -24.95
CA CYS L 340 -83.10 -12.37 -24.20
C CYS L 340 -81.79 -12.82 -24.86
N GLU L 341 -81.76 -14.00 -25.47
CA GLU L 341 -80.53 -14.45 -26.12
C GLU L 341 -80.29 -13.74 -27.45
N ASN L 342 -81.36 -13.34 -28.15
CA ASN L 342 -81.19 -12.66 -29.42
C ASN L 342 -80.87 -11.19 -29.26
N MET L 343 -81.37 -10.54 -28.21
CA MET L 343 -80.95 -9.18 -27.95
C MET L 343 -79.52 -9.15 -27.42
N GLY L 344 -79.18 -10.08 -26.54
CA GLY L 344 -77.85 -10.20 -25.98
C GLY L 344 -77.51 -9.20 -24.91
N ASP L 345 -78.50 -8.49 -24.35
CA ASP L 345 -78.22 -7.48 -23.34
C ASP L 345 -79.24 -7.48 -22.21
N ARG L 346 -79.93 -8.59 -21.96
CA ARG L 346 -80.89 -8.64 -20.87
C ARG L 346 -80.91 -10.04 -20.30
N PHE L 347 -81.60 -10.18 -19.16
CA PHE L 347 -81.58 -11.39 -18.35
C PHE L 347 -83.02 -11.81 -18.06
N ALA L 348 -83.25 -13.11 -17.99
CA ALA L 348 -84.59 -13.65 -17.79
C ALA L 348 -84.74 -14.30 -16.43
N ILE L 349 -85.85 -14.00 -15.76
CA ILE L 349 -86.18 -14.53 -14.44
C ILE L 349 -87.38 -15.46 -14.60
N LEU L 350 -87.25 -16.69 -14.12
CA LEU L 350 -88.27 -17.71 -14.28
C LEU L 350 -88.63 -18.30 -12.93
N GLN L 351 -89.89 -18.67 -12.79
CA GLN L 351 -90.41 -19.28 -11.58
C GLN L 351 -90.99 -20.65 -11.90
N SER L 352 -90.99 -21.53 -10.91
CA SER L 352 -91.45 -22.89 -11.08
C SER L 352 -92.97 -22.93 -11.18
N PRO L 353 -93.56 -24.07 -11.53
CA PRO L 353 -95.01 -24.21 -11.44
C PRO L 353 -95.47 -24.32 -9.99
N GLN L 354 -96.78 -24.22 -9.81
CA GLN L 354 -97.33 -24.40 -8.47
C GLN L 354 -97.25 -25.85 -8.01
N ASN L 355 -97.25 -26.79 -8.96
CA ASN L 355 -97.09 -28.21 -8.66
C ASN L 355 -96.02 -28.77 -9.60
N PRO L 356 -94.75 -28.74 -9.19
CA PRO L 356 -93.67 -29.20 -10.07
C PRO L 356 -93.35 -30.68 -9.98
N GLY L 357 -94.03 -31.43 -9.11
CA GLY L 357 -93.83 -32.86 -9.04
C GLY L 357 -92.96 -33.30 -7.88
N PRO L 358 -92.45 -34.52 -7.94
CA PRO L 358 -91.55 -35.00 -6.89
C PRO L 358 -90.19 -34.34 -6.99
N VAL L 359 -89.50 -34.26 -5.83
CA VAL L 359 -88.24 -33.53 -5.75
C VAL L 359 -87.16 -34.22 -6.56
N SER L 360 -87.13 -35.55 -6.54
CA SER L 360 -86.08 -36.30 -7.21
C SER L 360 -86.19 -36.27 -8.73
N GLU L 361 -87.19 -35.59 -9.28
CA GLU L 361 -87.42 -35.59 -10.72
C GLU L 361 -87.45 -34.18 -11.32
N MET L 362 -87.15 -33.15 -10.54
CA MET L 362 -87.25 -31.79 -11.02
C MET L 362 -86.06 -31.46 -11.92
N GLU L 363 -86.31 -30.63 -12.93
CA GLU L 363 -85.30 -30.16 -13.86
C GLU L 363 -85.60 -28.72 -14.23
N THR L 364 -84.63 -28.07 -14.83
CA THR L 364 -84.94 -26.73 -15.30
C THR L 364 -85.52 -26.80 -16.71
N PRO L 365 -86.39 -25.84 -17.08
CA PRO L 365 -86.99 -25.91 -18.41
C PRO L 365 -85.99 -25.69 -19.55
N VAL L 366 -85.09 -24.71 -19.41
CA VAL L 366 -84.12 -24.42 -20.46
C VAL L 366 -82.72 -24.64 -19.92
N ASP L 367 -81.72 -24.54 -20.80
CA ASP L 367 -80.32 -24.70 -20.45
C ASP L 367 -79.53 -23.49 -20.91
N SER L 368 -80.07 -22.31 -20.67
CA SER L 368 -79.49 -21.06 -21.14
C SER L 368 -78.62 -20.42 -20.06
N SER L 369 -77.64 -19.64 -20.51
CA SER L 369 -76.87 -18.80 -19.62
C SER L 369 -77.52 -17.44 -19.38
N TYR L 370 -78.68 -17.20 -19.98
CA TYR L 370 -79.36 -15.91 -19.89
C TYR L 370 -80.61 -15.97 -19.01
N ALA L 371 -80.70 -16.94 -18.13
CA ALA L 371 -81.91 -17.15 -17.33
C ALA L 371 -81.55 -17.67 -15.95
N ALA L 372 -82.46 -17.46 -15.01
CA ALA L 372 -82.35 -17.98 -13.65
C ALA L 372 -83.71 -18.47 -13.20
N TYR L 373 -83.73 -19.45 -12.29
CA TYR L 373 -84.92 -20.23 -11.97
C TYR L 373 -85.10 -20.31 -10.46
N TYR L 374 -86.27 -19.87 -9.97
CA TYR L 374 -86.50 -19.72 -8.54
C TYR L 374 -87.69 -20.56 -8.08
N TYR L 375 -87.67 -20.95 -6.80
CA TYR L 375 -88.64 -21.89 -6.24
C TYR L 375 -88.69 -21.73 -4.72
N PRO L 376 -89.87 -21.86 -4.08
CA PRO L 376 -91.28 -22.02 -4.46
C PRO L 376 -92.11 -20.73 -4.50
N TRP L 377 -93.44 -20.89 -4.47
CA TRP L 377 -94.40 -19.78 -4.46
C TRP L 377 -94.49 -19.17 -3.07
N VAL L 378 -95.13 -17.99 -2.99
CA VAL L 378 -95.21 -17.22 -1.75
C VAL L 378 -96.67 -16.86 -1.45
N ASN L 379 -96.88 -16.35 -0.24
CA ASN L 379 -98.20 -15.99 0.27
C ASN L 379 -98.28 -14.49 0.53
N VAL L 380 -99.39 -13.87 0.14
CA VAL L 380 -99.60 -12.43 0.30
C VAL L 380 -101.02 -12.18 0.78
N LEU L 381 -101.27 -10.95 1.21
CA LEU L 381 -102.62 -10.47 1.54
C LEU L 381 -103.27 -9.88 0.30
N ASP L 382 -104.50 -10.29 0.02
CA ASP L 382 -105.21 -9.85 -1.16
C ASP L 382 -106.06 -8.63 -0.84
N PRO L 383 -105.87 -7.50 -1.51
CA PRO L 383 -106.53 -6.26 -1.09
C PRO L 383 -108.01 -6.17 -1.45
N VAL L 384 -108.65 -7.25 -1.92
CA VAL L 384 -110.08 -7.23 -2.18
C VAL L 384 -110.84 -8.22 -1.31
N THR L 385 -110.16 -9.22 -0.75
CA THR L 385 -110.78 -10.16 0.17
C THR L 385 -110.18 -10.11 1.57
N ASN L 386 -108.99 -9.51 1.71
CA ASN L 386 -108.29 -9.43 2.99
C ASN L 386 -107.96 -10.82 3.53
N ARG L 387 -107.65 -11.74 2.62
CA ARG L 387 -107.25 -13.09 2.97
C ARG L 387 -105.90 -13.39 2.31
N GLU L 388 -105.30 -14.52 2.70
CA GLU L 388 -104.05 -14.94 2.09
C GLU L 388 -104.30 -15.49 0.69
N LYS L 389 -103.26 -15.41 -0.14
CA LYS L 389 -103.33 -15.81 -1.53
C LYS L 389 -101.94 -16.22 -1.97
N LEU L 390 -101.86 -17.24 -2.82
CA LEU L 390 -100.60 -17.82 -3.24
C LEU L 390 -100.24 -17.30 -4.62
N VAL L 391 -99.03 -16.75 -4.75
CA VAL L 391 -98.59 -16.10 -5.99
C VAL L 391 -97.17 -16.53 -6.30
N PRO L 392 -96.74 -16.37 -7.57
CA PRO L 392 -95.35 -16.65 -7.91
C PRO L 392 -94.42 -15.56 -7.42
N PRO L 393 -93.16 -15.88 -7.15
CA PRO L 393 -92.25 -14.90 -6.51
C PRO L 393 -91.45 -14.01 -7.45
N GLY L 394 -91.85 -13.86 -8.71
CA GLY L 394 -90.96 -13.24 -9.69
C GLY L 394 -90.68 -11.77 -9.45
N GLY L 395 -91.74 -10.99 -9.17
CA GLY L 395 -91.55 -9.55 -9.03
C GLY L 395 -90.78 -9.17 -7.79
N HIS L 396 -91.01 -9.88 -6.68
CA HIS L 396 -90.23 -9.65 -5.47
C HIS L 396 -88.75 -9.88 -5.73
N ILE L 397 -88.42 -10.91 -6.52
CA ILE L 397 -87.04 -11.23 -6.82
C ILE L 397 -86.42 -10.18 -7.73
N ALA L 398 -87.19 -9.68 -8.70
CA ALA L 398 -86.68 -8.59 -9.53
C ALA L 398 -86.41 -7.34 -8.71
N GLY L 399 -87.28 -7.06 -7.73
CA GLY L 399 -87.03 -5.94 -6.83
C GLY L 399 -85.77 -6.12 -6.01
N ILE L 400 -85.52 -7.34 -5.57
CA ILE L 400 -84.27 -7.64 -4.85
C ILE L 400 -83.05 -7.41 -5.75
N TYR L 401 -83.14 -7.84 -7.01
CA TYR L 401 -82.07 -7.57 -7.97
C TYR L 401 -81.78 -6.08 -8.06
N SER L 402 -82.84 -5.27 -8.27
CA SER L 402 -82.67 -3.84 -8.41
C SER L 402 -82.05 -3.21 -7.15
N ARG L 403 -82.52 -3.62 -5.98
CA ARG L 403 -82.00 -3.08 -4.73
C ARG L 403 -80.51 -3.40 -4.57
N THR L 404 -80.14 -4.67 -4.77
CA THR L 404 -78.74 -5.07 -4.64
C THR L 404 -77.86 -4.31 -5.63
N ASP L 405 -78.36 -4.10 -6.86
CA ASP L 405 -77.59 -3.34 -7.83
C ASP L 405 -77.40 -1.89 -7.39
N GLN L 406 -78.40 -1.32 -6.73
CA GLN L 406 -78.29 0.07 -6.30
C GLN L 406 -77.32 0.23 -5.14
N GLU L 407 -77.32 -0.70 -4.19
CA GLU L 407 -76.54 -0.47 -2.97
C GLU L 407 -75.19 -1.19 -2.93
N HIS L 408 -74.93 -2.13 -3.83
CA HIS L 408 -73.66 -2.86 -3.81
C HIS L 408 -72.91 -2.87 -5.12
N GLY L 409 -73.60 -2.88 -6.25
CA GLY L 409 -72.98 -3.06 -7.55
C GLY L 409 -73.49 -4.32 -8.25
N VAL L 410 -73.16 -4.40 -9.54
CA VAL L 410 -73.60 -5.52 -10.36
C VAL L 410 -72.76 -6.78 -10.13
N HIS L 411 -71.65 -6.67 -9.41
CA HIS L 411 -70.79 -7.80 -9.11
C HIS L 411 -71.19 -8.53 -7.83
N LYS L 412 -72.21 -8.07 -7.13
CA LYS L 412 -72.65 -8.68 -5.89
C LYS L 412 -73.76 -9.67 -6.16
N ALA L 413 -73.64 -10.88 -5.61
CA ALA L 413 -74.65 -11.90 -5.79
C ALA L 413 -75.92 -11.52 -5.06
N PRO L 414 -77.08 -11.51 -5.71
CA PRO L 414 -78.33 -11.13 -5.04
C PRO L 414 -78.94 -12.27 -4.22
N ALA L 415 -78.15 -12.80 -3.31
CA ALA L 415 -78.59 -13.86 -2.42
C ALA L 415 -78.15 -13.52 -0.99
N ASN L 416 -78.73 -14.24 -0.03
CA ASN L 416 -78.61 -13.90 1.39
C ASN L 416 -79.25 -12.54 1.66
N GLU L 417 -80.39 -12.29 1.03
CA GLU L 417 -81.14 -11.05 1.15
C GLU L 417 -82.57 -11.36 1.55
N THR L 418 -83.20 -10.41 2.23
CA THR L 418 -84.53 -10.61 2.79
C THR L 418 -85.61 -10.26 1.78
N LEU L 419 -86.72 -10.99 1.85
CA LEU L 419 -87.91 -10.71 1.05
C LEU L 419 -88.91 -9.92 1.90
N ARG L 420 -89.30 -8.76 1.41
CA ARG L 420 -90.27 -7.91 2.08
C ARG L 420 -91.60 -7.95 1.32
N GLY L 421 -92.69 -7.90 2.08
CA GLY L 421 -94.01 -7.80 1.49
C GLY L 421 -94.79 -9.09 1.41
N ILE L 422 -94.36 -10.14 2.11
CA ILE L 422 -95.02 -11.44 2.07
C ILE L 422 -95.40 -11.85 3.49
N VAL L 423 -96.11 -12.98 3.56
CA VAL L 423 -96.56 -13.52 4.83
C VAL L 423 -95.90 -14.87 5.12
N GLY L 424 -95.83 -15.75 4.14
CA GLY L 424 -95.19 -17.04 4.32
C GLY L 424 -94.86 -17.64 2.98
N LEU L 425 -94.38 -18.88 3.02
CA LEU L 425 -94.00 -19.62 1.84
C LEU L 425 -95.02 -20.72 1.56
N GLN L 426 -94.82 -21.44 0.46
CA GLN L 426 -95.66 -22.58 0.14
C GLN L 426 -95.22 -23.82 0.90
N HIS L 427 -93.92 -24.12 0.85
CA HIS L 427 -93.32 -25.20 1.62
C HIS L 427 -92.06 -24.67 2.30
N ASN L 428 -91.64 -25.37 3.34
CA ASN L 428 -90.34 -25.14 3.96
C ASN L 428 -89.38 -26.22 3.49
N ILE L 429 -88.30 -25.81 2.86
CA ILE L 429 -87.28 -26.71 2.33
C ILE L 429 -86.19 -26.91 3.37
N THR L 430 -85.75 -28.14 3.55
CA THR L 430 -84.70 -28.47 4.51
C THR L 430 -83.33 -28.46 3.82
N LYS L 431 -82.30 -28.76 4.60
CA LYS L 431 -80.94 -28.84 4.07
C LYS L 431 -80.69 -30.12 3.29
N GLY L 432 -81.43 -31.18 3.57
CA GLY L 432 -81.26 -32.42 2.82
C GLY L 432 -81.82 -32.36 1.42
N GLU L 433 -82.89 -31.58 1.22
CA GLU L 433 -83.50 -31.47 -0.11
C GLU L 433 -82.75 -30.49 -1.00
N GLN L 434 -82.10 -29.48 -0.41
CA GLN L 434 -81.34 -28.54 -1.23
C GLN L 434 -80.02 -29.13 -1.72
N ASP L 435 -79.52 -30.17 -1.06
CA ASP L 435 -78.37 -30.89 -1.57
C ASP L 435 -78.65 -31.62 -2.87
N VAL L 436 -79.92 -31.76 -3.25
CA VAL L 436 -80.29 -32.41 -4.50
C VAL L 436 -80.65 -31.35 -5.54
N LEU L 437 -81.23 -30.24 -5.09
CA LEU L 437 -81.72 -29.20 -5.98
C LEU L 437 -80.64 -28.22 -6.40
N ASN L 438 -79.70 -27.89 -5.52
CA ASN L 438 -78.72 -26.86 -5.83
C ASN L 438 -77.77 -27.25 -6.96
N PRO L 439 -77.21 -28.47 -7.02
CA PRO L 439 -76.37 -28.82 -8.17
C PRO L 439 -77.10 -28.88 -9.50
N LYS L 440 -78.41 -28.67 -9.53
CA LYS L 440 -79.19 -28.71 -10.75
C LYS L 440 -79.54 -27.34 -11.30
N GLY L 441 -79.12 -26.27 -10.66
CA GLY L 441 -79.42 -24.92 -11.12
C GLY L 441 -80.72 -24.34 -10.64
N ILE L 442 -81.35 -24.94 -9.64
CA ILE L 442 -82.63 -24.50 -9.10
C ILE L 442 -82.37 -23.72 -7.82
N ASN L 443 -82.82 -22.46 -7.76
CA ASN L 443 -82.57 -21.61 -6.62
C ASN L 443 -83.75 -21.65 -5.66
N CYS L 444 -83.45 -21.67 -4.37
CA CYS L 444 -84.44 -21.89 -3.34
C CYS L 444 -84.65 -20.65 -2.48
N ILE L 445 -85.88 -20.48 -2.00
CA ILE L 445 -86.21 -19.47 -1.02
C ILE L 445 -86.55 -20.18 0.28
N ARG L 446 -85.78 -19.92 1.33
CA ARG L 446 -85.87 -20.67 2.57
C ARG L 446 -86.15 -19.73 3.72
N SER L 447 -86.48 -20.31 4.88
CA SER L 447 -86.78 -19.55 6.08
C SER L 447 -85.98 -20.13 7.24
N PHE L 448 -85.15 -19.27 7.85
CA PHE L 448 -84.31 -19.67 8.97
C PHE L 448 -84.85 -19.09 10.26
N GLN L 449 -84.76 -19.88 11.32
CA GLN L 449 -85.21 -19.46 12.64
C GLN L 449 -84.24 -18.45 13.22
N GLY L 450 -84.74 -17.27 13.56
CA GLY L 450 -83.92 -16.18 14.02
C GLY L 450 -83.39 -15.26 12.93
N ARG L 451 -83.58 -15.62 11.66
CA ARG L 451 -83.05 -14.82 10.56
C ARG L 451 -84.08 -14.45 9.49
N GLY L 452 -85.18 -15.17 9.36
CA GLY L 452 -86.23 -14.78 8.44
C GLY L 452 -86.21 -15.54 7.12
N ILE L 453 -86.91 -14.98 6.15
CA ILE L 453 -87.04 -15.60 4.82
C ILE L 453 -86.02 -14.96 3.89
N ARG L 454 -85.22 -15.80 3.23
CA ARG L 454 -84.12 -15.32 2.39
C ARG L 454 -83.99 -16.19 1.14
N VAL L 455 -83.38 -15.59 0.12
CA VAL L 455 -83.00 -16.31 -1.08
C VAL L 455 -81.65 -16.98 -0.86
N TRP L 456 -81.57 -18.29 -1.11
CA TRP L 456 -80.38 -19.09 -0.81
C TRP L 456 -79.96 -19.83 -2.08
N GLY L 457 -79.22 -19.13 -2.95
CA GLY L 457 -78.78 -19.71 -4.21
C GLY L 457 -78.62 -18.67 -5.29
N ALA L 458 -77.52 -18.73 -6.05
CA ALA L 458 -77.17 -17.68 -7.01
C ALA L 458 -76.60 -18.26 -8.30
N ARG L 459 -77.23 -19.30 -8.85
CA ARG L 459 -76.74 -19.92 -10.07
C ARG L 459 -77.68 -19.66 -11.26
N THR L 460 -77.15 -19.90 -12.46
CA THR L 460 -77.94 -19.88 -13.68
C THR L 460 -78.34 -21.30 -14.09
N THR L 461 -79.22 -21.38 -15.07
CA THR L 461 -79.68 -22.65 -15.62
C THR L 461 -78.66 -23.29 -16.56
N SER L 462 -77.47 -22.72 -16.68
CA SER L 462 -76.52 -23.12 -17.70
C SER L 462 -75.75 -24.38 -17.30
N SER L 463 -75.32 -25.13 -18.31
CA SER L 463 -74.47 -26.29 -18.13
C SER L 463 -72.99 -26.00 -18.38
N ASP L 464 -72.69 -24.93 -19.11
CA ASP L 464 -71.31 -24.51 -19.32
C ASP L 464 -70.67 -24.14 -17.98
N PRO L 465 -69.49 -24.66 -17.66
CA PRO L 465 -68.86 -24.31 -16.38
C PRO L 465 -68.37 -22.89 -16.31
N GLU L 466 -68.29 -22.20 -17.44
CA GLU L 466 -67.78 -20.83 -17.46
C GLU L 466 -68.81 -19.80 -17.05
N TRP L 467 -70.10 -20.14 -17.10
CA TRP L 467 -71.18 -19.22 -16.78
C TRP L 467 -72.06 -19.79 -15.69
N LYS L 468 -71.43 -20.38 -14.67
CA LYS L 468 -72.17 -21.00 -13.58
C LYS L 468 -72.81 -19.98 -12.64
N TYR L 469 -72.16 -18.85 -12.41
CA TYR L 469 -72.61 -17.86 -11.45
C TYR L 469 -73.23 -16.67 -12.16
N LEU L 470 -74.20 -16.05 -11.47
CA LEU L 470 -75.11 -15.08 -12.06
C LEU L 470 -74.47 -13.70 -12.20
N ASN L 471 -73.69 -13.29 -11.18
CA ASN L 471 -73.09 -11.97 -11.19
C ASN L 471 -72.03 -11.84 -12.27
N VAL L 472 -71.39 -12.94 -12.67
CA VAL L 472 -70.41 -12.90 -13.75
C VAL L 472 -71.08 -12.55 -15.07
N ARG L 473 -72.22 -13.19 -15.34
CA ARG L 473 -72.98 -12.88 -16.54
C ARG L 473 -73.46 -11.44 -16.53
N ARG L 474 -73.96 -10.96 -15.38
CA ARG L 474 -74.45 -9.58 -15.33
C ARG L 474 -73.32 -8.57 -15.53
N LEU L 475 -72.16 -8.82 -14.93
CA LEU L 475 -71.01 -7.95 -15.13
C LEU L 475 -70.58 -7.90 -16.60
N PHE L 476 -70.56 -9.06 -17.26
CA PHE L 476 -70.18 -9.05 -18.67
C PHE L 476 -71.20 -8.32 -19.53
N LEU L 477 -72.49 -8.48 -19.25
CA LEU L 477 -73.49 -7.71 -19.98
C LEU L 477 -73.24 -6.21 -19.84
N PHE L 478 -73.04 -5.75 -18.61
CA PHE L 478 -72.79 -4.33 -18.36
C PHE L 478 -71.57 -3.84 -19.14
N ILE L 479 -70.45 -4.56 -19.04
CA ILE L 479 -69.21 -4.13 -19.67
C ILE L 479 -69.38 -4.08 -21.19
N GLU L 480 -69.97 -5.13 -21.77
CA GLU L 480 -70.05 -5.21 -23.22
C GLU L 480 -70.97 -4.15 -23.78
N GLN L 481 -72.09 -3.85 -23.11
CA GLN L 481 -72.95 -2.81 -23.63
C GLN L 481 -72.31 -1.43 -23.51
N SER L 482 -71.60 -1.17 -22.40
CA SER L 482 -70.90 0.12 -22.30
C SER L 482 -69.90 0.28 -23.43
N ILE L 483 -69.10 -0.76 -23.69
CA ILE L 483 -68.12 -0.68 -24.77
C ILE L 483 -68.80 -0.47 -26.11
N GLN L 484 -69.88 -1.21 -26.38
CA GLN L 484 -70.57 -1.09 -27.66
C GLN L 484 -71.09 0.34 -27.89
N GLU L 485 -71.70 0.93 -26.86
CA GLU L 485 -72.34 2.22 -27.06
C GLU L 485 -71.37 3.40 -26.97
N GLY L 486 -70.24 3.26 -26.30
CA GLY L 486 -69.34 4.37 -26.13
C GLY L 486 -68.10 4.39 -27.00
N THR L 487 -68.14 3.85 -28.23
CA THR L 487 -66.95 3.81 -29.07
C THR L 487 -67.28 4.09 -30.54
N GLN L 488 -68.44 4.70 -30.81
CA GLN L 488 -68.83 4.94 -32.19
C GLN L 488 -68.07 6.09 -32.85
N TRP L 489 -67.24 6.82 -32.10
CA TRP L 489 -66.43 7.86 -32.69
C TRP L 489 -65.26 7.30 -33.49
N ALA L 490 -64.93 6.03 -33.33
CA ALA L 490 -63.73 5.45 -33.90
C ALA L 490 -63.93 4.84 -35.27
N VAL L 491 -65.16 4.80 -35.78
CA VAL L 491 -65.42 4.23 -37.09
C VAL L 491 -65.00 5.22 -38.16
N PHE L 492 -64.25 4.74 -39.16
CA PHE L 492 -63.74 5.49 -40.31
C PHE L 492 -62.57 6.41 -39.95
N GLU L 493 -61.98 6.24 -38.78
CA GLU L 493 -60.79 6.99 -38.41
C GLU L 493 -59.56 6.33 -39.01
N PRO L 494 -58.45 7.08 -39.14
CA PRO L 494 -57.23 6.49 -39.70
C PRO L 494 -56.74 5.31 -38.87
N ASN L 495 -56.30 4.27 -39.57
CA ASN L 495 -55.84 3.02 -38.96
C ASN L 495 -54.34 3.08 -38.72
N GLU L 496 -53.96 3.85 -37.70
CA GLU L 496 -52.55 4.10 -37.40
C GLU L 496 -52.40 4.35 -35.91
N GLN L 497 -51.15 4.56 -35.48
CA GLN L 497 -50.77 4.40 -34.08
C GLN L 497 -51.49 5.38 -33.15
N ASP L 498 -51.87 6.56 -33.64
CA ASP L 498 -52.55 7.53 -32.78
C ASP L 498 -53.92 7.01 -32.34
N THR L 499 -54.72 6.53 -33.29
CA THR L 499 -56.01 5.96 -32.96
C THR L 499 -55.87 4.77 -32.01
N TRP L 500 -54.83 3.95 -32.23
CA TRP L 500 -54.60 2.79 -31.39
C TRP L 500 -54.32 3.19 -29.95
N GLY L 501 -53.42 4.16 -29.75
CA GLY L 501 -53.15 4.63 -28.41
C GLY L 501 -54.37 5.22 -27.74
N ARG L 502 -55.17 5.97 -28.50
CA ARG L 502 -56.36 6.60 -27.94
C ARG L 502 -57.35 5.55 -27.45
N ILE L 503 -57.64 4.55 -28.27
CA ILE L 503 -58.58 3.50 -27.91
C ILE L 503 -58.08 2.71 -26.70
N ARG L 504 -56.80 2.33 -26.73
CA ARG L 504 -56.22 1.60 -25.61
C ARG L 504 -56.36 2.38 -24.31
N GLN L 505 -56.07 3.68 -24.35
CA GLN L 505 -56.14 4.51 -23.15
C GLN L 505 -57.55 4.57 -22.58
N SER L 506 -58.55 4.76 -23.46
CA SER L 506 -59.94 4.82 -23.00
C SER L 506 -60.35 3.53 -22.31
N VAL L 507 -60.09 2.39 -22.96
CA VAL L 507 -60.57 1.12 -22.41
C VAL L 507 -59.84 0.81 -21.10
N THR L 508 -58.56 1.16 -21.01
CA THR L 508 -57.81 0.94 -19.77
C THR L 508 -58.40 1.77 -18.63
N ASN L 509 -58.76 3.03 -18.90
CA ASN L 509 -59.37 3.84 -17.84
C ASN L 509 -60.68 3.23 -17.35
N PHE L 510 -61.54 2.79 -18.27
CA PHE L 510 -62.80 2.17 -17.86
C PHE L 510 -62.58 0.92 -17.01
N LEU L 511 -61.66 0.05 -17.44
CA LEU L 511 -61.45 -1.19 -16.69
C LEU L 511 -60.80 -0.94 -15.35
N ARG L 512 -59.92 0.06 -15.25
CA ARG L 512 -59.34 0.39 -13.95
C ARG L 512 -60.39 0.91 -12.99
N THR L 513 -61.35 1.69 -13.51
CA THR L 513 -62.46 2.12 -12.66
C THR L 513 -63.26 0.93 -12.16
N VAL L 514 -63.56 -0.03 -13.05
CA VAL L 514 -64.29 -1.22 -12.63
C VAL L 514 -63.51 -2.00 -11.56
N TRP L 515 -62.19 -2.08 -11.73
CA TRP L 515 -61.36 -2.79 -10.76
C TRP L 515 -61.37 -2.13 -9.39
N ARG L 516 -61.31 -0.79 -9.35
CA ARG L 516 -61.25 -0.09 -8.07
C ARG L 516 -62.51 -0.26 -7.24
N ASN L 517 -63.65 -0.54 -7.86
CA ASN L 517 -64.91 -0.69 -7.15
C ASN L 517 -65.18 -2.11 -6.67
N GLY L 518 -64.21 -3.01 -6.78
CA GLY L 518 -64.36 -4.35 -6.28
C GLY L 518 -64.90 -5.37 -7.26
N GLY L 519 -65.03 -5.02 -8.53
CA GLY L 519 -65.57 -5.95 -9.49
C GLY L 519 -64.56 -6.93 -10.06
N LEU L 520 -63.30 -6.55 -10.12
CA LEU L 520 -62.23 -7.41 -10.61
C LEU L 520 -61.31 -7.78 -9.46
N GLN L 521 -60.54 -8.84 -9.66
CA GLN L 521 -59.80 -9.48 -8.57
C GLN L 521 -58.31 -9.48 -8.87
N GLY L 522 -57.53 -9.02 -7.92
CA GLY L 522 -56.08 -9.01 -8.02
C GLY L 522 -55.50 -7.86 -7.22
N GLN L 523 -54.30 -8.09 -6.69
CA GLN L 523 -53.59 -7.08 -5.91
C GLN L 523 -52.89 -6.05 -6.77
N SER L 524 -52.81 -6.26 -8.09
CA SER L 524 -52.21 -5.31 -8.99
C SER L 524 -53.06 -5.23 -10.25
N GLU L 525 -52.76 -4.25 -11.10
CA GLU L 525 -53.51 -4.09 -12.34
C GLU L 525 -53.22 -5.21 -13.33
N ASP L 526 -51.99 -5.73 -13.32
CA ASP L 526 -51.62 -6.81 -14.22
C ASP L 526 -52.36 -8.10 -13.90
N ASP L 527 -52.78 -8.27 -12.65
CA ASP L 527 -53.54 -9.45 -12.26
C ASP L 527 -54.99 -9.36 -12.66
N ALA L 528 -55.52 -8.15 -12.78
CA ALA L 528 -56.96 -7.97 -12.96
C ALA L 528 -57.39 -7.92 -14.42
N PHE L 529 -56.57 -7.34 -15.31
CA PHE L 529 -56.98 -7.19 -16.70
C PHE L 529 -55.79 -6.79 -17.55
N TYR L 530 -55.98 -6.88 -18.87
CA TYR L 530 -55.06 -6.31 -19.86
C TYR L 530 -55.83 -5.89 -21.11
N VAL L 531 -55.24 -4.95 -21.85
CA VAL L 531 -55.76 -4.45 -23.12
C VAL L 531 -54.62 -4.39 -24.13
N LYS L 532 -54.88 -4.84 -25.36
CA LYS L 532 -53.86 -4.88 -26.41
C LYS L 532 -54.43 -4.35 -27.72
N CYS L 533 -53.67 -3.45 -28.36
CA CYS L 533 -54.00 -2.93 -29.68
C CYS L 533 -52.73 -2.39 -30.32
N GLY L 534 -52.32 -3.00 -31.42
CA GLY L 534 -51.08 -2.56 -32.08
C GLY L 534 -50.69 -3.53 -33.18
N GLU L 535 -49.37 -3.73 -33.31
CA GLU L 535 -48.86 -4.66 -34.31
C GLU L 535 -48.75 -6.08 -33.77
N GLU L 536 -49.13 -6.32 -32.52
CA GLU L 536 -49.23 -7.69 -32.01
C GLU L 536 -50.61 -8.27 -32.26
N THR L 537 -51.63 -7.44 -32.44
CA THR L 537 -52.97 -7.92 -32.72
C THR L 537 -53.37 -7.79 -34.17
N MET L 538 -52.76 -6.87 -34.92
CA MET L 538 -53.11 -6.61 -36.31
C MET L 538 -51.94 -6.97 -37.22
N SER L 539 -52.25 -7.58 -38.35
CA SER L 539 -51.29 -7.83 -39.41
C SER L 539 -51.53 -6.85 -40.56
N GLU L 540 -50.80 -7.05 -41.65
CA GLU L 540 -50.90 -6.15 -42.79
C GLU L 540 -52.14 -6.44 -43.63
N ASP L 541 -52.51 -7.72 -43.74
CA ASP L 541 -53.78 -8.07 -44.39
C ASP L 541 -54.96 -7.44 -43.67
N ASP L 542 -54.85 -7.25 -42.36
CA ASP L 542 -55.91 -6.57 -41.61
C ASP L 542 -55.99 -5.10 -41.99
N ILE L 543 -54.85 -4.41 -42.03
CA ILE L 543 -54.84 -2.99 -42.37
C ILE L 543 -55.36 -2.77 -43.79
N ASP L 544 -54.98 -3.64 -44.73
CA ASP L 544 -55.42 -3.47 -46.10
C ASP L 544 -56.92 -3.67 -46.28
N ASN L 545 -57.59 -4.30 -45.33
CA ASN L 545 -59.02 -4.58 -45.45
C ASN L 545 -59.88 -3.77 -44.50
N GLY L 546 -59.29 -2.92 -43.66
CA GLY L 546 -60.06 -2.02 -42.84
C GLY L 546 -60.44 -2.51 -41.47
N ARG L 547 -59.69 -3.46 -40.90
CA ARG L 547 -60.02 -4.05 -39.62
C ARG L 547 -59.11 -3.50 -38.52
N LEU L 548 -59.71 -3.08 -37.42
CA LEU L 548 -58.99 -2.66 -36.22
C LEU L 548 -59.39 -3.60 -35.09
N ILE L 549 -58.41 -4.30 -34.53
CA ILE L 549 -58.66 -5.38 -33.58
C ILE L 549 -58.10 -5.00 -32.21
N VAL L 550 -58.92 -5.15 -31.18
CA VAL L 550 -58.54 -4.89 -29.78
C VAL L 550 -58.81 -6.16 -28.98
N GLU L 551 -57.85 -6.57 -28.16
CA GLU L 551 -58.00 -7.76 -27.34
C GLU L 551 -57.96 -7.41 -25.85
N ILE L 552 -58.96 -7.86 -25.11
CA ILE L 552 -59.13 -7.52 -23.70
C ILE L 552 -59.25 -8.81 -22.89
N GLY L 553 -58.54 -8.86 -21.77
CA GLY L 553 -58.64 -10.00 -20.86
C GLY L 553 -58.95 -9.53 -19.46
N VAL L 554 -59.86 -10.23 -18.80
CA VAL L 554 -60.43 -9.78 -17.53
C VAL L 554 -60.56 -10.96 -16.57
N ALA L 555 -60.62 -10.65 -15.28
CA ALA L 555 -60.74 -11.67 -14.22
C ALA L 555 -61.83 -11.29 -13.23
N PRO L 556 -63.03 -11.85 -13.35
CA PRO L 556 -64.13 -11.47 -12.46
C PRO L 556 -64.03 -12.15 -11.10
N VAL L 557 -64.80 -11.60 -10.16
CA VAL L 557 -64.85 -12.10 -8.79
C VAL L 557 -66.10 -12.94 -8.63
N LYS L 558 -66.01 -13.99 -7.82
CA LYS L 558 -67.06 -14.97 -7.63
C LYS L 558 -67.46 -15.07 -6.16
N PRO L 559 -68.66 -15.54 -5.86
CA PRO L 559 -69.13 -15.54 -4.47
C PRO L 559 -68.54 -16.67 -3.63
N ALA L 560 -68.70 -16.53 -2.33
CA ALA L 560 -68.29 -17.54 -1.35
C ALA L 560 -69.53 -18.33 -0.94
N GLU L 561 -69.66 -19.53 -1.48
CA GLU L 561 -70.85 -20.35 -1.28
C GLU L 561 -70.71 -21.32 -0.11
N PHE L 562 -69.49 -21.75 0.18
CA PHE L 562 -69.21 -22.68 1.26
C PHE L 562 -68.13 -22.07 2.15
N VAL L 563 -68.47 -21.82 3.40
CA VAL L 563 -67.57 -21.24 4.38
C VAL L 563 -67.15 -22.38 5.31
N ILE L 564 -65.86 -22.71 5.29
CA ILE L 564 -65.34 -23.93 5.93
C ILE L 564 -64.35 -23.53 7.01
N PHE L 565 -64.49 -24.15 8.18
CA PHE L 565 -63.59 -23.95 9.31
C PHE L 565 -63.00 -25.28 9.73
N ARG L 566 -61.69 -25.43 9.56
CA ARG L 566 -60.98 -26.65 9.94
C ARG L 566 -60.17 -26.35 11.20
N ILE L 567 -60.57 -26.95 12.32
CA ILE L 567 -60.01 -26.65 13.64
C ILE L 567 -59.32 -27.88 14.20
N SER L 568 -58.13 -27.68 14.78
CA SER L 568 -57.34 -28.76 15.34
C SER L 568 -56.73 -28.31 16.65
N GLN L 569 -55.97 -29.22 17.29
CA GLN L 569 -55.32 -28.97 18.57
C GLN L 569 -53.83 -28.72 18.43
N ASP L 570 -53.28 -28.76 17.22
CA ASP L 570 -51.84 -28.67 17.05
C ASP L 570 -51.41 -27.22 16.97
N THR L 571 -50.39 -26.87 17.75
CA THR L 571 -49.78 -25.54 17.76
C THR L 571 -50.81 -24.42 17.98
N SER M 2 -73.00 1.59 -6.62
CA SER M 2 -74.23 2.31 -6.96
C SER M 2 -74.13 2.89 -8.36
N GLU M 3 -75.27 3.29 -8.92
CA GLU M 3 -75.33 3.88 -10.24
C GLU M 3 -75.81 5.32 -10.14
N TYR M 4 -75.20 6.21 -10.93
CA TYR M 4 -75.44 7.64 -10.86
C TYR M 4 -75.94 8.11 -12.23
N GLN M 5 -77.24 8.36 -12.34
CA GLN M 5 -77.86 8.77 -13.60
C GLN M 5 -78.45 10.17 -13.57
N SER M 6 -78.80 10.70 -12.40
CA SER M 6 -79.27 12.07 -12.30
C SER M 6 -78.48 12.81 -11.24
N PRO M 7 -78.28 14.11 -11.43
CA PRO M 7 -77.43 14.87 -10.51
C PRO M 7 -78.04 15.01 -9.12
N GLY M 8 -77.17 15.04 -8.12
CA GLY M 8 -77.62 15.19 -6.75
C GLY M 8 -76.55 14.76 -5.77
N VAL M 9 -76.98 14.57 -4.53
CA VAL M 9 -76.11 14.14 -3.43
C VAL M 9 -76.45 12.70 -3.08
N TYR M 10 -75.42 11.88 -2.87
CA TYR M 10 -75.57 10.48 -2.54
C TYR M 10 -74.80 10.16 -1.26
N VAL M 11 -75.43 9.42 -0.36
CA VAL M 11 -74.80 8.97 0.88
C VAL M 11 -74.87 7.44 0.93
N GLU M 12 -73.73 6.80 1.13
CA GLU M 12 -73.63 5.35 1.07
C GLU M 12 -72.92 4.81 2.29
N GLU M 13 -73.34 3.63 2.74
CA GLU M 13 -72.77 2.95 3.89
C GLU M 13 -71.84 1.83 3.45
N VAL M 14 -70.72 1.70 4.16
CA VAL M 14 -69.71 0.70 3.85
C VAL M 14 -69.61 -0.27 5.02
N GLN M 15 -69.18 -1.50 4.72
CA GLN M 15 -68.95 -2.50 5.76
C GLN M 15 -67.59 -2.30 6.41
N SER M 16 -67.52 -2.56 7.72
CA SER M 16 -66.33 -2.29 8.50
C SER M 16 -65.38 -3.48 8.48
N GLY M 17 -64.28 -3.37 9.22
CA GLY M 17 -63.18 -4.30 9.15
C GLY M 17 -63.19 -5.48 10.09
N SER M 18 -64.17 -5.58 10.98
CA SER M 18 -64.28 -6.74 11.86
C SER M 18 -65.68 -6.80 12.44
N LYS M 19 -66.15 -8.03 12.69
CA LYS M 19 -67.46 -8.27 13.25
C LYS M 19 -67.33 -9.14 14.49
N SER M 20 -68.03 -8.75 15.55
CA SER M 20 -67.86 -9.40 16.83
C SER M 20 -68.55 -10.76 16.88
N VAL M 21 -67.93 -11.68 17.62
CA VAL M 21 -68.51 -12.98 17.93
C VAL M 21 -68.87 -12.98 19.41
N GLU M 22 -70.00 -13.59 19.75
CA GLU M 22 -70.47 -13.65 21.12
C GLU M 22 -70.57 -15.11 21.56
N GLY M 23 -70.15 -15.39 22.80
CA GLY M 23 -70.22 -16.74 23.32
C GLY M 23 -71.64 -17.17 23.66
N VAL M 24 -71.84 -18.49 23.65
CA VAL M 24 -73.15 -19.07 23.85
C VAL M 24 -73.27 -19.57 25.30
N SER M 25 -74.51 -19.88 25.69
CA SER M 25 -74.79 -20.41 27.02
C SER M 25 -74.17 -21.79 27.18
N THR M 26 -73.78 -22.11 28.42
CA THR M 26 -73.10 -23.37 28.72
C THR M 26 -73.53 -24.07 30.00
N SER M 27 -74.59 -23.64 30.67
CA SER M 27 -74.96 -24.23 31.95
C SER M 27 -76.43 -24.62 32.05
N THR M 28 -77.07 -24.93 30.92
CA THR M 28 -78.45 -25.40 30.92
C THR M 28 -78.47 -26.91 30.77
N ALA M 29 -79.43 -27.55 31.44
CA ALA M 29 -79.55 -29.00 31.48
C ALA M 29 -80.92 -29.45 30.98
N GLY M 30 -81.00 -30.72 30.64
CA GLY M 30 -82.25 -31.33 30.23
C GLY M 30 -82.52 -32.62 30.97
N PHE M 31 -83.74 -32.77 31.45
CA PHE M 31 -84.12 -33.94 32.23
C PHE M 31 -85.35 -34.61 31.63
N LEU M 32 -85.40 -35.94 31.74
CA LEU M 32 -86.52 -36.74 31.26
C LEU M 32 -86.94 -37.71 32.35
N GLY M 33 -88.25 -37.97 32.43
CA GLY M 33 -88.77 -38.86 33.44
C GLY M 33 -90.24 -38.63 33.69
N GLN M 34 -90.77 -39.43 34.61
CA GLN M 34 -92.21 -39.47 34.88
C GLN M 34 -92.62 -38.48 35.95
N THR M 35 -93.82 -37.90 35.77
CA THR M 35 -94.42 -36.97 36.72
C THR M 35 -95.90 -37.34 36.86
N GLU M 36 -96.61 -36.64 37.73
CA GLU M 36 -98.03 -36.90 37.93
C GLU M 36 -98.93 -35.95 37.14
N ARG M 37 -98.52 -34.70 36.96
CA ARG M 37 -99.26 -33.70 36.19
C ARG M 37 -98.35 -33.11 35.13
N GLY M 38 -98.91 -32.28 34.26
CA GLY M 38 -98.11 -31.45 33.41
C GLY M 38 -98.24 -31.74 31.93
N PRO M 39 -97.78 -30.81 31.11
CA PRO M 39 -97.76 -31.04 29.66
C PRO M 39 -96.59 -31.92 29.24
N VAL M 40 -96.70 -32.45 28.02
CA VAL M 40 -95.67 -33.33 27.48
C VAL M 40 -94.74 -32.63 26.48
N GLU M 41 -94.90 -31.33 26.28
CA GLU M 41 -93.90 -30.58 25.54
C GLU M 41 -92.85 -30.02 26.51
N PRO M 42 -91.60 -29.88 26.06
CA PRO M 42 -90.54 -29.44 26.98
C PRO M 42 -90.78 -28.01 27.46
N ARG M 43 -90.55 -27.79 28.75
CA ARG M 43 -90.77 -26.48 29.34
C ARG M 43 -89.58 -26.08 30.18
N LEU M 44 -89.30 -24.77 30.22
CA LEU M 44 -88.17 -24.22 30.95
C LEU M 44 -88.57 -23.92 32.39
N VAL M 45 -87.69 -24.32 33.31
CA VAL M 45 -87.87 -24.12 34.75
C VAL M 45 -86.61 -23.48 35.29
N THR M 46 -86.76 -22.50 36.18
CA THR M 46 -85.62 -21.78 36.74
C THR M 46 -85.55 -21.87 38.26
N ASN M 47 -86.37 -22.73 38.87
CA ASN M 47 -86.51 -22.74 40.31
C ASN M 47 -87.34 -23.97 40.67
N TYR M 48 -87.16 -24.47 41.90
CA TYR M 48 -87.83 -25.71 42.28
C TYR M 48 -89.31 -25.50 42.57
N ALA M 49 -89.69 -24.31 43.04
CA ALA M 49 -91.10 -24.03 43.26
C ALA M 49 -91.88 -24.00 41.95
N ASP M 50 -91.26 -23.50 40.88
CA ASP M 50 -91.85 -23.60 39.55
C ASP M 50 -92.11 -25.05 39.18
N PHE M 51 -91.15 -25.93 39.47
CA PHE M 51 -91.32 -27.34 39.15
C PHE M 51 -92.49 -27.94 39.91
N GLU M 52 -92.56 -27.72 41.22
CA GLU M 52 -93.68 -28.26 41.98
C GLU M 52 -95.01 -27.68 41.52
N ARG M 53 -95.02 -26.41 41.10
CA ARG M 53 -96.27 -25.80 40.66
C ARG M 53 -96.75 -26.32 39.32
N LEU M 54 -95.85 -26.57 38.38
CA LEU M 54 -96.25 -26.99 37.04
C LEU M 54 -96.43 -28.50 36.91
N TYR M 55 -95.69 -29.29 37.68
CA TYR M 55 -95.64 -30.73 37.48
C TYR M 55 -96.10 -31.54 38.67
N GLY M 56 -95.69 -31.18 39.88
CA GLY M 56 -96.08 -31.94 41.06
C GLY M 56 -95.01 -32.89 41.56
N ALA M 57 -95.42 -34.10 41.95
CA ALA M 57 -94.52 -35.12 42.45
C ALA M 57 -94.38 -36.26 41.45
N SER M 58 -93.43 -37.15 41.73
CA SER M 58 -93.19 -38.32 40.90
C SER M 58 -93.88 -39.54 41.49
N PRO M 59 -94.29 -40.50 40.64
CA PRO M 59 -94.81 -41.77 41.16
C PRO M 59 -93.71 -42.58 41.82
N LYS M 60 -94.08 -43.76 42.31
CA LYS M 60 -93.13 -44.61 43.02
C LYS M 60 -92.14 -45.29 42.09
N SER M 61 -92.35 -45.23 40.78
CA SER M 61 -91.48 -45.88 39.82
C SER M 61 -90.52 -44.90 39.15
N SER M 62 -90.37 -43.70 39.70
CA SER M 62 -89.51 -42.69 39.11
C SER M 62 -88.84 -41.87 40.20
N ASP M 63 -87.71 -41.25 39.86
CA ASP M 63 -86.96 -40.44 40.81
C ASP M 63 -86.56 -39.11 40.19
N LEU M 64 -87.49 -38.48 39.48
CA LEU M 64 -87.24 -37.20 38.83
C LEU M 64 -87.24 -36.05 39.83
N ASP M 65 -88.23 -36.03 40.71
CA ASP M 65 -88.34 -34.98 41.72
C ASP M 65 -87.07 -34.85 42.55
N ALA M 66 -86.50 -36.00 42.93
CA ALA M 66 -85.28 -36.02 43.72
C ALA M 66 -84.09 -35.47 42.94
N ALA M 67 -84.04 -35.78 41.64
CA ALA M 67 -82.92 -35.33 40.81
C ALA M 67 -82.99 -33.83 40.56
N VAL M 68 -84.19 -33.28 40.33
CA VAL M 68 -84.33 -31.85 40.13
C VAL M 68 -84.02 -31.09 41.43
N ASP M 69 -84.45 -31.64 42.56
CA ASP M 69 -84.11 -31.05 43.85
C ASP M 69 -82.60 -31.04 44.07
N GLY M 70 -81.93 -32.15 43.77
CA GLY M 70 -80.48 -32.17 43.89
C GLY M 70 -79.79 -31.24 42.93
N PHE M 71 -80.37 -31.02 41.75
CA PHE M 71 -79.81 -30.07 40.80
C PHE M 71 -79.85 -28.66 41.36
N PHE M 72 -81.00 -28.25 41.89
CA PHE M 72 -81.10 -26.87 42.37
C PHE M 72 -80.45 -26.64 43.72
N LYS M 73 -80.28 -27.69 44.54
CA LYS M 73 -79.57 -27.52 45.81
C LYS M 73 -78.07 -27.31 45.62
N ASN M 74 -77.54 -27.62 44.45
CA ASN M 74 -76.10 -27.58 44.21
C ASN M 74 -75.66 -26.39 43.39
N GLY M 75 -76.57 -25.46 43.11
CA GLY M 75 -76.23 -24.27 42.38
C GLY M 75 -76.58 -24.25 40.91
N GLY M 76 -77.51 -25.09 40.47
CA GLY M 76 -77.94 -25.05 39.08
C GLY M 76 -78.87 -23.89 38.79
N SER M 77 -78.89 -23.48 37.53
CA SER M 77 -79.60 -22.28 37.11
C SER M 77 -80.87 -22.56 36.32
N ARG M 78 -80.82 -23.41 35.30
CA ARG M 78 -81.95 -23.58 34.40
C ARG M 78 -82.08 -25.03 33.96
N CYS M 79 -83.32 -25.53 33.99
CA CYS M 79 -83.66 -26.86 33.54
C CYS M 79 -84.64 -26.78 32.38
N PHE M 80 -84.55 -27.76 31.48
CA PHE M 80 -85.62 -28.05 30.53
C PHE M 80 -86.19 -29.40 30.89
N ILE M 81 -87.48 -29.42 31.22
CA ILE M 81 -88.16 -30.63 31.66
C ILE M 81 -88.99 -31.17 30.50
N GLY M 82 -88.86 -32.48 30.26
CA GLY M 82 -89.70 -33.21 29.34
C GLY M 82 -90.39 -34.38 30.01
N ARG M 83 -91.71 -34.36 30.04
CA ARG M 83 -92.49 -35.36 30.76
C ARG M 83 -92.76 -36.56 29.85
N VAL M 84 -92.42 -37.75 30.34
CA VAL M 84 -92.66 -39.01 29.65
C VAL M 84 -93.86 -39.68 30.30
N SER M 85 -94.81 -40.12 29.49
CA SER M 85 -96.06 -40.66 29.99
C SER M 85 -96.40 -41.95 29.28
N GLY M 86 -96.93 -42.91 30.03
CA GLY M 86 -97.39 -44.17 29.47
C GLY M 86 -98.78 -44.14 28.87
N ALA M 87 -99.50 -43.04 29.04
CA ALA M 87 -100.84 -42.90 28.48
C ALA M 87 -100.80 -42.22 27.12
N ASP M 88 -101.82 -42.48 26.31
CA ASP M 88 -101.95 -41.82 25.02
C ASP M 88 -102.05 -40.31 25.19
N ILE M 89 -101.49 -39.59 24.23
CA ILE M 89 -101.42 -38.13 24.31
C ILE M 89 -102.80 -37.49 24.31
N ASP M 90 -103.80 -38.16 23.73
CA ASP M 90 -105.15 -37.60 23.63
C ASP M 90 -106.10 -38.16 24.68
N ASP M 91 -105.59 -38.92 25.65
CA ASP M 91 -106.40 -39.40 26.78
C ASP M 91 -106.45 -38.30 27.84
N VAL M 92 -107.25 -37.28 27.55
CA VAL M 92 -107.32 -36.06 28.34
C VAL M 92 -108.76 -35.86 28.79
N ALA M 93 -108.94 -35.35 30.01
CA ALA M 93 -110.26 -35.04 30.54
C ALA M 93 -110.75 -33.72 29.97
N THR M 94 -112.06 -33.66 29.71
CA THR M 94 -112.68 -32.51 29.05
C THR M 94 -113.94 -32.10 29.81
N GLY M 95 -114.54 -31.01 29.34
CA GLY M 95 -115.75 -30.47 29.95
C GLY M 95 -116.37 -29.44 29.04
N ILE M 96 -117.52 -28.91 29.49
CA ILE M 96 -118.35 -28.02 28.68
C ILE M 96 -118.95 -26.94 29.58
N LEU M 97 -119.02 -25.71 29.09
CA LEU M 97 -119.71 -24.62 29.75
C LEU M 97 -120.95 -24.24 28.95
N ALA M 98 -122.06 -24.01 29.66
CA ALA M 98 -123.35 -23.77 29.03
C ALA M 98 -123.87 -22.37 29.37
N ASP M 99 -124.77 -21.88 28.51
CA ASP M 99 -125.31 -20.53 28.61
C ASP M 99 -126.68 -20.53 29.32
N ASP M 100 -127.37 -19.40 29.22
CA ASP M 100 -128.63 -19.18 29.94
C ASP M 100 -129.69 -20.24 29.61
N GLU M 101 -129.89 -20.53 28.32
CA GLU M 101 -130.92 -21.48 27.92
C GLU M 101 -130.35 -22.80 27.40
N GLY M 102 -129.09 -23.09 27.70
CA GLY M 102 -128.54 -24.41 27.42
C GLY M 102 -127.85 -24.55 26.07
N ASN M 103 -126.90 -23.65 25.79
CA ASN M 103 -126.05 -23.75 24.61
C ASN M 103 -124.61 -23.86 25.08
N GLU M 104 -123.87 -24.80 24.50
CA GLU M 104 -122.46 -24.92 24.84
C GLU M 104 -121.67 -23.77 24.21
N ILE M 105 -121.07 -22.96 25.07
CA ILE M 105 -120.39 -21.75 24.63
C ILE M 105 -118.86 -21.88 24.69
N ALA M 106 -118.33 -22.77 25.51
CA ALA M 106 -116.89 -22.93 25.65
C ALA M 106 -116.58 -24.40 25.88
N GLU M 107 -115.30 -24.74 25.75
CA GLU M 107 -114.84 -26.11 25.96
C GLU M 107 -113.57 -26.08 26.79
N VAL M 108 -113.58 -26.83 27.89
CA VAL M 108 -112.50 -26.86 28.87
C VAL M 108 -111.76 -28.18 28.74
N GLU M 109 -110.43 -28.14 28.85
CA GLU M 109 -109.62 -29.33 28.63
C GLU M 109 -108.41 -29.30 29.56
N ALA M 110 -108.08 -30.46 30.13
CA ALA M 110 -106.95 -30.53 31.04
C ALA M 110 -105.64 -30.25 30.34
N ASN M 111 -104.65 -29.82 31.10
CA ASN M 111 -103.34 -29.45 30.56
C ASN M 111 -102.37 -30.63 30.65
N GLY M 112 -102.73 -31.71 29.97
CA GLY M 112 -101.94 -32.91 29.96
C GLY M 112 -102.76 -34.17 30.15
N PRO M 113 -102.24 -35.30 29.67
CA PRO M 113 -103.01 -36.55 29.76
C PRO M 113 -102.80 -37.25 31.09
N GLY M 114 -103.79 -38.06 31.45
CA GLY M 114 -103.75 -38.86 32.65
C GLY M 114 -105.02 -38.73 33.48
N GLN M 115 -105.09 -39.56 34.51
CA GLN M 115 -106.25 -39.60 35.38
C GLN M 115 -106.35 -38.39 36.31
N TRP M 116 -105.26 -37.66 36.51
CA TRP M 116 -105.28 -36.51 37.41
C TRP M 116 -106.34 -35.49 36.99
N GLY M 117 -106.57 -35.35 35.69
CA GLY M 117 -107.56 -34.40 35.21
C GLY M 117 -108.98 -34.68 35.69
N GLU M 118 -109.24 -35.88 36.20
CA GLU M 118 -110.55 -36.17 36.76
C GLU M 118 -110.78 -35.48 38.10
N SER M 119 -109.76 -34.85 38.67
CA SER M 119 -109.86 -34.21 39.98
C SER M 119 -109.79 -32.69 39.90
N VAL M 120 -110.09 -32.12 38.74
CA VAL M 120 -110.07 -30.67 38.54
C VAL M 120 -111.51 -30.17 38.53
N ALA M 121 -111.80 -29.14 39.31
CA ALA M 121 -113.13 -28.55 39.38
C ALA M 121 -113.07 -27.11 38.89
N VAL M 122 -114.06 -26.74 38.08
CA VAL M 122 -114.20 -25.39 37.54
C VAL M 122 -115.48 -24.78 38.10
N ILE M 123 -115.37 -23.56 38.63
CA ILE M 123 -116.47 -22.88 39.31
C ILE M 123 -116.66 -21.51 38.67
N VAL M 124 -117.89 -21.23 38.25
CA VAL M 124 -118.24 -19.94 37.65
C VAL M 124 -119.20 -19.21 38.59
N GLU M 125 -118.91 -17.92 38.84
CA GLU M 125 -119.79 -17.09 39.65
C GLU M 125 -119.92 -15.72 38.99
N ASP M 126 -120.87 -14.92 39.48
CA ASP M 126 -121.16 -13.63 38.88
C ASP M 126 -120.51 -12.51 39.67
N SER M 127 -120.14 -11.45 38.94
CA SER M 127 -119.40 -10.32 39.49
C SER M 127 -120.33 -9.16 39.81
N GLN M 128 -119.85 -8.27 40.67
CA GLN M 128 -120.61 -7.10 41.09
C GLN M 128 -120.75 -6.04 40.00
N TYR M 129 -119.96 -6.13 38.95
CA TYR M 129 -120.06 -5.16 37.87
C TYR M 129 -120.86 -5.73 36.71
N PRO M 130 -121.60 -4.89 36.00
CA PRO M 130 -122.42 -5.38 34.89
C PRO M 130 -121.58 -6.03 33.80
N ASN M 131 -122.07 -7.16 33.30
CA ASN M 131 -121.46 -7.88 32.18
C ASN M 131 -120.10 -8.48 32.54
N GLN M 132 -119.92 -8.94 33.77
CA GLN M 132 -118.65 -9.50 34.21
C GLN M 132 -118.90 -10.69 35.13
N PHE M 133 -117.94 -11.60 35.18
CA PHE M 133 -118.06 -12.80 36.00
C PHE M 133 -116.68 -13.26 36.44
N ASP M 134 -116.66 -14.14 37.44
CA ASP M 134 -115.44 -14.69 38.02
C ASP M 134 -115.36 -16.18 37.72
N ILE M 135 -114.13 -16.68 37.59
CA ILE M 135 -113.87 -18.10 37.34
C ILE M 135 -112.80 -18.58 38.32
N THR M 136 -112.98 -19.79 38.85
CA THR M 136 -112.05 -20.41 39.78
C THR M 136 -111.78 -21.84 39.34
N VAL M 137 -110.52 -22.27 39.48
CA VAL M 137 -110.11 -23.64 39.16
C VAL M 137 -109.41 -24.23 40.37
N ARG M 138 -109.84 -25.43 40.78
CA ARG M 138 -109.34 -26.10 41.98
C ARG M 138 -108.87 -27.51 41.65
N TYR M 139 -107.82 -27.96 42.35
CA TYR M 139 -107.30 -29.30 42.15
C TYR M 139 -106.86 -29.92 43.47
N TRP M 140 -107.32 -31.14 43.73
CA TRP M 140 -106.98 -31.93 44.91
C TRP M 140 -106.12 -33.12 44.51
N SER M 141 -105.05 -33.36 45.25
CA SER M 141 -104.13 -34.46 44.94
C SER M 141 -104.57 -35.81 45.51
N GLY M 142 -105.42 -35.81 46.52
CA GLY M 142 -105.81 -37.03 47.19
C GLY M 142 -107.15 -37.55 46.74
N ASP M 143 -107.87 -38.14 47.69
CA ASP M 143 -109.15 -38.79 47.41
C ASP M 143 -110.25 -37.76 47.18
N LEU M 144 -111.15 -38.05 46.23
CA LEU M 144 -112.31 -37.20 46.02
C LEU M 144 -113.46 -37.57 46.92
N GLU M 145 -113.52 -38.83 47.37
CA GLU M 145 -114.60 -39.29 48.24
C GLU M 145 -114.64 -38.54 49.57
N ALA M 146 -113.54 -37.92 49.98
CA ALA M 146 -113.46 -37.25 51.27
C ALA M 146 -113.65 -35.74 51.18
N VAL M 147 -113.83 -35.20 49.98
CA VAL M 147 -114.00 -33.76 49.79
C VAL M 147 -115.45 -33.42 50.11
N SER M 148 -115.65 -32.62 51.16
CA SER M 148 -117.00 -32.35 51.64
C SER M 148 -117.66 -31.22 50.85
N LYS M 149 -117.06 -30.03 50.88
CA LYS M 149 -117.61 -28.83 50.25
C LYS M 149 -116.65 -28.34 49.18
N PRO M 150 -116.64 -28.95 48.00
CA PRO M 150 -115.75 -28.47 46.94
C PRO M 150 -116.11 -27.10 46.41
N HIS M 151 -117.35 -26.65 46.60
CA HIS M 151 -117.82 -25.38 46.09
C HIS M 151 -117.74 -24.25 47.11
N GLY M 152 -117.71 -24.56 48.40
CA GLY M 152 -117.69 -23.54 49.43
C GLY M 152 -116.37 -22.78 49.48
N ASP M 153 -116.35 -21.77 50.35
CA ASP M 153 -115.17 -20.95 50.53
C ASP M 153 -114.03 -21.69 51.22
N ARG M 154 -114.33 -22.80 51.91
CA ARG M 154 -113.32 -23.59 52.60
C ARG M 154 -113.68 -25.07 52.48
N PRO M 155 -113.13 -25.76 51.49
CA PRO M 155 -113.37 -27.20 51.36
C PRO M 155 -112.76 -27.97 52.52
N ASP M 156 -113.23 -29.20 52.71
CA ASP M 156 -112.81 -29.99 53.88
C ASP M 156 -111.32 -30.26 53.90
N PRO M 157 -110.70 -30.89 52.87
CA PRO M 157 -109.25 -30.77 52.72
C PRO M 157 -108.92 -29.60 51.80
N SER M 158 -108.01 -28.74 52.24
CA SER M 158 -107.64 -27.58 51.44
C SER M 158 -107.07 -28.04 50.11
N PRO M 159 -107.50 -27.47 48.99
CA PRO M 159 -107.06 -27.97 47.67
C PRO M 159 -105.58 -27.77 47.47
N ASP M 160 -105.01 -28.62 46.62
CA ASP M 160 -103.58 -28.58 46.35
C ASP M 160 -103.22 -27.43 45.42
N VAL M 161 -104.07 -27.11 44.45
CA VAL M 161 -103.84 -25.99 43.54
C VAL M 161 -105.11 -25.16 43.44
N GLU M 162 -104.92 -23.85 43.36
CA GLU M 162 -105.99 -22.85 43.39
C GLU M 162 -105.68 -21.75 42.38
N GLU M 163 -106.66 -21.39 41.55
CA GLU M 163 -106.48 -20.29 40.61
C GLU M 163 -107.78 -19.50 40.50
N VAL M 164 -107.67 -18.16 40.52
CA VAL M 164 -108.82 -17.27 40.50
C VAL M 164 -108.61 -16.20 39.43
N TYR M 165 -109.67 -15.92 38.66
CA TYR M 165 -109.64 -14.88 37.63
C TYR M 165 -110.93 -14.07 37.74
N ASP M 166 -110.78 -12.76 37.95
CA ASP M 166 -111.88 -11.91 38.41
C ASP M 166 -112.54 -11.10 37.30
N GLY M 167 -111.81 -10.27 36.57
CA GLY M 167 -112.46 -9.36 35.66
C GLY M 167 -112.67 -9.90 34.26
N LEU M 168 -113.55 -10.87 34.08
CA LEU M 168 -113.73 -11.52 32.79
C LEU M 168 -114.95 -10.98 32.06
N SER M 169 -114.91 -11.10 30.74
CA SER M 169 -115.97 -10.64 29.86
C SER M 169 -116.16 -11.64 28.72
N ALA M 170 -117.28 -11.49 28.01
CA ALA M 170 -117.59 -12.32 26.85
C ALA M 170 -117.45 -11.58 25.54
N ASP M 171 -116.76 -10.44 25.52
CA ASP M 171 -116.54 -9.68 24.30
C ASP M 171 -115.22 -10.09 23.67
N PRO M 172 -115.22 -10.68 22.47
CA PRO M 172 -113.97 -11.19 21.89
C PRO M 172 -112.96 -10.12 21.55
N GLU M 173 -113.37 -8.87 21.37
CA GLU M 173 -112.44 -7.81 21.00
C GLU M 173 -111.88 -7.07 22.21
N ALA M 174 -112.33 -7.39 23.41
CA ALA M 174 -111.81 -6.78 24.62
C ALA M 174 -110.54 -7.49 25.07
N SER M 175 -109.81 -6.85 25.98
CA SER M 175 -108.61 -7.45 26.54
C SER M 175 -108.88 -8.29 27.78
N ASN M 176 -110.10 -8.23 28.32
CA ASN M 176 -110.50 -9.09 29.43
C ASN M 176 -111.41 -10.23 28.97
N PHE M 177 -111.36 -10.58 27.68
CA PHE M 177 -112.03 -11.78 27.21
C PHE M 177 -111.44 -13.01 27.87
N TYR M 178 -112.30 -13.94 28.29
CA TYR M 178 -111.84 -15.02 29.15
C TYR M 178 -110.87 -15.95 28.44
N GLU M 179 -110.98 -16.08 27.12
CA GLU M 179 -110.05 -16.91 26.37
C GLU M 179 -108.63 -16.37 26.47
N LYS M 180 -108.46 -15.05 26.52
CA LYS M 180 -107.12 -14.47 26.62
C LYS M 180 -106.61 -14.44 28.04
N GLN M 181 -107.50 -14.38 29.04
CA GLN M 181 -107.07 -14.29 30.42
C GLN M 181 -106.72 -15.65 31.00
N LEU M 182 -107.50 -16.68 30.66
CA LEU M 182 -107.23 -18.03 31.15
C LEU M 182 -106.10 -18.72 30.41
N GLU M 183 -105.36 -18.00 29.55
CA GLU M 183 -104.33 -18.66 28.76
C GLU M 183 -103.10 -18.97 29.59
N SER M 184 -102.85 -18.18 30.63
CA SER M 184 -101.75 -18.44 31.55
C SER M 184 -102.32 -19.18 32.76
N SER M 185 -102.46 -20.50 32.61
CA SER M 185 -102.99 -21.36 33.66
C SER M 185 -102.30 -22.70 33.56
N VAL M 186 -101.85 -23.22 34.71
CA VAL M 186 -101.13 -24.48 34.73
C VAL M 186 -102.04 -25.70 34.78
N LEU M 187 -103.36 -25.52 34.77
CA LEU M 187 -104.28 -26.63 34.95
C LEU M 187 -105.15 -26.92 33.74
N VAL M 188 -105.73 -25.90 33.11
CA VAL M 188 -106.77 -26.10 32.11
C VAL M 188 -106.47 -25.25 30.88
N ASP M 189 -107.27 -25.47 29.84
CA ASP M 189 -107.27 -24.73 28.59
C ASP M 189 -108.71 -24.49 28.16
N ILE M 190 -108.99 -23.31 27.62
CA ILE M 190 -110.33 -22.92 27.22
C ILE M 190 -110.34 -22.68 25.71
N GLU M 191 -111.43 -23.09 25.05
CA GLU M 191 -111.62 -22.78 23.64
C GLU M 191 -113.03 -22.27 23.42
N TYR M 192 -113.15 -21.23 22.60
CA TYR M 192 -114.41 -20.53 22.40
C TYR M 192 -115.24 -21.21 21.31
N LYS M 193 -116.55 -21.36 21.56
CA LYS M 193 -117.45 -21.99 20.61
C LYS M 193 -118.56 -21.07 20.12
N ASP M 194 -119.31 -20.45 21.02
CA ASP M 194 -120.52 -19.73 20.64
C ASP M 194 -120.69 -18.50 21.53
N ASP M 195 -121.63 -17.65 21.17
CA ASP M 195 -121.87 -16.39 21.87
C ASP M 195 -122.73 -16.63 23.12
N GLY M 196 -122.32 -16.05 24.23
CA GLY M 196 -123.09 -16.18 25.46
C GLY M 196 -122.20 -15.95 26.66
N THR M 197 -122.80 -16.14 27.84
CA THR M 197 -122.09 -16.05 29.11
C THR M 197 -122.52 -17.21 29.99
N PRO M 198 -121.59 -17.83 30.72
CA PRO M 198 -121.93 -19.06 31.43
C PRO M 198 -122.73 -18.81 32.69
N VAL M 199 -123.47 -19.84 33.10
CA VAL M 199 -124.25 -19.81 34.33
C VAL M 199 -123.38 -20.26 35.50
N ASP M 200 -123.77 -19.85 36.70
CA ASP M 200 -122.97 -20.14 37.88
C ASP M 200 -123.01 -21.63 38.23
N GLY M 201 -122.01 -22.08 38.97
CA GLY M 201 -121.99 -23.43 39.48
C GLY M 201 -120.64 -24.07 39.32
N LEU M 202 -120.58 -25.35 39.68
CA LEU M 202 -119.36 -26.14 39.69
C LEU M 202 -119.48 -27.28 38.67
N THR M 203 -118.34 -27.72 38.14
CA THR M 203 -118.32 -28.82 37.20
C THR M 203 -116.97 -29.52 37.23
N TRP M 204 -117.00 -30.85 37.10
CA TRP M 204 -115.82 -31.69 37.04
C TRP M 204 -115.55 -32.13 35.61
N LEU M 205 -114.28 -32.44 35.33
CA LEU M 205 -113.87 -32.92 34.02
C LEU M 205 -113.93 -34.45 33.99
N HIS M 206 -114.59 -35.00 32.98
CA HIS M 206 -114.93 -36.41 32.93
C HIS M 206 -114.30 -37.09 31.71
N ARG M 207 -114.54 -38.41 31.63
CA ARG M 207 -114.18 -39.26 30.48
C ARG M 207 -112.71 -39.11 30.11
N ASP M 208 -111.87 -39.58 31.03
CA ASP M 208 -110.44 -39.68 30.76
C ASP M 208 -110.15 -40.81 29.77
N VAL M 292 -94.07 -47.39 31.16
CA VAL M 292 -93.46 -46.73 30.02
C VAL M 292 -92.40 -47.62 29.39
N THR M 293 -92.12 -47.38 28.12
CA THR M 293 -91.19 -48.18 27.32
C THR M 293 -90.11 -47.27 26.75
N LEU M 294 -89.27 -47.85 25.90
CA LEU M 294 -88.23 -47.08 25.22
C LEU M 294 -88.82 -46.17 24.14
N LYS M 295 -89.92 -46.58 23.50
CA LYS M 295 -90.54 -45.78 22.47
C LYS M 295 -91.24 -44.54 23.02
N ASP M 296 -91.55 -44.50 24.31
CA ASP M 296 -92.05 -43.29 24.94
C ASP M 296 -90.94 -42.32 25.27
N TYR M 297 -89.75 -42.83 25.64
CA TYR M 297 -88.59 -41.98 25.84
C TYR M 297 -88.06 -41.43 24.53
N GLU M 298 -88.25 -42.16 23.42
CA GLU M 298 -87.87 -41.63 22.11
C GLU M 298 -88.76 -40.46 21.72
N GLY M 299 -90.05 -40.55 21.98
CA GLY M 299 -90.96 -39.44 21.77
C GLY M 299 -91.67 -39.48 20.44
N VAL M 300 -92.67 -38.62 20.33
CA VAL M 300 -93.47 -38.47 19.12
C VAL M 300 -92.83 -37.41 18.24
N ASN M 301 -92.83 -37.65 16.93
CA ASN M 301 -92.32 -36.70 15.95
C ASN M 301 -93.37 -36.55 14.85
N LYS M 302 -94.26 -35.59 15.03
CA LYS M 302 -95.30 -35.25 14.08
C LYS M 302 -95.16 -33.78 13.70
N PRO M 303 -95.78 -33.35 12.60
CA PRO M 303 -95.60 -31.96 12.15
C PRO M 303 -95.89 -30.90 13.21
N GLY M 304 -96.83 -31.14 14.11
CA GLY M 304 -97.13 -30.15 15.13
C GLY M 304 -97.13 -30.66 16.55
N LEU M 305 -96.25 -31.62 16.85
CA LEU M 305 -96.18 -32.19 18.19
C LEU M 305 -94.87 -32.95 18.34
N ARG M 306 -94.09 -32.61 19.37
CA ARG M 306 -92.83 -33.27 19.64
C ARG M 306 -92.70 -33.52 21.13
N THR M 307 -92.39 -34.77 21.51
CA THR M 307 -92.15 -35.14 22.89
C THR M 307 -90.87 -35.95 22.97
N GLY M 308 -90.40 -36.19 24.19
CA GLY M 308 -89.24 -37.05 24.39
C GLY M 308 -87.95 -36.37 23.94
N LEU M 309 -87.11 -37.14 23.25
CA LEU M 309 -85.87 -36.60 22.72
C LEU M 309 -86.09 -35.82 21.42
N ALA M 310 -87.11 -36.20 20.65
CA ALA M 310 -87.47 -35.44 19.45
C ALA M 310 -87.84 -34.00 19.80
N GLY M 311 -88.42 -33.78 20.98
CA GLY M 311 -88.70 -32.42 21.40
C GLY M 311 -87.44 -31.68 21.83
N PHE M 312 -86.51 -32.39 22.46
CA PHE M 312 -85.27 -31.75 22.89
C PHE M 312 -84.38 -31.35 21.73
N LYS M 313 -84.41 -32.10 20.63
CA LYS M 313 -83.48 -31.80 19.55
C LYS M 313 -83.88 -30.58 18.74
N ALA M 314 -84.96 -29.89 19.11
CA ALA M 314 -85.34 -28.62 18.51
C ALA M 314 -85.10 -27.44 19.45
N ILE M 315 -84.38 -27.66 20.55
CA ILE M 315 -84.00 -26.62 21.50
C ILE M 315 -82.48 -26.51 21.46
N ASP M 316 -81.96 -25.31 21.23
CA ASP M 316 -80.53 -25.10 21.07
C ASP M 316 -79.85 -24.52 22.29
N GLU M 317 -80.54 -24.48 23.44
CA GLU M 317 -79.92 -24.01 24.67
C GLU M 317 -79.35 -25.14 25.51
N ILE M 318 -79.86 -26.37 25.34
CA ILE M 318 -79.44 -27.48 26.17
C ILE M 318 -78.00 -27.84 25.88
N SER M 319 -77.21 -28.06 26.94
CA SER M 319 -75.82 -28.42 26.81
C SER M 319 -75.46 -29.73 27.50
N MET M 320 -76.35 -30.30 28.30
CA MET M 320 -76.14 -31.60 28.90
C MET M 320 -77.48 -32.25 29.19
N VAL M 321 -77.55 -33.56 28.99
CA VAL M 321 -78.79 -34.33 29.07
C VAL M 321 -78.61 -35.43 30.11
N CYS M 322 -79.66 -35.69 30.89
CA CYS M 322 -79.63 -36.79 31.83
C CYS M 322 -81.01 -37.43 31.95
N ALA M 323 -81.02 -38.75 32.11
CA ALA M 323 -82.24 -39.51 32.39
C ALA M 323 -82.02 -40.31 33.66
N PRO M 324 -82.65 -39.94 34.78
CA PRO M 324 -82.38 -40.65 36.05
C PRO M 324 -82.68 -42.13 36.02
N ASP M 325 -83.72 -42.57 35.32
CA ASP M 325 -84.13 -43.97 35.31
C ASP M 325 -83.61 -44.73 34.10
N GLU M 326 -82.40 -44.40 33.64
CA GLU M 326 -81.88 -44.98 32.41
C GLU M 326 -81.53 -46.46 32.55
N ASN M 327 -81.43 -46.98 33.76
CA ASN M 327 -81.06 -48.37 33.98
C ASN M 327 -82.25 -49.30 34.14
N ASP M 328 -83.47 -48.75 34.24
CA ASP M 328 -84.67 -49.56 34.26
C ASP M 328 -85.24 -49.83 32.88
N ILE M 329 -84.86 -49.05 31.88
CA ILE M 329 -85.35 -49.18 30.52
C ILE M 329 -84.17 -49.60 29.65
N ASP M 330 -84.21 -50.83 29.15
CA ASP M 330 -83.09 -51.33 28.34
C ASP M 330 -83.07 -50.67 26.96
N GLY M 331 -81.89 -50.25 26.53
CA GLY M 331 -81.74 -49.59 25.26
C GLY M 331 -81.85 -48.08 25.29
N LEU M 332 -81.80 -47.46 26.47
CA LEU M 332 -81.90 -46.01 26.57
C LEU M 332 -80.54 -45.32 26.63
N THR M 333 -79.54 -45.97 27.22
CA THR M 333 -78.19 -45.41 27.27
C THR M 333 -77.65 -45.16 25.87
N ASP M 334 -77.79 -46.15 24.98
CA ASP M 334 -77.31 -46.00 23.62
C ASP M 334 -78.08 -44.92 22.89
N SER M 335 -79.39 -44.82 23.12
CA SER M 335 -80.18 -43.76 22.48
C SER M 335 -79.73 -42.39 22.92
N ILE M 336 -79.43 -42.22 24.21
CA ILE M 336 -78.98 -40.92 24.70
C ILE M 336 -77.61 -40.57 24.12
N VAL M 337 -76.69 -41.52 24.10
CA VAL M 337 -75.36 -41.25 23.55
C VAL M 337 -75.44 -40.94 22.07
N ALA M 338 -76.32 -41.64 21.35
CA ALA M 338 -76.47 -41.38 19.92
C ALA M 338 -77.10 -40.01 19.66
N HIS M 339 -78.08 -39.62 20.49
CA HIS M 339 -78.65 -38.28 20.38
C HIS M 339 -77.57 -37.20 20.56
N CYS M 340 -76.72 -37.36 21.58
CA CYS M 340 -75.70 -36.36 21.82
C CYS M 340 -74.63 -36.37 20.72
N GLU M 341 -74.31 -37.53 20.16
CA GLU M 341 -73.30 -37.57 19.10
C GLU M 341 -73.85 -37.06 17.77
N ASN M 342 -75.15 -37.23 17.52
CA ASN M 342 -75.73 -36.78 16.27
C ASN M 342 -76.03 -35.29 16.27
N MET M 343 -76.38 -34.72 17.43
CA MET M 343 -76.50 -33.27 17.49
C MET M 343 -75.13 -32.60 17.44
N GLY M 344 -74.15 -33.17 18.15
CA GLY M 344 -72.80 -32.66 18.15
C GLY M 344 -72.57 -31.44 19.01
N ASP M 345 -73.51 -31.09 19.90
CA ASP M 345 -73.36 -29.89 20.71
C ASP M 345 -73.83 -30.09 22.15
N ARG M 346 -73.86 -31.32 22.64
CA ARG M 346 -74.29 -31.55 24.02
C ARG M 346 -73.51 -32.74 24.58
N PHE M 347 -73.65 -32.93 25.88
CA PHE M 347 -72.85 -33.88 26.64
C PHE M 347 -73.78 -34.77 27.45
N ALA M 348 -73.41 -36.03 27.64
CA ALA M 348 -74.25 -37.01 28.33
C ALA M 348 -73.63 -37.42 29.65
N ILE M 349 -74.46 -37.46 30.69
CA ILE M 349 -74.06 -37.84 32.04
C ILE M 349 -74.73 -39.17 32.35
N LEU M 350 -73.94 -40.15 32.78
CA LEU M 350 -74.42 -41.51 33.02
C LEU M 350 -74.02 -41.95 34.42
N GLN M 351 -74.89 -42.74 35.03
CA GLN M 351 -74.65 -43.30 36.36
C GLN M 351 -74.66 -44.82 36.29
N SER M 352 -73.95 -45.44 37.23
CA SER M 352 -73.82 -46.89 37.26
C SER M 352 -75.13 -47.52 37.74
N PRO M 353 -75.25 -48.84 37.65
CA PRO M 353 -76.39 -49.52 38.29
C PRO M 353 -76.23 -49.55 39.80
N GLN M 354 -77.32 -49.94 40.47
CA GLN M 354 -77.26 -50.08 41.92
C GLN M 354 -76.42 -51.28 42.32
N ASN M 355 -76.34 -52.30 41.46
CA ASN M 355 -75.50 -53.48 41.69
C ASN M 355 -74.68 -53.72 40.43
N PRO M 356 -73.49 -53.14 40.33
CA PRO M 356 -72.69 -53.28 39.11
C PRO M 356 -71.76 -54.49 39.09
N GLY M 357 -71.72 -55.28 40.16
CA GLY M 357 -70.93 -56.50 40.17
C GLY M 357 -69.62 -56.35 40.92
N PRO M 358 -68.70 -57.28 40.69
CA PRO M 358 -67.37 -57.18 41.33
C PRO M 358 -66.54 -56.07 40.71
N VAL M 359 -65.62 -55.55 41.52
CA VAL M 359 -64.83 -54.38 41.11
C VAL M 359 -63.90 -54.72 39.96
N SER M 360 -63.31 -55.91 39.98
CA SER M 360 -62.34 -56.30 38.98
C SER M 360 -62.96 -56.57 37.61
N GLU M 361 -64.27 -56.44 37.47
CA GLU M 361 -64.96 -56.76 36.22
C GLU M 361 -65.78 -55.61 35.66
N MET M 362 -65.70 -54.43 36.26
CA MET M 362 -66.52 -53.31 35.83
C MET M 362 -65.97 -52.70 34.54
N GLU M 363 -66.87 -52.22 33.69
CA GLU M 363 -66.52 -51.57 32.45
C GLU M 363 -67.51 -50.44 32.20
N THR M 364 -67.17 -49.58 31.27
CA THR M 364 -68.16 -48.57 30.93
C THR M 364 -69.10 -49.09 29.85
N PRO M 365 -70.35 -48.62 29.82
CA PRO M 365 -71.29 -49.15 28.82
C PRO M 365 -70.92 -48.75 27.39
N VAL M 366 -70.53 -47.51 27.16
CA VAL M 366 -70.19 -47.04 25.82
C VAL M 366 -68.73 -46.59 25.78
N ASP M 367 -68.25 -46.27 24.60
CA ASP M 367 -66.88 -45.82 24.38
C ASP M 367 -66.87 -44.49 23.64
N SER M 368 -67.75 -43.59 24.06
CA SER M 368 -67.95 -42.31 23.39
C SER M 368 -67.13 -41.22 24.06
N SER M 369 -66.78 -40.21 23.26
CA SER M 369 -66.19 -38.99 23.78
C SER M 369 -67.22 -37.98 24.23
N TYR M 370 -68.51 -38.30 24.12
CA TYR M 370 -69.59 -37.38 24.44
C TYR M 370 -70.32 -37.77 25.72
N ALA M 371 -69.69 -38.54 26.60
CA ALA M 371 -70.35 -39.05 27.78
C ALA M 371 -69.35 -39.15 28.93
N ALA M 372 -69.89 -39.15 30.15
CA ALA M 372 -69.12 -39.35 31.37
C ALA M 372 -69.91 -40.25 32.31
N TYR M 373 -69.20 -40.98 33.17
CA TYR M 373 -69.76 -42.10 33.92
C TYR M 373 -69.37 -41.99 35.39
N TYR M 374 -70.37 -41.94 36.28
CA TYR M 374 -70.15 -41.67 37.70
C TYR M 374 -70.64 -42.81 38.57
N TYR M 375 -70.03 -42.93 39.76
CA TYR M 375 -70.26 -44.06 40.65
C TYR M 375 -69.85 -43.68 42.07
N PRO M 376 -70.57 -44.14 43.12
CA PRO M 376 -71.82 -44.89 43.32
C PRO M 376 -73.07 -44.06 43.57
N TRP M 377 -74.11 -44.71 44.09
CA TRP M 377 -75.38 -44.08 44.46
C TRP M 377 -75.25 -43.32 45.77
N VAL M 378 -76.26 -42.48 46.07
CA VAL M 378 -76.24 -41.61 47.24
C VAL M 378 -77.50 -41.79 48.06
N ASN M 379 -77.50 -41.21 49.27
CA ASN M 379 -78.59 -41.31 50.23
C ASN M 379 -79.20 -39.93 50.47
N VAL M 380 -80.52 -39.87 50.54
CA VAL M 380 -81.26 -38.62 50.74
C VAL M 380 -82.40 -38.86 51.72
N LEU M 381 -82.98 -37.76 52.20
CA LEU M 381 -84.20 -37.80 53.01
C LEU M 381 -85.42 -37.72 52.10
N ASP M 382 -86.37 -38.63 52.31
CA ASP M 382 -87.55 -38.70 51.48
C ASP M 382 -88.68 -37.87 52.09
N PRO M 383 -89.22 -36.88 51.37
CA PRO M 383 -90.17 -35.95 52.00
C PRO M 383 -91.57 -36.50 52.23
N VAL M 384 -91.80 -37.79 52.04
CA VAL M 384 -93.10 -38.37 52.36
C VAL M 384 -93.02 -39.43 53.46
N THR M 385 -91.84 -39.98 53.72
CA THR M 385 -91.66 -40.92 54.83
C THR M 385 -90.71 -40.39 55.89
N ASN M 386 -89.91 -39.37 55.57
CA ASN M 386 -88.92 -38.80 56.48
C ASN M 386 -87.86 -39.84 56.87
N ARG M 387 -87.52 -40.71 55.93
CA ARG M 387 -86.51 -41.72 56.11
C ARG M 387 -85.47 -41.59 55.00
N GLU M 388 -84.36 -42.31 55.15
CA GLU M 388 -83.34 -42.31 54.12
C GLU M 388 -83.78 -43.15 52.92
N LYS M 389 -83.22 -42.81 51.76
CA LYS M 389 -83.58 -43.44 50.50
C LYS M 389 -82.39 -43.34 49.57
N LEU M 390 -82.18 -44.39 48.77
CA LEU M 390 -81.01 -44.50 47.92
C LEU M 390 -81.40 -44.12 46.49
N VAL M 391 -80.66 -43.17 45.90
CA VAL M 391 -80.98 -42.62 44.58
C VAL M 391 -79.71 -42.51 43.76
N PRO M 392 -79.85 -42.42 42.43
CA PRO M 392 -78.67 -42.21 41.59
C PRO M 392 -78.19 -40.76 41.68
N PRO M 393 -76.90 -40.52 41.46
CA PRO M 393 -76.33 -39.18 41.70
C PRO M 393 -76.36 -38.21 40.51
N GLY M 394 -77.17 -38.45 39.49
CA GLY M 394 -77.02 -37.72 38.24
C GLY M 394 -77.34 -36.23 38.34
N GLY M 395 -78.45 -35.88 38.99
CA GLY M 395 -78.86 -34.48 39.02
C GLY M 395 -77.96 -33.63 39.88
N HIS M 396 -77.47 -34.17 41.00
CA HIS M 396 -76.50 -33.46 41.82
C HIS M 396 -75.24 -33.14 41.03
N ILE M 397 -74.81 -34.08 40.18
CA ILE M 397 -73.60 -33.89 39.39
C ILE M 397 -73.84 -32.85 38.29
N ALA M 398 -75.02 -32.86 37.67
CA ALA M 398 -75.33 -31.82 36.69
C ALA M 398 -75.36 -30.44 37.35
N GLY M 399 -75.88 -30.35 38.57
CA GLY M 399 -75.85 -29.09 39.29
C GLY M 399 -74.43 -28.62 39.59
N ILE M 400 -73.55 -29.56 39.92
CA ILE M 400 -72.14 -29.22 40.11
C ILE M 400 -71.51 -28.70 38.82
N TYR M 401 -71.82 -29.34 37.69
CA TYR M 401 -71.37 -28.85 36.38
C TYR M 401 -71.79 -27.40 36.17
N SER M 402 -73.08 -27.11 36.37
CA SER M 402 -73.60 -25.76 36.17
C SER M 402 -72.91 -24.75 37.08
N ARG M 403 -72.75 -25.09 38.35
CA ARG M 403 -72.10 -24.19 39.31
C ARG M 403 -70.67 -23.88 38.90
N THR M 404 -69.89 -24.92 38.59
CA THR M 404 -68.51 -24.71 38.18
C THR M 404 -68.42 -23.86 36.92
N ASP M 405 -69.33 -24.07 35.97
CA ASP M 405 -69.34 -23.25 34.77
C ASP M 405 -69.64 -21.80 35.08
N GLN M 406 -70.50 -21.54 36.07
CA GLN M 406 -70.85 -20.17 36.40
C GLN M 406 -69.71 -19.44 37.12
N GLU M 407 -68.99 -20.13 38.01
CA GLU M 407 -68.03 -19.43 38.83
C GLU M 407 -66.57 -19.53 38.37
N HIS M 408 -66.26 -20.45 37.46
CA HIS M 408 -64.88 -20.61 37.00
C HIS M 408 -64.69 -20.55 35.50
N GLY M 409 -65.64 -21.02 34.72
CA GLY M 409 -65.48 -21.17 33.28
C GLY M 409 -65.62 -22.62 32.84
N VAL M 410 -65.74 -22.79 31.53
CA VAL M 410 -65.91 -24.11 30.95
C VAL M 410 -64.61 -24.90 30.86
N HIS M 411 -63.47 -24.24 31.09
CA HIS M 411 -62.17 -24.87 31.07
C HIS M 411 -61.76 -25.47 32.41
N LYS M 412 -62.59 -25.34 33.44
CA LYS M 412 -62.26 -25.84 34.76
C LYS M 412 -62.88 -27.23 34.95
N ALA M 413 -62.08 -28.16 35.43
CA ALA M 413 -62.56 -29.52 35.65
C ALA M 413 -63.54 -29.54 36.81
N PRO M 414 -64.74 -30.09 36.64
CA PRO M 414 -65.73 -30.12 37.73
C PRO M 414 -65.48 -31.25 38.73
N ALA M 415 -64.27 -31.28 39.28
CA ALA M 415 -63.90 -32.25 40.30
C ALA M 415 -63.19 -31.53 41.43
N ASN M 416 -63.05 -32.24 42.56
CA ASN M 416 -62.62 -31.64 43.83
C ASN M 416 -63.64 -30.60 44.30
N GLU M 417 -64.92 -30.93 44.14
CA GLU M 417 -66.03 -30.07 44.52
C GLU M 417 -66.96 -30.84 45.44
N THR M 418 -67.67 -30.12 46.29
CA THR M 418 -68.52 -30.72 47.31
C THR M 418 -69.92 -30.99 46.79
N LEU M 419 -70.51 -32.07 47.28
CA LEU M 419 -71.90 -32.40 46.99
C LEU M 419 -72.79 -31.94 48.14
N ARG M 420 -73.78 -31.12 47.83
CA ARG M 420 -74.72 -30.61 48.80
C ARG M 420 -76.07 -31.28 48.61
N GLY M 421 -76.76 -31.53 49.71
CA GLY M 421 -78.11 -32.06 49.67
C GLY M 421 -78.25 -33.54 49.91
N ILE M 422 -77.21 -34.20 50.41
CA ILE M 422 -77.23 -35.64 50.63
C ILE M 422 -76.89 -35.92 52.09
N VAL M 423 -76.98 -37.21 52.45
CA VAL M 423 -76.70 -37.66 53.80
C VAL M 423 -75.48 -38.58 53.84
N GLY M 424 -75.38 -39.51 52.91
CA GLY M 424 -74.24 -40.40 52.85
C GLY M 424 -74.16 -41.05 51.49
N LEU M 425 -73.22 -41.97 51.37
CA LEU M 425 -72.98 -42.71 50.13
C LEU M 425 -73.48 -44.14 50.28
N GLN M 426 -73.38 -44.90 49.18
CA GLN M 426 -73.71 -46.32 49.23
C GLN M 426 -72.55 -47.13 49.78
N HIS M 427 -71.35 -46.92 49.25
CA HIS M 427 -70.13 -47.53 49.74
C HIS M 427 -69.07 -46.45 49.90
N ASN M 428 -68.06 -46.75 50.71
CA ASN M 428 -66.86 -45.92 50.78
C ASN M 428 -65.75 -46.61 50.00
N ILE M 429 -65.23 -45.93 49.00
CA ILE M 429 -64.17 -46.45 48.14
C ILE M 429 -62.82 -46.02 48.69
N THR M 430 -61.87 -46.94 48.70
CA THR M 430 -60.52 -46.67 49.20
C THR M 430 -59.61 -46.25 48.05
N LYS M 431 -58.35 -46.00 48.38
CA LYS M 431 -57.36 -45.62 47.38
C LYS M 431 -56.86 -46.82 46.57
N GLY M 432 -56.94 -48.03 47.14
CA GLY M 432 -56.53 -49.20 46.39
C GLY M 432 -57.52 -49.60 45.30
N GLU M 433 -58.81 -49.35 45.50
CA GLU M 433 -59.80 -49.71 44.51
C GLU M 433 -59.90 -48.68 43.39
N GLN M 434 -59.58 -47.42 43.67
CA GLN M 434 -59.61 -46.41 42.62
C GLN M 434 -58.43 -46.52 41.68
N ASP M 435 -57.34 -47.16 42.11
CA ASP M 435 -56.23 -47.45 41.21
C ASP M 435 -56.61 -48.44 40.11
N VAL M 436 -57.74 -49.12 40.24
CA VAL M 436 -58.21 -50.07 39.25
C VAL M 436 -59.30 -49.44 38.41
N LEU M 437 -60.10 -48.56 39.03
CA LEU M 437 -61.26 -47.97 38.37
C LEU M 437 -60.90 -46.73 37.56
N ASN M 438 -59.96 -45.92 38.02
CA ASN M 438 -59.68 -44.66 37.35
C ASN M 438 -59.09 -44.84 35.95
N PRO M 439 -58.13 -45.73 35.70
CA PRO M 439 -57.65 -45.92 34.32
C PRO M 439 -58.69 -46.49 33.35
N LYS M 440 -59.90 -46.81 33.82
CA LYS M 440 -60.94 -47.37 32.98
C LYS M 440 -62.01 -46.35 32.60
N GLY M 441 -61.89 -45.10 33.03
CA GLY M 441 -62.87 -44.08 32.70
C GLY M 441 -64.04 -43.98 33.63
N ILE M 442 -63.98 -44.60 34.80
CA ILE M 442 -65.07 -44.59 35.77
C ILE M 442 -64.75 -43.57 36.85
N ASN M 443 -65.63 -42.60 37.06
CA ASN M 443 -65.39 -41.52 38.01
C ASN M 443 -66.05 -41.86 39.35
N CYS M 444 -65.34 -41.54 40.43
CA CYS M 444 -65.74 -41.95 41.76
C CYS M 444 -66.15 -40.75 42.61
N ILE M 445 -67.09 -40.99 43.52
CA ILE M 445 -67.48 -40.04 44.54
C ILE M 445 -67.02 -40.59 45.88
N ARG M 446 -66.13 -39.87 46.55
CA ARG M 446 -65.46 -40.39 47.74
C ARG M 446 -65.70 -39.45 48.91
N SER M 447 -65.35 -39.90 50.11
CA SER M 447 -65.52 -39.12 51.33
C SER M 447 -64.20 -39.14 52.11
N PHE M 448 -63.66 -37.95 52.34
CA PHE M 448 -62.41 -37.78 53.07
C PHE M 448 -62.67 -37.26 54.47
N GLN M 449 -61.90 -37.75 55.42
CA GLN M 449 -62.01 -37.32 56.81
C GLN M 449 -61.42 -35.92 56.96
N GLY M 450 -62.23 -34.99 57.45
CA GLY M 450 -61.84 -33.60 57.55
C GLY M 450 -62.16 -32.76 56.34
N ARG M 451 -62.60 -33.38 55.22
CA ARG M 451 -62.87 -32.63 54.01
C ARG M 451 -64.25 -32.87 53.40
N GLY M 452 -64.91 -33.97 53.70
CA GLY M 452 -66.27 -34.18 53.24
C GLY M 452 -66.38 -35.09 52.03
N ILE M 453 -67.52 -35.03 51.37
CA ILE M 453 -67.83 -35.85 50.21
C ILE M 453 -67.55 -35.05 48.95
N ARG M 454 -66.75 -35.61 48.05
CA ARG M 454 -66.31 -34.89 46.86
C ARG M 454 -66.26 -35.83 45.66
N VAL M 455 -66.33 -35.24 44.47
CA VAL M 455 -66.12 -35.95 43.21
C VAL M 455 -64.63 -35.99 42.93
N TRP M 456 -64.10 -37.19 42.69
CA TRP M 456 -62.65 -37.41 42.53
C TRP M 456 -62.42 -38.12 41.19
N GLY M 457 -62.38 -37.36 40.11
CA GLY M 457 -62.20 -37.93 38.78
C GLY M 457 -62.87 -37.11 37.71
N ALA M 458 -62.18 -36.87 36.59
CA ALA M 458 -62.65 -35.95 35.56
C ALA M 458 -62.35 -36.47 34.14
N ARG M 459 -62.64 -37.74 33.89
CA ARG M 459 -62.37 -38.34 32.58
C ARG M 459 -63.67 -38.66 31.84
N THR M 460 -63.54 -38.87 30.53
CA THR M 460 -64.62 -39.37 29.70
C THR M 460 -64.49 -40.88 29.49
N THR M 461 -65.54 -41.47 28.91
CA THR M 461 -65.57 -42.88 28.59
C THR M 461 -64.75 -43.24 27.36
N SER M 462 -64.04 -42.28 26.78
CA SER M 462 -63.41 -42.45 25.47
C SER M 462 -62.11 -43.22 25.58
N SER M 463 -61.77 -43.91 24.48
CA SER M 463 -60.50 -44.60 24.35
C SER M 463 -59.46 -43.80 23.56
N ASP M 464 -59.91 -42.85 22.75
CA ASP M 464 -59.00 -41.97 22.03
C ASP M 464 -58.17 -41.15 23.01
N PRO M 465 -56.84 -41.12 22.87
CA PRO M 465 -56.02 -40.34 23.82
C PRO M 465 -56.19 -38.84 23.67
N GLU M 466 -56.80 -38.38 22.59
CA GLU M 466 -56.95 -36.95 22.36
C GLU M 466 -58.12 -36.34 23.12
N TRP M 467 -59.08 -37.16 23.56
CA TRP M 467 -60.27 -36.69 24.27
C TRP M 467 -60.40 -37.36 25.62
N LYS M 468 -59.27 -37.48 26.32
CA LYS M 468 -59.26 -38.14 27.62
C LYS M 468 -59.91 -37.30 28.71
N TYR M 469 -59.76 -35.98 28.67
CA TYR M 469 -60.24 -35.10 29.72
C TYR M 469 -61.51 -34.38 29.29
N LEU M 470 -62.35 -34.09 30.27
CA LEU M 470 -63.73 -33.65 30.06
C LEU M 470 -63.81 -32.17 29.67
N ASN M 471 -62.98 -31.34 30.31
CA ASN M 471 -63.04 -29.90 30.06
C ASN M 471 -62.57 -29.55 28.66
N VAL M 472 -61.71 -30.39 28.06
CA VAL M 472 -61.26 -30.13 26.69
C VAL M 472 -62.42 -30.31 25.72
N ARG M 473 -63.19 -31.38 25.90
CA ARG M 473 -64.38 -31.60 25.08
C ARG M 473 -65.40 -30.47 25.26
N ARG M 474 -65.62 -30.04 26.51
CA ARG M 474 -66.60 -28.97 26.72
C ARG M 474 -66.14 -27.65 26.10
N LEU M 475 -64.85 -27.33 26.22
CA LEU M 475 -64.33 -26.12 25.58
C LEU M 475 -64.49 -26.17 24.07
N PHE M 476 -64.20 -27.32 23.46
CA PHE M 476 -64.36 -27.41 22.01
C PHE M 476 -65.82 -27.28 21.59
N LEU M 477 -66.74 -27.88 22.34
CA LEU M 477 -68.16 -27.70 22.03
C LEU M 477 -68.53 -26.23 22.04
N PHE M 478 -68.14 -25.51 23.11
CA PHE M 478 -68.43 -24.09 23.23
C PHE M 478 -67.89 -23.30 22.04
N ILE M 479 -66.61 -23.50 21.72
CA ILE M 479 -65.97 -22.75 20.65
C ILE M 479 -66.64 -23.02 19.30
N GLU M 480 -66.89 -24.30 19.01
CA GLU M 480 -67.42 -24.65 17.70
C GLU M 480 -68.84 -24.15 17.52
N GLN M 481 -69.66 -24.19 18.56
CA GLN M 481 -71.01 -23.66 18.39
C GLN M 481 -71.01 -22.15 18.24
N SER M 482 -70.15 -21.45 18.99
CA SER M 482 -70.07 -20.00 18.81
C SER M 482 -69.67 -19.65 17.39
N ILE M 483 -68.65 -20.33 16.84
CA ILE M 483 -68.23 -20.06 15.47
C ILE M 483 -69.34 -20.38 14.48
N GLN M 484 -70.03 -21.50 14.66
CA GLN M 484 -71.09 -21.87 13.73
C GLN M 484 -72.20 -20.82 13.70
N GLU M 485 -72.62 -20.34 14.88
CA GLU M 485 -73.78 -19.45 14.92
C GLU M 485 -73.44 -18.00 14.63
N GLY M 486 -72.19 -17.58 14.81
CA GLY M 486 -71.84 -16.19 14.60
C GLY M 486 -71.11 -15.84 13.33
N THR M 487 -71.33 -16.56 12.23
CA THR M 487 -70.59 -16.28 11.00
C THR M 487 -71.49 -16.40 9.75
N GLN M 488 -72.81 -16.34 9.94
CA GLN M 488 -73.71 -16.52 8.80
C GLN M 488 -73.79 -15.30 7.89
N TRP M 489 -73.14 -14.19 8.26
CA TRP M 489 -73.09 -13.01 7.39
C TRP M 489 -72.14 -13.20 6.21
N ALA M 490 -71.27 -14.21 6.26
CA ALA M 490 -70.20 -14.38 5.28
C ALA M 490 -70.58 -15.24 4.09
N VAL M 491 -71.78 -15.82 4.09
CA VAL M 491 -72.19 -16.68 2.98
C VAL M 491 -72.63 -15.79 1.83
N PHE M 492 -72.13 -16.11 0.62
CA PHE M 492 -72.40 -15.43 -0.64
C PHE M 492 -71.70 -14.09 -0.77
N GLU M 493 -70.72 -13.81 0.10
CA GLU M 493 -69.91 -12.61 -0.02
C GLU M 493 -68.80 -12.82 -1.03
N PRO M 494 -68.23 -11.75 -1.58
CA PRO M 494 -67.15 -11.90 -2.55
C PRO M 494 -65.96 -12.65 -1.96
N ASN M 495 -65.38 -13.54 -2.76
CA ASN M 495 -64.26 -14.39 -2.35
C ASN M 495 -62.94 -13.70 -2.71
N GLU M 496 -62.62 -12.68 -1.91
CA GLU M 496 -61.43 -11.87 -2.17
C GLU M 496 -60.90 -11.32 -0.84
N GLN M 497 -59.79 -10.58 -0.93
CA GLN M 497 -58.94 -10.33 0.23
C GLN M 497 -59.63 -9.56 1.34
N ASP M 498 -60.62 -8.74 1.02
CA ASP M 498 -61.32 -7.98 2.06
C ASP M 498 -62.09 -8.89 2.99
N THR M 499 -62.89 -9.80 2.43
CA THR M 499 -63.62 -10.77 3.23
C THR M 499 -62.68 -11.62 4.06
N TRP M 500 -61.54 -12.00 3.49
CA TRP M 500 -60.56 -12.82 4.18
C TRP M 500 -60.02 -12.10 5.41
N GLY M 501 -59.60 -10.85 5.24
CA GLY M 501 -59.11 -10.08 6.37
C GLY M 501 -60.16 -9.89 7.45
N ARG M 502 -61.41 -9.65 7.03
CA ARG M 502 -62.49 -9.46 8.00
C ARG M 502 -62.72 -10.71 8.85
N ILE M 503 -62.81 -11.87 8.19
CA ILE M 503 -63.04 -13.13 8.90
C ILE M 503 -61.88 -13.44 9.84
N ARG M 504 -60.65 -13.29 9.34
CA ARG M 504 -59.47 -13.54 10.17
C ARG M 504 -59.48 -12.66 11.40
N GLN M 505 -59.80 -11.38 11.25
CA GLN M 505 -59.80 -10.45 12.38
C GLN M 505 -60.83 -10.86 13.43
N SER M 506 -62.04 -11.20 13.00
CA SER M 506 -63.07 -11.61 13.94
C SER M 506 -62.64 -12.83 14.75
N VAL M 507 -62.17 -13.87 14.07
CA VAL M 507 -61.84 -15.10 14.78
C VAL M 507 -60.65 -14.89 15.71
N THR M 508 -59.69 -14.06 15.30
CA THR M 508 -58.56 -13.76 16.17
C THR M 508 -59.01 -13.04 17.44
N ASN M 509 -59.94 -12.09 17.32
CA ASN M 509 -60.44 -11.40 18.51
C ASN M 509 -61.10 -12.37 19.48
N PHE M 510 -61.95 -13.27 18.95
CA PHE M 510 -62.63 -14.24 19.82
C PHE M 510 -61.63 -15.15 20.53
N LEU M 511 -60.63 -15.65 19.80
CA LEU M 511 -59.68 -16.58 20.43
C LEU M 511 -58.77 -15.86 21.43
N ARG M 512 -58.44 -14.59 21.18
CA ARG M 512 -57.64 -13.86 22.16
C ARG M 512 -58.42 -13.62 23.43
N THR M 513 -59.73 -13.37 23.31
CA THR M 513 -60.55 -13.28 24.51
C THR M 513 -60.55 -14.58 25.28
N VAL M 514 -60.70 -15.71 24.58
CA VAL M 514 -60.68 -17.00 25.27
C VAL M 514 -59.34 -17.23 25.97
N TRP M 515 -58.24 -16.81 25.32
CA TRP M 515 -56.91 -16.98 25.91
C TRP M 515 -56.74 -16.14 27.17
N ARG M 516 -57.24 -14.90 27.17
CA ARG M 516 -57.06 -14.02 28.31
C ARG M 516 -57.76 -14.53 29.58
N ASN M 517 -58.81 -15.32 29.43
CA ASN M 517 -59.57 -15.83 30.57
C ASN M 517 -59.03 -17.14 31.12
N GLY M 518 -57.86 -17.59 30.67
CA GLY M 518 -57.26 -18.78 31.22
C GLY M 518 -57.61 -20.08 30.53
N GLY M 519 -58.29 -20.03 29.38
CA GLY M 519 -58.69 -21.26 28.71
C GLY M 519 -57.62 -21.84 27.82
N LEU M 520 -56.74 -21.01 27.29
CA LEU M 520 -55.64 -21.47 26.43
C LEU M 520 -54.32 -21.25 27.16
N GLN M 521 -53.29 -21.95 26.69
CA GLN M 521 -52.04 -22.06 27.42
C GLN M 521 -50.89 -21.53 26.59
N GLY M 522 -50.10 -20.65 27.17
CA GLY M 522 -48.92 -20.10 26.52
C GLY M 522 -48.64 -18.69 27.04
N GLN M 523 -47.35 -18.35 27.06
CA GLN M 523 -46.92 -17.03 27.51
C GLN M 523 -47.07 -15.97 26.43
N SER M 524 -47.36 -16.36 25.19
CA SER M 524 -47.56 -15.41 24.10
C SER M 524 -48.74 -15.89 23.26
N GLU M 525 -49.18 -15.03 22.36
CA GLU M 525 -50.30 -15.39 21.48
C GLU M 525 -49.91 -16.45 20.48
N ASP M 526 -48.66 -16.45 20.03
CA ASP M 526 -48.20 -17.45 19.07
C ASP M 526 -48.16 -18.84 19.66
N ASP M 527 -48.02 -18.94 20.99
CA ASP M 527 -48.02 -20.25 21.64
C ASP M 527 -49.43 -20.79 21.84
N ALA M 528 -50.43 -19.91 21.90
CA ALA M 528 -51.78 -20.33 22.27
C ALA M 528 -52.64 -20.70 21.08
N PHE M 529 -52.50 -20.03 19.95
CA PHE M 529 -53.38 -20.28 18.81
C PHE M 529 -52.83 -19.60 17.56
N TYR M 530 -53.41 -19.97 16.42
CA TYR M 530 -53.21 -19.27 15.15
C TYR M 530 -54.45 -19.41 14.28
N VAL M 531 -54.61 -18.46 13.36
CA VAL M 531 -55.69 -18.42 12.37
C VAL M 531 -55.10 -18.10 11.01
N LYS M 532 -55.54 -18.81 9.97
CA LYS M 532 -55.03 -18.64 8.61
C LYS M 532 -56.16 -18.60 7.60
N CYS M 533 -56.11 -17.60 6.72
CA CYS M 533 -57.07 -17.48 5.62
C CYS M 533 -56.44 -16.62 4.54
N GLY M 534 -56.21 -17.19 3.37
CA GLY M 534 -55.58 -16.42 2.29
C GLY M 534 -55.21 -17.34 1.12
N GLU M 535 -54.07 -17.03 0.52
CA GLU M 535 -53.57 -17.84 -0.59
C GLU M 535 -52.70 -19.01 -0.12
N GLU M 536 -52.50 -19.15 1.19
CA GLU M 536 -51.83 -20.34 1.70
C GLU M 536 -52.82 -21.45 2.02
N THR M 537 -54.10 -21.12 2.22
CA THR M 537 -55.12 -22.12 2.48
C THR M 537 -56.00 -22.41 1.28
N MET M 538 -56.13 -21.46 0.35
CA MET M 538 -57.00 -21.60 -0.81
C MET M 538 -56.18 -21.63 -2.09
N SER M 539 -56.56 -22.49 -3.02
CA SER M 539 -56.00 -22.52 -4.35
C SER M 539 -57.00 -21.94 -5.34
N GLU M 540 -56.67 -22.02 -6.63
CA GLU M 540 -57.53 -21.43 -7.65
C GLU M 540 -58.73 -22.32 -7.95
N ASP M 541 -58.54 -23.64 -7.90
CA ASP M 541 -59.67 -24.56 -8.02
C ASP M 541 -60.70 -24.33 -6.92
N ASP M 542 -60.24 -23.89 -5.74
CA ASP M 542 -61.16 -23.55 -4.66
C ASP M 542 -61.98 -22.32 -5.01
N ILE M 543 -61.33 -21.25 -5.47
CA ILE M 543 -62.04 -20.02 -5.81
C ILE M 543 -63.04 -20.27 -6.93
N ASP M 544 -62.67 -21.07 -7.93
CA ASP M 544 -63.59 -21.32 -9.04
C ASP M 544 -64.81 -22.12 -8.64
N ASN M 545 -64.79 -22.79 -7.49
CA ASN M 545 -65.92 -23.61 -7.07
C ASN M 545 -66.66 -23.05 -5.86
N GLY M 546 -66.24 -21.91 -5.33
CA GLY M 546 -66.99 -21.24 -4.29
C GLY M 546 -66.64 -21.61 -2.87
N ARG M 547 -65.42 -22.07 -2.61
CA ARG M 547 -65.01 -22.52 -1.29
C ARG M 547 -64.11 -21.49 -0.63
N LEU M 548 -64.42 -21.14 0.62
CA LEU M 548 -63.58 -20.28 1.45
C LEU M 548 -63.14 -21.09 2.65
N ILE M 549 -61.82 -21.26 2.81
CA ILE M 549 -61.27 -22.17 3.80
C ILE M 549 -60.49 -21.37 4.84
N VAL M 550 -60.76 -21.65 6.12
CA VAL M 550 -60.08 -21.03 7.25
C VAL M 550 -59.51 -22.14 8.13
N GLU M 551 -58.25 -22.00 8.53
CA GLU M 551 -57.59 -23.00 9.36
C GLU M 551 -57.21 -22.42 10.71
N ILE M 552 -57.60 -23.09 11.79
CA ILE M 552 -57.42 -22.61 13.14
C ILE M 552 -56.70 -23.68 13.97
N GLY M 553 -55.70 -23.26 14.73
CA GLY M 553 -55.00 -24.18 15.62
C GLY M 553 -54.97 -23.63 17.03
N VAL M 554 -55.23 -24.51 18.00
CA VAL M 554 -55.47 -24.09 19.38
C VAL M 554 -54.75 -25.06 20.33
N ALA M 555 -54.49 -24.58 21.55
CA ALA M 555 -53.81 -25.37 22.58
C ALA M 555 -54.56 -25.27 23.91
N PRO M 556 -55.36 -26.27 24.26
CA PRO M 556 -56.15 -26.21 25.49
C PRO M 556 -55.33 -26.54 26.73
N VAL M 557 -55.88 -26.18 27.88
CA VAL M 557 -55.25 -26.42 29.17
C VAL M 557 -55.89 -27.65 29.81
N LYS M 558 -55.09 -28.42 30.54
CA LYS M 558 -55.50 -29.69 31.11
C LYS M 558 -55.30 -29.67 32.63
N PRO M 559 -56.01 -30.52 33.37
CA PRO M 559 -55.93 -30.46 34.83
C PRO M 559 -54.68 -31.12 35.39
N ALA M 560 -54.43 -30.83 36.67
CA ALA M 560 -53.33 -31.42 37.42
C ALA M 560 -53.91 -32.53 38.28
N GLU M 561 -53.68 -33.77 37.85
CA GLU M 561 -54.28 -34.94 38.50
C GLU M 561 -53.34 -35.56 39.53
N PHE M 562 -52.03 -35.44 39.35
CA PHE M 562 -51.04 -35.98 40.26
C PHE M 562 -50.10 -34.87 40.67
N VAL M 563 -50.07 -34.55 41.95
CA VAL M 563 -49.22 -33.51 42.51
C VAL M 563 -48.07 -34.22 43.22
N ILE M 564 -46.85 -34.03 42.72
CA ILE M 564 -45.69 -34.82 43.12
C ILE M 564 -44.65 -33.90 43.74
N PHE M 565 -44.11 -34.31 44.89
CA PHE M 565 -43.06 -33.58 45.60
C PHE M 565 -41.86 -34.49 45.77
N ARG M 566 -40.75 -34.15 45.13
CA ARG M 566 -39.51 -34.91 45.22
C ARG M 566 -38.53 -34.12 46.09
N ILE M 567 -38.23 -34.62 47.28
CA ILE M 567 -37.45 -33.90 48.28
C ILE M 567 -36.15 -34.66 48.55
N SER M 568 -35.04 -33.93 48.63
CA SER M 568 -33.74 -34.50 48.87
C SER M 568 -32.96 -33.63 49.85
N GLN M 569 -31.73 -34.05 50.16
CA GLN M 569 -30.85 -33.36 51.09
C GLN M 569 -29.75 -32.58 50.41
N ASP M 570 -29.68 -32.61 49.08
CA ASP M 570 -28.57 -32.00 48.38
C ASP M 570 -28.84 -30.53 48.11
N THR M 571 -27.87 -29.68 48.46
CA THR M 571 -27.93 -28.24 48.21
C THR M 571 -29.19 -27.60 48.79
N SER N 2 -41.98 -44.14 40.85
CA SER N 2 -43.28 -44.46 41.43
C SER N 2 -44.34 -44.54 40.33
N GLU N 3 -45.48 -45.14 40.65
CA GLU N 3 -46.60 -45.25 39.72
C GLU N 3 -47.79 -44.47 40.25
N TYR N 4 -48.49 -43.80 39.33
CA TYR N 4 -49.57 -42.89 39.68
C TYR N 4 -50.84 -43.36 38.98
N GLN N 5 -51.75 -43.99 39.74
CA GLN N 5 -52.97 -44.55 39.19
C GLN N 5 -54.24 -43.88 39.72
N SER N 6 -54.20 -43.26 40.89
CA SER N 6 -55.34 -42.53 41.40
C SER N 6 -54.92 -41.12 41.79
N PRO N 7 -55.80 -40.14 41.64
CA PRO N 7 -55.43 -38.75 41.89
C PRO N 7 -55.14 -38.48 43.36
N GLY N 8 -54.22 -37.56 43.60
CA GLY N 8 -53.86 -37.18 44.95
C GLY N 8 -52.52 -36.48 44.99
N VAL N 9 -51.98 -36.39 46.21
CA VAL N 9 -50.68 -35.77 46.48
C VAL N 9 -49.68 -36.87 46.81
N TYR N 10 -48.48 -36.75 46.25
CA TYR N 10 -47.41 -37.72 46.47
C TYR N 10 -46.15 -37.00 46.93
N VAL N 11 -45.50 -37.56 47.95
CA VAL N 11 -44.24 -37.03 48.48
C VAL N 11 -43.20 -38.14 48.41
N GLU N 12 -42.06 -37.85 47.79
CA GLU N 12 -41.03 -38.85 47.54
C GLU N 12 -39.67 -38.35 47.99
N GLU N 13 -38.85 -39.27 48.48
CA GLU N 13 -37.50 -38.97 48.95
C GLU N 13 -36.47 -39.39 47.92
N VAL N 14 -35.45 -38.57 47.74
CA VAL N 14 -34.39 -38.80 46.77
C VAL N 14 -33.07 -38.98 47.52
N GLN N 15 -32.15 -39.73 46.91
CA GLN N 15 -30.82 -39.90 47.47
C GLN N 15 -29.94 -38.71 47.14
N SER N 16 -29.05 -38.36 48.08
CA SER N 16 -28.23 -37.17 47.97
C SER N 16 -26.93 -37.47 47.23
N GLY N 17 -26.07 -36.46 47.13
CA GLY N 17 -24.89 -36.52 46.28
C GLY N 17 -23.61 -37.00 46.92
N SER N 18 -23.60 -37.30 48.21
CA SER N 18 -22.39 -37.84 48.85
C SER N 18 -22.78 -38.48 50.16
N LYS N 19 -22.05 -39.53 50.53
CA LYS N 19 -22.28 -40.26 51.76
C LYS N 19 -20.98 -40.33 52.56
N SER N 20 -21.07 -40.05 53.85
CA SER N 20 -19.88 -39.91 54.67
C SER N 20 -19.26 -41.27 55.01
N VAL N 21 -17.94 -41.28 55.10
CA VAL N 21 -17.18 -42.42 55.58
C VAL N 21 -16.62 -42.06 56.95
N GLU N 22 -16.60 -43.03 57.86
CA GLU N 22 -16.11 -42.82 59.21
C GLU N 22 -14.93 -43.76 59.48
N GLY N 23 -13.89 -43.23 60.14
CA GLY N 23 -12.73 -44.02 60.46
C GLY N 23 -12.99 -45.03 61.56
N VAL N 24 -12.18 -46.09 61.55
CA VAL N 24 -12.35 -47.20 62.49
C VAL N 24 -11.35 -47.07 63.63
N SER N 25 -11.57 -47.86 64.67
CA SER N 25 -10.67 -47.89 65.82
C SER N 25 -9.30 -48.45 65.43
N THR N 26 -8.26 -47.97 66.12
CA THR N 26 -6.90 -48.35 65.79
C THR N 26 -5.98 -48.62 66.98
N SER N 27 -6.49 -48.68 68.21
CA SER N 27 -5.62 -48.81 69.37
C SER N 27 -6.06 -49.92 70.33
N THR N 28 -6.73 -50.95 69.84
CA THR N 28 -7.12 -52.09 70.65
C THR N 28 -6.16 -53.24 70.41
N ALA N 29 -5.87 -54.00 71.47
CA ALA N 29 -4.91 -55.08 71.43
C ALA N 29 -5.55 -56.39 71.86
N GLY N 30 -4.87 -57.48 71.53
CA GLY N 30 -5.31 -58.80 71.94
C GLY N 30 -4.18 -59.59 72.54
N PHE N 31 -4.46 -60.24 73.68
CA PHE N 31 -3.45 -60.99 74.41
C PHE N 31 -3.92 -62.42 74.65
N LEU N 32 -2.96 -63.35 74.64
CA LEU N 32 -3.22 -64.76 74.89
C LEU N 32 -2.22 -65.28 75.91
N GLY N 33 -2.67 -66.20 76.76
CA GLY N 33 -1.80 -66.76 77.78
C GLY N 33 -2.60 -67.35 78.92
N GLN N 34 -1.86 -67.88 79.89
CA GLN N 34 -2.43 -68.65 80.99
C GLN N 34 -2.79 -67.77 82.18
N THR N 35 -3.89 -68.12 82.85
CA THR N 35 -4.37 -67.45 84.04
C THR N 35 -4.80 -68.52 85.04
N GLU N 36 -5.22 -68.10 86.24
CA GLU N 36 -5.67 -69.03 87.26
C GLU N 36 -7.19 -69.20 87.29
N ARG N 37 -7.94 -68.12 87.02
CA ARG N 37 -9.39 -68.15 86.99
C ARG N 37 -9.86 -67.61 85.65
N GLY N 38 -11.17 -67.67 85.42
CA GLY N 38 -11.78 -66.94 84.33
C GLY N 38 -12.38 -67.79 83.25
N PRO N 39 -13.20 -67.18 82.40
CA PRO N 39 -13.76 -67.89 81.26
C PRO N 39 -12.76 -68.01 80.12
N VAL N 40 -13.07 -68.91 79.19
CA VAL N 40 -12.20 -69.14 78.04
C VAL N 40 -12.71 -68.49 76.76
N GLU N 41 -13.80 -67.72 76.83
CA GLU N 41 -14.18 -66.89 75.69
C GLU N 41 -13.54 -65.52 75.84
N PRO N 42 -13.22 -64.85 74.73
CA PRO N 42 -12.52 -63.56 74.82
C PRO N 42 -13.39 -62.49 75.46
N ARG N 43 -12.77 -61.70 76.35
CA ARG N 43 -13.50 -60.67 77.07
C ARG N 43 -12.74 -59.35 77.00
N LEU N 44 -13.49 -58.26 77.00
CA LEU N 44 -12.92 -56.92 76.89
C LEU N 44 -12.60 -56.38 78.29
N VAL N 45 -11.42 -55.80 78.42
CA VAL N 45 -10.92 -55.22 79.65
C VAL N 45 -10.44 -53.80 79.34
N THR N 46 -10.75 -52.85 80.22
CA THR N 46 -10.38 -51.46 80.00
C THR N 46 -9.52 -50.90 81.12
N ASN N 47 -9.04 -51.74 82.03
CA ASN N 47 -8.37 -51.28 83.24
C ASN N 47 -7.77 -52.50 83.91
N TYR N 48 -6.71 -52.28 84.70
CA TYR N 48 -6.00 -53.40 85.29
C TYR N 48 -6.75 -54.02 86.46
N ALA N 49 -7.54 -53.21 87.18
CA ALA N 49 -8.35 -53.75 88.27
C ALA N 49 -9.43 -54.68 87.74
N ASP N 50 -10.00 -54.37 86.58
CA ASP N 50 -10.91 -55.31 85.91
C ASP N 50 -10.22 -56.64 85.65
N PHE N 51 -8.97 -56.59 85.19
CA PHE N 51 -8.23 -57.82 84.91
C PHE N 51 -8.03 -58.64 86.17
N GLU N 52 -7.56 -58.02 87.25
CA GLU N 52 -7.38 -58.77 88.49
C GLU N 52 -8.70 -59.30 89.03
N ARG N 53 -9.80 -58.57 88.82
CA ARG N 53 -11.09 -59.03 89.33
C ARG N 53 -11.65 -60.20 88.55
N LEU N 54 -11.49 -60.23 87.22
CA LEU N 54 -12.07 -61.28 86.40
C LEU N 54 -11.18 -62.51 86.26
N TYR N 55 -9.87 -62.35 86.32
CA TYR N 55 -8.94 -63.42 85.99
C TYR N 55 -8.02 -63.81 87.14
N GLY N 56 -7.44 -62.84 87.85
CA GLY N 56 -6.53 -63.15 88.93
C GLY N 56 -5.06 -63.01 88.56
N ALA N 57 -4.25 -63.96 88.99
CA ALA N 57 -2.82 -63.97 88.71
C ALA N 57 -2.45 -65.09 87.75
N SER N 58 -1.21 -65.06 87.28
CA SER N 58 -0.71 -66.08 86.38
C SER N 58 0.10 -67.13 87.14
N PRO N 59 0.12 -68.37 86.65
CA PRO N 59 1.00 -69.37 87.25
C PRO N 59 2.46 -69.07 86.99
N LYS N 60 3.33 -69.94 87.49
CA LYS N 60 4.76 -69.71 87.37
C LYS N 60 5.28 -69.97 85.96
N SER N 61 4.47 -70.56 85.09
CA SER N 61 4.88 -70.88 83.74
C SER N 61 4.36 -69.89 82.71
N SER N 62 3.89 -68.72 83.15
CA SER N 62 3.32 -67.73 82.26
C SER N 62 3.65 -66.34 82.76
N ASP N 63 3.63 -65.37 81.85
CA ASP N 63 3.93 -63.98 82.19
C ASP N 63 2.90 -63.04 81.58
N LEU N 64 1.63 -63.41 81.69
CA LEU N 64 0.55 -62.60 81.14
C LEU N 64 0.25 -61.38 82.03
N ASP N 65 0.18 -61.61 83.33
CA ASP N 65 -0.10 -60.54 84.28
C ASP N 65 0.88 -59.38 84.13
N ALA N 66 2.15 -59.71 83.96
CA ALA N 66 3.19 -58.71 83.81
C ALA N 66 3.03 -57.94 82.51
N ALA N 67 2.62 -58.62 81.44
CA ALA N 67 2.46 -57.97 80.15
C ALA N 67 1.26 -57.04 80.14
N VAL N 68 0.15 -57.44 80.77
CA VAL N 68 -1.02 -56.57 80.84
C VAL N 68 -0.73 -55.35 81.71
N ASP N 69 0.00 -55.56 82.81
CA ASP N 69 0.41 -54.44 83.64
C ASP N 69 1.29 -53.46 82.88
N GLY N 70 2.25 -53.98 82.12
CA GLY N 70 3.08 -53.10 81.30
C GLY N 70 2.30 -52.40 80.21
N PHE N 71 1.26 -53.05 79.68
CA PHE N 71 0.40 -52.40 78.68
C PHE N 71 -0.30 -51.20 79.29
N PHE N 72 -0.92 -51.37 80.45
CA PHE N 72 -1.70 -50.28 81.03
C PHE N 72 -0.83 -49.21 81.69
N LYS N 73 0.39 -49.53 82.10
CA LYS N 73 1.29 -48.51 82.66
C LYS N 73 1.81 -47.55 81.60
N ASN N 74 1.72 -47.92 80.32
CA ASN N 74 2.31 -47.14 79.25
C ASN N 74 1.29 -46.35 78.45
N GLY N 75 0.03 -46.33 78.88
CA GLY N 75 -0.99 -45.55 78.22
C GLY N 75 -1.92 -46.32 77.31
N GLY N 76 -2.04 -47.63 77.47
CA GLY N 76 -2.99 -48.39 76.68
C GLY N 76 -4.41 -48.21 77.15
N SER N 77 -5.35 -48.42 76.22
CA SER N 77 -6.75 -48.15 76.45
C SER N 77 -7.61 -49.39 76.63
N ARG N 78 -7.51 -50.36 75.72
CA ARG N 78 -8.43 -51.49 75.71
C ARG N 78 -7.71 -52.77 75.33
N CYS N 79 -7.99 -53.84 76.08
CA CYS N 79 -7.47 -55.17 75.80
C CYS N 79 -8.61 -56.13 75.53
N PHE N 80 -8.34 -57.12 74.69
CA PHE N 80 -9.16 -58.32 74.60
C PHE N 80 -8.34 -59.48 75.11
N ILE N 81 -8.82 -60.13 76.17
CA ILE N 81 -8.11 -61.21 76.82
C ILE N 81 -8.74 -62.54 76.39
N GLY N 82 -7.89 -63.48 76.01
CA GLY N 82 -8.29 -64.84 75.74
C GLY N 82 -7.48 -65.83 76.58
N ARG N 83 -8.16 -66.58 77.44
CA ARG N 83 -7.51 -67.47 78.39
C ARG N 83 -7.27 -68.83 77.74
N VAL N 84 -6.02 -69.28 77.79
CA VAL N 84 -5.62 -70.59 77.27
C VAL N 84 -5.44 -71.53 78.47
N SER N 85 -6.04 -72.71 78.39
CA SER N 85 -6.05 -73.63 79.52
C SER N 85 -5.69 -75.03 79.06
N GLY N 86 -4.91 -75.74 79.89
CA GLY N 86 -4.55 -77.12 79.61
C GLY N 86 -5.60 -78.14 80.02
N ALA N 87 -6.64 -77.72 80.71
CA ALA N 87 -7.71 -78.61 81.13
C ALA N 87 -8.84 -78.62 80.12
N ASP N 88 -9.60 -79.72 80.12
CA ASP N 88 -10.77 -79.83 79.26
C ASP N 88 -11.78 -78.75 79.61
N ILE N 89 -12.48 -78.26 78.58
CA ILE N 89 -13.42 -77.15 78.74
C ILE N 89 -14.57 -77.51 79.66
N ASP N 90 -14.92 -78.79 79.78
CA ASP N 90 -16.05 -79.22 80.60
C ASP N 90 -15.62 -79.77 81.96
N ASP N 91 -14.34 -79.64 82.32
CA ASP N 91 -13.86 -80.02 83.65
C ASP N 91 -14.11 -78.86 84.61
N VAL N 92 -15.37 -78.71 84.98
CA VAL N 92 -15.86 -77.57 85.76
C VAL N 92 -16.51 -78.10 87.03
N ALA N 93 -16.32 -77.37 88.13
CA ALA N 93 -16.96 -77.72 89.39
C ALA N 93 -18.42 -77.28 89.40
N THR N 94 -19.27 -78.11 90.01
CA THR N 94 -20.72 -77.90 90.01
C THR N 94 -21.27 -78.05 91.43
N GLY N 95 -22.57 -77.80 91.55
CA GLY N 95 -23.26 -77.89 92.83
C GLY N 95 -24.76 -77.87 92.62
N ILE N 96 -25.48 -78.00 93.73
CA ILE N 96 -26.93 -78.15 93.72
C ILE N 96 -27.53 -77.39 94.90
N LEU N 97 -28.68 -76.75 94.67
CA LEU N 97 -29.45 -76.12 95.72
C LEU N 97 -30.75 -76.87 95.92
N ALA N 98 -31.13 -77.08 97.18
CA ALA N 98 -32.28 -77.91 97.54
C ALA N 98 -33.34 -77.10 98.25
N ASP N 99 -34.57 -77.59 98.21
CA ASP N 99 -35.74 -76.91 98.75
C ASP N 99 -36.08 -77.43 100.15
N ASP N 100 -37.28 -77.07 100.63
CA ASP N 100 -37.72 -77.38 101.99
C ASP N 100 -37.70 -78.87 102.29
N GLU N 101 -38.24 -79.70 101.41
CA GLU N 101 -38.32 -81.15 101.65
C GLU N 101 -37.37 -81.94 100.77
N GLY N 102 -36.37 -81.30 100.18
CA GLY N 102 -35.32 -82.02 99.48
C GLY N 102 -35.54 -82.23 98.00
N ASN N 103 -35.82 -81.16 97.27
CA ASN N 103 -35.91 -81.18 95.82
C ASN N 103 -34.85 -80.24 95.26
N GLU N 104 -34.11 -80.70 94.27
CA GLU N 104 -33.13 -79.83 93.63
C GLU N 104 -33.84 -78.80 92.75
N ILE N 105 -33.66 -77.52 93.11
CA ILE N 105 -34.38 -76.44 92.46
C ILE N 105 -33.48 -75.62 91.54
N ALA N 106 -32.16 -75.62 91.77
CA ALA N 106 -31.25 -74.84 90.95
C ALA N 106 -29.95 -75.62 90.80
N GLU N 107 -29.12 -75.17 89.85
CA GLU N 107 -27.83 -75.79 89.60
C GLU N 107 -26.78 -74.70 89.44
N VAL N 108 -25.71 -74.82 90.22
CA VAL N 108 -24.64 -73.82 90.30
C VAL N 108 -23.41 -74.39 89.60
N GLU N 109 -22.71 -73.55 88.86
CA GLU N 109 -21.56 -74.00 88.08
C GLU N 109 -20.50 -72.92 88.04
N ALA N 110 -19.23 -73.33 88.16
CA ALA N 110 -18.14 -72.37 88.15
C ALA N 110 -18.02 -71.68 86.79
N ASN N 111 -17.43 -70.49 86.81
CA ASN N 111 -17.29 -69.66 85.61
C ASN N 111 -15.91 -69.91 84.95
N GLY N 112 -15.70 -71.16 84.55
CA GLY N 112 -14.46 -71.54 83.93
C GLY N 112 -13.92 -72.86 84.47
N PRO N 113 -13.11 -73.55 83.67
CA PRO N 113 -12.59 -74.85 84.09
C PRO N 113 -11.32 -74.72 84.92
N GLY N 114 -11.09 -75.74 85.75
CA GLY N 114 -9.90 -75.82 86.58
C GLY N 114 -10.24 -76.15 88.01
N GLN N 115 -9.17 -76.38 88.78
CA GLN N 115 -9.30 -76.76 90.19
C GLN N 115 -9.73 -75.60 91.08
N TRP N 116 -9.56 -74.36 90.62
CA TRP N 116 -9.93 -73.20 91.43
C TRP N 116 -11.38 -73.26 91.88
N GLY N 117 -12.27 -73.79 91.04
CA GLY N 117 -13.68 -73.89 91.38
C GLY N 117 -13.96 -74.72 92.61
N GLU N 118 -13.01 -75.54 93.05
CA GLU N 118 -13.20 -76.29 94.28
C GLU N 118 -13.13 -75.41 95.52
N SER N 119 -12.74 -74.14 95.38
CA SER N 119 -12.58 -73.24 96.52
C SER N 119 -13.63 -72.15 96.56
N VAL N 120 -14.78 -72.37 95.91
CA VAL N 120 -15.87 -71.40 95.89
C VAL N 120 -16.97 -71.89 96.82
N ALA N 121 -17.42 -71.02 97.71
CA ALA N 121 -18.49 -71.34 98.65
C ALA N 121 -19.71 -70.48 98.38
N VAL N 122 -20.88 -71.10 98.41
CA VAL N 122 -22.17 -70.42 98.21
C VAL N 122 -22.96 -70.53 99.50
N ILE N 123 -23.48 -69.39 99.97
CA ILE N 123 -24.18 -69.29 101.24
C ILE N 123 -25.55 -68.67 101.00
N VAL N 124 -26.60 -69.35 101.48
CA VAL N 124 -27.97 -68.87 101.36
C VAL N 124 -28.49 -68.54 102.75
N GLU N 125 -29.11 -67.35 102.89
CA GLU N 125 -29.73 -66.96 104.15
C GLU N 125 -31.08 -66.31 103.85
N ASP N 126 -31.87 -66.12 104.90
CA ASP N 126 -33.22 -65.60 104.75
C ASP N 126 -33.28 -64.10 105.06
N SER N 127 -34.17 -63.41 104.36
CA SER N 127 -34.30 -61.97 104.44
C SER N 127 -35.44 -61.57 105.38
N GLN N 128 -35.37 -60.31 105.83
CA GLN N 128 -36.36 -59.76 106.74
C GLN N 128 -37.72 -59.50 106.09
N TYR N 129 -37.78 -59.52 104.77
CA TYR N 129 -39.04 -59.30 104.09
C TYR N 129 -39.65 -60.62 103.64
N PRO N 130 -40.97 -60.72 103.64
CA PRO N 130 -41.61 -61.99 103.25
C PRO N 130 -41.28 -62.37 101.82
N ASN N 131 -41.00 -63.66 101.63
CA ASN N 131 -40.74 -64.26 100.32
C ASN N 131 -39.45 -63.74 99.68
N GLN N 132 -38.42 -63.49 100.48
CA GLN N 132 -37.15 -62.98 99.96
C GLN N 132 -36.00 -63.62 100.72
N PHE N 133 -34.84 -63.69 100.07
CA PHE N 133 -33.66 -64.31 100.65
C PHE N 133 -32.40 -63.66 100.08
N ASP N 134 -31.28 -63.88 100.77
CA ASP N 134 -29.98 -63.34 100.40
C ASP N 134 -29.05 -64.47 99.97
N ILE N 135 -28.15 -64.16 99.04
CA ILE N 135 -27.15 -65.11 98.55
C ILE N 135 -25.77 -64.45 98.58
N THR N 136 -24.76 -65.22 99.00
CA THR N 136 -23.39 -64.76 99.07
C THR N 136 -22.47 -65.79 98.41
N VAL N 137 -21.46 -65.31 97.70
CA VAL N 137 -20.46 -66.16 97.06
C VAL N 137 -19.07 -65.71 97.50
N ARG N 138 -18.25 -66.66 97.97
CA ARG N 138 -16.94 -66.38 98.52
C ARG N 138 -15.87 -67.24 97.84
N TYR N 139 -14.67 -66.68 97.67
CA TYR N 139 -13.57 -67.40 97.06
C TYR N 139 -12.26 -67.07 97.74
N TRP N 140 -11.52 -68.12 98.12
CA TRP N 140 -10.20 -68.03 98.74
C TRP N 140 -9.13 -68.52 97.77
N SER N 141 -8.03 -67.79 97.66
CA SER N 141 -6.96 -68.16 96.73
C SER N 141 -5.97 -69.15 97.32
N GLY N 142 -5.88 -69.27 98.63
CA GLY N 142 -4.89 -70.11 99.26
C GLY N 142 -5.46 -71.44 99.73
N ASP N 143 -4.94 -71.92 100.85
CA ASP N 143 -5.29 -73.23 101.37
C ASP N 143 -6.69 -73.22 101.98
N LEU N 144 -7.42 -74.32 101.78
CA LEU N 144 -8.72 -74.48 102.42
C LEU N 144 -8.59 -75.07 103.82
N GLU N 145 -7.52 -75.83 104.08
CA GLU N 145 -7.31 -76.45 105.39
C GLU N 145 -7.19 -75.43 106.51
N ALA N 146 -6.85 -74.19 106.19
CA ALA N 146 -6.62 -73.16 107.21
C ALA N 146 -7.81 -72.23 107.40
N VAL N 147 -8.89 -72.41 106.64
CA VAL N 147 -10.07 -71.56 106.74
C VAL N 147 -10.90 -72.04 107.93
N SER N 148 -11.01 -71.18 108.94
CA SER N 148 -11.66 -71.59 110.19
C SER N 148 -13.18 -71.47 110.10
N LYS N 149 -13.68 -70.26 109.86
CA LYS N 149 -15.12 -69.98 109.83
C LYS N 149 -15.50 -69.47 108.45
N PRO N 150 -15.68 -70.37 107.48
CA PRO N 150 -16.08 -69.90 106.14
C PRO N 150 -17.48 -69.34 106.10
N HIS N 151 -18.33 -69.68 107.07
CA HIS N 151 -19.71 -69.23 107.08
C HIS N 151 -19.95 -68.00 107.94
N GLY N 152 -19.06 -67.70 108.88
CA GLY N 152 -19.23 -66.57 109.76
C GLY N 152 -19.07 -65.24 109.05
N ASP N 153 -19.31 -64.16 109.81
CA ASP N 153 -19.19 -62.82 109.28
C ASP N 153 -17.74 -62.42 109.04
N ARG N 154 -16.78 -63.12 109.63
CA ARG N 154 -15.36 -62.82 109.46
C ARG N 154 -14.57 -64.13 109.46
N PRO N 155 -14.32 -64.69 108.28
CA PRO N 155 -13.51 -65.91 108.20
C PRO N 155 -12.07 -65.65 108.63
N ASP N 156 -11.36 -66.74 108.96
CA ASP N 156 -10.02 -66.60 109.52
C ASP N 156 -9.06 -65.91 108.57
N PRO N 157 -8.82 -66.39 107.33
CA PRO N 157 -8.23 -65.51 106.30
C PRO N 157 -9.33 -64.84 105.50
N SER N 158 -9.25 -63.53 105.36
CA SER N 158 -10.25 -62.80 104.62
C SER N 158 -10.32 -63.30 103.19
N PRO N 159 -11.51 -63.58 102.65
CA PRO N 159 -11.59 -64.19 101.31
C PRO N 159 -11.07 -63.26 100.24
N ASP N 160 -10.61 -63.87 99.14
CA ASP N 160 -10.05 -63.10 98.04
C ASP N 160 -11.13 -62.42 97.21
N VAL N 161 -12.27 -63.08 97.02
CA VAL N 161 -13.39 -62.48 96.28
C VAL N 161 -14.68 -62.67 97.08
N GLU N 162 -15.54 -61.66 97.03
CA GLU N 162 -16.76 -61.56 97.82
C GLU N 162 -17.86 -60.99 96.95
N GLU N 163 -19.03 -61.61 96.96
CA GLU N 163 -20.19 -61.09 96.23
C GLU N 163 -21.46 -61.32 97.03
N VAL N 164 -22.32 -60.30 97.12
CA VAL N 164 -23.54 -60.35 97.91
C VAL N 164 -24.70 -59.88 97.05
N TYR N 165 -25.84 -60.59 97.14
CA TYR N 165 -27.06 -60.24 96.44
C TYR N 165 -28.23 -60.36 97.40
N ASP N 166 -28.96 -59.27 97.59
CA ASP N 166 -29.89 -59.11 98.72
C ASP N 166 -31.34 -59.37 98.37
N GLY N 167 -31.91 -58.62 97.43
CA GLY N 167 -33.34 -58.70 97.21
C GLY N 167 -33.79 -59.74 96.21
N LEU N 168 -33.65 -61.03 96.54
CA LEU N 168 -33.93 -62.09 95.58
C LEU N 168 -35.31 -62.71 95.83
N SER N 169 -35.87 -63.28 94.78
CA SER N 169 -37.18 -63.91 94.82
C SER N 169 -37.16 -65.17 93.96
N ALA N 170 -38.19 -65.99 94.13
CA ALA N 170 -38.36 -67.21 93.34
C ALA N 170 -39.47 -67.11 92.31
N ASP N 171 -39.91 -65.89 91.98
CA ASP N 171 -40.94 -65.69 90.97
C ASP N 171 -40.29 -65.47 89.61
N PRO N 172 -40.50 -66.36 88.62
CA PRO N 172 -39.78 -66.20 87.35
C PRO N 172 -40.18 -64.98 86.54
N GLU N 173 -41.35 -64.40 86.79
CA GLU N 173 -41.81 -63.24 86.03
C GLU N 173 -41.42 -61.91 86.68
N ALA N 174 -40.82 -61.95 87.86
CA ALA N 174 -40.36 -60.75 88.52
C ALA N 174 -38.99 -60.34 88.01
N SER N 175 -38.60 -59.10 88.32
CA SER N 175 -37.28 -58.61 87.93
C SER N 175 -36.22 -58.90 88.98
N ASN N 176 -36.61 -59.35 90.17
CA ASN N 176 -35.67 -59.77 91.19
C ASN N 176 -35.58 -61.29 91.31
N PHE N 177 -35.94 -62.01 90.25
CA PHE N 177 -35.71 -63.45 90.18
C PHE N 177 -34.21 -63.72 90.20
N TYR N 178 -33.79 -64.73 90.97
CA TYR N 178 -32.37 -64.89 91.25
C TYR N 178 -31.58 -65.26 90.00
N GLU N 179 -32.22 -65.94 89.04
CA GLU N 179 -31.55 -66.26 87.79
C GLU N 179 -31.13 -65.01 87.03
N LYS N 180 -31.94 -63.95 87.10
CA LYS N 180 -31.62 -62.71 86.39
C LYS N 180 -30.64 -61.85 87.17
N GLN N 181 -30.65 -61.95 88.50
CA GLN N 181 -29.79 -61.08 89.30
C GLN N 181 -28.38 -61.63 89.40
N LEU N 182 -28.23 -62.95 89.52
CA LEU N 182 -26.91 -63.57 89.62
C LEU N 182 -26.22 -63.68 88.27
N GLU N 183 -26.77 -63.08 87.21
CA GLU N 183 -26.20 -63.25 85.89
C GLU N 183 -24.92 -62.44 85.72
N SER N 184 -24.81 -61.32 86.45
CA SER N 184 -23.60 -60.51 86.44
C SER N 184 -22.78 -60.90 87.65
N SER N 185 -22.00 -61.97 87.50
CA SER N 185 -21.15 -62.50 88.57
C SER N 185 -19.91 -63.09 87.92
N VAL N 186 -18.74 -62.76 88.49
CA VAL N 186 -17.49 -63.23 87.92
C VAL N 186 -17.09 -64.61 88.42
N LEU N 187 -17.90 -65.25 89.25
CA LEU N 187 -17.50 -66.51 89.87
C LEU N 187 -18.37 -67.70 89.45
N VAL N 188 -19.69 -67.56 89.42
CA VAL N 188 -20.59 -68.70 89.28
C VAL N 188 -21.65 -68.39 88.22
N ASP N 189 -22.43 -69.41 87.91
CA ASP N 189 -23.58 -69.37 87.00
C ASP N 189 -24.69 -70.20 87.61
N ILE N 190 -25.92 -69.72 87.47
CA ILE N 190 -27.09 -70.40 88.04
C ILE N 190 -28.03 -70.81 86.92
N GLU N 191 -28.63 -71.99 87.05
CA GLU N 191 -29.66 -72.42 86.10
C GLU N 191 -30.84 -72.97 86.87
N TYR N 192 -32.04 -72.61 86.41
CA TYR N 192 -33.27 -72.94 87.11
C TYR N 192 -33.78 -74.33 86.73
N LYS N 193 -34.22 -75.10 87.73
CA LYS N 193 -34.72 -76.44 87.51
C LYS N 193 -36.17 -76.62 87.91
N ASP N 194 -36.54 -76.27 89.13
CA ASP N 194 -37.86 -76.61 89.67
C ASP N 194 -38.34 -75.49 90.58
N ASP N 195 -39.60 -75.58 90.98
CA ASP N 195 -40.24 -74.55 91.80
C ASP N 195 -39.89 -74.74 93.26
N GLY N 196 -39.53 -73.66 93.93
CA GLY N 196 -39.21 -73.72 95.35
C GLY N 196 -38.31 -72.57 95.74
N THR N 197 -37.89 -72.61 97.00
CA THR N 197 -36.96 -71.64 97.55
C THR N 197 -35.92 -72.38 98.39
N PRO N 198 -34.65 -71.99 98.31
CA PRO N 198 -33.60 -72.80 98.95
C PRO N 198 -33.55 -72.61 100.45
N VAL N 199 -33.01 -73.61 101.14
CA VAL N 199 -32.82 -73.57 102.58
C VAL N 199 -31.48 -72.93 102.89
N ASP N 200 -31.34 -72.40 104.10
CA ASP N 200 -30.14 -71.68 104.48
C ASP N 200 -28.95 -72.63 104.63
N GLY N 201 -27.75 -72.08 104.53
CA GLY N 201 -26.54 -72.84 104.79
C GLY N 201 -25.48 -72.56 103.76
N LEU N 202 -24.39 -73.30 103.87
CA LEU N 202 -23.20 -73.16 103.03
C LEU N 202 -22.98 -74.43 102.22
N THR N 203 -22.37 -74.27 101.04
CA THR N 203 -22.07 -75.43 100.21
C THR N 203 -20.88 -75.12 99.31
N TRP N 204 -20.04 -76.14 99.10
CA TRP N 204 -18.87 -76.07 98.23
C TRP N 204 -19.15 -76.78 96.91
N LEU N 205 -18.43 -76.36 95.87
CA LEU N 205 -18.54 -76.98 94.55
C LEU N 205 -17.52 -78.11 94.43
N HIS N 206 -17.99 -79.28 94.00
CA HIS N 206 -17.20 -80.50 94.04
C HIS N 206 -17.03 -81.09 92.64
N ARG N 207 -16.28 -82.20 92.60
CA ARG N 207 -16.09 -83.04 91.41
C ARG N 207 -15.62 -82.22 90.22
N ASP N 208 -14.40 -81.70 90.35
CA ASP N 208 -13.73 -81.05 89.23
C ASP N 208 -13.30 -82.06 88.18
N VAL N 292 0.24 -76.82 78.52
CA VAL N 292 -0.48 -76.43 77.33
C VAL N 292 0.36 -76.69 76.09
N THR N 293 -0.30 -76.86 74.95
CA THR N 293 0.32 -77.18 73.68
C THR N 293 -0.04 -76.11 72.64
N LEU N 294 0.37 -76.37 71.40
CA LEU N 294 0.02 -75.48 70.29
C LEU N 294 -1.45 -75.58 69.93
N LYS N 295 -2.04 -76.77 70.07
CA LYS N 295 -3.45 -76.97 69.76
C LYS N 295 -4.39 -76.27 70.73
N ASP N 296 -3.92 -75.93 71.93
CA ASP N 296 -4.70 -75.11 72.84
C ASP N 296 -4.64 -73.64 72.50
N TYR N 297 -3.50 -73.18 71.99
CA TYR N 297 -3.38 -71.82 71.50
C TYR N 297 -4.16 -71.61 70.21
N GLU N 298 -4.30 -72.67 69.40
CA GLU N 298 -5.13 -72.57 68.21
C GLU N 298 -6.61 -72.41 68.57
N GLY N 299 -7.08 -73.13 69.57
CA GLY N 299 -8.41 -72.95 70.09
C GLY N 299 -9.43 -73.91 69.50
N VAL N 300 -10.59 -73.93 70.12
CA VAL N 300 -11.71 -74.75 69.70
C VAL N 300 -12.57 -73.96 68.73
N ASN N 301 -13.06 -74.64 67.69
CA ASN N 301 -13.96 -74.04 66.71
C ASN N 301 -15.14 -74.97 66.53
N LYS N 302 -16.18 -74.74 67.32
CA LYS N 302 -17.44 -75.47 67.26
C LYS N 302 -18.58 -74.49 67.03
N PRO N 303 -19.75 -74.97 66.61
CA PRO N 303 -20.85 -74.04 66.29
C PRO N 303 -21.19 -73.05 67.40
N GLY N 304 -21.06 -73.42 68.66
CA GLY N 304 -21.40 -72.50 69.72
C GLY N 304 -20.31 -72.31 70.77
N LEU N 305 -19.04 -72.36 70.36
CA LEU N 305 -17.93 -72.22 71.30
C LEU N 305 -16.66 -71.94 70.51
N ARG N 306 -15.98 -70.84 70.86
CA ARG N 306 -14.73 -70.46 70.21
C ARG N 306 -13.74 -69.99 71.26
N THR N 307 -12.53 -70.55 71.23
CA THR N 307 -11.44 -70.14 72.12
C THR N 307 -10.18 -69.95 71.30
N GLY N 308 -9.16 -69.37 71.93
CA GLY N 308 -7.88 -69.22 71.26
C GLY N 308 -7.91 -68.17 70.17
N LEU N 309 -7.30 -68.49 69.03
CA LEU N 309 -7.29 -67.58 67.90
C LEU N 309 -8.60 -67.66 67.11
N ALA N 310 -9.26 -68.82 67.12
CA ALA N 310 -10.57 -68.95 66.50
C ALA N 310 -11.58 -68.01 67.13
N GLY N 311 -11.44 -67.74 68.42
CA GLY N 311 -12.31 -66.77 69.06
C GLY N 311 -11.96 -65.34 68.67
N PHE N 312 -10.67 -65.05 68.49
CA PHE N 312 -10.26 -63.70 68.12
C PHE N 312 -10.68 -63.35 66.70
N LYS N 313 -10.72 -64.33 65.80
CA LYS N 313 -11.00 -63.98 64.41
C LYS N 313 -12.46 -63.67 64.15
N ALA N 314 -13.31 -63.65 65.18
CA ALA N 314 -14.68 -63.21 65.09
C ALA N 314 -14.90 -61.86 65.79
N ILE N 315 -13.83 -61.16 66.15
CA ILE N 315 -13.88 -59.83 66.74
C ILE N 315 -13.19 -58.90 65.77
N ASP N 316 -13.88 -57.82 65.38
CA ASP N 316 -13.37 -56.90 64.38
C ASP N 316 -12.80 -55.61 64.96
N GLU N 317 -12.61 -55.54 66.27
CA GLU N 317 -11.99 -54.37 66.88
C GLU N 317 -10.49 -54.51 67.06
N ILE N 318 -9.99 -55.75 67.13
CA ILE N 318 -8.58 -55.99 67.41
C ILE N 318 -7.74 -55.51 66.24
N SER N 319 -6.65 -54.80 66.55
CA SER N 319 -5.73 -54.29 65.53
C SER N 319 -4.30 -54.74 65.71
N MET N 320 -3.96 -55.37 66.84
CA MET N 320 -2.64 -55.95 67.05
C MET N 320 -2.74 -57.08 68.06
N VAL N 321 -1.97 -58.14 67.81
CA VAL N 321 -2.03 -59.37 68.59
C VAL N 321 -0.65 -59.65 69.16
N CYS N 322 -0.61 -60.16 70.40
CA CYS N 322 0.65 -60.56 71.00
C CYS N 322 0.43 -61.77 71.90
N ALA N 323 1.42 -62.66 71.90
CA ALA N 323 1.46 -63.80 72.81
C ALA N 323 2.78 -63.75 73.58
N PRO N 324 2.76 -63.42 74.87
CA PRO N 324 4.03 -63.28 75.61
C PRO N 324 4.90 -64.53 75.64
N ASP N 325 4.31 -65.72 75.71
CA ASP N 325 5.07 -66.96 75.83
C ASP N 325 5.24 -67.67 74.49
N GLU N 326 5.41 -66.91 73.40
CA GLU N 326 5.46 -67.49 72.06
C GLU N 326 6.74 -68.29 71.81
N ASN N 327 7.76 -68.13 72.65
CA ASN N 327 9.02 -68.82 72.44
C ASN N 327 9.13 -70.12 73.22
N ASP N 328 8.19 -70.40 74.12
CA ASP N 328 8.14 -71.68 74.82
C ASP N 328 7.33 -72.73 74.08
N ILE N 329 6.49 -72.34 73.13
CA ILE N 329 5.64 -73.25 72.39
C ILE N 329 6.09 -73.19 70.94
N ASP N 330 6.68 -74.28 70.45
CA ASP N 330 7.19 -74.30 69.08
C ASP N 330 6.05 -74.35 68.07
N GLY N 331 6.15 -73.52 67.04
CA GLY N 331 5.13 -73.45 66.01
C GLY N 331 4.04 -72.43 66.25
N LEU N 332 4.23 -71.50 67.18
CA LEU N 332 3.22 -70.49 67.48
C LEU N 332 3.48 -69.18 66.74
N THR N 333 4.74 -68.84 66.50
CA THR N 333 5.05 -67.62 65.75
C THR N 333 4.46 -67.67 64.35
N ASP N 334 4.63 -68.80 63.66
CA ASP N 334 4.09 -68.94 62.32
C ASP N 334 2.56 -68.90 62.33
N SER N 335 1.94 -69.50 63.35
CA SER N 335 0.48 -69.47 63.45
C SER N 335 -0.02 -68.04 63.64
N ILE N 336 0.67 -67.25 64.47
CA ILE N 336 0.24 -65.87 64.68
C ILE N 336 0.40 -65.04 63.42
N VAL N 337 1.54 -65.19 62.73
CA VAL N 337 1.76 -64.42 61.50
C VAL N 337 0.76 -64.84 60.43
N ALA N 338 0.42 -66.13 60.36
CA ALA N 338 -0.56 -66.58 59.37
C ALA N 338 -1.96 -66.07 59.71
N HIS N 339 -2.32 -66.04 60.99
CA HIS N 339 -3.60 -65.45 61.40
C HIS N 339 -3.69 -64.00 60.96
N CYS N 340 -2.64 -63.22 61.21
CA CYS N 340 -2.68 -61.81 60.84
C CYS N 340 -2.69 -61.61 59.33
N GLU N 341 -2.00 -62.47 58.57
CA GLU N 341 -1.98 -62.33 57.12
C GLU N 341 -3.29 -62.80 56.48
N ASN N 342 -3.97 -63.77 57.09
CA ASN N 342 -5.21 -64.27 56.53
C ASN N 342 -6.39 -63.38 56.87
N MET N 343 -6.38 -62.73 58.03
CA MET N 343 -7.42 -61.74 58.29
C MET N 343 -7.20 -60.49 57.46
N GLY N 344 -5.96 -60.05 57.34
CA GLY N 344 -5.61 -58.89 56.54
C GLY N 344 -5.92 -57.56 57.18
N ASP N 345 -6.18 -57.51 58.49
CA ASP N 345 -6.54 -56.26 59.14
C ASP N 345 -5.91 -56.12 60.53
N ARG N 346 -4.83 -56.82 60.81
CA ARG N 346 -4.19 -56.71 62.11
C ARG N 346 -2.69 -56.89 61.95
N PHE N 347 -1.96 -56.59 63.03
CA PHE N 347 -0.51 -56.52 63.02
C PHE N 347 0.04 -57.37 64.15
N ALA N 348 1.20 -57.99 63.93
CA ALA N 348 1.79 -58.91 64.90
C ALA N 348 3.07 -58.32 65.50
N ILE N 349 3.18 -58.45 66.81
CA ILE N 349 4.34 -57.97 67.57
C ILE N 349 5.07 -59.19 68.11
N LEU N 350 6.38 -59.27 67.84
CA LEU N 350 7.19 -60.41 68.20
C LEU N 350 8.41 -59.95 68.99
N GLN N 351 8.83 -60.79 69.92
CA GLN N 351 9.99 -60.54 70.74
C GLN N 351 11.01 -61.66 70.57
N SER N 352 12.28 -61.32 70.77
CA SER N 352 13.37 -62.27 70.58
C SER N 352 13.38 -63.30 71.71
N PRO N 353 14.19 -64.34 71.59
CA PRO N 353 14.40 -65.24 72.73
C PRO N 353 15.26 -64.59 73.79
N GLN N 354 15.31 -65.25 74.95
CA GLN N 354 16.17 -64.75 76.02
C GLN N 354 17.64 -64.97 75.69
N ASN N 355 17.95 -65.97 74.87
CA ASN N 355 19.31 -66.23 74.42
C ASN N 355 19.26 -66.42 72.91
N PRO N 356 19.42 -65.34 72.14
CA PRO N 356 19.32 -65.44 70.68
C PRO N 356 20.62 -65.78 69.97
N GLY N 357 21.74 -65.91 70.68
CA GLY N 357 22.99 -66.30 70.09
C GLY N 357 23.94 -65.14 69.86
N PRO N 358 24.94 -65.36 69.00
CA PRO N 358 25.88 -64.27 68.67
C PRO N 358 25.22 -63.22 67.78
N VAL N 359 25.74 -61.99 67.88
CA VAL N 359 25.13 -60.86 67.19
C VAL N 359 25.26 -61.01 65.68
N SER N 360 26.40 -61.51 65.22
CA SER N 360 26.66 -61.60 63.79
C SER N 360 25.85 -62.68 63.10
N GLU N 361 25.01 -63.41 63.83
CA GLU N 361 24.25 -64.52 63.26
C GLU N 361 22.75 -64.39 63.45
N MET N 362 22.27 -63.28 63.98
CA MET N 362 20.86 -63.12 64.27
C MET N 362 20.08 -62.86 62.99
N GLU N 363 18.85 -63.38 62.95
CA GLU N 363 17.94 -63.19 61.82
C GLU N 363 16.53 -63.05 62.37
N THR N 364 15.63 -62.61 61.51
CA THR N 364 14.25 -62.59 61.97
C THR N 364 13.59 -63.94 61.68
N PRO N 365 12.60 -64.35 62.49
CA PRO N 365 11.98 -65.65 62.24
C PRO N 365 11.19 -65.71 60.95
N VAL N 366 10.40 -64.68 60.65
CA VAL N 366 9.57 -64.66 59.45
C VAL N 366 9.99 -63.51 58.55
N ASP N 367 9.42 -63.45 57.36
CA ASP N 367 9.71 -62.40 56.37
C ASP N 367 8.41 -61.74 55.93
N SER N 368 7.54 -61.46 56.89
CA SER N 368 6.22 -60.92 56.62
C SER N 368 6.22 -59.40 56.72
N SER N 369 5.29 -58.78 55.99
CA SER N 369 5.02 -57.37 56.13
C SER N 369 4.01 -57.07 57.23
N TYR N 370 3.51 -58.10 57.92
CA TYR N 370 2.48 -57.95 58.94
C TYR N 370 3.02 -58.17 60.35
N ALA N 371 4.33 -58.01 60.55
CA ALA N 371 4.94 -58.30 61.83
C ALA N 371 6.10 -57.35 62.08
N ALA N 372 6.43 -57.18 63.37
CA ALA N 372 7.59 -56.41 63.80
C ALA N 372 8.28 -57.16 64.94
N TYR N 373 9.59 -56.93 65.08
CA TYR N 373 10.46 -57.76 65.91
C TYR N 373 11.31 -56.88 66.82
N TYR N 374 11.22 -57.10 68.13
CA TYR N 374 11.85 -56.22 69.12
C TYR N 374 12.84 -56.98 69.99
N TYR N 375 13.84 -56.26 70.50
CA TYR N 375 14.95 -56.85 71.24
C TYR N 375 15.61 -55.80 72.11
N PRO N 376 16.09 -56.14 73.33
CA PRO N 376 16.07 -57.34 74.19
C PRO N 376 14.97 -57.37 75.26
N TRP N 377 15.15 -58.24 76.25
CA TRP N 377 14.25 -58.39 77.39
C TRP N 377 14.44 -57.27 78.40
N VAL N 378 13.50 -57.14 79.34
CA VAL N 378 13.49 -56.06 80.31
C VAL N 378 13.39 -56.62 81.73
N ASN N 379 13.59 -55.73 82.71
CA ASN N 379 13.59 -56.06 84.13
C ASN N 379 12.45 -55.34 84.83
N VAL N 380 11.74 -56.05 85.72
CA VAL N 380 10.61 -55.51 86.46
C VAL N 380 10.68 -55.97 87.90
N LEU N 381 9.86 -55.35 88.75
CA LEU N 381 9.66 -55.76 90.13
C LEU N 381 8.53 -56.78 90.21
N ASP N 382 8.77 -57.89 90.88
CA ASP N 382 7.79 -58.97 90.96
C ASP N 382 6.96 -58.79 92.23
N PRO N 383 5.63 -58.68 92.11
CA PRO N 383 4.81 -58.32 93.28
C PRO N 383 4.58 -59.45 94.28
N VAL N 384 5.27 -60.59 94.16
CA VAL N 384 5.16 -61.65 95.16
C VAL N 384 6.48 -61.92 95.86
N THR N 385 7.61 -61.52 95.28
CA THR N 385 8.91 -61.65 95.92
C THR N 385 9.57 -60.31 96.19
N ASN N 386 9.11 -59.24 95.54
CA ASN N 386 9.69 -57.90 95.69
C ASN N 386 11.15 -57.88 95.22
N ARG N 387 11.45 -58.66 94.20
CA ARG N 387 12.77 -58.72 93.60
C ARG N 387 12.65 -58.44 92.11
N GLU N 388 13.80 -58.25 91.45
CA GLU N 388 13.80 -58.05 90.02
C GLU N 388 13.55 -59.38 89.29
N LYS N 389 13.02 -59.26 88.07
CA LYS N 389 12.64 -60.40 87.27
C LYS N 389 12.72 -60.00 85.81
N LEU N 390 13.14 -60.92 84.96
CA LEU N 390 13.38 -60.66 83.54
C LEU N 390 12.21 -61.16 82.72
N VAL N 391 11.63 -60.28 81.91
CA VAL N 391 10.43 -60.59 81.14
C VAL N 391 10.58 -60.07 79.71
N PRO N 392 9.78 -60.60 78.78
CA PRO N 392 9.81 -60.08 77.42
C PRO N 392 9.10 -58.75 77.33
N PRO N 393 9.49 -57.90 76.36
CA PRO N 393 8.96 -56.53 76.32
C PRO N 393 7.68 -56.30 75.52
N GLY N 394 6.91 -57.35 75.21
CA GLY N 394 5.85 -57.21 74.23
C GLY N 394 4.72 -56.30 74.64
N GLY N 395 4.22 -56.46 75.88
CA GLY N 395 3.06 -55.68 76.31
C GLY N 395 3.36 -54.21 76.48
N HIS N 396 4.55 -53.89 76.98
CA HIS N 396 4.96 -52.49 77.07
C HIS N 396 5.00 -51.83 75.70
N ILE N 397 5.44 -52.57 74.69
CA ILE N 397 5.53 -52.04 73.34
C ILE N 397 4.14 -51.86 72.75
N ALA N 398 3.22 -52.79 73.00
CA ALA N 398 1.85 -52.61 72.54
C ALA N 398 1.20 -51.39 73.20
N GLY N 399 1.50 -51.16 74.49
CA GLY N 399 1.01 -49.96 75.14
C GLY N 399 1.55 -48.69 74.52
N ILE N 400 2.82 -48.72 74.13
CA ILE N 400 3.41 -47.57 73.42
C ILE N 400 2.71 -47.34 72.09
N TYR N 401 2.43 -48.42 71.35
CA TYR N 401 1.67 -48.30 70.11
C TYR N 401 0.33 -47.59 70.34
N SER N 402 -0.43 -48.06 71.34
CA SER N 402 -1.73 -47.49 71.63
C SER N 402 -1.62 -46.00 72.01
N ARG N 403 -0.65 -45.66 72.85
CA ARG N 403 -0.47 -44.27 73.27
C ARG N 403 -0.15 -43.37 72.08
N THR N 404 0.81 -43.78 71.25
CA THR N 404 1.18 -42.98 70.09
C THR N 404 -0.02 -42.81 69.15
N ASP N 405 -0.80 -43.86 68.96
CA ASP N 405 -1.99 -43.75 68.12
C ASP N 405 -3.00 -42.76 68.70
N GLN N 406 -3.11 -42.70 70.02
CA GLN N 406 -4.08 -41.80 70.63
C GLN N 406 -3.64 -40.34 70.54
N GLU N 407 -2.34 -40.06 70.71
CA GLU N 407 -1.92 -38.67 70.81
C GLU N 407 -1.33 -38.09 69.52
N HIS N 408 -1.00 -38.90 68.53
CA HIS N 408 -0.39 -38.38 67.30
C HIS N 408 -1.10 -38.81 66.02
N GLY N 409 -1.66 -40.01 65.97
CA GLY N 409 -2.20 -40.57 64.75
C GLY N 409 -1.48 -41.86 64.36
N VAL N 410 -2.09 -42.55 63.40
CA VAL N 410 -1.55 -43.83 62.93
C VAL N 410 -0.39 -43.66 61.97
N HIS N 411 -0.14 -42.43 61.52
CA HIS N 411 0.96 -42.13 60.60
C HIS N 411 2.26 -41.80 61.32
N LYS N 412 2.27 -41.79 62.65
CA LYS N 412 3.45 -41.45 63.43
C LYS N 412 4.18 -42.73 63.82
N ALA N 413 5.49 -42.75 63.60
CA ALA N 413 6.30 -43.91 63.94
C ALA N 413 6.39 -44.05 65.46
N PRO N 414 6.07 -45.21 66.02
CA PRO N 414 6.13 -45.39 67.47
C PRO N 414 7.54 -45.66 67.99
N ALA N 415 8.46 -44.76 67.66
CA ALA N 415 9.84 -44.85 68.10
C ALA N 415 10.28 -43.48 68.62
N ASN N 416 11.41 -43.47 69.32
CA ASN N 416 11.87 -42.30 70.09
C ASN N 416 10.85 -41.97 71.19
N GLU N 417 10.34 -43.02 71.84
CA GLU N 417 9.37 -42.91 72.91
C GLU N 417 9.88 -43.66 74.14
N THR N 418 9.45 -43.21 75.32
CA THR N 418 9.94 -43.74 76.57
C THR N 418 9.14 -44.97 77.02
N LEU N 419 9.83 -45.89 77.67
CA LEU N 419 9.22 -47.06 78.29
C LEU N 419 9.01 -46.80 79.77
N ARG N 420 7.78 -46.91 80.23
CA ARG N 420 7.42 -46.72 81.62
C ARG N 420 7.10 -48.07 82.25
N GLY N 421 7.48 -48.22 83.52
CA GLY N 421 7.13 -49.40 84.28
C GLY N 421 8.21 -50.45 84.41
N ILE N 422 9.45 -50.12 84.09
CA ILE N 422 10.56 -51.07 84.12
C ILE N 422 11.66 -50.51 85.01
N VAL N 423 12.68 -51.34 85.23
CA VAL N 423 13.82 -50.99 86.06
C VAL N 423 15.11 -50.90 85.23
N GLY N 424 15.34 -51.88 84.36
CA GLY N 424 16.51 -51.86 83.51
C GLY N 424 16.32 -52.80 82.35
N LEU N 425 17.38 -52.96 81.57
CA LEU N 425 17.39 -53.83 80.40
C LEU N 425 18.21 -55.08 80.69
N GLN N 426 18.23 -55.98 79.71
CA GLN N 426 19.07 -57.17 79.81
C GLN N 426 20.50 -56.87 79.43
N HIS N 427 20.71 -56.22 78.28
CA HIS N 427 22.00 -55.74 77.84
C HIS N 427 21.88 -54.30 77.40
N ASN N 428 23.01 -53.61 77.36
CA ASN N 428 23.10 -52.28 76.75
C ASN N 428 23.75 -52.44 75.38
N ILE N 429 23.04 -52.02 74.34
CA ILE N 429 23.51 -52.11 72.96
C ILE N 429 24.18 -50.79 72.59
N THR N 430 25.32 -50.89 71.91
CA THR N 430 26.07 -49.73 71.47
C THR N 430 25.66 -49.33 70.06
N LYS N 431 26.31 -48.29 69.55
CA LYS N 431 26.05 -47.83 68.18
C LYS N 431 26.73 -48.70 67.14
N GLY N 432 27.81 -49.40 67.50
CA GLY N 432 28.47 -50.29 66.56
C GLY N 432 27.69 -51.56 66.29
N GLU N 433 26.95 -52.05 67.28
CA GLU N 433 26.18 -53.28 67.11
C GLU N 433 24.86 -53.04 66.40
N GLN N 434 24.29 -51.84 66.54
CA GLN N 434 23.04 -51.54 65.85
C GLN N 434 23.25 -51.30 64.36
N ASP N 435 24.48 -50.95 63.95
CA ASP N 435 24.79 -50.86 62.53
C ASP N 435 24.74 -52.20 61.82
N VAL N 436 24.69 -53.30 62.58
CA VAL N 436 24.61 -54.63 62.01
C VAL N 436 23.18 -55.14 62.11
N LEU N 437 22.48 -54.75 63.17
CA LEU N 437 21.14 -55.25 63.45
C LEU N 437 20.05 -54.48 62.71
N ASN N 438 20.21 -53.17 62.56
CA ASN N 438 19.14 -52.37 61.98
C ASN N 438 18.86 -52.68 60.51
N PRO N 439 19.85 -52.87 59.63
CA PRO N 439 19.52 -53.25 58.24
C PRO N 439 18.90 -54.64 58.11
N LYS N 440 18.74 -55.39 59.20
CA LYS N 440 18.17 -56.72 59.15
C LYS N 440 16.71 -56.77 59.61
N GLY N 441 16.13 -55.64 59.99
CA GLY N 441 14.75 -55.61 60.44
C GLY N 441 14.54 -55.87 61.92
N ILE N 442 15.59 -55.82 62.73
CA ILE N 442 15.52 -56.08 64.15
C ILE N 442 15.52 -54.75 64.88
N ASN N 443 14.50 -54.49 65.69
CA ASN N 443 14.35 -53.22 66.39
C ASN N 443 14.92 -53.33 67.79
N CYS N 444 15.60 -52.26 68.22
CA CYS N 444 16.35 -52.28 69.46
C CYS N 444 15.75 -51.34 70.48
N ILE N 445 15.89 -51.71 71.75
CA ILE N 445 15.54 -50.86 72.88
C ILE N 445 16.85 -50.47 73.57
N ARG N 446 17.14 -49.17 73.60
CA ARG N 446 18.44 -48.69 74.06
C ARG N 446 18.25 -47.71 75.21
N SER N 447 19.36 -47.36 75.86
CA SER N 447 19.34 -46.44 76.98
C SER N 447 20.41 -45.38 76.76
N PHE N 448 20.00 -44.12 76.72
CA PHE N 448 20.88 -42.99 76.50
C PHE N 448 21.08 -42.24 77.80
N GLN N 449 22.31 -41.76 78.01
CA GLN N 449 22.65 -40.99 79.19
C GLN N 449 22.06 -39.59 79.08
N GLY N 450 21.24 -39.21 80.06
CA GLY N 450 20.54 -37.95 80.01
C GLY N 450 19.17 -38.01 79.35
N ARG N 451 18.82 -39.12 78.72
CA ARG N 451 17.54 -39.23 78.01
C ARG N 451 16.70 -40.43 78.39
N GLY N 452 17.29 -41.50 78.93
CA GLY N 452 16.49 -42.61 79.41
C GLY N 452 16.46 -43.79 78.45
N ILE N 453 15.48 -44.66 78.67
CA ILE N 453 15.32 -45.89 77.89
C ILE N 453 14.26 -45.64 76.82
N ARG N 454 14.62 -45.90 75.56
CA ARG N 454 13.74 -45.61 74.44
C ARG N 454 13.82 -46.71 73.39
N VAL N 455 12.76 -46.79 72.58
CA VAL N 455 12.74 -47.66 71.41
C VAL N 455 13.39 -46.92 70.24
N TRP N 456 14.39 -47.57 69.60
CA TRP N 456 15.19 -46.93 68.55
C TRP N 456 15.13 -47.83 67.30
N GLY N 457 14.07 -47.68 66.52
CA GLY N 457 13.89 -48.48 65.33
C GLY N 457 12.43 -48.72 64.99
N ALA N 458 12.06 -48.57 63.72
CA ALA N 458 10.66 -48.58 63.30
C ALA N 458 10.46 -49.33 61.98
N ARG N 459 11.07 -50.50 61.83
CA ARG N 459 10.96 -51.28 60.61
C ARG N 459 10.14 -52.55 60.81
N THR N 460 9.70 -53.13 59.70
CA THR N 460 9.07 -54.44 59.69
C THR N 460 10.08 -55.52 59.31
N THR N 461 9.65 -56.78 59.45
CA THR N 461 10.46 -57.93 59.09
C THR N 461 10.50 -58.18 57.58
N SER N 462 9.91 -57.31 56.79
CA SER N 462 9.69 -57.55 55.37
C SER N 462 10.95 -57.30 54.55
N SER N 463 11.05 -58.02 53.44
CA SER N 463 12.12 -57.82 52.46
C SER N 463 11.70 -56.96 51.28
N ASP N 464 10.40 -56.84 51.03
CA ASP N 464 9.89 -55.96 49.98
C ASP N 464 10.25 -54.52 50.31
N PRO N 465 10.83 -53.77 49.37
CA PRO N 465 11.19 -52.38 49.66
C PRO N 465 9.99 -51.46 49.80
N GLU N 466 8.81 -51.90 49.38
CA GLU N 466 7.62 -51.06 49.44
C GLU N 466 6.99 -51.02 50.82
N TRP N 467 7.28 -51.99 51.69
CA TRP N 467 6.70 -52.08 53.02
C TRP N 467 7.79 -52.11 54.08
N LYS N 468 8.80 -51.26 53.91
CA LYS N 468 9.92 -51.23 54.83
C LYS N 468 9.55 -50.59 56.17
N TYR N 469 8.70 -49.58 56.17
CA TYR N 469 8.37 -48.82 57.36
C TYR N 469 6.99 -49.22 57.89
N LEU N 470 6.85 -49.11 59.22
CA LEU N 470 5.74 -49.69 59.95
C LEU N 470 4.48 -48.83 59.85
N ASN N 471 4.65 -47.51 59.92
CA ASN N 471 3.50 -46.61 59.89
C ASN N 471 2.79 -46.64 58.54
N VAL N 472 3.50 -46.95 57.47
CA VAL N 472 2.87 -47.04 56.15
C VAL N 472 1.91 -48.23 56.11
N ARG N 473 2.34 -49.37 56.64
CA ARG N 473 1.47 -50.53 56.73
C ARG N 473 0.26 -50.26 57.60
N ARG N 474 0.47 -49.60 58.74
CA ARG N 474 -0.66 -49.32 59.63
C ARG N 474 -1.66 -48.36 58.99
N LEU N 475 -1.17 -47.33 58.30
CA LEU N 475 -2.05 -46.41 57.60
C LEU N 475 -2.86 -47.12 56.53
N PHE N 476 -2.23 -48.01 55.77
CA PHE N 476 -2.98 -48.72 54.74
C PHE N 476 -4.03 -49.64 55.33
N LEU N 477 -3.70 -50.32 56.44
CA LEU N 477 -4.72 -51.14 57.11
C LEU N 477 -5.93 -50.30 57.50
N PHE N 478 -5.68 -49.16 58.14
CA PHE N 478 -6.76 -48.26 58.55
C PHE N 478 -7.63 -47.85 57.37
N ILE N 479 -6.99 -47.37 56.30
CA ILE N 479 -7.73 -46.86 55.14
C ILE N 479 -8.56 -47.96 54.50
N GLU N 480 -7.95 -49.14 54.31
CA GLU N 480 -8.63 -50.20 53.59
C GLU N 480 -9.81 -50.74 54.39
N GLN N 481 -9.67 -50.85 55.71
CA GLN N 481 -10.81 -51.34 56.47
C GLN N 481 -11.94 -50.31 56.50
N SER N 482 -11.61 -49.02 56.61
CA SER N 482 -12.66 -48.01 56.56
C SER N 482 -13.42 -48.08 55.25
N ILE N 483 -12.71 -48.18 54.13
CA ILE N 483 -13.37 -48.26 52.82
C ILE N 483 -14.21 -49.52 52.73
N GLN N 484 -13.70 -50.66 53.19
CA GLN N 484 -14.46 -51.90 53.10
C GLN N 484 -15.77 -51.81 53.88
N GLU N 485 -15.72 -51.26 55.09
CA GLU N 485 -16.90 -51.29 55.94
C GLU N 485 -17.89 -50.17 55.64
N GLY N 486 -17.45 -49.07 55.03
CA GLY N 486 -18.34 -47.95 54.79
C GLY N 486 -18.85 -47.76 53.39
N THR N 487 -19.03 -48.83 52.60
CA THR N 487 -19.46 -48.68 51.22
C THR N 487 -20.45 -49.77 50.81
N GLN N 488 -21.09 -50.43 51.79
CA GLN N 488 -22.00 -51.52 51.45
C GLN N 488 -23.35 -51.04 50.91
N TRP N 489 -23.60 -49.73 50.90
CA TRP N 489 -24.82 -49.19 50.31
C TRP N 489 -24.80 -49.23 48.79
N ALA N 490 -23.63 -49.43 48.19
CA ALA N 490 -23.46 -49.29 46.74
C ALA N 490 -23.65 -50.59 45.98
N VAL N 491 -23.86 -51.72 46.67
CA VAL N 491 -24.04 -52.99 45.99
C VAL N 491 -25.46 -53.06 45.45
N PHE N 492 -25.60 -53.46 44.19
CA PHE N 492 -26.84 -53.62 43.44
C PHE N 492 -27.48 -52.30 43.03
N GLU N 493 -26.74 -51.20 43.12
CA GLU N 493 -27.21 -49.91 42.64
C GLU N 493 -27.00 -49.80 41.13
N PRO N 494 -27.74 -48.92 40.46
CA PRO N 494 -27.55 -48.77 39.01
C PRO N 494 -26.12 -48.37 38.64
N ASN N 495 -25.63 -48.98 37.58
CA ASN N 495 -24.25 -48.78 37.11
C ASN N 495 -24.22 -47.65 36.08
N GLU N 496 -24.36 -46.43 36.58
CA GLU N 496 -24.45 -45.25 35.72
C GLU N 496 -23.89 -44.04 36.47
N GLN N 497 -23.87 -42.90 35.77
CA GLN N 497 -23.03 -41.77 36.15
C GLN N 497 -23.35 -41.20 37.53
N ASP N 498 -24.60 -41.31 37.98
CA ASP N 498 -24.96 -40.78 39.30
C ASP N 498 -24.25 -41.53 40.42
N THR N 499 -24.31 -42.85 40.38
CA THR N 499 -23.61 -43.66 41.37
C THR N 499 -22.11 -43.40 41.34
N TRP N 500 -21.56 -43.23 40.14
CA TRP N 500 -20.13 -42.97 39.99
C TRP N 500 -19.74 -41.66 40.67
N GLY N 501 -20.48 -40.59 40.39
CA GLY N 501 -20.19 -39.32 41.03
C GLY N 501 -20.32 -39.39 42.53
N ARG N 502 -21.32 -40.11 43.02
CA ARG N 502 -21.54 -40.23 44.46
C ARG N 502 -20.36 -40.92 45.15
N ILE N 503 -19.93 -42.06 44.59
CA ILE N 503 -18.81 -42.82 45.16
C ILE N 503 -17.54 -42.00 45.13
N ARG N 504 -17.25 -41.36 43.98
CA ARG N 504 -16.06 -40.54 43.86
C ARG N 504 -16.04 -39.44 44.91
N GLN N 505 -17.19 -38.77 45.11
CA GLN N 505 -17.26 -37.68 46.07
C GLN N 505 -16.98 -38.15 47.49
N SER N 506 -17.58 -39.28 47.88
CA SER N 506 -17.35 -39.81 49.23
C SER N 506 -15.86 -40.11 49.46
N VAL N 507 -15.25 -40.84 48.54
CA VAL N 507 -13.87 -41.25 48.76
C VAL N 507 -12.94 -40.05 48.75
N THR N 508 -13.23 -39.05 47.92
CA THR N 508 -12.41 -37.84 47.91
C THR N 508 -12.50 -37.11 49.24
N ASN N 509 -13.71 -37.02 49.82
CA ASN N 509 -13.83 -36.36 51.13
C ASN N 509 -13.01 -37.07 52.19
N PHE N 510 -13.10 -38.41 52.23
CA PHE N 510 -12.33 -39.16 53.23
C PHE N 510 -10.83 -38.94 53.06
N LEU N 511 -10.33 -39.00 51.82
CA LEU N 511 -8.89 -38.86 51.62
C LEU N 511 -8.41 -37.44 51.89
N ARG N 512 -9.24 -36.43 51.62
CA ARG N 512 -8.86 -35.06 51.94
C ARG N 512 -8.77 -34.86 53.45
N THR N 513 -9.68 -35.49 54.19
CA THR N 513 -9.57 -35.45 55.64
C THR N 513 -8.27 -36.08 56.12
N VAL N 514 -7.92 -37.25 55.56
CA VAL N 514 -6.65 -37.89 55.95
C VAL N 514 -5.47 -36.99 55.63
N TRP N 515 -5.51 -36.30 54.48
CA TRP N 515 -4.42 -35.42 54.09
C TRP N 515 -4.27 -34.23 55.03
N ARG N 516 -5.40 -33.64 55.46
CA ARG N 516 -5.33 -32.47 56.32
C ARG N 516 -4.71 -32.75 57.68
N ASN N 517 -4.77 -33.99 58.16
CA ASN N 517 -4.24 -34.35 59.46
C ASN N 517 -2.77 -34.76 59.42
N GLY N 518 -2.08 -34.58 58.31
CA GLY N 518 -0.67 -34.86 58.23
C GLY N 518 -0.30 -36.25 57.79
N GLY N 519 -1.26 -37.07 57.34
CA GLY N 519 -0.96 -38.42 56.96
C GLY N 519 -0.45 -38.57 55.54
N LEU N 520 -0.84 -37.66 54.64
CA LEU N 520 -0.39 -37.68 53.26
C LEU N 520 0.50 -36.47 53.01
N GLN N 521 1.28 -36.55 51.94
CA GLN N 521 2.37 -35.61 51.71
C GLN N 521 2.18 -34.89 50.39
N GLY N 522 2.26 -33.57 50.43
CA GLY N 522 2.16 -32.74 49.24
C GLY N 522 1.59 -31.37 49.59
N GLN N 523 2.03 -30.36 48.84
CA GLN N 523 1.55 -29.00 49.05
C GLN N 523 0.20 -28.74 48.40
N SER N 524 -0.31 -29.67 47.60
CA SER N 524 -1.61 -29.53 46.97
C SER N 524 -2.30 -30.88 47.01
N GLU N 525 -3.60 -30.88 46.67
CA GLU N 525 -4.35 -32.12 46.67
C GLU N 525 -3.93 -33.04 45.55
N ASP N 526 -3.51 -32.47 44.41
CA ASP N 526 -3.07 -33.29 43.28
C ASP N 526 -1.79 -34.04 43.58
N ASP N 527 -0.97 -33.52 44.51
CA ASP N 527 0.26 -34.20 44.89
C ASP N 527 0.02 -35.33 45.87
N ALA N 528 -1.08 -35.27 46.64
CA ALA N 528 -1.29 -36.20 47.72
C ALA N 528 -2.07 -37.44 47.32
N PHE N 529 -3.05 -37.31 46.41
CA PHE N 529 -3.90 -38.45 46.06
C PHE N 529 -4.72 -38.13 44.82
N TYR N 530 -5.33 -39.17 44.27
CA TYR N 530 -6.35 -39.04 43.22
C TYR N 530 -7.33 -40.20 43.32
N VAL N 531 -8.54 -39.97 42.80
CA VAL N 531 -9.61 -40.96 42.71
C VAL N 531 -10.22 -40.90 41.32
N LYS N 532 -10.49 -42.08 40.73
CA LYS N 532 -11.02 -42.17 39.38
C LYS N 532 -12.15 -43.19 39.31
N CYS N 533 -13.25 -42.80 38.70
CA CYS N 533 -14.38 -43.71 38.46
C CYS N 533 -15.21 -43.13 37.32
N GLY N 534 -15.29 -43.86 36.21
CA GLY N 534 -16.03 -43.36 35.06
C GLY N 534 -15.79 -44.24 33.83
N GLU N 535 -15.73 -43.60 32.67
CA GLU N 535 -15.46 -44.31 31.43
C GLU N 535 -13.98 -44.45 31.14
N GLU N 536 -13.11 -43.93 31.99
CA GLU N 536 -11.69 -44.19 31.87
C GLU N 536 -11.26 -45.44 32.63
N THR N 537 -12.05 -45.87 33.61
CA THR N 537 -11.75 -47.08 34.36
C THR N 537 -12.60 -48.27 33.96
N MET N 538 -13.80 -48.03 33.41
CA MET N 538 -14.73 -49.08 33.05
C MET N 538 -14.94 -49.11 31.55
N SER N 539 -15.00 -50.31 30.98
CA SER N 539 -15.36 -50.52 29.59
C SER N 539 -16.78 -51.07 29.52
N GLU N 540 -17.21 -51.43 28.31
CA GLU N 540 -18.58 -51.91 28.11
C GLU N 540 -18.72 -53.36 28.55
N ASP N 541 -17.69 -54.18 28.34
CA ASP N 541 -17.69 -55.54 28.87
C ASP N 541 -17.81 -55.54 30.39
N ASP N 542 -17.30 -54.51 31.05
CA ASP N 542 -17.46 -54.39 32.50
C ASP N 542 -18.92 -54.13 32.87
N ILE N 543 -19.55 -53.17 32.20
CA ILE N 543 -20.93 -52.83 32.50
C ILE N 543 -21.85 -54.02 32.24
N ASP N 544 -21.61 -54.77 31.16
CA ASP N 544 -22.46 -55.90 30.85
C ASP N 544 -22.34 -57.04 31.85
N ASN N 545 -21.28 -57.07 32.67
CA ASN N 545 -21.07 -58.14 33.62
C ASN N 545 -21.24 -57.71 35.07
N GLY N 546 -21.54 -56.45 35.33
CA GLY N 546 -21.87 -56.01 36.67
C GLY N 546 -20.72 -55.52 37.51
N ARG N 547 -19.65 -55.03 36.90
CA ARG N 547 -18.45 -54.61 37.62
C ARG N 547 -18.37 -53.09 37.66
N LEU N 548 -18.14 -52.54 38.86
CA LEU N 548 -17.90 -51.12 39.06
C LEU N 548 -16.49 -50.97 39.62
N ILE N 549 -15.62 -50.26 38.91
CA ILE N 549 -14.20 -50.20 39.23
C ILE N 549 -13.83 -48.78 39.63
N VAL N 550 -13.13 -48.64 40.76
CA VAL N 550 -12.64 -47.36 41.27
C VAL N 550 -11.14 -47.48 41.48
N GLU N 551 -10.39 -46.49 41.01
CA GLU N 551 -8.94 -46.50 41.15
C GLU N 551 -8.46 -45.34 42.00
N ILE N 552 -7.66 -45.64 43.01
CA ILE N 552 -7.20 -44.65 43.99
C ILE N 552 -5.69 -44.68 44.07
N GLY N 553 -5.08 -43.51 44.08
CA GLY N 553 -3.63 -43.40 44.25
C GLY N 553 -3.28 -42.45 45.37
N VAL N 554 -2.32 -42.86 46.19
CA VAL N 554 -2.03 -42.17 47.45
C VAL N 554 -0.52 -42.07 47.63
N ALA N 555 -0.10 -41.11 48.46
CA ALA N 555 1.32 -40.88 48.76
C ALA N 555 1.54 -40.73 50.26
N PRO N 556 1.99 -41.78 50.94
CA PRO N 556 2.17 -41.72 52.38
C PRO N 556 3.44 -41.00 52.80
N VAL N 557 3.49 -40.63 54.07
CA VAL N 557 4.64 -39.92 54.64
C VAL N 557 5.47 -40.92 55.42
N LYS N 558 6.79 -40.73 55.41
CA LYS N 558 7.76 -41.64 55.99
C LYS N 558 8.61 -40.93 57.03
N PRO N 559 9.20 -41.67 57.97
CA PRO N 559 9.94 -41.02 59.05
C PRO N 559 11.33 -40.54 58.64
N ALA N 560 11.89 -39.70 59.50
CA ALA N 560 13.25 -39.18 59.34
C ALA N 560 14.16 -39.98 60.25
N GLU N 561 14.92 -40.90 59.66
CA GLU N 561 15.74 -41.83 60.41
C GLU N 561 17.18 -41.33 60.58
N PHE N 562 17.67 -40.55 59.62
CA PHE N 562 19.02 -40.00 59.65
C PHE N 562 18.94 -38.50 59.48
N VAL N 563 19.38 -37.76 60.48
CA VAL N 563 19.38 -36.30 60.48
C VAL N 563 20.81 -35.87 60.24
N ILE N 564 21.06 -35.21 59.11
CA ILE N 564 22.41 -34.94 58.61
C ILE N 564 22.62 -33.44 58.53
N PHE N 565 23.76 -32.97 59.03
CA PHE N 565 24.15 -31.56 59.00
C PHE N 565 25.49 -31.44 58.29
N ARG N 566 25.49 -30.80 57.13
CA ARG N 566 26.71 -30.58 56.35
C ARG N 566 27.09 -29.10 56.47
N ILE N 567 28.20 -28.84 57.16
CA ILE N 567 28.61 -27.48 57.52
C ILE N 567 29.93 -27.15 56.84
N SER N 568 30.03 -25.95 56.28
CA SER N 568 31.23 -25.50 55.58
C SER N 568 31.52 -24.05 55.94
N GLN N 569 32.59 -23.52 55.37
CA GLN N 569 33.03 -22.14 55.60
C GLN N 569 32.72 -21.21 54.45
N ASP N 570 32.10 -21.70 53.39
CA ASP N 570 31.90 -20.89 52.20
C ASP N 570 30.60 -20.10 52.32
N THR N 571 30.68 -18.80 52.05
CA THR N 571 29.53 -17.89 52.03
C THR N 571 28.74 -17.95 53.34
N SER O 2 29.63 -40.28 53.63
CA SER O 2 29.49 -41.04 54.86
C SER O 2 28.44 -42.14 54.68
N GLU O 3 28.43 -43.11 55.59
CA GLU O 3 27.47 -44.21 55.56
C GLU O 3 26.58 -44.14 56.79
N TYR O 4 25.29 -44.41 56.59
CA TYR O 4 24.27 -44.27 57.63
C TYR O 4 23.60 -45.63 57.83
N GLN O 5 23.96 -46.31 58.93
CA GLN O 5 23.43 -47.63 59.22
C GLN O 5 22.58 -47.70 60.48
N SER O 6 22.77 -46.77 61.42
CA SER O 6 21.92 -46.72 62.61
C SER O 6 21.37 -45.32 62.78
N PRO O 7 20.15 -45.20 63.31
CA PRO O 7 19.51 -43.89 63.40
C PRO O 7 20.20 -42.96 64.39
N GLY O 8 20.17 -41.67 64.08
CA GLY O 8 20.77 -40.68 64.94
C GLY O 8 21.00 -39.37 64.20
N VAL O 9 21.82 -38.53 64.80
CA VAL O 9 22.19 -37.22 64.26
C VAL O 9 23.64 -37.29 63.78
N TYR O 10 23.90 -36.73 62.61
CA TYR O 10 25.22 -36.70 62.00
C TYR O 10 25.60 -35.27 61.65
N VAL O 11 26.84 -34.90 61.98
CA VAL O 11 27.38 -33.58 61.64
C VAL O 11 28.66 -33.79 60.82
N GLU O 12 28.73 -33.16 59.66
CA GLU O 12 29.82 -33.37 58.73
C GLU O 12 30.40 -32.04 58.26
N GLU O 13 31.71 -32.02 58.04
CA GLU O 13 32.44 -30.84 57.58
C GLU O 13 32.74 -30.94 56.10
N VAL O 14 32.61 -29.82 55.40
CA VAL O 14 32.83 -29.74 53.97
C VAL O 14 34.00 -28.82 53.70
N GLN O 15 34.68 -29.04 52.58
CA GLN O 15 35.77 -28.17 52.16
C GLN O 15 35.23 -26.93 51.46
N SER O 16 35.92 -25.80 51.67
CA SER O 16 35.45 -24.52 51.19
C SER O 16 35.97 -24.25 49.77
N GLY O 17 35.66 -23.07 49.25
CA GLY O 17 35.87 -22.74 47.86
C GLY O 17 37.18 -22.09 47.49
N SER O 18 38.06 -21.80 48.45
CA SER O 18 39.37 -21.25 48.14
C SER O 18 40.28 -21.42 49.34
N LYS O 19 41.57 -21.60 49.05
CA LYS O 19 42.59 -21.78 50.08
C LYS O 19 43.69 -20.76 49.88
N SER O 20 44.10 -20.12 50.96
CA SER O 20 45.03 -19.01 50.86
C SER O 20 46.46 -19.49 50.61
N VAL O 21 47.20 -18.68 49.84
CA VAL O 21 48.63 -18.87 49.63
C VAL O 21 49.36 -17.75 50.36
N GLU O 22 50.49 -18.09 50.97
CA GLU O 22 51.28 -17.12 51.72
C GLU O 22 52.67 -17.00 51.10
N GLY O 23 53.17 -15.76 51.01
CA GLY O 23 54.48 -15.53 50.45
C GLY O 23 55.61 -15.97 51.37
N VAL O 24 56.75 -16.26 50.76
CA VAL O 24 57.90 -16.80 51.47
C VAL O 24 58.90 -15.67 51.73
N SER O 25 59.86 -15.96 52.61
CA SER O 25 60.93 -15.01 52.93
C SER O 25 61.82 -14.76 51.72
N THR O 26 62.37 -13.55 51.63
CA THR O 26 63.18 -13.14 50.49
C THR O 26 64.43 -12.34 50.81
N SER O 27 64.83 -12.21 52.07
CA SER O 27 65.96 -11.34 52.41
C SER O 27 66.98 -12.02 53.32
N THR O 28 67.10 -13.34 53.26
CA THR O 28 68.10 -14.07 54.03
C THR O 28 69.28 -14.42 53.12
N ALA O 29 70.48 -14.38 53.69
CA ALA O 29 71.70 -14.61 52.95
C ALA O 29 72.51 -15.76 53.55
N GLY O 30 73.44 -16.26 52.77
CA GLY O 30 74.34 -17.31 53.23
C GLY O 30 75.78 -16.98 52.92
N PHE O 31 76.65 -17.17 53.90
CA PHE O 31 78.06 -16.83 53.76
C PHE O 31 78.93 -18.03 54.10
N LEU O 32 80.06 -18.14 53.41
CA LEU O 32 81.04 -19.21 53.63
C LEU O 32 82.43 -18.60 53.74
N GLY O 33 83.26 -19.18 54.59
CA GLY O 33 84.60 -18.68 54.78
C GLY O 33 85.19 -19.13 56.10
N GLN O 34 86.43 -18.70 56.34
CA GLN O 34 87.22 -19.16 57.47
C GLN O 34 87.01 -18.28 58.70
N THR O 35 87.04 -18.92 59.87
CA THR O 35 86.92 -18.26 61.16
C THR O 35 87.96 -18.89 62.11
N GLU O 36 88.05 -18.39 63.33
CA GLU O 36 88.99 -18.92 64.31
C GLU O 36 88.33 -19.90 65.28
N ARG O 37 87.07 -19.68 65.64
CA ARG O 37 86.31 -20.56 66.53
C ARG O 37 85.03 -20.97 65.84
N GLY O 38 84.28 -21.87 66.47
CA GLY O 38 82.92 -22.12 66.08
C GLY O 38 82.65 -23.50 65.54
N PRO O 39 81.38 -23.86 65.46
CA PRO O 39 81.00 -25.15 64.86
C PRO O 39 81.02 -25.08 63.34
N VAL O 40 81.02 -26.26 62.73
CA VAL O 40 81.05 -26.37 61.27
C VAL O 40 79.69 -26.69 60.67
N GLU O 41 78.63 -26.76 61.47
CA GLU O 41 77.29 -26.82 60.91
C GLU O 41 76.74 -25.41 60.77
N PRO O 42 75.88 -25.17 59.77
CA PRO O 42 75.38 -23.82 59.52
C PRO O 42 74.53 -23.31 60.67
N ARG O 43 74.74 -22.05 61.04
CA ARG O 43 74.01 -21.46 62.16
C ARG O 43 73.46 -20.10 61.75
N LEU O 44 72.30 -19.76 62.33
CA LEU O 44 71.63 -18.51 62.03
C LEU O 44 72.11 -17.40 62.94
N VAL O 45 72.39 -16.24 62.36
CA VAL O 45 72.86 -15.05 63.07
C VAL O 45 71.97 -13.88 62.66
N THR O 46 71.59 -13.05 63.63
CA THR O 46 70.70 -11.92 63.36
C THR O 46 71.32 -10.59 63.74
N ASN O 47 72.62 -10.57 64.06
CA ASN O 47 73.25 -9.38 64.61
C ASN O 47 74.74 -9.63 64.64
N TYR O 48 75.53 -8.55 64.59
CA TYR O 48 76.98 -8.71 64.50
C TYR O 48 77.60 -9.14 65.83
N ALA O 49 77.00 -8.74 66.95
CA ALA O 49 77.50 -9.18 68.24
C ALA O 49 77.34 -10.68 68.42
N ASP O 50 76.24 -11.25 67.92
CA ASP O 50 76.09 -12.70 67.88
C ASP O 50 77.23 -13.35 67.12
N PHE O 51 77.62 -12.76 65.98
CA PHE O 51 78.70 -13.32 65.18
C PHE O 51 80.01 -13.30 65.95
N GLU O 52 80.36 -12.16 66.55
CA GLU O 52 81.60 -12.12 67.33
C GLU O 52 81.56 -13.06 68.52
N ARG O 53 80.39 -13.26 69.12
CA ARG O 53 80.30 -14.15 70.28
C ARG O 53 80.43 -15.62 69.91
N LEU O 54 79.85 -16.04 68.79
CA LEU O 54 79.87 -17.45 68.42
C LEU O 54 81.11 -17.86 67.64
N TYR O 55 81.71 -16.95 66.87
CA TYR O 55 82.76 -17.30 65.93
C TYR O 55 84.08 -16.60 66.19
N GLY O 56 84.07 -15.30 66.47
CA GLY O 56 85.30 -14.58 66.71
C GLY O 56 85.77 -13.77 65.51
N ALA O 57 87.07 -13.80 65.24
CA ALA O 57 87.66 -13.07 64.13
C ALA O 57 88.14 -14.03 63.05
N SER O 58 88.52 -13.46 61.91
CA SER O 58 89.04 -14.24 60.80
C SER O 58 90.56 -14.23 60.79
N PRO O 59 91.19 -15.28 60.26
CA PRO O 59 92.65 -15.26 60.09
C PRO O 59 93.04 -14.28 59.00
N LYS O 60 94.35 -14.21 58.76
CA LYS O 60 94.87 -13.25 57.78
C LYS O 60 94.61 -13.68 56.35
N SER O 61 94.16 -14.91 56.13
CA SER O 61 93.91 -15.42 54.79
C SER O 61 92.44 -15.40 54.41
N SER O 62 91.60 -14.69 55.17
CA SER O 62 90.17 -14.65 54.92
C SER O 62 89.64 -13.27 55.25
N ASP O 63 88.50 -12.94 54.65
CA ASP O 63 87.85 -11.64 54.86
C ASP O 63 86.36 -11.81 55.13
N LEU O 64 86.02 -12.77 55.97
CA LEU O 64 84.62 -13.04 56.31
C LEU O 64 84.08 -12.00 57.29
N ASP O 65 84.86 -11.71 58.33
CA ASP O 65 84.45 -10.74 59.34
C ASP O 65 84.07 -9.40 58.72
N ALA O 66 84.87 -8.96 57.75
CA ALA O 66 84.63 -7.69 57.08
C ALA O 66 83.36 -7.73 56.26
N ALA O 67 83.09 -8.88 55.62
CA ALA O 67 81.90 -9.01 54.78
C ALA O 67 80.63 -9.05 55.63
N VAL O 68 80.65 -9.73 56.77
CA VAL O 68 79.49 -9.77 57.63
C VAL O 68 79.23 -8.40 58.25
N ASP O 69 80.30 -7.70 58.62
CA ASP O 69 80.16 -6.33 59.12
C ASP O 69 79.55 -5.42 58.06
N GLY O 70 80.02 -5.51 56.81
CA GLY O 70 79.42 -4.72 55.76
C GLY O 70 77.98 -5.10 55.47
N PHE O 71 77.63 -6.37 55.66
CA PHE O 71 76.24 -6.79 55.48
C PHE O 71 75.35 -6.12 56.50
N PHE O 72 75.74 -6.15 57.78
CA PHE O 72 74.86 -5.60 58.81
C PHE O 72 74.90 -4.08 58.89
N LYS O 73 75.97 -3.43 58.40
CA LYS O 73 76.00 -1.97 58.38
C LYS O 73 75.07 -1.39 57.31
N ASN O 74 74.63 -2.19 56.35
CA ASN O 74 73.85 -1.71 55.23
C ASN O 74 72.38 -2.06 55.33
N GLY O 75 71.93 -2.60 56.45
CA GLY O 75 70.54 -2.91 56.66
C GLY O 75 70.13 -4.35 56.47
N GLY O 76 71.06 -5.29 56.54
CA GLY O 76 70.71 -6.69 56.44
C GLY O 76 70.09 -7.21 57.71
N SER O 77 69.28 -8.27 57.57
CA SER O 77 68.48 -8.80 58.66
C SER O 77 68.99 -10.13 59.20
N ARG O 78 69.27 -11.11 58.35
CA ARG O 78 69.58 -12.46 58.82
C ARG O 78 70.63 -13.10 57.94
N CYS O 79 71.61 -13.74 58.59
CA CYS O 79 72.66 -14.48 57.93
C CYS O 79 72.60 -15.94 58.34
N PHE O 80 73.00 -16.82 57.42
CA PHE O 80 73.37 -18.19 57.75
C PHE O 80 74.86 -18.34 57.52
N ILE O 81 75.59 -18.67 58.58
CA ILE O 81 77.04 -18.79 58.53
C ILE O 81 77.42 -20.26 58.47
N GLY O 82 78.31 -20.59 57.54
CA GLY O 82 78.92 -21.90 57.46
C GLY O 82 80.44 -21.80 57.50
N ARG O 83 81.05 -22.40 58.52
CA ARG O 83 82.48 -22.29 58.75
C ARG O 83 83.22 -23.37 57.97
N VAL O 84 84.20 -22.95 57.18
CA VAL O 84 85.06 -23.85 56.41
C VAL O 84 86.39 -23.94 57.13
N SER O 85 86.87 -25.17 57.34
CA SER O 85 88.07 -25.40 58.12
C SER O 85 89.00 -26.37 57.41
N GLY O 86 90.30 -26.09 57.48
CA GLY O 86 91.30 -26.97 56.92
C GLY O 86 91.68 -28.15 57.79
N ALA O 87 91.19 -28.21 59.03
CA ALA O 87 91.49 -29.30 59.93
C ALA O 87 90.40 -30.36 59.87
N ASP O 88 90.77 -31.60 60.23
CA ASP O 88 89.81 -32.68 60.29
C ASP O 88 88.71 -32.37 61.29
N ILE O 89 87.50 -32.84 60.99
CA ILE O 89 86.33 -32.52 61.80
C ILE O 89 86.45 -33.09 63.21
N ASP O 90 87.22 -34.17 63.39
CA ASP O 90 87.35 -34.82 64.68
C ASP O 90 88.64 -34.44 65.41
N ASP O 91 89.39 -33.46 64.90
CA ASP O 91 90.57 -32.93 65.59
C ASP O 91 90.12 -31.88 66.60
N VAL O 92 89.55 -32.37 67.69
CA VAL O 92 88.91 -31.54 68.71
C VAL O 92 89.58 -31.81 70.05
N ALA O 93 89.72 -30.76 70.86
CA ALA O 93 90.27 -30.89 72.20
C ALA O 93 89.23 -31.43 73.17
N THR O 94 89.67 -32.28 74.10
CA THR O 94 88.79 -32.98 75.02
C THR O 94 89.32 -32.86 76.44
N GLY O 95 88.54 -33.40 77.38
CA GLY O 95 88.89 -33.37 78.79
C GLY O 95 88.00 -34.31 79.57
N ILE O 96 88.28 -34.40 80.87
CA ILE O 96 87.63 -35.37 81.76
C ILE O 96 87.39 -34.71 83.12
N LEU O 97 86.24 -35.01 83.72
CA LEU O 97 85.93 -34.61 85.09
C LEU O 97 85.89 -35.85 85.99
N ALA O 98 86.48 -35.72 87.18
CA ALA O 98 86.64 -36.84 88.08
C ALA O 98 85.89 -36.60 89.39
N ASP O 99 85.58 -37.71 90.08
CA ASP O 99 84.78 -37.69 91.29
C ASP O 99 85.68 -37.72 92.55
N ASP O 100 85.05 -37.98 93.70
CA ASP O 100 85.72 -37.93 94.99
C ASP O 100 86.92 -38.87 95.07
N GLU O 101 86.77 -40.12 94.65
CA GLU O 101 87.86 -41.10 94.74
C GLU O 101 88.45 -41.45 93.39
N GLY O 102 88.22 -40.63 92.36
CA GLY O 102 88.92 -40.81 91.09
C GLY O 102 88.20 -41.67 90.08
N ASN O 103 86.94 -41.34 89.79
CA ASN O 103 86.18 -41.97 88.72
C ASN O 103 85.78 -40.89 87.72
N GLU O 104 85.98 -41.17 86.44
CA GLU O 104 85.57 -40.23 85.42
C GLU O 104 84.04 -40.23 85.29
N ILE O 105 83.43 -39.09 85.58
CA ILE O 105 81.98 -38.98 85.63
C ILE O 105 81.41 -38.22 84.44
N ALA O 106 82.19 -37.37 83.78
CA ALA O 106 81.72 -36.59 82.64
C ALA O 106 82.85 -36.44 81.63
N GLU O 107 82.48 -36.00 80.44
CA GLU O 107 83.45 -35.80 79.37
C GLU O 107 83.16 -34.47 78.69
N VAL O 108 84.19 -33.62 78.61
CA VAL O 108 84.09 -32.26 78.10
C VAL O 108 84.77 -32.20 76.74
N GLU O 109 84.17 -31.48 75.80
CA GLU O 109 84.67 -31.44 74.43
C GLU O 109 84.45 -30.06 73.83
N ALA O 110 85.44 -29.57 73.10
CA ALA O 110 85.33 -28.24 72.50
C ALA O 110 84.23 -28.20 71.44
N ASN O 111 83.72 -27.00 71.20
CA ASN O 111 82.62 -26.79 70.26
C ASN O 111 83.16 -26.42 68.87
N GLY O 112 83.94 -27.34 68.31
CA GLY O 112 84.53 -27.13 67.01
C GLY O 112 85.99 -27.54 66.96
N PRO O 113 86.48 -27.88 65.77
CA PRO O 113 87.86 -28.32 65.64
C PRO O 113 88.84 -27.17 65.50
N GLY O 114 90.08 -27.45 65.90
CA GLY O 114 91.17 -26.49 65.78
C GLY O 114 91.95 -26.36 67.08
N GLN O 115 93.04 -25.62 66.97
CA GLN O 115 93.94 -25.43 68.10
C GLN O 115 93.38 -24.50 69.18
N TRP O 116 92.37 -23.70 68.83
CA TRP O 116 91.79 -22.77 69.80
C TRP O 116 91.30 -23.48 71.06
N GLY O 117 90.79 -24.71 70.90
CA GLY O 117 90.31 -25.47 72.05
C GLY O 117 91.36 -25.76 73.09
N GLU O 118 92.64 -25.61 72.76
CA GLU O 118 93.69 -25.79 73.76
C GLU O 118 93.74 -24.64 74.75
N SER O 119 92.99 -23.56 74.53
CA SER O 119 93.02 -22.39 75.39
C SER O 119 91.73 -22.21 76.19
N VAL O 120 90.98 -23.28 76.39
CA VAL O 120 89.73 -23.24 77.15
C VAL O 120 89.98 -23.87 78.51
N ALA O 121 89.59 -23.17 79.56
CA ALA O 121 89.74 -23.67 80.93
C ALA O 121 88.38 -23.87 81.57
N VAL O 122 88.22 -24.99 82.27
CA VAL O 122 87.00 -25.33 82.98
C VAL O 122 87.31 -25.37 84.47
N ILE O 123 86.47 -24.69 85.26
CA ILE O 123 86.69 -24.53 86.70
C ILE O 123 85.44 -24.99 87.44
N VAL O 124 85.61 -25.89 88.39
CA VAL O 124 84.51 -26.40 89.21
C VAL O 124 84.72 -25.93 90.64
N GLU O 125 83.65 -25.40 91.25
CA GLU O 125 83.69 -24.99 92.65
C GLU O 125 82.40 -25.43 93.33
N ASP O 126 82.38 -25.35 94.66
CA ASP O 126 81.25 -25.83 95.44
C ASP O 126 80.35 -24.68 95.86
N SER O 127 79.06 -24.98 95.95
CA SER O 127 78.02 -23.99 96.23
C SER O 127 77.64 -24.00 97.71
N GLN O 128 77.03 -22.90 98.13
CA GLN O 128 76.59 -22.73 99.51
C GLN O 128 75.40 -23.59 99.88
N TYR O 129 74.70 -24.14 98.92
CA TYR O 129 73.56 -24.99 99.20
C TYR O 129 73.94 -26.46 99.10
N PRO O 130 73.33 -27.31 99.92
CA PRO O 130 73.68 -28.73 99.90
C PRO O 130 73.39 -29.37 98.54
N ASN O 131 74.34 -30.20 98.10
CA ASN O 131 74.23 -30.98 96.87
C ASN O 131 74.21 -30.11 95.62
N GLN O 132 74.97 -29.01 95.61
CA GLN O 132 75.00 -28.11 94.47
C GLN O 132 76.42 -27.60 94.26
N PHE O 133 76.73 -27.22 93.02
CA PHE O 133 78.06 -26.74 92.69
C PHE O 133 77.97 -25.77 91.51
N ASP O 134 79.05 -25.01 91.32
CA ASP O 134 79.16 -24.01 90.27
C ASP O 134 80.21 -24.43 89.24
N ILE O 135 79.99 -24.03 87.98
CA ILE O 135 80.92 -24.32 86.89
C ILE O 135 81.18 -23.03 86.12
N THR O 136 82.44 -22.83 85.73
CA THR O 136 82.86 -21.67 84.96
C THR O 136 83.72 -22.12 83.78
N VAL O 137 83.55 -21.46 82.64
CA VAL O 137 84.33 -21.73 81.44
C VAL O 137 84.95 -20.43 80.95
N ARG O 138 86.26 -20.45 80.71
CA ARG O 138 87.03 -19.27 80.33
C ARG O 138 87.83 -19.52 79.06
N TYR O 139 87.96 -18.49 78.23
CA TYR O 139 88.73 -18.59 76.99
C TYR O 139 89.53 -17.32 76.73
N TRP O 140 90.82 -17.49 76.45
CA TRP O 140 91.75 -16.41 76.11
C TRP O 140 92.15 -16.52 74.65
N SER O 141 92.15 -15.40 73.94
CA SER O 141 92.49 -15.38 72.53
C SER O 141 93.98 -15.29 72.26
N GLY O 142 94.77 -14.82 73.21
CA GLY O 142 96.17 -14.60 73.01
C GLY O 142 97.04 -15.70 73.58
N ASP O 143 98.21 -15.31 74.08
CA ASP O 143 99.20 -16.24 74.56
C ASP O 143 98.78 -16.82 75.91
N LEU O 144 99.08 -18.11 76.12
CA LEU O 144 98.84 -18.74 77.42
C LEU O 144 100.02 -18.55 78.36
N GLU O 145 101.23 -18.36 77.81
CA GLU O 145 102.42 -18.18 78.63
C GLU O 145 102.35 -16.94 79.52
N ALA O 146 101.50 -15.98 79.18
CA ALA O 146 101.41 -14.73 79.92
C ALA O 146 100.25 -14.68 80.91
N VAL O 147 99.44 -15.74 80.98
CA VAL O 147 98.29 -15.77 81.87
C VAL O 147 98.80 -16.14 83.26
N SER O 148 98.66 -15.21 84.21
CA SER O 148 99.24 -15.40 85.54
C SER O 148 98.34 -16.24 86.43
N LYS O 149 97.11 -15.76 86.68
CA LYS O 149 96.16 -16.41 87.59
C LYS O 149 94.92 -16.80 86.80
N PRO O 150 94.96 -17.92 86.08
CA PRO O 150 93.76 -18.34 85.35
C PRO O 150 92.62 -18.78 86.25
N HIS O 151 92.90 -19.14 87.50
CA HIS O 151 91.90 -19.63 88.42
C HIS O 151 91.35 -18.55 89.34
N GLY O 152 92.07 -17.45 89.54
CA GLY O 152 91.64 -16.41 90.44
C GLY O 152 90.45 -15.64 89.93
N ASP O 153 89.96 -14.73 90.77
CA ASP O 153 88.83 -13.89 90.41
C ASP O 153 89.16 -12.85 89.35
N ARG O 154 90.44 -12.56 89.15
CA ARG O 154 90.89 -11.59 88.15
C ARG O 154 92.19 -12.07 87.52
N PRO O 155 92.12 -12.77 86.40
CA PRO O 155 93.34 -13.19 85.71
C PRO O 155 94.12 -12.00 85.16
N ASP O 156 95.40 -12.24 84.86
CA ASP O 156 96.28 -11.14 84.47
C ASP O 156 95.82 -10.44 83.20
N PRO O 157 95.64 -11.13 82.04
CA PRO O 157 94.82 -10.56 80.97
C PRO O 157 93.39 -11.03 81.11
N SER O 158 92.46 -10.10 81.07
CA SER O 158 91.05 -10.46 81.21
C SER O 158 90.65 -11.40 80.09
N PRO O 159 89.96 -12.50 80.39
CA PRO O 159 89.66 -13.50 79.35
C PRO O 159 88.74 -12.94 78.28
N ASP O 160 88.85 -13.54 77.10
CA ASP O 160 88.05 -13.08 75.96
C ASP O 160 86.61 -13.55 76.06
N VAL O 161 86.38 -14.77 76.57
CA VAL O 161 85.02 -15.28 76.76
C VAL O 161 84.89 -15.85 78.16
N GLU O 162 83.72 -15.65 78.76
CA GLU O 162 83.42 -15.99 80.14
C GLU O 162 82.02 -16.56 80.22
N GLU O 163 81.86 -17.70 80.90
CA GLU O 163 80.53 -18.28 81.12
C GLU O 163 80.44 -18.88 82.51
N VAL O 164 79.34 -18.62 83.21
CA VAL O 164 79.14 -19.06 84.59
C VAL O 164 77.79 -19.74 84.70
N TYR O 165 77.74 -20.87 85.41
CA TYR O 165 76.51 -21.60 85.67
C TYR O 165 76.48 -22.00 87.14
N ASP O 166 75.44 -21.57 87.86
CA ASP O 166 75.43 -21.57 89.31
C ASP O 166 74.68 -22.74 89.94
N GLY O 167 73.39 -22.91 89.63
CA GLY O 167 72.61 -23.88 90.36
C GLY O 167 72.59 -25.28 89.76
N LEU O 168 73.72 -25.99 89.80
CA LEU O 168 73.83 -27.28 89.14
C LEU O 168 73.68 -28.43 90.14
N SER O 169 73.25 -29.57 89.63
CA SER O 169 73.04 -30.77 90.42
C SER O 169 73.49 -31.99 89.62
N ALA O 170 73.61 -33.11 90.31
CA ALA O 170 73.99 -34.38 89.69
C ALA O 170 72.81 -35.36 89.60
N ASP O 171 71.58 -34.88 89.74
CA ASP O 171 70.39 -35.73 89.63
C ASP O 171 69.89 -35.71 88.20
N PRO O 172 69.90 -36.84 87.48
CA PRO O 172 69.52 -36.81 86.05
C PRO O 172 68.07 -36.48 85.81
N GLU O 173 67.19 -36.65 86.78
CA GLU O 173 65.76 -36.38 86.59
C GLU O 173 65.37 -34.97 86.98
N ALA O 174 66.30 -34.18 87.51
CA ALA O 174 66.04 -32.80 87.86
C ALA O 174 66.19 -31.91 86.63
N SER O 175 65.70 -30.68 86.75
CA SER O 175 65.84 -29.71 85.68
C SER O 175 67.10 -28.88 85.78
N ASN O 176 67.82 -28.97 86.91
CA ASN O 176 69.12 -28.33 87.07
C ASN O 176 70.27 -29.32 86.94
N PHE O 177 70.04 -30.46 86.29
CA PHE O 177 71.13 -31.37 85.96
C PHE O 177 72.10 -30.68 85.00
N TYR O 178 73.40 -30.85 85.24
CA TYR O 178 74.39 -30.04 84.54
C TYR O 178 74.42 -30.31 83.05
N GLU O 179 74.08 -31.54 82.64
CA GLU O 179 74.03 -31.86 81.22
C GLU O 179 72.98 -31.02 80.49
N LYS O 180 71.86 -30.71 81.16
CA LYS O 180 70.82 -29.91 80.53
C LYS O 180 71.12 -28.42 80.60
N GLN O 181 71.85 -27.98 81.62
CA GLN O 181 72.10 -26.56 81.79
C GLN O 181 73.26 -26.09 80.93
N LEU O 182 74.30 -26.89 80.81
CA LEU O 182 75.45 -26.52 79.98
C LEU O 182 75.21 -26.73 78.50
N GLU O 183 73.98 -27.02 78.09
CA GLU O 183 73.73 -27.32 76.68
C GLU O 183 73.73 -26.05 75.84
N SER O 184 73.37 -24.92 76.44
CA SER O 184 73.43 -23.63 75.76
C SER O 184 74.75 -22.96 76.14
N SER O 185 75.81 -23.33 75.42
CA SER O 185 77.14 -22.80 75.66
C SER O 185 77.87 -22.74 74.34
N VAL O 186 78.52 -21.61 74.07
CA VAL O 186 79.21 -21.42 72.80
C VAL O 186 80.63 -21.99 72.79
N LEU O 187 81.07 -22.60 73.89
CA LEU O 187 82.46 -23.03 73.99
C LEU O 187 82.63 -24.54 74.09
N VAL O 188 81.84 -25.22 74.93
CA VAL O 188 82.09 -26.61 75.26
C VAL O 188 80.80 -27.42 75.15
N ASP O 189 80.95 -28.74 75.29
CA ASP O 189 79.88 -29.72 75.31
C ASP O 189 80.19 -30.74 76.40
N ILE O 190 79.16 -31.17 77.12
CA ILE O 190 79.31 -32.11 78.23
C ILE O 190 78.54 -33.39 77.90
N GLU O 191 79.11 -34.52 78.27
CA GLU O 191 78.41 -35.80 78.14
C GLU O 191 78.57 -36.60 79.43
N TYR O 192 77.47 -37.22 79.86
CA TYR O 192 77.43 -37.90 81.14
C TYR O 192 77.94 -39.33 81.03
N LYS O 193 78.74 -39.75 81.99
CA LYS O 193 79.30 -41.10 82.01
C LYS O 193 78.89 -41.92 83.21
N ASP O 194 79.07 -41.42 84.43
CA ASP O 194 78.90 -42.22 85.63
C ASP O 194 78.34 -41.35 86.75
N ASP O 195 77.96 -41.99 87.85
CA ASP O 195 77.31 -41.31 88.97
C ASP O 195 78.37 -40.68 89.87
N GLY O 196 78.15 -39.44 90.26
CA GLY O 196 79.06 -38.75 91.15
C GLY O 196 78.93 -37.26 91.00
N THR O 197 79.80 -36.56 91.70
CA THR O 197 79.89 -35.10 91.64
C THR O 197 81.36 -34.70 91.56
N PRO O 198 81.71 -33.71 90.74
CA PRO O 198 83.13 -33.43 90.49
C PRO O 198 83.77 -32.68 91.65
N VAL O 199 85.10 -32.81 91.74
CA VAL O 199 85.90 -32.12 92.74
C VAL O 199 86.30 -30.76 92.20
N ASP O 200 86.61 -29.84 93.11
CA ASP O 200 86.93 -28.47 92.71
C ASP O 200 88.27 -28.40 91.99
N GLY O 201 88.45 -27.34 91.21
CA GLY O 201 89.73 -27.08 90.58
C GLY O 201 89.56 -26.66 89.14
N LEU O 202 90.70 -26.50 88.47
CA LEU O 202 90.78 -26.03 87.10
C LEU O 202 91.36 -27.12 86.21
N THR O 203 90.98 -27.10 84.93
CA THR O 203 91.51 -28.07 83.98
C THR O 203 91.46 -27.50 82.57
N TRP O 204 92.50 -27.82 81.79
CA TRP O 204 92.61 -27.42 80.39
C TRP O 204 92.29 -28.60 79.48
N LEU O 205 91.85 -28.28 78.26
CA LEU O 205 91.55 -29.29 77.25
C LEU O 205 92.80 -29.56 76.40
N HIS O 206 93.15 -30.84 76.26
CA HIS O 206 94.43 -31.23 75.68
C HIS O 206 94.22 -32.09 74.43
N ARG O 207 95.34 -32.46 73.82
CA ARG O 207 95.44 -33.40 72.70
C ARG O 207 94.50 -33.00 71.56
N ASP O 208 94.84 -31.87 70.95
CA ASP O 208 94.17 -31.45 69.73
C ASP O 208 94.57 -32.32 68.55
N VAL O 292 93.02 -24.38 53.10
CA VAL O 292 91.77 -24.98 52.66
C VAL O 292 91.75 -25.16 51.15
N THR O 293 90.95 -26.10 50.68
CA THR O 293 90.86 -26.46 49.26
C THR O 293 89.42 -26.31 48.79
N LEU O 294 89.17 -26.73 47.55
CA LEU O 294 87.82 -26.73 47.01
C LEU O 294 86.95 -27.81 47.64
N LYS O 295 87.55 -28.94 48.01
CA LYS O 295 86.79 -30.02 48.62
C LYS O 295 86.33 -29.70 50.04
N ASP O 296 86.94 -28.72 50.70
CA ASP O 296 86.42 -28.25 51.99
C ASP O 296 85.26 -27.29 51.81
N TYR O 297 85.27 -26.49 50.75
CA TYR O 297 84.13 -25.64 50.43
C TYR O 297 82.94 -26.45 49.93
N GLU O 298 83.20 -27.60 49.30
CA GLU O 298 82.11 -28.48 48.91
C GLU O 298 81.41 -29.08 50.12
N GLY O 299 82.18 -29.48 51.13
CA GLY O 299 81.63 -29.94 52.38
C GLY O 299 81.47 -31.44 52.48
N VAL O 300 81.21 -31.89 53.69
CA VAL O 300 80.99 -33.30 54.00
C VAL O 300 79.51 -33.61 53.84
N ASN O 301 79.20 -34.78 53.29
CA ASN O 301 77.83 -35.26 53.14
C ASN O 301 77.78 -36.69 53.67
N LYS O 302 77.48 -36.82 54.95
CA LYS O 302 77.31 -38.09 55.62
C LYS O 302 75.94 -38.15 56.25
N PRO O 303 75.45 -39.34 56.61
CA PRO O 303 74.07 -39.45 57.14
C PRO O 303 73.77 -38.52 58.30
N GLY O 304 74.74 -38.22 59.17
CA GLY O 304 74.46 -37.34 60.29
C GLY O 304 75.41 -36.17 60.43
N LEU O 305 75.89 -35.63 59.32
CA LEU O 305 76.83 -34.51 59.36
C LEU O 305 76.91 -33.87 57.99
N ARG O 306 76.66 -32.56 57.93
CA ARG O 306 76.72 -31.81 56.68
C ARG O 306 77.43 -30.48 56.91
N THR O 307 78.42 -30.18 56.09
CA THR O 307 79.14 -28.93 56.13
C THR O 307 79.24 -28.36 54.72
N GLY O 308 79.69 -27.12 54.62
CA GLY O 308 79.91 -26.51 53.31
C GLY O 308 78.61 -26.19 52.59
N LEU O 309 78.57 -26.51 51.30
CA LEU O 309 77.36 -26.29 50.51
C LEU O 309 76.35 -27.41 50.71
N ALA O 310 76.83 -28.63 51.02
CA ALA O 310 75.93 -29.73 51.34
C ALA O 310 75.08 -29.40 52.57
N GLY O 311 75.61 -28.63 53.51
CA GLY O 311 74.81 -28.20 54.64
C GLY O 311 73.80 -27.12 54.26
N PHE O 312 74.18 -26.23 53.34
CA PHE O 312 73.28 -25.18 52.92
C PHE O 312 72.10 -25.71 52.12
N LYS O 313 72.29 -26.78 51.35
CA LYS O 313 71.22 -27.24 50.48
C LYS O 313 70.11 -27.96 51.24
N ALA O 314 70.19 -28.05 52.56
CA ALA O 314 69.12 -28.57 53.39
C ALA O 314 68.43 -27.48 54.20
N ILE O 315 68.68 -26.21 53.88
CA ILE O 315 68.03 -25.05 54.49
C ILE O 315 67.24 -24.36 53.40
N ASP O 316 65.95 -24.14 53.64
CA ASP O 316 65.06 -23.58 52.62
C ASP O 316 64.75 -22.11 52.85
N GLU O 317 65.47 -21.43 53.75
CA GLU O 317 65.28 -20.00 53.95
C GLU O 317 66.25 -19.16 53.13
N ILE O 318 67.39 -19.72 52.76
CA ILE O 318 68.43 -18.95 52.06
C ILE O 318 67.93 -18.57 50.67
N SER O 319 68.16 -17.31 50.30
CA SER O 319 67.76 -16.81 48.99
C SER O 319 68.91 -16.22 48.19
N MET O 320 70.08 -16.03 48.78
CA MET O 320 71.26 -15.59 48.05
C MET O 320 72.51 -16.07 48.79
N VAL O 321 73.52 -16.47 48.01
CA VAL O 321 74.73 -17.09 48.53
C VAL O 321 75.93 -16.26 48.09
N CYS O 322 76.91 -16.12 48.97
CA CYS O 322 78.15 -15.44 48.61
C CYS O 322 79.33 -16.08 49.31
N ALA O 323 80.45 -16.13 48.61
CA ALA O 323 81.73 -16.58 49.17
C ALA O 323 82.76 -15.48 48.95
N PRO O 324 83.18 -14.76 49.99
CA PRO O 324 84.10 -13.63 49.78
C PRO O 324 85.43 -14.00 49.13
N ASP O 325 85.98 -15.17 49.44
CA ASP O 325 87.30 -15.56 48.93
C ASP O 325 87.20 -16.48 47.72
N GLU O 326 86.22 -16.26 46.86
CA GLU O 326 85.97 -17.16 45.74
C GLU O 326 87.05 -17.08 44.67
N ASN O 327 87.89 -16.05 44.68
CA ASN O 327 88.91 -15.88 43.66
C ASN O 327 90.26 -16.44 44.07
N ASP O 328 90.43 -16.85 45.33
CA ASP O 328 91.64 -17.53 45.77
C ASP O 328 91.58 -19.03 45.61
N ILE O 329 90.40 -19.60 45.45
CA ILE O 329 90.21 -21.05 45.32
C ILE O 329 89.67 -21.29 43.91
N ASP O 330 90.48 -21.92 43.06
CA ASP O 330 90.08 -22.16 41.68
C ASP O 330 89.02 -23.25 41.62
N GLY O 331 87.97 -23.00 40.84
CA GLY O 331 86.88 -23.94 40.70
C GLY O 331 85.73 -23.76 41.65
N LEU O 332 85.66 -22.62 42.35
CA LEU O 332 84.59 -22.38 43.30
C LEU O 332 83.43 -21.58 42.71
N THR O 333 83.72 -20.69 41.76
CA THR O 333 82.67 -19.93 41.10
C THR O 333 81.69 -20.85 40.38
N ASP O 334 82.21 -21.82 39.63
CA ASP O 334 81.36 -22.76 38.93
C ASP O 334 80.55 -23.61 39.91
N SER O 335 81.16 -24.02 41.01
CA SER O 335 80.44 -24.80 42.01
C SER O 335 79.28 -24.01 42.61
N ILE O 336 79.50 -22.73 42.89
CA ILE O 336 78.44 -21.89 43.46
C ILE O 336 77.31 -21.70 42.45
N VAL O 337 77.65 -21.41 41.20
CA VAL O 337 76.61 -21.21 40.19
C VAL O 337 75.83 -22.50 39.96
N ALA O 338 76.53 -23.65 39.99
CA ALA O 338 75.85 -24.92 39.80
C ALA O 338 74.93 -25.25 40.98
N HIS O 339 75.38 -24.95 42.20
CA HIS O 339 74.52 -25.11 43.38
C HIS O 339 73.24 -24.30 43.24
N CYS O 340 73.37 -23.04 42.84
CA CYS O 340 72.18 -22.20 42.72
C CYS O 340 71.28 -22.64 41.57
N GLU O 341 71.85 -23.14 40.47
CA GLU O 341 71.03 -23.59 39.36
C GLU O 341 70.36 -24.94 39.64
N ASN O 342 70.99 -25.80 40.45
CA ASN O 342 70.41 -27.10 40.74
C ASN O 342 69.36 -27.02 41.82
N MET O 343 69.50 -26.09 42.78
CA MET O 343 68.41 -25.90 43.74
C MET O 343 67.24 -25.20 43.08
N GLY O 344 67.51 -24.20 42.24
CA GLY O 344 66.49 -23.48 41.52
C GLY O 344 65.73 -22.46 42.33
N ASP O 345 66.22 -22.09 43.52
CA ASP O 345 65.49 -21.15 44.37
C ASP O 345 66.41 -20.15 45.06
N ARG O 346 67.61 -19.90 44.53
CA ARG O 346 68.51 -18.94 45.15
C ARG O 346 69.32 -18.26 44.06
N PHE O 347 70.03 -17.22 44.46
CA PHE O 347 70.72 -16.30 43.55
C PHE O 347 72.17 -16.17 43.99
N ALA O 348 73.08 -16.02 43.05
CA ALA O 348 74.51 -15.95 43.33
C ALA O 348 75.07 -14.56 43.04
N ILE O 349 75.88 -14.06 43.98
CA ILE O 349 76.52 -12.76 43.89
C ILE O 349 78.02 -12.99 43.72
N LEU O 350 78.60 -12.38 42.69
CA LEU O 350 79.99 -12.59 42.35
C LEU O 350 80.71 -11.25 42.23
N GLN O 351 81.97 -11.24 42.61
CA GLN O 351 82.81 -10.05 42.54
C GLN O 351 84.01 -10.33 41.65
N SER O 352 84.55 -9.27 41.05
CA SER O 352 85.67 -9.38 40.13
C SER O 352 86.95 -9.67 40.89
N PRO O 353 88.03 -10.00 40.19
CA PRO O 353 89.34 -10.08 40.86
C PRO O 353 89.87 -8.70 41.20
N GLN O 354 90.93 -8.68 42.00
CA GLN O 354 91.57 -7.42 42.34
C GLN O 354 92.31 -6.84 41.14
N ASN O 355 92.76 -7.69 40.22
CA ASN O 355 93.41 -7.25 38.98
C ASN O 355 92.75 -8.00 37.83
N PRO O 356 91.69 -7.44 37.24
CA PRO O 356 90.98 -8.14 36.17
C PRO O 356 91.52 -7.89 34.77
N GLY O 357 92.55 -7.03 34.61
CA GLY O 357 93.16 -6.82 33.33
C GLY O 357 92.73 -5.53 32.66
N PRO O 358 92.97 -5.42 31.35
CA PRO O 358 92.52 -4.23 30.62
C PRO O 358 91.01 -4.20 30.44
N VAL O 359 90.47 -2.99 30.31
CA VAL O 359 89.03 -2.81 30.27
C VAL O 359 88.44 -3.42 29.00
N SER O 360 89.13 -3.28 27.89
CA SER O 360 88.61 -3.75 26.60
C SER O 360 88.60 -5.27 26.48
N GLU O 361 89.05 -6.00 27.50
CA GLU O 361 89.14 -7.45 27.42
C GLU O 361 88.37 -8.16 28.53
N MET O 362 87.62 -7.44 29.34
CA MET O 362 86.92 -8.05 30.47
C MET O 362 85.70 -8.82 30.00
N GLU O 363 85.40 -9.92 30.68
CA GLU O 363 84.24 -10.75 30.41
C GLU O 363 83.69 -11.26 31.72
N THR O 364 82.50 -11.80 31.68
CA THR O 364 82.01 -12.42 32.89
C THR O 364 82.45 -13.88 32.96
N PRO O 365 82.63 -14.43 34.16
CA PRO O 365 83.09 -15.83 34.24
C PRO O 365 82.08 -16.83 33.74
N VAL O 366 80.81 -16.67 34.09
CA VAL O 366 79.76 -17.60 33.68
C VAL O 366 78.72 -16.88 32.83
N ASP O 367 77.78 -17.64 32.27
CA ASP O 367 76.71 -17.11 31.44
C ASP O 367 75.36 -17.56 31.97
N SER O 368 75.20 -17.49 33.29
CA SER O 368 74.02 -17.99 33.96
C SER O 368 73.00 -16.87 34.19
N SER O 369 71.75 -17.25 34.26
CA SER O 369 70.68 -16.34 34.68
C SER O 369 70.52 -16.30 36.19
N TYR O 370 71.32 -17.06 36.93
CA TYR O 370 71.20 -17.16 38.38
C TYR O 370 72.34 -16.45 39.11
N ALA O 371 73.00 -15.50 38.47
CA ALA O 371 74.17 -14.85 39.04
C ALA O 371 74.23 -13.40 38.61
N ALA O 372 74.94 -12.60 39.40
CA ALA O 372 75.21 -11.20 39.09
C ALA O 372 76.65 -10.88 39.46
N TYR O 373 77.25 -9.90 38.78
CA TYR O 373 78.68 -9.67 38.79
C TYR O 373 78.97 -8.19 39.03
N TYR O 374 79.74 -7.89 40.09
CA TYR O 374 79.95 -6.52 40.53
C TYR O 374 81.43 -6.16 40.52
N TYR O 375 81.69 -4.84 40.36
CA TYR O 375 83.06 -4.34 40.17
C TYR O 375 83.10 -2.86 40.54
N PRO O 376 84.20 -2.35 41.15
CA PRO O 376 85.45 -2.89 41.70
C PRO O 376 85.45 -3.16 43.21
N TRP O 377 86.64 -3.28 43.78
CA TRP O 377 86.86 -3.48 45.22
C TRP O 377 86.69 -2.17 45.98
N VAL O 378 86.60 -2.27 47.31
CA VAL O 378 86.33 -1.12 48.17
C VAL O 378 87.37 -1.04 49.28
N ASN O 379 87.36 0.09 49.99
CA ASN O 379 88.30 0.40 51.06
C ASN O 379 87.57 0.51 52.39
N VAL O 380 88.15 -0.05 53.45
CA VAL O 380 87.56 -0.05 54.78
C VAL O 380 88.65 0.22 55.81
N LEU O 381 88.22 0.51 57.04
CA LEU O 381 89.11 0.62 58.19
C LEU O 381 89.27 -0.73 58.86
N ASP O 382 90.50 -1.12 59.12
CA ASP O 382 90.79 -2.43 59.70
C ASP O 382 90.87 -2.31 61.22
N PRO O 383 90.06 -3.05 61.97
CA PRO O 383 89.97 -2.83 63.42
C PRO O 383 91.14 -3.37 64.22
N VAL O 384 92.23 -3.82 63.60
CA VAL O 384 93.40 -4.26 64.34
C VAL O 384 94.63 -3.41 64.01
N THR O 385 94.64 -2.69 62.89
CA THR O 385 95.72 -1.78 62.56
C THR O 385 95.27 -0.33 62.49
N ASN O 386 93.97 -0.08 62.38
CA ASN O 386 93.41 1.26 62.26
C ASN O 386 93.90 1.96 61.00
N ARG O 387 94.09 1.17 59.93
CA ARG O 387 94.50 1.67 58.63
C ARG O 387 93.50 1.23 57.58
N GLU O 388 93.62 1.78 56.39
CA GLU O 388 92.76 1.37 55.29
C GLU O 388 93.18 0.00 54.75
N LYS O 389 92.22 -0.69 54.15
CA LYS O 389 92.41 -2.05 53.66
C LYS O 389 91.43 -2.27 52.53
N LEU O 390 91.86 -3.01 51.51
CA LEU O 390 91.09 -3.22 50.30
C LEU O 390 90.42 -4.59 50.35
N VAL O 391 89.11 -4.61 50.16
CA VAL O 391 88.31 -5.83 50.30
C VAL O 391 87.32 -5.93 49.15
N PRO O 392 86.81 -7.13 48.88
CA PRO O 392 85.77 -7.27 47.86
C PRO O 392 84.43 -6.76 48.36
N PRO O 393 83.56 -6.30 47.47
CA PRO O 393 82.31 -5.64 47.88
C PRO O 393 81.10 -6.54 48.08
N GLY O 394 81.27 -7.85 48.24
CA GLY O 394 80.14 -8.77 48.15
C GLY O 394 79.12 -8.62 49.28
N GLY O 395 79.60 -8.54 50.52
CA GLY O 395 78.68 -8.50 51.66
C GLY O 395 77.90 -7.21 51.74
N HIS O 396 78.54 -6.08 51.42
CA HIS O 396 77.83 -4.81 51.37
C HIS O 396 76.70 -4.86 50.35
N ILE O 397 76.93 -5.52 49.21
CA ILE O 397 75.93 -5.60 48.17
C ILE O 397 74.79 -6.52 48.60
N ALA O 398 75.10 -7.62 49.28
CA ALA O 398 74.04 -8.47 49.81
C ALA O 398 73.19 -7.73 50.84
N GLY O 399 73.82 -6.89 51.67
CA GLY O 399 73.07 -6.08 52.60
C GLY O 399 72.16 -5.08 51.90
N ILE O 400 72.63 -4.50 50.80
CA ILE O 400 71.79 -3.61 49.99
C ILE O 400 70.59 -4.37 49.42
N TYR O 401 70.81 -5.60 48.93
CA TYR O 401 69.72 -6.44 48.46
C TYR O 401 68.66 -6.62 49.54
N SER O 402 69.10 -7.02 50.74
CA SER O 402 68.17 -7.25 51.84
C SER O 402 67.39 -5.99 52.20
N ARG O 403 68.08 -4.85 52.28
CA ARG O 403 67.42 -3.59 52.63
C ARG O 403 66.35 -3.23 51.61
N THR O 404 66.72 -3.27 50.32
CA THR O 404 65.76 -2.94 49.27
C THR O 404 64.56 -3.87 49.30
N ASP O 405 64.79 -5.15 49.56
CA ASP O 405 63.68 -6.09 49.66
C ASP O 405 62.77 -5.76 50.83
N GLN O 406 63.33 -5.27 51.93
CA GLN O 406 62.52 -4.95 53.09
C GLN O 406 61.68 -3.69 52.88
N GLU O 407 62.25 -2.67 52.23
CA GLU O 407 61.55 -1.39 52.18
C GLU O 407 60.80 -1.13 50.88
N HIS O 408 61.03 -1.89 49.82
CA HIS O 408 60.36 -1.65 48.55
C HIS O 408 59.65 -2.86 47.97
N GLY O 409 60.17 -4.06 48.16
CA GLY O 409 59.67 -5.25 47.50
C GLY O 409 60.73 -5.90 46.62
N VAL O 410 60.41 -7.13 46.20
CA VAL O 410 61.34 -7.89 45.37
C VAL O 410 61.34 -7.46 43.91
N HIS O 411 60.38 -6.62 43.52
CA HIS O 411 60.28 -6.11 42.16
C HIS O 411 61.09 -4.84 41.93
N LYS O 412 61.75 -4.32 42.96
CA LYS O 412 62.52 -3.09 42.84
C LYS O 412 63.98 -3.42 42.57
N ALA O 413 64.55 -2.76 41.57
CA ALA O 413 65.94 -2.98 41.21
C ALA O 413 66.86 -2.43 42.31
N PRO O 414 67.78 -3.23 42.83
CA PRO O 414 68.67 -2.77 43.91
C PRO O 414 69.84 -1.94 43.39
N ALA O 415 69.52 -0.88 42.65
CA ALA O 415 70.52 0.04 42.12
C ALA O 415 70.05 1.46 42.36
N ASN O 416 70.98 2.41 42.21
CA ASN O 416 70.79 3.80 42.63
C ASN O 416 70.60 3.87 44.15
N GLU O 417 71.39 3.07 44.87
CA GLU O 417 71.35 3.00 46.32
C GLU O 417 72.75 3.24 46.87
N THR O 418 72.81 3.74 48.09
CA THR O 418 74.07 4.14 48.70
C THR O 418 74.74 2.98 49.43
N LEU O 419 76.07 2.98 49.41
CA LEU O 419 76.86 2.02 50.17
C LEU O 419 77.33 2.66 51.46
N ARG O 420 77.00 2.03 52.58
CA ARG O 420 77.39 2.50 53.90
C ARG O 420 78.48 1.58 54.47
N GLY O 421 79.41 2.18 55.19
CA GLY O 421 80.44 1.44 55.88
C GLY O 421 81.79 1.37 55.20
N ILE O 422 82.04 2.21 54.19
CA ILE O 422 83.29 2.19 53.44
C ILE O 422 83.91 3.58 53.50
N VAL O 423 85.11 3.66 52.94
CA VAL O 423 85.87 4.90 52.89
C VAL O 423 86.06 5.40 51.46
N GLY O 424 86.42 4.51 50.54
CA GLY O 424 86.59 4.87 49.16
C GLY O 424 86.54 3.63 48.29
N LEU O 425 86.81 3.85 47.01
CA LEU O 425 86.83 2.78 46.01
C LEU O 425 88.26 2.47 45.60
N GLN O 426 88.41 1.47 44.73
CA GLN O 426 89.71 1.14 44.18
C GLN O 426 90.04 2.06 43.01
N HIS O 427 89.12 2.20 42.07
CA HIS O 427 89.24 3.12 40.95
C HIS O 427 87.95 3.91 40.82
N ASN O 428 88.03 5.06 40.16
CA ASN O 428 86.85 5.81 39.75
C ASN O 428 86.60 5.56 38.28
N ILE O 429 85.43 5.03 37.96
CA ILE O 429 85.03 4.72 36.59
C ILE O 429 84.28 5.90 36.00
N THR O 430 84.59 6.24 34.76
CA THR O 430 83.94 7.34 34.07
C THR O 430 82.74 6.83 33.26
N LYS O 431 82.09 7.76 32.56
CA LYS O 431 80.96 7.42 31.71
C LYS O 431 81.39 6.78 30.40
N GLY O 432 82.61 7.06 29.94
CA GLY O 432 83.08 6.44 28.71
C GLY O 432 83.43 4.98 28.86
N GLU O 433 83.90 4.58 30.04
CA GLU O 433 84.26 3.19 30.29
C GLU O 433 83.06 2.32 30.58
N GLN O 434 82.01 2.89 31.17
CA GLN O 434 80.81 2.11 31.44
C GLN O 434 80.00 1.83 30.18
N ASP O 435 80.17 2.64 29.13
CA ASP O 435 79.55 2.34 27.85
C ASP O 435 80.12 1.08 27.21
N VAL O 436 81.22 0.55 27.71
CA VAL O 436 81.83 -0.67 27.19
C VAL O 436 81.49 -1.83 28.12
N LEU O 437 81.40 -1.55 29.42
CA LEU O 437 81.19 -2.58 30.43
C LEU O 437 79.73 -2.95 30.62
N ASN O 438 78.83 -1.99 30.52
CA ASN O 438 77.43 -2.25 30.82
C ASN O 438 76.77 -3.22 29.84
N PRO O 439 76.95 -3.11 28.52
CA PRO O 439 76.35 -4.10 27.61
C PRO O 439 76.92 -5.51 27.76
N LYS O 440 77.91 -5.72 28.62
CA LYS O 440 78.52 -7.03 28.82
C LYS O 440 78.03 -7.73 30.09
N GLY O 441 77.15 -7.12 30.87
CA GLY O 441 76.65 -7.73 32.08
C GLY O 441 77.46 -7.48 33.32
N ILE O 442 78.37 -6.51 33.28
CA ILE O 442 79.25 -6.19 34.41
C ILE O 442 78.68 -4.96 35.11
N ASN O 443 78.39 -5.06 36.41
CA ASN O 443 77.78 -3.96 37.14
C ASN O 443 78.85 -3.16 37.87
N CYS O 444 78.68 -1.85 37.87
CA CYS O 444 79.71 -0.94 38.35
C CYS O 444 79.25 -0.22 39.62
N ILE O 445 80.22 0.09 40.47
CA ILE O 445 80.02 0.92 41.64
C ILE O 445 80.78 2.22 41.40
N ARG O 446 80.04 3.34 41.36
CA ARG O 446 80.60 4.61 40.95
C ARG O 446 80.41 5.65 42.05
N SER O 447 81.07 6.80 41.89
CA SER O 447 80.98 7.88 42.86
C SER O 447 80.69 9.17 42.11
N PHE O 448 79.58 9.82 42.47
CA PHE O 448 79.14 11.06 41.86
C PHE O 448 79.38 12.21 42.81
N GLN O 449 79.78 13.35 42.24
CA GLN O 449 80.01 14.55 43.02
C GLN O 449 78.68 15.16 43.43
N GLY O 450 78.49 15.34 44.74
CA GLY O 450 77.23 15.81 45.27
C GLY O 450 76.25 14.71 45.62
N ARG O 451 76.51 13.46 45.23
CA ARG O 451 75.57 12.37 45.48
C ARG O 451 76.17 11.16 46.19
N GLY O 452 77.47 10.95 46.14
CA GLY O 452 78.08 9.87 46.89
C GLY O 452 78.40 8.65 46.06
N ILE O 453 78.62 7.54 46.76
CA ILE O 453 78.99 6.27 46.14
C ILE O 453 77.73 5.42 46.00
N ARG O 454 77.47 4.94 44.78
CA ARG O 454 76.24 4.21 44.49
C ARG O 454 76.51 3.06 43.52
N VAL O 455 75.62 2.08 43.54
CA VAL O 455 75.62 0.99 42.58
C VAL O 455 74.86 1.45 41.33
N TRP O 456 75.49 1.33 40.16
CA TRP O 456 74.93 1.84 38.91
C TRP O 456 74.89 0.69 37.89
N GLY O 457 73.85 -0.13 37.96
CA GLY O 457 73.72 -1.27 37.08
C GLY O 457 72.96 -2.41 37.71
N ALA O 458 72.02 -3.01 36.97
CA ALA O 458 71.11 -4.01 37.53
C ALA O 458 70.85 -5.17 36.56
N ARG O 459 71.91 -5.70 35.96
CA ARG O 459 71.77 -6.79 35.00
C ARG O 459 72.34 -8.10 35.55
N THR O 460 71.95 -9.20 34.90
CA THR O 460 72.54 -10.52 35.17
C THR O 460 73.60 -10.84 34.13
N THR O 461 74.34 -11.92 34.40
CA THR O 461 75.36 -12.41 33.49
C THR O 461 74.80 -13.15 32.29
N SER O 462 73.48 -13.19 32.13
CA SER O 462 72.83 -14.04 31.14
C SER O 462 72.89 -13.43 29.74
N SER O 463 72.87 -14.31 28.75
CA SER O 463 72.80 -13.93 27.35
C SER O 463 71.39 -14.01 26.78
N ASP O 464 70.52 -14.80 27.41
CA ASP O 464 69.12 -14.85 27.01
C ASP O 464 68.45 -13.49 27.17
N PRO O 465 67.76 -12.99 26.15
CA PRO O 465 67.13 -11.66 26.28
C PRO O 465 65.95 -11.65 27.23
N GLU O 466 65.43 -12.82 27.61
CA GLU O 466 64.27 -12.89 28.48
C GLU O 466 64.61 -12.70 29.95
N TRP O 467 65.88 -12.89 30.33
CA TRP O 467 66.31 -12.78 31.73
C TRP O 467 67.42 -11.76 31.87
N LYS O 468 67.27 -10.64 31.18
CA LYS O 468 68.29 -9.59 31.20
C LYS O 468 68.34 -8.84 32.52
N TYR O 469 67.18 -8.61 33.15
CA TYR O 469 67.10 -7.81 34.36
C TYR O 469 66.93 -8.69 35.59
N LEU O 470 67.45 -8.18 36.71
CA LEU O 470 67.66 -8.97 37.92
C LEU O 470 66.36 -9.13 38.72
N ASN O 471 65.56 -8.07 38.78
CA ASN O 471 64.34 -8.11 39.58
C ASN O 471 63.31 -9.05 38.98
N VAL O 472 63.35 -9.28 37.67
CA VAL O 472 62.43 -10.22 37.04
C VAL O 472 62.73 -11.64 37.50
N ARG O 473 64.02 -12.01 37.52
CA ARG O 473 64.42 -13.32 38.02
C ARG O 473 64.04 -13.48 39.49
N ARG O 474 64.27 -12.45 40.31
CA ARG O 474 63.95 -12.57 41.73
C ARG O 474 62.44 -12.71 41.96
N LEU O 475 61.64 -11.95 41.21
CA LEU O 475 60.19 -12.09 41.31
C LEU O 475 59.72 -13.48 40.92
N PHE O 476 60.28 -14.03 39.85
CA PHE O 476 59.87 -15.38 39.45
C PHE O 476 60.28 -16.42 40.48
N LEU O 477 61.46 -16.30 41.08
CA LEU O 477 61.85 -17.21 42.15
C LEU O 477 60.84 -17.17 43.29
N PHE O 478 60.50 -15.96 43.74
CA PHE O 478 59.54 -15.79 44.83
C PHE O 478 58.20 -16.46 44.49
N ILE O 479 57.65 -16.15 43.31
CA ILE O 479 56.34 -16.67 42.93
C ILE O 479 56.36 -18.19 42.84
N GLU O 480 57.39 -18.75 42.20
CA GLU O 480 57.42 -20.18 41.97
C GLU O 480 57.58 -20.96 43.28
N GLN O 481 58.40 -20.44 44.20
CA GLN O 481 58.53 -21.17 45.47
C GLN O 481 57.26 -21.08 46.29
N SER O 482 56.59 -19.92 46.30
CA SER O 482 55.31 -19.83 47.01
C SER O 482 54.31 -20.84 46.47
N ILE O 483 54.19 -20.92 45.13
CA ILE O 483 53.25 -21.86 44.54
C ILE O 483 53.63 -23.30 44.88
N GLN O 484 54.92 -23.63 44.80
CA GLN O 484 55.36 -24.99 45.09
C GLN O 484 55.01 -25.39 46.51
N GLU O 485 55.26 -24.51 47.48
CA GLU O 485 55.10 -24.90 48.87
C GLU O 485 53.66 -24.79 49.37
N GLY O 486 52.82 -23.97 48.73
CA GLY O 486 51.47 -23.80 49.22
C GLY O 486 50.37 -24.51 48.46
N THR O 487 50.62 -25.67 47.86
CA THR O 487 49.59 -26.35 47.08
C THR O 487 49.63 -27.87 47.29
N GLN O 488 50.25 -28.33 48.38
CA GLN O 488 50.37 -29.77 48.58
C GLN O 488 49.08 -30.42 49.06
N TRP O 489 48.04 -29.64 49.33
CA TRP O 489 46.74 -30.20 49.70
C TRP O 489 46.01 -30.80 48.50
N ALA O 490 46.44 -30.49 47.29
CA ALA O 490 45.70 -30.85 46.07
C ALA O 490 46.12 -32.19 45.48
N VAL O 491 47.14 -32.84 46.04
CA VAL O 491 47.59 -34.12 45.50
C VAL O 491 46.64 -35.20 45.97
N PHE O 492 46.21 -36.06 45.04
CA PHE O 492 45.30 -37.19 45.24
C PHE O 492 43.85 -36.77 45.43
N GLU O 493 43.51 -35.52 45.15
CA GLU O 493 42.14 -35.07 45.19
C GLU O 493 41.41 -35.45 43.91
N PRO O 494 40.08 -35.50 43.93
CA PRO O 494 39.34 -35.85 42.72
C PRO O 494 39.61 -34.88 41.58
N ASN O 495 39.75 -35.43 40.38
CA ASN O 495 40.08 -34.66 39.18
C ASN O 495 38.80 -34.24 38.47
N GLU O 496 38.13 -33.25 39.07
CA GLU O 496 36.83 -32.80 38.57
C GLU O 496 36.66 -31.32 38.91
N GLN O 497 35.52 -30.76 38.48
CA GLN O 497 35.37 -29.31 38.35
C GLN O 497 35.50 -28.56 39.67
N ASP O 498 35.17 -29.20 40.80
CA ASP O 498 35.27 -28.52 42.08
C ASP O 498 36.73 -28.20 42.43
N THR O 499 37.60 -29.20 42.32
CA THR O 499 39.01 -28.99 42.56
C THR O 499 39.58 -27.94 41.63
N TRP O 500 39.14 -27.95 40.37
CA TRP O 500 39.63 -27.00 39.38
C TRP O 500 39.26 -25.57 39.78
N GLY O 501 37.99 -25.35 40.14
CA GLY O 501 37.59 -24.02 40.58
C GLY O 501 38.33 -23.56 41.81
N ARG O 502 38.56 -24.48 42.76
CA ARG O 502 39.25 -24.13 43.99
C ARG O 502 40.69 -23.68 43.71
N ILE O 503 41.42 -24.46 42.90
CA ILE O 503 42.81 -24.12 42.56
C ILE O 503 42.88 -22.80 41.81
N ARG O 504 42.01 -22.63 40.82
CA ARG O 504 41.98 -21.39 40.05
C ARG O 504 41.75 -20.19 40.95
N GLN O 505 40.81 -20.29 41.89
CA GLN O 505 40.49 -19.19 42.79
C GLN O 505 41.68 -18.82 43.66
N SER O 506 42.35 -19.82 44.23
CA SER O 506 43.52 -19.55 45.07
C SER O 506 44.61 -18.81 44.30
N VAL O 507 44.97 -19.33 43.12
CA VAL O 507 46.08 -18.73 42.39
C VAL O 507 45.72 -17.32 41.92
N THR O 508 44.45 -17.10 41.54
CA THR O 508 44.03 -15.77 41.15
C THR O 508 44.14 -14.79 42.31
N ASN O 509 43.75 -15.20 43.52
CA ASN O 509 43.89 -14.30 44.67
C ASN O 509 45.35 -13.91 44.91
N PHE O 510 46.25 -14.91 44.87
CA PHE O 510 47.67 -14.60 45.08
C PHE O 510 48.21 -13.64 44.03
N LEU O 511 47.88 -13.86 42.75
CA LEU O 511 48.42 -13.00 41.71
C LEU O 511 47.81 -11.60 41.76
N ARG O 512 46.55 -11.48 42.16
CA ARG O 512 45.96 -10.15 42.30
C ARG O 512 46.62 -9.38 43.43
N THR O 513 46.97 -10.07 44.51
CA THR O 513 47.73 -9.41 45.57
C THR O 513 49.07 -8.93 45.06
N VAL O 514 49.79 -9.77 44.30
CA VAL O 514 51.07 -9.33 43.75
C VAL O 514 50.89 -8.12 42.84
N TRP O 515 49.82 -8.10 42.05
CA TRP O 515 49.57 -6.99 41.15
C TRP O 515 49.30 -5.69 41.90
N ARG O 516 48.53 -5.76 42.99
CA ARG O 516 48.18 -4.55 43.72
C ARG O 516 49.39 -3.86 44.36
N ASN O 517 50.46 -4.60 44.65
CA ASN O 517 51.64 -4.04 45.28
C ASN O 517 52.66 -3.49 44.30
N GLY O 518 52.31 -3.39 43.02
CA GLY O 518 53.20 -2.79 42.04
C GLY O 518 54.14 -3.74 41.34
N GLY O 519 53.98 -5.06 41.52
CA GLY O 519 54.89 -6.00 40.89
C GLY O 519 54.54 -6.35 39.47
N LEU O 520 53.26 -6.27 39.11
CA LEU O 520 52.80 -6.56 37.76
C LEU O 520 52.29 -5.27 37.12
N GLN O 521 52.21 -5.28 35.80
CA GLN O 521 52.00 -4.06 35.03
C GLN O 521 50.73 -4.17 34.20
N GLY O 522 49.88 -3.16 34.30
CA GLY O 522 48.65 -3.08 33.53
C GLY O 522 47.58 -2.31 34.30
N GLN O 523 46.73 -1.62 33.55
CA GLN O 523 45.64 -0.85 34.13
C GLN O 523 44.45 -1.70 34.50
N SER O 524 44.42 -2.97 34.10
CA SER O 524 43.34 -3.88 34.45
C SER O 524 43.94 -5.24 34.79
N GLU O 525 43.11 -6.12 35.34
CA GLU O 525 43.58 -7.45 35.70
C GLU O 525 43.87 -8.29 34.46
N ASP O 526 43.12 -8.09 33.39
CA ASP O 526 43.34 -8.84 32.15
C ASP O 526 44.67 -8.51 31.51
N ASP O 527 45.20 -7.31 31.77
CA ASP O 527 46.50 -6.92 31.22
C ASP O 527 47.65 -7.50 32.02
N ALA O 528 47.43 -7.79 33.30
CA ALA O 528 48.52 -8.17 34.19
C ALA O 528 48.77 -9.67 34.25
N PHE O 529 47.72 -10.49 34.17
CA PHE O 529 47.90 -11.94 34.32
C PHE O 529 46.62 -12.66 33.91
N TYR O 530 46.75 -13.98 33.76
CA TYR O 530 45.62 -14.89 33.61
C TYR O 530 45.96 -16.25 34.19
N VAL O 531 44.91 -16.99 34.56
CA VAL O 531 45.01 -18.36 35.09
C VAL O 531 43.96 -19.21 34.39
N LYS O 532 44.33 -20.42 33.99
CA LYS O 532 43.45 -21.33 33.26
C LYS O 532 43.54 -22.75 33.82
N CYS O 533 42.39 -23.35 34.08
CA CYS O 533 42.31 -24.75 34.52
C CYS O 533 40.92 -25.26 34.21
N GLY O 534 40.82 -26.25 33.33
CA GLY O 534 39.51 -26.78 32.96
C GLY O 534 39.63 -27.74 31.77
N GLU O 535 38.63 -27.69 30.90
CA GLU O 535 38.63 -28.52 29.70
C GLU O 535 39.35 -27.87 28.53
N GLU O 536 39.87 -26.65 28.71
CA GLU O 536 40.72 -26.06 27.68
C GLU O 536 42.19 -26.41 27.89
N THR O 537 42.58 -26.80 29.10
CA THR O 537 43.95 -27.20 29.37
C THR O 537 44.13 -28.70 29.49
N MET O 538 43.08 -29.43 29.84
CA MET O 538 43.14 -30.87 30.04
C MET O 538 42.30 -31.59 29.00
N SER O 539 42.81 -32.70 28.49
CA SER O 539 42.08 -33.60 27.63
C SER O 539 41.69 -34.86 28.41
N GLU O 540 41.11 -35.83 27.70
CA GLU O 540 40.64 -37.04 28.37
C GLU O 540 41.79 -38.00 28.65
N ASP O 541 42.78 -38.06 27.76
CA ASP O 541 44.00 -38.82 28.04
C ASP O 541 44.70 -38.31 29.29
N ASP O 542 44.58 -37.02 29.58
CA ASP O 542 45.14 -36.47 30.81
C ASP O 542 44.40 -36.99 32.03
N ILE O 543 43.07 -36.93 32.02
CA ILE O 543 42.27 -37.39 33.15
C ILE O 543 42.51 -38.87 33.41
N ASP O 544 42.60 -39.68 32.34
CA ASP O 544 42.79 -41.12 32.53
C ASP O 544 44.15 -41.46 33.12
N ASN O 545 45.11 -40.55 33.08
CA ASN O 545 46.46 -40.83 33.58
C ASN O 545 46.81 -40.07 34.85
N GLY O 546 45.89 -39.24 35.36
CA GLY O 546 46.10 -38.60 36.64
C GLY O 546 46.78 -37.25 36.62
N ARG O 547 46.69 -36.51 35.52
CA ARG O 547 47.36 -35.23 35.37
C ARG O 547 46.37 -34.09 35.50
N LEU O 548 46.71 -33.10 36.33
CA LEU O 548 45.96 -31.86 36.47
C LEU O 548 46.86 -30.71 36.04
N ILE O 549 46.46 -29.98 35.01
CA ILE O 549 47.31 -28.98 34.38
C ILE O 549 46.71 -27.59 34.58
N VAL O 550 47.54 -26.65 35.04
CA VAL O 550 47.17 -25.26 35.25
C VAL O 550 48.13 -24.38 34.45
N GLU O 551 47.59 -23.41 33.71
CA GLU O 551 48.42 -22.52 32.90
C GLU O 551 48.28 -21.08 33.38
N ILE O 552 49.42 -20.43 33.63
CA ILE O 552 49.45 -19.09 34.20
C ILE O 552 50.30 -18.19 33.31
N GLY O 553 49.80 -17.00 33.04
CA GLY O 553 50.56 -16.01 32.28
C GLY O 553 50.64 -14.70 33.02
N VAL O 554 51.83 -14.10 33.00
CA VAL O 554 52.14 -12.96 33.86
C VAL O 554 52.94 -11.93 33.08
N ALA O 555 52.91 -10.68 33.54
CA ALA O 555 53.62 -9.58 32.89
C ALA O 555 54.39 -8.77 33.94
N PRO O 556 55.69 -8.99 34.07
CA PRO O 556 56.48 -8.28 35.09
C PRO O 556 56.84 -6.87 34.68
N VAL O 557 57.24 -6.08 35.67
CA VAL O 557 57.64 -4.69 35.46
C VAL O 557 59.15 -4.61 35.44
N LYS O 558 59.68 -3.71 34.63
CA LYS O 558 61.11 -3.58 34.37
C LYS O 558 61.59 -2.16 34.71
N PRO O 559 62.87 -1.98 34.99
CA PRO O 559 63.35 -0.67 35.43
C PRO O 559 63.51 0.33 34.29
N ALA O 560 63.66 1.59 34.68
CA ALA O 560 63.91 2.69 33.75
C ALA O 560 65.40 3.00 33.81
N GLU O 561 66.13 2.56 32.79
CA GLU O 561 67.58 2.67 32.77
C GLU O 561 68.05 3.93 32.03
N PHE O 562 67.28 4.41 31.07
CA PHE O 562 67.62 5.60 30.29
C PHE O 562 66.44 6.56 30.36
N VAL O 563 66.66 7.73 30.93
CA VAL O 563 65.65 8.77 31.07
C VAL O 563 65.97 9.83 30.02
N ILE O 564 65.06 10.00 29.06
CA ILE O 564 65.32 10.80 27.86
C ILE O 564 64.34 11.96 27.80
N PHE O 565 64.86 13.15 27.53
CA PHE O 565 64.07 14.37 27.39
C PHE O 565 64.32 14.97 26.01
N ARG O 566 63.28 14.98 25.17
CA ARG O 566 63.36 15.55 23.83
C ARG O 566 62.60 16.87 23.83
N ILE O 567 63.33 17.97 23.70
CA ILE O 567 62.77 19.32 23.84
C ILE O 567 62.89 20.06 22.52
N SER O 568 61.82 20.77 22.14
CA SER O 568 61.78 21.52 20.89
C SER O 568 61.09 22.86 21.13
N GLN O 569 61.00 23.65 20.07
CA GLN O 569 60.39 24.98 20.10
C GLN O 569 58.99 25.02 19.50
N ASP O 570 58.47 23.89 19.01
CA ASP O 570 57.21 23.90 18.30
C ASP O 570 56.05 23.75 19.28
N THR O 571 55.06 24.63 19.15
CA THR O 571 53.83 24.59 19.95
C THR O 571 54.12 24.59 21.45
N SER P 2 70.23 9.29 18.95
CA SER P 2 71.29 9.13 19.92
C SER P 2 71.43 7.67 20.32
N GLU P 3 72.56 7.32 20.94
CA GLU P 3 72.81 5.96 21.41
C GLU P 3 72.92 5.96 22.92
N TYR P 4 72.35 4.94 23.55
CA TYR P 4 72.25 4.85 25.01
C TYR P 4 72.95 3.56 25.46
N GLN P 5 74.15 3.71 26.01
CA GLN P 5 74.95 2.56 26.44
C GLN P 5 75.20 2.52 27.94
N SER P 6 75.12 3.64 28.65
CA SER P 6 75.25 3.65 30.09
C SER P 6 74.08 4.39 30.70
N PRO P 7 73.64 3.96 31.90
CA PRO P 7 72.46 4.56 32.50
C PRO P 7 72.66 6.01 32.91
N GLY P 8 71.59 6.79 32.82
CA GLY P 8 71.64 8.18 33.20
C GLY P 8 70.48 8.96 32.61
N VAL P 9 70.62 10.28 32.64
CA VAL P 9 69.63 11.22 32.12
C VAL P 9 70.18 11.83 30.84
N TYR P 10 69.33 11.93 29.82
CA TYR P 10 69.70 12.49 28.53
C TYR P 10 68.71 13.59 28.15
N VAL P 11 69.25 14.72 27.66
CA VAL P 11 68.45 15.84 27.19
C VAL P 11 68.85 16.12 25.74
N GLU P 12 67.85 16.16 24.86
CA GLU P 12 68.10 16.30 23.43
C GLU P 12 67.24 17.40 22.84
N GLU P 13 67.78 18.09 21.84
CA GLU P 13 67.10 19.18 21.15
C GLU P 13 66.59 18.72 19.80
N VAL P 14 65.39 19.17 19.46
CA VAL P 14 64.72 18.80 18.23
C VAL P 14 64.55 20.05 17.37
N GLN P 15 64.49 19.86 16.05
CA GLN P 15 64.23 20.95 15.12
C GLN P 15 62.74 21.25 15.04
N SER P 16 62.41 22.53 14.89
CA SER P 16 61.04 23.00 14.93
C SER P 16 60.41 22.94 13.54
N GLY P 17 59.16 23.40 13.44
CA GLY P 17 58.34 23.22 12.26
C GLY P 17 58.39 24.31 11.21
N SER P 18 59.10 25.40 11.44
CA SER P 18 59.24 26.44 10.43
C SER P 18 60.43 27.31 10.77
N LYS P 19 61.08 27.83 9.73
CA LYS P 19 62.25 28.69 9.86
C LYS P 19 62.00 29.99 9.11
N SER P 20 62.31 31.11 9.74
CA SER P 20 61.97 32.40 9.20
C SER P 20 62.91 32.80 8.06
N VAL P 21 62.35 33.51 7.09
CA VAL P 21 63.10 34.13 6.00
C VAL P 21 63.08 35.63 6.22
N GLU P 22 64.19 36.30 5.94
CA GLU P 22 64.31 37.73 6.12
C GLU P 22 64.62 38.40 4.78
N GLY P 23 63.98 39.54 4.52
CA GLY P 23 64.20 40.25 3.29
C GLY P 23 65.56 40.95 3.25
N VAL P 24 66.04 41.18 2.02
CA VAL P 24 67.35 41.75 1.81
C VAL P 24 67.23 43.23 1.49
N SER P 25 68.36 43.92 1.53
CA SER P 25 68.41 45.34 1.21
C SER P 25 68.08 45.58 -0.27
N THR P 26 67.48 46.75 -0.56
CA THR P 26 67.04 47.05 -1.90
C THR P 26 67.28 48.48 -2.37
N SER P 27 68.03 49.30 -1.64
CA SER P 27 68.18 50.71 -2.00
C SER P 27 69.64 51.17 -2.00
N THR P 28 70.59 50.28 -2.25
CA THR P 28 71.99 50.64 -2.36
C THR P 28 72.39 50.73 -3.83
N ALA P 29 73.26 51.68 -4.14
CA ALA P 29 73.68 51.95 -5.51
C ALA P 29 75.19 51.83 -5.64
N GLY P 30 75.63 51.71 -6.89
CA GLY P 30 77.05 51.67 -7.19
C GLY P 30 77.40 52.63 -8.31
N PHE P 31 78.48 53.39 -8.12
CA PHE P 31 78.89 54.40 -9.07
C PHE P 31 80.35 54.18 -9.47
N LEU P 32 80.65 54.50 -10.73
CA LEU P 32 82.00 54.40 -11.28
C LEU P 32 82.36 55.68 -12.01
N GLY P 33 83.61 56.08 -11.93
CA GLY P 33 84.06 57.30 -12.58
C GLY P 33 85.33 57.82 -11.97
N GLN P 34 85.78 58.95 -12.52
CA GLN P 34 87.09 59.52 -12.18
C GLN P 34 86.99 60.50 -11.02
N THR P 35 88.04 60.51 -10.19
CA THR P 35 88.18 61.41 -9.06
C THR P 35 89.61 61.93 -9.05
N GLU P 36 89.92 62.83 -8.10
CA GLU P 36 91.27 63.37 -7.98
C GLU P 36 92.10 62.65 -6.93
N ARG P 37 91.49 62.21 -5.84
CA ARG P 37 92.16 61.49 -4.75
C ARG P 37 91.43 60.17 -4.52
N GLY P 38 91.99 59.35 -3.65
CA GLY P 38 91.27 58.22 -3.11
C GLY P 38 91.82 56.87 -3.50
N PRO P 39 91.38 55.83 -2.80
CA PRO P 39 91.77 54.47 -3.15
C PRO P 39 90.97 53.94 -4.33
N VAL P 40 91.48 52.86 -4.92
CA VAL P 40 90.83 52.24 -6.07
C VAL P 40 90.06 50.98 -5.72
N GLU P 41 89.97 50.62 -4.44
CA GLU P 41 89.04 49.58 -4.03
C GLU P 41 87.69 50.20 -3.66
N PRO P 42 86.60 49.48 -3.87
CA PRO P 42 85.27 50.08 -3.63
C PRO P 42 85.06 50.38 -2.15
N ARG P 43 84.48 51.55 -1.87
CA ARG P 43 84.25 51.97 -0.49
C ARG P 43 82.83 52.46 -0.32
N LEU P 44 82.29 52.24 0.87
CA LEU P 44 80.92 52.63 1.18
C LEU P 44 80.86 54.06 1.70
N VAL P 45 79.89 54.82 1.19
CA VAL P 45 79.68 56.21 1.55
C VAL P 45 78.21 56.36 1.90
N THR P 46 77.91 57.11 2.97
CA THR P 46 76.55 57.30 3.42
C THR P 46 76.13 58.76 3.46
N ASN P 47 76.93 59.65 2.91
CA ASN P 47 76.71 61.09 3.05
C ASN P 47 77.67 61.79 2.10
N TYR P 48 77.31 63.01 1.68
CA TYR P 48 78.12 63.69 0.68
C TYR P 48 79.40 64.27 1.27
N ALA P 49 79.38 64.63 2.56
CA ALA P 49 80.60 65.11 3.20
C ALA P 49 81.65 64.02 3.30
N ASP P 50 81.21 62.77 3.53
CA ASP P 50 82.13 61.63 3.46
C ASP P 50 82.78 61.54 2.10
N PHE P 51 82.00 61.74 1.03
CA PHE P 51 82.54 61.69 -0.31
C PHE P 51 83.59 62.76 -0.53
N GLU P 52 83.28 64.01 -0.18
CA GLU P 52 84.28 65.07 -0.36
C GLU P 52 85.52 64.83 0.49
N ARG P 53 85.35 64.23 1.68
CA ARG P 53 86.50 63.99 2.54
C ARG P 53 87.41 62.88 2.04
N LEU P 54 86.84 61.81 1.48
CA LEU P 54 87.64 60.67 1.04
C LEU P 54 88.17 60.80 -0.38
N TYR P 55 87.46 61.50 -1.25
CA TYR P 55 87.77 61.50 -2.68
C TYR P 55 88.09 62.88 -3.23
N GLY P 56 87.33 63.91 -2.87
CA GLY P 56 87.57 65.24 -3.40
C GLY P 56 86.65 65.62 -4.54
N ALA P 57 87.20 66.26 -5.56
CA ALA P 57 86.44 66.70 -6.72
C ALA P 57 86.82 65.87 -7.95
N SER P 58 86.04 66.06 -9.02
CA SER P 58 86.28 65.38 -10.27
C SER P 58 87.05 66.27 -11.25
N PRO P 59 87.85 65.69 -12.14
CA PRO P 59 88.49 66.49 -13.19
C PRO P 59 87.46 66.99 -14.19
N LYS P 60 87.96 67.73 -15.19
CA LYS P 60 87.07 68.34 -16.17
C LYS P 60 86.51 67.33 -17.16
N SER P 61 87.03 66.10 -17.17
CA SER P 61 86.58 65.07 -18.09
C SER P 61 85.62 64.08 -17.45
N SER P 62 85.07 64.39 -16.29
CA SER P 62 84.19 63.48 -15.57
C SER P 62 83.11 64.28 -14.85
N ASP P 63 82.00 63.62 -14.56
CA ASP P 63 80.89 64.24 -13.88
C ASP P 63 80.36 63.36 -12.75
N LEU P 64 81.28 62.80 -11.97
CA LEU P 64 80.92 61.92 -10.86
C LEU P 64 80.42 62.71 -9.66
N ASP P 65 81.13 63.78 -9.32
CA ASP P 65 80.76 64.62 -8.19
C ASP P 65 79.33 65.12 -8.30
N ALA P 66 78.94 65.54 -9.51
CA ALA P 66 77.60 66.05 -9.76
C ALA P 66 76.56 64.95 -9.60
N ALA P 67 76.89 63.72 -10.03
CA ALA P 67 75.95 62.62 -9.94
C ALA P 67 75.75 62.16 -8.50
N VAL P 68 76.81 62.13 -7.70
CA VAL P 68 76.68 61.76 -6.30
C VAL P 68 75.91 62.83 -5.53
N ASP P 69 76.15 64.09 -5.85
CA ASP P 69 75.39 65.18 -5.25
C ASP P 69 73.91 65.07 -5.58
N GLY P 70 73.59 64.79 -6.84
CA GLY P 70 72.20 64.60 -7.22
C GLY P 70 71.57 63.37 -6.57
N PHE P 71 72.37 62.33 -6.34
CA PHE P 71 71.87 61.15 -5.64
C PHE P 71 71.45 61.51 -4.22
N PHE P 72 72.31 62.21 -3.49
CA PHE P 72 72.00 62.49 -2.09
C PHE P 72 71.00 63.62 -1.91
N LYS P 73 70.86 64.52 -2.88
CA LYS P 73 69.85 65.56 -2.78
C LYS P 73 68.43 65.04 -2.96
N ASN P 74 68.28 63.83 -3.51
CA ASN P 74 66.97 63.28 -3.85
C ASN P 74 66.51 62.21 -2.87
N GLY P 75 67.22 62.01 -1.78
CA GLY P 75 66.82 61.06 -0.77
C GLY P 75 67.52 59.70 -0.80
N GLY P 76 68.69 59.61 -1.43
CA GLY P 76 69.42 58.36 -1.41
C GLY P 76 70.12 58.11 -0.08
N SER P 77 70.36 56.84 0.20
CA SER P 77 70.87 56.41 1.49
C SER P 77 72.33 55.97 1.46
N ARG P 78 72.72 55.10 0.54
CA ARG P 78 74.04 54.50 0.58
C ARG P 78 74.59 54.32 -0.83
N CYS P 79 75.87 54.70 -1.00
CA CYS P 79 76.59 54.52 -2.25
C CYS P 79 77.78 53.60 -2.03
N PHE P 80 78.14 52.86 -3.07
CA PHE P 80 79.44 52.21 -3.18
C PHE P 80 80.20 52.90 -4.32
N ILE P 81 81.33 53.50 -3.98
CA ILE P 81 82.13 54.25 -4.94
C ILE P 81 83.31 53.38 -5.37
N GLY P 82 83.54 53.32 -6.68
CA GLY P 82 84.71 52.71 -7.25
C GLY P 82 85.45 53.68 -8.16
N ARG P 83 86.69 54.00 -7.82
CA ARG P 83 87.47 55.02 -8.52
C ARG P 83 88.21 54.37 -9.69
N VAL P 84 88.02 54.94 -10.88
CA VAL P 84 88.69 54.50 -12.09
C VAL P 84 89.81 55.50 -12.39
N SER P 85 91.01 54.98 -12.65
CA SER P 85 92.18 55.82 -12.82
C SER P 85 92.97 55.40 -14.05
N GLY P 86 93.49 56.38 -14.77
CA GLY P 86 94.33 56.12 -15.92
C GLY P 86 95.79 55.84 -15.61
N ALA P 87 96.19 55.99 -14.35
CA ALA P 87 97.56 55.73 -13.94
C ALA P 87 97.70 54.31 -13.42
N ASP P 88 98.93 53.80 -13.49
CA ASP P 88 99.22 52.48 -12.95
C ASP P 88 98.96 52.45 -11.45
N ILE P 89 98.49 51.29 -10.96
CA ILE P 89 98.09 51.15 -9.57
C ILE P 89 99.26 51.35 -8.62
N ASP P 90 100.49 51.11 -9.06
CA ASP P 90 101.66 51.22 -8.21
C ASP P 90 102.42 52.52 -8.41
N ASP P 91 101.87 53.46 -9.18
CA ASP P 91 102.46 54.79 -9.35
C ASP P 91 102.01 55.67 -8.18
N VAL P 92 102.61 55.41 -7.02
CA VAL P 92 102.22 56.02 -5.76
C VAL P 92 103.42 56.74 -5.16
N ALA P 93 103.18 57.88 -4.53
CA ALA P 93 104.23 58.62 -3.86
C ALA P 93 104.55 58.00 -2.50
N THR P 94 105.83 58.01 -2.15
CA THR P 94 106.33 57.35 -0.95
C THR P 94 107.24 58.30 -0.17
N GLY P 95 107.70 57.82 0.99
CA GLY P 95 108.56 58.60 1.86
C GLY P 95 109.15 57.70 2.93
N ILE P 96 110.01 58.31 3.76
CA ILE P 96 110.79 57.58 4.76
C ILE P 96 110.90 58.43 6.02
N LEU P 97 110.82 57.77 7.18
CA LEU P 97 111.07 58.40 8.46
C LEU P 97 112.36 57.85 9.07
N ALA P 98 113.18 58.74 9.63
CA ALA P 98 114.50 58.38 10.13
C ALA P 98 114.60 58.62 11.63
N ASP P 99 115.56 57.92 12.25
CA ASP P 99 115.75 57.94 13.69
C ASP P 99 116.86 58.92 14.09
N ASP P 100 117.30 58.80 15.35
CA ASP P 100 118.26 59.73 15.93
C ASP P 100 119.57 59.80 15.15
N GLU P 101 120.15 58.65 14.79
CA GLU P 101 121.43 58.63 14.10
C GLU P 101 121.30 58.20 12.64
N GLY P 102 120.10 58.26 12.06
CA GLY P 102 119.94 58.04 10.64
C GLY P 102 119.65 56.63 10.21
N ASN P 103 118.63 56.01 10.81
CA ASN P 103 118.14 54.71 10.41
C ASN P 103 116.68 54.85 9.99
N GLU P 104 116.33 54.28 8.84
CA GLU P 104 114.95 54.31 8.41
C GLU P 104 114.11 53.37 9.27
N ILE P 105 113.15 53.94 9.99
CA ILE P 105 112.35 53.18 10.93
C ILE P 105 110.93 52.93 10.45
N ALA P 106 110.41 53.75 9.53
CA ALA P 106 109.05 53.59 9.03
C ALA P 106 109.02 53.96 7.56
N GLU P 107 107.92 53.61 6.90
CA GLU P 107 107.73 53.90 5.49
C GLU P 107 106.32 54.42 5.28
N VAL P 108 106.22 55.60 4.65
CA VAL P 108 104.97 56.30 4.45
C VAL P 108 104.59 56.22 2.97
N GLU P 109 103.30 56.01 2.70
CA GLU P 109 102.84 55.82 1.34
C GLU P 109 101.48 56.45 1.15
N ALA P 110 101.27 57.09 0.00
CA ALA P 110 100.00 57.74 -0.27
C ALA P 110 98.88 56.71 -0.38
N ASN P 111 97.65 57.18 -0.14
CA ASN P 111 96.46 56.32 -0.15
C ASN P 111 95.79 56.36 -1.53
N GLY P 112 96.54 55.94 -2.54
CA GLY P 112 96.05 55.95 -3.90
C GLY P 112 97.05 56.49 -4.89
N PRO P 113 96.94 56.08 -6.15
CA PRO P 113 97.90 56.50 -7.16
C PRO P 113 97.53 57.86 -7.78
N GLY P 114 98.56 58.54 -8.27
CA GLY P 114 98.39 59.81 -8.95
C GLY P 114 99.36 60.85 -8.43
N GLN P 115 99.35 61.99 -9.12
CA GLN P 115 100.25 63.10 -8.79
C GLN P 115 99.86 63.84 -7.52
N TRP P 116 98.61 63.68 -7.07
CA TRP P 116 98.16 64.39 -5.87
C TRP P 116 99.03 64.06 -4.67
N GLY P 117 99.54 62.84 -4.58
CA GLY P 117 100.40 62.46 -3.47
C GLY P 117 101.67 63.26 -3.34
N GLU P 118 102.06 63.99 -4.39
CA GLU P 118 103.22 64.87 -4.30
C GLU P 118 102.95 66.10 -3.46
N SER P 119 101.71 66.34 -3.05
CA SER P 119 101.34 67.53 -2.29
C SER P 119 100.96 67.22 -0.85
N VAL P 120 101.42 66.08 -0.32
CA VAL P 120 101.13 65.67 1.04
C VAL P 120 102.38 65.89 1.88
N ALA P 121 102.23 66.57 3.01
CA ALA P 121 103.34 66.83 3.93
C ALA P 121 103.10 66.14 5.26
N VAL P 122 104.15 65.52 5.79
CA VAL P 122 104.12 64.83 7.07
C VAL P 122 105.05 65.56 8.02
N ILE P 123 104.56 65.87 9.23
CA ILE P 123 105.28 66.66 10.21
C ILE P 123 105.32 65.90 11.52
N VAL P 124 106.52 65.72 12.07
CA VAL P 124 106.72 65.02 13.34
C VAL P 124 107.22 66.03 14.36
N GLU P 125 106.61 66.03 15.55
CA GLU P 125 107.06 66.87 16.65
C GLU P 125 107.05 66.08 17.94
N ASP P 126 107.65 66.63 18.98
CA ASP P 126 107.79 65.93 20.25
C ASP P 126 106.74 66.38 21.26
N SER P 127 106.34 65.45 22.11
CA SER P 127 105.26 65.66 23.06
C SER P 127 105.81 65.99 24.45
N GLN P 128 104.94 66.58 25.27
CA GLN P 128 105.30 66.99 26.62
C GLN P 128 105.48 65.81 27.57
N TYR P 129 105.01 64.63 27.20
CA TYR P 129 105.15 63.48 28.06
C TYR P 129 106.32 62.61 27.60
N PRO P 130 107.00 61.96 28.54
CA PRO P 130 108.16 61.14 28.17
C PRO P 130 107.77 60.00 27.24
N ASN P 131 108.60 59.79 26.22
CA ASN P 131 108.47 58.69 25.26
C ASN P 131 107.23 58.82 24.39
N GLN P 132 106.86 60.04 24.02
CA GLN P 132 105.68 60.27 23.20
C GLN P 132 105.94 61.39 22.20
N PHE P 133 105.22 61.36 21.09
CA PHE P 133 105.40 62.35 20.03
C PHE P 133 104.09 62.54 19.27
N ASP P 134 104.01 63.64 18.53
CA ASP P 134 102.84 64.01 17.75
C ASP P 134 103.16 63.92 16.25
N ILE P 135 102.14 63.60 15.46
CA ILE P 135 102.26 63.51 14.01
C ILE P 135 101.12 64.29 13.36
N THR P 136 101.43 65.02 12.29
CA THR P 136 100.44 65.79 11.55
C THR P 136 100.61 65.52 10.05
N VAL P 137 99.48 65.45 9.34
CA VAL P 137 99.47 65.25 7.90
C VAL P 137 98.64 66.35 7.26
N ARG P 138 99.21 67.02 6.25
CA ARG P 138 98.58 68.15 5.59
C ARG P 138 98.53 67.96 4.08
N TYR P 139 97.47 68.45 3.46
CA TYR P 139 97.32 68.34 2.01
C TYR P 139 96.71 69.62 1.43
N TRP P 140 97.35 70.15 0.39
CA TRP P 140 96.91 71.33 -0.35
C TRP P 140 96.46 70.92 -1.74
N SER P 141 95.31 71.45 -2.19
CA SER P 141 94.76 71.11 -3.50
C SER P 141 95.33 71.95 -4.63
N GLY P 142 95.89 73.11 -4.34
CA GLY P 142 96.35 74.00 -5.37
C GLY P 142 97.85 73.95 -5.56
N ASP P 143 98.42 75.11 -5.87
CA ASP P 143 99.84 75.21 -6.21
C ASP P 143 100.71 75.08 -4.96
N LEU P 144 101.86 74.40 -5.12
CA LEU P 144 102.82 74.32 -4.03
C LEU P 144 103.76 75.51 -4.02
N GLU P 145 103.98 76.14 -5.18
CA GLU P 145 104.89 77.28 -5.28
C GLU P 145 104.44 78.46 -4.42
N ALA P 146 103.17 78.53 -4.06
CA ALA P 146 102.62 79.66 -3.32
C ALA P 146 102.49 79.39 -1.82
N VAL P 147 102.84 78.19 -1.36
CA VAL P 147 102.74 77.84 0.05
C VAL P 147 103.95 78.41 0.77
N SER P 148 103.71 79.36 1.68
CA SER P 148 104.80 80.07 2.32
C SER P 148 105.37 79.28 3.50
N LYS P 149 104.54 79.00 4.51
CA LYS P 149 104.95 78.34 5.74
C LYS P 149 104.20 77.03 5.88
N PRO P 150 104.63 75.98 5.19
CA PRO P 150 103.93 74.69 5.33
C PRO P 150 104.10 74.06 6.70
N HIS P 151 105.13 74.46 7.45
CA HIS P 151 105.42 73.87 8.75
C HIS P 151 104.85 74.67 9.91
N GLY P 152 104.57 75.96 9.72
CA GLY P 152 104.07 76.80 10.78
C GLY P 152 102.66 76.45 11.20
N ASP P 153 102.20 77.14 12.25
CA ASP P 153 100.86 76.93 12.77
C ASP P 153 99.78 77.47 11.83
N ARG P 154 100.13 78.34 10.90
CA ARG P 154 99.18 78.91 9.95
C ARG P 154 99.87 79.09 8.60
N PRO P 155 99.75 78.11 7.71
CA PRO P 155 100.32 78.26 6.36
C PRO P 155 99.62 79.35 5.58
N ASP P 156 100.29 79.81 4.51
CA ASP P 156 99.78 80.96 3.77
C ASP P 156 98.42 80.70 3.13
N PRO P 157 98.23 79.66 2.29
CA PRO P 157 96.87 79.18 2.03
C PRO P 157 96.53 78.05 2.98
N SER P 158 95.38 78.16 3.64
CA SER P 158 94.98 77.14 4.59
C SER P 158 94.87 75.78 3.88
N PRO P 159 95.43 74.72 4.44
CA PRO P 159 95.44 73.43 3.74
C PRO P 159 94.05 72.89 3.54
N ASP P 160 93.92 72.06 2.50
CA ASP P 160 92.62 71.48 2.17
C ASP P 160 92.25 70.34 3.11
N VAL P 161 93.23 69.54 3.53
CA VAL P 161 92.98 68.45 4.47
C VAL P 161 94.03 68.50 5.58
N GLU P 162 93.59 68.19 6.80
CA GLU P 162 94.36 68.32 8.02
C GLU P 162 94.08 67.12 8.91
N GLU P 163 95.13 66.47 9.43
CA GLU P 163 94.96 65.37 10.37
C GLU P 163 96.03 65.42 11.45
N VAL P 164 95.64 65.23 12.70
CA VAL P 164 96.54 65.34 13.85
C VAL P 164 96.37 64.10 14.73
N TYR P 165 97.49 63.54 15.19
CA TYR P 165 97.50 62.39 16.08
C TYR P 165 98.51 62.66 17.20
N ASP P 166 98.03 62.63 18.45
CA ASP P 166 98.76 63.19 19.57
C ASP P 166 99.50 62.16 20.42
N GLY P 167 98.80 61.17 20.97
CA GLY P 167 99.44 60.30 21.94
C GLY P 167 100.10 59.06 21.35
N LEU P 168 101.19 59.24 20.61
CA LEU P 168 101.82 58.12 19.91
C LEU P 168 103.03 57.60 20.65
N SER P 169 103.34 56.33 20.41
CA SER P 169 104.46 55.65 21.04
C SER P 169 105.14 54.75 20.03
N ALA P 170 106.34 54.27 20.38
CA ALA P 170 107.10 53.36 19.55
C ALA P 170 107.13 51.94 20.12
N ASP P 171 106.23 51.62 21.04
CA ASP P 171 106.16 50.27 21.61
C ASP P 171 105.16 49.43 20.82
N PRO P 172 105.59 48.36 20.16
CA PRO P 172 104.66 47.61 19.30
C PRO P 172 103.55 46.89 20.05
N GLU P 173 103.71 46.63 21.35
CA GLU P 173 102.70 45.92 22.11
C GLU P 173 101.71 46.85 22.80
N ALA P 174 101.91 48.16 22.70
CA ALA P 174 100.99 49.13 23.26
C ALA P 174 99.83 49.39 22.31
N SER P 175 98.78 50.02 22.83
CA SER P 175 97.64 50.37 22.00
C SER P 175 97.78 51.75 21.37
N ASN P 176 98.77 52.53 21.78
CA ASN P 176 99.07 53.81 21.15
C ASN P 176 100.29 53.74 20.24
N PHE P 177 100.63 52.54 19.77
CA PHE P 177 101.65 52.39 18.74
C PHE P 177 101.19 53.09 17.46
N TYR P 178 102.11 53.81 16.81
CA TYR P 178 101.70 54.71 15.74
C TYR P 178 101.16 53.95 14.52
N GLU P 179 101.62 52.72 14.31
CA GLU P 179 101.10 51.90 13.22
C GLU P 179 99.62 51.62 13.39
N LYS P 180 99.16 51.44 14.63
CA LYS P 180 97.74 51.16 14.88
C LYS P 180 96.91 52.42 14.90
N GLN P 181 97.49 53.56 15.26
CA GLN P 181 96.71 54.78 15.38
C GLN P 181 96.55 55.47 14.03
N LEU P 182 97.59 55.46 13.20
CA LEU P 182 97.51 56.07 11.89
C LEU P 182 96.77 55.21 10.87
N GLU P 183 96.14 54.13 11.30
CA GLU P 183 95.51 53.22 10.33
C GLU P 183 94.20 53.80 9.80
N SER P 184 93.53 54.64 10.60
CA SER P 184 92.32 55.32 10.16
C SER P 184 92.72 56.71 9.70
N SER P 185 93.18 56.81 8.45
CA SER P 185 93.61 58.05 7.85
C SER P 185 93.27 58.01 6.36
N VAL P 186 92.69 59.09 5.86
CA VAL P 186 92.27 59.13 4.46
C VAL P 186 93.38 59.56 3.53
N LEU P 187 94.59 59.81 4.02
CA LEU P 187 95.65 60.36 3.19
C LEU P 187 96.84 59.42 3.02
N VAL P 188 97.33 58.78 4.09
CA VAL P 188 98.59 58.07 4.05
C VAL P 188 98.43 56.69 4.69
N ASP P 189 99.49 55.90 4.59
CA ASP P 189 99.64 54.58 5.19
C ASP P 189 101.06 54.46 5.73
N ILE P 190 101.19 53.81 6.89
CA ILE P 190 102.47 53.66 7.56
C ILE P 190 102.80 52.18 7.67
N GLU P 191 104.07 51.84 7.49
CA GLU P 191 104.54 50.48 7.70
C GLU P 191 105.82 50.49 8.52
N TYR P 192 105.90 49.57 9.47
CA TYR P 192 106.99 49.56 10.44
C TYR P 192 108.19 48.79 9.88
N LYS P 193 109.39 49.34 10.09
CA LYS P 193 110.62 48.72 9.62
C LYS P 193 111.58 48.35 10.73
N ASP P 194 111.94 49.29 11.61
CA ASP P 194 113.02 49.08 12.56
C ASP P 194 112.69 49.80 13.87
N ASP P 195 113.49 49.54 14.89
CA ASP P 195 113.26 50.08 16.23
C ASP P 195 113.82 51.50 16.32
N GLY P 196 113.03 52.41 16.88
CA GLY P 196 113.47 53.77 17.06
C GLY P 196 112.29 54.70 17.17
N THR P 197 112.61 55.99 17.23
CA THR P 197 111.61 57.05 17.27
C THR P 197 112.05 58.16 16.33
N PRO P 198 111.13 58.76 15.57
CA PRO P 198 111.53 59.69 14.52
C PRO P 198 111.93 61.05 15.08
N VAL P 199 112.75 61.77 14.30
CA VAL P 199 113.18 63.12 14.64
C VAL P 199 112.17 64.12 14.10
N ASP P 200 112.15 65.31 14.69
CA ASP P 200 111.17 66.31 14.33
C ASP P 200 111.45 66.87 12.93
N GLY P 201 110.41 67.43 12.32
CA GLY P 201 110.57 68.12 11.06
C GLY P 201 109.46 67.77 10.09
N LEU P 202 109.60 68.29 8.87
CA LEU P 202 108.62 68.13 7.80
C LEU P 202 109.23 67.36 6.65
N THR P 203 108.38 66.66 5.90
CA THR P 203 108.84 65.91 4.74
C THR P 203 107.71 65.74 3.73
N TRP P 204 108.06 65.82 2.45
CA TRP P 204 107.15 65.62 1.35
C TRP P 204 107.33 64.26 0.72
N LEU P 205 106.27 63.74 0.10
CA LEU P 205 106.32 62.46 -0.60
C LEU P 205 106.71 62.67 -2.05
N HIS P 206 107.71 61.92 -2.52
CA HIS P 206 108.35 62.16 -3.80
C HIS P 206 108.20 60.94 -4.72
N ARG P 207 108.73 61.10 -5.94
CA ARG P 207 108.88 60.05 -6.95
C ARG P 207 107.53 59.35 -7.21
N ASP P 208 106.61 60.12 -7.78
CA ASP P 208 105.37 59.56 -8.26
C ASP P 208 105.58 58.71 -9.52
N VAL P 292 91.48 57.50 -19.71
CA VAL P 292 91.04 56.17 -19.32
C VAL P 292 90.40 55.46 -20.50
N THR P 293 90.40 54.13 -20.45
CA THR P 293 89.88 53.29 -21.51
C THR P 293 88.80 52.36 -20.95
N LEU P 294 88.35 51.43 -21.80
CA LEU P 294 87.38 50.44 -21.38
C LEU P 294 87.99 49.41 -20.45
N LYS P 295 89.27 49.09 -20.64
CA LYS P 295 89.95 48.11 -19.80
C LYS P 295 90.20 48.61 -18.39
N ASP P 296 90.16 49.92 -18.16
CA ASP P 296 90.22 50.46 -16.81
C ASP P 296 88.87 50.40 -16.11
N TYR P 297 87.78 50.56 -16.87
CA TYR P 297 86.45 50.38 -16.31
C TYR P 297 86.15 48.92 -16.03
N GLU P 298 86.76 48.01 -16.79
CA GLU P 298 86.61 46.58 -16.49
C GLU P 298 87.28 46.22 -15.17
N GLY P 299 88.47 46.77 -14.92
CA GLY P 299 89.13 46.61 -13.65
C GLY P 299 90.14 45.48 -13.63
N VAL P 300 90.93 45.46 -12.56
CA VAL P 300 91.94 44.44 -12.33
C VAL P 300 91.32 43.30 -11.54
N ASN P 301 91.70 42.07 -11.89
CA ASN P 301 91.25 40.88 -11.18
C ASN P 301 92.48 40.03 -10.89
N LYS P 302 93.08 40.26 -9.73
CA LYS P 302 94.21 39.50 -9.23
C LYS P 302 93.86 38.90 -7.88
N PRO P 303 94.61 37.90 -7.41
CA PRO P 303 94.25 37.23 -6.14
C PRO P 303 94.03 38.17 -4.97
N GLY P 304 94.75 39.27 -4.88
CA GLY P 304 94.58 40.18 -3.76
C GLY P 304 94.32 41.62 -4.12
N LEU P 305 93.63 41.87 -5.24
CA LEU P 305 93.35 43.22 -5.69
C LEU P 305 92.25 43.19 -6.73
N ARG P 306 91.19 43.97 -6.50
CA ARG P 306 90.07 44.06 -7.43
C ARG P 306 89.64 45.50 -7.56
N THR P 307 89.53 45.97 -8.80
CA THR P 307 89.04 47.32 -9.09
C THR P 307 87.98 47.23 -10.19
N GLY P 308 87.30 48.35 -10.43
CA GLY P 308 86.33 48.40 -11.52
C GLY P 308 85.08 47.59 -11.23
N LEU P 309 84.62 46.85 -12.24
CA LEU P 309 83.47 45.98 -12.07
C LEU P 309 83.83 44.67 -11.38
N ALA P 310 85.07 44.20 -11.57
CA ALA P 310 85.54 43.03 -10.86
C ALA P 310 85.49 43.22 -9.35
N GLY P 311 85.69 44.45 -8.88
CA GLY P 311 85.55 44.72 -7.47
C GLY P 311 84.11 44.76 -7.02
N PHE P 312 83.21 45.26 -7.89
CA PHE P 312 81.80 45.32 -7.53
C PHE P 312 81.17 43.94 -7.47
N LYS P 313 81.62 43.00 -8.29
CA LYS P 313 80.94 41.71 -8.32
C LYS P 313 81.26 40.83 -7.11
N ALA P 314 82.03 41.33 -6.15
CA ALA P 314 82.26 40.65 -4.89
C ALA P 314 81.56 41.34 -3.72
N ILE P 315 80.64 42.27 -4.00
CA ILE P 315 79.82 42.95 -3.02
C ILE P 315 78.38 42.56 -3.30
N ASP P 316 77.68 42.04 -2.28
CA ASP P 316 76.33 41.55 -2.45
C ASP P 316 75.25 42.51 -1.94
N GLU P 317 75.61 43.75 -1.63
CA GLU P 317 74.62 44.73 -1.22
C GLU P 317 74.12 45.59 -2.38
N ILE P 318 74.91 45.71 -3.45
CA ILE P 318 74.56 46.58 -4.55
C ILE P 318 73.34 46.04 -5.28
N SER P 319 72.40 46.92 -5.59
CA SER P 319 71.18 46.54 -6.30
C SER P 319 70.96 47.32 -7.58
N MET P 320 71.73 48.38 -7.84
CA MET P 320 71.67 49.10 -9.10
C MET P 320 73.00 49.78 -9.36
N VAL P 321 73.41 49.78 -10.63
CA VAL P 321 74.73 50.24 -11.06
C VAL P 321 74.54 51.37 -12.07
N CYS P 322 75.39 52.39 -11.99
CA CYS P 322 75.38 53.45 -12.98
C CYS P 322 76.78 53.95 -13.24
N ALA P 323 77.04 54.31 -14.50
CA ALA P 323 78.29 54.95 -14.90
C ALA P 323 77.94 56.24 -15.62
N PRO P 324 78.18 57.41 -15.00
CA PRO P 324 77.76 58.68 -15.63
C PRO P 324 78.38 58.94 -17.00
N ASP P 325 79.63 58.55 -17.23
CA ASP P 325 80.32 58.84 -18.48
C ASP P 325 80.30 57.67 -19.44
N GLU P 326 79.20 56.91 -19.47
CA GLU P 326 79.14 55.69 -20.28
C GLU P 326 79.10 55.96 -21.77
N ASN P 327 78.82 57.20 -22.18
CA ASN P 327 78.72 57.52 -23.60
C ASN P 327 80.01 58.07 -24.19
N ASP P 328 81.01 58.35 -23.36
CA ASP P 328 82.32 58.76 -23.83
C ASP P 328 83.25 57.59 -24.07
N ILE P 329 82.97 56.43 -23.51
CA ILE P 329 83.80 55.24 -23.64
C ILE P 329 83.00 54.21 -24.40
N ASP P 330 83.41 53.91 -25.63
CA ASP P 330 82.68 52.97 -26.46
C ASP P 330 82.86 51.54 -25.95
N GLY P 331 81.75 50.80 -25.88
CA GLY P 331 81.78 49.44 -25.40
C GLY P 331 81.54 49.27 -23.92
N LEU P 332 81.07 50.30 -23.22
CA LEU P 332 80.82 50.22 -21.78
C LEU P 332 79.37 49.88 -21.45
N THR P 333 78.43 50.32 -22.28
CA THR P 333 77.02 49.99 -22.05
C THR P 333 76.80 48.48 -22.08
N ASP P 334 77.36 47.81 -23.08
CA ASP P 334 77.23 46.36 -23.18
C ASP P 334 77.90 45.66 -22.00
N SER P 335 79.05 46.17 -21.56
CA SER P 335 79.73 45.56 -20.41
C SER P 335 78.89 45.69 -19.15
N ILE P 336 78.24 46.84 -18.95
CA ILE P 336 77.41 47.03 -17.77
C ILE P 336 76.19 46.12 -17.82
N VAL P 337 75.53 46.04 -18.97
CA VAL P 337 74.35 45.19 -19.08
C VAL P 337 74.72 43.72 -18.90
N ALA P 338 75.89 43.32 -19.42
CA ALA P 338 76.34 41.94 -19.26
C ALA P 338 76.69 41.63 -17.81
N HIS P 339 77.32 42.58 -17.11
CA HIS P 339 77.59 42.41 -15.68
C HIS P 339 76.29 42.18 -14.90
N CYS P 340 75.29 43.00 -15.17
CA CYS P 340 74.03 42.86 -14.44
C CYS P 340 73.29 41.58 -14.80
N GLU P 341 73.38 41.13 -16.06
CA GLU P 341 72.71 39.90 -16.44
C GLU P 341 73.45 38.65 -15.94
N ASN P 342 74.77 38.73 -15.80
CA ASN P 342 75.53 37.58 -15.33
C ASN P 342 75.48 37.44 -13.82
N MET P 343 75.39 38.54 -13.08
CA MET P 343 75.18 38.41 -11.65
C MET P 343 73.75 37.97 -11.35
N GLY P 344 72.79 38.53 -12.07
CA GLY P 344 71.40 38.15 -11.91
C GLY P 344 70.70 38.75 -10.71
N ASP P 345 71.30 39.76 -10.07
CA ASP P 345 70.69 40.34 -8.87
C ASP P 345 70.83 41.86 -8.82
N ARG P 346 71.01 42.53 -9.95
CA ARG P 346 71.12 43.98 -9.95
C ARG P 346 70.50 44.52 -11.23
N PHE P 347 70.34 45.84 -11.27
CA PHE P 347 69.62 46.54 -12.31
C PHE P 347 70.48 47.66 -12.86
N ALA P 348 70.36 47.93 -14.16
CA ALA P 348 71.20 48.92 -14.82
C ALA P 348 70.38 50.13 -15.26
N ILE P 349 70.92 51.32 -15.00
CA ILE P 349 70.30 52.59 -15.34
C ILE P 349 71.14 53.24 -16.43
N LEU P 350 70.50 53.61 -17.54
CA LEU P 350 71.18 54.15 -18.70
C LEU P 350 70.56 55.47 -19.11
N GLN P 351 71.40 56.37 -19.60
CA GLN P 351 70.97 57.68 -20.07
C GLN P 351 71.34 57.84 -21.54
N SER P 352 70.57 58.68 -22.24
CA SER P 352 70.76 58.90 -23.65
C SER P 352 72.01 59.74 -23.90
N PRO P 353 72.43 59.88 -25.15
CA PRO P 353 73.50 60.83 -25.47
C PRO P 353 72.99 62.26 -25.41
N GLN P 354 73.93 63.20 -25.45
CA GLN P 354 73.55 64.61 -25.48
C GLN P 354 72.92 64.99 -26.81
N ASN P 355 73.27 64.29 -27.88
CA ASN P 355 72.68 64.49 -29.20
C ASN P 355 72.28 63.14 -29.75
N PRO P 356 71.04 62.71 -29.49
CA PRO P 356 70.63 61.37 -29.93
C PRO P 356 70.02 61.33 -31.33
N GLY P 357 69.88 62.46 -32.02
CA GLY P 357 69.40 62.48 -33.38
C GLY P 357 67.95 62.89 -33.50
N PRO P 358 67.33 62.60 -34.64
CA PRO P 358 65.91 62.91 -34.82
C PRO P 358 65.03 61.98 -34.00
N VAL P 359 63.85 62.48 -33.64
CA VAL P 359 62.95 61.75 -32.75
C VAL P 359 62.43 60.48 -33.41
N SER P 360 62.12 60.55 -34.71
CA SER P 360 61.55 59.42 -35.42
C SER P 360 62.53 58.29 -35.64
N GLU P 361 63.78 58.42 -35.21
CA GLU P 361 64.79 57.41 -35.46
C GLU P 361 65.45 56.87 -34.20
N MET P 362 64.98 57.26 -33.02
CA MET P 362 65.61 56.86 -31.79
C MET P 362 65.27 55.40 -31.46
N GLU P 363 66.23 54.72 -30.85
CA GLU P 363 66.06 53.34 -30.41
C GLU P 363 66.81 53.15 -29.10
N THR P 364 66.54 52.05 -28.44
CA THR P 364 67.33 51.80 -27.25
C THR P 364 68.61 51.04 -27.62
N PRO P 365 69.69 51.21 -26.86
CA PRO P 365 70.94 50.53 -27.23
C PRO P 365 70.86 49.01 -27.07
N VAL P 366 70.27 48.53 -25.98
CA VAL P 366 70.18 47.09 -25.74
C VAL P 366 68.72 46.67 -25.67
N ASP P 367 68.47 45.37 -25.59
CA ASP P 367 67.13 44.80 -25.50
C ASP P 367 67.03 43.89 -24.29
N SER P 368 67.56 44.35 -23.17
CA SER P 368 67.63 43.56 -21.95
C SER P 368 66.46 43.86 -21.03
N SER P 369 66.10 42.87 -20.22
CA SER P 369 65.15 43.06 -19.14
C SER P 369 65.79 43.58 -17.87
N TYR P 370 67.10 43.79 -17.87
CA TYR P 370 67.84 44.21 -16.69
C TYR P 370 68.31 45.66 -16.77
N ALA P 371 67.65 46.48 -17.59
CA ALA P 371 68.10 47.84 -17.82
C ALA P 371 66.90 48.75 -18.05
N ALA P 372 67.11 50.05 -17.81
CA ALA P 372 66.12 51.08 -18.08
C ALA P 372 66.83 52.29 -18.67
N TYR P 373 66.11 53.07 -19.47
CA TYR P 373 66.69 54.09 -20.34
C TYR P 373 65.94 55.41 -20.19
N TYR P 374 66.66 56.47 -19.83
CA TYR P 374 66.04 57.75 -19.49
C TYR P 374 66.53 58.87 -20.39
N TYR P 375 65.69 59.90 -20.55
CA TYR P 375 65.94 60.98 -21.50
C TYR P 375 65.12 62.20 -21.11
N PRO P 376 65.64 63.45 -21.28
CA PRO P 376 66.93 64.01 -21.69
C PRO P 376 67.87 64.41 -20.54
N TRP P 377 68.86 65.24 -20.86
CA TRP P 377 69.84 65.77 -19.92
C TRP P 377 69.23 66.91 -19.08
N VAL P 378 69.92 67.29 -18.01
CA VAL P 378 69.42 68.28 -17.06
C VAL P 378 70.46 69.38 -16.85
N ASN P 379 70.03 70.45 -16.19
CA ASN P 379 70.84 71.64 -15.92
C ASN P 379 71.05 71.80 -14.42
N VAL P 380 72.28 72.14 -14.02
CA VAL P 380 72.64 72.31 -12.63
C VAL P 380 73.53 73.55 -12.49
N LEU P 381 73.72 73.98 -11.24
CA LEU P 381 74.68 75.02 -10.90
C LEU P 381 76.04 74.40 -10.62
N ASP P 382 77.09 74.96 -11.23
CA ASP P 382 78.42 74.40 -11.09
C ASP P 382 79.15 75.12 -9.96
N PRO P 383 79.63 74.41 -8.93
CA PRO P 383 80.16 75.09 -7.74
C PRO P 383 81.55 75.69 -7.90
N VAL P 384 82.11 75.76 -9.11
CA VAL P 384 83.38 76.42 -9.33
C VAL P 384 83.27 77.61 -10.26
N THR P 385 82.21 77.71 -11.06
CA THR P 385 81.96 78.85 -11.91
C THR P 385 80.68 79.60 -11.55
N ASN P 386 79.79 78.97 -10.78
CA ASN P 386 78.51 79.56 -10.39
C ASN P 386 77.64 79.85 -11.62
N ARG P 387 77.74 78.99 -12.62
CA ARG P 387 76.95 79.09 -13.85
C ARG P 387 76.22 77.78 -14.07
N GLU P 388 75.29 77.79 -15.02
CA GLU P 388 74.58 76.57 -15.37
C GLU P 388 75.48 75.63 -16.17
N LYS P 389 75.17 74.35 -16.10
CA LYS P 389 75.95 73.30 -16.73
C LYS P 389 75.03 72.13 -17.02
N LEU P 390 75.26 71.46 -18.14
CA LEU P 390 74.40 70.39 -18.61
C LEU P 390 75.03 69.04 -18.29
N VAL P 391 74.27 68.18 -17.61
CA VAL P 391 74.78 66.90 -17.12
C VAL P 391 73.75 65.81 -17.40
N PRO P 392 74.19 64.55 -17.39
CA PRO P 392 73.24 63.44 -17.55
C PRO P 392 72.46 63.22 -16.27
N PRO P 393 71.24 62.69 -16.37
CA PRO P 393 70.35 62.59 -15.21
C PRO P 393 70.45 61.32 -14.37
N GLY P 394 71.53 60.54 -14.49
CA GLY P 394 71.53 59.20 -13.94
C GLY P 394 71.48 59.14 -12.41
N GLY P 395 72.30 59.96 -11.74
CA GLY P 395 72.37 59.88 -10.29
C GLY P 395 71.11 60.39 -9.60
N HIS P 396 70.51 61.44 -10.15
CA HIS P 396 69.23 61.91 -9.63
C HIS P 396 68.16 60.82 -9.70
N ILE P 397 68.17 60.05 -10.80
CA ILE P 397 67.18 59.00 -10.97
C ILE P 397 67.45 57.84 -10.02
N ALA P 398 68.73 57.51 -9.79
CA ALA P 398 69.03 56.48 -8.79
C ALA P 398 68.59 56.92 -7.40
N GLY P 399 68.76 58.19 -7.08
CA GLY P 399 68.28 58.70 -5.80
C GLY P 399 66.77 58.60 -5.67
N ILE P 400 66.05 58.87 -6.77
CA ILE P 400 64.60 58.70 -6.77
C ILE P 400 64.22 57.24 -6.54
N TYR P 401 64.93 56.30 -7.18
CA TYR P 401 64.72 54.88 -6.93
C TYR P 401 64.85 54.55 -5.45
N SER P 402 65.96 54.99 -4.84
CA SER P 402 66.20 54.70 -3.43
C SER P 402 65.10 55.29 -2.54
N ARG P 403 64.71 56.53 -2.80
CA ARG P 403 63.66 57.17 -1.99
C ARG P 403 62.35 56.42 -2.09
N THR P 404 61.91 56.10 -3.31
CA THR P 404 60.67 55.38 -3.49
C THR P 404 60.71 54.03 -2.80
N ASP P 405 61.85 53.34 -2.87
CA ASP P 405 61.98 52.06 -2.18
C ASP P 405 61.86 52.22 -0.67
N GLN P 406 62.38 53.32 -0.13
CA GLN P 406 62.33 53.51 1.31
C GLN P 406 60.92 53.85 1.79
N GLU P 407 60.17 54.65 1.03
CA GLU P 407 58.90 55.14 1.56
C GLU P 407 57.67 54.38 1.04
N HIS P 408 57.79 53.57 0.00
CA HIS P 408 56.64 52.86 -0.53
C HIS P 408 56.81 51.35 -0.65
N GLY P 409 58.02 50.88 -0.95
CA GLY P 409 58.25 49.49 -1.26
C GLY P 409 58.80 49.30 -2.66
N VAL P 410 59.27 48.07 -2.91
CA VAL P 410 59.87 47.75 -4.21
C VAL P 410 58.83 47.50 -5.29
N HIS P 411 57.56 47.39 -4.91
CA HIS P 411 56.47 47.16 -5.85
C HIS P 411 55.88 48.45 -6.41
N LYS P 412 56.38 49.61 -5.98
CA LYS P 412 55.86 50.89 -6.43
C LYS P 412 56.70 51.41 -7.60
N ALA P 413 56.02 51.83 -8.66
CA ALA P 413 56.72 52.35 -9.83
C ALA P 413 57.37 53.68 -9.50
N PRO P 414 58.66 53.86 -9.75
CA PRO P 414 59.34 55.13 -9.44
C PRO P 414 59.10 56.20 -10.49
N ALA P 415 57.83 56.49 -10.76
CA ALA P 415 57.44 57.52 -11.71
C ALA P 415 56.33 58.36 -11.09
N ASN P 416 56.09 59.52 -11.70
CA ASN P 416 55.23 60.56 -11.12
C ASN P 416 55.85 61.08 -9.82
N GLU P 417 57.17 61.26 -9.84
CA GLU P 417 57.93 61.74 -8.70
C GLU P 417 58.76 62.94 -9.13
N THR P 418 59.05 63.82 -8.17
CA THR P 418 59.74 65.07 -8.46
C THR P 418 61.25 64.91 -8.42
N LEU P 419 61.93 65.68 -9.27
CA LEU P 419 63.38 65.75 -9.28
C LEU P 419 63.83 66.98 -8.51
N ARG P 420 64.66 66.77 -7.49
CA ARG P 420 65.21 67.85 -6.69
C ARG P 420 66.68 68.05 -7.02
N GLY P 421 67.11 69.30 -6.99
CA GLY P 421 68.50 69.64 -7.17
C GLY P 421 68.90 70.11 -8.55
N ILE P 422 67.94 70.47 -9.39
CA ILE P 422 68.22 70.89 -10.76
C ILE P 422 67.60 72.27 -10.98
N VAL P 423 67.88 72.82 -12.15
CA VAL P 423 67.39 74.13 -12.55
C VAL P 423 66.42 74.04 -13.72
N GLY P 424 66.76 73.26 -14.74
CA GLY P 424 65.89 73.08 -15.89
C GLY P 424 66.29 71.84 -16.66
N LEU P 425 65.63 71.66 -17.79
CA LEU P 425 65.88 70.52 -18.67
C LEU P 425 66.62 70.99 -19.92
N GLN P 426 66.95 70.02 -20.77
CA GLN P 426 67.57 70.34 -22.06
C GLN P 426 66.51 70.74 -23.08
N HIS P 427 65.47 69.93 -23.22
CA HIS P 427 64.34 70.22 -24.06
C HIS P 427 63.06 69.98 -23.27
N ASN P 428 61.97 70.59 -23.73
CA ASN P 428 60.64 70.28 -23.23
C ASN P 428 59.93 69.38 -24.23
N ILE P 429 59.53 68.20 -23.79
CA ILE P 429 58.86 67.22 -24.63
C ILE P 429 57.36 67.40 -24.50
N THR P 430 56.65 67.33 -25.63
CA THR P 430 55.21 67.48 -25.65
C THR P 430 54.54 66.11 -25.58
N LYS P 431 53.21 66.11 -25.61
CA LYS P 431 52.44 64.88 -25.59
C LYS P 431 52.44 64.17 -26.94
N GLY P 432 52.63 64.91 -28.03
CA GLY P 432 52.69 64.27 -29.33
C GLY P 432 53.96 63.49 -29.58
N GLU P 433 55.08 63.94 -28.99
CA GLU P 433 56.35 63.25 -29.17
C GLU P 433 56.49 62.03 -28.27
N GLN P 434 55.84 62.05 -27.11
CA GLN P 434 55.90 60.90 -26.22
C GLN P 434 55.05 59.74 -26.71
N ASP P 435 54.05 60.02 -27.55
CA ASP P 435 53.30 58.95 -28.19
C ASP P 435 54.13 58.12 -29.15
N VAL P 436 55.32 58.60 -29.51
CA VAL P 436 56.21 57.87 -30.40
C VAL P 436 57.32 57.21 -29.60
N LEU P 437 57.73 57.85 -28.50
CA LEU P 437 58.84 57.39 -27.69
C LEU P 437 58.44 56.34 -26.67
N ASN P 438 57.26 56.46 -26.08
CA ASN P 438 56.88 55.57 -24.99
C ASN P 438 56.71 54.11 -25.44
N PRO P 439 56.07 53.79 -26.56
CA PRO P 439 56.00 52.38 -26.98
C PRO P 439 57.35 51.77 -27.35
N LYS P 440 58.43 52.53 -27.33
CA LYS P 440 59.76 52.03 -27.68
C LYS P 440 60.63 51.74 -26.47
N GLY P 441 60.13 51.95 -25.26
CA GLY P 441 60.92 51.69 -24.06
C GLY P 441 61.79 52.83 -23.59
N ILE P 442 61.56 54.03 -24.09
CA ILE P 442 62.36 55.21 -23.74
C ILE P 442 61.56 56.03 -22.73
N ASN P 443 62.14 56.29 -21.56
CA ASN P 443 61.44 56.99 -20.50
C ASN P 443 61.80 58.47 -20.54
N CYS P 444 60.81 59.32 -20.30
CA CYS P 444 60.94 60.75 -20.48
C CYS P 444 60.85 61.48 -19.15
N ILE P 445 61.56 62.60 -19.07
CA ILE P 445 61.47 63.53 -17.95
C ILE P 445 60.84 64.80 -18.49
N ARG P 446 59.66 65.15 -17.95
CA ARG P 446 58.85 66.24 -18.50
C ARG P 446 58.59 67.28 -17.42
N SER P 447 58.06 68.42 -17.85
CA SER P 447 57.75 69.52 -16.94
C SER P 447 56.32 69.98 -17.21
N PHE P 448 55.48 69.93 -16.17
CA PHE P 448 54.09 70.32 -16.26
C PHE P 448 53.88 71.65 -15.56
N GLN P 449 53.02 72.48 -16.13
CA GLN P 449 52.70 73.78 -15.57
C GLN P 449 51.80 73.60 -14.36
N GLY P 450 52.23 74.12 -13.21
CA GLY P 450 51.54 73.91 -11.96
C GLY P 450 51.95 72.69 -11.18
N ARG P 451 52.77 71.80 -11.77
CA ARG P 451 53.17 70.58 -11.10
C ARG P 451 54.67 70.33 -11.04
N GLY P 452 55.46 70.93 -11.91
CA GLY P 452 56.90 70.81 -11.82
C GLY P 452 57.50 69.80 -12.77
N ILE P 453 58.73 69.41 -12.49
CA ILE P 453 59.49 68.47 -13.32
C ILE P 453 59.37 67.08 -12.72
N ARG P 454 58.95 66.11 -13.54
CA ARG P 454 58.68 64.76 -13.07
C ARG P 454 59.12 63.73 -14.10
N VAL P 455 59.36 62.52 -13.61
CA VAL P 455 59.62 61.37 -14.46
C VAL P 455 58.30 60.76 -14.90
N TRP P 456 58.11 60.59 -16.22
CA TRP P 456 56.84 60.15 -16.79
C TRP P 456 57.10 58.92 -17.66
N GLY P 457 57.17 57.75 -17.03
CA GLY P 457 57.45 56.52 -17.74
C GLY P 457 58.17 55.50 -16.88
N ALA P 458 57.73 54.25 -16.93
CA ALA P 458 58.23 53.21 -16.01
C ALA P 458 58.42 51.87 -16.71
N ARG P 459 59.04 51.86 -17.89
CA ARG P 459 59.24 50.63 -18.66
C ARG P 459 60.71 50.25 -18.72
N THR P 460 60.95 48.98 -19.07
CA THR P 460 62.30 48.50 -19.35
C THR P 460 62.55 48.48 -20.87
N THR P 461 63.81 48.24 -21.23
CA THR P 461 64.22 48.14 -22.62
C THR P 461 63.84 46.83 -23.27
N SER P 462 63.10 45.97 -22.57
CA SER P 462 62.87 44.60 -23.00
C SER P 462 61.77 44.53 -24.06
N SER P 463 61.88 43.51 -24.91
CA SER P 463 60.85 43.20 -25.91
C SER P 463 59.91 42.09 -25.46
N ASP P 464 60.32 41.26 -24.51
CA ASP P 464 59.44 40.25 -23.94
C ASP P 464 58.23 40.89 -23.27
N PRO P 465 57.01 40.46 -23.58
CA PRO P 465 55.84 41.08 -22.95
C PRO P 465 55.70 40.76 -21.47
N GLU P 466 56.44 39.78 -20.97
CA GLU P 466 56.32 39.39 -19.58
C GLU P 466 57.12 40.29 -18.64
N TRP P 467 58.09 41.04 -19.15
CA TRP P 467 58.93 41.91 -18.33
C TRP P 467 58.87 43.34 -18.83
N LYS P 468 57.66 43.78 -19.16
CA LYS P 468 57.47 45.14 -19.68
C LYS P 468 57.63 46.21 -18.61
N TYR P 469 57.21 45.94 -17.38
CA TYR P 469 57.21 46.93 -16.32
C TYR P 469 58.37 46.68 -15.35
N LEU P 470 58.84 47.77 -14.76
CA LEU P 470 60.10 47.81 -14.03
C LEU P 470 59.96 47.24 -12.61
N ASN P 471 58.84 47.55 -11.96
CA ASN P 471 58.63 47.12 -10.58
C ASN P 471 58.46 45.61 -10.49
N VAL P 472 57.98 44.97 -11.55
CA VAL P 472 57.85 43.51 -11.55
C VAL P 472 59.21 42.85 -11.52
N ARG P 473 60.14 43.35 -12.35
CA ARG P 473 61.51 42.85 -12.34
C ARG P 473 62.17 43.08 -10.99
N ARG P 474 61.98 44.26 -10.40
CA ARG P 474 62.62 44.53 -9.11
C ARG P 474 62.06 43.64 -8.00
N LEU P 475 60.73 43.42 -8.00
CA LEU P 475 60.13 42.52 -7.02
C LEU P 475 60.67 41.10 -7.17
N PHE P 476 60.80 40.62 -8.40
CA PHE P 476 61.32 39.27 -8.57
C PHE P 476 62.78 39.16 -8.14
N LEU P 477 63.60 40.17 -8.41
CA LEU P 477 64.97 40.16 -7.91
C LEU P 477 65.00 40.04 -6.40
N PHE P 478 64.21 40.88 -5.72
CA PHE P 478 64.15 40.85 -4.26
C PHE P 478 63.76 39.46 -3.74
N ILE P 479 62.67 38.91 -4.28
CA ILE P 479 62.16 37.63 -3.80
C ILE P 479 63.18 36.51 -4.02
N GLU P 480 63.77 36.47 -5.23
CA GLU P 480 64.67 35.38 -5.55
C GLU P 480 65.95 35.42 -4.73
N GLN P 481 66.48 36.63 -4.48
CA GLN P 481 67.68 36.67 -3.65
C GLN P 481 67.39 36.31 -2.21
N SER P 482 66.24 36.74 -1.67
CA SER P 482 65.89 36.35 -0.31
C SER P 482 65.79 34.82 -0.19
N ILE P 483 65.12 34.18 -1.16
CA ILE P 483 64.99 32.73 -1.12
C ILE P 483 66.35 32.06 -1.24
N GLN P 484 67.20 32.55 -2.14
CA GLN P 484 68.51 31.94 -2.32
C GLN P 484 69.34 32.00 -1.04
N GLU P 485 69.34 33.16 -0.36
CA GLU P 485 70.23 33.31 0.78
C GLU P 485 69.66 32.75 2.07
N GLY P 486 68.35 32.60 2.19
CA GLY P 486 67.77 32.11 3.42
C GLY P 486 67.32 30.68 3.47
N THR P 487 67.96 29.76 2.73
CA THR P 487 67.50 28.37 2.70
C THR P 487 68.69 27.39 2.69
N GLN P 488 69.88 27.85 3.10
CA GLN P 488 71.03 26.97 3.04
C GLN P 488 71.06 25.93 4.16
N TRP P 489 70.12 25.98 5.10
CA TRP P 489 70.03 24.97 6.14
C TRP P 489 69.47 23.65 5.63
N ALA P 490 68.86 23.65 4.44
CA ALA P 490 68.12 22.50 3.93
C ALA P 490 68.97 21.56 3.08
N VAL P 491 70.22 21.91 2.81
CA VAL P 491 71.07 21.05 1.99
C VAL P 491 71.57 19.90 2.85
N PHE P 492 71.47 18.68 2.31
CA PHE P 492 71.90 17.42 2.92
C PHE P 492 70.96 16.94 4.03
N GLU P 493 69.77 17.53 4.13
CA GLU P 493 68.77 17.06 5.08
C GLU P 493 68.02 15.88 4.51
N PRO P 494 67.38 15.06 5.36
CA PRO P 494 66.63 13.91 4.85
C PRO P 494 65.52 14.32 3.90
N ASN P 495 65.37 13.55 2.83
CA ASN P 495 64.41 13.84 1.76
C ASN P 495 63.10 13.11 2.07
N GLU P 496 62.36 13.65 3.04
CA GLU P 496 61.14 13.03 3.51
C GLU P 496 60.18 14.11 4.03
N GLN P 497 59.00 13.67 4.46
CA GLN P 497 57.85 14.56 4.59
C GLN P 497 58.06 15.69 5.61
N ASP P 498 58.91 15.48 6.62
CA ASP P 498 59.13 16.52 7.62
C ASP P 498 59.83 17.73 7.01
N THR P 499 60.92 17.48 6.28
CA THR P 499 61.63 18.56 5.59
C THR P 499 60.72 19.28 4.62
N TRP P 500 59.86 18.52 3.92
CA TRP P 500 58.95 19.10 2.95
C TRP P 500 57.98 20.07 3.62
N GLY P 501 57.35 19.62 4.71
CA GLY P 501 56.44 20.49 5.43
C GLY P 501 57.13 21.74 5.97
N ARG P 502 58.36 21.59 6.47
CA ARG P 502 59.10 22.72 7.02
C ARG P 502 59.37 23.77 5.94
N ILE P 503 59.88 23.33 4.78
CA ILE P 503 60.20 24.24 3.69
C ILE P 503 58.93 24.95 3.19
N ARG P 504 57.87 24.17 2.98
CA ARG P 504 56.61 24.75 2.53
C ARG P 504 56.11 25.82 3.48
N GLN P 505 56.17 25.55 4.79
CA GLN P 505 55.70 26.50 5.79
C GLN P 505 56.50 27.80 5.75
N SER P 506 57.83 27.70 5.68
CA SER P 506 58.65 28.89 5.62
C SER P 506 58.31 29.76 4.41
N VAL P 507 58.26 29.14 3.22
CA VAL P 507 58.04 29.94 2.02
C VAL P 507 56.65 30.55 2.02
N THR P 508 55.66 29.83 2.55
CA THR P 508 54.31 30.38 2.64
C THR P 508 54.26 31.60 3.55
N ASN P 509 54.96 31.54 4.69
CA ASN P 509 54.99 32.70 5.58
C ASN P 509 55.60 33.92 4.90
N PHE P 510 56.73 33.73 4.20
CA PHE P 510 57.35 34.86 3.50
C PHE P 510 56.44 35.45 2.44
N LEU P 511 55.78 34.61 1.65
CA LEU P 511 54.93 35.14 0.58
C LEU P 511 53.67 35.80 1.13
N ARG P 512 53.14 35.30 2.25
CA ARG P 512 51.99 35.96 2.85
C ARG P 512 52.36 37.33 3.39
N THR P 513 53.57 37.46 3.95
CA THR P 513 54.03 38.78 4.34
C THR P 513 54.12 39.72 3.16
N VAL P 514 54.69 39.25 2.04
CA VAL P 514 54.78 40.09 0.85
C VAL P 514 53.39 40.51 0.37
N TRP P 515 52.42 39.58 0.44
CA TRP P 515 51.06 39.89 0.00
C TRP P 515 50.40 40.94 0.88
N ARG P 516 50.60 40.86 2.20
CA ARG P 516 49.95 41.80 3.11
C ARG P 516 50.42 43.25 2.91
N ASN P 517 51.62 43.45 2.39
CA ASN P 517 52.16 44.79 2.19
C ASN P 517 51.81 45.40 0.84
N GLY P 518 50.91 44.78 0.08
CA GLY P 518 50.47 45.34 -1.17
C GLY P 518 51.25 44.94 -2.40
N GLY P 519 52.17 43.98 -2.29
CA GLY P 519 52.98 43.60 -3.43
C GLY P 519 52.33 42.59 -4.34
N LEU P 520 51.43 41.76 -3.81
CA LEU P 520 50.71 40.77 -4.60
C LEU P 520 49.23 41.14 -4.64
N GLN P 521 48.53 40.57 -5.62
CA GLN P 521 47.20 41.02 -5.97
C GLN P 521 46.19 39.89 -5.81
N GLY P 522 45.11 40.15 -5.11
CA GLY P 522 44.04 39.19 -4.92
C GLY P 522 43.35 39.41 -3.60
N GLN P 523 42.05 39.11 -3.57
CA GLN P 523 41.24 39.25 -2.36
C GLN P 523 41.41 38.09 -1.40
N SER P 524 42.08 37.01 -1.82
CA SER P 524 42.33 35.88 -0.96
C SER P 524 43.75 35.39 -1.21
N GLU P 525 44.21 34.48 -0.34
CA GLU P 525 45.55 33.94 -0.49
C GLU P 525 45.67 33.03 -1.71
N ASP P 526 44.59 32.33 -2.05
CA ASP P 526 44.62 31.45 -3.21
C ASP P 526 44.74 32.22 -4.52
N ASP P 527 44.31 33.48 -4.53
CA ASP P 527 44.43 34.30 -5.73
C ASP P 527 45.82 34.88 -5.89
N ALA P 528 46.56 35.03 -4.80
CA ALA P 528 47.83 35.74 -4.82
C ALA P 528 49.03 34.84 -5.08
N PHE P 529 49.03 33.61 -4.56
CA PHE P 529 50.19 32.74 -4.69
C PHE P 529 49.83 31.32 -4.29
N TYR P 530 50.74 30.40 -4.61
CA TYR P 530 50.71 29.03 -4.10
C TYR P 530 52.13 28.47 -4.00
N VAL P 531 52.30 27.48 -3.13
CA VAL P 531 53.55 26.76 -2.92
C VAL P 531 53.26 25.27 -2.87
N LYS P 532 54.09 24.47 -3.55
CA LYS P 532 53.90 23.02 -3.63
C LYS P 532 55.21 22.29 -3.40
N CYS P 533 55.17 21.28 -2.53
CA CYS P 533 56.32 20.42 -2.28
C CYS P 533 55.81 19.11 -1.69
N GLY P 534 56.00 18.01 -2.41
CA GLY P 534 55.50 16.72 -1.92
C GLY P 534 55.64 15.65 -3.00
N GLU P 535 54.64 14.76 -3.05
CA GLU P 535 54.62 13.71 -4.06
C GLU P 535 53.95 14.14 -5.35
N GLU P 536 53.46 15.38 -5.42
CA GLU P 536 52.96 15.91 -6.68
C GLU P 536 54.06 16.59 -7.49
N THR P 537 55.15 17.01 -6.83
CA THR P 537 56.27 17.63 -7.52
C THR P 537 57.46 16.71 -7.69
N MET P 538 57.61 15.71 -6.82
CA MET P 538 58.74 14.79 -6.85
C MET P 538 58.28 13.39 -7.19
N SER P 539 59.06 12.70 -8.02
CA SER P 539 58.87 11.29 -8.31
C SER P 539 59.94 10.48 -7.59
N GLU P 540 59.96 9.17 -7.86
CA GLU P 540 60.90 8.28 -7.17
C GLU P 540 62.29 8.39 -7.76
N ASP P 541 62.39 8.58 -9.08
CA ASP P 541 63.68 8.85 -9.70
C ASP P 541 64.33 10.10 -9.12
N ASP P 542 63.52 11.08 -8.70
CA ASP P 542 64.05 12.27 -8.06
C ASP P 542 64.64 11.94 -6.69
N ILE P 543 63.90 11.19 -5.86
CA ILE P 543 64.38 10.84 -4.53
C ILE P 543 65.66 10.01 -4.62
N ASP P 544 65.73 9.09 -5.59
CA ASP P 544 66.92 8.25 -5.70
C ASP P 544 68.16 9.02 -6.13
N ASN P 545 68.01 10.22 -6.67
CA ASN P 545 69.14 11.00 -7.16
C ASN P 545 69.42 12.24 -6.32
N GLY P 546 68.65 12.49 -5.27
CA GLY P 546 68.96 13.57 -4.35
C GLY P 546 68.35 14.91 -4.67
N ARG P 547 67.24 14.96 -5.38
CA ARG P 547 66.62 16.22 -5.81
C ARG P 547 65.38 16.50 -4.97
N LEU P 548 65.29 17.72 -4.45
CA LEU P 548 64.11 18.22 -3.75
C LEU P 548 63.57 19.40 -4.53
N ILE P 549 62.33 19.29 -5.00
CA ILE P 549 61.75 20.26 -5.93
C ILE P 549 60.58 20.98 -5.26
N VAL P 550 60.59 22.31 -5.34
CA VAL P 550 59.54 23.17 -4.81
C VAL P 550 59.02 24.04 -5.95
N GLU P 551 57.70 24.14 -6.08
CA GLU P 551 57.09 24.95 -7.14
C GLU P 551 56.27 26.07 -6.55
N ILE P 552 56.53 27.30 -7.00
CA ILE P 552 55.91 28.49 -6.46
C ILE P 552 55.26 29.29 -7.59
N GLY P 553 54.05 29.75 -7.37
CA GLY P 553 53.36 30.59 -8.35
C GLY P 553 52.86 31.87 -7.69
N VAL P 554 53.06 32.99 -8.40
CA VAL P 554 52.86 34.31 -7.81
C VAL P 554 52.15 35.20 -8.83
N ALA P 555 51.51 36.26 -8.32
CA ALA P 555 50.78 37.22 -9.16
C ALA P 555 51.14 38.65 -8.76
N PRO P 556 52.03 39.31 -9.50
CA PRO P 556 52.45 40.66 -9.13
C PRO P 556 51.44 41.72 -9.54
N VAL P 557 51.60 42.90 -8.95
CA VAL P 557 50.74 44.05 -9.23
C VAL P 557 51.46 44.99 -10.19
N LYS P 558 50.69 45.62 -11.07
CA LYS P 558 51.21 46.45 -12.14
C LYS P 558 50.64 47.87 -12.03
N PRO P 559 51.31 48.86 -12.61
CA PRO P 559 50.87 50.24 -12.45
C PRO P 559 49.69 50.61 -13.33
N ALA P 560 49.08 51.75 -13.00
CA ALA P 560 47.99 52.32 -13.77
C ALA P 560 48.56 53.44 -14.63
N GLU P 561 48.72 53.16 -15.92
CA GLU P 561 49.38 54.08 -16.84
C GLU P 561 48.39 54.96 -17.57
N PHE P 562 47.16 54.49 -17.80
CA PHE P 562 46.12 55.22 -18.48
C PHE P 562 44.89 55.24 -17.61
N VAL P 563 44.48 56.44 -17.19
CA VAL P 563 43.31 56.63 -16.35
C VAL P 563 42.20 57.17 -17.25
N ILE P 564 41.14 56.40 -17.41
CA ILE P 564 40.11 56.65 -18.42
C ILE P 564 38.78 56.88 -17.74
N PHE P 565 38.07 57.94 -18.17
CA PHE P 565 36.75 58.29 -17.65
C PHE P 565 35.77 58.33 -18.82
N ARG P 566 34.81 57.41 -18.82
CA ARG P 566 33.77 57.34 -19.84
C ARG P 566 32.47 57.84 -19.25
N ILE P 567 32.01 59.01 -19.70
CA ILE P 567 30.86 59.69 -19.11
C ILE P 567 29.74 59.79 -20.13
N SER P 568 28.51 59.51 -19.69
CA SER P 568 27.33 59.54 -20.55
C SER P 568 26.17 60.19 -19.80
N GLN P 569 25.04 60.29 -20.49
CA GLN P 569 23.82 60.89 -19.96
C GLN P 569 22.77 59.88 -19.54
N ASP P 570 23.04 58.58 -19.70
CA ASP P 570 22.03 57.57 -19.46
C ASP P 570 22.04 57.16 -17.99
N THR P 571 20.85 57.15 -17.39
CA THR P 571 20.65 56.72 -16.00
C THR P 571 21.56 57.46 -15.02
N SER Q 2 39.20 55.01 -28.53
CA SER Q 2 40.34 55.89 -28.47
C SER Q 2 41.63 55.09 -28.38
N GLU Q 3 42.76 55.73 -28.65
CA GLU Q 3 44.07 55.09 -28.57
C GLU Q 3 44.90 55.75 -27.47
N TYR Q 4 45.63 54.93 -26.73
CA TYR Q 4 46.38 55.36 -25.55
C TYR Q 4 47.85 55.03 -25.76
N GLN Q 5 48.65 56.05 -26.08
CA GLN Q 5 50.07 55.87 -26.36
C GLN Q 5 50.99 56.56 -25.36
N SER Q 6 50.52 57.59 -24.66
CA SER Q 6 51.31 58.22 -23.62
C SER Q 6 50.51 58.31 -22.34
N PRO Q 7 51.17 58.21 -21.19
CA PRO Q 7 50.45 58.17 -19.91
C PRO Q 7 49.76 59.49 -19.59
N GLY Q 8 48.63 59.38 -18.91
CA GLY Q 8 47.87 60.55 -18.52
C GLY Q 8 46.44 60.20 -18.16
N VAL Q 9 45.62 61.23 -18.10
CA VAL Q 9 44.20 61.12 -17.80
C VAL Q 9 43.40 61.38 -19.06
N TYR Q 10 42.38 60.56 -19.31
CA TYR Q 10 41.53 60.68 -20.49
C TYR Q 10 40.07 60.75 -20.06
N VAL Q 11 39.32 61.67 -20.66
CA VAL Q 11 37.89 61.83 -20.42
C VAL Q 11 37.16 61.71 -21.75
N GLU Q 12 36.18 60.81 -21.81
CA GLU Q 12 35.49 60.49 -23.06
C GLU Q 12 33.98 60.55 -22.87
N GLU Q 13 33.29 60.99 -23.91
CA GLU Q 13 31.83 61.09 -23.91
C GLU Q 13 31.21 59.94 -24.67
N VAL Q 14 30.10 59.43 -24.14
CA VAL Q 14 29.40 58.29 -24.71
C VAL Q 14 28.01 58.75 -25.15
N GLN Q 15 27.45 58.07 -26.15
CA GLN Q 15 26.09 58.34 -26.60
C GLN Q 15 25.08 57.67 -25.69
N SER Q 16 23.94 58.32 -25.48
CA SER Q 16 22.93 57.87 -24.55
C SER Q 16 21.94 56.92 -25.23
N GLY Q 17 20.94 56.48 -24.48
CA GLY Q 17 20.05 55.42 -24.89
C GLY Q 17 18.78 55.82 -25.62
N SER Q 18 18.52 57.11 -25.79
CA SER Q 18 17.36 57.54 -26.56
C SER Q 18 17.53 58.99 -26.97
N LYS Q 19 16.98 59.33 -28.13
CA LYS Q 19 17.05 60.68 -28.67
C LYS Q 19 15.64 61.17 -28.97
N SER Q 20 15.35 62.40 -28.57
CA SER Q 20 14.00 62.92 -28.65
C SER Q 20 13.63 63.30 -30.08
N VAL Q 21 12.36 63.11 -30.41
CA VAL Q 21 11.76 63.57 -31.66
C VAL Q 21 10.82 64.72 -31.33
N GLU Q 22 10.79 65.73 -32.18
CA GLU Q 22 9.94 66.89 -31.98
C GLU Q 22 8.97 67.03 -33.15
N GLY Q 23 7.72 67.36 -32.83
CA GLY Q 23 6.71 67.53 -33.86
C GLY Q 23 6.91 68.80 -34.67
N VAL Q 24 6.38 68.79 -35.88
CA VAL Q 24 6.55 69.87 -36.83
C VAL Q 24 5.29 70.74 -36.85
N SER Q 25 5.42 71.91 -37.47
CA SER Q 25 4.28 72.82 -37.61
C SER Q 25 3.22 72.23 -38.52
N THR Q 26 1.96 72.61 -38.26
CA THR Q 26 0.83 72.04 -38.99
C THR Q 26 -0.26 73.03 -39.37
N SER Q 27 -0.08 74.34 -39.18
CA SER Q 27 -1.15 75.30 -39.42
C SER Q 27 -0.74 76.47 -40.30
N THR Q 28 0.25 76.29 -41.16
CA THR Q 28 0.66 77.33 -42.10
C THR Q 28 0.06 77.05 -43.48
N ALA Q 29 -0.30 78.12 -44.18
CA ALA Q 29 -0.97 78.03 -45.47
C ALA Q 29 -0.18 78.78 -46.54
N GLY Q 30 -0.50 78.47 -47.78
CA GLY Q 30 0.11 79.15 -48.91
C GLY Q 30 -0.95 79.61 -49.91
N PHE Q 31 -0.82 80.86 -50.35
CA PHE Q 31 -1.79 81.45 -51.25
C PHE Q 31 -1.09 82.00 -52.50
N LEU Q 32 -1.78 81.91 -53.64
CA LEU Q 32 -1.29 82.42 -54.91
C LEU Q 32 -2.38 83.26 -55.58
N GLY Q 33 -1.96 84.32 -56.27
CA GLY Q 33 -2.91 85.19 -56.92
C GLY Q 33 -2.31 86.55 -57.20
N GLN Q 34 -3.14 87.40 -57.80
CA GLN Q 34 -2.70 88.70 -58.31
C GLN Q 34 -2.84 89.79 -57.26
N THR Q 35 -1.89 90.74 -57.27
CA THR Q 35 -1.88 91.89 -56.39
C THR Q 35 -1.49 93.11 -57.24
N GLU Q 36 -1.48 94.29 -56.61
CA GLU Q 36 -1.10 95.52 -57.31
C GLU Q 36 0.36 95.91 -57.08
N ARG Q 37 0.90 95.65 -55.90
CA ARG Q 37 2.29 95.94 -55.56
C ARG Q 37 2.94 94.67 -55.04
N GLY Q 38 4.25 94.74 -54.81
CA GLY Q 38 4.92 93.71 -54.04
C GLY Q 38 5.96 92.92 -54.82
N PRO Q 39 6.80 92.20 -54.10
CA PRO Q 39 7.77 91.32 -54.75
C PRO Q 39 7.13 90.01 -55.22
N VAL Q 40 7.85 89.32 -56.10
CA VAL Q 40 7.36 88.06 -56.64
C VAL Q 40 8.02 86.84 -56.00
N GLU Q 41 8.86 87.03 -54.98
CA GLU Q 41 9.32 85.89 -54.19
C GLU Q 41 8.37 85.69 -53.01
N PRO Q 42 8.21 84.45 -52.54
CA PRO Q 42 7.24 84.20 -51.47
C PRO Q 42 7.66 84.85 -50.16
N ARG Q 43 6.69 85.47 -49.48
CA ARG Q 43 6.98 86.17 -48.23
C ARG Q 43 5.99 85.75 -47.16
N LEU Q 44 6.47 85.74 -45.91
CA LEU Q 44 5.65 85.33 -44.78
C LEU Q 44 4.89 86.51 -44.20
N VAL Q 45 3.62 86.30 -43.92
CA VAL Q 45 2.72 87.30 -43.37
C VAL Q 45 2.04 86.69 -42.15
N THR Q 46 1.90 87.47 -41.07
CA THR Q 46 1.30 86.97 -39.85
C THR Q 46 0.09 87.78 -39.42
N ASN Q 47 -0.40 88.68 -40.27
CA ASN Q 47 -1.44 89.62 -39.88
C ASN Q 47 -1.90 90.32 -41.14
N TYR Q 48 -3.15 90.82 -41.12
CA TYR Q 48 -3.72 91.40 -42.33
C TYR Q 48 -3.15 92.78 -42.63
N ALA Q 49 -2.77 93.53 -41.59
CA ALA Q 49 -2.16 94.84 -41.81
C ALA Q 49 -0.81 94.71 -42.50
N ASP Q 50 -0.04 93.66 -42.15
CA ASP Q 50 1.17 93.34 -42.90
C ASP Q 50 0.88 93.14 -44.37
N PHE Q 51 -0.20 92.41 -44.68
CA PHE Q 51 -0.55 92.16 -46.07
C PHE Q 51 -0.87 93.46 -46.80
N GLU Q 52 -1.72 94.31 -46.21
CA GLU Q 52 -2.03 95.58 -46.88
C GLU Q 52 -0.79 96.46 -47.01
N ARG Q 53 0.13 96.40 -46.06
CA ARG Q 53 1.32 97.23 -46.13
C ARG Q 53 2.30 96.77 -47.20
N LEU Q 54 2.48 95.47 -47.37
CA LEU Q 54 3.45 94.95 -48.32
C LEU Q 54 2.92 94.80 -49.73
N TYR Q 55 1.63 94.55 -49.90
CA TYR Q 55 1.08 94.18 -51.20
C TYR Q 55 0.01 95.14 -51.70
N GLY Q 56 -0.92 95.57 -50.85
CA GLY Q 56 -1.98 96.45 -51.27
C GLY Q 56 -3.31 95.75 -51.53
N ALA Q 57 -3.97 96.13 -52.62
CA ALA Q 57 -5.26 95.55 -52.99
C ALA Q 57 -5.12 94.70 -54.25
N SER Q 58 -6.18 93.98 -54.57
CA SER Q 58 -6.22 93.14 -55.76
C SER Q 58 -6.93 93.87 -56.90
N PRO Q 59 -6.57 93.57 -58.15
CA PRO Q 59 -7.32 94.11 -59.29
C PRO Q 59 -8.70 93.48 -59.37
N LYS Q 60 -9.47 93.91 -60.39
CA LYS Q 60 -10.84 93.44 -60.52
C LYS Q 60 -10.91 92.01 -61.03
N SER Q 61 -9.81 91.44 -61.48
CA SER Q 61 -9.79 90.08 -62.01
C SER Q 61 -9.27 89.06 -61.02
N SER Q 62 -9.19 89.42 -59.74
CA SER Q 62 -8.64 88.53 -58.72
C SER Q 62 -9.39 88.75 -57.41
N ASP Q 63 -9.35 87.73 -56.55
CA ASP Q 63 -10.02 87.80 -55.26
C ASP Q 63 -9.10 87.28 -54.15
N LEU Q 64 -7.85 87.73 -54.18
CA LEU Q 64 -6.87 87.32 -53.18
C LEU Q 64 -7.07 88.06 -51.86
N ASP Q 65 -7.27 89.37 -51.94
CA ASP Q 65 -7.47 90.19 -50.76
C ASP Q 65 -8.62 89.66 -49.90
N ALA Q 66 -9.71 89.27 -50.55
CA ALA Q 66 -10.88 88.74 -49.85
C ALA Q 66 -10.57 87.41 -49.18
N ALA Q 67 -9.77 86.57 -49.84
CA ALA Q 67 -9.44 85.26 -49.28
C ALA Q 67 -8.50 85.37 -48.09
N VAL Q 68 -7.54 86.28 -48.15
CA VAL Q 68 -6.63 86.48 -47.01
C VAL Q 68 -7.38 87.09 -45.83
N ASP Q 69 -8.30 88.01 -46.11
CA ASP Q 69 -9.14 88.58 -45.05
C ASP Q 69 -10.00 87.50 -44.40
N GLY Q 70 -10.61 86.62 -45.20
CA GLY Q 70 -11.37 85.53 -44.64
C GLY Q 70 -10.51 84.54 -43.86
N PHE Q 71 -9.26 84.36 -44.27
CA PHE Q 71 -8.36 83.49 -43.54
C PHE Q 71 -8.09 84.04 -42.14
N PHE Q 72 -7.77 85.33 -42.05
CA PHE Q 72 -7.42 85.89 -40.75
C PHE Q 72 -8.63 86.18 -39.88
N LYS Q 73 -9.82 86.36 -40.46
CA LYS Q 73 -11.01 86.56 -39.64
C LYS Q 73 -11.47 85.29 -38.94
N ASN Q 74 -10.98 84.12 -39.38
CA ASN Q 74 -11.44 82.83 -38.88
C ASN Q 74 -10.45 82.18 -37.94
N GLY Q 75 -9.38 82.87 -37.56
CA GLY Q 75 -8.42 82.35 -36.63
C GLY Q 75 -7.14 81.78 -37.22
N GLY Q 76 -6.79 82.15 -38.44
CA GLY Q 76 -5.54 81.70 -39.01
C GLY Q 76 -4.34 82.44 -38.44
N SER Q 77 -3.19 81.77 -38.50
CA SER Q 77 -1.98 82.27 -37.87
C SER Q 77 -0.93 82.81 -38.84
N ARG Q 78 -0.60 82.06 -39.89
CA ARG Q 78 0.52 82.42 -40.75
C ARG Q 78 0.22 82.08 -42.20
N CYS Q 79 0.52 83.01 -43.09
CA CYS Q 79 0.39 82.82 -44.52
C CYS Q 79 1.75 82.95 -45.20
N PHE Q 80 1.92 82.23 -46.30
CA PHE Q 80 2.98 82.50 -47.25
C PHE Q 80 2.33 82.98 -48.54
N ILE Q 81 2.66 84.20 -48.94
CA ILE Q 81 2.07 84.84 -50.11
C ILE Q 81 3.05 84.75 -51.26
N GLY Q 82 2.56 84.33 -52.42
CA GLY Q 82 3.30 84.36 -53.66
C GLY Q 82 2.54 85.13 -54.73
N ARG Q 83 3.13 86.22 -55.21
CA ARG Q 83 2.47 87.13 -56.15
C ARG Q 83 2.70 86.65 -57.59
N VAL Q 84 1.61 86.49 -58.33
CA VAL Q 84 1.65 86.10 -59.73
C VAL Q 84 1.40 87.34 -60.57
N SER Q 85 2.24 87.58 -61.57
CA SER Q 85 2.16 88.80 -62.35
C SER Q 85 2.25 88.49 -63.84
N GLY Q 86 1.46 89.21 -64.63
CA GLY Q 86 1.50 89.07 -66.07
C GLY Q 86 2.60 89.84 -66.77
N ALA Q 87 3.33 90.67 -66.03
CA ALA Q 87 4.43 91.45 -66.60
C ALA Q 87 5.75 90.72 -66.43
N ASP Q 88 6.70 91.04 -67.30
CA ASP Q 88 8.05 90.48 -67.19
C ASP Q 88 8.68 90.88 -65.87
N ILE Q 89 9.49 89.97 -65.32
CA ILE Q 89 10.08 90.17 -64.00
C ILE Q 89 11.03 91.36 -63.98
N ASP Q 90 11.60 91.74 -65.12
CA ASP Q 90 12.56 92.84 -65.18
C ASP Q 90 11.94 94.13 -65.70
N ASP Q 91 10.62 94.18 -65.85
CA ASP Q 91 9.92 95.41 -66.22
C ASP Q 91 9.67 96.23 -64.95
N VAL Q 92 10.73 96.84 -64.46
CA VAL Q 92 10.75 97.53 -63.17
C VAL Q 92 11.17 98.98 -63.40
N ALA Q 93 10.56 99.90 -62.64
CA ALA Q 93 10.93 101.30 -62.71
C ALA Q 93 12.21 101.56 -61.93
N THR Q 94 13.05 102.46 -62.46
CA THR Q 94 14.36 102.75 -61.91
C THR Q 94 14.57 104.25 -61.79
N GLY Q 95 15.72 104.62 -61.22
CA GLY Q 95 16.06 106.02 -61.02
C GLY Q 95 17.53 106.14 -60.65
N ILE Q 96 17.96 107.39 -60.49
CA ILE Q 96 19.37 107.71 -60.28
C ILE Q 96 19.48 108.87 -59.29
N LEU Q 97 20.48 108.81 -58.41
CA LEU Q 97 20.81 109.91 -57.51
C LEU Q 97 22.16 110.49 -57.91
N ALA Q 98 22.25 111.82 -57.90
CA ALA Q 98 23.43 112.53 -58.39
C ALA Q 98 24.08 113.34 -57.27
N ASP Q 99 25.36 113.64 -57.46
CA ASP Q 99 26.18 114.31 -56.46
C ASP Q 99 26.27 115.81 -56.75
N ASP Q 100 27.20 116.48 -56.06
CA ASP Q 100 27.35 117.93 -56.13
C ASP Q 100 27.59 118.44 -57.55
N GLU Q 101 28.49 117.83 -58.30
CA GLU Q 101 28.82 118.29 -59.63
C GLU Q 101 28.32 117.34 -60.72
N GLY Q 102 27.38 116.47 -60.41
CA GLY Q 102 26.71 115.68 -61.43
C GLY Q 102 27.34 114.32 -61.71
N ASN Q 103 27.55 113.53 -60.67
CA ASN Q 103 27.99 112.14 -60.80
C ASN Q 103 26.93 111.24 -60.20
N GLU Q 104 26.57 110.18 -60.92
CA GLU Q 104 25.62 109.23 -60.38
C GLU Q 104 26.28 108.39 -59.28
N ILE Q 105 25.74 108.51 -58.07
CA ILE Q 105 26.34 107.88 -56.90
C ILE Q 105 25.53 106.68 -56.41
N ALA Q 106 24.24 106.60 -56.72
CA ALA Q 106 23.41 105.50 -56.27
C ALA Q 106 22.39 105.18 -57.36
N GLU Q 107 21.74 104.03 -57.21
CA GLU Q 107 20.73 103.59 -58.16
C GLU Q 107 19.53 103.05 -57.38
N VAL Q 108 18.35 103.59 -57.69
CA VAL Q 108 17.11 103.29 -56.98
C VAL Q 108 16.24 102.43 -57.89
N GLU Q 109 15.57 101.43 -57.32
CA GLU Q 109 14.79 100.49 -58.11
C GLU Q 109 13.56 100.07 -57.34
N ALA Q 110 12.42 99.96 -58.03
CA ALA Q 110 11.18 99.58 -57.37
C ALA Q 110 11.25 98.14 -56.86
N ASN Q 111 10.43 97.86 -55.86
CA ASN Q 111 10.40 96.55 -55.21
C ASN Q 111 9.33 95.66 -55.84
N GLY Q 112 9.50 95.40 -57.13
CA GLY Q 112 8.56 94.59 -57.87
C GLY Q 112 8.21 95.18 -59.22
N PRO Q 113 7.79 94.33 -60.16
CA PRO Q 113 7.48 94.81 -61.51
C PRO Q 113 6.05 95.33 -61.61
N GLY Q 114 5.85 96.22 -62.58
CA GLY Q 114 4.55 96.77 -62.87
C GLY Q 114 4.57 98.27 -62.98
N GLN Q 115 3.43 98.82 -63.40
CA GLN Q 115 3.29 100.26 -63.61
C GLN Q 115 3.22 101.05 -62.30
N TRP Q 116 2.91 100.38 -61.19
CA TRP Q 116 2.80 101.08 -59.91
C TRP Q 116 4.08 101.84 -59.56
N GLY Q 117 5.24 101.29 -59.93
CA GLY Q 117 6.50 101.94 -59.64
C GLY Q 117 6.65 103.31 -60.27
N GLU Q 118 5.82 103.65 -61.26
CA GLU Q 118 5.86 104.99 -61.82
C GLU Q 118 5.30 106.05 -60.88
N SER Q 119 4.69 105.64 -59.77
CA SER Q 119 4.06 106.57 -58.83
C SER Q 119 4.80 106.67 -57.51
N VAL Q 120 6.09 106.33 -57.50
CA VAL Q 120 6.92 106.41 -56.30
C VAL Q 120 7.84 107.62 -56.42
N ALA Q 121 7.85 108.45 -55.39
CA ALA Q 121 8.70 109.64 -55.36
C ALA Q 121 9.73 109.51 -54.24
N VAL Q 122 10.97 109.89 -54.55
CA VAL Q 122 12.08 109.89 -53.60
C VAL Q 122 12.53 111.32 -53.38
N ILE Q 123 12.67 111.71 -52.12
CA ILE Q 123 12.99 113.08 -51.73
C ILE Q 123 14.21 113.05 -50.82
N VAL Q 124 15.22 113.84 -51.17
CA VAL Q 124 16.45 113.96 -50.38
C VAL Q 124 16.52 115.36 -49.81
N GLU Q 125 16.81 115.46 -48.50
CA GLU Q 125 17.00 116.75 -47.85
C GLU Q 125 18.20 116.67 -46.93
N ASP Q 126 18.65 117.82 -46.45
CA ASP Q 126 19.85 117.90 -45.62
C ASP Q 126 19.50 117.99 -44.14
N SER Q 127 20.37 117.42 -43.32
CA SER Q 127 20.15 117.30 -41.88
C SER Q 127 20.90 118.40 -41.13
N GLN Q 128 20.46 118.63 -39.89
CA GLN Q 128 21.05 119.65 -39.03
C GLN Q 128 22.43 119.29 -38.52
N TYR Q 129 22.82 118.03 -38.62
CA TYR Q 129 24.13 117.61 -38.16
C TYR Q 129 25.10 117.50 -39.33
N PRO Q 130 26.37 117.81 -39.11
CA PRO Q 130 27.36 117.76 -40.20
C PRO Q 130 27.47 116.35 -40.78
N ASN Q 131 27.54 116.30 -42.12
CA ASN Q 131 27.75 115.07 -42.87
C ASN Q 131 26.58 114.09 -42.75
N GLN Q 132 25.35 114.60 -42.69
CA GLN Q 132 24.18 113.75 -42.56
C GLN Q 132 23.04 114.33 -43.39
N PHE Q 133 22.12 113.45 -43.80
CA PHE Q 133 20.99 113.86 -44.63
C PHE Q 133 19.81 112.94 -44.37
N ASP Q 134 18.63 113.38 -44.80
CA ASP Q 134 17.38 112.66 -44.64
C ASP Q 134 16.84 112.21 -46.00
N ILE Q 135 16.14 111.07 -46.00
CA ILE Q 135 15.54 110.53 -47.21
C ILE Q 135 14.09 110.15 -46.91
N THR Q 136 13.20 110.46 -47.87
CA THR Q 136 11.78 110.15 -47.75
C THR Q 136 11.30 109.47 -49.02
N VAL Q 137 10.41 108.48 -48.88
CA VAL Q 137 9.82 107.78 -50.01
C VAL Q 137 8.31 107.84 -49.88
N ARG Q 138 7.62 108.25 -50.95
CA ARG Q 138 6.17 108.45 -50.95
C ARG Q 138 5.53 107.69 -52.11
N TYR Q 139 4.32 107.18 -51.88
CA TYR Q 139 3.59 106.45 -52.91
C TYR Q 139 2.11 106.78 -52.85
N TRP Q 140 1.54 107.13 -54.01
CA TRP Q 140 0.13 107.43 -54.19
C TRP Q 140 -0.53 106.34 -55.02
N SER Q 141 -1.70 105.88 -54.59
CA SER Q 141 -2.41 104.81 -55.30
C SER Q 141 -3.27 105.30 -56.44
N GLY Q 142 -3.65 106.56 -56.45
CA GLY Q 142 -4.56 107.09 -57.45
C GLY Q 142 -3.84 107.85 -58.55
N ASP Q 143 -4.51 108.89 -59.04
CA ASP Q 143 -4.02 109.65 -60.18
C ASP Q 143 -2.85 110.55 -59.77
N LEU Q 144 -1.88 110.69 -60.68
CA LEU Q 144 -0.77 111.61 -60.45
C LEU Q 144 -1.11 113.02 -60.93
N GLU Q 145 -2.02 113.14 -61.89
CA GLU Q 145 -2.40 114.44 -62.43
C GLU Q 145 -3.01 115.36 -61.37
N ALA Q 146 -3.53 114.80 -60.29
CA ALA Q 146 -4.22 115.58 -59.26
C ALA Q 146 -3.34 115.89 -58.05
N VAL Q 147 -2.10 115.41 -58.03
CA VAL Q 147 -1.20 115.64 -56.90
C VAL Q 147 -0.60 117.03 -57.05
N SER Q 148 -0.93 117.92 -56.11
CA SER Q 148 -0.54 119.32 -56.23
C SER Q 148 0.89 119.55 -55.76
N LYS Q 149 1.16 119.25 -54.48
CA LYS Q 149 2.46 119.50 -53.86
C LYS Q 149 3.05 118.17 -53.40
N PRO Q 150 3.65 117.40 -54.30
CA PRO Q 150 4.26 116.13 -53.88
C PRO Q 150 5.48 116.31 -52.99
N HIS Q 151 6.11 117.48 -53.02
CA HIS Q 151 7.32 117.74 -52.26
C HIS Q 151 7.06 118.43 -50.92
N GLY Q 152 5.92 119.10 -50.77
CA GLY Q 152 5.62 119.82 -49.55
C GLY Q 152 5.35 118.91 -48.37
N ASP Q 153 5.16 119.54 -47.21
CA ASP Q 153 4.88 118.80 -45.99
C ASP Q 153 3.49 118.20 -45.98
N ARG Q 154 2.59 118.67 -46.83
CA ARG Q 154 1.22 118.14 -46.92
C ARG Q 154 0.77 118.15 -48.38
N PRO Q 155 0.94 117.04 -49.09
CA PRO Q 155 0.46 116.97 -50.47
C PRO Q 155 -1.06 117.04 -50.54
N ASP Q 156 -1.58 117.35 -51.73
CA ASP Q 156 -3.01 117.58 -51.88
C ASP Q 156 -3.84 116.36 -51.54
N PRO Q 157 -3.65 115.18 -52.17
CA PRO Q 157 -4.15 113.94 -51.56
C PRO Q 157 -3.05 113.30 -50.71
N SER Q 158 -3.39 112.95 -49.48
CA SER Q 158 -2.41 112.35 -48.59
C SER Q 158 -1.89 111.05 -49.20
N PRO Q 159 -0.58 110.84 -49.22
CA PRO Q 159 -0.03 109.66 -49.91
C PRO Q 159 -0.47 108.37 -49.23
N ASP Q 160 -0.49 107.30 -50.03
CA ASP Q 160 -0.92 106.00 -49.53
C ASP Q 160 0.16 105.35 -48.69
N VAL Q 161 1.43 105.50 -49.06
CA VAL Q 161 2.53 104.95 -48.28
C VAL Q 161 3.59 106.02 -48.06
N GLU Q 162 4.20 106.02 -46.88
CA GLU Q 162 5.13 107.02 -46.41
C GLU Q 162 6.27 106.35 -45.66
N GLU Q 163 7.51 106.71 -45.99
CA GLU Q 163 8.66 106.18 -45.26
C GLU Q 163 9.71 107.27 -45.10
N VAL Q 164 10.28 107.38 -43.89
CA VAL Q 164 11.25 108.42 -43.56
C VAL Q 164 12.46 107.78 -42.90
N TYR Q 165 13.67 108.21 -43.30
CA TYR Q 165 14.92 107.75 -42.72
C TYR Q 165 15.81 108.95 -42.46
N ASP Q 166 16.21 109.14 -41.21
CA ASP Q 166 16.77 110.41 -40.73
C ASP Q 166 18.30 110.41 -40.65
N GLY Q 167 18.90 109.52 -39.88
CA GLY Q 167 20.32 109.65 -39.63
C GLY Q 167 21.22 108.92 -40.61
N LEU Q 168 21.28 109.40 -41.85
CA LEU Q 168 22.02 108.70 -42.89
C LEU Q 168 23.38 109.33 -43.12
N SER Q 169 24.31 108.52 -43.63
CA SER Q 169 25.67 108.93 -43.91
C SER Q 169 26.13 108.28 -45.21
N ALA Q 170 27.25 108.79 -45.73
CA ALA Q 170 27.87 108.25 -46.94
C ALA Q 170 29.15 107.48 -46.66
N ASP Q 171 29.38 107.07 -45.41
CA ASP Q 171 30.56 106.30 -45.05
C ASP Q 171 30.23 104.82 -45.12
N PRO Q 172 30.86 104.04 -46.01
CA PRO Q 172 30.47 102.63 -46.16
C PRO Q 172 30.78 101.76 -44.95
N GLU Q 173 31.69 102.17 -44.08
CA GLU Q 173 32.05 101.36 -42.92
C GLU Q 173 31.24 101.71 -41.69
N ALA Q 174 30.39 102.72 -41.75
CA ALA Q 174 29.53 103.10 -40.64
C ALA Q 174 28.28 102.23 -40.63
N SER Q 175 27.56 102.27 -39.51
CA SER Q 175 26.31 101.53 -39.40
C SER Q 175 25.11 102.36 -39.84
N ASN Q 176 25.29 103.65 -40.07
CA ASN Q 176 24.23 104.49 -40.62
C ASN Q 176 24.45 104.80 -42.09
N PHE Q 177 25.22 103.97 -42.80
CA PHE Q 177 25.33 104.07 -44.24
C PHE Q 177 23.96 103.81 -44.87
N TYR Q 178 23.60 104.61 -45.88
CA TYR Q 178 22.23 104.58 -46.37
C TYR Q 178 21.87 103.26 -47.03
N GLU Q 179 22.86 102.57 -47.62
CA GLU Q 179 22.60 101.27 -48.20
C GLU Q 179 22.12 100.25 -47.17
N LYS Q 180 22.64 100.34 -45.94
CA LYS Q 180 22.24 99.41 -44.89
C LYS Q 180 20.93 99.82 -44.23
N GLN Q 181 20.63 101.12 -44.21
CA GLN Q 181 19.44 101.59 -43.51
C GLN Q 181 18.20 101.46 -44.38
N LEU Q 182 18.32 101.74 -45.68
CA LEU Q 182 17.18 101.62 -46.58
C LEU Q 182 16.89 100.19 -46.99
N GLU Q 183 17.53 99.20 -46.36
CA GLU Q 183 17.35 97.82 -46.80
C GLU Q 183 16.01 97.27 -46.33
N SER Q 184 15.49 97.78 -45.22
CA SER Q 184 14.17 97.39 -44.73
C SER Q 184 13.18 98.43 -45.21
N SER Q 185 12.72 98.28 -46.45
CA SER Q 185 11.77 99.20 -47.07
C SER Q 185 10.89 98.40 -48.00
N VAL Q 186 9.57 98.63 -47.92
CA VAL Q 186 8.63 97.88 -48.73
C VAL Q 186 8.43 98.47 -50.12
N LEU Q 187 9.13 99.55 -50.46
CA LEU Q 187 8.88 100.24 -51.72
C LEU Q 187 10.06 100.20 -52.69
N VAL Q 188 11.28 100.45 -52.23
CA VAL Q 188 12.41 100.66 -53.12
C VAL Q 188 13.60 99.83 -52.66
N ASP Q 189 14.65 99.85 -53.49
CA ASP Q 189 15.94 99.21 -53.24
C ASP Q 189 17.02 100.17 -53.72
N ILE Q 190 18.12 100.25 -52.97
CA ILE Q 190 19.23 101.14 -53.27
C ILE Q 190 20.48 100.32 -53.54
N GLU Q 191 21.27 100.76 -54.51
CA GLU Q 191 22.57 100.13 -54.77
C GLU Q 191 23.63 101.20 -54.93
N TYR Q 192 24.79 100.97 -54.34
CA TYR Q 192 25.85 101.96 -54.28
C TYR Q 192 26.72 101.91 -55.53
N LYS Q 193 27.07 103.08 -56.08
CA LYS Q 193 27.89 103.17 -57.28
C LYS Q 193 29.20 103.90 -57.05
N ASP Q 194 29.17 105.11 -56.51
CA ASP Q 194 30.35 105.96 -56.47
C ASP Q 194 30.34 106.79 -55.18
N ASP Q 195 31.45 107.46 -54.92
CA ASP Q 195 31.63 108.23 -53.69
C ASP Q 195 30.98 109.60 -53.83
N GLY Q 196 30.23 110.01 -52.82
CA GLY Q 196 29.60 111.32 -52.83
C GLY Q 196 28.40 111.33 -51.91
N THR Q 197 27.69 112.46 -51.93
CA THR Q 197 26.48 112.65 -51.18
C THR Q 197 25.45 113.34 -52.07
N PRO Q 198 24.18 112.92 -52.02
CA PRO Q 198 23.21 113.43 -53.00
C PRO Q 198 22.75 114.85 -52.68
N VAL Q 199 22.29 115.53 -53.73
CA VAL Q 199 21.75 116.88 -53.60
C VAL Q 199 20.26 116.79 -53.30
N ASP Q 200 19.72 117.85 -52.71
CA ASP Q 200 18.33 117.86 -52.28
C ASP Q 200 17.38 117.88 -53.48
N GLY Q 201 16.15 117.44 -53.25
CA GLY Q 201 15.12 117.54 -54.25
C GLY Q 201 14.31 116.27 -54.34
N LEU Q 202 13.41 116.25 -55.32
CA LEU Q 202 12.47 115.16 -55.54
C LEU Q 202 12.74 114.51 -56.89
N THR Q 203 12.41 113.23 -57.00
CA THR Q 203 12.59 112.52 -58.26
C THR Q 203 11.61 111.35 -58.35
N TRP Q 204 11.10 111.11 -59.55
CA TRP Q 204 10.20 110.01 -59.85
C TRP Q 204 10.94 108.90 -60.58
N LEU Q 205 10.42 107.68 -60.46
CA LEU Q 205 10.99 106.52 -61.13
C LEU Q 205 10.31 106.34 -62.50
N HIS Q 206 11.11 106.20 -63.55
CA HIS Q 206 10.63 106.25 -64.92
C HIS Q 206 10.93 104.94 -65.66
N ARG Q 207 10.48 104.90 -66.92
CA ARG Q 207 10.77 103.84 -67.89
C ARG Q 207 10.44 102.46 -67.31
N ASP Q 208 9.15 102.25 -67.11
CA ASP Q 208 8.64 100.93 -66.74
C ASP Q 208 8.72 99.97 -67.92
N VAL Q 292 -2.83 86.93 -67.07
CA VAL Q 292 -1.94 85.87 -66.63
C VAL Q 292 -2.37 84.54 -67.20
N THR Q 293 -1.42 83.60 -67.30
CA THR Q 293 -1.63 82.29 -67.87
C THR Q 293 -1.27 81.22 -66.86
N LEU Q 294 -1.29 79.96 -67.31
CA LEU Q 294 -0.89 78.85 -66.47
C LEU Q 294 0.62 78.82 -66.23
N LYS Q 295 1.40 79.27 -67.23
CA LYS Q 295 2.85 79.30 -67.09
C LYS Q 295 3.34 80.34 -66.10
N ASP Q 296 2.53 81.35 -65.78
CA ASP Q 296 2.87 82.29 -64.72
C ASP Q 296 2.56 81.72 -63.34
N TYR Q 297 1.52 80.91 -63.23
CA TYR Q 297 1.23 80.22 -61.98
C TYR Q 297 2.24 79.10 -61.71
N GLU Q 298 2.80 78.51 -62.77
CA GLU Q 298 3.86 77.53 -62.58
C GLU Q 298 5.13 78.17 -62.02
N GLY Q 299 5.47 79.35 -62.51
CA GLY Q 299 6.58 80.12 -61.97
C GLY Q 299 7.89 79.91 -62.69
N VAL Q 300 8.83 80.78 -62.37
CA VAL Q 300 10.18 80.74 -62.92
C VAL Q 300 11.06 79.86 -62.04
N ASN Q 301 11.92 79.07 -62.66
CA ASN Q 301 12.88 78.22 -61.95
C ASN Q 301 14.25 78.45 -62.57
N LYS Q 302 14.99 79.41 -62.03
CA LYS Q 302 16.34 79.72 -62.43
C LYS Q 302 17.25 79.61 -61.22
N PRO Q 303 18.58 79.53 -61.43
CA PRO Q 303 19.50 79.32 -60.29
C PRO Q 303 19.33 80.32 -59.15
N GLY Q 304 18.97 81.56 -59.43
CA GLY Q 304 18.83 82.54 -58.36
C GLY Q 304 17.50 83.27 -58.35
N LEU Q 305 16.42 82.61 -58.75
CA LEU Q 305 15.11 83.25 -58.80
C LEU Q 305 14.03 82.18 -58.91
N ARG Q 306 13.07 82.20 -57.99
CA ARG Q 306 11.97 81.24 -57.99
C ARG Q 306 10.66 81.98 -57.69
N THR Q 307 9.66 81.77 -58.53
CA THR Q 307 8.33 82.33 -58.33
C THR Q 307 7.29 81.23 -58.52
N GLY Q 308 6.05 81.53 -58.16
CA GLY Q 308 4.97 80.59 -58.40
C GLY Q 308 5.04 79.39 -57.47
N LEU Q 309 4.80 78.20 -58.03
CA LEU Q 309 4.89 76.97 -57.25
C LEU Q 309 6.34 76.51 -57.08
N ALA Q 310 7.20 76.84 -58.04
CA ALA Q 310 8.62 76.53 -57.90
C ALA Q 310 9.22 77.23 -56.68
N GLY Q 311 8.71 78.40 -56.34
CA GLY Q 311 9.16 79.07 -55.13
C GLY Q 311 8.62 78.41 -53.87
N PHE Q 312 7.38 77.91 -53.93
CA PHE Q 312 6.79 77.27 -52.76
C PHE Q 312 7.45 75.94 -52.45
N LYS Q 313 7.93 75.23 -53.46
CA LYS Q 313 8.45 73.89 -53.19
C LYS Q 313 9.84 73.91 -52.54
N ALA Q 314 10.37 75.10 -52.24
CA ALA Q 314 11.59 75.23 -51.46
C ALA Q 314 11.34 75.76 -50.06
N ILE Q 315 10.08 75.78 -49.62
CA ILE Q 315 9.69 76.16 -48.27
C ILE Q 315 9.09 74.93 -47.62
N ASP Q 316 9.59 74.55 -46.44
CA ASP Q 316 9.15 73.34 -45.77
C ASP Q 316 8.19 73.59 -44.61
N GLU Q 317 7.67 74.80 -44.47
CA GLU Q 317 6.68 75.09 -43.44
C GLU Q 317 5.26 74.96 -43.94
N ILE Q 318 5.03 75.10 -45.25
CA ILE Q 318 3.69 75.09 -45.79
C ILE Q 318 3.07 73.71 -45.64
N SER Q 319 1.82 73.67 -45.21
CA SER Q 319 1.10 72.41 -45.04
C SER Q 319 -0.21 72.34 -45.81
N MET Q 320 -0.67 73.44 -46.39
CA MET Q 320 -1.84 73.43 -47.26
C MET Q 320 -1.75 74.60 -48.23
N VAL Q 321 -2.18 74.35 -49.47
CA VAL Q 321 -2.04 75.29 -50.57
C VAL Q 321 -3.43 75.59 -51.13
N CYS Q 322 -3.66 76.84 -51.51
CA CYS Q 322 -4.91 77.22 -52.16
C CYS Q 322 -4.66 78.31 -53.19
N ALA Q 323 -5.40 78.21 -54.29
CA ALA Q 323 -5.41 79.25 -55.32
C ALA Q 323 -6.86 79.70 -55.53
N PRO Q 324 -7.23 80.90 -55.10
CA PRO Q 324 -8.64 81.32 -55.21
C PRO Q 324 -9.20 81.33 -56.62
N ASP Q 325 -8.40 81.69 -57.62
CA ASP Q 325 -8.88 81.84 -58.99
C ASP Q 325 -8.55 80.61 -59.84
N GLU Q 326 -8.62 79.41 -59.24
CA GLU Q 326 -8.20 78.20 -59.94
C GLU Q 326 -9.17 77.79 -61.04
N ASN Q 327 -10.38 78.35 -61.07
CA ASN Q 327 -11.37 77.97 -62.07
C ASN Q 327 -11.38 78.89 -63.28
N ASP Q 328 -10.65 80.00 -63.24
CA ASP Q 328 -10.50 80.88 -64.39
C ASP Q 328 -9.32 80.50 -65.28
N ILE Q 329 -8.37 79.71 -64.78
CA ILE Q 329 -7.19 79.31 -65.50
C ILE Q 329 -7.28 77.80 -65.69
N ASP Q 330 -7.47 77.36 -66.93
CA ASP Q 330 -7.61 75.94 -67.20
C ASP Q 330 -6.27 75.22 -67.07
N GLY Q 331 -6.29 74.07 -66.38
CA GLY Q 331 -5.10 73.30 -66.16
C GLY Q 331 -4.34 73.61 -64.88
N LEU Q 332 -4.96 74.34 -63.95
CA LEU Q 332 -4.30 74.70 -62.70
C LEU Q 332 -4.65 73.74 -61.56
N THR Q 333 -5.85 73.18 -61.56
CA THR Q 333 -6.24 72.21 -60.54
C THR Q 333 -5.32 70.99 -60.56
N ASP Q 334 -5.06 70.46 -61.76
CA ASP Q 334 -4.18 69.31 -61.88
C ASP Q 334 -2.76 69.65 -61.47
N SER Q 335 -2.29 70.85 -61.80
CA SER Q 335 -0.94 71.26 -61.39
C SER Q 335 -0.83 71.35 -59.88
N ILE Q 336 -1.86 71.87 -59.21
CA ILE Q 336 -1.82 71.98 -57.76
C ILE Q 336 -1.84 70.59 -57.11
N VAL Q 337 -2.70 69.70 -57.60
CA VAL Q 337 -2.78 68.36 -57.02
C VAL Q 337 -1.47 67.61 -57.27
N ALA Q 338 -0.86 67.80 -58.43
CA ALA Q 338 0.41 67.14 -58.72
C ALA Q 338 1.54 67.68 -57.86
N HIS Q 339 1.56 69.00 -57.62
CA HIS Q 339 2.53 69.59 -56.71
C HIS Q 339 2.42 68.97 -55.32
N CYS Q 340 1.20 68.87 -54.80
CA CYS Q 340 1.02 68.31 -53.47
C CYS Q 340 1.34 66.82 -53.41
N GLU Q 341 1.06 66.07 -54.48
CA GLU Q 341 1.39 64.64 -54.47
C GLU Q 341 2.87 64.39 -54.67
N ASN Q 342 3.58 65.27 -55.38
CA ASN Q 342 5.00 65.07 -55.60
C ASN Q 342 5.84 65.52 -54.42
N MET Q 343 5.39 66.54 -53.69
CA MET Q 343 6.11 66.89 -52.46
C MET Q 343 5.83 65.85 -51.38
N GLY Q 344 4.58 65.39 -51.27
CA GLY Q 344 4.20 64.39 -50.32
C GLY Q 344 4.03 64.87 -48.90
N ASP Q 345 3.97 66.19 -48.67
CA ASP Q 345 3.86 66.71 -47.31
C ASP Q 345 2.90 67.88 -47.20
N ARG Q 346 1.95 68.03 -48.13
CA ARG Q 346 1.01 69.13 -48.06
C ARG Q 346 -0.33 68.67 -48.60
N PHE Q 347 -1.35 69.50 -48.41
CA PHE Q 347 -2.74 69.17 -48.70
C PHE Q 347 -3.34 70.27 -49.56
N ALA Q 348 -4.24 69.89 -50.46
CA ALA Q 348 -4.84 70.83 -51.40
C ALA Q 348 -6.32 71.05 -51.10
N ILE Q 349 -6.74 72.31 -51.12
CA ILE Q 349 -8.11 72.71 -50.88
C ILE Q 349 -8.67 73.25 -52.19
N LEU Q 350 -9.82 72.71 -52.61
CA LEU Q 350 -10.42 73.05 -53.88
C LEU Q 350 -11.87 73.48 -53.67
N GLN Q 351 -12.31 74.42 -54.50
CA GLN Q 351 -13.68 74.92 -54.47
C GLN Q 351 -14.35 74.68 -55.81
N SER Q 352 -15.67 74.56 -55.78
CA SER Q 352 -16.44 74.28 -56.98
C SER Q 352 -16.51 75.52 -57.87
N PRO Q 353 -17.01 75.38 -59.10
CA PRO Q 353 -17.29 76.56 -59.92
C PRO Q 353 -18.51 77.30 -59.41
N GLN Q 354 -18.70 78.52 -59.94
CA GLN Q 354 -19.89 79.28 -59.59
C GLN Q 354 -21.15 78.67 -60.19
N ASN Q 355 -21.02 77.96 -61.30
CA ASN Q 355 -22.14 77.26 -61.93
C ASN Q 355 -21.69 75.84 -62.23
N PRO Q 356 -21.87 74.91 -61.30
CA PRO Q 356 -21.40 73.54 -61.51
C PRO Q 356 -22.38 72.62 -62.22
N GLY Q 357 -23.58 73.09 -62.55
CA GLY Q 357 -24.53 72.29 -63.30
C GLY Q 357 -25.62 71.69 -62.44
N PRO Q 358 -26.32 70.68 -62.97
CA PRO Q 358 -27.34 70.00 -62.18
C PRO Q 358 -26.74 69.14 -61.08
N VAL Q 359 -27.52 68.94 -60.01
CA VAL Q 359 -27.02 68.24 -58.84
C VAL Q 359 -26.74 66.78 -59.15
N SER Q 360 -27.60 66.15 -59.95
CA SER Q 360 -27.48 64.73 -60.24
C SER Q 360 -26.30 64.40 -61.14
N GLU Q 361 -25.52 65.40 -61.57
CA GLU Q 361 -24.43 65.17 -62.51
C GLU Q 361 -23.08 65.66 -62.00
N MET Q 362 -23.01 66.12 -60.75
CA MET Q 362 -21.77 66.67 -60.23
C MET Q 362 -20.77 65.57 -59.91
N GLU Q 363 -19.49 65.87 -60.10
CA GLU Q 363 -18.40 64.97 -59.80
C GLU Q 363 -17.23 65.78 -59.27
N THR Q 364 -16.28 65.09 -58.70
CA THR Q 364 -15.09 65.83 -58.30
C THR Q 364 -14.09 65.88 -59.45
N PRO Q 365 -13.28 66.93 -59.53
CA PRO Q 365 -12.34 67.03 -60.66
C PRO Q 365 -11.25 65.96 -60.64
N VAL Q 366 -10.67 65.69 -59.47
CA VAL Q 366 -9.60 64.72 -59.37
C VAL Q 366 -10.03 63.59 -58.44
N ASP Q 367 -9.20 62.55 -58.34
CA ASP Q 367 -9.45 61.39 -57.50
C ASP Q 367 -8.27 61.15 -56.58
N SER Q 368 -7.75 62.22 -56.00
CA SER Q 368 -6.54 62.17 -55.19
C SER Q 368 -6.90 62.04 -53.71
N SER Q 369 -5.98 61.46 -52.95
CA SER Q 369 -6.06 61.44 -51.51
C SER Q 369 -5.45 62.69 -50.88
N TYR Q 370 -4.93 63.60 -51.67
CA TYR Q 370 -4.23 64.78 -51.19
C TYR Q 370 -5.04 66.06 -51.40
N ALA Q 371 -6.36 65.94 -51.55
CA ALA Q 371 -7.20 67.10 -51.87
C ALA Q 371 -8.56 66.95 -51.22
N ALA Q 372 -9.22 68.09 -51.02
CA ALA Q 372 -10.59 68.14 -50.53
C ALA Q 372 -11.36 69.20 -51.31
N TYR Q 373 -12.68 69.02 -51.40
CA TYR Q 373 -13.52 69.75 -52.34
C TYR Q 373 -14.75 70.31 -51.62
N TYR Q 374 -14.93 71.63 -51.69
CA TYR Q 374 -15.97 72.31 -50.92
C TYR Q 374 -16.95 73.05 -51.81
N TYR Q 375 -18.18 73.23 -51.31
CA TYR Q 375 -19.28 73.78 -52.09
C TYR Q 375 -20.35 74.32 -51.16
N PRO Q 376 -21.04 75.44 -51.49
CA PRO Q 376 -20.96 76.45 -52.57
C PRO Q 376 -20.18 77.73 -52.24
N TRP Q 377 -20.41 78.77 -53.02
CA TRP Q 377 -19.80 80.09 -52.86
C TRP Q 377 -20.49 80.86 -51.72
N VAL Q 378 -19.85 81.95 -51.28
CA VAL Q 378 -20.31 82.74 -50.15
C VAL Q 378 -20.45 84.20 -50.53
N ASN Q 379 -21.08 84.97 -49.63
CA ASN Q 379 -21.34 86.40 -49.83
C ASN Q 379 -20.59 87.22 -48.79
N VAL Q 380 -20.01 88.33 -49.21
CA VAL Q 380 -19.22 89.20 -48.35
C VAL Q 380 -19.55 90.66 -48.68
N LEU Q 381 -19.13 91.57 -47.80
CA LEU Q 381 -19.19 93.00 -48.03
C LEU Q 381 -17.91 93.46 -48.73
N ASP Q 382 -18.06 94.23 -49.80
CA ASP Q 382 -16.93 94.68 -50.58
C ASP Q 382 -16.48 96.05 -50.09
N PRO Q 383 -15.23 96.22 -49.67
CA PRO Q 383 -14.82 97.47 -49.02
C PRO Q 383 -14.60 98.65 -49.97
N VAL Q 384 -14.98 98.56 -51.24
CA VAL Q 384 -14.89 99.69 -52.14
C VAL Q 384 -16.25 100.13 -52.67
N THR Q 385 -17.26 99.25 -52.61
CA THR Q 385 -18.61 99.60 -53.00
C THR Q 385 -19.61 99.54 -51.85
N ASN Q 386 -19.25 98.85 -50.76
CA ASN Q 386 -20.11 98.66 -49.60
C ASN Q 386 -21.38 97.90 -49.98
N ARG Q 387 -21.24 96.96 -50.90
CA ARG Q 387 -22.32 96.09 -51.34
C ARG Q 387 -21.91 94.64 -51.18
N GLU Q 388 -22.87 93.74 -51.34
CA GLU Q 388 -22.56 92.32 -51.27
C GLU Q 388 -21.86 91.86 -52.55
N LYS Q 389 -21.08 90.80 -52.42
CA LYS Q 389 -20.27 90.27 -53.50
C LYS Q 389 -20.08 88.78 -53.26
N LEU Q 390 -20.07 88.00 -54.33
CA LEU Q 390 -20.01 86.55 -54.27
C LEU Q 390 -18.58 86.09 -54.53
N VAL Q 391 -18.04 85.29 -53.62
CA VAL Q 391 -16.63 84.86 -53.69
C VAL Q 391 -16.55 83.38 -53.36
N PRO Q 392 -15.45 82.74 -53.76
CA PRO Q 392 -15.24 81.34 -53.38
C PRO Q 392 -14.84 81.20 -51.92
N PRO Q 393 -15.15 80.07 -51.29
CA PRO Q 393 -14.96 79.93 -49.84
C PRO Q 393 -13.60 79.41 -49.38
N GLY Q 394 -12.57 79.44 -50.23
CA GLY Q 394 -11.35 78.70 -49.93
C GLY Q 394 -10.57 79.22 -48.73
N GLY Q 395 -10.38 80.53 -48.64
CA GLY Q 395 -9.57 81.09 -47.57
C GLY Q 395 -10.21 80.97 -46.20
N HIS Q 396 -11.53 81.16 -46.14
CA HIS Q 396 -12.25 80.95 -44.90
C HIS Q 396 -12.07 79.52 -44.39
N ILE Q 397 -12.09 78.56 -45.31
CA ILE Q 397 -11.95 77.16 -44.93
C ILE Q 397 -10.53 76.86 -44.46
N ALA Q 398 -9.53 77.45 -45.13
CA ALA Q 398 -8.16 77.28 -44.65
C ALA Q 398 -7.98 77.88 -43.26
N GLY Q 399 -8.62 79.02 -42.99
CA GLY Q 399 -8.58 79.58 -41.65
C GLY Q 399 -9.23 78.68 -40.62
N ILE Q 400 -10.32 78.02 -40.99
CA ILE Q 400 -10.96 77.05 -40.10
C ILE Q 400 -10.02 75.88 -39.81
N TYR Q 401 -9.33 75.38 -40.85
CA TYR Q 401 -8.32 74.33 -40.66
C TYR Q 401 -7.29 74.75 -39.63
N SER Q 402 -6.71 75.94 -39.81
CA SER Q 402 -5.67 76.42 -38.90
C SER Q 402 -6.19 76.55 -37.46
N ARG Q 403 -7.40 77.11 -37.30
CA ARG Q 403 -7.97 77.26 -35.97
C ARG Q 403 -8.17 75.92 -35.28
N THR Q 404 -8.78 74.96 -35.98
CA THR Q 404 -9.01 73.64 -35.41
C THR Q 404 -7.71 72.98 -35.03
N ASP Q 405 -6.68 73.12 -35.87
CA ASP Q 405 -5.38 72.55 -35.55
C ASP Q 405 -4.79 73.18 -34.29
N GLN Q 406 -5.02 74.48 -34.10
CA GLN Q 406 -4.45 75.13 -32.92
C GLN Q 406 -5.17 74.74 -31.64
N GLU Q 407 -6.48 74.59 -31.68
CA GLU Q 407 -7.22 74.38 -30.42
C GLU Q 407 -7.59 72.94 -30.13
N HIS Q 408 -7.48 72.02 -31.08
CA HIS Q 408 -7.85 70.63 -30.84
C HIS Q 408 -6.77 69.62 -31.19
N GLY Q 409 -5.97 69.86 -32.22
CA GLY Q 409 -5.05 68.88 -32.74
C GLY Q 409 -5.34 68.54 -34.19
N VAL Q 410 -4.37 67.85 -34.80
CA VAL Q 410 -4.49 67.46 -36.21
C VAL Q 410 -5.40 66.25 -36.41
N HIS Q 411 -5.79 65.58 -35.33
CA HIS Q 411 -6.67 64.42 -35.40
C HIS Q 411 -8.14 64.78 -35.34
N LYS Q 412 -8.47 66.07 -35.21
CA LYS Q 412 -9.86 66.50 -35.11
C LYS Q 412 -10.37 66.91 -36.48
N ALA Q 413 -11.54 66.41 -36.84
CA ALA Q 413 -12.13 66.73 -38.12
C ALA Q 413 -12.57 68.19 -38.15
N PRO Q 414 -12.15 68.98 -39.14
CA PRO Q 414 -12.52 70.40 -39.20
C PRO Q 414 -13.93 70.63 -39.76
N ALA Q 415 -14.91 69.97 -39.14
CA ALA Q 415 -16.31 70.11 -39.53
C ALA Q 415 -17.15 70.31 -38.27
N ASN Q 416 -18.39 70.75 -38.48
CA ASN Q 416 -19.26 71.22 -37.40
C ASN Q 416 -18.65 72.46 -36.73
N GLU Q 417 -18.10 73.34 -37.55
CA GLU Q 417 -17.47 74.58 -37.11
C GLU Q 417 -18.10 75.75 -37.84
N THR Q 418 -18.06 76.92 -37.20
CA THR Q 418 -18.74 78.10 -37.72
C THR Q 418 -17.82 78.89 -38.67
N LEU Q 419 -18.43 79.50 -39.68
CA LEU Q 419 -17.75 80.39 -40.59
C LEU Q 419 -17.98 81.83 -40.15
N ARG Q 420 -16.89 82.57 -39.92
CA ARG Q 420 -16.95 83.96 -39.53
C ARG Q 420 -16.50 84.84 -40.69
N GLY Q 421 -17.14 86.00 -40.82
CA GLY Q 421 -16.74 86.98 -41.80
C GLY Q 421 -17.56 87.02 -43.06
N ILE Q 422 -18.74 86.39 -43.08
CA ILE Q 422 -19.58 86.33 -44.27
C ILE Q 422 -20.96 86.86 -43.92
N VAL Q 423 -21.80 86.97 -44.95
CA VAL Q 423 -23.15 87.46 -44.81
C VAL Q 423 -24.17 86.38 -45.13
N GLY Q 424 -23.97 85.62 -46.20
CA GLY Q 424 -24.88 84.55 -46.55
C GLY Q 424 -24.19 83.61 -47.51
N LEU Q 425 -24.97 82.65 -48.00
CA LEU Q 425 -24.51 81.65 -48.95
C LEU Q 425 -25.07 81.93 -50.33
N GLN Q 426 -24.66 81.10 -51.29
CA GLN Q 426 -25.22 81.20 -52.64
C GLN Q 426 -26.55 80.47 -52.73
N HIS Q 427 -26.59 79.23 -52.26
CA HIS Q 427 -27.82 78.45 -52.17
C HIS Q 427 -27.91 77.84 -50.78
N ASN Q 428 -29.11 77.45 -50.39
CA ASN Q 428 -29.33 76.65 -49.20
C ASN Q 428 -29.57 75.21 -49.63
N ILE Q 429 -28.73 74.30 -49.15
CA ILE Q 429 -28.82 72.88 -49.47
C ILE Q 429 -29.66 72.18 -48.40
N THR Q 430 -30.54 71.29 -48.84
CA THR Q 430 -31.39 70.54 -47.94
C THR Q 430 -30.75 69.20 -47.59
N LYS Q 431 -31.45 68.42 -46.78
CA LYS Q 431 -30.99 67.09 -46.40
C LYS Q 431 -31.18 66.06 -47.51
N GLY Q 432 -32.14 66.28 -48.41
CA GLY Q 432 -32.32 65.35 -49.51
C GLY Q 432 -31.25 65.45 -50.58
N GLU Q 433 -30.68 66.64 -50.78
CA GLU Q 433 -29.65 66.82 -51.78
C GLU Q 433 -28.28 66.39 -51.29
N GLN Q 434 -28.03 66.47 -49.99
CA GLN Q 434 -26.75 66.04 -49.45
C GLN Q 434 -26.64 64.52 -49.40
N ASP Q 435 -27.77 63.81 -49.41
CA ASP Q 435 -27.74 62.35 -49.52
C ASP Q 435 -27.22 61.88 -50.87
N VAL Q 436 -27.12 62.78 -51.85
CA VAL Q 436 -26.60 62.43 -53.17
C VAL Q 436 -25.17 62.92 -53.29
N LEU Q 437 -24.86 64.05 -52.65
CA LEU Q 437 -23.56 64.68 -52.78
C LEU Q 437 -22.52 64.09 -51.83
N ASN Q 438 -22.91 63.71 -50.62
CA ASN Q 438 -21.93 63.28 -49.64
C ASN Q 438 -21.23 61.97 -50.00
N PRO Q 439 -21.91 60.92 -50.50
CA PRO Q 439 -21.19 59.72 -50.92
C PRO Q 439 -20.26 59.92 -52.11
N LYS Q 440 -20.22 61.11 -52.71
CA LYS Q 440 -19.37 61.39 -53.85
C LYS Q 440 -18.09 62.16 -53.50
N GLY Q 441 -17.88 62.49 -52.23
CA GLY Q 441 -16.70 63.22 -51.82
C GLY Q 441 -16.81 64.73 -51.88
N ILE Q 442 -18.02 65.27 -52.02
CA ILE Q 442 -18.25 66.70 -52.13
C ILE Q 442 -18.72 67.21 -50.78
N ASN Q 443 -18.00 68.18 -50.20
CA ASN Q 443 -18.32 68.70 -48.88
C ASN Q 443 -19.18 69.94 -48.99
N CYS Q 444 -20.15 70.05 -48.10
CA CYS Q 444 -21.17 71.08 -48.19
C CYS Q 444 -21.05 72.07 -47.04
N ILE Q 445 -21.42 73.31 -47.31
CA ILE Q 445 -21.56 74.35 -46.30
C ILE Q 445 -23.04 74.68 -46.19
N ARG Q 446 -23.61 74.46 -45.01
CA ARG Q 446 -25.05 74.54 -44.81
C ARG Q 446 -25.37 75.55 -43.72
N SER Q 447 -26.66 75.89 -43.61
CA SER Q 447 -27.12 76.84 -42.61
C SER Q 447 -28.31 76.24 -41.87
N PHE Q 448 -28.17 76.10 -40.55
CA PHE Q 448 -29.21 75.53 -39.70
C PHE Q 448 -29.89 76.63 -38.90
N GLN Q 449 -31.19 76.50 -38.73
CA GLN Q 449 -31.97 77.46 -37.97
C GLN Q 449 -31.70 77.26 -36.49
N GLY Q 450 -31.26 78.33 -35.82
CA GLY Q 450 -30.85 78.26 -34.44
C GLY Q 450 -29.39 77.94 -34.22
N ARG Q 451 -28.65 77.56 -35.26
CA ARG Q 451 -27.25 77.17 -35.12
C ARG Q 451 -26.28 77.90 -36.04
N GLY Q 452 -26.73 78.45 -37.16
CA GLY Q 452 -25.86 79.25 -37.99
C GLY Q 452 -25.34 78.50 -39.20
N ILE Q 453 -24.28 79.06 -39.79
CA ILE Q 453 -23.66 78.51 -41.00
C ILE Q 453 -22.46 77.67 -40.60
N ARG Q 454 -22.42 76.43 -41.06
CA ARG Q 454 -21.38 75.49 -40.66
C ARG Q 454 -20.96 74.61 -41.83
N VAL Q 455 -19.75 74.08 -41.72
CA VAL Q 455 -19.24 73.08 -42.65
C VAL Q 455 -19.73 71.71 -42.22
N TRP Q 456 -20.37 70.96 -43.13
CA TRP Q 456 -21.00 69.68 -42.82
C TRP Q 456 -20.45 68.62 -43.78
N GLY Q 457 -19.29 68.07 -43.45
CA GLY Q 457 -18.65 67.08 -44.29
C GLY Q 457 -17.14 67.11 -44.18
N ALA Q 458 -16.51 65.94 -44.06
CA ALA Q 458 -15.09 65.85 -43.77
C ALA Q 458 -14.41 64.73 -44.56
N ARG Q 459 -14.68 64.63 -45.86
CA ARG Q 459 -14.11 63.57 -46.68
C ARG Q 459 -13.12 64.13 -47.70
N THR Q 460 -12.29 63.24 -48.25
CA THR Q 460 -11.41 63.57 -49.36
C THR Q 460 -12.03 63.12 -50.69
N THR Q 461 -11.40 63.55 -51.77
CA THR Q 461 -11.81 63.19 -53.12
C THR Q 461 -11.42 61.77 -53.51
N SER Q 462 -10.86 60.99 -52.59
CA SER Q 462 -10.25 59.72 -52.91
C SER Q 462 -11.30 58.62 -53.05
N SER Q 463 -10.96 57.62 -53.86
CA SER Q 463 -11.77 56.41 -54.02
C SER Q 463 -11.26 55.24 -53.20
N ASP Q 464 -10.00 55.26 -52.78
CA ASP Q 464 -9.46 54.24 -51.91
C ASP Q 464 -10.20 54.26 -50.57
N PRO Q 465 -10.68 53.12 -50.08
CA PRO Q 465 -11.39 53.11 -48.80
C PRO Q 465 -10.50 53.38 -47.60
N GLU Q 466 -9.18 53.30 -47.77
CA GLU Q 466 -8.26 53.49 -46.66
C GLU Q 466 -8.01 54.96 -46.35
N TRP Q 467 -8.29 55.86 -47.28
CA TRP Q 467 -8.04 57.30 -47.10
C TRP Q 467 -9.32 58.08 -47.30
N LYS Q 468 -10.43 57.58 -46.75
CA LYS Q 468 -11.71 58.23 -46.91
C LYS Q 468 -11.84 59.49 -46.08
N TYR Q 469 -11.25 59.54 -44.89
CA TYR Q 469 -11.40 60.65 -43.97
C TYR Q 469 -10.15 61.52 -43.97
N LEU Q 470 -10.36 62.81 -43.71
CA LEU Q 470 -9.36 63.85 -43.93
C LEU Q 470 -8.34 63.91 -42.80
N ASN Q 471 -8.79 63.73 -41.56
CA ASN Q 471 -7.90 63.83 -40.42
C ASN Q 471 -6.90 62.68 -40.38
N VAL Q 472 -7.24 61.54 -40.96
CA VAL Q 472 -6.30 60.42 -41.02
C VAL Q 472 -5.12 60.76 -41.92
N ARG Q 473 -5.41 61.35 -43.08
CA ARG Q 473 -4.35 61.79 -43.98
C ARG Q 473 -3.49 62.85 -43.33
N ARG Q 474 -4.11 63.82 -42.65
CA ARG Q 474 -3.32 64.88 -42.03
C ARG Q 474 -2.43 64.35 -40.91
N LEU Q 475 -2.95 63.42 -40.09
CA LEU Q 475 -2.15 62.81 -39.05
C LEU Q 475 -0.96 62.04 -39.63
N PHE Q 476 -1.18 61.30 -40.72
CA PHE Q 476 -0.06 60.57 -41.31
C PHE Q 476 0.98 61.52 -41.90
N LEU Q 477 0.56 62.61 -42.53
CA LEU Q 477 1.52 63.60 -43.01
C LEU Q 477 2.39 64.12 -41.86
N PHE Q 478 1.75 64.51 -40.76
CA PHE Q 478 2.47 65.02 -39.60
C PHE Q 478 3.49 64.01 -39.09
N ILE Q 479 3.04 62.76 -38.87
CA ILE Q 479 3.91 61.73 -38.31
C ILE Q 479 5.10 61.45 -39.23
N GLU Q 480 4.83 61.31 -40.53
CA GLU Q 480 5.88 60.92 -41.45
C GLU Q 480 6.91 62.02 -41.61
N GLN Q 481 6.49 63.29 -41.64
CA GLN Q 481 7.49 64.35 -41.75
C GLN Q 481 8.32 64.47 -40.48
N SER Q 482 7.69 64.32 -39.31
CA SER Q 482 8.48 64.34 -38.07
C SER Q 482 9.54 63.25 -38.07
N ILE Q 483 9.15 62.03 -38.45
CA ILE Q 483 10.11 60.93 -38.49
C ILE Q 483 11.22 61.20 -39.49
N GLN Q 484 10.87 61.71 -40.68
CA GLN Q 484 11.87 61.97 -41.70
C GLN Q 484 12.90 62.99 -41.23
N GLU Q 485 12.44 64.07 -40.59
CA GLU Q 485 13.36 65.14 -40.25
C GLU Q 485 14.12 64.91 -38.95
N GLY Q 486 13.61 64.08 -38.05
CA GLY Q 486 14.26 63.87 -36.78
C GLY Q 486 15.05 62.59 -36.59
N THR Q 487 15.64 62.03 -37.66
CA THR Q 487 16.36 60.77 -37.53
C THR Q 487 17.64 60.75 -38.37
N GLN Q 488 18.14 61.93 -38.76
CA GLN Q 488 19.32 61.96 -39.62
C GLN Q 488 20.61 61.67 -38.87
N TRP Q 489 20.58 61.52 -37.55
CA TRP Q 489 21.75 61.14 -36.78
C TRP Q 489 22.12 59.67 -36.96
N ALA Q 490 21.21 58.86 -37.49
CA ALA Q 490 21.38 57.42 -37.53
C ALA Q 490 22.04 56.91 -38.81
N VAL Q 491 22.30 57.79 -39.77
CA VAL Q 491 22.92 57.35 -41.03
C VAL Q 491 24.40 57.15 -40.78
N PHE Q 492 24.93 56.02 -41.26
CA PHE Q 492 26.33 55.60 -41.17
C PHE Q 492 26.73 55.15 -39.78
N GLU Q 493 25.78 54.91 -38.89
CA GLU Q 493 26.06 54.36 -37.58
C GLU Q 493 26.21 52.85 -37.66
N PRO Q 494 26.88 52.23 -36.69
CA PRO Q 494 27.04 50.77 -36.72
C PRO Q 494 25.69 50.04 -36.72
N ASN Q 495 25.61 48.99 -37.53
CA ASN Q 495 24.39 48.22 -37.72
C ASN Q 495 24.37 47.05 -36.73
N GLU Q 496 24.10 47.39 -35.46
CA GLU Q 496 24.15 46.41 -34.39
C GLU Q 496 23.17 46.83 -33.29
N GLN Q 497 23.07 45.98 -32.26
CA GLN Q 497 21.93 46.00 -31.35
C GLN Q 497 21.77 47.32 -30.59
N ASP Q 498 22.87 48.04 -30.35
CA ASP Q 498 22.76 49.31 -29.62
C ASP Q 498 21.98 50.35 -30.42
N THR Q 499 22.34 50.53 -31.69
CA THR Q 499 21.62 51.44 -32.55
C THR Q 499 20.15 51.05 -32.67
N TRP Q 500 19.89 49.74 -32.75
CA TRP Q 500 18.51 49.25 -32.87
C TRP Q 500 17.69 49.62 -31.64
N GLY Q 501 18.23 49.36 -30.45
CA GLY Q 501 17.51 49.73 -29.23
C GLY Q 501 17.28 51.23 -29.13
N ARG Q 502 18.26 52.02 -29.53
CA ARG Q 502 18.14 53.48 -29.47
C ARG Q 502 17.01 53.98 -30.37
N ILE Q 503 16.99 53.51 -31.62
CA ILE Q 503 15.97 53.93 -32.58
C ILE Q 503 14.58 53.50 -32.10
N ARG Q 504 14.47 52.24 -31.67
CA ARG Q 504 13.19 51.74 -31.17
C ARG Q 504 12.67 52.58 -30.02
N GLN Q 505 13.55 52.93 -29.07
CA GLN Q 505 13.14 53.72 -27.91
C GLN Q 505 12.64 55.09 -28.32
N SER Q 506 13.35 55.77 -29.22
CA SER Q 506 12.92 57.09 -29.67
C SER Q 506 11.54 57.04 -30.31
N VAL Q 507 11.33 56.11 -31.25
CA VAL Q 507 10.06 56.09 -31.97
C VAL Q 507 8.92 55.71 -31.03
N THR Q 508 9.19 54.81 -30.07
CA THR Q 508 8.15 54.45 -29.11
C THR Q 508 7.75 55.65 -28.25
N ASN Q 509 8.72 56.46 -27.82
CA ASN Q 509 8.38 57.65 -27.04
C ASN Q 509 7.50 58.61 -27.83
N PHE Q 510 7.87 58.86 -29.09
CA PHE Q 510 7.06 59.77 -29.91
C PHE Q 510 5.62 59.24 -30.10
N LEU Q 511 5.48 57.95 -30.39
CA LEU Q 511 4.13 57.42 -30.63
C LEU Q 511 3.31 57.37 -29.35
N ARG Q 512 3.94 57.13 -28.19
CA ARG Q 512 3.20 57.16 -26.94
C ARG Q 512 2.71 58.57 -26.63
N THR Q 513 3.52 59.58 -26.95
CA THR Q 513 3.04 60.95 -26.79
C THR Q 513 1.83 61.21 -27.69
N VAL Q 514 1.89 60.77 -28.95
CA VAL Q 514 0.74 60.97 -29.84
C VAL Q 514 -0.49 60.26 -29.29
N TRP Q 515 -0.31 59.07 -28.73
CA TRP Q 515 -1.45 58.32 -28.18
C TRP Q 515 -2.07 59.02 -26.98
N ARG Q 516 -1.25 59.59 -26.10
CA ARG Q 516 -1.78 60.24 -24.91
C ARG Q 516 -2.64 61.46 -25.21
N ASN Q 517 -2.43 62.12 -26.35
CA ASN Q 517 -3.18 63.31 -26.71
C ASN Q 517 -4.46 63.02 -27.47
N GLY Q 518 -4.88 61.76 -27.56
CA GLY Q 518 -6.13 61.41 -28.19
C GLY Q 518 -6.06 61.12 -29.67
N GLY Q 519 -4.87 61.01 -30.26
CA GLY Q 519 -4.76 60.77 -31.69
C GLY Q 519 -4.86 59.31 -32.07
N LEU Q 520 -4.48 58.41 -31.18
CA LEU Q 520 -4.56 56.97 -31.44
C LEU Q 520 -5.60 56.36 -30.51
N GLN Q 521 -6.05 55.16 -30.88
CA GLN Q 521 -7.23 54.57 -30.26
C GLN Q 521 -6.87 53.23 -29.63
N GLY Q 522 -7.25 53.06 -28.38
CA GLY Q 522 -7.05 51.82 -27.65
C GLY Q 522 -6.90 52.09 -26.16
N GLN Q 523 -7.34 51.12 -25.37
CA GLN Q 523 -7.24 51.21 -23.91
C GLN Q 523 -5.86 50.85 -23.38
N SER Q 524 -4.99 50.32 -24.23
CA SER Q 524 -3.63 49.99 -23.84
C SER Q 524 -2.68 50.37 -24.96
N GLU Q 525 -1.39 50.32 -24.67
CA GLU Q 525 -0.40 50.67 -25.69
C GLU Q 525 -0.33 49.62 -26.78
N ASP Q 526 -0.56 48.35 -26.44
CA ASP Q 526 -0.52 47.29 -27.44
C ASP Q 526 -1.64 47.41 -28.45
N ASP Q 527 -2.76 48.05 -28.07
CA ASP Q 527 -3.86 48.25 -28.99
C ASP Q 527 -3.63 49.41 -29.94
N ALA Q 528 -2.80 50.38 -29.53
CA ALA Q 528 -2.66 51.62 -30.29
C ALA Q 528 -1.55 51.57 -31.32
N PHE Q 529 -0.43 50.90 -31.05
CA PHE Q 529 0.70 50.91 -31.96
C PHE Q 529 1.71 49.84 -31.56
N TYR Q 530 2.65 49.59 -32.46
CA TYR Q 530 3.84 48.79 -32.18
C TYR Q 530 5.01 49.26 -33.05
N VAL Q 531 6.22 48.99 -32.57
CA VAL Q 531 7.47 49.29 -33.27
C VAL Q 531 8.38 48.07 -33.20
N LYS Q 532 9.03 47.72 -34.32
CA LYS Q 532 9.89 46.55 -34.40
C LYS Q 532 11.19 46.89 -35.12
N CYS Q 533 12.30 46.47 -34.52
CA CYS Q 533 13.62 46.63 -35.13
C CYS Q 533 14.56 45.62 -34.48
N GLY Q 534 15.07 44.67 -35.26
CA GLY Q 534 15.94 43.65 -34.70
C GLY Q 534 16.21 42.54 -35.72
N GLU Q 535 16.30 41.31 -35.22
CA GLU Q 535 16.51 40.17 -36.08
C GLU Q 535 15.21 39.58 -36.61
N GLU Q 536 14.06 40.15 -36.24
CA GLU Q 536 12.81 39.75 -36.86
C GLU Q 536 12.50 40.58 -38.10
N THR Q 537 13.09 41.76 -38.23
CA THR Q 537 12.88 42.59 -39.41
C THR Q 537 14.06 42.56 -40.38
N MET Q 538 15.25 42.26 -39.90
CA MET Q 538 16.46 42.26 -40.72
C MET Q 538 17.03 40.86 -40.83
N SER Q 539 17.49 40.51 -42.03
CA SER Q 539 18.22 39.29 -42.27
C SER Q 539 19.70 39.60 -42.46
N GLU Q 540 20.48 38.57 -42.81
CA GLU Q 540 21.92 38.76 -42.94
C GLU Q 540 22.27 39.42 -44.28
N ASP Q 541 21.52 39.12 -45.34
CA ASP Q 541 21.69 39.82 -46.60
C ASP Q 541 21.44 41.31 -46.44
N ASP Q 542 20.56 41.69 -45.51
CA ASP Q 542 20.33 43.10 -45.22
C ASP Q 542 21.56 43.74 -44.58
N ILE Q 543 22.11 43.10 -43.54
CA ILE Q 543 23.28 43.64 -42.85
C ILE Q 543 24.46 43.76 -43.81
N ASP Q 544 24.66 42.77 -44.68
CA ASP Q 544 25.79 42.83 -45.60
C ASP Q 544 25.67 43.94 -46.63
N ASN Q 545 24.49 44.49 -46.84
CA ASN Q 545 24.29 45.52 -47.86
C ASN Q 545 23.99 46.89 -47.26
N GLY Q 546 23.95 47.03 -45.94
CA GLY Q 546 23.83 48.33 -45.32
C GLY Q 546 22.42 48.82 -45.05
N ARG Q 547 21.45 47.92 -44.90
CA ARG Q 547 20.06 48.30 -44.72
C ARG Q 547 19.65 48.10 -43.27
N LEU Q 548 19.00 49.12 -42.70
CA LEU Q 548 18.41 49.05 -41.36
C LEU Q 548 16.92 49.27 -41.52
N ILE Q 549 16.11 48.29 -41.11
CA ILE Q 549 14.68 48.28 -41.37
C ILE Q 549 13.92 48.37 -40.06
N VAL Q 550 12.96 49.29 -39.99
CA VAL Q 550 12.08 49.49 -38.84
C VAL Q 550 10.65 49.38 -39.30
N GLU Q 551 9.83 48.62 -38.58
CA GLU Q 551 8.43 48.44 -38.94
C GLU Q 551 7.51 48.99 -37.85
N ILE Q 552 6.57 49.83 -38.24
CA ILE Q 552 5.69 50.54 -37.32
C ILE Q 552 4.24 50.29 -37.71
N GLY Q 553 3.41 49.99 -36.73
CA GLY Q 553 1.98 49.82 -36.97
C GLY Q 553 1.17 50.69 -36.04
N VAL Q 554 0.14 51.33 -36.59
CA VAL Q 554 -0.59 52.38 -35.88
C VAL Q 554 -2.08 52.22 -36.14
N ALA Q 555 -2.90 52.78 -35.25
CA ALA Q 555 -4.36 52.72 -35.35
C ALA Q 555 -4.96 54.10 -35.12
N PRO Q 556 -5.33 54.81 -36.19
CA PRO Q 556 -5.87 56.16 -36.04
C PRO Q 556 -7.34 56.17 -35.62
N VAL Q 557 -7.78 57.34 -35.16
CA VAL Q 557 -9.15 57.54 -34.71
C VAL Q 557 -9.92 58.26 -35.82
N LYS Q 558 -11.19 57.94 -35.96
CA LYS Q 558 -12.05 58.42 -37.02
C LYS Q 558 -13.26 59.13 -36.45
N PRO Q 559 -13.90 60.01 -37.22
CA PRO Q 559 -15.00 60.80 -36.68
C PRO Q 559 -16.31 60.03 -36.59
N ALA Q 560 -17.25 60.62 -35.85
CA ALA Q 560 -18.60 60.08 -35.70
C ALA Q 560 -19.51 60.89 -36.61
N GLU Q 561 -19.89 60.28 -37.74
CA GLU Q 561 -20.64 60.97 -38.77
C GLU Q 561 -22.14 60.73 -38.63
N PHE Q 562 -22.55 59.60 -38.08
CA PHE Q 562 -23.95 59.25 -37.89
C PHE Q 562 -24.15 58.88 -36.43
N VAL Q 563 -24.98 59.65 -35.74
CA VAL Q 563 -25.30 59.43 -34.33
C VAL Q 563 -26.69 58.82 -34.28
N ILE Q 564 -26.78 57.58 -33.81
CA ILE Q 564 -28.00 56.77 -33.93
C ILE Q 564 -28.50 56.42 -32.54
N PHE Q 565 -29.81 56.59 -32.32
CA PHE Q 565 -30.47 56.27 -31.06
C PHE Q 565 -31.59 55.27 -31.34
N ARG Q 566 -31.45 54.06 -30.83
CA ARG Q 566 -32.45 53.01 -30.99
C ARG Q 566 -33.17 52.83 -29.64
N ILE Q 567 -34.44 53.22 -29.60
CA ILE Q 567 -35.21 53.27 -28.36
C ILE Q 567 -36.36 52.28 -28.43
N SER Q 568 -36.58 51.54 -27.35
CA SER Q 568 -37.64 50.54 -27.28
C SER Q 568 -38.32 50.61 -25.91
N GLN Q 569 -39.31 49.75 -25.71
CA GLN Q 569 -40.08 49.67 -24.48
C GLN Q 569 -39.70 48.50 -23.59
N ASP Q 570 -38.75 47.68 -24.02
CA ASP Q 570 -38.44 46.45 -23.29
C ASP Q 570 -37.42 46.73 -22.20
N THR Q 571 -37.71 46.27 -20.99
CA THR Q 571 -36.82 46.38 -19.83
C THR Q 571 -36.38 47.81 -19.58
N SER R 2 -32.41 51.16 -41.31
CA SER R 2 -32.40 52.49 -41.90
C SER R 2 -31.14 52.70 -42.72
N GLU R 3 -31.14 53.72 -43.57
CA GLU R 3 -29.99 54.06 -44.40
C GLU R 3 -29.46 55.43 -44.00
N TYR R 4 -28.14 55.56 -43.96
CA TYR R 4 -27.47 56.76 -43.48
C TYR R 4 -26.59 57.31 -44.60
N GLN R 5 -27.05 58.38 -45.26
CA GLN R 5 -26.32 58.97 -46.37
C GLN R 5 -25.83 60.38 -46.11
N SER R 6 -26.44 61.12 -45.18
CA SER R 6 -25.94 62.44 -44.82
C SER R 6 -25.77 62.52 -43.31
N PRO R 7 -24.77 63.28 -42.85
CA PRO R 7 -24.48 63.32 -41.41
C PRO R 7 -25.58 63.99 -40.61
N GLY R 8 -25.75 63.50 -39.38
CA GLY R 8 -26.75 64.05 -38.49
C GLY R 8 -27.06 63.10 -37.35
N VAL R 9 -28.17 63.38 -36.69
CA VAL R 9 -28.67 62.58 -35.57
C VAL R 9 -29.91 61.82 -36.03
N TYR R 10 -29.99 60.54 -35.66
CA TYR R 10 -31.09 59.68 -36.02
C TYR R 10 -31.68 59.03 -34.76
N VAL R 11 -33.01 59.02 -34.67
CA VAL R 11 -33.73 58.39 -33.57
C VAL R 11 -34.69 57.36 -34.15
N GLU R 12 -34.60 56.13 -33.67
CA GLU R 12 -35.36 55.02 -34.23
C GLU R 12 -36.08 54.25 -33.13
N GLU R 13 -37.27 53.75 -33.46
CA GLU R 13 -38.09 52.98 -32.54
C GLU R 13 -37.99 51.49 -32.85
N VAL R 14 -37.94 50.69 -31.79
CA VAL R 14 -37.81 49.25 -31.90
C VAL R 14 -39.05 48.59 -31.31
N GLN R 15 -39.37 47.40 -31.81
CA GLN R 15 -40.48 46.62 -31.28
C GLN R 15 -40.07 45.89 -30.01
N SER R 16 -41.02 45.78 -29.07
CA SER R 16 -40.75 45.22 -27.75
C SER R 16 -40.94 43.71 -27.76
N GLY R 17 -40.78 43.10 -26.59
CA GLY R 17 -40.70 41.66 -26.45
C GLY R 17 -42.00 40.92 -26.18
N SER R 18 -43.12 41.61 -26.02
CA SER R 18 -44.40 40.94 -25.84
C SER R 18 -45.51 41.93 -26.12
N LYS R 19 -46.62 41.40 -26.64
CA LYS R 19 -47.80 42.19 -26.97
C LYS R 19 -49.02 41.60 -26.28
N SER R 20 -49.81 42.47 -25.66
CA SER R 20 -50.91 42.01 -24.83
C SER R 20 -52.09 41.52 -25.67
N VAL R 21 -52.77 40.51 -25.14
CA VAL R 21 -54.03 40.01 -25.69
C VAL R 21 -55.14 40.40 -24.74
N GLU R 22 -56.28 40.79 -25.28
CA GLU R 22 -57.43 41.20 -24.48
C GLU R 22 -58.61 40.28 -24.75
N GLY R 23 -59.33 39.90 -23.69
CA GLY R 23 -60.49 39.05 -23.84
C GLY R 23 -61.68 39.74 -24.46
N VAL R 24 -62.55 38.95 -25.08
CA VAL R 24 -63.69 39.46 -25.81
C VAL R 24 -64.95 39.33 -24.95
N SER R 25 -66.00 40.01 -25.39
CA SER R 25 -67.30 39.95 -24.70
C SER R 25 -67.90 38.55 -24.79
N THR R 26 -68.66 38.17 -23.77
CA THR R 26 -69.22 36.83 -23.68
C THR R 26 -70.67 36.74 -23.19
N SER R 27 -71.38 37.86 -23.03
CA SER R 27 -72.72 37.82 -22.45
C SER R 27 -73.76 38.57 -23.27
N THR R 28 -73.57 38.68 -24.58
CA THR R 28 -74.54 39.30 -25.46
C THR R 28 -75.36 38.23 -26.17
N ALA R 29 -76.65 38.50 -26.39
CA ALA R 29 -77.56 37.55 -26.98
C ALA R 29 -78.22 38.13 -28.22
N GLY R 30 -78.80 37.25 -29.02
CA GLY R 30 -79.53 37.65 -30.20
C GLY R 30 -80.89 36.97 -30.26
N PHE R 31 -81.91 37.77 -30.56
CA PHE R 31 -83.28 37.28 -30.60
C PHE R 31 -83.93 37.59 -31.94
N LEU R 32 -84.80 36.69 -32.40
CA LEU R 32 -85.54 36.84 -33.64
C LEU R 32 -87.02 36.55 -33.39
N GLY R 33 -87.88 37.28 -34.08
CA GLY R 33 -89.31 37.10 -33.92
C GLY R 33 -90.08 38.31 -34.38
N GLN R 34 -91.41 38.20 -34.23
CA GLN R 34 -92.34 39.19 -34.77
C GLN R 34 -92.64 40.29 -33.77
N THR R 35 -92.81 41.51 -34.28
CA THR R 35 -93.17 42.68 -33.50
C THR R 35 -94.23 43.46 -34.28
N GLU R 36 -94.73 44.55 -33.70
CA GLU R 36 -95.75 45.37 -34.35
C GLU R 36 -95.15 46.58 -35.06
N ARG R 37 -94.09 47.18 -34.51
CA ARG R 37 -93.42 48.33 -35.09
C ARG R 37 -91.93 48.01 -35.22
N GLY R 38 -91.19 48.92 -35.85
CA GLY R 38 -89.75 48.88 -35.78
C GLY R 38 -89.07 48.62 -37.11
N PRO R 39 -87.76 48.87 -37.16
CA PRO R 39 -86.98 48.55 -38.35
C PRO R 39 -86.64 47.07 -38.43
N VAL R 40 -86.24 46.66 -39.63
CA VAL R 40 -85.88 45.26 -39.86
C VAL R 40 -84.38 45.03 -39.90
N GLU R 41 -83.57 46.04 -39.64
CA GLU R 41 -82.14 45.81 -39.41
C GLU R 41 -81.89 45.57 -37.92
N PRO R 42 -80.88 44.77 -37.58
CA PRO R 42 -80.66 44.44 -36.17
C PRO R 42 -80.24 45.65 -35.36
N ARG R 43 -80.81 45.79 -34.16
CA ARG R 43 -80.53 46.93 -33.31
C ARG R 43 -80.20 46.47 -31.90
N LEU R 44 -79.32 47.22 -31.23
CA LEU R 44 -78.88 46.89 -29.89
C LEU R 44 -79.81 47.52 -28.86
N VAL R 45 -80.17 46.73 -27.86
CA VAL R 45 -81.05 47.12 -26.77
C VAL R 45 -80.36 46.76 -25.47
N THR R 46 -80.43 47.65 -24.47
CA THR R 46 -79.77 47.42 -23.20
C THR R 46 -80.74 47.46 -22.01
N ASN R 47 -82.05 47.48 -22.28
CA ASN R 47 -83.04 47.71 -21.25
C ASN R 47 -84.41 47.44 -21.86
N TYR R 48 -85.38 47.07 -21.01
CA TYR R 48 -86.68 46.68 -21.53
C TYR R 48 -87.50 47.89 -21.99
N ALA R 49 -87.30 49.05 -21.35
CA ALA R 49 -88.00 50.25 -21.78
C ALA R 49 -87.56 50.69 -23.17
N ASP R 50 -86.28 50.51 -23.49
CA ASP R 50 -85.80 50.72 -24.86
C ASP R 50 -86.55 49.83 -25.83
N PHE R 51 -86.76 48.57 -25.47
CA PHE R 51 -87.47 47.64 -26.34
C PHE R 51 -88.90 48.10 -26.57
N GLU R 52 -89.63 48.43 -25.51
CA GLU R 52 -91.00 48.90 -25.70
C GLU R 52 -91.05 50.20 -26.50
N ARG R 53 -90.04 51.06 -26.34
CA ARG R 53 -90.05 52.33 -27.07
C ARG R 53 -89.77 52.16 -28.55
N LEU R 54 -88.86 51.26 -28.93
CA LEU R 54 -88.48 51.10 -30.33
C LEU R 54 -89.37 50.14 -31.10
N TYR R 55 -89.94 49.14 -30.44
CA TYR R 55 -90.62 48.05 -31.12
C TYR R 55 -92.09 47.92 -30.74
N GLY R 56 -92.43 48.01 -29.47
CA GLY R 56 -93.80 47.86 -29.04
C GLY R 56 -94.12 46.48 -28.49
N ALA R 57 -95.28 45.94 -28.86
CA ALA R 57 -95.73 44.63 -28.41
C ALA R 57 -95.70 43.63 -29.55
N SER R 58 -95.90 42.36 -29.20
CA SER R 58 -95.95 41.29 -30.17
C SER R 58 -97.39 40.94 -30.54
N PRO R 59 -97.63 40.46 -31.76
CA PRO R 59 -98.96 39.96 -32.12
C PRO R 59 -99.27 38.68 -31.37
N LYS R 60 -100.47 38.15 -31.64
CA LYS R 60 -100.92 36.95 -30.93
C LYS R 60 -100.23 35.69 -31.40
N SER R 61 -99.49 35.75 -32.51
CA SER R 61 -98.81 34.59 -33.06
C SER R 61 -97.33 34.56 -32.71
N SER R 62 -96.88 35.36 -31.75
CA SER R 62 -95.48 35.44 -31.39
C SER R 62 -95.36 35.65 -29.89
N ASP R 63 -94.20 35.28 -29.34
CA ASP R 63 -93.93 35.44 -27.92
C ASP R 63 -92.55 36.04 -27.69
N LEU R 64 -92.23 37.08 -28.45
CA LEU R 64 -90.93 37.74 -28.34
C LEU R 64 -90.89 38.66 -27.12
N ASP R 65 -91.94 39.44 -26.93
CA ASP R 65 -92.01 40.37 -25.80
C ASP R 65 -91.80 39.66 -24.48
N ALA R 66 -92.42 38.49 -24.33
CA ALA R 66 -92.30 37.71 -23.11
C ALA R 66 -90.88 37.20 -22.92
N ALA R 67 -90.22 36.80 -24.00
CA ALA R 67 -88.87 36.28 -23.91
C ALA R 67 -87.86 37.37 -23.56
N VAL R 68 -88.02 38.56 -24.13
CA VAL R 68 -87.12 39.67 -23.80
C VAL R 68 -87.33 40.11 -22.35
N ASP R 69 -88.59 40.13 -21.91
CA ASP R 69 -88.88 40.44 -20.51
C ASP R 69 -88.24 39.44 -19.57
N GLY R 70 -88.35 38.15 -19.89
CA GLY R 70 -87.70 37.13 -19.08
C GLY R 70 -86.18 37.22 -19.11
N PHE R 71 -85.63 37.67 -20.23
CA PHE R 71 -84.19 37.87 -20.32
C PHE R 71 -83.73 38.95 -19.36
N PHE R 72 -84.41 40.10 -19.36
CA PHE R 72 -83.96 41.21 -18.53
C PHE R 72 -84.35 41.05 -17.06
N LYS R 73 -85.37 40.26 -16.74
CA LYS R 73 -85.71 40.01 -15.35
C LYS R 73 -84.70 39.11 -14.65
N ASN R 74 -83.88 38.39 -15.40
CA ASN R 74 -82.96 37.40 -14.84
C ASN R 74 -81.53 37.87 -14.80
N GLY R 75 -81.27 39.14 -15.12
CA GLY R 75 -79.93 39.68 -15.05
C GLY R 75 -79.19 39.80 -16.35
N GLY R 76 -79.88 39.79 -17.50
CA GLY R 76 -79.21 39.99 -18.77
C GLY R 76 -78.83 41.43 -19.00
N SER R 77 -77.80 41.62 -19.83
CA SER R 77 -77.20 42.92 -20.06
C SER R 77 -77.52 43.53 -21.41
N ARG R 78 -77.36 42.79 -22.51
CA ARG R 78 -77.47 43.36 -23.84
C ARG R 78 -78.12 42.39 -24.80
N CYS R 79 -79.06 42.89 -25.59
CA CYS R 79 -79.73 42.13 -26.64
C CYS R 79 -79.45 42.76 -27.99
N PHE R 80 -79.42 41.91 -29.02
CA PHE R 80 -79.54 42.35 -30.40
C PHE R 80 -80.86 41.82 -30.93
N ILE R 81 -81.74 42.73 -31.34
CA ILE R 81 -83.07 42.39 -31.81
C ILE R 81 -83.09 42.45 -33.32
N GLY R 82 -83.63 41.41 -33.95
CA GLY R 82 -83.90 41.39 -35.37
C GLY R 82 -85.36 41.09 -35.65
N ARG R 83 -86.06 42.03 -36.29
CA ARG R 83 -87.50 41.93 -36.51
C ARG R 83 -87.76 41.16 -37.80
N VAL R 84 -88.59 40.12 -37.71
CA VAL R 84 -89.01 39.33 -38.86
C VAL R 84 -90.43 39.75 -39.23
N SER R 85 -90.66 40.01 -40.50
CA SER R 85 -91.95 40.54 -40.95
C SER R 85 -92.43 39.80 -42.17
N GLY R 86 -93.74 39.54 -42.23
CA GLY R 86 -94.35 38.91 -43.38
C GLY R 86 -94.67 39.84 -44.53
N ALA R 87 -94.50 41.14 -44.35
CA ALA R 87 -94.76 42.12 -45.39
C ALA R 87 -93.49 42.44 -46.16
N ASP R 88 -93.67 42.89 -47.40
CA ASP R 88 -92.53 43.32 -48.21
C ASP R 88 -91.82 44.49 -47.55
N ILE R 89 -90.49 44.52 -47.73
CA ILE R 89 -89.66 45.52 -47.06
C ILE R 89 -89.99 46.93 -47.51
N ASP R 90 -90.53 47.10 -48.72
CA ASP R 90 -90.83 48.42 -49.26
C ASP R 90 -92.31 48.78 -49.15
N ASP R 91 -93.10 47.98 -48.43
CA ASP R 91 -94.49 48.30 -48.16
C ASP R 91 -94.56 49.22 -46.93
N VAL R 92 -94.18 50.49 -47.18
CA VAL R 92 -94.01 51.48 -46.12
C VAL R 92 -94.91 52.66 -46.43
N ALA R 93 -95.48 53.26 -45.38
CA ALA R 93 -96.30 54.45 -45.52
C ALA R 93 -95.42 55.69 -45.69
N THR R 94 -95.89 56.61 -46.54
CA THR R 94 -95.14 57.80 -46.92
C THR R 94 -96.02 59.04 -46.80
N GLY R 95 -95.40 60.19 -47.05
CA GLY R 95 -96.08 61.48 -46.97
C GLY R 95 -95.23 62.56 -47.59
N ILE R 96 -95.79 63.77 -47.62
CA ILE R 96 -95.19 64.91 -48.32
C ILE R 96 -95.44 66.18 -47.52
N LEU R 97 -94.44 67.06 -47.46
CA LEU R 97 -94.57 68.38 -46.87
C LEU R 97 -94.48 69.44 -47.97
N ALA R 98 -95.36 70.44 -47.89
CA ALA R 98 -95.50 71.45 -48.94
C ALA R 98 -95.16 72.83 -48.40
N ASP R 99 -94.80 73.72 -49.31
CA ASP R 99 -94.35 75.07 -49.00
C ASP R 99 -95.49 76.09 -49.14
N ASP R 100 -95.12 77.37 -49.13
CA ASP R 100 -96.09 78.46 -49.13
C ASP R 100 -97.04 78.42 -50.32
N GLU R 101 -96.51 78.22 -51.54
CA GLU R 101 -97.35 78.22 -52.73
C GLU R 101 -97.51 76.84 -53.34
N GLY R 102 -97.22 75.77 -52.60
CA GLY R 102 -97.51 74.43 -53.05
C GLY R 102 -96.41 73.73 -53.78
N ASN R 103 -95.21 73.68 -53.19
CA ASN R 103 -94.10 72.91 -53.70
C ASN R 103 -93.70 71.88 -52.66
N GLU R 104 -93.52 70.62 -53.09
CA GLU R 104 -93.08 69.59 -52.17
C GLU R 104 -91.62 69.81 -51.82
N ILE R 105 -91.36 70.05 -50.53
CA ILE R 105 -90.02 70.39 -50.07
C ILE R 105 -89.36 69.26 -49.30
N ALA R 106 -90.12 68.33 -48.74
CA ALA R 106 -89.56 67.24 -47.97
C ALA R 106 -90.40 65.99 -48.20
N GLU R 107 -89.86 64.84 -47.79
CA GLU R 107 -90.56 63.57 -47.92
C GLU R 107 -90.40 62.79 -46.62
N VAL R 108 -91.55 62.36 -46.07
CA VAL R 108 -91.61 61.68 -44.78
C VAL R 108 -91.93 60.22 -45.02
N GLU R 109 -91.28 59.34 -44.26
CA GLU R 109 -91.44 57.91 -44.46
C GLU R 109 -91.39 57.18 -43.12
N ALA R 110 -92.24 56.18 -42.96
CA ALA R 110 -92.28 55.43 -41.71
C ALA R 110 -90.99 54.65 -41.50
N ASN R 111 -90.71 54.35 -40.23
CA ASN R 111 -89.49 53.65 -39.85
C ASN R 111 -89.73 52.14 -39.75
N GLY R 112 -90.12 51.56 -40.88
CA GLY R 112 -90.42 50.14 -40.95
C GLY R 112 -91.69 49.84 -41.71
N PRO R 113 -91.79 48.63 -42.25
CA PRO R 113 -92.96 48.27 -43.05
C PRO R 113 -94.11 47.75 -42.18
N GLY R 114 -95.31 47.90 -42.72
CA GLY R 114 -96.51 47.43 -42.07
C GLY R 114 -97.61 48.48 -42.03
N GLN R 115 -98.77 48.03 -41.58
CA GLN R 115 -99.95 48.90 -41.52
C GLN R 115 -99.87 49.92 -40.39
N TRP R 116 -99.02 49.70 -39.39
CA TRP R 116 -98.91 50.62 -38.27
C TRP R 116 -98.60 52.04 -38.73
N GLY R 117 -97.82 52.19 -39.79
CA GLY R 117 -97.48 53.51 -40.30
C GLY R 117 -98.66 54.33 -40.74
N GLU R 118 -99.82 53.71 -40.96
CA GLU R 118 -101.02 54.46 -41.30
C GLU R 118 -101.57 55.24 -40.11
N SER R 119 -101.04 55.04 -38.90
CA SER R 119 -101.54 55.68 -37.70
C SER R 119 -100.56 56.70 -37.14
N VAL R 120 -99.65 57.23 -37.97
CA VAL R 120 -98.67 58.22 -37.56
C VAL R 120 -99.11 59.57 -38.10
N ALA R 121 -99.15 60.59 -37.24
CA ALA R 121 -99.53 61.94 -37.62
C ALA R 121 -98.34 62.88 -37.43
N VAL R 122 -98.13 63.75 -38.41
CA VAL R 122 -97.08 64.76 -38.37
C VAL R 122 -97.73 66.13 -38.34
N ILE R 123 -97.29 66.99 -37.42
CA ILE R 123 -97.88 68.29 -37.19
C ILE R 123 -96.78 69.35 -37.25
N VAL R 124 -96.98 70.37 -38.07
CA VAL R 124 -96.03 71.47 -38.22
C VAL R 124 -96.69 72.74 -37.70
N GLU R 125 -95.94 73.48 -36.87
CA GLU R 125 -96.42 74.76 -36.35
C GLU R 125 -95.27 75.76 -36.40
N ASP R 126 -95.60 77.03 -36.20
CA ASP R 126 -94.62 78.11 -36.30
C ASP R 126 -94.12 78.54 -34.93
N SER R 127 -92.86 78.96 -34.90
CA SER R 127 -92.16 79.30 -33.66
C SER R 127 -92.16 80.82 -33.45
N GLN R 128 -91.93 81.20 -32.19
CA GLN R 128 -91.91 82.60 -31.80
C GLN R 128 -90.67 83.35 -32.31
N TYR R 129 -89.66 82.64 -32.76
CA TYR R 129 -88.47 83.28 -33.26
C TYR R 129 -88.48 83.32 -34.78
N PRO R 130 -87.92 84.37 -35.38
CA PRO R 130 -87.93 84.48 -36.84
C PRO R 130 -87.20 83.33 -37.50
N ASN R 131 -87.80 82.82 -38.58
CA ASN R 131 -87.21 81.76 -39.42
C ASN R 131 -87.08 80.43 -38.69
N GLN R 132 -88.04 80.10 -37.82
CA GLN R 132 -87.99 78.86 -37.06
C GLN R 132 -89.38 78.28 -36.93
N PHE R 133 -89.46 76.96 -36.75
CA PHE R 133 -90.73 76.27 -36.66
C PHE R 133 -90.57 75.02 -35.80
N ASP R 134 -91.71 74.49 -35.35
CA ASP R 134 -91.76 73.31 -34.50
C ASP R 134 -92.41 72.15 -35.26
N ILE R 135 -91.98 70.93 -34.93
CA ILE R 135 -92.52 69.71 -35.54
C ILE R 135 -92.87 68.72 -34.44
N THR R 136 -94.00 68.03 -34.59
CA THR R 136 -94.46 67.04 -33.64
C THR R 136 -94.88 65.78 -34.39
N VAL R 137 -94.58 64.62 -33.81
CA VAL R 137 -94.97 63.32 -34.38
C VAL R 137 -95.71 62.53 -33.32
N ARG R 138 -96.89 62.01 -33.69
CA ARG R 138 -97.77 61.31 -32.77
C ARG R 138 -98.16 59.95 -33.32
N TYR R 139 -98.31 58.97 -32.43
CA TYR R 139 -98.71 57.61 -32.84
C TYR R 139 -99.67 57.01 -31.83
N TRP R 140 -100.79 56.47 -32.34
CA TRP R 140 -101.81 55.79 -31.56
C TRP R 140 -101.81 54.30 -31.90
N SER R 141 -101.88 53.45 -30.88
CA SER R 141 -101.85 52.01 -31.07
C SER R 141 -103.21 51.41 -31.38
N GLY R 142 -104.29 52.10 -31.02
CA GLY R 142 -105.62 51.55 -31.18
C GLY R 142 -106.34 52.08 -32.39
N ASP R 143 -107.65 52.24 -32.26
CA ASP R 143 -108.50 52.65 -33.37
C ASP R 143 -108.32 54.12 -33.71
N LEU R 144 -108.37 54.44 -35.01
CA LEU R 144 -108.33 55.83 -35.43
C LEU R 144 -109.72 56.46 -35.45
N GLU R 145 -110.76 55.64 -35.61
CA GLU R 145 -112.13 56.15 -35.66
C GLU R 145 -112.55 56.84 -34.38
N ALA R 146 -111.88 56.56 -33.26
CA ALA R 146 -112.25 57.11 -31.96
C ALA R 146 -111.40 58.31 -31.56
N VAL R 147 -110.43 58.70 -32.36
CA VAL R 147 -109.55 59.82 -32.03
C VAL R 147 -110.30 61.11 -32.39
N SER R 148 -110.60 61.91 -31.37
CA SER R 148 -111.43 63.10 -31.58
C SER R 148 -110.62 64.28 -32.07
N LYS R 149 -109.62 64.72 -31.29
CA LYS R 149 -108.81 65.89 -31.60
C LYS R 149 -107.36 65.47 -31.74
N PRO R 150 -106.98 64.92 -32.90
CA PRO R 150 -105.56 64.54 -33.08
C PRO R 150 -104.63 65.72 -33.14
N HIS R 151 -105.12 66.92 -33.44
CA HIS R 151 -104.29 68.10 -33.58
C HIS R 151 -104.24 68.95 -32.33
N GLY R 152 -105.20 68.83 -31.42
CA GLY R 152 -105.25 69.64 -30.23
C GLY R 152 -104.16 69.28 -29.23
N ASP R 153 -104.11 70.08 -28.16
CA ASP R 153 -103.13 69.85 -27.11
C ASP R 153 -103.42 68.61 -26.28
N ARG R 154 -104.65 68.09 -26.35
CA ARG R 154 -105.02 66.88 -25.60
C ARG R 154 -106.00 66.07 -26.45
N PRO R 155 -105.50 65.09 -27.21
CA PRO R 155 -106.39 64.22 -27.98
C PRO R 155 -107.25 63.36 -27.07
N ASP R 156 -108.33 62.82 -27.64
CA ASP R 156 -109.31 62.09 -26.83
C ASP R 156 -108.71 60.86 -26.16
N PRO R 157 -108.11 59.88 -26.89
CA PRO R 157 -107.20 58.95 -26.23
C PRO R 157 -105.77 59.46 -26.32
N SER R 158 -105.08 59.49 -25.19
CA SER R 158 -103.71 59.98 -25.17
C SER R 158 -102.85 59.13 -26.09
N PRO R 159 -102.04 59.73 -26.96
CA PRO R 159 -101.28 58.94 -27.93
C PRO R 159 -100.27 58.03 -27.28
N ASP R 160 -99.95 56.95 -27.98
CA ASP R 160 -99.01 55.96 -27.44
C ASP R 160 -97.57 56.45 -27.53
N VAL R 161 -97.22 57.16 -28.60
CA VAL R 161 -95.87 57.71 -28.75
C VAL R 161 -95.97 59.17 -29.15
N GLU R 162 -95.05 59.99 -28.60
CA GLU R 162 -95.04 61.44 -28.73
C GLU R 162 -93.61 61.90 -28.93
N GLU R 163 -93.38 62.77 -29.93
CA GLU R 163 -92.05 63.34 -30.13
C GLU R 163 -92.19 64.79 -30.57
N VAL R 164 -91.37 65.67 -29.98
CA VAL R 164 -91.43 67.10 -30.23
C VAL R 164 -90.03 67.61 -30.54
N TYR R 165 -89.91 68.47 -31.56
CA TYR R 165 -88.65 69.09 -31.95
C TYR R 165 -88.90 70.58 -32.20
N ASP R 166 -88.18 71.44 -31.47
CA ASP R 166 -88.54 72.85 -31.32
C ASP R 166 -87.72 73.78 -32.21
N GLY R 167 -86.40 73.79 -32.07
CA GLY R 167 -85.63 74.81 -32.76
C GLY R 167 -85.16 74.43 -34.15
N LEU R 168 -86.08 74.33 -35.11
CA LEU R 168 -85.74 73.87 -36.45
C LEU R 168 -85.59 75.03 -37.43
N SER R 169 -84.81 74.79 -38.48
CA SER R 169 -84.55 75.77 -39.51
C SER R 169 -84.52 75.08 -40.86
N ALA R 170 -84.55 75.90 -41.92
CA ALA R 170 -84.47 75.40 -43.29
C ALA R 170 -83.13 75.71 -43.95
N ASP R 171 -82.10 76.04 -43.17
CA ASP R 171 -80.78 76.32 -43.71
C ASP R 171 -79.95 75.03 -43.70
N PRO R 172 -79.54 74.51 -44.85
CA PRO R 172 -78.84 73.22 -44.87
C PRO R 172 -77.47 73.24 -44.21
N GLU R 173 -76.84 74.41 -44.07
CA GLU R 173 -75.51 74.49 -43.48
C GLU R 173 -75.54 74.75 -41.98
N ALA R 174 -76.72 74.94 -41.40
CA ALA R 174 -76.86 75.13 -39.96
C ALA R 174 -76.90 73.78 -39.25
N SER R 175 -76.73 73.82 -37.93
CA SER R 175 -76.81 72.61 -37.13
C SER R 175 -78.22 72.33 -36.64
N ASN R 176 -79.15 73.26 -36.80
CA ASN R 176 -80.55 73.03 -36.49
C ASN R 176 -81.39 72.82 -37.74
N PHE R 177 -80.77 72.40 -38.84
CA PHE R 177 -81.52 71.97 -40.01
C PHE R 177 -82.35 70.74 -39.68
N TYR R 178 -83.60 70.71 -40.15
CA TYR R 178 -84.54 69.71 -39.66
C TYR R 178 -84.14 68.30 -40.08
N GLU R 179 -83.44 68.16 -41.21
CA GLU R 179 -82.97 66.85 -41.63
C GLU R 179 -81.99 66.25 -40.63
N LYS R 180 -81.17 67.09 -39.99
CA LYS R 180 -80.20 66.59 -39.02
C LYS R 180 -80.82 66.39 -37.66
N GLN R 181 -81.86 67.15 -37.32
CA GLN R 181 -82.45 67.05 -35.99
C GLN R 181 -83.44 65.89 -35.90
N LEU R 182 -84.22 65.66 -36.95
CA LEU R 182 -85.18 64.57 -36.95
C LEU R 182 -84.54 63.21 -37.22
N GLU R 183 -83.21 63.13 -37.24
CA GLU R 183 -82.56 61.87 -37.59
C GLU R 183 -82.63 60.87 -36.43
N SER R 184 -82.69 61.36 -35.20
CA SER R 184 -82.86 60.50 -34.03
C SER R 184 -84.33 60.48 -33.68
N SER R 185 -85.08 59.62 -34.37
CA SER R 185 -86.52 59.49 -34.17
C SER R 185 -86.89 58.03 -34.40
N VAL R 186 -87.69 57.46 -33.49
CA VAL R 186 -88.06 56.06 -33.61
C VAL R 186 -89.27 55.83 -34.49
N LEU R 187 -89.84 56.87 -35.10
CA LEU R 187 -91.08 56.74 -35.84
C LEU R 187 -90.94 57.02 -37.33
N VAL R 188 -90.25 58.09 -37.73
CA VAL R 188 -90.26 58.56 -39.10
C VAL R 188 -88.84 58.85 -39.57
N ASP R 189 -88.73 59.15 -40.86
CA ASP R 189 -87.51 59.55 -41.54
C ASP R 189 -87.85 60.68 -42.50
N ILE R 190 -86.95 61.67 -42.60
CA ILE R 190 -87.17 62.84 -43.45
C ILE R 190 -86.09 62.88 -44.52
N GLU R 191 -86.47 63.27 -45.73
CA GLU R 191 -85.49 63.49 -46.79
C GLU R 191 -85.79 64.81 -47.49
N TYR R 192 -84.73 65.55 -47.78
CA TYR R 192 -84.85 66.91 -48.30
C TYR R 192 -84.99 66.89 -49.82
N LYS R 193 -85.90 67.72 -50.34
CA LYS R 193 -86.15 67.80 -51.77
C LYS R 193 -85.86 69.18 -52.36
N ASP R 194 -86.45 70.24 -51.80
CA ASP R 194 -86.41 71.55 -52.43
C ASP R 194 -86.35 72.62 -51.35
N ASP R 195 -86.11 73.87 -51.78
CA ASP R 195 -85.93 74.99 -50.87
C ASP R 195 -87.28 75.53 -50.44
N GLY R 196 -87.44 75.77 -49.14
CA GLY R 196 -88.67 76.33 -48.63
C GLY R 196 -88.84 76.00 -47.16
N THR R 197 -90.00 76.38 -46.64
CA THR R 197 -90.37 76.09 -45.26
C THR R 197 -91.83 75.64 -45.25
N PRO R 198 -92.17 74.62 -44.45
CA PRO R 198 -93.51 74.03 -44.55
C PRO R 198 -94.58 74.90 -43.88
N VAL R 199 -95.82 74.72 -44.33
CA VAL R 199 -96.97 75.41 -43.77
C VAL R 199 -97.51 74.59 -42.61
N ASP R 200 -98.23 75.27 -41.71
CA ASP R 200 -98.73 74.62 -40.50
C ASP R 200 -99.83 73.62 -40.83
N GLY R 201 -100.05 72.68 -39.92
CA GLY R 201 -101.15 71.75 -40.04
C GLY R 201 -100.73 70.34 -39.72
N LEU R 202 -101.68 69.41 -39.92
CA LEU R 202 -101.51 68.01 -39.61
C LEU R 202 -101.61 67.17 -40.89
N THR R 203 -100.94 66.02 -40.88
CA THR R 203 -100.99 65.14 -42.03
C THR R 203 -100.72 63.70 -41.61
N TRP R 204 -101.44 62.77 -42.23
CA TRP R 204 -101.29 61.34 -42.00
C TRP R 204 -100.50 60.70 -43.15
N LEU R 205 -99.85 59.57 -42.85
CA LEU R 205 -99.10 58.81 -43.83
C LEU R 205 -100.01 57.76 -44.47
N HIS R 206 -100.04 57.74 -45.80
CA HIS R 206 -101.01 56.95 -46.56
C HIS R 206 -100.32 55.92 -47.44
N ARG R 207 -101.15 55.14 -48.13
CA ARG R 207 -100.76 54.17 -49.17
C ARG R 207 -99.68 53.21 -48.65
N ASP R 208 -100.09 52.39 -47.71
CA ASP R 208 -99.24 51.30 -47.24
C ASP R 208 -99.14 50.20 -48.29
N VAL R 292 -95.59 34.46 -41.63
CA VAL R 292 -94.18 34.41 -41.96
C VAL R 292 -93.76 32.97 -42.26
N THR R 293 -92.67 32.83 -43.01
CA THR R 293 -92.16 31.55 -43.45
C THR R 293 -90.72 31.39 -43.00
N LEU R 294 -90.08 30.30 -43.46
CA LEU R 294 -88.68 30.07 -43.17
C LEU R 294 -87.77 31.03 -43.94
N LYS R 295 -88.18 31.42 -45.15
CA LYS R 295 -87.38 32.34 -45.95
C LYS R 295 -87.36 33.75 -45.40
N ASP R 296 -88.32 34.12 -44.55
CA ASP R 296 -88.25 35.40 -43.85
C ASP R 296 -87.32 35.35 -42.65
N TYR R 297 -87.24 34.20 -41.97
CA TYR R 297 -86.27 34.02 -40.91
C TYR R 297 -84.85 33.92 -41.44
N GLU R 298 -84.69 33.42 -42.66
CA GLU R 298 -83.37 33.41 -43.27
C GLU R 298 -82.88 34.82 -43.57
N GLY R 299 -83.77 35.68 -44.06
CA GLY R 299 -83.46 37.08 -44.25
C GLY R 299 -83.00 37.42 -45.66
N VAL R 300 -82.95 38.71 -45.92
CA VAL R 300 -82.52 39.26 -47.20
C VAL R 300 -81.01 39.49 -47.14
N ASN R 301 -80.33 39.19 -48.25
CA ASN R 301 -78.89 39.42 -48.38
C ASN R 301 -78.66 40.15 -49.70
N LYS R 302 -78.67 41.47 -49.65
CA LYS R 302 -78.40 42.34 -50.78
C LYS R 302 -77.24 43.25 -50.42
N PRO R 303 -76.61 43.89 -51.42
CA PRO R 303 -75.42 44.71 -51.14
C PRO R 303 -75.62 45.77 -50.06
N GLY R 304 -76.81 46.34 -49.93
CA GLY R 304 -77.02 47.36 -48.93
C GLY R 304 -78.21 47.12 -48.01
N LEU R 305 -78.51 45.86 -47.71
CA LEU R 305 -79.65 45.53 -46.86
C LEU R 305 -79.52 44.09 -46.37
N ARG R 306 -79.56 43.89 -45.05
CA ARG R 306 -79.47 42.57 -44.46
C ARG R 306 -80.48 42.46 -43.34
N THR R 307 -81.29 41.39 -43.38
CA THR R 307 -82.26 41.09 -42.33
C THR R 307 -82.12 39.63 -41.94
N GLY R 308 -82.80 39.25 -40.85
CA GLY R 308 -82.80 37.85 -40.44
C GLY R 308 -81.47 37.39 -39.88
N LEU R 309 -81.06 36.19 -40.29
CA LEU R 309 -79.77 35.68 -39.86
C LEU R 309 -78.62 36.25 -40.68
N ALA R 310 -78.87 36.62 -41.93
CA ALA R 310 -77.87 37.30 -42.75
C ALA R 310 -77.43 38.61 -42.12
N GLY R 311 -78.33 39.28 -41.41
CA GLY R 311 -77.96 40.48 -40.70
C GLY R 311 -77.15 40.18 -39.45
N PHE R 312 -77.47 39.09 -38.76
CA PHE R 312 -76.74 38.72 -37.55
C PHE R 312 -75.31 38.29 -37.85
N LYS R 313 -75.08 37.66 -39.00
CA LYS R 313 -73.74 37.12 -39.25
C LYS R 313 -72.72 38.20 -39.62
N ALA R 314 -73.12 39.47 -39.60
CA ALA R 314 -72.19 40.59 -39.76
C ALA R 314 -71.97 41.36 -38.47
N ILE R 315 -72.42 40.80 -37.33
CA ILE R 315 -72.20 41.37 -36.01
C ILE R 315 -71.33 40.38 -35.24
N ASP R 316 -70.22 40.87 -34.70
CA ASP R 316 -69.27 40.00 -34.01
C ASP R 316 -69.35 40.07 -32.49
N GLU R 317 -70.39 40.69 -31.94
CA GLU R 317 -70.57 40.71 -30.49
C GLU R 317 -71.47 39.58 -30.00
N ILE R 318 -72.34 39.05 -30.85
CA ILE R 318 -73.30 38.05 -30.43
C ILE R 318 -72.58 36.76 -30.07
N SER R 319 -72.98 36.17 -28.94
CA SER R 319 -72.39 34.91 -28.48
C SER R 319 -73.39 33.80 -28.26
N MET R 320 -74.70 34.10 -28.31
CA MET R 320 -75.72 33.07 -28.26
C MET R 320 -76.98 33.58 -28.95
N VAL R 321 -77.65 32.67 -29.65
CA VAL R 321 -78.79 32.99 -30.50
C VAL R 321 -80.00 32.18 -30.04
N CYS R 322 -81.17 32.80 -30.06
CA CYS R 322 -82.40 32.07 -29.75
C CYS R 322 -83.55 32.60 -30.59
N ALA R 323 -84.42 31.68 -30.99
CA ALA R 323 -85.67 32.01 -31.68
C ALA R 323 -86.83 31.41 -30.89
N PRO R 324 -87.64 32.21 -30.20
CA PRO R 324 -88.70 31.65 -29.36
C PRO R 324 -89.71 30.79 -30.10
N ASP R 325 -90.06 31.13 -31.35
CA ASP R 325 -91.09 30.42 -32.09
C ASP R 325 -90.50 29.40 -33.06
N GLU R 326 -89.39 28.75 -32.68
CA GLU R 326 -88.70 27.85 -33.60
C GLU R 326 -89.47 26.57 -33.88
N ASN R 327 -90.50 26.25 -33.09
CA ASN R 327 -91.24 25.01 -33.28
C ASN R 327 -92.50 25.20 -34.12
N ASP R 328 -92.87 26.43 -34.44
CA ASP R 328 -93.98 26.71 -35.34
C ASP R 328 -93.56 26.78 -36.80
N ILE R 329 -92.28 26.97 -37.08
CA ILE R 329 -91.75 27.08 -38.43
C ILE R 329 -90.85 25.89 -38.66
N ASP R 330 -91.26 24.98 -39.55
CA ASP R 330 -90.49 23.77 -39.80
C ASP R 330 -89.23 24.10 -40.60
N GLY R 331 -88.11 23.54 -40.17
CA GLY R 331 -86.84 23.77 -40.83
C GLY R 331 -86.03 24.93 -40.27
N LEU R 332 -86.38 25.45 -39.10
CA LEU R 332 -85.65 26.57 -38.51
C LEU R 332 -84.59 26.13 -37.51
N THR R 333 -84.82 25.02 -36.81
CA THR R 333 -83.83 24.50 -35.87
C THR R 333 -82.53 24.16 -36.59
N ASP R 334 -82.63 23.47 -37.72
CA ASP R 334 -81.44 23.11 -38.48
C ASP R 334 -80.74 24.35 -39.02
N SER R 335 -81.50 25.35 -39.46
CA SER R 335 -80.89 26.58 -39.95
C SER R 335 -80.12 27.30 -38.84
N ILE R 336 -80.68 27.33 -37.63
CA ILE R 336 -79.99 27.99 -36.52
C ILE R 336 -78.72 27.25 -36.14
N VAL R 337 -78.80 25.91 -36.06
CA VAL R 337 -77.61 25.13 -35.70
C VAL R 337 -76.54 25.26 -36.78
N ALA R 338 -76.95 25.32 -38.05
CA ALA R 338 -75.98 25.47 -39.13
C ALA R 338 -75.34 26.85 -39.12
N HIS R 339 -76.13 27.89 -38.82
CA HIS R 339 -75.57 29.24 -38.67
C HIS R 339 -74.50 29.26 -37.59
N CYS R 340 -74.80 28.67 -36.43
CA CYS R 340 -73.83 28.70 -35.33
C CYS R 340 -72.60 27.84 -35.64
N GLU R 341 -72.76 26.74 -36.36
CA GLU R 341 -71.60 25.91 -36.70
C GLU R 341 -70.76 26.51 -37.81
N ASN R 342 -71.37 27.28 -38.71
CA ASN R 342 -70.61 27.88 -39.80
C ASN R 342 -69.90 29.15 -39.37
N MET R 343 -70.47 29.90 -38.43
CA MET R 343 -69.72 31.04 -37.89
C MET R 343 -68.60 30.55 -36.98
N GLY R 344 -68.88 29.55 -36.16
CA GLY R 344 -67.88 28.96 -35.28
C GLY R 344 -67.59 29.77 -34.03
N ASP R 345 -68.43 30.74 -33.69
CA ASP R 345 -68.15 31.58 -32.53
C ASP R 345 -69.41 31.91 -31.72
N ARG R 346 -70.47 31.10 -31.83
CA ARG R 346 -71.68 31.36 -31.07
C ARG R 346 -72.33 30.03 -30.70
N PHE R 347 -73.32 30.11 -29.84
CA PHE R 347 -73.95 28.95 -29.21
C PHE R 347 -75.46 29.04 -29.40
N ALA R 348 -76.12 27.89 -29.56
CA ALA R 348 -77.55 27.85 -29.82
C ALA R 348 -78.31 27.26 -28.64
N ILE R 349 -79.41 27.91 -28.28
CA ILE R 349 -80.28 27.49 -27.19
C ILE R 349 -81.60 27.03 -27.79
N LEU R 350 -82.03 25.82 -27.45
CA LEU R 350 -83.22 25.22 -28.02
C LEU R 350 -84.15 24.76 -26.91
N GLN R 351 -85.45 24.85 -27.19
CA GLN R 351 -86.47 24.42 -26.25
C GLN R 351 -87.34 23.35 -26.90
N SER R 352 -87.91 22.49 -26.05
CA SER R 352 -88.72 21.38 -26.52
C SER R 352 -90.07 21.87 -27.05
N PRO R 353 -90.85 21.01 -27.69
CA PRO R 353 -92.22 21.37 -28.04
C PRO R 353 -93.10 21.39 -26.80
N GLN R 354 -94.31 21.92 -26.98
CA GLN R 354 -95.27 21.92 -25.89
C GLN R 354 -95.80 20.52 -25.62
N ASN R 355 -95.81 19.66 -26.63
CA ASN R 355 -96.21 18.26 -26.48
C ASN R 355 -95.15 17.40 -27.14
N PRO R 356 -94.13 16.98 -26.39
CA PRO R 356 -93.04 16.21 -26.99
C PRO R 356 -93.26 14.70 -27.00
N GLY R 357 -94.36 14.20 -26.46
CA GLY R 357 -94.67 12.80 -26.52
C GLY R 357 -94.39 12.05 -25.23
N PRO R 358 -94.31 10.73 -25.29
CA PRO R 358 -93.97 9.94 -24.10
C PRO R 358 -92.51 10.10 -23.73
N VAL R 359 -92.23 9.92 -22.43
CA VAL R 359 -90.90 10.16 -21.90
C VAL R 359 -89.90 9.16 -22.45
N SER R 360 -90.30 7.90 -22.59
CA SER R 360 -89.40 6.85 -23.03
C SER R 360 -89.02 6.96 -24.51
N GLU R 361 -89.53 7.96 -25.23
CA GLU R 361 -89.29 8.08 -26.66
C GLU R 361 -88.68 9.41 -27.07
N MET R 362 -88.33 10.26 -26.10
CA MET R 362 -87.81 11.58 -26.42
C MET R 362 -86.37 11.51 -26.90
N GLU R 363 -86.03 12.39 -27.82
CA GLU R 363 -84.68 12.50 -28.37
C GLU R 363 -84.38 13.97 -28.62
N THR R 364 -83.11 14.26 -28.84
CA THR R 364 -82.81 15.63 -29.21
C THR R 364 -82.93 15.81 -30.71
N PRO R 365 -83.29 17.01 -31.19
CA PRO R 365 -83.44 17.18 -32.64
C PRO R 365 -82.13 17.07 -33.41
N VAL R 366 -81.05 17.68 -32.90
CA VAL R 366 -79.77 17.64 -33.59
C VAL R 366 -78.74 16.94 -32.71
N ASP R 367 -77.55 16.72 -33.25
CA ASP R 367 -76.44 16.07 -32.55
C ASP R 367 -75.20 16.95 -32.61
N SER R 368 -75.39 18.24 -32.39
CA SER R 368 -74.32 19.23 -32.51
C SER R 368 -73.68 19.50 -31.15
N SER R 369 -72.41 19.90 -31.21
CA SER R 369 -71.71 20.40 -30.05
C SER R 369 -71.95 21.89 -29.82
N TYR R 370 -72.71 22.55 -30.68
CA TYR R 370 -72.94 23.98 -30.62
C TYR R 370 -74.35 24.34 -30.16
N ALA R 371 -75.02 23.43 -29.45
CA ALA R 371 -76.40 23.64 -29.07
C ALA R 371 -76.68 22.98 -27.73
N ALA R 372 -77.71 23.49 -27.05
CA ALA R 372 -78.20 22.91 -25.80
C ALA R 372 -79.72 22.91 -25.82
N TYR R 373 -80.32 21.98 -25.08
CA TYR R 373 -81.74 21.65 -25.21
C TYR R 373 -82.39 21.60 -23.83
N TYR R 374 -83.44 22.40 -23.63
CA TYR R 374 -84.05 22.59 -22.32
C TYR R 374 -85.53 22.20 -22.33
N TYR R 375 -86.02 21.79 -21.15
CA TYR R 375 -87.36 21.25 -21.01
C TYR R 375 -87.82 21.37 -19.57
N PRO R 376 -89.12 21.64 -19.29
CA PRO R 376 -90.32 21.98 -20.06
C PRO R 376 -90.64 23.48 -20.18
N TRP R 377 -91.88 23.80 -20.55
CA TRP R 377 -92.39 25.15 -20.67
C TRP R 377 -92.71 25.74 -19.28
N VAL R 378 -92.92 27.06 -19.24
CA VAL R 378 -93.13 27.78 -17.99
C VAL R 378 -94.42 28.61 -18.06
N ASN R 379 -94.82 29.14 -16.90
CA ASN R 379 -96.05 29.91 -16.76
C ASN R 379 -95.71 31.34 -16.34
N VAL R 380 -96.39 32.32 -16.93
CA VAL R 380 -96.16 33.73 -16.66
C VAL R 380 -97.50 34.45 -16.58
N LEU R 381 -97.47 35.68 -16.08
CA LEU R 381 -98.62 36.58 -16.09
C LEU R 381 -98.63 37.39 -17.38
N ASP R 382 -99.78 37.43 -18.03
CA ASP R 382 -99.91 38.11 -19.31
C ASP R 382 -100.38 39.55 -19.08
N PRO R 383 -99.64 40.56 -19.53
CA PRO R 383 -99.97 41.95 -19.15
C PRO R 383 -101.15 42.55 -19.89
N VAL R 384 -101.92 41.77 -20.65
CA VAL R 384 -103.12 42.29 -21.30
C VAL R 384 -104.39 41.58 -20.82
N THR R 385 -104.28 40.39 -20.23
CA THR R 385 -105.42 39.71 -19.64
C THR R 385 -105.29 39.51 -18.13
N ASN R 386 -104.08 39.66 -17.59
CA ASN R 386 -103.81 39.48 -16.16
C ASN R 386 -104.12 38.05 -15.73
N ARG R 387 -103.86 37.09 -16.63
CA ARG R 387 -104.04 35.68 -16.36
C ARG R 387 -102.74 34.95 -16.65
N GLU R 388 -102.68 33.68 -16.25
CA GLU R 388 -101.51 32.87 -16.53
C GLU R 388 -101.48 32.47 -18.00
N LYS R 389 -100.27 32.21 -18.48
CA LYS R 389 -100.03 31.89 -19.88
C LYS R 389 -98.77 31.03 -19.96
N LEU R 390 -98.77 30.07 -20.87
CA LEU R 390 -97.70 29.09 -21.00
C LEU R 390 -96.78 29.49 -22.15
N VAL R 391 -95.49 29.60 -21.86
CA VAL R 391 -94.50 30.08 -22.83
C VAL R 391 -93.27 29.20 -22.79
N PRO R 392 -92.45 29.24 -23.84
CA PRO R 392 -91.19 28.50 -23.81
C PRO R 392 -90.16 29.20 -22.95
N PRO R 393 -89.21 28.46 -22.37
CA PRO R 393 -88.28 29.04 -21.39
C PRO R 393 -86.98 29.63 -21.94
N GLY R 394 -86.90 29.93 -23.24
CA GLY R 394 -85.61 30.23 -23.84
C GLY R 394 -84.97 31.52 -23.35
N GLY R 395 -85.74 32.60 -23.28
CA GLY R 395 -85.17 33.89 -22.91
C GLY R 395 -84.73 33.96 -21.46
N HIS R 396 -85.50 33.35 -20.57
CA HIS R 396 -85.10 33.26 -19.16
C HIS R 396 -83.77 32.52 -19.03
N ILE R 397 -83.57 31.48 -19.82
CA ILE R 397 -82.34 30.71 -19.75
C ILE R 397 -81.17 31.51 -20.32
N ALA R 398 -81.39 32.25 -21.39
CA ALA R 398 -80.33 33.12 -21.91
C ALA R 398 -79.95 34.19 -20.89
N GLY R 399 -80.93 34.73 -20.16
CA GLY R 399 -80.63 35.67 -19.10
C GLY R 399 -79.82 35.06 -17.98
N ILE R 400 -80.11 33.80 -17.65
CA ILE R 400 -79.31 33.08 -16.65
C ILE R 400 -77.87 32.90 -17.14
N TYR R 401 -77.70 32.55 -18.41
CA TYR R 401 -76.36 32.46 -19.01
C TYR R 401 -75.59 33.77 -18.82
N SER R 402 -76.22 34.88 -19.20
CA SER R 402 -75.56 36.19 -19.10
C SER R 402 -75.19 36.52 -17.66
N ARG R 403 -76.11 36.28 -16.72
CA ARG R 403 -75.85 36.57 -15.32
C ARG R 403 -74.66 35.75 -14.79
N THR R 404 -74.67 34.44 -15.04
CA THR R 404 -73.59 33.59 -14.58
C THR R 404 -72.26 34.03 -15.17
N ASP R 405 -72.26 34.41 -16.45
CA ASP R 405 -71.02 34.89 -17.07
C ASP R 405 -70.53 36.17 -16.42
N GLN R 406 -71.45 37.04 -15.98
CA GLN R 406 -71.02 38.29 -15.37
C GLN R 406 -70.47 38.09 -13.97
N GLU R 407 -71.06 37.19 -13.18
CA GLU R 407 -70.67 37.10 -11.78
C GLU R 407 -69.70 35.96 -11.45
N HIS R 408 -69.49 35.00 -12.36
CA HIS R 408 -68.60 33.89 -12.07
C HIS R 408 -67.51 33.66 -13.12
N GLY R 409 -67.79 33.90 -14.39
CA GLY R 409 -66.89 33.55 -15.47
C GLY R 409 -67.55 32.57 -16.43
N VAL R 410 -66.87 32.41 -17.58
CA VAL R 410 -67.38 31.52 -18.62
C VAL R 410 -67.11 30.05 -18.33
N HIS R 411 -66.29 29.76 -17.33
CA HIS R 411 -65.97 28.40 -16.93
C HIS R 411 -66.95 27.82 -15.92
N LYS R 412 -67.95 28.58 -15.49
CA LYS R 412 -68.90 28.13 -14.50
C LYS R 412 -70.15 27.59 -15.21
N ALA R 413 -70.58 26.40 -14.79
CA ALA R 413 -71.76 25.80 -15.38
C ALA R 413 -73.01 26.57 -14.99
N PRO R 414 -73.84 26.99 -15.95
CA PRO R 414 -75.05 27.77 -15.61
C PRO R 414 -76.21 26.89 -15.15
N ALA R 415 -75.95 26.09 -14.12
CA ALA R 415 -76.96 25.23 -13.52
C ALA R 415 -76.89 25.36 -12.01
N ASN R 416 -77.95 24.87 -11.34
CA ASN R 416 -78.17 25.11 -9.92
C ASN R 416 -78.38 26.59 -9.66
N GLU R 417 -79.13 27.24 -10.55
CA GLU R 417 -79.44 28.66 -10.50
C GLU R 417 -80.94 28.85 -10.56
N THR R 418 -81.42 29.94 -9.97
CA THR R 418 -82.84 30.20 -9.84
C THR R 418 -83.40 30.92 -11.06
N LEU R 419 -84.64 30.61 -11.40
CA LEU R 419 -85.37 31.31 -12.45
C LEU R 419 -86.28 32.37 -11.83
N ARG R 420 -86.10 33.61 -12.25
CA ARG R 420 -86.90 34.73 -11.79
C ARG R 420 -87.87 35.17 -12.88
N GLY R 421 -89.06 35.58 -12.46
CA GLY R 421 -90.03 36.12 -13.38
C GLY R 421 -91.12 35.18 -13.83
N ILE R 422 -91.30 34.04 -13.18
CA ILE R 422 -92.28 33.04 -13.57
C ILE R 422 -93.18 32.75 -12.38
N VAL R 423 -94.21 31.95 -12.64
CA VAL R 423 -95.18 31.55 -11.63
C VAL R 423 -95.11 30.06 -11.34
N GLY R 424 -95.03 29.22 -12.37
CA GLY R 424 -94.93 27.80 -12.18
C GLY R 424 -94.41 27.15 -13.44
N LEU R 425 -94.39 25.82 -13.42
CA LEU R 425 -93.92 25.02 -14.55
C LEU R 425 -95.11 24.35 -15.23
N GLN R 426 -94.81 23.63 -16.31
CA GLN R 426 -95.84 22.86 -16.99
C GLN R 426 -96.07 21.52 -16.30
N HIS R 427 -94.98 20.79 -16.03
CA HIS R 427 -95.03 19.55 -15.27
C HIS R 427 -93.95 19.61 -14.20
N ASN R 428 -94.11 18.77 -13.18
CA ASN R 428 -93.06 18.53 -12.19
C ASN R 428 -92.40 17.19 -12.50
N ILE R 429 -91.10 17.22 -12.75
CA ILE R 429 -90.32 16.03 -13.08
C ILE R 429 -89.73 15.46 -11.80
N THR R 430 -89.78 14.14 -11.66
CA THR R 430 -89.24 13.45 -10.51
C THR R 430 -87.81 13.01 -10.77
N LYS R 431 -87.22 12.35 -9.78
CA LYS R 431 -85.86 11.83 -9.92
C LYS R 431 -85.81 10.55 -10.74
N GLY R 432 -86.91 9.80 -10.83
CA GLY R 432 -86.91 8.60 -11.65
C GLY R 432 -86.96 8.88 -13.13
N GLU R 433 -87.61 9.99 -13.53
CA GLU R 433 -87.71 10.34 -14.94
C GLU R 433 -86.46 11.02 -15.45
N GLN R 434 -85.73 11.73 -14.60
CA GLN R 434 -84.49 12.37 -15.03
C GLN R 434 -83.36 11.38 -15.20
N ASP R 435 -83.45 10.20 -14.57
CA ASP R 435 -82.48 9.14 -14.83
C ASP R 435 -82.57 8.59 -16.24
N VAL R 436 -83.64 8.91 -16.96
CA VAL R 436 -83.80 8.46 -18.34
C VAL R 436 -83.46 9.60 -19.30
N LEU R 437 -83.76 10.82 -18.88
CA LEU R 437 -83.59 11.99 -19.74
C LEU R 437 -82.17 12.55 -19.72
N ASN R 438 -81.51 12.51 -18.56
CA ASN R 438 -80.20 13.15 -18.46
C ASN R 438 -79.12 12.48 -19.31
N PRO R 439 -78.99 11.15 -19.38
CA PRO R 439 -77.99 10.56 -20.27
C PRO R 439 -78.26 10.78 -21.76
N LYS R 440 -79.36 11.43 -22.12
CA LYS R 440 -79.70 11.69 -23.52
C LYS R 440 -79.40 13.10 -23.96
N GLY R 441 -78.88 13.96 -23.08
CA GLY R 441 -78.57 15.33 -23.44
C GLY R 441 -79.71 16.32 -23.27
N ILE R 442 -80.77 15.95 -22.57
CA ILE R 442 -81.94 16.79 -22.37
C ILE R 442 -81.85 17.40 -20.98
N ASN R 443 -81.87 18.73 -20.90
CA ASN R 443 -81.72 19.43 -19.62
C ASN R 443 -83.08 19.77 -19.05
N CYS R 444 -83.22 19.62 -17.73
CA CYS R 444 -84.50 19.73 -17.06
C CYS R 444 -84.53 20.94 -16.16
N ILE R 445 -85.74 21.51 -16.02
CA ILE R 445 -86.02 22.57 -15.06
C ILE R 445 -86.95 21.97 -14.01
N ARG R 446 -86.49 21.93 -12.76
CA ARG R 446 -87.19 21.22 -11.70
C ARG R 446 -87.51 22.17 -10.55
N SER R 447 -88.34 21.71 -9.63
CA SER R 447 -88.74 22.50 -8.47
C SER R 447 -88.55 21.66 -7.21
N PHE R 448 -87.73 22.16 -6.29
CA PHE R 448 -87.44 21.47 -5.04
C PHE R 448 -88.15 22.18 -3.89
N GLN R 449 -88.64 21.37 -2.95
CA GLN R 449 -89.32 21.89 -1.77
C GLN R 449 -88.30 22.50 -0.82
N GLY R 450 -88.48 23.77 -0.48
CA GLY R 450 -87.52 24.49 0.31
C GLY R 450 -86.43 25.20 -0.46
N ARG R 451 -86.32 24.96 -1.77
CA ARG R 451 -85.26 25.55 -2.56
C ARG R 451 -85.73 26.29 -3.81
N GLY R 452 -86.90 25.99 -4.35
CA GLY R 452 -87.44 26.74 -5.46
C GLY R 452 -87.26 26.05 -6.80
N ILE R 453 -87.40 26.83 -7.87
CA ILE R 453 -87.31 26.33 -9.23
C ILE R 453 -85.91 26.60 -9.76
N ARG R 454 -85.26 25.55 -10.26
CA ARG R 454 -83.86 25.65 -10.69
C ARG R 454 -83.64 24.82 -11.95
N VAL R 455 -82.58 25.19 -12.68
CA VAL R 455 -82.10 24.41 -13.81
C VAL R 455 -81.18 23.32 -13.30
N TRP R 456 -81.45 22.06 -13.69
CA TRP R 456 -80.74 20.89 -13.16
C TRP R 456 -80.20 20.09 -14.34
N GLY R 457 -79.05 20.51 -14.87
CA GLY R 457 -78.46 19.85 -16.02
C GLY R 457 -77.65 20.79 -16.89
N ALA R 458 -76.45 20.37 -17.31
CA ALA R 458 -75.50 21.26 -17.98
C ALA R 458 -74.78 20.55 -19.13
N ARG R 459 -75.50 19.81 -19.95
CA ARG R 459 -74.90 19.08 -21.07
C ARG R 459 -75.28 19.67 -22.42
N THR R 460 -74.52 19.30 -23.44
CA THR R 460 -74.85 19.62 -24.82
C THR R 460 -75.54 18.44 -25.50
N THR R 461 -76.05 18.69 -26.71
CA THR R 461 -76.70 17.66 -27.52
C THR R 461 -75.70 16.73 -28.20
N SER R 462 -74.41 16.86 -27.91
CA SER R 462 -73.38 16.18 -28.67
C SER R 462 -73.21 14.73 -28.23
N SER R 463 -72.77 13.90 -29.16
CA SER R 463 -72.43 12.50 -28.90
C SER R 463 -70.94 12.28 -28.67
N ASP R 464 -70.10 13.20 -29.16
CA ASP R 464 -68.66 13.13 -28.91
C ASP R 464 -68.38 13.23 -27.42
N PRO R 465 -67.59 12.31 -26.85
CA PRO R 465 -67.31 12.39 -25.41
C PRO R 465 -66.42 13.56 -25.02
N GLU R 466 -65.79 14.22 -25.99
CA GLU R 466 -64.88 15.32 -25.69
C GLU R 466 -65.62 16.64 -25.46
N TRP R 467 -66.86 16.76 -25.91
CA TRP R 467 -67.63 17.99 -25.80
C TRP R 467 -68.94 17.73 -25.06
N LYS R 468 -68.87 16.93 -24.00
CA LYS R 468 -70.07 16.58 -23.25
C LYS R 468 -70.60 17.74 -22.41
N TYR R 469 -69.72 18.57 -21.85
CA TYR R 469 -70.11 19.63 -20.94
C TYR R 469 -70.07 20.98 -21.65
N LEU R 470 -70.94 21.87 -21.19
CA LEU R 470 -71.27 23.11 -21.89
C LEU R 470 -70.21 24.19 -21.66
N ASN R 471 -69.70 24.27 -20.42
CA ASN R 471 -68.73 25.31 -20.09
C ASN R 471 -67.40 25.10 -20.80
N VAL R 472 -67.06 23.86 -21.15
CA VAL R 472 -65.84 23.59 -21.89
C VAL R 472 -65.92 24.17 -23.29
N ARG R 473 -67.06 23.97 -23.96
CA ARG R 473 -67.28 24.56 -25.27
C ARG R 473 -67.26 26.08 -25.21
N ARG R 474 -67.90 26.66 -24.19
CA ARG R 474 -67.92 28.13 -24.11
C ARG R 474 -66.52 28.69 -23.86
N LEU R 475 -65.74 28.03 -22.99
CA LEU R 475 -64.37 28.48 -22.75
C LEU R 475 -63.53 28.41 -24.01
N PHE R 476 -63.66 27.32 -24.79
CA PHE R 476 -62.89 27.23 -26.02
C PHE R 476 -63.30 28.29 -27.03
N LEU R 477 -64.60 28.58 -27.15
CA LEU R 477 -65.03 29.67 -28.03
C LEU R 477 -64.36 30.97 -27.64
N PHE R 478 -64.42 31.31 -26.35
CA PHE R 478 -63.81 32.54 -25.85
C PHE R 478 -62.32 32.62 -26.19
N ILE R 479 -61.59 31.56 -25.87
CA ILE R 479 -60.14 31.55 -26.08
C ILE R 479 -59.80 31.68 -27.56
N GLU R 480 -60.49 30.92 -28.41
CA GLU R 480 -60.15 30.89 -29.82
C GLU R 480 -60.46 32.23 -30.49
N GLN R 481 -61.57 32.87 -30.11
CA GLN R 481 -61.85 34.17 -30.73
C GLN R 481 -60.87 35.23 -30.25
N SER R 482 -60.49 35.21 -28.98
CA SER R 482 -59.48 36.16 -28.51
C SER R 482 -58.18 36.01 -29.28
N ILE R 483 -57.72 34.76 -29.45
CA ILE R 483 -56.48 34.53 -30.18
C ILE R 483 -56.61 34.99 -31.63
N GLN R 484 -57.74 34.67 -32.28
CA GLN R 484 -57.92 35.06 -33.67
C GLN R 484 -57.86 36.58 -33.85
N GLU R 485 -58.53 37.32 -32.97
CA GLU R 485 -58.63 38.75 -33.17
C GLU R 485 -57.43 39.53 -32.67
N GLY R 486 -56.65 38.99 -31.74
CA GLY R 486 -55.53 39.72 -31.18
C GLY R 486 -54.15 39.33 -31.67
N THR R 487 -53.99 38.87 -32.91
CA THR R 487 -52.67 38.44 -33.38
C THR R 487 -52.44 38.85 -34.84
N GLN R 488 -53.19 39.83 -35.33
CA GLN R 488 -53.03 40.22 -36.74
C GLN R 488 -51.79 41.05 -37.00
N TRP R 489 -51.04 41.43 -35.97
CA TRP R 489 -49.79 42.15 -36.16
C TRP R 489 -48.67 41.25 -36.66
N ALA R 490 -48.85 39.93 -36.58
CA ALA R 490 -47.77 38.97 -36.86
C ALA R 490 -47.74 38.51 -38.31
N VAL R 491 -48.68 38.91 -39.13
CA VAL R 491 -48.70 38.49 -40.53
C VAL R 491 -47.68 39.31 -41.29
N PHE R 492 -46.86 38.62 -42.10
CA PHE R 492 -45.81 39.18 -42.95
C PHE R 492 -44.58 39.63 -42.17
N GLU R 493 -44.46 39.24 -40.91
CA GLU R 493 -43.27 39.52 -40.13
C GLU R 493 -42.19 38.50 -40.43
N PRO R 494 -40.92 38.82 -40.16
CA PRO R 494 -39.84 37.86 -40.42
C PRO R 494 -40.04 36.56 -39.65
N ASN R 495 -39.75 35.45 -40.32
CA ASN R 495 -39.94 34.11 -39.77
C ASN R 495 -38.65 33.64 -39.11
N GLU R 496 -38.37 34.22 -37.93
CA GLU R 496 -37.12 33.96 -37.23
C GLU R 496 -37.37 34.10 -35.72
N GLN R 497 -36.31 33.85 -34.95
CA GLN R 497 -36.44 33.55 -33.52
C GLN R 497 -37.06 34.69 -32.71
N ASP R 498 -36.89 35.94 -33.14
CA ASP R 498 -37.45 37.06 -32.39
C ASP R 498 -38.98 37.03 -32.42
N THR R 499 -39.55 36.88 -33.61
CA THR R 499 -41.00 36.78 -33.73
C THR R 499 -41.53 35.59 -32.94
N TRP R 500 -40.81 34.48 -32.96
CA TRP R 500 -41.23 33.28 -32.25
C TRP R 500 -41.29 33.54 -30.74
N GLY R 501 -40.23 34.13 -30.19
CA GLY R 501 -40.25 34.45 -28.77
C GLY R 501 -41.36 35.41 -28.39
N ARG R 502 -41.60 36.40 -29.24
CA ARG R 502 -42.63 37.39 -28.97
C ARG R 502 -44.02 36.73 -28.91
N ILE R 503 -44.34 35.90 -29.91
CA ILE R 503 -45.64 35.24 -29.97
C ILE R 503 -45.81 34.31 -28.78
N ARG R 504 -44.78 33.51 -28.49
CA ARG R 504 -44.84 32.59 -27.35
C ARG R 504 -45.11 33.34 -26.06
N GLN R 505 -44.42 34.47 -25.84
CA GLN R 505 -44.59 35.25 -24.62
C GLN R 505 -46.01 35.77 -24.48
N SER R 506 -46.56 36.31 -25.56
CA SER R 506 -47.93 36.83 -25.50
C SER R 506 -48.93 35.74 -25.13
N VAL R 507 -48.87 34.60 -25.82
CA VAL R 507 -49.87 33.57 -25.58
C VAL R 507 -49.72 32.99 -24.18
N THR R 508 -48.47 32.87 -23.69
CA THR R 508 -48.28 32.39 -22.34
C THR R 508 -48.88 33.33 -21.31
N ASN R 509 -48.72 34.64 -21.50
CA ASN R 509 -49.33 35.59 -20.56
C ASN R 509 -50.85 35.46 -20.53
N PHE R 510 -51.47 35.36 -21.71
CA PHE R 510 -52.93 35.22 -21.75
C PHE R 510 -53.39 33.94 -21.05
N LEU R 511 -52.72 32.82 -21.30
CA LEU R 511 -53.16 31.57 -20.70
C LEU R 511 -52.90 31.54 -19.20
N ARG R 512 -51.84 32.18 -18.73
CA ARG R 512 -51.60 32.25 -17.29
C ARG R 512 -52.67 33.09 -16.60
N THR R 513 -53.12 34.16 -17.26
CA THR R 513 -54.24 34.92 -16.72
C THR R 513 -55.49 34.06 -16.62
N VAL R 514 -55.79 33.29 -17.67
CA VAL R 514 -56.97 32.41 -17.62
C VAL R 514 -56.83 31.40 -16.49
N TRP R 515 -55.63 30.87 -16.28
CA TRP R 515 -55.41 29.89 -15.22
C TRP R 515 -55.63 30.48 -13.84
N ARG R 516 -55.15 31.72 -13.62
CA ARG R 516 -55.27 32.32 -12.30
C ARG R 516 -56.72 32.58 -11.87
N ASN R 517 -57.63 32.72 -12.82
CA ASN R 517 -59.03 33.00 -12.51
C ASN R 517 -59.87 31.74 -12.32
N GLY R 518 -59.25 30.57 -12.26
CA GLY R 518 -59.97 29.36 -11.99
C GLY R 518 -60.48 28.60 -13.20
N GLY R 519 -60.09 29.00 -14.42
CA GLY R 519 -60.59 28.34 -15.61
C GLY R 519 -59.82 27.09 -15.98
N LEU R 520 -58.55 27.01 -15.63
CA LEU R 520 -57.72 25.85 -15.91
C LEU R 520 -57.37 25.16 -14.60
N GLN R 521 -56.95 23.90 -14.71
CA GLN R 521 -56.83 23.02 -13.56
C GLN R 521 -55.41 22.52 -13.42
N GLY R 522 -54.85 22.66 -12.24
CA GLY R 522 -53.52 22.17 -11.93
C GLY R 522 -52.87 23.03 -10.84
N GLN R 523 -52.02 22.38 -10.04
CA GLN R 523 -51.32 23.07 -8.97
C GLN R 523 -50.08 23.82 -9.47
N SER R 524 -49.69 23.63 -10.73
CA SER R 524 -48.56 24.34 -11.30
C SER R 524 -48.92 24.73 -12.72
N GLU R 525 -48.07 25.57 -13.32
CA GLU R 525 -48.30 26.00 -14.69
C GLU R 525 -48.10 24.87 -15.68
N ASP R 526 -47.16 23.97 -15.39
CA ASP R 526 -46.92 22.85 -16.30
C ASP R 526 -48.08 21.88 -16.35
N ASP R 527 -48.91 21.83 -15.31
CA ASP R 527 -50.07 20.97 -15.30
C ASP R 527 -51.23 21.57 -16.07
N ALA R 528 -51.28 22.90 -16.18
CA ALA R 528 -52.45 23.57 -16.73
C ALA R 528 -52.37 23.79 -18.23
N PHE R 529 -51.18 24.07 -18.78
CA PHE R 529 -51.07 24.39 -20.20
C PHE R 529 -49.61 24.37 -20.63
N TYR R 530 -49.41 24.40 -21.95
CA TYR R 530 -48.10 24.64 -22.55
C TYR R 530 -48.27 25.32 -23.91
N VAL R 531 -47.21 26.02 -24.33
CA VAL R 531 -47.13 26.69 -25.62
C VAL R 531 -45.78 26.38 -26.25
N LYS R 532 -45.77 26.09 -27.56
CA LYS R 532 -44.56 25.72 -28.28
C LYS R 532 -44.48 26.44 -29.61
N CYS R 533 -43.32 27.03 -29.89
CA CYS R 533 -43.06 27.67 -31.17
C CYS R 533 -41.55 27.75 -31.36
N GLY R 534 -41.02 27.07 -32.37
CA GLY R 534 -39.58 27.08 -32.59
C GLY R 534 -39.19 26.05 -33.65
N GLU R 535 -38.05 25.41 -33.43
CA GLU R 535 -37.57 24.38 -34.34
C GLU R 535 -38.10 23.00 -34.00
N GLU R 536 -38.90 22.88 -32.93
CA GLU R 536 -39.58 21.62 -32.66
C GLU R 536 -40.93 21.55 -33.34
N THR R 537 -41.51 22.69 -33.71
CA THR R 537 -42.79 22.71 -34.40
C THR R 537 -42.66 23.00 -35.90
N MET R 538 -41.60 23.68 -36.31
CA MET R 538 -41.39 24.06 -37.70
C MET R 538 -40.18 23.35 -38.27
N SER R 539 -40.30 22.91 -39.52
CA SER R 539 -39.20 22.37 -40.29
C SER R 539 -38.75 23.39 -41.33
N GLU R 540 -37.82 22.98 -42.19
CA GLU R 540 -37.28 23.90 -43.18
C GLU R 540 -38.22 24.07 -44.37
N ASP R 541 -38.93 23.00 -44.75
CA ASP R 541 -39.98 23.11 -45.76
C ASP R 541 -41.06 24.09 -45.33
N ASP R 542 -41.30 24.21 -44.02
CA ASP R 542 -42.26 25.19 -43.52
C ASP R 542 -41.74 26.61 -43.73
N ILE R 543 -40.49 26.87 -43.34
CA ILE R 543 -39.92 28.21 -43.49
C ILE R 543 -39.89 28.62 -44.96
N ASP R 544 -39.54 27.69 -45.85
CA ASP R 544 -39.45 28.04 -47.26
C ASP R 544 -40.80 28.37 -47.89
N ASN R 545 -41.90 27.98 -47.24
CA ASN R 545 -43.23 28.21 -47.80
C ASN R 545 -44.03 29.25 -47.03
N GLY R 546 -43.48 29.82 -45.97
CA GLY R 546 -44.14 30.92 -45.29
C GLY R 546 -45.07 30.55 -44.15
N ARG R 547 -44.87 29.40 -43.51
CA ARG R 547 -45.74 28.93 -42.46
C ARG R 547 -45.09 29.10 -41.10
N LEU R 548 -45.84 29.68 -40.15
CA LEU R 548 -45.42 29.80 -38.76
C LEU R 548 -46.43 29.02 -37.92
N ILE R 549 -45.95 28.01 -37.20
CA ILE R 549 -46.81 27.06 -36.50
C ILE R 549 -46.60 27.20 -35.00
N VAL R 550 -47.70 27.31 -34.25
CA VAL R 550 -47.71 27.39 -32.80
C VAL R 550 -48.61 26.28 -32.26
N GLU R 551 -48.13 25.55 -31.26
CA GLU R 551 -48.91 24.46 -30.68
C GLU R 551 -49.20 24.74 -29.22
N ILE R 552 -50.48 24.64 -28.85
CA ILE R 552 -50.95 24.98 -27.51
C ILE R 552 -51.72 23.80 -26.93
N GLY R 553 -51.45 23.49 -25.68
CA GLY R 553 -52.18 22.42 -24.98
C GLY R 553 -52.74 22.94 -23.67
N VAL R 554 -53.99 22.58 -23.39
CA VAL R 554 -54.74 23.17 -22.28
C VAL R 554 -55.52 22.08 -21.56
N ALA R 555 -55.88 22.36 -20.31
CA ALA R 555 -56.64 21.43 -19.47
C ALA R 555 -57.80 22.14 -18.78
N PRO R 556 -59.02 22.01 -19.31
CA PRO R 556 -60.15 22.73 -18.72
C PRO R 556 -60.70 22.04 -17.48
N VAL R 557 -61.51 22.79 -16.73
CA VAL R 557 -62.13 22.30 -15.51
C VAL R 557 -63.58 21.94 -15.81
N LYS R 558 -64.07 20.91 -15.14
CA LYS R 558 -65.39 20.33 -15.39
C LYS R 558 -66.22 20.35 -14.12
N PRO R 559 -67.55 20.31 -14.23
CA PRO R 559 -68.39 20.44 -13.04
C PRO R 559 -68.48 19.16 -12.22
N ALA R 560 -69.00 19.32 -11.00
CA ALA R 560 -69.24 18.21 -10.09
C ALA R 560 -70.73 17.89 -10.14
N GLU R 561 -71.06 16.80 -10.84
CA GLU R 561 -72.45 16.46 -11.10
C GLU R 561 -72.99 15.47 -10.07
N PHE R 562 -72.14 14.62 -9.51
CA PHE R 562 -72.52 13.63 -8.51
C PHE R 562 -71.63 13.81 -7.29
N VAL R 563 -72.24 14.15 -6.16
CA VAL R 563 -71.54 14.34 -4.90
C VAL R 563 -71.82 13.12 -4.04
N ILE R 564 -70.76 12.35 -3.75
CA ILE R 564 -70.88 11.02 -3.15
C ILE R 564 -70.20 11.02 -1.79
N PHE R 565 -70.88 10.47 -0.79
CA PHE R 565 -70.35 10.32 0.56
C PHE R 565 -70.39 8.85 0.95
N ARG R 566 -69.21 8.26 1.14
CA ARG R 566 -69.07 6.87 1.55
C ARG R 566 -68.64 6.84 3.02
N ILE R 567 -69.54 6.39 3.90
CA ILE R 567 -69.35 6.46 5.34
C ILE R 567 -69.29 5.06 5.91
N SER R 568 -68.34 4.82 6.81
CA SER R 568 -68.16 3.51 7.44
C SER R 568 -67.87 3.70 8.93
N GLN R 569 -67.68 2.58 9.62
CA GLN R 569 -67.41 2.55 11.05
C GLN R 569 -65.95 2.27 11.37
N ASP R 570 -65.10 2.07 10.38
CA ASP R 570 -63.73 1.66 10.62
C ASP R 570 -62.84 2.88 10.85
N THR R 571 -62.07 2.85 11.93
CA THR R 571 -61.10 3.89 12.28
C THR R 571 -61.73 5.27 12.34
#